data_9HZ7
#
_entry.id   9HZ7
#
_cell.length_a   1.00
_cell.length_b   1.00
_cell.length_c   1.00
_cell.angle_alpha   90.00
_cell.angle_beta   90.00
_cell.angle_gamma   90.00
#
_symmetry.space_group_name_H-M   'P 1'
#
loop_
_entity.id
_entity.type
_entity.pdbx_description
1 polymer 'Tail sheath protein'
2 polymer 'Structural protein'
#
loop_
_entity_poly.entity_id
_entity_poly.type
_entity_poly.pdbx_seq_one_letter_code
_entity_poly.pdbx_strand_id
1 'polypeptide(L)'
;MAQDALSDGFVRLCIDPSLNFFGEGCKILVEGQITDDATAAENVVTCVNSELDLVERFGQGSVLTESLRKVFCMCKSGVS
VYALPRADAAAAVSAVYTLTVTGTALTDGRVQLYMGEAEYSLDIGVDEGDTPTQIAAKIVAAISPDFPYEATAAAGVITL
TARNGGTIGNHLSVIYTNLGSCTSVTPEGVTVAFAQTTPGSVNPEPNDYASVVNECCFAVYVLSSDDTDWQENLRDWIRS
AWDCSKPQCFGHGYVFNKGTLGQVLADGDNSAELSRLALPTTYPVLPYLTNAAYGALSACSTCENPELNVQGQTYGLLSC
INMPESCTPGWEFTEVTQLQNNGFVVSGPATTSGQGNFTSPYIYNDVTNYLRDEKNRPNATFRDASSRRLAAATGVALAT
FLQQFNGLAVFTKNTNIKTGIIGTNLRLMLGKIRKWASDNVGVLFSEFDNINEDIQLVSDFDVQPKCVGQPGVFHLNMRY
RPPVRGARINVNLVPALFDNCDR
;
L,A,B,C,D,E,F,G,H,I,J,K
2 'polypeptide(L)'
;MACNKQNGVKNILITFTHCDTGEVIGPISHEQPDDTLPTYKTCAWTNTALTNGAVMRSASNATMTLPVVRDPRVPLAWYQ
GCAQIDAQVEKFDGTVMTLTEGAVTEPEESDGRAVTMTIIAAEIDELLPPGSLAAA
;
M,N,O,P,Q,R,S,T,U,V,W,X
#
# COMPACT_ATOMS: atom_id res chain seq x y z
N MET A 1 -5.75 73.97 37.80
CA MET A 1 -5.91 74.09 36.33
C MET A 1 -4.95 73.13 35.61
N ALA A 2 -5.47 72.38 34.65
CA ALA A 2 -4.69 71.39 33.92
C ALA A 2 -5.10 71.43 32.45
N GLN A 3 -4.68 70.43 31.69
CA GLN A 3 -4.94 70.35 30.26
C GLN A 3 -5.69 69.06 29.94
N ASP A 4 -6.55 69.12 28.92
CA ASP A 4 -7.53 68.07 28.68
C ASP A 4 -6.88 66.71 28.46
N ALA A 5 -5.89 66.65 27.58
CA ALA A 5 -5.31 65.36 27.21
C ALA A 5 -4.55 64.71 28.36
N LEU A 6 -4.27 65.45 29.43
CA LEU A 6 -3.50 64.94 30.54
C LEU A 6 -4.24 65.00 31.87
N SER A 7 -5.43 65.59 31.92
CA SER A 7 -6.10 65.84 33.19
C SER A 7 -6.49 64.56 33.92
N ASP A 8 -7.02 63.56 33.21
CA ASP A 8 -7.58 62.38 33.86
C ASP A 8 -6.53 61.53 34.57
N GLY A 9 -5.26 61.70 34.25
CA GLY A 9 -4.20 61.02 34.95
C GLY A 9 -3.93 59.60 34.51
N PHE A 10 -4.44 59.18 33.34
CA PHE A 10 -4.08 57.86 32.82
C PHE A 10 -2.65 57.85 32.32
N VAL A 11 -2.24 58.90 31.61
CA VAL A 11 -0.87 59.08 31.14
C VAL A 11 -0.20 60.11 32.03
N ARG A 12 0.94 59.76 32.61
CA ARG A 12 1.70 60.65 33.49
C ARG A 12 3.00 60.99 32.78
N LEU A 13 3.11 62.22 32.32
CA LEU A 13 4.19 62.65 31.43
C LEU A 13 5.27 63.37 32.23
N CYS A 14 6.53 63.04 31.94
CA CYS A 14 7.69 63.71 32.51
C CYS A 14 8.65 64.03 31.37
N ILE A 15 9.08 65.28 31.30
CA ILE A 15 9.97 65.76 30.24
C ILE A 15 11.29 66.18 30.87
N ASP A 16 12.38 65.55 30.44
CA ASP A 16 13.70 65.85 30.97
C ASP A 16 14.75 65.56 29.91
N PRO A 17 15.44 66.57 29.38
CA PRO A 17 16.42 66.32 28.31
C PRO A 17 17.73 65.73 28.79
N SER A 18 17.82 65.31 30.05
CA SER A 18 19.07 64.83 30.62
C SER A 18 19.00 63.40 31.15
N LEU A 19 17.95 62.65 30.85
CA LEU A 19 17.87 61.27 31.29
C LEU A 19 18.68 60.37 30.39
N ASN A 20 19.12 59.24 30.94
CA ASN A 20 19.94 58.27 30.21
C ASN A 20 19.31 56.89 30.36
N PHE A 21 19.06 56.23 29.23
CA PHE A 21 18.48 54.89 29.25
C PHE A 21 19.54 53.81 29.44
N PHE A 22 20.81 54.15 29.28
CA PHE A 22 21.86 53.14 29.36
C PHE A 22 21.94 52.53 30.74
N GLY A 23 22.19 51.22 30.79
CA GLY A 23 22.42 50.56 32.05
C GLY A 23 23.82 50.82 32.58
N GLU A 24 24.12 50.20 33.71
CA GLU A 24 25.43 50.37 34.34
C GLU A 24 26.47 49.49 33.66
N GLY A 25 27.29 50.09 32.81
CA GLY A 25 28.38 49.36 32.18
C GLY A 25 29.40 48.89 33.19
N CYS A 26 30.52 48.40 32.68
CA CYS A 26 31.58 47.93 33.54
C CYS A 26 32.22 49.09 34.29
N LYS A 27 33.21 48.78 35.11
CA LYS A 27 33.84 49.74 35.99
C LYS A 27 35.29 49.95 35.60
N ILE A 28 35.72 51.21 35.56
CA ILE A 28 37.11 51.59 35.33
C ILE A 28 37.58 52.41 36.51
N LEU A 29 38.82 52.18 36.93
CA LEU A 29 39.41 52.89 38.06
C LEU A 29 40.61 53.70 37.57
N VAL A 30 40.64 54.98 37.94
CA VAL A 30 41.71 55.91 37.56
C VAL A 30 42.39 56.38 38.84
N GLU A 31 43.71 56.28 38.88
CA GLU A 31 44.49 56.58 40.07
C GLU A 31 45.58 57.58 39.73
N GLY A 32 45.69 58.63 40.54
CA GLY A 32 46.64 59.68 40.26
C GLY A 32 46.71 60.68 41.41
N GLN A 33 47.54 61.70 41.20
CA GLN A 33 47.79 62.69 42.24
C GLN A 33 46.66 63.70 42.33
N ILE A 34 46.58 64.39 43.47
CA ILE A 34 45.67 65.52 43.65
C ILE A 34 46.46 66.67 44.28
N THR A 35 45.76 67.76 44.59
CA THR A 35 46.38 68.92 45.21
C THR A 35 45.64 69.26 46.49
N ASP A 36 46.21 70.19 47.27
CA ASP A 36 45.64 70.53 48.56
C ASP A 36 44.23 71.09 48.47
N ASP A 37 43.94 71.88 47.44
CA ASP A 37 42.63 72.51 47.31
C ASP A 37 41.52 71.52 46.98
N ALA A 38 41.84 70.25 46.81
CA ALA A 38 40.81 69.25 46.55
C ALA A 38 39.98 68.99 47.80
N THR A 39 38.70 68.66 47.58
CA THR A 39 37.79 68.35 48.67
C THR A 39 37.52 66.86 48.83
N ALA A 40 38.03 66.02 47.94
CA ALA A 40 37.84 64.58 48.05
C ALA A 40 38.79 64.00 49.10
N ALA A 41 38.36 62.91 49.72
CA ALA A 41 39.15 62.28 50.76
C ALA A 41 40.33 61.52 50.15
N GLU A 42 41.49 61.63 50.80
CA GLU A 42 42.68 60.94 50.32
C GLU A 42 42.57 59.44 50.57
N ASN A 43 43.18 58.66 49.69
CA ASN A 43 43.29 57.22 49.86
C ASN A 43 41.93 56.56 50.07
N VAL A 44 40.91 57.02 49.37
CA VAL A 44 39.57 56.45 49.44
C VAL A 44 38.95 56.50 48.05
N VAL A 45 38.47 55.35 47.58
CA VAL A 45 37.88 55.24 46.24
C VAL A 45 36.52 55.93 46.25
N THR A 46 36.23 56.64 45.16
CA THR A 46 34.99 57.40 45.04
C THR A 46 34.44 57.23 43.63
N CYS A 47 33.18 57.65 43.47
CA CYS A 47 32.48 57.55 42.20
C CYS A 47 32.43 58.92 41.52
N VAL A 48 32.64 58.93 40.21
CA VAL A 48 32.62 60.15 39.40
C VAL A 48 31.48 60.02 38.40
N ASN A 49 30.67 61.07 38.28
CA ASN A 49 29.45 61.00 37.50
C ASN A 49 29.48 61.86 36.23
N SER A 50 30.37 62.83 36.14
CA SER A 50 30.44 63.69 34.96
C SER A 50 31.73 64.50 34.99
N GLU A 51 31.95 65.25 33.90
CA GLU A 51 33.13 66.09 33.80
C GLU A 51 33.10 67.26 34.76
N LEU A 52 31.91 67.71 35.15
CA LEU A 52 31.75 69.09 35.61
C LEU A 52 32.35 69.31 36.99
N ASP A 53 32.37 68.27 37.83
CA ASP A 53 32.78 68.46 39.22
C ASP A 53 34.28 68.40 39.43
N LEU A 54 35.06 68.19 38.37
CA LEU A 54 36.50 68.23 38.50
C LEU A 54 36.96 69.61 38.97
N VAL A 55 38.19 69.66 39.47
CA VAL A 55 38.79 70.87 40.05
C VAL A 55 38.25 71.09 41.45
N GLU A 56 36.93 71.23 41.58
CA GLU A 56 36.35 71.39 42.92
C GLU A 56 36.65 70.18 43.79
N ARG A 57 36.55 68.98 43.22
CA ARG A 57 36.76 67.76 43.98
C ARG A 57 38.20 67.28 43.96
N PHE A 58 38.90 67.43 42.84
CA PHE A 58 40.22 66.83 42.66
C PHE A 58 41.32 67.86 42.41
N GLY A 59 41.04 69.15 42.58
CA GLY A 59 42.11 70.14 42.52
C GLY A 59 42.32 70.68 41.12
N GLN A 60 42.91 71.88 41.05
CA GLN A 60 43.12 72.57 39.79
C GLN A 60 44.31 71.97 39.03
N GLY A 61 44.06 71.57 37.78
CA GLY A 61 45.15 71.14 36.92
C GLY A 61 45.97 70.00 37.47
N SER A 62 45.40 69.18 38.35
CA SER A 62 46.13 68.04 38.88
C SER A 62 46.12 66.89 37.88
N VAL A 63 46.99 65.91 38.14
CA VAL A 63 47.09 64.76 37.22
C VAL A 63 45.75 64.04 37.13
N LEU A 64 45.11 63.81 38.27
CA LEU A 64 43.89 63.01 38.28
C LEU A 64 42.77 63.66 37.47
N THR A 65 42.59 64.97 37.64
CA THR A 65 41.52 65.64 36.91
C THR A 65 41.78 65.62 35.40
N GLU A 66 43.03 65.82 35.00
CA GLU A 66 43.35 65.76 33.57
C GLU A 66 43.11 64.37 33.01
N SER A 67 43.50 63.32 33.75
CA SER A 67 43.25 61.97 33.29
C SER A 67 41.75 61.70 33.16
N LEU A 68 40.97 62.15 34.15
CA LEU A 68 39.52 61.94 34.08
C LEU A 68 38.91 62.69 32.91
N ARG A 69 39.47 63.84 32.54
CA ARG A 69 38.94 64.58 31.41
C ARG A 69 39.01 63.76 30.13
N LYS A 70 40.11 63.04 29.89
CA LYS A 70 40.21 62.17 28.73
C LYS A 70 39.37 60.91 28.91
N VAL A 71 39.30 60.38 30.13
CA VAL A 71 38.52 59.17 30.38
C VAL A 71 37.06 59.42 30.02
N PHE A 72 36.52 60.57 30.41
CA PHE A 72 35.15 60.90 30.08
C PHE A 72 34.98 61.34 28.64
N CYS A 73 36.07 61.63 27.94
CA CYS A 73 36.00 62.02 26.53
C CYS A 73 35.95 60.82 25.60
N MET A 74 36.73 59.78 25.89
CA MET A 74 36.71 58.56 25.09
C MET A 74 35.45 57.71 25.30
N CYS A 75 34.64 57.99 26.32
CA CYS A 75 33.49 57.15 26.65
C CYS A 75 32.24 58.04 26.78
N LYS A 76 31.46 58.11 25.70
CA LYS A 76 30.20 58.84 25.75
C LYS A 76 29.14 58.05 26.51
N SER A 77 29.28 56.73 26.58
CA SER A 77 28.32 55.90 27.30
C SER A 77 28.92 54.51 27.48
N GLY A 78 28.30 53.74 28.37
CA GLY A 78 28.67 52.35 28.55
C GLY A 78 29.80 52.09 29.51
N VAL A 79 30.11 53.02 30.41
CA VAL A 79 31.19 52.85 31.36
C VAL A 79 30.85 53.58 32.66
N SER A 80 31.36 53.05 33.77
CA SER A 80 31.26 53.68 35.08
C SER A 80 32.68 54.01 35.55
N VAL A 81 32.89 55.25 35.98
CA VAL A 81 34.21 55.76 36.27
C VAL A 81 34.37 55.91 37.79
N TYR A 82 35.48 55.39 38.30
CA TYR A 82 35.84 55.53 39.71
C TYR A 82 37.24 56.12 39.81
N ALA A 83 37.52 56.78 40.93
CA ALA A 83 38.77 57.50 41.11
C ALA A 83 39.39 57.13 42.45
N LEU A 84 40.73 57.07 42.47
CA LEU A 84 41.50 56.74 43.68
C LEU A 84 42.56 57.81 43.88
N PRO A 85 42.21 58.96 44.49
CA PRO A 85 43.17 60.05 44.61
C PRO A 85 44.33 59.70 45.54
N ARG A 86 45.49 60.26 45.22
CA ARG A 86 46.70 60.11 46.03
C ARG A 86 47.33 61.48 46.22
N ALA A 87 48.12 61.62 47.28
CA ALA A 87 48.74 62.88 47.65
C ALA A 87 50.25 62.79 47.50
N ASP A 88 50.86 63.93 47.23
CA ASP A 88 52.30 63.98 47.01
C ASP A 88 53.06 63.72 48.30
N ALA A 89 54.26 63.16 48.15
CA ALA A 89 55.14 63.01 49.30
C ALA A 89 55.55 64.38 49.83
N ALA A 90 55.71 64.48 51.16
CA ALA A 90 56.00 65.75 51.78
C ALA A 90 57.36 66.31 51.36
N ALA A 91 58.30 65.44 50.98
CA ALA A 91 59.65 65.89 50.65
C ALA A 91 59.85 66.10 49.15
N ALA A 92 58.82 65.95 48.33
CA ALA A 92 58.97 66.02 46.88
C ALA A 92 59.18 67.46 46.43
N VAL A 93 60.06 67.63 45.43
CA VAL A 93 60.31 68.94 44.83
C VAL A 93 59.65 68.99 43.46
N SER A 94 59.36 70.20 42.98
CA SER A 94 58.70 70.40 41.71
C SER A 94 59.73 70.79 40.65
N ALA A 95 59.58 70.24 39.45
CA ALA A 95 60.50 70.52 38.36
C ALA A 95 60.29 71.94 37.83
N VAL A 96 61.34 72.50 37.24
CA VAL A 96 61.35 73.89 36.80
C VAL A 96 61.85 73.95 35.36
N TYR A 97 61.22 74.80 34.56
CA TYR A 97 61.66 75.09 33.20
C TYR A 97 61.63 76.59 32.97
N THR A 98 62.47 77.04 32.04
CA THR A 98 62.57 78.44 31.67
C THR A 98 62.25 78.61 30.19
N LEU A 99 61.40 79.57 29.88
CA LEU A 99 61.03 79.91 28.50
C LEU A 99 61.49 81.34 28.26
N THR A 100 62.74 81.49 27.81
CA THR A 100 63.36 82.79 27.66
C THR A 100 63.12 83.31 26.24
N VAL A 101 62.39 84.42 26.13
CA VAL A 101 62.19 85.06 24.84
C VAL A 101 63.36 85.98 24.55
N THR A 102 63.61 86.25 23.26
CA THR A 102 64.72 87.09 22.84
C THR A 102 64.35 87.85 21.58
N GLY A 103 65.11 88.90 21.31
CA GLY A 103 64.90 89.70 20.11
C GLY A 103 63.89 90.81 20.34
N THR A 104 63.50 91.42 19.22
CA THR A 104 62.50 92.49 19.25
C THR A 104 61.72 92.44 17.94
N ALA A 105 60.42 92.17 18.03
CA ALA A 105 59.61 92.00 16.84
C ALA A 105 59.62 93.27 16.00
N LEU A 106 59.81 93.09 14.69
CA LEU A 106 59.82 94.21 13.75
C LEU A 106 58.83 94.03 12.60
N THR A 107 58.09 92.92 12.57
CA THR A 107 57.00 92.73 11.63
C THR A 107 55.80 92.16 12.37
N ASP A 108 54.61 92.53 11.90
CA ASP A 108 53.39 92.07 12.55
C ASP A 108 53.03 90.65 12.09
N GLY A 109 52.18 90.00 12.88
CA GLY A 109 51.75 88.66 12.56
C GLY A 109 51.27 87.94 13.82
N ARG A 110 51.42 86.62 13.80
CA ARG A 110 50.94 85.77 14.88
C ARG A 110 52.03 84.80 15.30
N VAL A 111 52.02 84.43 16.58
CA VAL A 111 52.88 83.40 17.13
C VAL A 111 52.00 82.40 17.86
N GLN A 112 52.11 81.12 17.51
CA GLN A 112 51.29 80.08 18.09
C GLN A 112 52.19 78.96 18.61
N LEU A 113 52.04 78.63 19.88
CA LEU A 113 52.91 77.68 20.58
C LEU A 113 52.14 76.41 20.92
N TYR A 114 52.83 75.27 20.89
CA TYR A 114 52.26 74.02 21.32
C TYR A 114 52.82 73.64 22.68
N MET A 115 51.92 73.26 23.59
CA MET A 115 52.32 72.97 24.98
C MET A 115 51.52 71.79 25.49
N GLY A 116 52.20 70.66 25.67
CA GLY A 116 51.60 69.50 26.32
C GLY A 116 50.58 68.77 25.47
N GLU A 117 49.51 69.47 25.08
CA GLU A 117 48.43 68.85 24.32
C GLU A 117 47.68 69.95 23.58
N ALA A 118 46.92 69.54 22.57
CA ALA A 118 46.24 70.52 21.72
C ALA A 118 45.32 71.43 22.54
N GLU A 119 44.80 70.94 23.67
CA GLU A 119 43.91 71.78 24.48
C GLU A 119 44.67 72.91 25.16
N TYR A 120 45.92 72.68 25.53
CA TYR A 120 46.71 73.67 26.24
C TYR A 120 47.61 74.48 25.33
N SER A 121 47.51 74.30 24.01
CA SER A 121 48.23 75.11 23.06
C SER A 121 47.42 76.37 22.76
N LEU A 122 48.13 77.45 22.47
CA LEU A 122 47.50 78.76 22.35
C LEU A 122 48.07 79.49 21.14
N ASP A 123 47.25 80.36 20.56
CA ASP A 123 47.65 81.24 19.47
C ASP A 123 47.53 82.67 19.97
N ILE A 124 48.64 83.40 19.91
CA ILE A 124 48.71 84.78 20.38
C ILE A 124 49.39 85.62 19.33
N GLY A 125 48.86 86.81 19.05
CA GLY A 125 49.37 87.64 18.00
C GLY A 125 49.83 89.01 18.46
N VAL A 126 50.64 89.65 17.62
CA VAL A 126 51.11 91.02 17.84
C VAL A 126 50.88 91.79 16.55
N ASP A 127 50.40 93.02 16.68
CA ASP A 127 50.02 93.83 15.52
C ASP A 127 50.99 94.98 15.25
N GLU A 128 52.13 95.03 15.95
CA GLU A 128 53.08 96.11 15.74
C GLU A 128 54.49 95.60 16.01
N GLY A 129 55.46 96.30 15.43
CA GLY A 129 56.86 96.02 15.67
C GLY A 129 57.39 96.76 16.87
N ASP A 130 58.70 96.67 17.06
CA ASP A 130 59.41 97.34 18.14
C ASP A 130 58.94 96.90 19.51
N THR A 131 58.21 95.80 19.60
CA THR A 131 57.76 95.28 20.89
C THR A 131 58.93 94.53 21.54
N PRO A 132 59.42 94.95 22.71
CA PRO A 132 60.54 94.24 23.33
C PRO A 132 60.13 92.87 23.84
N THR A 133 61.07 92.15 24.46
CA THR A 133 60.71 90.90 25.12
C THR A 133 59.72 91.15 26.24
N GLN A 134 59.64 92.37 26.76
CA GLN A 134 58.68 92.70 27.80
C GLN A 134 57.24 92.72 27.30
N ILE A 135 56.99 93.29 26.12
CA ILE A 135 55.67 93.16 25.52
C ILE A 135 55.40 91.72 25.13
N ALA A 136 56.42 90.99 24.67
CA ALA A 136 56.35 89.54 24.68
C ALA A 136 56.23 89.07 26.12
N ALA A 137 55.94 87.78 26.29
CA ALA A 137 55.53 87.21 27.57
C ALA A 137 54.11 87.61 27.96
N LYS A 138 53.40 88.28 27.05
CA LYS A 138 51.96 88.45 27.18
C LYS A 138 51.19 87.15 26.98
N ILE A 139 51.90 86.03 26.82
CA ILE A 139 51.28 84.73 26.64
C ILE A 139 50.36 84.41 27.81
N VAL A 140 50.73 84.83 29.02
CA VAL A 140 49.97 84.48 30.20
C VAL A 140 48.51 84.94 30.10
N ALA A 141 48.22 85.91 29.25
CA ALA A 141 46.83 86.28 29.01
C ALA A 141 46.05 85.16 28.33
N ALA A 142 46.74 84.16 27.79
CA ALA A 142 46.11 83.06 27.09
C ALA A 142 46.28 81.70 27.77
N ILE A 143 47.28 81.54 28.64
CA ILE A 143 47.49 80.26 29.30
C ILE A 143 46.25 79.91 30.12
N SER A 144 45.75 78.69 29.93
CA SER A 144 44.54 78.24 30.57
C SER A 144 44.80 77.88 32.03
N PRO A 145 43.80 78.02 32.90
CA PRO A 145 44.00 77.63 34.30
C PRO A 145 44.32 76.15 34.47
N ASP A 146 43.81 75.30 33.57
CA ASP A 146 43.95 73.85 33.74
C ASP A 146 45.34 73.35 33.39
N PHE A 147 46.20 74.19 32.84
CA PHE A 147 47.55 73.75 32.53
C PHE A 147 48.25 73.28 33.80
N PRO A 148 48.87 72.09 33.81
CA PRO A 148 49.43 71.58 35.07
C PRO A 148 50.62 72.36 35.60
N TYR A 149 50.98 73.47 34.97
CA TYR A 149 52.13 74.25 35.39
C TYR A 149 51.71 75.70 35.64
N GLU A 150 52.55 76.42 36.37
CA GLU A 150 52.35 77.82 36.70
C GLU A 150 53.39 78.66 35.95
N ALA A 151 52.93 79.74 35.33
CA ALA A 151 53.81 80.66 34.61
C ALA A 151 54.02 81.90 35.46
N THR A 152 55.29 82.21 35.75
CA THR A 152 55.60 83.32 36.65
C THR A 152 55.41 84.69 36.01
N ALA A 153 55.51 84.79 34.68
CA ALA A 153 55.35 86.06 33.99
C ALA A 153 56.32 87.11 34.53
N ALA A 154 57.60 86.75 34.60
CA ALA A 154 58.62 87.64 35.11
C ALA A 154 59.00 88.67 34.04
N ALA A 155 60.11 89.37 34.24
CA ALA A 155 60.51 90.47 33.36
C ALA A 155 61.08 89.95 32.04
N GLY A 156 60.20 89.61 31.10
CA GLY A 156 60.62 89.23 29.76
C GLY A 156 60.83 87.74 29.55
N VAL A 157 60.99 86.97 30.62
CA VAL A 157 61.15 85.53 30.55
C VAL A 157 60.18 84.90 31.55
N ILE A 158 59.47 83.87 31.11
CA ILE A 158 58.46 83.21 31.93
C ILE A 158 58.99 81.84 32.33
N THR A 159 59.00 81.57 33.63
CA THR A 159 59.45 80.30 34.17
C THR A 159 58.25 79.40 34.44
N LEU A 160 58.46 78.09 34.30
CA LEU A 160 57.40 77.10 34.43
C LEU A 160 57.77 76.10 35.51
N THR A 161 56.88 75.93 36.49
CA THR A 161 57.09 74.99 37.59
C THR A 161 55.83 74.15 37.76
N ALA A 162 56.02 72.85 37.97
CA ALA A 162 54.90 71.93 38.04
C ALA A 162 54.09 72.13 39.32
N ARG A 163 52.79 71.85 39.23
CA ARG A 163 51.93 71.92 40.40
C ARG A 163 52.12 70.69 41.28
N ASN A 164 52.06 69.50 40.67
CA ASN A 164 52.27 68.28 41.42
C ASN A 164 53.76 67.94 41.46
N GLY A 165 54.27 67.66 42.66
CA GLY A 165 55.67 67.36 42.84
C GLY A 165 56.03 65.98 42.30
N GLY A 166 57.32 65.69 42.34
CA GLY A 166 57.82 64.42 41.85
C GLY A 166 58.23 64.50 40.40
N THR A 167 58.49 63.32 39.82
CA THR A 167 58.99 63.24 38.46
C THR A 167 57.89 63.34 37.42
N ILE A 168 56.62 63.39 37.84
CA ILE A 168 55.52 63.42 36.88
C ILE A 168 55.55 64.69 36.06
N GLY A 169 55.90 65.82 36.67
CA GLY A 169 55.99 67.07 35.93
C GLY A 169 57.25 67.24 35.13
N ASN A 170 58.09 66.21 35.06
CA ASN A 170 59.39 66.29 34.42
C ASN A 170 59.27 66.01 32.93
N HIS A 171 58.08 66.25 32.35
CA HIS A 171 57.79 65.83 30.98
C HIS A 171 57.27 66.92 30.08
N LEU A 172 57.17 68.18 30.53
CA LEU A 172 56.61 69.23 29.70
C LEU A 172 57.46 69.42 28.45
N SER A 173 56.79 69.62 27.31
CA SER A 173 57.46 69.89 26.04
C SER A 173 56.78 71.08 25.37
N VAL A 174 57.60 72.00 24.85
CA VAL A 174 57.13 73.20 24.17
C VAL A 174 57.74 73.23 22.78
N ILE A 175 56.93 73.52 21.78
CA ILE A 175 57.35 73.50 20.38
C ILE A 175 56.91 74.79 19.71
N TYR A 176 57.80 75.37 18.91
CA TYR A 176 57.48 76.56 18.10
C TYR A 176 57.06 76.09 16.71
N THR A 177 55.75 75.96 16.53
CA THR A 177 55.21 75.36 15.32
C THR A 177 55.51 76.18 14.08
N ASN A 178 55.40 77.51 14.16
CA ASN A 178 55.49 78.38 12.99
C ASN A 178 56.89 78.90 12.73
N LEU A 179 57.89 78.42 13.48
CA LEU A 179 59.26 78.83 13.19
C LEU A 179 59.67 78.44 11.78
N GLY A 180 59.21 77.28 11.32
CA GLY A 180 59.46 76.85 9.96
C GLY A 180 58.47 77.47 8.98
N SER A 181 58.60 77.06 7.73
CA SER A 181 57.73 77.57 6.69
C SER A 181 56.27 77.25 7.01
N CYS A 182 55.40 78.24 6.84
CA CYS A 182 54.00 78.08 7.16
C CYS A 182 53.19 79.13 6.40
N THR A 183 51.87 78.93 6.37
CA THR A 183 50.97 79.89 5.74
C THR A 183 50.60 81.03 6.66
N SER A 184 51.05 81.02 7.92
CA SER A 184 50.82 82.09 8.86
C SER A 184 52.11 82.89 9.04
N VAL A 185 52.02 84.21 8.92
CA VAL A 185 53.19 85.07 8.95
C VAL A 185 53.61 85.27 10.40
N THR A 186 54.86 84.93 10.70
CA THR A 186 55.36 85.09 12.06
C THR A 186 56.15 86.40 12.18
N PRO A 187 55.99 87.13 13.29
CA PRO A 187 56.85 88.27 13.55
C PRO A 187 58.32 87.93 13.31
N GLU A 188 59.02 88.84 12.65
CA GLU A 188 60.44 88.65 12.39
C GLU A 188 61.28 89.13 13.58
N GLY A 189 62.40 88.46 13.80
CA GLY A 189 63.28 88.80 14.89
C GLY A 189 62.87 88.25 16.24
N VAL A 190 61.99 87.26 16.28
CA VAL A 190 61.52 86.66 17.53
C VAL A 190 62.10 85.26 17.63
N THR A 191 62.67 84.93 18.79
CA THR A 191 63.25 83.62 19.05
C THR A 191 62.94 83.23 20.49
N VAL A 192 62.21 82.13 20.65
CA VAL A 192 61.80 81.63 21.96
C VAL A 192 62.53 80.32 22.21
N ALA A 193 63.19 80.22 23.37
CA ALA A 193 63.94 79.05 23.75
C ALA A 193 63.34 78.41 24.98
N PHE A 194 63.49 77.09 25.08
CA PHE A 194 62.92 76.30 26.16
C PHE A 194 63.98 75.36 26.71
N ALA A 195 64.08 75.29 28.03
CA ALA A 195 65.09 74.45 28.66
C ALA A 195 64.68 74.12 30.09
N GLN A 196 65.22 73.01 30.60
CA GLN A 196 64.97 72.58 31.97
C GLN A 196 66.04 73.12 32.90
N THR A 197 65.66 73.30 34.17
CA THR A 197 66.58 73.81 35.18
C THR A 197 66.59 73.00 36.48
N THR A 198 65.56 72.20 36.76
CA THR A 198 65.54 71.41 37.99
C THR A 198 64.54 70.26 37.87
N PRO A 199 64.91 69.04 38.18
CA PRO A 199 63.96 67.92 38.11
C PRO A 199 63.26 67.66 39.44
N GLY A 200 62.31 66.73 39.39
CA GLY A 200 61.69 66.22 40.60
C GLY A 200 62.52 65.13 41.26
N SER A 201 62.17 64.82 42.50
CA SER A 201 63.01 63.90 43.28
C SER A 201 62.24 62.74 43.90
N VAL A 202 61.03 62.97 44.41
CA VAL A 202 60.36 61.99 45.26
C VAL A 202 58.95 61.74 44.73
N ASN A 203 58.53 60.48 44.75
CA ASN A 203 57.19 60.08 44.33
C ASN A 203 56.55 59.20 45.41
N PRO A 204 55.23 59.29 45.58
CA PRO A 204 54.57 58.43 46.57
C PRO A 204 54.60 56.97 46.14
N GLU A 205 54.63 56.07 47.14
CA GLU A 205 54.70 54.63 46.92
C GLU A 205 53.69 53.91 47.81
N PRO A 206 52.40 54.12 47.58
CA PRO A 206 51.39 53.39 48.35
C PRO A 206 51.45 51.89 48.08
N ASN A 207 51.15 51.12 49.12
CA ASN A 207 51.11 49.66 49.03
C ASN A 207 49.90 49.13 49.79
N ASP A 208 48.76 49.77 49.60
CA ASP A 208 47.56 49.44 50.37
C ASP A 208 46.33 49.18 49.49
N TYR A 209 46.48 48.48 48.36
CA TYR A 209 45.32 48.18 47.52
C TYR A 209 44.38 47.20 48.20
N ALA A 210 44.93 46.29 49.01
CA ALA A 210 44.11 45.26 49.63
C ALA A 210 43.09 45.85 50.61
N SER A 211 43.26 47.11 51.02
CA SER A 211 42.36 47.75 51.97
C SER A 211 41.36 48.70 51.31
N VAL A 212 41.75 49.36 50.22
CA VAL A 212 40.86 50.32 49.57
C VAL A 212 40.05 49.69 48.44
N VAL A 213 40.58 48.66 47.78
CA VAL A 213 39.90 48.00 46.66
C VAL A 213 39.67 46.56 47.09
N ASN A 214 39.38 46.37 48.37
CA ASN A 214 39.45 45.05 48.99
C ASN A 214 38.79 43.97 48.14
N GLU A 215 37.50 44.11 47.85
CA GLU A 215 36.75 43.05 47.18
C GLU A 215 35.96 43.50 45.95
N CYS A 216 35.69 44.78 45.78
CA CYS A 216 34.94 45.23 44.62
C CYS A 216 35.74 44.97 43.35
N CYS A 217 35.04 44.55 42.29
CA CYS A 217 35.69 44.18 41.04
C CYS A 217 35.77 45.36 40.09
N PHE A 218 36.92 45.49 39.43
CA PHE A 218 37.13 46.49 38.40
C PHE A 218 37.66 45.80 37.15
N ALA A 219 37.29 46.33 35.98
CA ALA A 219 37.72 45.72 34.73
C ALA A 219 39.07 46.26 34.27
N VAL A 220 39.25 47.58 34.26
CA VAL A 220 40.46 48.22 33.77
C VAL A 220 41.03 49.10 34.87
N TYR A 221 42.35 49.02 35.05
CA TYR A 221 43.07 49.86 36.00
C TYR A 221 43.99 50.80 35.21
N VAL A 222 43.88 52.09 35.48
CA VAL A 222 44.71 53.11 34.84
C VAL A 222 45.53 53.80 35.91
N LEU A 223 46.85 53.82 35.75
CA LEU A 223 47.77 54.41 36.70
C LEU A 223 48.50 55.56 36.03
N SER A 224 48.36 56.76 36.59
CA SER A 224 48.97 57.96 36.02
C SER A 224 50.29 58.29 36.73
N SER A 225 51.26 57.38 36.55
CA SER A 225 52.58 57.58 37.12
C SER A 225 53.59 56.78 36.32
N ASP A 226 54.87 57.16 36.42
CA ASP A 226 55.95 56.53 35.69
C ASP A 226 56.96 55.86 36.60
N ASP A 227 56.62 55.66 37.87
CA ASP A 227 57.52 55.06 38.85
C ASP A 227 57.40 53.54 38.76
N THR A 228 58.53 52.86 38.57
CA THR A 228 58.51 51.42 38.42
C THR A 228 57.97 50.73 39.67
N ASP A 229 58.30 51.25 40.86
CA ASP A 229 57.88 50.61 42.09
C ASP A 229 56.35 50.62 42.24
N TRP A 230 55.72 51.75 41.95
CA TRP A 230 54.27 51.84 42.02
C TRP A 230 53.61 50.89 41.03
N GLN A 231 54.17 50.82 39.82
CA GLN A 231 53.65 49.89 38.82
C GLN A 231 53.77 48.46 39.28
N GLU A 232 54.87 48.11 39.95
CA GLU A 232 55.03 46.76 40.46
C GLU A 232 54.01 46.45 41.56
N ASN A 233 53.69 47.43 42.40
CA ASN A 233 52.64 47.22 43.40
C ASN A 233 51.30 46.95 42.73
N LEU A 234 50.97 47.73 41.69
CA LEU A 234 49.72 47.48 40.97
C LEU A 234 49.73 46.11 40.31
N ARG A 235 50.88 45.71 39.76
CA ARG A 235 50.99 44.40 39.16
C ARG A 235 50.75 43.30 40.19
N ASP A 236 51.30 43.46 41.39
CA ASP A 236 51.07 42.49 42.45
C ASP A 236 49.60 42.45 42.83
N TRP A 237 48.93 43.60 42.88
CA TRP A 237 47.50 43.59 43.16
C TRP A 237 46.73 42.81 42.10
N ILE A 238 47.07 43.01 40.82
CA ILE A 238 46.35 42.29 39.78
C ILE A 238 46.64 40.79 39.86
N ARG A 239 47.90 40.42 40.13
CA ARG A 239 48.21 39.03 40.44
C ARG A 239 47.28 38.49 41.50
N SER A 240 47.11 39.25 42.58
CA SER A 240 46.25 38.80 43.69
C SER A 240 44.81 38.61 43.20
N ALA A 241 44.32 39.52 42.37
CA ALA A 241 42.95 39.42 41.89
C ALA A 241 42.74 38.21 40.99
N TRP A 242 43.80 37.56 40.53
CA TRP A 242 43.71 36.37 39.69
C TRP A 242 44.12 35.08 40.38
N ASP A 243 44.64 35.14 41.60
CA ASP A 243 45.18 33.95 42.25
C ASP A 243 44.08 32.95 42.55
N CYS A 244 44.46 31.67 42.60
CA CYS A 244 43.51 30.59 42.86
C CYS A 244 43.23 30.40 44.34
N SER A 245 43.91 31.13 45.23
CA SER A 245 43.72 30.95 46.66
C SER A 245 42.30 31.28 47.11
N LYS A 246 41.58 32.11 46.37
CA LYS A 246 40.25 32.57 46.77
C LYS A 246 39.50 32.98 45.52
N PRO A 247 38.20 33.22 45.63
CA PRO A 247 37.43 33.60 44.44
C PRO A 247 38.03 34.80 43.73
N GLN A 248 38.03 34.76 42.40
CA GLN A 248 38.79 35.70 41.59
C GLN A 248 37.95 36.90 41.20
N CYS A 249 38.63 38.03 40.99
CA CYS A 249 38.02 39.24 40.49
C CYS A 249 38.47 39.60 39.08
N PHE A 250 39.62 39.11 38.64
CA PHE A 250 40.14 39.39 37.31
C PHE A 250 40.43 40.88 37.14
N GLY A 251 40.65 41.32 35.90
CA GLY A 251 40.99 42.70 35.61
C GLY A 251 42.34 42.82 34.93
N HIS A 252 42.54 43.98 34.29
CA HIS A 252 43.73 44.24 33.50
C HIS A 252 44.13 45.71 33.66
N GLY A 253 45.42 45.96 33.79
CA GLY A 253 45.93 47.29 34.09
C GLY A 253 46.78 47.85 32.96
N TYR A 254 46.82 49.18 32.87
CA TYR A 254 47.52 49.88 31.80
C TYR A 254 48.51 50.87 32.39
N VAL A 255 49.75 50.82 31.90
CA VAL A 255 50.82 51.71 32.36
C VAL A 255 51.64 52.13 31.15
N PHE A 256 52.55 53.08 31.37
CA PHE A 256 53.42 53.57 30.31
C PHE A 256 54.87 53.60 30.78
N ASN A 257 55.78 53.68 29.81
CA ASN A 257 57.22 53.67 30.08
C ASN A 257 57.89 54.55 29.02
N LYS A 258 58.54 55.62 29.46
CA LYS A 258 59.19 56.57 28.57
C LYS A 258 60.71 56.51 28.77
N GLY A 259 61.44 56.54 27.67
CA GLY A 259 62.90 56.50 27.74
C GLY A 259 63.48 56.11 26.40
N THR A 260 64.78 55.81 26.42
CA THR A 260 65.44 55.32 25.23
C THR A 260 65.22 53.82 25.09
N LEU A 261 65.58 53.28 23.92
CA LEU A 261 65.29 51.87 23.63
C LEU A 261 65.92 50.98 24.69
N GLY A 262 67.18 51.23 25.05
CA GLY A 262 67.85 50.41 26.04
C GLY A 262 67.26 50.54 27.43
N GLN A 263 66.58 51.65 27.71
CA GLN A 263 65.98 51.85 29.03
C GLN A 263 64.60 51.22 29.10
N VAL A 264 63.80 51.38 28.04
CA VAL A 264 62.43 50.85 28.06
C VAL A 264 62.43 49.33 28.13
N LEU A 265 63.37 48.69 27.42
CA LEU A 265 63.43 47.23 27.45
C LEU A 265 63.74 46.70 28.84
N ALA A 266 64.23 47.55 29.74
CA ALA A 266 64.60 47.10 31.08
C ALA A 266 63.41 47.02 32.02
N ASP A 267 62.20 47.40 31.56
CA ASP A 267 61.01 47.33 32.39
C ASP A 267 60.14 46.11 32.09
N GLY A 268 60.61 45.18 31.28
CA GLY A 268 59.82 44.04 30.88
C GLY A 268 59.82 42.89 31.88
N ASP A 269 59.05 43.02 32.96
CA ASP A 269 59.03 42.00 34.00
C ASP A 269 57.92 40.97 33.76
N ASN A 270 57.88 40.48 32.51
CA ASN A 270 57.02 39.35 32.12
C ASN A 270 55.63 39.45 32.74
N SER A 271 55.04 40.65 32.76
CA SER A 271 53.76 40.88 33.42
C SER A 271 52.63 40.60 32.45
N ALA A 272 51.92 39.49 32.66
CA ALA A 272 50.73 39.22 31.86
C ALA A 272 49.57 40.10 32.26
N GLU A 273 49.71 40.86 33.36
CA GLU A 273 48.62 41.68 33.87
C GLU A 273 48.70 43.13 33.44
N LEU A 274 49.69 43.51 32.63
CA LEU A 274 49.93 44.90 32.28
C LEU A 274 50.12 45.07 30.79
N SER A 275 49.62 46.18 30.25
CA SER A 275 49.95 46.65 28.92
C SER A 275 50.85 47.87 29.04
N ARG A 276 52.08 47.75 28.54
CA ARG A 276 53.11 48.76 28.72
C ARG A 276 53.19 49.60 27.46
N LEU A 277 52.91 50.90 27.58
CA LEU A 277 52.91 51.82 26.45
C LEU A 277 54.30 52.42 26.32
N ALA A 278 55.10 51.92 25.38
CA ALA A 278 56.44 52.42 25.17
C ALA A 278 56.40 53.74 24.43
N LEU A 279 57.12 54.73 24.94
CA LEU A 279 57.22 56.05 24.32
C LEU A 279 58.67 56.48 24.26
N PRO A 280 59.03 57.35 23.32
CA PRO A 280 60.42 57.80 23.21
C PRO A 280 60.67 59.03 24.08
N THR A 281 61.96 59.38 24.20
CA THR A 281 62.34 60.55 24.98
C THR A 281 61.77 61.82 24.37
N THR A 282 61.78 61.93 23.05
CA THR A 282 61.31 63.12 22.35
C THR A 282 59.80 63.17 22.19
N TYR A 283 59.05 62.38 22.95
CA TYR A 283 57.60 62.35 22.80
C TYR A 283 57.02 63.73 23.09
N PRO A 284 56.12 64.25 22.26
CA PRO A 284 55.63 65.62 22.45
C PRO A 284 54.36 65.78 23.27
N VAL A 285 53.80 64.71 23.83
CA VAL A 285 52.55 64.80 24.57
C VAL A 285 52.79 64.30 25.99
N LEU A 286 51.92 64.71 26.90
CA LEU A 286 52.02 64.29 28.30
C LEU A 286 51.66 62.80 28.40
N PRO A 287 52.58 61.95 28.87
CA PRO A 287 52.35 60.50 28.73
C PRO A 287 51.06 60.00 29.37
N TYR A 288 50.71 60.51 30.55
CA TYR A 288 49.55 59.97 31.24
C TYR A 288 48.25 60.24 30.50
N LEU A 289 48.19 61.33 29.72
CA LEU A 289 47.01 61.55 28.89
C LEU A 289 46.84 60.44 27.86
N THR A 290 47.93 60.05 27.19
CA THR A 290 47.86 58.96 26.22
C THR A 290 47.53 57.64 26.91
N ASN A 291 48.13 57.39 28.08
CA ASN A 291 47.82 56.16 28.79
C ASN A 291 46.35 56.09 29.16
N ALA A 292 45.79 57.20 29.66
CA ALA A 292 44.38 57.23 30.01
C ALA A 292 43.49 57.08 28.79
N ALA A 293 43.87 57.69 27.67
CA ALA A 293 43.09 57.54 26.45
C ALA A 293 43.04 56.07 26.01
N TYR A 294 44.19 55.41 25.99
CA TYR A 294 44.23 54.00 25.60
C TYR A 294 43.40 53.15 26.56
N GLY A 295 43.56 53.37 27.87
CA GLY A 295 42.82 52.62 28.85
C GLY A 295 41.32 52.80 28.71
N ALA A 296 40.87 54.05 28.56
CA ALA A 296 39.44 54.30 28.45
C ALA A 296 38.87 53.79 27.14
N LEU A 297 39.68 53.76 26.07
CA LEU A 297 39.21 53.20 24.81
C LEU A 297 39.03 51.69 24.94
N SER A 298 40.00 51.00 25.54
CA SER A 298 39.89 49.56 25.65
C SER A 298 39.00 49.10 26.80
N ALA A 299 38.59 50.02 27.68
CA ALA A 299 37.80 49.65 28.84
C ALA A 299 36.32 49.53 28.52
N CYS A 300 35.99 48.64 27.58
CA CYS A 300 34.61 48.25 27.32
C CYS A 300 33.78 49.38 26.72
N SER A 301 34.38 50.56 26.54
CA SER A 301 33.77 51.53 25.63
C SER A 301 33.76 50.96 24.22
N THR A 302 34.59 49.95 23.97
CA THR A 302 34.57 49.17 22.75
C THR A 302 34.34 47.68 23.04
N CYS A 303 34.87 47.20 24.17
CA CYS A 303 34.85 45.77 24.49
C CYS A 303 33.62 45.43 25.34
N GLU A 304 32.45 45.54 24.72
CA GLU A 304 31.29 44.81 25.22
C GLU A 304 31.32 43.37 24.74
N ASN A 305 32.01 43.11 23.63
CA ASN A 305 32.38 41.78 23.19
C ASN A 305 33.85 41.54 23.47
N PRO A 306 34.22 40.52 24.26
CA PRO A 306 35.59 40.44 24.78
C PRO A 306 36.64 40.03 23.77
N GLU A 307 36.26 39.62 22.56
CA GLU A 307 37.21 39.07 21.59
C GLU A 307 37.68 40.10 20.58
N LEU A 308 37.31 41.37 20.75
CA LEU A 308 37.71 42.41 19.81
C LEU A 308 39.09 42.96 20.16
N ASN A 309 39.87 43.21 19.12
CA ASN A 309 41.23 43.73 19.27
C ASN A 309 41.22 45.23 19.04
N VAL A 310 41.88 45.97 19.93
CA VAL A 310 41.96 47.44 19.81
C VAL A 310 43.24 47.73 19.03
N GLN A 311 43.11 47.75 17.71
CA GLN A 311 44.23 47.95 16.81
C GLN A 311 43.78 48.74 15.59
N GLY A 312 44.74 49.10 14.75
CA GLY A 312 44.43 49.67 13.46
C GLY A 312 44.05 51.14 13.54
N GLN A 313 43.62 51.66 12.38
CA GLN A 313 43.24 53.06 12.27
C GLN A 313 41.75 53.29 12.44
N THR A 314 40.97 52.25 12.75
CA THR A 314 39.54 52.38 12.98
C THR A 314 39.16 52.02 14.41
N TYR A 315 39.56 50.84 14.89
CA TYR A 315 39.21 50.37 16.21
C TYR A 315 40.29 50.69 17.25
N GLY A 316 41.34 51.39 16.87
CA GLY A 316 42.41 51.73 17.79
C GLY A 316 42.86 53.17 17.65
N LEU A 317 41.93 54.05 17.32
CA LEU A 317 42.22 55.46 17.06
C LEU A 317 41.94 56.26 18.33
N LEU A 318 42.99 56.91 18.87
CA LEU A 318 42.86 57.75 20.05
C LEU A 318 42.48 59.17 19.61
N SER A 319 41.20 59.35 19.35
CA SER A 319 40.71 60.57 18.72
C SER A 319 40.61 61.76 19.67
N CYS A 320 40.86 61.55 20.97
CA CYS A 320 40.79 62.63 21.95
C CYS A 320 42.13 63.34 22.12
N ILE A 321 43.19 62.85 21.49
CA ILE A 321 44.53 63.37 21.65
C ILE A 321 45.02 63.88 20.31
N ASN A 322 45.64 65.06 20.31
CA ASN A 322 46.13 65.68 19.09
C ASN A 322 47.59 66.09 19.29
N MET A 323 48.42 65.78 18.30
CA MET A 323 49.83 66.10 18.31
C MET A 323 50.21 66.70 16.97
N PRO A 324 51.25 67.53 16.93
CA PRO A 324 51.62 68.16 15.67
C PRO A 324 52.27 67.17 14.71
N GLU A 325 52.11 67.43 13.41
CA GLU A 325 52.75 66.61 12.39
C GLU A 325 54.27 66.80 12.44
N SER A 326 55.00 65.73 12.10
CA SER A 326 56.45 65.79 12.13
C SER A 326 57.01 64.74 11.16
N CYS A 327 58.18 65.04 10.60
CA CYS A 327 58.83 64.09 9.72
C CYS A 327 59.39 62.91 10.51
N THR A 328 60.02 63.17 11.65
CA THR A 328 60.60 62.11 12.45
C THR A 328 59.51 61.30 13.13
N PRO A 329 59.46 59.98 12.94
CA PRO A 329 58.34 59.18 13.45
C PRO A 329 58.39 58.90 14.95
N GLY A 330 59.45 59.27 15.64
CA GLY A 330 59.61 58.92 17.04
C GLY A 330 60.40 57.65 17.26
N TRP A 331 60.02 56.56 16.60
CA TRP A 331 60.75 55.31 16.65
C TRP A 331 61.16 54.91 15.24
N GLU A 332 62.37 54.37 15.11
CA GLU A 332 62.75 53.75 13.85
C GLU A 332 62.05 52.41 13.71
N PHE A 333 61.97 51.93 12.46
CA PHE A 333 61.22 50.70 12.22
C PHE A 333 61.84 49.52 12.95
N THR A 334 63.17 49.43 12.98
CA THR A 334 63.81 48.36 13.74
C THR A 334 63.53 48.47 15.24
N GLU A 335 63.55 49.68 15.79
CA GLU A 335 63.19 49.86 17.18
C GLU A 335 61.74 49.45 17.42
N VAL A 336 60.85 49.79 16.49
CA VAL A 336 59.46 49.38 16.61
C VAL A 336 59.36 47.86 16.62
N THR A 337 60.10 47.20 15.74
CA THR A 337 60.06 45.74 15.69
C THR A 337 60.55 45.14 17.00
N GLN A 338 61.64 45.67 17.55
CA GLN A 338 62.14 45.14 18.82
C GLN A 338 61.14 45.36 19.94
N LEU A 339 60.54 46.55 20.02
CA LEU A 339 59.57 46.82 21.07
C LEU A 339 58.36 45.89 20.95
N GLN A 340 57.88 45.69 19.72
CA GLN A 340 56.72 44.82 19.51
C GLN A 340 57.06 43.36 19.84
N ASN A 341 58.28 42.92 19.53
CA ASN A 341 58.68 41.56 19.80
C ASN A 341 59.04 41.32 21.26
N ASN A 342 59.25 42.39 22.04
CA ASN A 342 59.58 42.25 23.45
C ASN A 342 58.40 42.51 24.38
N GLY A 343 57.23 42.85 23.85
CA GLY A 343 56.03 42.91 24.66
C GLY A 343 55.57 44.30 25.04
N PHE A 344 55.85 45.29 24.18
CA PHE A 344 55.44 46.66 24.41
C PHE A 344 54.48 47.13 23.34
N VAL A 345 53.45 47.86 23.75
CA VAL A 345 52.49 48.43 22.82
C VAL A 345 53.07 49.71 22.23
N VAL A 346 53.10 49.79 20.91
CA VAL A 346 53.65 50.94 20.20
C VAL A 346 52.52 51.65 19.46
N SER A 347 52.47 52.97 19.60
CA SER A 347 51.51 53.80 18.89
C SER A 347 52.23 54.67 17.86
N GLY A 348 51.45 55.20 16.92
CA GLY A 348 52.00 56.05 15.89
C GLY A 348 50.98 57.03 15.36
N PRO A 349 51.45 58.06 14.65
CA PRO A 349 50.51 59.04 14.08
C PRO A 349 49.70 58.45 12.94
N ALA A 350 48.53 59.04 12.72
CA ALA A 350 47.65 58.59 11.64
C ALA A 350 48.08 59.17 10.29
N THR A 351 48.95 60.17 10.28
CA THR A 351 49.46 60.75 9.04
C THR A 351 50.74 61.50 9.33
N THR A 352 51.51 61.76 8.28
CA THR A 352 52.83 62.38 8.40
C THR A 352 52.94 63.54 7.42
N SER A 353 53.62 64.60 7.86
CA SER A 353 53.88 65.76 7.01
C SER A 353 54.77 66.73 7.79
N GLY A 354 55.39 67.64 7.06
CA GLY A 354 56.23 68.66 7.67
C GLY A 354 55.54 69.96 7.99
N GLN A 355 54.25 70.08 7.67
CA GLN A 355 53.54 71.34 7.85
C GLN A 355 53.16 71.61 9.30
N GLY A 356 53.18 70.60 10.17
CA GLY A 356 52.96 70.81 11.58
C GLY A 356 51.52 70.95 12.01
N ASN A 357 50.59 70.36 11.26
CA ASN A 357 49.20 70.34 11.69
C ASN A 357 48.98 69.30 12.78
N PHE A 358 47.78 69.29 13.34
CA PHE A 358 47.44 68.38 14.42
C PHE A 358 46.92 67.05 13.88
N THR A 359 47.38 65.97 14.50
CA THR A 359 46.97 64.63 14.12
C THR A 359 46.77 63.78 15.37
N SER A 360 45.96 62.74 15.25
CA SER A 360 45.71 61.82 16.34
C SER A 360 46.53 60.56 16.17
N PRO A 361 46.98 59.93 17.24
CA PRO A 361 47.69 58.66 17.12
C PRO A 361 46.74 57.47 17.12
N TYR A 362 47.31 56.31 16.81
CA TYR A 362 46.59 55.04 16.92
C TYR A 362 47.58 53.97 17.36
N ILE A 363 47.08 52.76 17.57
CA ILE A 363 47.84 51.70 18.20
C ILE A 363 48.12 50.61 17.18
N TYR A 364 49.37 50.18 17.11
CA TYR A 364 49.78 49.14 16.16
C TYR A 364 49.42 47.74 16.65
N ASN A 365 49.67 47.45 17.93
CA ASN A 365 49.46 46.11 18.48
C ASN A 365 48.83 46.23 19.86
N ASP A 366 47.84 45.37 20.12
CA ASP A 366 47.20 45.27 21.43
C ASP A 366 47.78 44.06 22.13
N VAL A 367 48.79 44.29 22.97
CA VAL A 367 49.60 43.22 23.54
C VAL A 367 49.77 43.43 25.04
N THR A 368 49.96 42.33 25.75
CA THR A 368 50.36 42.35 27.16
C THR A 368 51.83 41.99 27.26
N ASN A 369 52.43 42.31 28.40
CA ASN A 369 53.87 42.15 28.56
C ASN A 369 54.27 40.69 28.82
N TYR A 370 53.34 39.76 28.59
CA TYR A 370 53.60 38.35 28.83
C TYR A 370 54.49 37.77 27.74
N LEU A 371 55.54 37.06 28.16
CA LEU A 371 56.45 36.40 27.22
C LEU A 371 56.77 34.96 27.57
N ARG A 372 56.55 34.50 28.80
CA ARG A 372 56.94 33.16 29.22
C ARG A 372 55.98 32.66 30.28
N ASP A 373 55.69 31.36 30.22
CA ASP A 373 54.83 30.75 31.22
C ASP A 373 55.60 30.54 32.52
N GLU A 374 54.95 29.93 33.51
CA GLU A 374 55.55 29.76 34.82
C GLU A 374 56.66 28.72 34.83
N LYS A 375 56.82 27.94 33.76
CA LYS A 375 57.94 27.02 33.61
C LYS A 375 59.02 27.58 32.71
N ASN A 376 58.96 28.87 32.40
CA ASN A 376 59.96 29.60 31.62
C ASN A 376 59.95 29.21 30.14
N ARG A 377 58.89 28.56 29.67
CA ARG A 377 58.77 28.24 28.26
C ARG A 377 58.18 29.44 27.51
N PRO A 378 58.81 29.88 26.41
CA PRO A 378 58.25 31.01 25.66
C PRO A 378 57.14 30.57 24.73
N ASN A 379 55.99 31.24 24.84
CA ASN A 379 54.85 30.96 23.98
C ASN A 379 53.96 32.18 23.92
N ALA A 380 52.95 32.13 23.06
CA ALA A 380 52.07 33.25 22.80
C ALA A 380 50.67 33.07 23.37
N THR A 381 50.52 32.27 24.43
CA THR A 381 49.18 31.98 24.95
C THR A 381 48.48 33.25 25.42
N PHE A 382 49.19 34.13 26.13
CA PHE A 382 48.62 35.38 26.63
C PHE A 382 49.26 36.60 25.97
N ARG A 383 49.62 36.47 24.69
CA ARG A 383 50.25 37.59 23.99
C ARG A 383 49.27 38.76 23.81
N ASP A 384 48.02 38.47 23.47
CA ASP A 384 47.02 39.50 23.22
C ASP A 384 46.14 39.67 24.45
N ALA A 385 45.72 40.92 24.70
CA ALA A 385 44.85 41.19 25.83
C ALA A 385 43.50 40.51 25.67
N SER A 386 43.03 40.35 24.43
CA SER A 386 41.79 39.62 24.19
C SER A 386 41.87 38.19 24.73
N SER A 387 43.06 37.60 24.79
CA SER A 387 43.19 36.29 25.39
C SER A 387 42.80 36.30 26.86
N ARG A 388 43.28 37.30 27.61
CA ARG A 388 42.92 37.41 29.01
C ARG A 388 41.42 37.72 29.17
N ARG A 389 40.88 38.59 28.32
CA ARG A 389 39.46 38.88 28.39
C ARG A 389 38.63 37.62 28.15
N LEU A 390 39.02 36.82 27.17
CA LEU A 390 38.30 35.59 26.86
C LEU A 390 38.46 34.56 27.98
N ALA A 391 39.63 34.48 28.59
CA ALA A 391 39.78 33.56 29.72
C ALA A 391 38.87 33.95 30.87
N ALA A 392 38.81 35.26 31.18
CA ALA A 392 37.91 35.71 32.23
C ALA A 392 36.46 35.41 31.89
N ALA A 393 36.05 35.67 30.65
CA ALA A 393 34.66 35.39 30.24
C ALA A 393 34.35 33.90 30.32
N THR A 394 35.27 33.06 29.87
CA THR A 394 35.06 31.61 29.89
C THR A 394 34.95 31.09 31.32
N GLY A 395 35.76 31.61 32.23
CA GLY A 395 35.65 31.17 33.62
C GLY A 395 34.27 31.40 34.17
N VAL A 396 33.72 32.60 33.98
CA VAL A 396 32.38 32.91 34.48
C VAL A 396 31.33 32.06 33.77
N ALA A 397 31.46 31.92 32.44
CA ALA A 397 30.46 31.17 31.69
C ALA A 397 30.43 29.70 32.12
N LEU A 398 31.60 29.11 32.38
CA LEU A 398 31.65 27.74 32.84
C LEU A 398 31.15 27.61 34.27
N ALA A 399 31.44 28.61 35.11
CA ALA A 399 30.97 28.57 36.49
C ALA A 399 29.45 28.63 36.56
N THR A 400 28.83 29.44 35.70
CA THR A 400 27.37 29.51 35.69
C THR A 400 26.74 28.20 35.27
N PHE A 401 27.31 27.53 34.26
CA PHE A 401 26.75 26.27 33.79
C PHE A 401 26.76 25.22 34.88
N LEU A 402 27.87 25.09 35.61
CA LEU A 402 28.01 24.01 36.58
C LEU A 402 27.12 24.20 37.79
N GLN A 403 26.47 25.36 37.92
CA GLN A 403 25.63 25.61 39.09
C GLN A 403 24.48 24.61 39.19
N GLN A 404 24.03 24.06 38.06
CA GLN A 404 22.86 23.19 38.08
C GLN A 404 23.09 21.90 38.85
N PHE A 405 24.35 21.53 39.10
CA PHE A 405 24.65 20.33 39.86
C PHE A 405 24.78 20.59 41.36
N ASN A 406 24.66 21.83 41.80
CA ASN A 406 24.73 22.14 43.22
C ASN A 406 23.45 21.68 43.91
N GLY A 407 23.59 20.75 44.84
CA GLY A 407 22.44 20.20 45.54
C GLY A 407 21.77 19.03 44.85
N LEU A 408 22.28 18.60 43.71
CA LEU A 408 21.71 17.47 42.99
C LEU A 408 22.25 16.16 43.53
N ALA A 409 21.37 15.16 43.63
CA ALA A 409 21.77 13.86 44.14
C ALA A 409 22.81 13.23 43.25
N VAL A 410 23.84 12.64 43.86
CA VAL A 410 24.97 12.05 43.15
C VAL A 410 25.02 10.57 43.51
N PHE A 411 25.10 9.70 42.50
CA PHE A 411 25.12 8.27 42.70
C PHE A 411 26.48 7.73 42.28
N THR A 412 27.16 7.06 43.22
CA THR A 412 28.43 6.42 42.95
C THR A 412 28.33 4.97 43.44
N LYS A 413 29.37 4.19 43.15
CA LYS A 413 29.33 2.76 43.41
C LYS A 413 28.30 2.13 42.49
N ASN A 414 27.15 1.75 43.04
CA ASN A 414 26.04 1.30 42.18
C ASN A 414 25.42 2.52 41.52
N THR A 415 25.55 2.60 40.20
CA THR A 415 25.16 3.79 39.45
C THR A 415 23.80 3.65 38.78
N ASN A 416 22.99 2.67 39.19
CA ASN A 416 21.62 2.57 38.70
C ASN A 416 20.73 3.47 39.53
N ILE A 417 20.01 4.37 38.85
CA ILE A 417 19.16 5.36 39.51
C ILE A 417 17.74 4.83 39.51
N LYS A 418 17.17 4.65 40.70
CA LYS A 418 15.83 4.10 40.81
C LYS A 418 14.83 5.03 40.12
N THR A 419 13.78 4.45 39.56
CA THR A 419 12.81 5.21 38.80
C THR A 419 12.19 6.30 39.68
N GLY A 420 12.08 7.51 39.13
CA GLY A 420 11.44 8.61 39.80
C GLY A 420 12.40 9.56 40.50
N ILE A 421 13.62 9.12 40.78
CA ILE A 421 14.57 9.95 41.50
C ILE A 421 15.08 11.06 40.58
N ILE A 422 15.50 12.18 41.18
CA ILE A 422 16.13 13.27 40.46
C ILE A 422 17.61 13.27 40.83
N GLY A 423 18.46 12.83 39.92
CA GLY A 423 19.87 12.69 40.22
C GLY A 423 20.66 12.46 38.95
N THR A 424 21.93 12.12 39.14
CA THR A 424 22.85 11.95 38.02
C THR A 424 24.05 11.14 38.49
N ASN A 425 25.04 11.00 37.60
CA ASN A 425 26.27 10.28 37.90
C ASN A 425 27.39 10.83 37.02
N LEU A 426 28.60 10.28 37.19
CA LEU A 426 29.77 10.86 36.54
C LEU A 426 29.63 10.87 35.03
N ARG A 427 29.21 9.75 34.45
CA ARG A 427 29.20 9.64 32.99
C ARG A 427 28.21 10.61 32.37
N LEU A 428 27.06 10.82 33.01
CA LEU A 428 26.07 11.75 32.48
C LEU A 428 26.50 13.21 32.64
N MET A 429 27.14 13.53 33.78
CA MET A 429 27.69 14.87 33.97
C MET A 429 28.73 15.17 32.90
N LEU A 430 29.60 14.20 32.61
CA LEU A 430 30.61 14.41 31.58
C LEU A 430 29.97 14.63 30.22
N GLY A 431 28.92 13.87 29.91
CA GLY A 431 28.23 14.07 28.64
C GLY A 431 27.64 15.46 28.53
N LYS A 432 27.01 15.95 29.61
CA LYS A 432 26.45 17.29 29.57
C LYS A 432 27.55 18.34 29.41
N ILE A 433 28.67 18.16 30.10
CA ILE A 433 29.76 19.13 29.99
C ILE A 433 30.32 19.14 28.57
N ARG A 434 30.50 17.96 27.97
CA ARG A 434 30.98 17.90 26.59
C ARG A 434 30.00 18.56 25.63
N LYS A 435 28.71 18.34 25.84
CA LYS A 435 27.71 18.96 24.98
C LYS A 435 27.78 20.48 25.09
N TRP A 436 27.90 21.00 26.32
CA TRP A 436 28.01 22.45 26.49
C TRP A 436 29.27 22.99 25.82
N ALA A 437 30.39 22.29 25.95
CA ALA A 437 31.62 22.74 25.32
C ALA A 437 31.47 22.76 23.80
N SER A 438 30.87 21.72 23.23
CA SER A 438 30.68 21.68 21.78
C SER A 438 29.78 22.81 21.31
N ASP A 439 28.71 23.10 22.05
CA ASP A 439 27.80 24.15 21.63
C ASP A 439 28.46 25.51 21.51
N ASN A 440 29.58 25.72 22.20
CA ASN A 440 30.20 27.04 22.30
C ASN A 440 31.31 27.27 21.28
N VAL A 441 31.53 26.33 20.36
CA VAL A 441 32.56 26.52 19.33
C VAL A 441 32.08 27.56 18.34
N GLY A 442 32.72 28.72 18.32
CA GLY A 442 32.32 29.81 17.47
C GLY A 442 32.06 31.09 18.25
N VAL A 443 31.87 30.96 19.56
CA VAL A 443 31.63 32.09 20.45
C VAL A 443 32.80 32.28 21.41
N LEU A 444 33.11 31.27 22.21
CA LEU A 444 34.22 31.32 23.15
C LEU A 444 35.43 30.52 22.67
N PHE A 445 35.22 29.45 21.92
CA PHE A 445 36.26 28.46 21.66
C PHE A 445 36.50 28.32 20.16
N SER A 446 37.72 27.88 19.83
CA SER A 446 38.01 27.29 18.55
C SER A 446 37.82 25.79 18.63
N GLU A 447 37.80 25.13 17.47
CA GLU A 447 37.52 23.70 17.45
C GLU A 447 38.53 22.94 18.29
N PHE A 448 38.06 21.89 18.95
CA PHE A 448 38.89 21.14 19.87
C PHE A 448 39.80 20.15 19.12
N ASP A 449 41.04 20.05 19.59
CA ASP A 449 42.00 19.14 19.00
C ASP A 449 41.54 17.69 19.16
N ASN A 450 41.18 17.31 20.38
CA ASN A 450 40.67 15.96 20.63
C ASN A 450 39.77 16.05 21.86
N ILE A 451 38.46 16.12 21.64
CA ILE A 451 37.52 16.35 22.73
C ILE A 451 37.58 15.25 23.77
N ASN A 452 38.11 14.08 23.41
CA ASN A 452 38.18 12.97 24.36
C ASN A 452 39.34 13.10 25.33
N GLU A 453 40.30 13.99 25.05
CA GLU A 453 41.43 14.22 25.94
C GLU A 453 41.37 15.57 26.63
N ASP A 454 40.62 16.52 26.06
CA ASP A 454 40.59 17.88 26.60
C ASP A 454 39.75 17.99 27.85
N ILE A 455 38.66 17.22 27.96
CA ILE A 455 37.73 17.32 29.08
C ILE A 455 37.77 15.99 29.83
N GLN A 456 37.99 16.06 31.14
CA GLN A 456 38.07 14.88 31.98
C GLN A 456 37.42 15.18 33.33
N LEU A 457 36.57 14.26 33.79
CA LEU A 457 35.89 14.40 35.07
C LEU A 457 36.20 13.19 35.93
N VAL A 458 36.52 13.43 37.21
CA VAL A 458 36.84 12.38 38.16
C VAL A 458 36.25 12.75 39.51
N SER A 459 35.98 11.74 40.33
CA SER A 459 35.44 11.94 41.66
C SER A 459 36.55 11.88 42.70
N ASP A 460 36.29 12.50 43.85
CA ASP A 460 37.31 12.57 44.90
C ASP A 460 37.62 11.18 45.47
N PHE A 461 36.66 10.25 45.41
CA PHE A 461 36.93 8.90 45.86
C PHE A 461 38.01 8.24 45.03
N ASP A 462 37.99 8.45 43.71
CA ASP A 462 38.96 7.81 42.83
C ASP A 462 40.38 8.35 43.04
N VAL A 463 40.51 9.55 43.58
CA VAL A 463 41.80 10.20 43.70
C VAL A 463 42.47 9.89 45.04
N GLN A 464 41.79 10.19 46.13
CA GLN A 464 42.37 10.06 47.46
C GLN A 464 42.46 8.60 47.87
N PRO A 465 43.34 8.27 48.82
CA PRO A 465 43.44 6.89 49.28
C PRO A 465 42.18 6.46 50.03
N LYS A 466 42.10 5.16 50.28
CA LYS A 466 40.89 4.60 50.89
C LYS A 466 40.59 5.27 52.22
N CYS A 467 39.31 5.54 52.46
CA CYS A 467 38.80 6.12 53.69
C CYS A 467 39.23 7.57 53.90
N VAL A 468 39.59 8.29 52.83
CA VAL A 468 39.98 9.68 52.94
C VAL A 468 39.22 10.58 51.96
N GLY A 469 38.68 10.03 50.88
CA GLY A 469 37.97 10.86 49.92
C GLY A 469 36.66 11.37 50.48
N GLN A 470 36.36 12.63 50.17
CA GLN A 470 35.13 13.25 50.66
C GLN A 470 33.96 12.92 49.74
N PRO A 471 32.75 12.76 50.29
CA PRO A 471 31.60 12.46 49.42
C PRO A 471 31.05 13.72 48.77
N GLY A 472 30.78 13.62 47.47
CA GLY A 472 30.17 14.71 46.74
C GLY A 472 31.12 15.74 46.18
N VAL A 473 32.41 15.43 46.08
CA VAL A 473 33.41 16.35 45.58
C VAL A 473 33.98 15.81 44.28
N PHE A 474 34.10 16.69 43.29
CA PHE A 474 34.49 16.31 41.94
C PHE A 474 35.64 17.18 41.45
N HIS A 475 36.37 16.66 40.47
CA HIS A 475 37.47 17.37 39.83
C HIS A 475 37.24 17.40 38.32
N LEU A 476 37.51 18.55 37.70
CA LEU A 476 37.32 18.74 36.28
C LEU A 476 38.56 19.37 35.68
N ASN A 477 38.98 18.86 34.51
CA ASN A 477 40.08 19.41 33.75
C ASN A 477 39.58 19.77 32.36
N MET A 478 39.88 20.98 31.90
CA MET A 478 39.43 21.43 30.59
C MET A 478 40.52 22.27 29.93
N ARG A 479 40.84 21.91 28.69
CA ARG A 479 41.82 22.64 27.88
C ARG A 479 41.11 23.14 26.62
N TYR A 480 41.44 24.36 26.20
CA TYR A 480 40.71 25.01 25.12
C TYR A 480 41.60 26.01 24.39
N ARG A 481 41.13 26.41 23.21
CA ARG A 481 41.79 27.42 22.38
C ARG A 481 40.80 28.51 22.00
N PRO A 482 41.23 29.77 21.93
CA PRO A 482 40.33 30.83 21.48
C PRO A 482 40.27 30.90 19.96
N PRO A 483 39.31 31.63 19.40
CA PRO A 483 39.18 31.68 17.93
C PRO A 483 40.36 32.39 17.28
N VAL A 484 40.61 32.05 16.01
CA VAL A 484 41.68 32.64 15.23
C VAL A 484 41.11 33.77 14.38
N ARG A 485 41.97 34.72 13.99
CA ARG A 485 41.56 35.86 13.20
C ARG A 485 42.71 36.32 12.32
N GLY A 486 42.35 36.97 11.21
CA GLY A 486 43.35 37.42 10.25
C GLY A 486 44.33 38.38 10.89
N ALA A 487 45.63 38.18 10.64
CA ALA A 487 46.66 39.00 11.25
C ALA A 487 47.57 39.70 10.26
N ARG A 488 47.98 39.04 9.16
CA ARG A 488 48.91 39.64 8.22
C ARG A 488 48.79 38.94 6.87
N ILE A 489 49.11 39.69 5.82
CA ILE A 489 49.18 39.16 4.46
C ILE A 489 50.50 39.62 3.84
N ASN A 490 51.27 38.68 3.33
CA ASN A 490 52.53 38.98 2.66
C ASN A 490 52.31 38.91 1.15
N VAL A 491 52.50 40.04 0.47
CA VAL A 491 52.14 40.18 -0.93
C VAL A 491 53.41 40.29 -1.75
N ASN A 492 53.54 39.44 -2.76
CA ASN A 492 54.57 39.59 -3.78
C ASN A 492 53.94 40.07 -5.08
N LEU A 493 54.42 41.20 -5.58
CA LEU A 493 53.85 41.83 -6.76
C LEU A 493 54.87 41.77 -7.89
N VAL A 494 54.47 41.22 -9.03
CA VAL A 494 55.40 40.91 -10.10
C VAL A 494 54.94 41.58 -11.39
N PRO A 495 55.34 42.83 -11.66
CA PRO A 495 54.89 43.51 -12.89
C PRO A 495 55.56 42.98 -14.14
N ALA A 496 54.79 42.35 -15.02
CA ALA A 496 55.28 41.85 -16.30
C ALA A 496 54.92 42.84 -17.40
N LEU A 497 55.10 42.44 -18.65
CA LEU A 497 54.77 43.28 -19.79
C LEU A 497 54.06 42.44 -20.85
N PHE A 498 53.22 43.11 -21.65
CA PHE A 498 52.50 42.43 -22.72
C PHE A 498 53.49 41.82 -23.71
N ASP A 499 53.24 40.57 -24.08
CA ASP A 499 54.22 39.81 -24.85
C ASP A 499 53.50 38.96 -25.89
N ASN A 500 54.28 38.12 -26.58
CA ASN A 500 53.78 37.24 -27.63
C ASN A 500 52.90 38.00 -28.62
N CYS B 3 29.89 -9.26 31.90
CA CYS B 3 29.24 -7.93 32.01
C CYS B 3 29.75 -6.98 30.94
N ASN B 4 30.52 -7.52 29.99
CA ASN B 4 31.15 -6.67 28.98
C ASN B 4 30.29 -6.54 27.73
N LYS B 5 29.68 -7.64 27.29
CA LYS B 5 28.95 -7.68 26.03
C LYS B 5 27.44 -7.64 26.21
N GLN B 6 26.94 -6.98 27.26
CA GLN B 6 25.51 -6.85 27.47
C GLN B 6 24.97 -5.69 26.65
N ASN B 7 23.84 -5.88 25.99
CA ASN B 7 23.20 -4.85 25.18
C ASN B 7 21.88 -4.45 25.83
N GLY B 8 21.75 -3.17 26.15
CA GLY B 8 20.53 -2.68 26.75
C GLY B 8 20.69 -1.28 27.27
N VAL B 9 19.62 -0.79 27.88
CA VAL B 9 19.56 0.57 28.42
C VAL B 9 19.72 0.49 29.94
N LYS B 10 20.52 1.40 30.49
CA LYS B 10 20.82 1.38 31.92
C LYS B 10 20.17 2.55 32.66
N ASN B 11 20.13 3.74 32.05
CA ASN B 11 19.56 4.92 32.68
C ASN B 11 18.98 5.83 31.61
N ILE B 12 17.86 6.46 31.94
CA ILE B 12 17.24 7.47 31.10
C ILE B 12 16.86 8.66 31.98
N LEU B 13 17.32 9.85 31.61
CA LEU B 13 16.99 11.08 32.32
C LEU B 13 16.35 12.04 31.33
N ILE B 14 15.22 12.63 31.71
CA ILE B 14 14.51 13.58 30.88
C ILE B 14 14.25 14.84 31.69
N THR B 15 14.37 15.99 31.03
CA THR B 15 14.13 17.30 31.64
C THR B 15 13.13 18.05 30.77
N PHE B 16 12.12 18.64 31.41
CA PHE B 16 11.01 19.27 30.72
C PHE B 16 11.06 20.78 30.90
N THR B 17 10.68 21.49 29.85
CA THR B 17 10.51 22.94 29.89
C THR B 17 9.24 23.30 29.13
N HIS B 18 8.31 23.96 29.82
CA HIS B 18 7.02 24.29 29.21
C HIS B 18 7.16 25.53 28.35
N CYS B 19 6.80 25.40 27.07
CA CYS B 19 7.01 26.50 26.12
C CYS B 19 6.14 27.70 26.44
N ASP B 20 4.88 27.48 26.84
CA ASP B 20 3.95 28.58 27.02
C ASP B 20 4.29 29.42 28.25
N THR B 21 4.71 28.79 29.35
CA THR B 21 4.95 29.49 30.60
C THR B 21 6.38 29.34 31.13
N GLY B 22 7.18 28.43 30.60
CA GLY B 22 8.57 28.33 31.00
C GLY B 22 8.84 27.50 32.25
N GLU B 23 7.85 26.84 32.81
CA GLU B 23 8.07 26.01 33.98
C GLU B 23 8.96 24.83 33.65
N VAL B 24 9.82 24.46 34.59
CA VAL B 24 10.85 23.44 34.38
C VAL B 24 10.72 22.36 35.43
N ILE B 25 10.89 21.10 35.00
CA ILE B 25 10.89 19.95 35.89
C ILE B 25 12.20 19.20 35.70
N GLY B 26 12.88 18.90 36.80
CA GLY B 26 14.26 18.47 36.76
C GLY B 26 14.45 17.08 36.16
N PRO B 27 15.71 16.61 36.16
CA PRO B 27 16.03 15.37 35.44
C PRO B 27 15.52 14.11 36.13
N ILE B 28 14.27 13.75 35.86
CA ILE B 28 13.67 12.58 36.47
C ILE B 28 14.18 11.31 35.78
N SER B 29 14.34 10.24 36.55
CA SER B 29 14.74 8.95 36.01
C SER B 29 13.50 8.21 35.49
N HIS B 30 13.65 7.57 34.34
CA HIS B 30 12.55 6.89 33.66
C HIS B 30 12.89 5.41 33.46
N GLU B 31 11.88 4.66 33.02
CA GLU B 31 12.02 3.25 32.70
C GLU B 31 11.36 2.98 31.35
N GLN B 32 11.39 1.72 30.92
CA GLN B 32 10.87 1.34 29.62
C GLN B 32 9.65 0.45 29.74
N PRO B 33 8.73 0.49 28.77
CA PRO B 33 7.53 -0.37 28.86
C PRO B 33 7.74 -1.78 28.37
N ASP B 34 8.68 -2.03 27.47
CA ASP B 34 8.94 -3.37 26.96
C ASP B 34 10.37 -3.43 26.45
N ASP B 35 10.68 -4.43 25.63
CA ASP B 35 12.03 -4.77 25.25
C ASP B 35 12.60 -3.89 24.14
N THR B 36 11.83 -2.98 23.56
CA THR B 36 12.30 -2.20 22.42
C THR B 36 13.28 -1.13 22.90
N LEU B 37 14.49 -1.15 22.36
CA LEU B 37 15.50 -0.18 22.73
C LEU B 37 15.30 1.13 21.96
N PRO B 38 15.84 2.24 22.45
CA PRO B 38 15.81 3.49 21.67
C PRO B 38 16.74 3.39 20.46
N THR B 39 16.43 4.19 19.44
CA THR B 39 17.20 4.22 18.20
C THR B 39 17.62 5.65 17.90
N TYR B 40 18.76 5.80 17.22
CA TYR B 40 19.37 7.11 17.00
C TYR B 40 19.78 7.26 15.55
N LYS B 41 19.89 8.52 15.12
CA LYS B 41 20.63 8.90 13.92
C LYS B 41 21.40 10.17 14.23
N THR B 42 22.71 10.04 14.40
CA THR B 42 23.54 11.13 14.88
C THR B 42 24.27 11.89 13.78
N CYS B 43 24.09 11.53 12.51
CA CYS B 43 24.67 12.27 11.40
C CYS B 43 23.59 13.18 10.81
N ALA B 44 23.85 14.48 10.78
CA ALA B 44 22.85 15.44 10.31
C ALA B 44 22.58 15.26 8.82
N TRP B 45 23.63 15.23 8.02
CA TRP B 45 23.48 15.28 6.57
C TRP B 45 22.81 14.01 6.04
N THR B 46 22.36 14.09 4.78
CA THR B 46 21.71 12.97 4.10
C THR B 46 22.25 12.85 2.68
N ASN B 47 22.35 11.62 2.20
CA ASN B 47 22.88 11.33 0.87
C ASN B 47 21.78 10.72 0.00
N THR B 48 21.70 11.19 -1.24
CA THR B 48 20.74 10.69 -2.22
C THR B 48 21.48 10.19 -3.45
N ALA B 49 21.06 9.05 -3.98
CA ALA B 49 21.83 8.37 -5.03
C ALA B 49 21.54 8.96 -6.40
N LEU B 50 22.57 9.47 -7.06
CA LEU B 50 22.52 9.82 -8.47
C LEU B 50 23.05 8.66 -9.29
N THR B 51 23.38 8.90 -10.56
CA THR B 51 23.93 7.86 -11.42
C THR B 51 25.45 7.89 -11.36
N ASN B 52 26.05 6.71 -11.53
CA ASN B 52 27.50 6.55 -11.63
C ASN B 52 28.22 6.83 -10.32
N GLY B 53 27.60 6.50 -9.19
CA GLY B 53 28.25 6.58 -7.91
C GLY B 53 28.23 7.94 -7.24
N ALA B 54 27.67 8.96 -7.90
CA ALA B 54 27.59 10.27 -7.29
C ALA B 54 26.39 10.37 -6.36
N VAL B 55 26.49 11.24 -5.36
CA VAL B 55 25.43 11.43 -4.37
C VAL B 55 25.10 12.92 -4.29
N MET B 56 23.98 13.22 -3.65
CA MET B 56 23.58 14.58 -3.34
C MET B 56 23.49 14.73 -1.82
N ARG B 57 24.10 15.78 -1.29
CA ARG B 57 24.24 15.96 0.14
C ARG B 57 23.39 17.14 0.60
N SER B 58 22.56 16.92 1.63
CA SER B 58 21.68 17.95 2.14
C SER B 58 21.68 17.89 3.68
N ALA B 59 20.98 18.85 4.29
CA ALA B 59 21.19 19.13 5.70
C ALA B 59 20.48 18.12 6.61
N SER B 60 19.15 18.04 6.52
CA SER B 60 18.39 17.14 7.39
C SER B 60 18.65 17.38 8.87
N ASN B 61 18.32 16.40 9.72
CA ASN B 61 18.37 16.56 11.16
C ASN B 61 18.96 15.33 11.81
N ALA B 62 19.17 15.42 13.12
CA ALA B 62 19.51 14.27 13.96
C ALA B 62 18.29 13.91 14.80
N THR B 63 17.99 12.62 14.90
CA THR B 63 16.73 12.14 15.44
C THR B 63 16.96 11.10 16.52
N MET B 64 16.02 11.03 17.47
CA MET B 64 15.98 10.00 18.49
C MET B 64 14.56 9.48 18.61
N THR B 65 14.42 8.20 18.91
CA THR B 65 13.12 7.58 19.21
C THR B 65 13.20 6.98 20.60
N LEU B 66 12.34 7.44 21.50
CA LEU B 66 12.45 7.14 22.92
C LEU B 66 11.14 6.60 23.47
N PRO B 67 10.99 5.27 23.56
CA PRO B 67 9.84 4.69 24.26
C PRO B 67 10.12 4.58 25.75
N VAL B 68 9.26 5.19 26.56
CA VAL B 68 9.43 5.22 28.01
C VAL B 68 8.08 5.12 28.69
N VAL B 69 8.10 4.78 29.98
CA VAL B 69 6.89 4.75 30.78
C VAL B 69 6.67 6.12 31.40
N ARG B 70 5.45 6.64 31.27
CA ARG B 70 5.14 7.99 31.71
C ARG B 70 5.28 8.12 33.22
N ASP B 71 5.69 9.30 33.67
CA ASP B 71 5.78 9.59 35.10
C ASP B 71 4.45 10.09 35.62
N PRO B 72 3.86 9.46 36.64
CA PRO B 72 2.54 9.91 37.12
C PRO B 72 2.49 11.36 37.58
N ARG B 73 3.62 12.04 37.73
CA ARG B 73 3.62 13.41 38.22
C ARG B 73 3.71 14.45 37.11
N VAL B 74 3.71 14.05 35.85
CA VAL B 74 3.87 14.95 34.71
C VAL B 74 2.64 14.81 33.82
N PRO B 75 2.01 15.91 33.40
CA PRO B 75 0.86 15.78 32.50
C PRO B 75 1.23 15.08 31.20
N LEU B 76 0.29 14.28 30.69
CA LEU B 76 0.54 13.54 29.46
C LEU B 76 0.81 14.47 28.30
N ALA B 77 0.25 15.68 28.33
CA ALA B 77 0.46 16.62 27.24
C ALA B 77 1.91 17.04 27.10
N TRP B 78 2.70 16.91 28.17
CA TRP B 78 4.10 17.33 28.13
C TRP B 78 4.99 16.36 27.37
N TYR B 79 4.69 15.06 27.43
CA TYR B 79 5.41 14.09 26.62
C TYR B 79 5.08 14.22 25.14
N GLN B 80 3.95 14.84 24.81
CA GLN B 80 3.63 15.20 23.44
C GLN B 80 4.16 16.61 23.15
N GLY B 81 3.69 17.20 22.07
CA GLY B 81 4.34 18.39 21.53
C GLY B 81 4.27 19.65 22.37
N CYS B 82 3.67 19.61 23.56
CA CYS B 82 3.45 20.84 24.31
C CYS B 82 4.61 21.23 25.23
N ALA B 83 5.73 20.52 25.22
CA ALA B 83 6.87 20.86 26.06
C ALA B 83 8.18 20.58 25.34
N GLN B 84 9.25 21.21 25.82
CA GLN B 84 10.58 21.01 25.29
C GLN B 84 11.35 20.03 26.17
N ILE B 85 12.17 19.19 25.53
CA ILE B 85 12.70 17.99 26.18
C ILE B 85 14.22 17.96 26.04
N ASP B 86 14.89 17.61 27.13
CA ASP B 86 16.32 17.36 27.16
C ASP B 86 16.55 15.96 27.72
N ALA B 87 17.18 15.08 26.93
CA ALA B 87 17.25 13.67 27.28
C ALA B 87 18.67 13.17 27.25
N GLN B 88 18.96 12.22 28.15
CA GLN B 88 20.20 11.47 28.17
C GLN B 88 19.88 9.99 28.31
N VAL B 89 20.63 9.15 27.60
CA VAL B 89 20.47 7.70 27.66
C VAL B 89 21.83 7.07 27.83
N GLU B 90 21.96 6.16 28.79
CA GLU B 90 23.21 5.48 29.09
C GLU B 90 23.02 3.98 28.89
N LYS B 91 24.04 3.33 28.35
CA LYS B 91 24.01 1.90 28.08
C LYS B 91 24.93 1.16 29.03
N PHE B 92 24.77 -0.17 29.08
CA PHE B 92 25.57 -0.99 29.99
C PHE B 92 27.04 -0.96 29.61
N ASP B 93 27.35 -0.80 28.33
CA ASP B 93 28.74 -0.79 27.89
C ASP B 93 29.44 0.54 28.11
N GLY B 94 28.69 1.61 28.40
CA GLY B 94 29.26 2.89 28.72
C GLY B 94 28.94 4.02 27.77
N THR B 95 28.23 3.75 26.68
CA THR B 95 27.87 4.81 25.75
C THR B 95 26.82 5.73 26.38
N VAL B 96 26.93 7.03 26.10
CA VAL B 96 26.00 8.03 26.59
C VAL B 96 25.60 8.93 25.42
N MET B 97 24.31 9.03 25.16
CA MET B 97 23.78 9.91 24.13
C MET B 97 23.10 11.09 24.80
N THR B 98 23.54 12.30 24.44
CA THR B 98 23.02 13.53 25.04
C THR B 98 22.33 14.35 23.97
N LEU B 99 21.08 14.73 24.23
CA LEU B 99 20.29 15.54 23.32
C LEU B 99 19.66 16.67 24.13
N THR B 100 19.83 17.91 23.66
CA THR B 100 19.30 19.06 24.36
C THR B 100 18.50 19.91 23.39
N GLU B 101 17.48 20.59 23.93
CA GLU B 101 16.61 21.45 23.14
C GLU B 101 15.90 20.66 22.03
N GLY B 102 15.37 19.50 22.37
CA GLY B 102 14.67 18.69 21.40
C GLY B 102 13.26 19.18 21.13
N ALA B 103 12.66 18.63 20.09
CA ALA B 103 11.28 18.94 19.72
C ALA B 103 10.58 17.65 19.34
N VAL B 104 9.40 17.45 19.90
CA VAL B 104 8.61 16.24 19.66
C VAL B 104 7.71 16.49 18.46
N THR B 105 7.76 15.59 17.48
CA THR B 105 7.10 15.76 16.20
C THR B 105 6.05 14.68 15.98
N GLU B 106 4.89 15.09 15.47
CA GLU B 106 3.81 14.20 15.08
C GLU B 106 3.55 13.13 16.13
N PRO B 107 3.05 13.49 17.31
CA PRO B 107 2.74 12.47 18.32
C PRO B 107 1.55 11.61 17.90
N GLU B 108 1.53 10.39 18.41
CA GLU B 108 0.37 9.52 18.26
C GLU B 108 -0.34 9.35 19.60
N GLU B 109 -1.54 8.79 19.54
CA GLU B 109 -2.36 8.65 20.73
C GLU B 109 -1.75 7.62 21.68
N SER B 110 -1.87 7.90 22.98
CA SER B 110 -1.29 7.06 24.02
C SER B 110 -2.37 6.61 24.99
N ASP B 111 -2.25 5.36 25.45
CA ASP B 111 -3.21 4.80 26.40
C ASP B 111 -3.09 5.42 27.79
N GLY B 112 -2.06 6.22 28.05
CA GLY B 112 -1.88 6.87 29.32
C GLY B 112 -0.72 6.37 30.13
N ARG B 113 -0.12 5.23 29.78
CA ARG B 113 1.03 4.70 30.49
C ARG B 113 2.28 4.65 29.62
N ALA B 114 2.20 4.03 28.44
CA ALA B 114 3.34 3.93 27.55
C ALA B 114 3.32 5.08 26.56
N VAL B 115 4.48 5.67 26.30
CA VAL B 115 4.62 6.80 25.39
C VAL B 115 5.85 6.56 24.53
N THR B 116 5.76 6.92 23.26
CA THR B 116 6.86 6.79 22.31
C THR B 116 7.09 8.15 21.66
N MET B 117 8.12 8.85 22.11
CA MET B 117 8.43 10.17 21.58
C MET B 117 9.32 10.06 20.35
N THR B 118 9.16 10.99 19.43
CA THR B 118 10.04 11.14 18.28
C THR B 118 10.66 12.53 18.35
N ILE B 119 11.94 12.59 18.69
CA ILE B 119 12.61 13.85 19.03
C ILE B 119 13.61 14.19 17.95
N ILE B 120 13.67 15.46 17.57
CA ILE B 120 14.64 15.95 16.60
C ILE B 120 15.44 17.07 17.24
N ALA B 121 16.74 17.08 16.97
CA ALA B 121 17.64 18.09 17.50
C ALA B 121 18.63 18.49 16.43
N ALA B 122 19.33 19.60 16.67
CA ALA B 122 20.36 20.03 15.73
C ALA B 122 21.52 19.04 15.71
N GLU B 123 21.96 18.58 16.88
CA GLU B 123 23.04 17.61 16.98
C GLU B 123 22.78 16.70 18.17
N ILE B 124 23.43 15.53 18.15
CA ILE B 124 23.43 14.60 19.27
C ILE B 124 24.88 14.27 19.60
N ASP B 125 25.20 14.27 20.88
CA ASP B 125 26.56 14.00 21.36
C ASP B 125 26.68 12.55 21.78
N GLU B 126 27.70 11.86 21.28
CA GLU B 126 27.96 10.47 21.63
C GLU B 126 29.28 10.40 22.40
N LEU B 127 29.22 9.78 23.57
CA LEU B 127 30.40 9.63 24.43
C LEU B 127 30.74 8.15 24.51
N LEU B 128 31.72 7.72 23.74
CA LEU B 128 32.08 6.31 23.64
C LEU B 128 32.80 5.86 24.90
N PRO B 129 32.87 4.56 25.15
CA PRO B 129 33.67 4.06 26.26
C PRO B 129 35.13 4.45 26.10
N PRO B 130 35.92 4.39 27.16
CA PRO B 130 37.33 4.79 27.05
C PRO B 130 38.08 3.98 26.00
N GLY B 131 38.94 4.65 25.25
CA GLY B 131 39.74 4.02 24.23
C GLY B 131 39.29 4.25 22.80
N SER B 132 38.68 5.39 22.51
CA SER B 132 38.17 5.66 21.17
C SER B 132 39.32 5.88 20.19
N LEU B 133 39.02 5.72 18.90
CA LEU B 133 40.00 5.96 17.84
C LEU B 133 39.79 7.29 17.12
N ALA B 134 38.63 7.92 17.30
CA ALA B 134 38.34 9.17 16.61
C ALA B 134 38.73 10.37 17.48
N ALA B 135 38.72 11.54 16.87
CA ALA B 135 39.05 12.77 17.58
C ALA B 135 37.81 13.35 18.25
N MET C 1 -35.67 33.14 50.14
CA MET C 1 -35.95 33.14 48.68
C MET C 1 -34.76 33.70 47.90
N ALA C 2 -34.53 35.00 48.05
CA ALA C 2 -33.34 35.63 47.47
C ALA C 2 -33.39 35.43 45.95
N GLN C 3 -32.22 35.27 45.33
CA GLN C 3 -32.15 35.04 43.89
C GLN C 3 -32.57 33.62 43.55
N ASP C 4 -32.99 33.42 42.31
CA ASP C 4 -33.52 32.13 41.89
C ASP C 4 -32.48 31.03 41.99
N ALA C 5 -31.24 31.33 41.56
CA ALA C 5 -30.21 30.31 41.54
C ALA C 5 -29.84 29.83 42.94
N LEU C 6 -30.17 30.58 43.98
CA LEU C 6 -29.81 30.25 45.34
C LEU C 6 -30.99 30.00 46.26
N SER C 7 -32.22 30.06 45.74
CA SER C 7 -33.40 29.98 46.60
C SER C 7 -33.62 28.57 47.14
N ASP C 8 -33.51 27.55 46.30
CA ASP C 8 -33.89 26.20 46.70
C ASP C 8 -33.01 25.61 47.80
N GLY C 9 -31.85 26.19 48.06
CA GLY C 9 -31.02 25.76 49.16
C GLY C 9 -30.12 24.58 48.88
N PHE C 10 -30.08 24.09 47.63
CA PHE C 10 -29.16 23.01 47.31
C PHE C 10 -27.71 23.48 47.44
N VAL C 11 -27.42 24.69 46.97
CA VAL C 11 -26.07 25.26 47.04
C VAL C 11 -26.10 26.35 48.10
N ARG C 12 -25.26 26.21 49.12
CA ARG C 12 -25.13 27.19 50.18
C ARG C 12 -23.79 27.89 50.01
N LEU C 13 -23.83 29.16 49.63
CA LEU C 13 -22.65 29.89 49.18
C LEU C 13 -22.11 30.78 50.29
N CYS C 14 -20.79 30.91 50.34
CA CYS C 14 -20.10 31.77 51.31
C CYS C 14 -18.94 32.44 50.61
N ILE C 15 -18.90 33.77 50.64
CA ILE C 15 -17.84 34.55 50.00
C ILE C 15 -17.02 35.22 51.10
N ASP C 16 -15.73 34.89 51.15
CA ASP C 16 -14.84 35.48 52.14
C ASP C 16 -13.41 35.51 51.61
N PRO C 17 -12.86 36.70 51.33
CA PRO C 17 -11.48 36.75 50.80
C PRO C 17 -10.40 36.47 51.83
N SER C 18 -10.76 36.32 53.11
CA SER C 18 -9.77 36.11 54.16
C SER C 18 -9.60 34.66 54.57
N LEU C 19 -10.19 33.71 53.83
CA LEU C 19 -10.07 32.30 54.19
C LEU C 19 -8.72 31.75 53.77
N ASN C 20 -8.40 30.56 54.30
CA ASN C 20 -7.14 29.89 53.99
C ASN C 20 -7.40 28.39 53.93
N PHE C 21 -6.98 27.76 52.82
CA PHE C 21 -7.17 26.33 52.66
C PHE C 21 -6.05 25.50 53.27
N PHE C 22 -4.93 26.14 53.63
CA PHE C 22 -3.77 25.39 54.10
C PHE C 22 -4.05 24.74 55.45
N GLY C 23 -3.51 23.54 55.64
CA GLY C 23 -3.54 22.90 56.92
C GLY C 23 -2.48 23.45 57.86
N GLU C 24 -2.44 22.90 59.06
CA GLU C 24 -1.47 23.34 60.05
C GLU C 24 -0.11 22.71 59.76
N GLY C 25 0.90 23.56 59.56
CA GLY C 25 2.24 23.09 59.28
C GLY C 25 3.03 22.84 60.55
N CYS C 26 4.35 22.87 60.40
CA CYS C 26 5.23 22.68 61.54
C CYS C 26 5.24 23.93 62.42
N LYS C 27 5.74 23.76 63.64
CA LYS C 27 5.63 24.77 64.68
C LYS C 27 6.98 25.37 65.01
N ILE C 28 7.02 26.70 65.15
CA ILE C 28 8.24 27.43 65.47
C ILE C 28 7.98 28.26 66.73
N LEU C 29 8.97 28.29 67.62
CA LEU C 29 8.88 29.04 68.87
C LEU C 29 9.86 30.20 68.85
N VAL C 30 9.39 31.38 69.23
CA VAL C 30 10.21 32.59 69.25
C VAL C 30 10.23 33.13 70.68
N GLU C 31 11.43 33.42 71.18
CA GLU C 31 11.63 33.81 72.56
C GLU C 31 12.44 35.11 72.62
N GLY C 32 11.98 36.06 73.42
CA GLY C 32 12.65 37.34 73.50
C GLY C 32 12.02 38.22 74.56
N GLN C 33 12.57 39.42 74.67
CA GLN C 33 12.14 40.37 75.69
C GLN C 33 10.82 41.04 75.31
N ILE C 34 10.11 41.55 76.32
CA ILE C 34 8.92 42.36 76.09
C ILE C 34 9.04 43.63 76.92
N THR C 35 8.00 44.46 76.88
CA THR C 35 7.97 45.72 77.62
C THR C 35 6.75 45.75 78.53
N ASP C 36 6.71 46.76 79.39
CA ASP C 36 5.64 46.87 80.38
C ASP C 36 4.26 47.09 79.76
N ASP C 37 4.18 47.78 78.61
CA ASP C 37 2.90 48.03 77.97
C ASP C 37 2.29 46.78 77.36
N ALA C 38 3.03 45.67 77.30
CA ALA C 38 2.50 44.45 76.72
C ALA C 38 1.41 43.86 77.59
N THR C 39 0.35 43.35 76.95
CA THR C 39 -0.75 42.71 77.65
C THR C 39 -0.58 41.19 77.75
N ALA C 40 0.46 40.63 77.14
CA ALA C 40 0.66 39.19 77.18
C ALA C 40 1.17 38.76 78.56
N ALA C 41 0.80 37.54 78.94
CA ALA C 41 1.23 36.99 80.22
C ALA C 41 2.68 36.54 80.15
N GLU C 42 3.46 36.93 81.15
CA GLU C 42 4.87 36.56 81.18
C GLU C 42 5.03 35.05 81.34
N ASN C 43 6.12 34.53 80.75
CA ASN C 43 6.50 33.13 80.92
C ASN C 43 5.36 32.18 80.59
N VAL C 44 4.68 32.44 79.48
CA VAL C 44 3.60 31.59 78.99
C VAL C 44 3.71 31.50 77.47
N VAL C 45 3.75 30.27 76.96
CA VAL C 45 3.81 30.07 75.52
C VAL C 45 2.42 30.29 74.93
N THR C 46 2.32 31.19 73.95
CA THR C 46 1.05 31.60 73.39
C THR C 46 1.11 31.57 71.87
N CYS C 47 -0.02 31.27 71.25
CA CYS C 47 -0.12 31.23 69.80
C CYS C 47 -0.20 32.64 69.23
N VAL C 48 0.14 32.77 67.95
CA VAL C 48 0.05 34.02 67.22
C VAL C 48 -0.57 33.73 65.86
N ASN C 49 -1.27 34.72 65.30
CA ASN C 49 -2.04 34.50 64.08
C ASN C 49 -1.80 35.54 62.99
N SER C 50 -1.27 36.72 63.30
CA SER C 50 -1.06 37.74 62.29
C SER C 50 0.00 38.73 62.76
N GLU C 51 0.48 39.52 61.81
CA GLU C 51 1.51 40.52 62.11
C GLU C 51 0.99 41.70 62.91
N LEU C 52 -0.27 42.08 62.75
CA LEU C 52 -0.80 43.30 63.33
C LEU C 52 -1.39 43.11 64.72
N ASP C 53 -1.43 41.88 65.23
CA ASP C 53 -1.81 41.67 66.62
C ASP C 53 -0.71 42.10 67.57
N LEU C 54 0.50 42.33 67.07
CA LEU C 54 1.62 42.73 67.89
C LEU C 54 1.36 44.12 68.49
N VAL C 55 2.34 44.60 69.26
CA VAL C 55 2.29 45.90 69.92
C VAL C 55 1.32 45.84 71.09
N GLU C 56 0.04 45.56 70.80
CA GLU C 56 -0.93 45.42 71.87
C GLU C 56 -0.59 44.25 72.78
N ARG C 57 -0.11 43.15 72.19
CA ARG C 57 0.17 41.95 72.96
C ARG C 57 1.59 41.95 73.50
N PHE C 58 2.57 42.30 72.66
CA PHE C 58 3.99 42.16 73.01
C PHE C 58 4.73 43.48 73.13
N GLY C 59 4.01 44.61 73.16
CA GLY C 59 4.63 45.89 73.43
C GLY C 59 5.18 46.56 72.17
N GLN C 60 5.48 47.85 72.32
CA GLN C 60 5.95 48.66 71.20
C GLN C 60 7.46 48.55 71.08
N GLY C 61 7.95 48.21 69.89
CA GLY C 61 9.38 48.27 69.62
C GLY C 61 10.23 47.41 70.51
N SER C 62 9.66 46.35 71.08
CA SER C 62 10.45 45.44 71.90
C SER C 62 11.21 44.46 71.01
N VAL C 63 12.13 43.73 71.63
CA VAL C 63 12.91 42.74 70.88
C VAL C 63 11.99 41.67 70.31
N LEU C 64 11.07 41.17 71.13
CA LEU C 64 10.22 40.06 70.70
C LEU C 64 9.33 40.44 69.54
N THR C 65 8.73 41.63 69.58
CA THR C 65 7.85 42.04 68.48
C THR C 65 8.63 42.18 67.18
N GLU C 66 9.85 42.75 67.25
CA GLU C 66 10.66 42.86 66.05
C GLU C 66 11.03 41.49 65.50
N SER C 67 11.40 40.56 66.39
CA SER C 67 11.72 39.21 65.94
C SER C 67 10.51 38.55 65.28
N LEU C 68 9.34 38.73 65.87
CA LEU C 68 8.13 38.12 65.32
C LEU C 68 7.76 38.74 63.98
N ARG C 69 8.10 40.02 63.78
CA ARG C 69 7.73 40.69 62.54
C ARG C 69 8.37 40.03 61.33
N LYS C 70 9.63 39.62 61.45
CA LYS C 70 10.32 39.01 60.32
C LYS C 70 9.85 37.58 60.07
N VAL C 71 9.41 36.88 61.11
CA VAL C 71 9.00 35.49 60.95
C VAL C 71 7.83 35.39 60.00
N PHE C 72 6.84 36.27 60.15
CA PHE C 72 5.70 36.27 59.24
C PHE C 72 6.10 36.77 57.86
N CYS C 73 7.06 37.70 57.79
CA CYS C 73 7.48 38.22 56.49
C CYS C 73 8.13 37.14 55.64
N MET C 74 8.99 36.32 56.25
CA MET C 74 9.70 35.29 55.49
C MET C 74 8.78 34.15 55.07
N CYS C 75 7.84 33.74 55.92
CA CYS C 75 7.01 32.57 55.68
C CYS C 75 5.58 33.02 55.43
N LYS C 76 5.17 32.99 54.16
CA LYS C 76 3.80 33.36 53.82
C LYS C 76 2.80 32.26 54.12
N SER C 77 3.25 31.01 54.24
CA SER C 77 2.35 29.90 54.53
C SER C 77 3.15 28.75 55.12
N GLY C 78 2.44 27.84 55.78
CA GLY C 78 3.04 26.65 56.34
C GLY C 78 3.62 26.81 57.72
N VAL C 79 3.22 27.83 58.47
CA VAL C 79 3.79 28.10 59.79
C VAL C 79 2.70 28.02 60.85
N SER C 80 3.12 27.67 62.05
CA SER C 80 2.36 27.87 63.27
C SER C 80 3.28 28.54 64.28
N VAL C 81 3.08 29.85 64.49
CA VAL C 81 4.03 30.67 65.23
C VAL C 81 3.60 30.71 66.70
N TYR C 82 4.55 30.43 67.58
CA TYR C 82 4.34 30.52 69.02
C TYR C 82 5.40 31.43 69.61
N ALA C 83 5.04 32.13 70.69
CA ALA C 83 5.91 33.12 71.31
C ALA C 83 6.05 32.85 72.79
N LEU C 84 7.26 33.05 73.31
CA LEU C 84 7.56 32.85 74.72
C LEU C 84 8.15 34.14 75.28
N PRO C 85 7.33 35.09 75.74
CA PRO C 85 7.88 36.39 76.16
C PRO C 85 8.61 36.30 77.49
N ARG C 86 9.66 37.12 77.62
CA ARG C 86 10.44 37.27 78.84
C ARG C 86 10.56 38.74 79.19
N ALA C 87 10.73 39.02 80.48
CA ALA C 87 10.81 40.41 80.94
C ALA C 87 12.24 40.75 81.35
N ASP C 88 12.56 42.03 81.24
CA ASP C 88 13.89 42.51 81.59
C ASP C 88 14.15 42.32 83.07
N ALA C 89 15.42 42.08 83.42
CA ALA C 89 15.81 42.02 84.82
C ALA C 89 15.58 43.36 85.50
N ALA C 90 15.20 43.33 86.77
CA ALA C 90 14.86 44.56 87.47
C ALA C 90 16.06 45.49 87.63
N ALA C 91 17.28 44.96 87.61
CA ALA C 91 18.48 45.77 87.80
C ALA C 91 19.20 46.08 86.50
N ALA C 92 18.59 45.79 85.34
CA ALA C 92 19.25 46.00 84.06
C ALA C 92 19.38 47.49 83.76
N VAL C 93 20.36 47.82 82.92
CA VAL C 93 20.66 49.20 82.54
C VAL C 93 20.55 49.33 81.03
N SER C 94 19.87 50.37 80.56
CA SER C 94 19.73 50.60 79.13
C SER C 94 20.94 51.34 78.59
N ALA C 95 21.43 50.91 77.44
CA ALA C 95 22.58 51.56 76.82
C ALA C 95 22.17 52.89 76.19
N VAL C 96 23.15 53.79 76.08
CA VAL C 96 22.92 55.15 75.57
C VAL C 96 23.94 55.43 74.48
N TYR C 97 23.49 56.07 73.40
CA TYR C 97 24.34 56.46 72.29
C TYR C 97 24.14 57.94 72.00
N THR C 98 25.19 58.56 71.47
CA THR C 98 25.20 59.99 71.19
C THR C 98 25.34 60.22 69.69
N LEU C 99 24.48 61.06 69.13
CA LEU C 99 24.52 61.44 67.72
C LEU C 99 24.53 62.95 67.65
N THR C 100 25.63 63.53 67.17
CA THR C 100 25.83 64.97 67.16
C THR C 100 25.93 65.47 65.72
N VAL C 101 25.14 66.48 65.39
CA VAL C 101 25.26 67.17 64.11
C VAL C 101 26.18 68.36 64.29
N THR C 102 26.91 68.72 63.22
CA THR C 102 27.89 69.79 63.29
C THR C 102 27.90 70.56 61.98
N GLY C 103 28.46 71.76 62.04
CA GLY C 103 28.56 72.62 60.87
C GLY C 103 27.31 73.45 60.63
N THR C 104 27.15 73.94 59.41
CA THR C 104 25.97 74.74 59.06
C THR C 104 25.73 74.58 57.57
N ALA C 105 24.56 74.06 57.21
CA ALA C 105 24.27 73.79 55.80
C ALA C 105 24.37 75.07 54.98
N LEU C 106 25.10 74.97 53.86
CA LEU C 106 25.25 76.08 52.93
C LEU C 106 24.75 75.75 51.54
N THR C 107 24.22 74.55 51.33
CA THR C 107 23.56 74.18 50.09
C THR C 107 22.35 73.30 50.40
N ASP C 108 21.40 73.27 49.48
CA ASP C 108 20.26 72.37 49.62
C ASP C 108 20.65 70.95 49.21
N GLY C 109 19.86 70.00 49.67
CA GLY C 109 20.12 68.61 49.35
C GLY C 109 19.34 67.68 50.28
N ARG C 110 19.75 66.42 50.29
CA ARG C 110 19.11 65.38 51.09
C ARG C 110 20.16 64.65 51.91
N VAL C 111 19.81 64.30 53.14
CA VAL C 111 20.60 63.43 54.00
C VAL C 111 19.73 62.23 54.35
N GLN C 112 20.23 61.04 54.03
CA GLN C 112 19.52 59.79 54.31
C GLN C 112 20.43 58.90 55.14
N LEU C 113 19.93 58.47 56.30
CA LEU C 113 20.71 57.73 57.28
C LEU C 113 20.23 56.28 57.33
N TYR C 114 21.14 55.37 57.65
CA TYR C 114 20.81 53.97 57.84
C TYR C 114 20.96 53.61 59.31
N MET C 115 19.91 53.01 59.88
CA MET C 115 19.87 52.72 61.31
C MET C 115 19.32 51.32 61.50
N GLY C 116 20.19 50.37 61.84
CA GLY C 116 19.76 49.04 62.23
C GLY C 116 19.32 48.16 61.08
N GLU C 117 18.31 48.59 60.33
CA GLU C 117 17.75 47.77 59.27
C GLU C 117 17.04 48.67 58.28
N ALA C 118 16.81 48.15 57.08
CA ALA C 118 16.20 48.95 56.02
C ALA C 118 14.82 49.48 56.40
N GLU C 119 14.13 48.82 57.34
CA GLU C 119 12.81 49.29 57.73
C GLU C 119 12.89 50.57 58.56
N TYR C 120 13.97 50.77 59.30
CA TYR C 120 14.11 51.90 60.21
C TYR C 120 15.07 52.96 59.69
N SER C 121 15.53 52.83 58.45
CA SER C 121 16.29 53.89 57.82
C SER C 121 15.36 54.96 57.26
N LEU C 122 15.85 56.19 57.23
CA LEU C 122 15.01 57.33 56.87
C LEU C 122 15.78 58.25 55.94
N ASP C 123 15.02 58.96 55.10
CA ASP C 123 15.56 59.99 54.23
C ASP C 123 14.93 61.32 54.61
N ILE C 124 15.76 62.29 54.98
CA ILE C 124 15.30 63.60 55.42
C ILE C 124 16.11 64.65 54.68
N GLY C 125 15.43 65.68 54.16
CA GLY C 125 16.06 66.66 53.31
C GLY C 125 16.03 68.06 53.87
N VAL C 126 16.90 68.91 53.32
CA VAL C 126 16.97 70.32 53.66
C VAL C 126 16.96 71.12 52.36
N ASP C 127 16.19 72.21 52.33
CA ASP C 127 16.00 72.99 51.12
C ASP C 127 16.50 74.42 51.25
N GLU C 128 17.20 74.76 52.34
CA GLU C 128 17.70 76.11 52.52
C GLU C 128 19.08 76.04 53.19
N GLY C 129 19.90 77.05 52.89
CA GLY C 129 21.19 77.17 53.53
C GLY C 129 21.10 77.87 54.86
N ASP C 130 22.23 77.90 55.56
CA ASP C 130 22.37 78.54 56.86
C ASP C 130 21.43 77.97 57.90
N THR C 131 20.96 76.74 57.71
CA THR C 131 20.09 76.11 58.70
C THR C 131 20.94 75.68 59.89
N PRO C 132 20.64 76.13 61.11
CA PRO C 132 21.46 75.74 62.25
C PRO C 132 21.39 74.24 62.49
N THR C 133 22.22 73.79 63.43
CA THR C 133 22.18 72.39 63.83
C THR C 133 20.84 72.04 64.47
N GLN C 134 20.08 73.03 64.93
CA GLN C 134 18.76 72.80 65.49
C GLN C 134 17.68 72.63 64.42
N ILE C 135 17.85 73.25 63.25
CA ILE C 135 17.00 72.87 62.13
C ILE C 135 17.35 71.47 61.65
N ALA C 136 18.64 71.12 61.66
CA ALA C 136 19.02 69.72 61.72
C ALA C 136 18.56 69.14 63.05
N ALA C 137 18.76 67.84 63.24
CA ALA C 137 18.21 67.14 64.39
C ALA C 137 16.69 67.13 64.28
N LYS C 138 16.17 67.47 63.10
CA LYS C 138 14.77 67.22 62.77
C LYS C 138 14.52 65.75 62.49
N ILE C 139 15.56 64.92 62.61
CA ILE C 139 15.50 63.49 62.36
C ILE C 139 14.41 62.88 63.23
N VAL C 140 14.36 63.28 64.49
CA VAL C 140 13.41 62.71 65.43
C VAL C 140 11.97 62.89 64.99
N ALA C 141 11.71 63.79 64.04
CA ALA C 141 10.39 63.87 63.43
C ALA C 141 10.15 62.74 62.45
N ALA C 142 11.20 61.98 62.10
CA ALA C 142 11.08 60.89 61.15
C ALA C 142 11.32 59.51 61.75
N ILE C 143 11.93 59.43 62.93
CA ILE C 143 12.15 58.13 63.57
C ILE C 143 10.80 57.47 63.83
N SER C 144 10.66 56.22 63.41
CA SER C 144 9.40 55.52 63.53
C SER C 144 9.20 54.98 64.94
N PRO C 145 7.95 54.76 65.36
CA PRO C 145 7.72 54.23 66.70
C PRO C 145 8.34 52.86 66.94
N ASP C 146 8.40 52.03 65.91
CA ASP C 146 8.87 50.65 66.07
C ASP C 146 10.38 50.56 66.26
N PHE C 147 11.12 51.64 66.05
CA PHE C 147 12.54 51.62 66.31
C PHE C 147 12.77 51.28 67.79
N PRO C 148 13.58 50.26 68.10
CA PRO C 148 13.70 49.83 69.50
C PRO C 148 14.43 50.80 70.40
N TYR C 149 14.75 52.00 69.89
CA TYR C 149 15.44 53.01 70.67
C TYR C 149 14.60 54.27 70.74
N GLU C 150 14.80 55.03 71.82
CA GLU C 150 14.10 56.30 72.03
C GLU C 150 15.05 57.45 71.75
N ALA C 151 14.61 58.40 70.93
CA ALA C 151 15.40 59.57 70.56
C ALA C 151 14.93 60.77 71.37
N THR C 152 15.85 61.42 72.08
CA THR C 152 15.51 62.50 72.97
C THR C 152 15.20 63.82 72.24
N ALA C 153 15.88 64.08 71.12
CA ALA C 153 15.67 65.32 70.37
C ALA C 153 16.06 66.54 71.19
N ALA C 154 17.27 66.52 71.74
CA ALA C 154 17.76 67.65 72.51
C ALA C 154 18.22 68.76 71.56
N ALA C 155 18.84 69.79 72.13
CA ALA C 155 19.25 70.98 71.38
C ALA C 155 20.49 70.65 70.55
N GLY C 156 20.25 70.32 69.27
CA GLY C 156 21.31 70.08 68.32
C GLY C 156 21.83 68.67 68.28
N VAL C 157 21.85 67.97 69.41
CA VAL C 157 22.35 66.60 69.48
C VAL C 157 21.22 65.71 69.98
N ILE C 158 21.03 64.58 69.30
CA ILE C 158 19.99 63.62 69.64
C ILE C 158 20.64 62.40 70.27
N THR C 159 20.11 61.98 71.41
CA THR C 159 20.64 60.84 72.17
C THR C 159 19.69 59.66 72.03
N LEU C 160 20.27 58.48 71.85
CA LEU C 160 19.50 57.25 71.61
C LEU C 160 19.70 56.33 72.81
N THR C 161 18.59 55.88 73.39
CA THR C 161 18.60 55.01 74.56
C THR C 161 17.75 53.78 74.27
N ALA C 162 18.25 52.61 74.66
CA ALA C 162 17.57 51.36 74.37
C ALA C 162 16.30 51.22 75.22
N ARG C 163 15.26 50.65 74.64
CA ARG C 163 14.03 50.37 75.35
C ARG C 163 14.22 49.17 76.28
N ASN C 164 14.63 48.04 75.72
CA ASN C 164 14.88 46.86 76.53
C ASN C 164 16.27 46.93 77.14
N GLY C 165 16.37 46.58 78.42
CA GLY C 165 17.62 46.65 79.13
C GLY C 165 18.56 45.53 78.78
N GLY C 166 19.71 45.53 79.43
CA GLY C 166 20.70 44.50 79.20
C GLY C 166 21.57 44.79 77.99
N THR C 167 22.33 43.78 77.60
CA THR C 167 23.31 43.92 76.52
C THR C 167 22.69 43.79 75.14
N ILE C 168 21.40 43.47 75.04
CA ILE C 168 20.80 43.25 73.72
C ILE C 168 20.80 44.53 72.90
N GLY C 169 20.57 45.68 73.54
CA GLY C 169 20.61 46.94 72.83
C GLY C 169 22.00 47.53 72.65
N ASN C 170 23.03 46.74 72.93
CA ASN C 170 24.40 47.23 72.89
C ASN C 170 25.01 47.04 71.50
N HIS C 171 24.16 47.00 70.47
CA HIS C 171 24.60 46.66 69.12
C HIS C 171 24.18 47.64 68.05
N LEU C 172 23.58 48.78 68.39
CA LEU C 172 23.07 49.69 67.36
C LEU C 172 24.19 50.21 66.48
N SER C 173 23.88 50.41 65.20
CA SER C 173 24.84 50.93 64.23
C SER C 173 24.14 51.98 63.36
N VAL C 174 24.79 53.14 63.20
CA VAL C 174 24.28 54.23 62.38
C VAL C 174 25.33 54.55 61.33
N ILE C 175 24.90 54.62 60.06
CA ILE C 175 25.80 54.82 58.93
C ILE C 175 25.28 55.96 58.08
N TYR C 176 26.17 56.87 57.70
CA TYR C 176 25.86 57.97 56.79
C TYR C 176 26.21 57.52 55.38
N THR C 177 25.19 57.10 54.62
CA THR C 177 25.43 56.55 53.29
C THR C 177 26.07 57.57 52.36
N ASN C 178 25.56 58.81 52.35
CA ASN C 178 25.97 59.81 51.38
C ASN C 178 27.10 60.70 51.90
N LEU C 179 27.89 60.22 52.87
CA LEU C 179 29.09 60.95 53.24
C LEU C 179 30.05 61.05 52.05
N GLY C 180 30.21 59.96 51.31
CA GLY C 180 30.91 60.01 50.04
C GLY C 180 29.99 60.47 48.92
N SER C 181 30.62 60.93 47.84
CA SER C 181 29.85 61.44 46.71
C SER C 181 28.94 60.37 46.14
N CYS C 182 27.75 60.78 45.72
CA CYS C 182 26.76 59.87 45.17
C CYS C 182 25.88 60.63 44.20
N THR C 183 24.95 59.91 43.57
CA THR C 183 24.01 60.54 42.66
C THR C 183 22.97 61.39 43.38
N SER C 184 22.92 61.31 44.71
CA SER C 184 22.06 62.17 45.52
C SER C 184 22.90 63.27 46.12
N VAL C 185 22.44 64.52 46.00
CA VAL C 185 23.24 65.67 46.39
C VAL C 185 23.11 65.85 47.90
N THR C 186 24.15 65.45 48.63
CA THR C 186 24.18 65.66 50.07
C THR C 186 24.50 67.12 50.37
N PRO C 187 23.76 67.79 51.26
CA PRO C 187 24.10 69.18 51.59
C PRO C 187 25.51 69.28 52.14
N GLU C 188 26.23 70.31 51.71
CA GLU C 188 27.59 70.51 52.16
C GLU C 188 27.61 71.27 53.49
N GLY C 189 28.68 71.03 54.26
CA GLY C 189 28.81 71.63 55.56
C GLY C 189 28.10 70.89 56.68
N VAL C 190 27.54 69.72 56.40
CA VAL C 190 26.78 68.94 57.37
C VAL C 190 27.60 67.68 57.68
N THR C 191 27.79 67.42 58.97
CA THR C 191 28.51 66.23 59.42
C THR C 191 27.82 65.67 60.64
N VAL C 192 27.69 64.35 60.68
CA VAL C 192 27.01 63.65 61.77
C VAL C 192 27.97 62.62 62.36
N ALA C 193 28.14 62.64 63.68
CA ALA C 193 29.02 61.72 64.38
C ALA C 193 28.20 60.82 65.29
N PHE C 194 28.71 59.62 65.53
CA PHE C 194 28.02 58.60 66.31
C PHE C 194 29.00 57.97 67.29
N ALA C 195 28.54 57.77 68.53
CA ALA C 195 29.39 57.19 69.56
C ALA C 195 28.53 56.62 70.67
N GLN C 196 29.15 55.80 71.50
CA GLN C 196 28.50 55.17 72.64
C GLN C 196 28.96 55.83 73.94
N THR C 197 28.07 55.82 74.94
CA THR C 197 28.36 56.44 76.22
C THR C 197 28.14 55.52 77.42
N THR C 198 27.22 54.55 77.33
CA THR C 198 26.99 53.64 78.45
C THR C 198 26.50 52.28 77.93
N PRO C 199 27.10 51.19 78.38
CA PRO C 199 26.66 49.86 77.91
C PRO C 199 25.58 49.28 78.82
N GLY C 200 25.12 48.08 78.44
CA GLY C 200 24.22 47.31 79.26
C GLY C 200 24.97 46.48 80.29
N SER C 201 24.23 46.04 81.31
CA SER C 201 24.86 45.40 82.45
C SER C 201 24.34 44.00 82.77
N VAL C 202 23.02 43.80 82.73
CA VAL C 202 22.40 42.61 83.28
C VAL C 202 21.40 42.04 82.28
N ASN C 203 21.36 40.71 82.18
CA ASN C 203 20.44 40.00 81.31
C ASN C 203 19.70 38.92 82.11
N PRO C 204 18.46 38.61 81.75
CA PRO C 204 17.74 37.54 82.44
C PRO C 204 18.31 36.18 82.08
N GLU C 205 18.22 35.24 83.03
CA GLU C 205 18.72 33.88 82.86
C GLU C 205 17.66 32.88 83.34
N PRO C 206 16.55 32.79 82.63
CA PRO C 206 15.51 31.82 83.01
C PRO C 206 15.99 30.39 82.83
N ASN C 207 15.42 29.49 83.65
CA ASN C 207 15.75 28.08 83.59
C ASN C 207 14.52 27.20 83.76
N ASP C 208 13.35 27.67 83.33
CA ASP C 208 12.09 26.99 83.55
C ASP C 208 11.49 26.43 82.26
N TYR C 209 12.31 25.87 81.37
CA TYR C 209 11.77 25.29 80.15
C TYR C 209 10.95 24.04 80.42
N ALA C 210 11.29 23.31 81.48
CA ALA C 210 10.61 22.06 81.78
C ALA C 210 9.15 22.24 82.18
N SER C 211 8.71 23.47 82.45
CA SER C 211 7.35 23.72 82.91
C SER C 211 6.49 24.43 81.88
N VAL C 212 7.10 25.19 80.96
CA VAL C 212 6.34 25.99 80.00
C VAL C 212 6.33 25.30 78.63
N VAL C 213 7.37 24.52 78.35
CA VAL C 213 7.47 23.77 77.10
C VAL C 213 7.33 22.29 77.44
N ASN C 214 6.55 22.00 78.48
CA ASN C 214 6.46 20.64 79.02
C ASN C 214 5.74 19.75 78.01
N GLU C 215 6.51 18.91 77.33
CA GLU C 215 5.97 17.84 76.47
C GLU C 215 5.06 18.39 75.37
N CYS C 216 5.48 19.46 74.71
CA CYS C 216 4.87 19.92 73.48
C CYS C 216 5.94 20.08 72.42
N CYS C 217 5.71 19.50 71.24
CA CYS C 217 6.72 19.33 70.22
C CYS C 217 6.82 20.59 69.37
N PHE C 218 8.02 21.18 69.32
CA PHE C 218 8.33 22.28 68.43
C PHE C 218 9.48 21.87 67.52
N ALA C 219 9.38 22.25 66.25
CA ALA C 219 10.41 21.87 65.28
C ALA C 219 11.64 22.76 65.38
N VAL C 220 11.44 24.07 65.53
CA VAL C 220 12.52 25.04 65.50
C VAL C 220 12.39 25.98 66.70
N TYR C 221 13.51 26.29 67.32
CA TYR C 221 13.58 27.25 68.42
C TYR C 221 14.46 28.42 68.01
N VAL C 222 13.98 29.64 68.25
CA VAL C 222 14.72 30.86 67.97
C VAL C 222 14.96 31.58 69.29
N LEU C 223 16.21 31.95 69.55
CA LEU C 223 16.58 32.64 70.78
C LEU C 223 17.11 34.02 70.42
N SER C 224 16.31 35.05 70.67
CA SER C 224 16.66 36.43 70.32
C SER C 224 17.46 37.11 71.45
N SER C 225 18.58 36.51 71.83
CA SER C 225 19.42 37.06 72.88
C SER C 225 20.85 36.59 72.67
N ASP C 226 21.81 37.43 73.06
CA ASP C 226 23.22 37.13 72.88
C ASP C 226 23.88 36.58 74.14
N ASP C 227 23.13 36.31 75.20
CA ASP C 227 23.70 35.79 76.43
C ASP C 227 24.17 34.36 76.21
N THR C 228 25.37 34.04 76.72
CA THR C 228 25.92 32.71 76.51
C THR C 228 25.27 31.67 77.43
N ASP C 229 24.90 32.09 78.64
CA ASP C 229 24.29 31.14 79.58
C ASP C 229 22.89 30.76 79.17
N TRP C 230 22.12 31.72 78.66
CA TRP C 230 20.78 31.42 78.14
C TRP C 230 20.85 30.41 77.01
N GLN C 231 21.85 30.57 76.13
CA GLN C 231 22.02 29.61 75.04
C GLN C 231 22.35 28.22 75.56
N GLU C 232 23.17 28.12 76.60
CA GLU C 232 23.46 26.80 77.17
C GLU C 232 22.23 26.19 77.84
N ASN C 233 21.40 27.01 78.47
CA ASN C 233 20.15 26.48 79.02
C ASN C 233 19.27 25.93 77.92
N LEU C 234 19.14 26.66 76.81
CA LEU C 234 18.35 26.17 75.69
C LEU C 234 18.96 24.90 75.10
N ARG C 235 20.28 24.83 75.02
CA ARG C 235 20.94 23.62 74.53
C ARG C 235 20.60 22.43 75.43
N ASP C 236 20.64 22.64 76.74
CA ASP C 236 20.28 21.57 77.67
C ASP C 236 18.83 21.13 77.48
N TRP C 237 17.92 22.09 77.28
CA TRP C 237 16.53 21.69 77.02
C TRP C 237 16.43 20.85 75.76
N ILE C 238 17.07 21.28 74.67
CA ILE C 238 16.98 20.53 73.42
C ILE C 238 17.57 19.14 73.58
N ARG C 239 18.73 19.05 74.26
CA ARG C 239 19.33 17.75 74.52
C ARG C 239 18.37 16.85 75.30
N SER C 240 17.72 17.41 76.32
CA SER C 240 16.72 16.65 77.05
C SER C 240 15.61 16.17 76.12
N ALA C 241 15.26 16.99 75.13
CA ALA C 241 14.21 16.61 74.18
C ALA C 241 14.65 15.49 73.24
N TRP C 242 15.93 15.13 73.23
CA TRP C 242 16.45 14.04 72.41
C TRP C 242 16.89 12.85 73.23
N ASP C 243 16.76 12.90 74.56
CA ASP C 243 17.34 11.88 75.42
C ASP C 243 16.59 10.57 75.31
N CYS C 244 17.29 9.47 75.61
CA CYS C 244 16.72 8.14 75.50
C CYS C 244 15.88 7.74 76.70
N SER C 245 15.87 8.56 77.76
CA SER C 245 15.16 8.18 78.98
C SER C 245 13.67 8.04 78.75
N LYS C 246 13.07 8.97 78.01
CA LYS C 246 11.62 9.02 77.82
C LYS C 246 11.34 9.35 76.36
N PRO C 247 10.09 9.26 75.93
CA PRO C 247 9.77 9.51 74.53
C PRO C 247 10.30 10.88 74.06
N GLN C 248 10.77 10.91 72.82
CA GLN C 248 11.51 12.05 72.30
C GLN C 248 10.58 13.08 71.67
N CYS C 249 11.01 14.33 71.73
CA CYS C 249 10.36 15.44 71.03
C CYS C 249 11.46 16.20 70.27
N PHE C 250 11.75 15.74 69.06
CA PHE C 250 12.90 16.26 68.33
C PHE C 250 12.71 17.72 67.98
N GLY C 251 13.82 18.48 68.01
CA GLY C 251 13.80 19.88 67.66
C GLY C 251 15.20 20.40 67.45
N HIS C 252 15.27 21.62 66.90
CA HIS C 252 16.55 22.25 66.59
C HIS C 252 16.47 23.73 66.92
N GLY C 253 17.61 24.31 67.27
CA GLY C 253 17.65 25.68 67.76
C GLY C 253 18.69 26.52 67.03
N TYR C 254 18.38 27.79 66.85
CA TYR C 254 19.23 28.73 66.12
C TYR C 254 19.63 29.87 67.05
N VAL C 255 20.93 30.14 67.13
CA VAL C 255 21.48 31.21 67.96
C VAL C 255 22.58 31.91 67.19
N PHE C 256 22.98 33.08 67.67
CA PHE C 256 24.01 33.89 67.01
C PHE C 256 25.06 34.32 68.02
N ASN C 257 26.27 34.59 67.50
CA ASN C 257 27.38 35.09 68.29
C ASN C 257 28.07 36.19 67.51
N LYS C 258 28.58 37.20 68.22
CA LYS C 258 29.22 38.35 67.60
C LYS C 258 30.52 38.67 68.32
N GLY C 259 31.51 39.14 67.55
CA GLY C 259 32.79 39.48 68.12
C GLY C 259 33.89 39.23 67.11
N THR C 260 35.13 39.35 67.59
CA THR C 260 36.28 39.07 66.75
C THR C 260 36.47 37.56 66.60
N LEU C 261 37.31 37.18 65.63
CA LEU C 261 37.49 35.76 65.34
C LEU C 261 37.90 34.99 66.60
N GLY C 262 38.81 35.54 67.38
CA GLY C 262 39.27 34.84 68.57
C GLY C 262 38.15 34.62 69.59
N GLN C 263 37.17 35.52 69.63
CA GLN C 263 36.10 35.40 70.61
C GLN C 263 35.05 34.39 70.16
N VAL C 264 34.63 34.46 68.90
CA VAL C 264 33.56 33.57 68.43
C VAL C 264 33.99 32.12 68.51
N LEU C 265 35.25 31.83 68.18
CA LEU C 265 35.73 30.45 68.27
C LEU C 265 35.73 29.94 69.70
N ALA C 266 35.64 30.84 70.69
CA ALA C 266 35.57 30.42 72.08
C ALA C 266 34.14 30.20 72.55
N ASP C 267 33.14 30.52 71.72
CA ASP C 267 31.74 30.36 72.10
C ASP C 267 31.14 29.04 71.65
N GLY C 268 31.89 28.20 70.94
CA GLY C 268 31.33 26.96 70.40
C GLY C 268 31.77 25.75 71.22
N ASP C 269 30.82 24.83 71.44
CA ASP C 269 31.10 23.63 72.20
C ASP C 269 30.27 22.42 71.77
N ASN C 270 30.76 21.66 70.79
CA ASN C 270 30.25 20.33 70.45
C ASN C 270 28.72 20.25 70.56
N SER C 271 28.03 21.28 70.08
CA SER C 271 26.58 21.36 70.24
C SER C 271 25.92 20.95 68.93
N ALA C 272 25.49 19.69 68.87
CA ALA C 272 24.74 19.22 67.71
C ALA C 272 23.32 19.77 67.67
N GLU C 273 22.85 20.38 68.76
CA GLU C 273 21.49 20.89 68.82
C GLU C 273 21.39 22.36 68.44
N LEU C 274 22.50 23.02 68.15
CA LEU C 274 22.52 24.45 67.91
C LEU C 274 23.16 24.77 66.56
N SER C 275 22.62 25.77 65.88
CA SER C 275 23.20 26.32 64.67
C SER C 275 23.67 27.74 64.97
N ARG C 276 24.96 27.89 65.24
CA ARG C 276 25.52 29.16 65.71
C ARG C 276 25.84 30.05 64.53
N LEU C 277 25.25 31.26 64.53
CA LEU C 277 25.44 32.23 63.46
C LEU C 277 26.56 33.19 63.87
N ALA C 278 27.69 33.10 63.19
CA ALA C 278 28.86 33.92 63.52
C ALA C 278 28.74 35.26 62.81
N LEU C 279 28.97 36.35 63.56
CA LEU C 279 28.91 37.70 63.03
C LEU C 279 30.14 38.48 63.49
N PRO C 280 30.58 39.48 62.72
CA PRO C 280 31.75 40.26 63.11
C PRO C 280 31.37 41.44 63.99
N THR C 281 32.41 42.07 64.55
CA THR C 281 32.21 43.22 65.43
C THR C 281 31.54 44.37 64.68
N THR C 282 31.77 44.46 63.37
CA THR C 282 31.31 45.59 62.57
C THR C 282 30.01 45.30 61.83
N TYR C 283 29.28 44.26 62.22
CA TYR C 283 28.06 43.90 61.50
C TYR C 283 27.07 45.06 61.52
N PRO C 284 26.55 45.51 60.37
CA PRO C 284 25.74 46.73 60.36
C PRO C 284 24.25 46.51 60.57
N VAL C 285 23.83 45.34 61.05
CA VAL C 285 22.42 45.02 61.21
C VAL C 285 22.17 44.55 62.63
N LEU C 286 20.93 44.70 63.09
CA LEU C 286 20.53 44.22 64.41
C LEU C 286 20.66 42.70 64.44
N PRO C 287 21.49 42.14 65.31
CA PRO C 287 21.79 40.70 65.21
C PRO C 287 20.58 39.79 65.23
N TYR C 288 19.57 40.09 66.07
CA TYR C 288 18.48 39.14 66.24
C TYR C 288 17.58 39.06 65.01
N LEU C 289 17.53 40.12 64.19
CA LEU C 289 16.71 40.07 62.99
C LEU C 289 17.24 39.03 62.01
N THR C 290 18.56 38.97 61.82
CA THR C 290 19.12 37.96 60.92
C THR C 290 18.88 36.56 61.45
N ASN C 291 19.03 36.35 62.76
CA ASN C 291 18.77 35.04 63.33
C ASN C 291 17.31 34.63 63.13
N ALA C 292 16.39 35.57 63.35
CA ALA C 292 14.97 35.27 63.15
C ALA C 292 14.68 34.93 61.70
N ALA C 293 15.26 35.68 60.76
CA ALA C 293 15.04 35.39 59.35
C ALA C 293 15.58 34.01 58.98
N TYR C 294 16.79 33.70 59.43
CA TYR C 294 17.37 32.38 59.14
C TYR C 294 16.51 31.27 59.72
N GLY C 295 16.07 31.41 60.98
CA GLY C 295 15.25 30.38 61.58
C GLY C 295 13.92 30.21 60.87
N ALA C 296 13.27 31.32 60.51
CA ALA C 296 11.99 31.24 59.83
C ALA C 296 12.16 30.57 58.46
N LEU C 297 13.22 30.92 57.74
CA LEU C 297 13.46 30.28 56.44
C LEU C 297 13.70 28.79 56.61
N SER C 298 14.56 28.40 57.55
CA SER C 298 14.94 27.01 57.70
C SER C 298 13.85 26.16 58.34
N ALA C 299 12.85 26.78 58.97
CA ALA C 299 11.89 26.00 59.75
C ALA C 299 10.76 25.49 58.87
N CYS C 300 9.99 26.40 58.26
CA CYS C 300 8.71 26.02 57.70
C CYS C 300 8.66 26.23 56.19
N SER C 301 9.09 27.40 55.73
CA SER C 301 8.93 27.77 54.33
C SER C 301 9.69 26.83 53.42
N THR C 302 10.64 26.07 53.97
CA THR C 302 11.49 25.21 53.16
C THR C 302 11.38 23.74 53.55
N CYS C 303 11.49 23.45 54.84
CA CYS C 303 11.72 22.08 55.30
C CYS C 303 10.44 21.35 55.68
N GLU C 304 9.53 21.18 54.72
CA GLU C 304 8.51 20.14 54.81
C GLU C 304 8.98 18.84 54.17
N ASN C 305 10.05 18.90 53.39
CA ASN C 305 10.81 17.72 52.96
C ASN C 305 12.17 17.79 53.63
N PRO C 306 12.52 16.85 54.51
CA PRO C 306 13.63 17.09 55.44
C PRO C 306 15.02 17.00 54.84
N GLU C 307 15.16 16.64 53.57
CA GLU C 307 16.48 16.39 53.00
C GLU C 307 17.08 17.60 52.29
N LEU C 308 16.43 18.75 52.35
CA LEU C 308 16.90 19.93 51.62
C LEU C 308 17.86 20.75 52.47
N ASN C 309 18.91 21.25 51.83
CA ASN C 309 19.93 22.07 52.48
C ASN C 309 19.68 23.54 52.19
N VAL C 310 19.65 24.35 53.24
CA VAL C 310 19.32 25.78 53.11
C VAL C 310 20.65 26.50 52.88
N GLN C 311 21.04 26.59 51.62
CA GLN C 311 22.31 27.20 51.24
C GLN C 311 22.15 27.91 49.90
N GLY C 312 23.25 28.50 49.44
CA GLY C 312 23.31 29.05 48.10
C GLY C 312 22.63 30.39 47.97
N GLN C 313 22.52 30.84 46.72
CA GLN C 313 21.87 32.10 46.42
C GLN C 313 20.39 31.94 46.10
N THR C 314 19.89 30.72 46.00
CA THR C 314 18.49 30.47 45.68
C THR C 314 17.71 29.98 46.90
N TYR C 315 18.18 28.90 47.53
CA TYR C 315 17.47 28.29 48.64
C TYR C 315 17.93 28.82 50.00
N GLY C 316 18.81 29.80 50.04
CA GLY C 316 19.33 30.32 51.29
C GLY C 316 19.43 31.82 51.31
N LEU C 317 18.52 32.49 50.59
CA LEU C 317 18.51 33.93 50.50
C LEU C 317 17.53 34.52 51.51
N LEU C 318 18.02 35.44 52.35
CA LEU C 318 17.20 36.13 53.33
C LEU C 318 16.64 37.40 52.72
N SER C 319 15.61 37.21 51.88
CA SER C 319 15.09 38.30 51.06
C SER C 319 14.41 39.40 51.86
N CYS C 320 14.14 39.17 53.15
CA CYS C 320 13.48 40.16 53.98
C CYS C 320 14.45 41.05 54.74
N ILE C 321 15.76 40.92 54.52
CA ILE C 321 16.77 41.72 55.19
C ILE C 321 17.55 42.49 54.13
N ASN C 322 17.77 43.77 54.38
CA ASN C 322 18.49 44.63 53.46
C ASN C 322 19.54 45.43 54.22
N MET C 323 20.73 45.55 53.62
CA MET C 323 21.84 46.25 54.24
C MET C 323 22.61 46.98 53.15
N PRO C 324 23.31 48.07 53.49
CA PRO C 324 24.03 48.82 52.46
C PRO C 324 25.19 48.03 51.88
N GLU C 325 25.51 48.32 50.62
CA GLU C 325 26.67 47.70 49.98
C GLU C 325 27.96 48.27 50.56
N SER C 326 29.02 47.48 50.51
CA SER C 326 30.30 47.88 51.06
C SER C 326 31.42 47.10 50.39
N CYS C 327 32.59 47.74 50.26
CA CYS C 327 33.74 47.05 49.69
C CYS C 327 34.35 46.07 50.68
N THR C 328 34.09 46.25 51.97
CA THR C 328 34.65 45.39 53.01
C THR C 328 33.65 44.31 53.38
N PRO C 329 34.07 43.03 53.43
CA PRO C 329 33.10 41.95 53.67
C PRO C 329 32.81 41.65 55.12
N GLY C 330 33.59 42.20 56.06
CA GLY C 330 33.41 41.87 57.46
C GLY C 330 34.30 40.72 57.90
N TRP C 331 34.29 39.64 57.12
CA TRP C 331 35.18 38.50 57.33
C TRP C 331 36.13 38.37 56.16
N GLU C 332 37.41 38.23 56.45
CA GLU C 332 38.37 37.84 55.42
C GLU C 332 38.14 36.38 55.05
N PHE C 333 38.63 36.00 53.87
CA PHE C 333 38.35 34.64 53.39
C PHE C 333 38.97 33.59 54.30
N THR C 334 40.17 33.84 54.83
CA THR C 334 40.76 32.90 55.77
C THR C 334 39.93 32.79 57.04
N GLU C 335 39.42 33.91 57.54
CA GLU C 335 38.53 33.88 58.69
C GLU C 335 37.26 33.08 58.38
N VAL C 336 36.72 33.26 57.17
CA VAL C 336 35.53 32.50 56.76
C VAL C 336 35.84 31.01 56.77
N THR C 337 37.00 30.63 56.23
CA THR C 337 37.37 29.22 56.21
C THR C 337 37.50 28.67 57.63
N GLN C 338 38.12 29.44 58.52
CA GLN C 338 38.24 28.98 59.91
C GLN C 338 36.88 28.80 60.55
N LEU C 339 35.98 29.77 60.38
CA LEU C 339 34.66 29.68 60.98
C LEU C 339 33.91 28.47 60.44
N GLN C 340 33.97 28.26 59.13
CA GLN C 340 33.29 27.10 58.54
C GLN C 340 33.86 25.80 59.06
N ASN C 341 35.19 25.70 59.15
CA ASN C 341 35.83 24.49 59.63
C ASN C 341 35.65 24.27 61.12
N ASN C 342 35.19 25.28 61.86
CA ASN C 342 34.98 25.15 63.31
C ASN C 342 33.50 25.17 63.68
N GLY C 343 32.62 24.78 62.77
CA GLY C 343 31.23 24.57 63.10
C GLY C 343 30.38 25.80 63.24
N PHE C 344 30.68 26.88 62.53
CA PHE C 344 29.91 28.11 62.58
C PHE C 344 29.31 28.42 61.22
N VAL C 345 28.05 28.86 61.22
CA VAL C 345 27.39 29.24 59.98
C VAL C 345 27.80 30.65 59.60
N VAL C 346 28.30 30.81 58.38
CA VAL C 346 28.73 32.10 57.86
C VAL C 346 27.76 32.52 56.76
N SER C 347 27.70 33.83 56.53
CA SER C 347 26.81 34.38 55.52
C SER C 347 27.47 35.62 54.91
N GLY C 348 27.01 35.98 53.72
CA GLY C 348 27.52 37.13 53.03
C GLY C 348 26.48 37.74 52.11
N PRO C 349 26.76 38.93 51.58
CA PRO C 349 25.79 39.60 50.72
C PRO C 349 25.71 38.99 49.33
N ALA C 350 24.57 39.20 48.68
CA ALA C 350 24.36 38.66 47.35
C ALA C 350 25.13 39.40 46.28
N THR C 351 25.43 40.68 46.49
CA THR C 351 26.17 41.46 45.51
C THR C 351 27.04 42.49 46.23
N THR C 352 28.07 42.96 45.54
CA THR C 352 29.07 43.84 46.13
C THR C 352 29.24 45.10 45.28
N SER C 353 29.50 46.21 45.95
CA SER C 353 29.78 47.47 45.29
C SER C 353 30.14 48.50 46.35
N GLY C 354 30.61 49.66 45.89
CA GLY C 354 30.92 50.76 46.77
C GLY C 354 29.88 51.85 46.84
N GLN C 355 28.80 51.72 46.05
CA GLN C 355 27.78 52.76 45.99
C GLN C 355 26.90 52.82 47.23
N GLY C 356 26.82 51.72 48.00
CA GLY C 356 26.06 51.74 49.22
C GLY C 356 24.58 51.44 49.09
N ASN C 357 24.17 50.79 48.01
CA ASN C 357 22.77 50.40 47.86
C ASN C 357 22.46 49.19 48.74
N PHE C 358 21.18 48.84 48.78
CA PHE C 358 20.71 47.76 49.65
C PHE C 358 20.88 46.41 48.99
N THR C 359 21.26 45.41 49.80
CA THR C 359 21.41 44.04 49.35
C THR C 359 20.99 43.10 50.47
N SER C 360 20.65 41.86 50.09
CA SER C 360 20.26 40.84 51.04
C SER C 360 21.39 39.83 51.23
N PRO C 361 21.51 39.23 52.41
CA PRO C 361 22.52 38.19 52.60
C PRO C 361 22.00 36.80 52.26
N TYR C 362 22.90 35.84 52.31
CA TYR C 362 22.55 34.44 52.13
C TYR C 362 23.54 33.56 52.88
N ILE C 363 23.12 32.33 53.14
CA ILE C 363 23.90 31.42 53.98
C ILE C 363 24.86 30.64 53.11
N TYR C 364 26.13 30.56 53.54
CA TYR C 364 27.13 29.79 52.83
C TYR C 364 27.04 28.30 53.13
N ASN C 365 27.01 27.94 54.42
CA ASN C 365 26.95 26.55 54.85
C ASN C 365 25.87 26.40 55.91
N ASP C 366 24.97 25.43 55.71
CA ASP C 366 23.92 25.12 56.67
C ASP C 366 24.40 24.00 57.59
N VAL C 367 25.16 24.40 58.61
CA VAL C 367 25.91 23.47 59.43
C VAL C 367 25.58 23.67 60.90
N THR C 368 25.56 22.57 61.65
CA THR C 368 25.42 22.59 63.10
C THR C 368 26.79 22.70 63.74
N ASN C 369 26.80 22.94 65.06
CA ASN C 369 28.04 23.12 65.80
C ASN C 369 28.67 21.79 66.21
N TYR C 370 28.30 20.69 65.57
CA TYR C 370 28.78 19.38 65.97
C TYR C 370 30.21 19.15 65.53
N LEU C 371 31.04 18.69 66.45
CA LEU C 371 32.38 18.21 66.17
C LEU C 371 32.67 17.07 67.13
N ARG C 372 33.70 16.29 66.82
CA ARG C 372 34.09 15.18 67.68
C ARG C 372 32.89 14.24 67.81
N ASP C 373 32.81 13.48 68.91
CA ASP C 373 31.79 12.47 69.08
C ASP C 373 31.56 12.28 70.56
N GLU C 374 30.47 11.59 70.90
CA GLU C 374 30.20 11.30 72.29
C GLU C 374 31.33 10.48 72.92
N LYS C 375 32.13 9.81 72.10
CA LYS C 375 33.33 9.12 72.56
C LYS C 375 34.59 9.89 72.20
N ASN C 376 34.47 11.18 71.89
CA ASN C 376 35.61 12.05 71.56
C ASN C 376 36.37 11.51 70.36
N ARG C 377 35.69 11.50 69.21
CA ARG C 377 36.28 11.10 67.95
C ARG C 377 35.80 12.03 66.85
N PRO C 378 36.69 12.64 66.07
CA PRO C 378 36.23 13.59 65.04
C PRO C 378 35.58 12.87 63.86
N ASN C 379 34.37 13.28 63.54
CA ASN C 379 33.66 12.76 62.38
C ASN C 379 32.63 13.78 61.94
N ALA C 380 31.98 13.50 60.80
CA ALA C 380 31.04 14.42 60.18
C ALA C 380 29.63 13.88 60.11
N THR C 381 29.25 13.00 61.05
CA THR C 381 27.94 12.36 60.98
C THR C 381 26.83 13.40 61.09
N PHE C 382 26.93 14.33 62.04
CA PHE C 382 25.94 15.37 62.24
C PHE C 382 26.43 16.74 61.77
N ARG C 383 27.33 16.78 60.80
CA ARG C 383 27.85 18.06 60.33
C ARG C 383 26.75 18.92 59.73
N ASP C 384 25.90 18.32 58.90
CA ASP C 384 24.86 19.07 58.21
C ASP C 384 23.57 19.09 59.03
N ALA C 385 22.90 20.24 59.03
CA ALA C 385 21.66 20.36 59.78
C ALA C 385 20.58 19.42 59.26
N SER C 386 20.61 19.07 57.97
CA SER C 386 19.62 18.16 57.43
C SER C 386 19.76 16.77 58.02
N SER C 387 20.95 16.43 58.54
CA SER C 387 21.13 15.13 59.15
C SER C 387 20.23 14.94 60.36
N ARG C 388 20.07 15.98 61.18
CA ARG C 388 19.19 15.87 62.33
C ARG C 388 17.74 15.68 61.92
N ARG C 389 17.29 16.42 60.91
CA ARG C 389 15.92 16.25 60.42
C ARG C 389 15.71 14.85 59.87
N LEU C 390 16.68 14.34 59.11
CA LEU C 390 16.57 12.99 58.57
C LEU C 390 16.56 11.95 59.68
N ALA C 391 17.38 12.13 60.72
CA ALA C 391 17.37 11.19 61.83
C ALA C 391 16.03 11.17 62.54
N ALA C 392 15.45 12.35 62.79
CA ALA C 392 14.14 12.41 63.43
C ALA C 392 13.07 11.74 62.56
N ALA C 393 13.09 12.04 61.25
CA ALA C 393 12.11 11.46 60.35
C ALA C 393 12.26 9.95 60.28
N THR C 394 13.50 9.45 60.23
CA THR C 394 13.72 8.01 60.21
C THR C 394 13.22 7.35 61.48
N GLY C 395 13.49 7.97 62.64
CA GLY C 395 12.99 7.41 63.87
C GLY C 395 11.48 7.32 63.89
N VAL C 396 10.81 8.40 63.47
CA VAL C 396 9.34 8.40 63.46
C VAL C 396 8.82 7.34 62.49
N ALA C 397 9.39 7.27 61.28
CA ALA C 397 8.90 6.33 60.28
C ALA C 397 9.11 4.89 60.72
N LEU C 398 10.26 4.59 61.33
CA LEU C 398 10.49 3.23 61.81
C LEU C 398 9.57 2.91 62.98
N ALA C 399 9.24 3.91 63.81
CA ALA C 399 8.27 3.69 64.88
C ALA C 399 6.90 3.33 64.31
N THR C 400 6.46 4.07 63.28
CA THR C 400 5.15 3.79 62.70
C THR C 400 5.09 2.41 62.08
N PHE C 401 6.15 2.00 61.38
CA PHE C 401 6.14 0.70 60.70
C PHE C 401 6.01 -0.44 61.68
N LEU C 402 6.73 -0.37 62.81
CA LEU C 402 6.81 -1.48 63.75
C LEU C 402 5.51 -1.70 64.51
N GLN C 403 4.53 -0.80 64.40
CA GLN C 403 3.30 -0.93 65.18
C GLN C 403 2.53 -2.20 64.83
N GLN C 404 2.73 -2.77 63.64
CA GLN C 404 1.96 -3.94 63.25
C GLN C 404 2.27 -5.16 64.10
N PHE C 405 3.37 -5.17 64.85
CA PHE C 405 3.71 -6.28 65.72
C PHE C 405 3.19 -6.11 67.13
N ASN C 406 2.41 -5.07 67.40
CA ASN C 406 1.87 -4.81 68.73
C ASN C 406 0.67 -5.72 68.95
N GLY C 407 0.78 -6.63 69.92
CA GLY C 407 -0.31 -7.54 70.20
C GLY C 407 -0.48 -8.65 69.19
N LEU C 408 0.62 -9.12 68.60
CA LEU C 408 0.61 -10.22 67.65
C LEU C 408 1.32 -11.42 68.26
N ALA C 409 0.71 -12.59 68.15
CA ALA C 409 1.25 -13.78 68.80
C ALA C 409 2.67 -14.06 68.32
N VAL C 410 3.54 -14.42 69.26
CA VAL C 410 4.95 -14.64 68.98
C VAL C 410 5.33 -16.02 69.48
N PHE C 411 6.09 -16.76 68.68
CA PHE C 411 6.53 -18.11 69.01
C PHE C 411 8.04 -18.13 69.05
N THR C 412 8.60 -18.61 70.16
CA THR C 412 10.03 -18.48 70.40
C THR C 412 10.73 -19.76 70.83
N LYS C 413 10.01 -20.82 71.19
CA LYS C 413 10.64 -22.07 71.57
C LYS C 413 10.45 -23.12 70.48
N ASN C 414 9.20 -23.38 70.13
CA ASN C 414 8.90 -24.13 68.92
C ASN C 414 8.35 -23.17 67.88
N THR C 415 9.10 -22.96 66.79
CA THR C 415 8.83 -21.90 65.84
C THR C 415 7.91 -22.33 64.71
N ASN C 416 7.22 -23.46 64.86
CA ASN C 416 6.20 -23.84 63.90
C ASN C 416 4.85 -23.27 64.30
N ILE C 417 4.20 -22.58 63.36
CA ILE C 417 2.93 -21.91 63.60
C ILE C 417 1.83 -22.78 63.03
N LYS C 418 0.94 -23.26 63.89
CA LYS C 418 -0.14 -24.14 63.45
C LYS C 418 -0.97 -23.45 62.38
N THR C 419 -1.73 -24.26 61.63
CA THR C 419 -2.53 -23.73 60.55
C THR C 419 -3.68 -22.88 61.10
N GLY C 420 -3.91 -21.74 60.46
CA GLY C 420 -4.98 -20.85 60.83
C GLY C 420 -4.62 -19.82 61.87
N ILE C 421 -3.50 -19.99 62.57
CA ILE C 421 -3.12 -19.04 63.61
C ILE C 421 -2.56 -17.78 62.97
N ILE C 422 -2.80 -16.64 63.61
CA ILE C 422 -2.24 -15.37 63.18
C ILE C 422 -1.07 -15.02 64.09
N GLY C 423 0.14 -15.21 63.60
CA GLY C 423 1.31 -14.97 64.43
C GLY C 423 2.55 -14.85 63.56
N THR C 424 3.71 -14.88 64.24
CA THR C 424 4.99 -14.70 63.58
C THR C 424 6.09 -15.13 64.54
N ASN C 425 7.32 -15.11 64.05
CA ASN C 425 8.49 -15.42 64.85
C ASN C 425 9.62 -14.46 64.50
N LEU C 426 10.80 -14.69 65.08
CA LEU C 426 11.90 -13.76 64.93
C LEU C 426 12.33 -13.62 63.48
N ARG C 427 12.58 -14.75 62.81
CA ARG C 427 13.17 -14.69 61.47
C ARG C 427 12.24 -13.98 60.50
N LEU C 428 10.93 -14.26 60.57
CA LEU C 428 10.00 -13.61 59.67
C LEU C 428 9.94 -12.10 59.94
N MET C 429 9.97 -11.70 61.20
CA MET C 429 10.00 -10.28 61.53
C MET C 429 11.24 -9.61 60.96
N LEU C 430 12.40 -10.26 61.11
CA LEU C 430 13.62 -9.70 60.56
C LEU C 430 13.56 -9.60 59.04
N GLY C 431 12.93 -10.58 58.39
CA GLY C 431 12.76 -10.49 56.95
C GLY C 431 11.90 -9.31 56.55
N LYS C 432 10.81 -9.08 57.26
CA LYS C 432 9.96 -7.92 56.98
C LYS C 432 10.72 -6.61 57.19
N ILE C 433 11.51 -6.53 58.27
CA ILE C 433 12.26 -5.30 58.54
C ILE C 433 13.31 -5.07 57.46
N ARG C 434 13.99 -6.13 57.02
CA ARG C 434 14.95 -5.99 55.92
C ARG C 434 14.26 -5.50 54.65
N LYS C 435 13.08 -6.05 54.35
CA LYS C 435 12.35 -5.60 53.17
C LYS C 435 12.01 -4.12 53.28
N TRP C 436 11.54 -3.70 54.45
CA TRP C 436 11.20 -2.28 54.64
C TRP C 436 12.42 -1.40 54.44
N ALA C 437 13.56 -1.80 55.03
CA ALA C 437 14.78 -1.02 54.87
C ALA C 437 15.18 -0.93 53.41
N SER C 438 15.10 -2.04 52.67
CA SER C 438 15.48 -2.02 51.27
C SER C 438 14.56 -1.14 50.43
N ASP C 439 13.27 -1.13 50.74
CA ASP C 439 12.32 -0.33 49.96
C ASP C 439 12.49 1.16 50.16
N ASN C 440 13.26 1.60 51.15
CA ASN C 440 13.42 3.02 51.46
C ASN C 440 14.72 3.60 50.95
N VAL C 441 15.51 2.83 50.19
CA VAL C 441 16.74 3.36 49.63
C VAL C 441 16.40 4.38 48.55
N GLY C 442 17.01 5.55 48.63
CA GLY C 442 16.73 6.64 47.74
C GLY C 442 15.76 7.66 48.30
N VAL C 443 15.05 7.32 49.37
CA VAL C 443 14.11 8.23 50.03
C VAL C 443 14.71 8.68 51.35
N LEU C 444 15.08 7.71 52.20
CA LEU C 444 15.65 8.00 53.51
C LEU C 444 17.09 7.57 53.64
N PHE C 445 17.56 6.64 52.81
CA PHE C 445 18.87 6.02 53.00
C PHE C 445 19.67 6.02 51.72
N SER C 446 20.99 6.01 51.88
CA SER C 446 21.89 5.58 50.81
C SER C 446 22.05 4.06 50.88
N GLU C 447 22.63 3.50 49.83
CA GLU C 447 22.76 2.04 49.77
C GLU C 447 23.54 1.52 50.97
N PHE C 448 23.10 0.39 51.50
CA PHE C 448 23.71 -0.19 52.69
C PHE C 448 25.04 -0.84 52.35
N ASP C 449 26.03 -0.63 53.22
CA ASP C 449 27.33 -1.26 53.03
C ASP C 449 27.20 -2.78 53.06
N ASN C 450 26.48 -3.31 54.04
CA ASN C 450 26.24 -4.75 54.13
C ASN C 450 24.94 -4.94 54.91
N ILE C 451 23.86 -5.24 54.21
CA ILE C 451 22.56 -5.35 54.86
C ILE C 451 22.55 -6.46 55.91
N ASN C 452 23.41 -7.47 55.73
CA ASN C 452 23.43 -8.59 56.66
C ASN C 452 24.07 -8.26 58.00
N GLU C 453 24.90 -7.21 58.05
CA GLU C 453 25.52 -6.78 59.30
C GLU C 453 24.95 -5.49 59.83
N ASP C 454 24.12 -4.79 59.05
CA ASP C 454 23.58 -3.50 59.45
C ASP C 454 22.27 -3.62 60.21
N ILE C 455 21.54 -4.73 60.07
CA ILE C 455 20.26 -4.94 60.73
C ILE C 455 20.33 -6.25 61.50
N GLN C 456 20.00 -6.22 62.78
CA GLN C 456 20.06 -7.40 63.64
C GLN C 456 18.89 -7.36 64.61
N LEU C 457 18.24 -8.50 64.81
CA LEU C 457 17.10 -8.63 65.71
C LEU C 457 17.32 -9.80 66.66
N VAL C 458 17.04 -9.58 67.94
CA VAL C 458 17.27 -10.58 68.97
C VAL C 458 16.13 -10.51 69.99
N SER C 459 15.85 -11.63 70.62
CA SER C 459 14.83 -11.71 71.66
C SER C 459 15.45 -11.59 73.04
N ASP C 460 14.61 -11.25 74.03
CA ASP C 460 15.12 -11.02 75.37
C ASP C 460 15.63 -12.30 76.01
N PHE C 461 14.94 -13.42 75.78
CA PHE C 461 15.40 -14.69 76.33
C PHE C 461 16.82 -15.03 75.88
N ASP C 462 17.24 -14.53 74.71
CA ASP C 462 18.59 -14.80 74.23
C ASP C 462 19.64 -13.97 74.96
N VAL C 463 19.25 -12.79 75.46
CA VAL C 463 20.21 -11.87 76.07
C VAL C 463 20.28 -12.05 77.58
N GLN C 464 19.15 -11.87 78.28
CA GLN C 464 19.18 -11.90 79.73
C GLN C 464 19.53 -13.29 80.24
N PRO C 465 20.18 -13.39 81.40
CA PRO C 465 20.52 -14.71 81.94
C PRO C 465 19.28 -15.55 82.18
N LYS C 466 19.51 -16.83 82.43
CA LYS C 466 18.41 -17.78 82.55
C LYS C 466 17.44 -17.35 83.64
N CYS C 467 16.15 -17.49 83.36
CA CYS C 467 15.05 -17.19 84.27
C CYS C 467 14.83 -15.70 84.50
N VAL C 468 15.51 -14.83 83.75
CA VAL C 468 15.35 -13.39 83.93
C VAL C 468 14.71 -12.73 82.71
N GLY C 469 14.69 -13.40 81.56
CA GLY C 469 14.13 -12.82 80.37
C GLY C 469 12.62 -12.67 80.46
N GLN C 470 12.09 -11.79 79.61
CA GLN C 470 10.67 -11.51 79.59
C GLN C 470 10.05 -11.95 78.25
N PRO C 471 8.79 -12.35 78.24
CA PRO C 471 8.17 -12.80 76.99
C PRO C 471 7.72 -11.62 76.13
N GLY C 472 7.91 -11.77 74.82
CA GLY C 472 7.48 -10.75 73.88
C GLY C 472 8.23 -9.44 73.97
N VAL C 473 9.55 -9.49 74.18
CA VAL C 473 10.39 -8.31 74.21
C VAL C 473 11.59 -8.56 73.30
N PHE C 474 11.88 -7.59 72.42
CA PHE C 474 12.87 -7.78 71.37
C PHE C 474 13.85 -6.61 71.38
N HIS C 475 15.02 -6.86 70.80
CA HIS C 475 16.07 -5.85 70.65
C HIS C 475 16.45 -5.76 69.18
N LEU C 476 16.46 -4.54 68.65
CA LEU C 476 16.77 -4.30 67.24
C LEU C 476 17.93 -3.31 67.14
N ASN C 477 18.90 -3.61 66.28
CA ASN C 477 20.02 -2.73 66.00
C ASN C 477 20.06 -2.43 64.51
N MET C 478 20.10 -1.15 64.16
CA MET C 478 20.08 -0.75 62.76
C MET C 478 21.09 0.36 62.51
N ARG C 479 21.88 0.21 61.45
CA ARG C 479 22.85 1.21 61.02
C ARG C 479 22.49 1.67 59.61
N TYR C 480 22.51 2.99 59.39
CA TYR C 480 22.11 3.53 58.10
C TYR C 480 22.99 4.72 57.76
N ARG C 481 22.85 5.20 56.53
CA ARG C 481 23.54 6.38 56.03
C ARG C 481 22.52 7.30 55.37
N PRO C 482 22.72 8.61 55.40
CA PRO C 482 21.83 9.52 54.67
C PRO C 482 22.26 9.61 53.21
N PRO C 483 21.38 10.11 52.34
CA PRO C 483 21.74 10.22 50.92
C PRO C 483 22.81 11.27 50.68
N VAL C 484 23.55 11.10 49.57
CA VAL C 484 24.65 12.00 49.22
C VAL C 484 24.15 12.98 48.16
N ARG C 485 24.78 14.15 48.12
CA ARG C 485 24.42 15.20 47.17
C ARG C 485 25.66 15.98 46.76
N GLY C 486 25.57 16.64 45.61
CA GLY C 486 26.70 17.37 45.06
C GLY C 486 27.13 18.49 45.99
N ALA C 487 28.44 18.59 46.25
CA ALA C 487 28.96 19.56 47.20
C ALA C 487 29.97 20.55 46.59
N ARG C 488 30.90 20.09 45.77
CA ARG C 488 31.93 20.99 45.25
C ARG C 488 32.51 20.41 43.97
N ILE C 489 32.99 21.30 43.09
CA ILE C 489 33.67 20.91 41.86
C ILE C 489 34.92 21.75 41.74
N ASN C 490 36.08 21.10 41.63
CA ASN C 490 37.36 21.78 41.46
C ASN C 490 37.70 21.82 39.98
N VAL C 491 37.79 23.02 39.41
CA VAL C 491 37.96 23.22 37.98
C VAL C 491 39.37 23.71 37.71
N ASN C 492 40.09 22.98 36.86
CA ASN C 492 41.37 23.43 36.31
C ASN C 492 41.15 23.84 34.87
N LEU C 493 41.52 25.08 34.55
CA LEU C 493 41.29 25.65 33.23
C LEU C 493 42.65 25.96 32.61
N VAL C 494 42.90 25.40 31.43
CA VAL C 494 44.24 25.42 30.84
C VAL C 494 44.18 26.02 29.44
N PRO C 495 44.20 27.34 29.31
CA PRO C 495 44.14 27.95 27.97
C PRO C 495 45.37 27.59 27.15
N ALA C 496 45.16 27.50 25.83
CA ALA C 496 46.24 27.23 24.89
C ALA C 496 46.01 28.08 23.65
N LEU C 497 46.73 27.78 22.57
CA LEU C 497 46.62 28.55 21.34
C LEU C 497 46.63 27.60 20.15
N PHE C 498 45.94 28.00 19.08
CA PHE C 498 45.88 27.21 17.87
C PHE C 498 47.28 26.98 17.31
N ASP C 499 47.56 25.74 16.90
CA ASP C 499 48.92 25.34 16.54
C ASP C 499 48.87 24.39 15.35
N ASN C 500 50.03 23.81 15.05
CA ASN C 500 50.19 22.87 13.94
C ASN C 500 49.61 23.42 12.65
N CYS D 3 19.38 -32.69 60.25
CA CYS D 3 18.58 -31.44 60.45
C CYS D 3 19.13 -30.31 59.60
N ASN D 4 20.44 -30.31 59.37
CA ASN D 4 21.06 -29.27 58.55
C ASN D 4 20.76 -29.46 57.07
N LYS D 5 20.41 -30.67 56.64
CA LYS D 5 20.19 -30.98 55.24
C LYS D 5 18.78 -31.47 54.96
N GLN D 6 17.78 -30.98 55.71
CA GLN D 6 16.39 -31.24 55.38
C GLN D 6 15.90 -30.22 54.36
N ASN D 7 15.11 -30.69 53.40
CA ASN D 7 14.59 -29.85 52.34
C ASN D 7 13.06 -29.86 52.38
N GLY D 8 12.48 -28.70 52.63
CA GLY D 8 11.04 -28.57 52.71
C GLY D 8 10.65 -27.17 53.13
N VAL D 9 9.35 -27.00 53.31
CA VAL D 9 8.76 -25.72 53.71
C VAL D 9 8.35 -25.83 55.17
N LYS D 10 8.58 -24.75 55.93
CA LYS D 10 8.32 -24.72 57.36
C LYS D 10 7.11 -23.86 57.71
N ASN D 11 6.98 -22.67 57.13
CA ASN D 11 5.87 -21.78 57.40
C ASN D 11 5.52 -20.99 56.15
N ILE D 12 4.24 -20.71 55.98
CA ILE D 12 3.75 -19.83 54.93
C ILE D 12 2.75 -18.86 55.57
N LEU D 13 2.98 -17.56 55.40
CA LEU D 13 2.10 -16.52 55.91
C LEU D 13 1.64 -15.65 54.75
N ILE D 14 0.33 -15.38 54.69
CA ILE D 14 -0.26 -14.59 53.63
C ILE D 14 -1.14 -13.50 54.23
N THR D 15 -1.11 -12.32 53.61
CA THR D 15 -1.90 -11.19 54.03
C THR D 15 -2.66 -10.65 52.83
N PHE D 16 -3.96 -10.43 53.00
CA PHE D 16 -4.85 -10.05 51.90
C PHE D 16 -5.30 -8.61 52.09
N THR D 17 -5.33 -7.86 51.00
CA THR D 17 -5.85 -6.49 50.99
C THR D 17 -6.77 -6.33 49.78
N HIS D 18 -8.06 -6.13 50.04
CA HIS D 18 -9.03 -6.01 48.96
C HIS D 18 -8.86 -4.66 48.28
N CYS D 19 -8.76 -4.67 46.95
CA CYS D 19 -8.47 -3.43 46.23
C CYS D 19 -9.66 -2.48 46.23
N ASP D 20 -10.87 -2.98 46.02
CA ASP D 20 -12.05 -2.13 45.89
C ASP D 20 -12.52 -1.55 47.21
N THR D 21 -12.26 -2.21 48.33
CA THR D 21 -12.74 -1.74 49.63
C THR D 21 -11.64 -1.57 50.68
N GLY D 22 -10.44 -2.10 50.45
CA GLY D 22 -9.33 -1.90 51.36
C GLY D 22 -9.35 -2.75 52.61
N GLU D 23 -10.23 -3.75 52.69
CA GLU D 23 -10.26 -4.62 53.86
C GLU D 23 -8.99 -5.44 53.95
N VAL D 24 -8.52 -5.67 55.17
CA VAL D 24 -7.24 -6.35 55.43
C VAL D 24 -7.50 -7.55 56.33
N ILE D 25 -6.81 -8.65 56.05
CA ILE D 25 -6.85 -9.85 56.89
C ILE D 25 -5.42 -10.21 57.27
N GLY D 26 -5.17 -10.34 58.57
CA GLY D 26 -3.83 -10.46 59.09
C GLY D 26 -3.08 -11.66 58.54
N PRO D 27 -1.83 -11.83 58.98
CA PRO D 27 -0.98 -12.89 58.41
C PRO D 27 -1.37 -14.28 58.86
N ILE D 28 -2.34 -14.87 58.16
CA ILE D 28 -2.83 -16.20 58.51
C ILE D 28 -1.79 -17.24 58.14
N SER D 29 -1.69 -18.30 58.95
CA SER D 29 -0.74 -19.38 58.69
C SER D 29 -1.38 -20.42 57.78
N HIS D 30 -0.69 -20.79 56.71
CA HIS D 30 -1.21 -21.69 55.69
C HIS D 30 -0.40 -22.99 55.65
N GLU D 31 -0.93 -23.94 54.89
CA GLU D 31 -0.29 -25.24 54.67
C GLU D 31 -0.33 -25.59 53.20
N GLN D 32 0.27 -26.75 52.85
CA GLN D 32 0.37 -27.16 51.46
C GLN D 32 -0.53 -28.35 51.17
N PRO D 33 -0.98 -28.51 49.92
CA PRO D 33 -1.87 -29.63 49.59
C PRO D 33 -1.16 -30.92 49.20
N ASP D 34 0.09 -30.86 48.76
CA ASP D 34 0.82 -32.05 48.34
C ASP D 34 2.32 -31.76 48.47
N ASP D 35 3.14 -32.61 47.85
CA ASP D 35 4.58 -32.58 48.05
C ASP D 35 5.30 -31.55 47.19
N THR D 36 4.61 -30.83 46.31
CA THR D 36 5.26 -29.85 45.44
C THR D 36 5.66 -28.64 46.27
N LEU D 37 6.90 -28.18 46.11
CA LEU D 37 7.38 -27.04 46.87
C LEU D 37 7.26 -25.76 46.04
N PRO D 38 7.16 -24.60 46.69
CA PRO D 38 7.15 -23.34 45.94
C PRO D 38 8.47 -23.10 45.22
N THR D 39 8.39 -22.37 44.11
CA THR D 39 9.57 -22.03 43.32
C THR D 39 9.64 -20.52 43.14
N TYR D 40 10.85 -20.02 42.95
CA TYR D 40 11.10 -18.59 42.98
C TYR D 40 11.95 -18.18 41.77
N LYS D 41 11.83 -16.91 41.39
CA LYS D 41 12.81 -16.25 40.53
C LYS D 41 13.03 -14.85 41.08
N THR D 42 14.18 -14.64 41.73
CA THR D 42 14.45 -13.42 42.48
C THR D 42 15.30 -12.42 41.71
N CYS D 43 15.69 -12.73 40.48
CA CYS D 43 16.49 -11.84 39.66
C CYS D 43 15.55 -11.14 38.67
N ALA D 44 15.45 -9.81 38.80
CA ALA D 44 14.49 -9.04 38.01
C ALA D 44 15.13 -8.51 36.71
N TRP D 45 15.70 -9.45 35.95
CA TRP D 45 16.28 -9.15 34.65
C TRP D 45 16.26 -10.42 33.82
N THR D 46 16.40 -10.26 32.51
CA THR D 46 16.39 -11.38 31.57
C THR D 46 17.43 -11.16 30.49
N ASN D 47 18.07 -12.26 30.08
CA ASN D 47 19.09 -12.24 29.04
C ASN D 47 18.65 -13.09 27.85
N THR D 48 19.10 -12.70 26.66
CA THR D 48 18.81 -13.40 25.42
C THR D 48 20.11 -13.66 24.68
N ALA D 49 20.12 -14.72 23.86
CA ALA D 49 21.37 -15.30 23.38
C ALA D 49 22.13 -14.43 22.39
N LEU D 50 21.46 -13.81 21.41
CA LEU D 50 22.16 -13.18 20.29
C LEU D 50 23.23 -14.12 19.72
N THR D 51 24.44 -13.62 19.48
CA THR D 51 25.49 -14.43 18.88
C THR D 51 26.85 -14.01 19.44
N ASN D 52 27.79 -14.94 19.38
CA ASN D 52 29.19 -14.70 19.77
C ASN D 52 29.31 -14.28 21.23
N GLY D 53 28.43 -14.80 22.08
CA GLY D 53 28.52 -14.57 23.51
C GLY D 53 27.84 -13.33 24.02
N ALA D 54 27.33 -12.46 23.14
CA ALA D 54 26.64 -11.27 23.59
C ALA D 54 25.22 -11.61 24.02
N VAL D 55 24.61 -10.70 24.76
CA VAL D 55 23.24 -10.88 25.23
C VAL D 55 22.52 -9.53 25.24
N MET D 56 21.19 -9.60 25.26
CA MET D 56 20.35 -8.43 25.45
C MET D 56 19.66 -8.53 26.81
N ARG D 57 19.72 -7.45 27.58
CA ARG D 57 19.29 -7.46 28.97
C ARG D 57 18.08 -6.56 29.14
N SER D 58 17.00 -7.10 29.68
CA SER D 58 15.73 -6.38 29.80
C SER D 58 15.13 -6.64 31.17
N ALA D 59 14.05 -5.92 31.47
CA ALA D 59 13.64 -5.73 32.86
C ALA D 59 13.00 -7.00 33.44
N SER D 60 11.88 -7.44 32.87
CA SER D 60 11.16 -8.61 33.37
C SER D 60 10.68 -8.34 34.80
N ASN D 61 10.47 -9.40 35.59
CA ASN D 61 9.88 -9.28 36.91
C ASN D 61 10.54 -10.27 37.85
N ALA D 62 10.13 -10.21 39.11
CA ALA D 62 10.46 -11.22 40.12
C ALA D 62 9.19 -11.99 40.46
N THR D 63 9.26 -13.32 40.42
CA THR D 63 8.07 -14.15 40.45
C THR D 63 8.16 -15.19 41.56
N MET D 64 6.99 -15.62 42.02
CA MET D 64 6.86 -16.72 42.97
C MET D 64 5.66 -17.57 42.55
N THR D 65 5.75 -18.87 42.79
CA THR D 65 4.64 -19.80 42.57
C THR D 65 4.31 -20.48 43.89
N LEU D 66 3.10 -20.28 44.38
CA LEU D 66 2.73 -20.63 45.74
C LEU D 66 1.51 -21.54 45.77
N PRO D 67 1.70 -22.86 45.83
CA PRO D 67 0.56 -23.75 46.05
C PRO D 67 0.23 -23.92 47.52
N VAL D 68 -1.00 -23.60 47.91
CA VAL D 68 -1.42 -23.62 49.31
C VAL D 68 -2.80 -24.25 49.42
N VAL D 69 -3.16 -24.65 50.63
CA VAL D 69 -4.51 -25.10 50.92
C VAL D 69 -5.33 -23.90 51.39
N ARG D 70 -6.50 -23.71 50.78
CA ARG D 70 -7.29 -22.53 51.03
C ARG D 70 -7.75 -22.47 52.48
N ASP D 71 -7.86 -21.26 53.00
CA ASP D 71 -8.40 -21.06 54.35
C ASP D 71 -9.91 -20.97 54.28
N PRO D 72 -10.65 -21.79 55.04
CA PRO D 72 -12.12 -21.75 54.94
C PRO D 72 -12.75 -20.47 55.44
N ARG D 73 -11.99 -19.49 55.90
CA ARG D 73 -12.52 -18.22 56.35
C ARG D 73 -12.27 -17.08 55.38
N VAL D 74 -11.78 -17.37 54.17
CA VAL D 74 -11.46 -16.35 53.18
C VAL D 74 -12.18 -16.71 51.89
N PRO D 75 -12.79 -15.75 51.19
CA PRO D 75 -13.44 -16.09 49.92
C PRO D 75 -12.44 -16.63 48.91
N LEU D 76 -12.91 -17.54 48.05
CA LEU D 76 -12.04 -18.11 47.04
C LEU D 76 -11.58 -17.06 46.04
N ALA D 77 -12.32 -15.97 45.90
CA ALA D 77 -11.95 -14.94 44.94
C ALA D 77 -10.74 -14.13 45.39
N TRP D 78 -10.40 -14.17 46.68
CA TRP D 78 -9.24 -13.42 47.17
C TRP D 78 -7.93 -14.11 46.86
N TYR D 79 -7.92 -15.43 46.73
CA TYR D 79 -6.75 -16.15 46.24
C TYR D 79 -6.56 -16.02 44.74
N GLN D 80 -7.64 -15.76 44.01
CA GLN D 80 -7.54 -15.38 42.61
C GLN D 80 -7.28 -13.87 42.53
N GLY D 81 -7.41 -13.32 41.34
CA GLY D 81 -6.89 -11.98 41.09
C GLY D 81 -7.67 -10.83 41.68
N CYS D 82 -8.59 -11.06 42.62
CA CYS D 82 -9.41 -10.00 43.18
C CYS D 82 -8.89 -9.46 44.52
N ALA D 83 -7.62 -9.69 44.86
CA ALA D 83 -7.05 -9.15 46.09
C ALA D 83 -5.54 -9.08 45.95
N GLN D 84 -4.92 -8.31 46.85
CA GLN D 84 -3.47 -8.13 46.85
C GLN D 84 -2.83 -9.01 47.92
N ILE D 85 -1.63 -9.52 47.64
CA ILE D 85 -1.02 -10.59 48.42
C ILE D 85 0.32 -10.13 48.97
N ASP D 86 0.62 -10.54 50.19
CA ASP D 86 1.93 -10.34 50.82
C ASP D 86 2.34 -11.65 51.48
N ALA D 87 3.44 -12.23 51.01
CA ALA D 87 3.79 -13.60 51.37
C ALA D 87 5.19 -13.69 51.96
N GLN D 88 5.36 -14.63 52.88
CA GLN D 88 6.66 -15.02 53.41
C GLN D 88 6.69 -16.54 53.53
N VAL D 89 7.80 -17.15 53.10
CA VAL D 89 7.98 -18.59 53.17
C VAL D 89 9.29 -18.87 53.89
N GLU D 90 9.25 -19.77 54.86
CA GLU D 90 10.40 -20.13 55.66
C GLU D 90 10.70 -21.61 55.46
N LYS D 91 11.97 -21.93 55.20
CA LYS D 91 12.40 -23.30 54.97
C LYS D 91 13.02 -23.88 56.24
N PHE D 92 13.29 -25.18 56.19
CA PHE D 92 13.89 -25.84 57.35
C PHE D 92 15.34 -25.42 57.55
N ASP D 93 16.06 -25.12 56.47
CA ASP D 93 17.46 -24.76 56.59
C ASP D 93 17.67 -23.36 57.16
N GLY D 94 16.73 -22.45 56.93
CA GLY D 94 16.80 -21.11 57.48
C GLY D 94 16.53 -19.99 56.50
N THR D 95 16.23 -20.30 55.23
CA THR D 95 16.00 -19.25 54.25
C THR D 95 14.57 -18.72 54.36
N VAL D 96 14.43 -17.40 54.31
CA VAL D 96 13.14 -16.73 54.35
C VAL D 96 13.02 -15.86 53.11
N MET D 97 11.91 -16.02 52.38
CA MET D 97 11.66 -15.28 51.15
C MET D 97 10.44 -14.39 51.35
N THR D 98 10.66 -13.08 51.37
CA THR D 98 9.62 -12.11 51.69
C THR D 98 9.22 -11.36 50.42
N LEU D 99 7.93 -11.40 50.11
CA LEU D 99 7.36 -10.70 48.95
C LEU D 99 6.22 -9.83 49.44
N THR D 100 6.15 -8.60 48.94
CA THR D 100 5.10 -7.67 49.33
C THR D 100 4.55 -6.97 48.09
N GLU D 101 3.26 -6.64 48.14
CA GLU D 101 2.57 -5.98 47.05
C GLU D 101 2.51 -6.84 45.80
N GLY D 102 2.15 -8.11 45.97
CA GLY D 102 2.09 -9.01 44.85
C GLY D 102 0.79 -8.91 44.08
N ALA D 103 0.82 -9.37 42.84
CA ALA D 103 -0.34 -9.40 41.97
C ALA D 103 -0.45 -10.79 41.36
N VAL D 104 -1.65 -11.37 41.40
CA VAL D 104 -1.89 -12.72 40.90
C VAL D 104 -2.31 -12.62 39.45
N THR D 105 -1.59 -13.32 38.57
CA THR D 105 -1.76 -13.21 37.13
C THR D 105 -2.36 -14.49 36.57
N GLU D 106 -3.40 -14.34 35.76
CA GLU D 106 -4.03 -15.43 35.01
C GLU D 106 -4.31 -16.63 35.90
N PRO D 107 -5.26 -16.52 36.83
CA PRO D 107 -5.60 -17.66 37.68
C PRO D 107 -6.29 -18.76 36.90
N GLU D 108 -6.06 -20.00 37.31
CA GLU D 108 -6.82 -21.12 36.79
C GLU D 108 -7.92 -21.52 37.76
N GLU D 109 -8.76 -22.45 37.35
CA GLU D 109 -9.92 -22.83 38.13
C GLU D 109 -9.53 -23.78 39.26
N SER D 110 -10.21 -23.63 40.39
CA SER D 110 -9.92 -24.39 41.60
C SER D 110 -11.17 -25.11 42.09
N ASP D 111 -10.97 -26.24 42.76
CA ASP D 111 -12.07 -27.02 43.29
C ASP D 111 -12.53 -26.54 44.67
N GLY D 112 -11.89 -25.51 45.22
CA GLY D 112 -12.30 -24.95 46.49
C GLY D 112 -11.45 -25.35 47.67
N ARG D 113 -10.48 -26.24 47.50
CA ARG D 113 -9.57 -26.62 48.58
C ARG D 113 -8.13 -26.23 48.29
N ALA D 114 -7.59 -26.64 47.14
CA ALA D 114 -6.21 -26.39 46.78
C ALA D 114 -6.15 -25.27 45.75
N VAL D 115 -5.26 -24.31 45.98
CA VAL D 115 -5.10 -23.16 45.10
C VAL D 115 -3.62 -23.01 44.76
N THR D 116 -3.33 -22.78 43.48
CA THR D 116 -1.98 -22.50 43.02
C THR D 116 -1.94 -21.07 42.50
N MET D 117 -1.14 -20.23 43.13
CA MET D 117 -1.07 -18.80 42.83
C MET D 117 0.23 -18.48 42.12
N THR D 118 0.14 -17.73 41.04
CA THR D 118 1.31 -17.20 40.33
C THR D 118 1.39 -15.71 40.65
N ILE D 119 2.42 -15.33 41.41
CA ILE D 119 2.55 -13.98 41.95
C ILE D 119 3.74 -13.30 41.30
N ILE D 120 3.60 -12.02 40.96
CA ILE D 120 4.69 -11.21 40.44
C ILE D 120 4.88 -10.03 41.38
N ALA D 121 6.09 -9.47 41.35
CA ALA D 121 6.42 -8.34 42.21
C ALA D 121 7.63 -7.63 41.64
N ALA D 122 7.92 -6.45 42.20
CA ALA D 122 9.09 -5.69 41.79
C ALA D 122 10.37 -6.31 42.32
N GLU D 123 10.34 -6.82 43.56
CA GLU D 123 11.50 -7.42 44.19
C GLU D 123 11.05 -8.53 45.14
N ILE D 124 11.99 -9.42 45.45
CA ILE D 124 11.81 -10.45 46.47
C ILE D 124 13.06 -10.45 47.35
N ASP D 125 12.86 -10.48 48.65
CA ASP D 125 13.95 -10.40 49.62
C ASP D 125 14.30 -11.81 50.09
N GLU D 126 15.58 -12.17 49.97
CA GLU D 126 16.07 -13.46 50.41
C GLU D 126 16.99 -13.26 51.61
N LEU D 127 16.74 -14.00 52.68
CA LEU D 127 17.51 -13.91 53.92
C LEU D 127 18.16 -15.26 54.18
N LEU D 128 19.46 -15.35 53.91
CA LEU D 128 20.20 -16.59 54.00
C LEU D 128 20.51 -16.93 55.46
N PRO D 129 20.82 -18.18 55.75
CA PRO D 129 21.26 -18.51 57.10
C PRO D 129 22.53 -17.76 57.44
N PRO D 130 22.88 -17.67 58.72
CA PRO D 130 24.05 -16.88 59.11
C PRO D 130 25.32 -17.40 58.45
N GLY D 131 26.18 -16.46 58.06
CA GLY D 131 27.49 -16.80 57.52
C GLY D 131 27.57 -16.78 56.00
N SER D 132 26.82 -15.90 55.37
CA SER D 132 26.82 -15.79 53.92
C SER D 132 28.03 -15.00 53.44
N LEU D 133 28.30 -15.10 52.14
CA LEU D 133 29.44 -14.43 51.52
C LEU D 133 29.06 -13.16 50.78
N ALA D 134 27.92 -13.16 50.09
CA ALA D 134 27.49 -11.96 49.36
C ALA D 134 27.11 -10.86 50.33
N ALA D 135 27.34 -9.62 49.91
CA ALA D 135 27.02 -8.46 50.73
C ALA D 135 25.55 -8.09 50.58
N MET E 1 -67.11 48.71 7.52
CA MET E 1 -66.27 49.12 6.37
C MET E 1 -64.79 49.02 6.72
N ALA E 2 -64.02 48.35 5.85
CA ALA E 2 -62.60 48.15 6.09
C ALA E 2 -61.86 48.33 4.76
N GLN E 3 -60.59 47.93 4.76
CA GLN E 3 -59.70 48.14 3.62
C GLN E 3 -59.25 46.79 3.07
N ASP E 4 -59.03 46.74 1.76
CA ASP E 4 -58.87 45.46 1.07
C ASP E 4 -57.69 44.65 1.63
N ALA E 5 -56.53 45.29 1.77
CA ALA E 5 -55.35 44.56 2.17
C ALA E 5 -55.46 43.98 3.58
N LEU E 6 -56.30 44.57 4.43
CA LEU E 6 -56.44 44.14 5.82
C LEU E 6 -57.76 43.44 6.10
N SER E 7 -58.59 43.20 5.07
CA SER E 7 -59.94 42.73 5.32
C SER E 7 -59.98 41.25 5.70
N ASP E 8 -59.15 40.41 5.07
CA ASP E 8 -59.23 38.97 5.31
C ASP E 8 -58.83 38.58 6.72
N GLY E 9 -58.17 39.47 7.46
CA GLY E 9 -57.85 39.18 8.84
C GLY E 9 -56.67 38.27 9.06
N PHE E 10 -55.88 38.00 8.01
CA PHE E 10 -54.66 37.22 8.20
C PHE E 10 -53.60 38.04 8.94
N VAL E 11 -53.48 39.32 8.61
CA VAL E 11 -52.55 40.23 9.27
C VAL E 11 -53.36 41.16 10.16
N ARG E 12 -53.02 41.21 11.44
CA ARG E 12 -53.68 42.06 12.42
C ARG E 12 -52.71 43.16 12.82
N LEU E 13 -53.03 44.39 12.44
CA LEU E 13 -52.09 45.50 12.49
C LEU E 13 -52.41 46.40 13.68
N CYS E 14 -51.37 46.77 14.43
CA CYS E 14 -51.48 47.71 15.53
C CYS E 14 -50.39 48.77 15.36
N ILE E 15 -50.79 50.04 15.37
CA ILE E 15 -49.87 51.15 15.20
C ILE E 15 -49.85 51.95 16.50
N ASP E 16 -48.69 52.05 17.11
CA ASP E 16 -48.54 52.75 18.38
C ASP E 16 -47.12 53.31 18.50
N PRO E 17 -46.94 54.64 18.50
CA PRO E 17 -45.59 55.20 18.56
C PRO E 17 -44.95 55.16 19.94
N SER E 18 -45.55 54.46 20.92
CA SER E 18 -45.03 54.47 22.29
C SER E 18 -44.68 53.10 22.84
N LEU E 19 -44.72 52.05 22.02
CA LEU E 19 -44.36 50.72 22.51
C LEU E 19 -42.85 50.60 22.65
N ASN E 20 -42.43 49.68 23.52
CA ASN E 20 -41.02 49.44 23.79
C ASN E 20 -40.72 47.95 23.66
N PHE E 21 -39.71 47.62 22.85
CA PHE E 21 -39.34 46.22 22.65
C PHE E 21 -38.39 45.71 23.73
N PHE E 22 -37.83 46.59 24.54
CA PHE E 22 -36.85 46.17 25.52
C PHE E 22 -37.50 45.35 26.63
N GLY E 23 -36.77 44.36 27.12
CA GLY E 23 -37.22 43.63 28.29
C GLY E 23 -36.94 44.40 29.57
N GLU E 24 -37.30 43.78 30.69
CA GLU E 24 -37.07 44.40 31.98
C GLU E 24 -35.58 44.30 32.34
N GLY E 25 -34.95 45.44 32.52
CA GLY E 25 -33.53 45.50 32.83
C GLY E 25 -33.26 45.18 34.29
N CYS E 26 -32.32 45.94 34.87
CA CYS E 26 -32.01 45.77 36.27
C CYS E 26 -33.04 46.51 37.12
N LYS E 27 -32.81 46.50 38.43
CA LYS E 27 -33.67 47.20 39.38
C LYS E 27 -32.82 48.13 40.24
N ILE E 28 -33.23 49.39 40.33
CA ILE E 28 -32.55 50.41 41.12
C ILE E 28 -33.56 51.05 42.05
N LEU E 29 -33.12 51.36 43.28
CA LEU E 29 -33.98 51.93 44.30
C LEU E 29 -33.45 53.30 44.69
N VAL E 30 -34.35 54.26 44.84
CA VAL E 30 -34.02 55.63 45.20
C VAL E 30 -34.75 55.98 46.49
N GLU E 31 -34.04 56.57 47.44
CA GLU E 31 -34.56 56.86 48.77
C GLU E 31 -34.38 58.34 49.07
N GLY E 32 -35.46 58.99 49.48
CA GLY E 32 -35.41 60.42 49.73
C GLY E 32 -36.69 60.91 50.37
N GLN E 33 -36.72 62.22 50.61
CA GLN E 33 -37.83 62.85 51.31
C GLN E 33 -39.01 63.08 50.36
N ILE E 34 -40.18 63.33 50.95
CA ILE E 34 -41.35 63.78 50.20
C ILE E 34 -41.91 65.01 50.90
N THR E 35 -43.07 65.48 50.45
CA THR E 35 -43.77 66.57 51.11
C THR E 35 -45.23 66.15 51.34
N ASP E 36 -45.93 66.97 52.11
CA ASP E 36 -47.30 66.62 52.49
C ASP E 36 -48.24 66.54 51.29
N ASP E 37 -47.95 67.26 50.21
CA ASP E 37 -48.81 67.25 49.03
C ASP E 37 -48.63 66.01 48.18
N ALA E 38 -47.82 65.04 48.62
CA ALA E 38 -47.59 63.83 47.85
C ALA E 38 -48.72 62.83 48.06
N THR E 39 -49.19 62.22 46.96
CA THR E 39 -50.23 61.21 47.05
C THR E 39 -49.68 59.81 47.29
N ALA E 40 -48.36 59.65 47.30
CA ALA E 40 -47.77 58.34 47.53
C ALA E 40 -47.87 57.95 49.00
N ALA E 41 -47.56 56.67 49.28
CA ALA E 41 -47.65 56.12 50.61
C ALA E 41 -46.26 56.08 51.25
N GLU E 42 -46.17 56.55 52.49
CA GLU E 42 -44.89 56.58 53.19
C GLU E 42 -44.41 55.18 53.50
N ASN E 43 -43.08 55.02 53.50
CA ASN E 43 -42.43 53.76 53.87
C ASN E 43 -42.97 52.57 53.08
N VAL E 44 -43.12 52.72 51.76
CA VAL E 44 -43.55 51.64 50.89
C VAL E 44 -42.80 51.77 49.57
N VAL E 45 -42.13 50.69 49.16
CA VAL E 45 -41.41 50.69 47.89
C VAL E 45 -42.41 50.51 46.76
N THR E 46 -42.35 51.40 45.77
CA THR E 46 -43.31 51.41 44.68
C THR E 46 -42.57 51.60 43.36
N CYS E 47 -43.18 51.08 42.29
CA CYS E 47 -42.59 51.18 40.96
C CYS E 47 -42.88 52.55 40.35
N VAL E 48 -41.93 53.03 39.55
CA VAL E 48 -42.05 54.29 38.83
C VAL E 48 -41.84 54.02 37.35
N ASN E 49 -42.73 54.55 36.52
CA ASN E 49 -42.75 54.20 35.10
C ASN E 49 -42.25 55.31 34.19
N SER E 50 -42.31 56.57 34.61
CA SER E 50 -41.85 57.67 33.78
C SER E 50 -41.74 58.93 34.62
N GLU E 51 -41.17 59.97 34.01
CA GLU E 51 -41.02 61.26 34.69
C GLU E 51 -42.34 61.98 34.87
N LEU E 52 -43.33 61.70 34.02
CA LEU E 52 -44.53 62.53 33.94
C LEU E 52 -45.37 62.48 35.21
N ASP E 53 -45.26 61.42 36.01
CA ASP E 53 -46.10 61.25 37.19
C ASP E 53 -45.52 61.91 38.44
N LEU E 54 -44.30 62.45 38.37
CA LEU E 54 -43.71 63.10 39.53
C LEU E 54 -44.55 64.32 39.93
N VAL E 55 -44.19 64.91 41.07
CA VAL E 55 -44.89 66.05 41.65
C VAL E 55 -46.19 65.59 42.28
N GLU E 56 -47.11 65.08 41.46
CA GLU E 56 -48.37 64.59 42.01
C GLU E 56 -48.14 63.43 42.98
N ARG E 57 -47.23 62.53 42.64
CA ARG E 57 -47.01 61.35 43.48
C ARG E 57 -46.03 61.63 44.60
N PHE E 58 -44.91 62.28 44.30
CA PHE E 58 -43.83 62.47 45.26
C PHE E 58 -43.68 63.90 45.73
N GLY E 59 -44.65 64.77 45.43
CA GLY E 59 -44.63 66.12 45.98
C GLY E 59 -43.87 67.10 45.11
N GLN E 60 -44.16 68.38 45.31
CA GLN E 60 -43.58 69.45 44.52
C GLN E 60 -42.16 69.78 44.96
N GLY E 61 -41.21 69.68 44.04
CA GLY E 61 -39.84 70.10 44.32
C GLY E 61 -39.20 69.40 45.50
N SER E 62 -39.64 68.20 45.83
CA SER E 62 -39.03 67.47 46.93
C SER E 62 -37.73 66.81 46.48
N VAL E 63 -36.95 66.34 47.46
CA VAL E 63 -35.68 65.71 47.14
C VAL E 63 -35.87 64.49 46.26
N LEU E 64 -36.85 63.65 46.58
CA LEU E 64 -37.02 62.39 45.86
C LEU E 64 -37.36 62.63 44.39
N THR E 65 -38.27 63.57 44.11
CA THR E 65 -38.62 63.84 42.72
C THR E 65 -37.42 64.40 41.95
N GLU E 66 -36.64 65.27 42.59
CA GLU E 66 -35.45 65.79 41.93
C GLU E 66 -34.46 64.68 41.60
N SER E 67 -34.25 63.75 42.55
CA SER E 67 -33.34 62.63 42.28
C SER E 67 -33.87 61.75 41.15
N LEU E 68 -35.19 61.49 41.14
CA LEU E 68 -35.76 60.66 40.10
C LEU E 68 -35.67 61.32 38.73
N ARG E 69 -35.75 62.65 38.68
CA ARG E 69 -35.61 63.33 37.39
C ARG E 69 -34.25 63.03 36.75
N LYS E 70 -33.17 63.04 37.53
CA LYS E 70 -31.87 62.70 36.98
C LYS E 70 -31.74 61.20 36.74
N VAL E 71 -32.32 60.37 37.62
CA VAL E 71 -32.25 58.93 37.44
C VAL E 71 -32.84 58.53 36.09
N PHE E 72 -34.00 59.10 35.76
CA PHE E 72 -34.61 58.83 34.45
C PHE E 72 -33.86 59.53 33.32
N CYS E 73 -33.17 60.62 33.62
CA CYS E 73 -32.44 61.33 32.58
C CYS E 73 -31.24 60.53 32.09
N MET E 74 -30.48 59.95 33.01
CA MET E 74 -29.28 59.20 32.65
C MET E 74 -29.56 57.86 31.99
N CYS E 75 -30.80 57.36 32.05
CA CYS E 75 -31.12 56.01 31.59
C CYS E 75 -32.30 56.07 30.62
N LYS E 76 -31.99 56.00 29.32
CA LYS E 76 -33.04 55.94 28.31
C LYS E 76 -33.63 54.55 28.17
N SER E 77 -32.90 53.51 28.58
CA SER E 77 -33.40 52.15 28.48
C SER E 77 -32.57 51.24 29.36
N GLY E 78 -33.08 50.03 29.58
CA GLY E 78 -32.36 49.02 30.32
C GLY E 78 -32.32 49.21 31.83
N VAL E 79 -33.35 49.79 32.43
CA VAL E 79 -33.38 50.01 33.87
C VAL E 79 -34.84 50.02 34.33
N SER E 80 -35.04 49.61 35.58
CA SER E 80 -36.34 49.68 36.25
C SER E 80 -36.15 50.45 37.54
N VAL E 81 -36.93 51.51 37.72
CA VAL E 81 -36.74 52.46 38.82
C VAL E 81 -37.78 52.19 39.89
N TYR E 82 -37.33 52.13 41.15
CA TYR E 82 -38.20 52.00 42.30
C TYR E 82 -37.89 53.11 43.28
N ALA E 83 -38.90 53.53 44.05
CA ALA E 83 -38.78 54.65 44.95
C ALA E 83 -39.16 54.22 46.36
N LEU E 84 -38.48 54.79 47.36
CA LEU E 84 -38.71 54.49 48.76
C LEU E 84 -38.90 55.80 49.51
N PRO E 85 -40.08 56.40 49.46
CA PRO E 85 -40.26 57.73 50.04
C PRO E 85 -40.12 57.74 51.55
N ARG E 86 -39.66 58.87 52.09
CA ARG E 86 -39.48 59.06 53.52
C ARG E 86 -40.02 60.42 53.92
N ALA E 87 -40.49 60.54 55.15
CA ALA E 87 -41.09 61.78 55.62
C ALA E 87 -40.13 62.54 56.54
N ASP E 88 -40.34 63.85 56.61
CA ASP E 88 -39.50 64.70 57.45
C ASP E 88 -39.78 64.43 58.92
N ALA E 89 -38.79 64.70 59.75
CA ALA E 89 -38.99 64.64 61.19
C ALA E 89 -39.94 65.75 61.63
N ALA E 90 -40.83 65.43 62.58
CA ALA E 90 -41.83 66.39 63.00
C ALA E 90 -41.23 67.64 63.62
N ALA E 91 -39.99 67.57 64.12
CA ALA E 91 -39.33 68.70 64.74
C ALA E 91 -38.31 69.37 63.84
N ALA E 92 -38.30 69.04 62.55
CA ALA E 92 -37.31 69.60 61.63
C ALA E 92 -37.56 71.08 61.39
N VAL E 93 -36.47 71.82 61.22
CA VAL E 93 -36.51 73.25 60.95
C VAL E 93 -35.86 73.50 59.59
N SER E 94 -36.55 74.25 58.74
CA SER E 94 -36.05 74.52 57.40
C SER E 94 -34.98 75.60 57.45
N ALA E 95 -33.91 75.41 56.67
CA ALA E 95 -32.84 76.40 56.60
C ALA E 95 -33.29 77.61 55.78
N VAL E 96 -32.69 78.76 56.10
CA VAL E 96 -33.08 80.03 55.50
C VAL E 96 -31.83 80.76 55.01
N TYR E 97 -31.92 81.34 53.81
CA TYR E 97 -30.88 82.18 53.25
C TYR E 97 -31.46 83.51 52.83
N THR E 98 -30.61 84.53 52.78
CA THR E 98 -31.01 85.89 52.42
C THR E 98 -30.27 86.32 51.16
N LEU E 99 -31.04 86.77 50.17
CA LEU E 99 -30.50 87.34 48.94
C LEU E 99 -30.91 88.81 48.89
N THR E 100 -29.92 89.70 48.82
CA THR E 100 -30.16 91.14 48.89
C THR E 100 -29.61 91.80 47.64
N VAL E 101 -30.44 92.60 46.98
CA VAL E 101 -30.01 93.41 45.84
C VAL E 101 -29.72 94.82 46.35
N THR E 102 -28.64 95.42 45.85
CA THR E 102 -28.19 96.72 46.33
C THR E 102 -27.81 97.58 45.14
N GLY E 103 -27.86 98.90 45.34
CA GLY E 103 -27.54 99.84 44.28
C GLY E 103 -28.76 100.19 43.45
N THR E 104 -28.51 100.87 42.34
CA THR E 104 -29.56 101.26 41.41
C THR E 104 -29.00 101.21 39.99
N ALA E 105 -29.67 100.47 39.12
CA ALA E 105 -29.20 100.31 37.75
C ALA E 105 -29.18 101.66 37.04
N LEU E 106 -28.09 101.94 36.34
CA LEU E 106 -27.93 103.18 35.59
C LEU E 106 -27.67 102.93 34.10
N THR E 107 -27.68 101.67 33.67
CA THR E 107 -27.63 101.30 32.26
C THR E 107 -28.43 100.02 32.04
N ASP E 108 -28.84 99.82 30.80
CA ASP E 108 -29.51 98.57 30.44
C ASP E 108 -28.50 97.42 30.42
N GLY E 109 -29.03 96.21 30.49
CA GLY E 109 -28.18 95.03 30.48
C GLY E 109 -28.97 93.79 30.89
N ARG E 110 -28.22 92.74 31.22
CA ARG E 110 -28.79 91.47 31.63
C ARG E 110 -28.07 90.95 32.86
N VAL E 111 -28.78 90.13 33.63
CA VAL E 111 -28.21 89.40 34.75
C VAL E 111 -28.75 87.96 34.69
N GLN E 112 -27.83 86.99 34.76
CA GLN E 112 -28.20 85.58 34.78
C GLN E 112 -27.52 84.92 35.97
N LEU E 113 -28.31 84.29 36.82
CA LEU E 113 -27.85 83.72 38.08
C LEU E 113 -27.85 82.20 37.97
N TYR E 114 -26.81 81.57 38.53
CA TYR E 114 -26.76 80.12 38.64
C TYR E 114 -27.21 79.71 40.04
N MET E 115 -28.15 78.77 40.10
CA MET E 115 -28.78 78.39 41.37
C MET E 115 -28.88 76.87 41.44
N GLY E 116 -27.92 76.25 42.11
CA GLY E 116 -27.99 74.82 42.38
C GLY E 116 -27.64 73.94 41.20
N GLU E 117 -28.25 74.18 40.05
CA GLU E 117 -28.02 73.35 38.88
C GLU E 117 -28.49 74.13 37.65
N ALA E 118 -28.02 73.69 36.48
CA ALA E 118 -28.34 74.39 35.24
C ALA E 118 -29.82 74.41 34.93
N GLU E 119 -30.59 73.44 35.47
CA GLU E 119 -32.03 73.43 35.19
C GLU E 119 -32.75 74.54 35.93
N TYR E 120 -32.23 74.96 37.08
CA TYR E 120 -32.89 75.98 37.90
C TYR E 120 -32.17 77.33 37.86
N SER E 121 -31.21 77.50 36.96
CA SER E 121 -30.60 78.79 36.73
C SER E 121 -31.47 79.61 35.78
N LEU E 122 -31.49 80.92 35.99
CA LEU E 122 -32.38 81.81 35.27
C LEU E 122 -31.60 82.99 34.71
N ASP E 123 -32.04 83.46 33.55
CA ASP E 123 -31.50 84.65 32.92
C ASP E 123 -32.61 85.70 32.86
N ILE E 124 -32.36 86.85 33.49
CA ILE E 124 -33.36 87.92 33.59
C ILE E 124 -32.70 89.22 33.21
N GLY E 125 -33.37 90.02 32.37
CA GLY E 125 -32.79 91.23 31.84
C GLY E 125 -33.51 92.49 32.30
N VAL E 126 -32.79 93.60 32.19
CA VAL E 126 -33.34 94.93 32.50
C VAL E 126 -33.10 95.81 31.28
N ASP E 127 -34.10 96.61 30.92
CA ASP E 127 -34.05 97.41 29.70
C ASP E 127 -33.75 98.89 29.95
N GLU E 128 -33.84 99.35 31.19
CA GLU E 128 -33.61 100.76 31.48
C GLU E 128 -32.95 100.90 32.85
N GLY E 129 -32.30 102.04 33.04
CA GLY E 129 -31.70 102.35 34.31
C GLY E 129 -32.72 102.95 35.27
N ASP E 130 -32.21 103.43 36.40
CA ASP E 130 -33.03 104.07 37.42
C ASP E 130 -34.04 103.10 38.01
N THR E 131 -33.88 101.81 37.74
CA THR E 131 -34.76 100.80 38.31
C THR E 131 -34.35 100.56 39.77
N PRO E 132 -35.22 100.81 40.74
CA PRO E 132 -34.82 100.59 42.14
C PRO E 132 -34.58 99.11 42.42
N THR E 133 -34.16 98.84 43.66
CA THR E 133 -34.05 97.46 44.10
C THR E 133 -35.41 96.76 44.10
N GLN E 134 -36.50 97.54 44.09
CA GLN E 134 -37.85 96.99 44.01
C GLN E 134 -38.20 96.50 42.61
N ILE E 135 -37.81 97.23 41.56
CA ILE E 135 -37.93 96.69 40.21
C ILE E 135 -37.01 95.50 40.03
N ALA E 136 -35.80 95.56 40.60
CA ALA E 136 -35.05 94.35 40.85
C ALA E 136 -35.81 93.50 41.85
N ALA E 137 -35.38 92.24 42.00
CA ALA E 137 -36.14 91.22 42.72
C ALA E 137 -37.36 90.77 41.95
N LYS E 138 -37.49 91.18 40.69
CA LYS E 138 -38.45 90.60 39.75
C LYS E 138 -38.03 89.22 39.28
N ILE E 139 -37.01 88.64 39.90
CA ILE E 139 -36.48 87.33 39.57
C ILE E 139 -37.60 86.30 39.66
N VAL E 140 -38.44 86.42 40.69
CA VAL E 140 -39.51 85.46 40.92
C VAL E 140 -40.39 85.23 39.70
N ALA E 141 -40.39 86.16 38.74
CA ALA E 141 -41.10 85.91 37.49
C ALA E 141 -40.47 84.77 36.69
N ALA E 142 -39.20 84.43 36.98
CA ALA E 142 -38.51 83.37 36.28
C ALA E 142 -38.13 82.18 37.15
N ILE E 143 -38.16 82.33 38.48
CA ILE E 143 -37.82 81.22 39.36
C ILE E 143 -38.74 80.04 39.07
N SER E 144 -38.15 78.85 38.98
CA SER E 144 -38.90 77.67 38.58
C SER E 144 -39.73 77.14 39.74
N PRO E 145 -40.86 76.49 39.46
CA PRO E 145 -41.64 75.86 40.54
C PRO E 145 -40.90 74.71 41.21
N ASP E 146 -39.94 74.09 40.52
CA ASP E 146 -39.29 72.90 41.03
C ASP E 146 -38.07 73.19 41.90
N PHE E 147 -37.71 74.45 42.07
CA PHE E 147 -36.60 74.79 42.93
C PHE E 147 -36.92 74.35 44.36
N PRO E 148 -36.02 73.61 45.03
CA PRO E 148 -36.37 73.07 46.36
C PRO E 148 -36.59 74.12 47.44
N TYR E 149 -36.50 75.41 47.09
CA TYR E 149 -36.63 76.47 48.07
C TYR E 149 -37.74 77.43 47.65
N GLU E 150 -38.32 78.11 48.64
CA GLU E 150 -39.39 79.09 48.40
C GLU E 150 -38.79 80.49 48.43
N ALA E 151 -39.23 81.34 47.50
CA ALA E 151 -38.77 82.71 47.40
C ALA E 151 -39.84 83.64 47.96
N THR E 152 -39.48 84.44 48.96
CA THR E 152 -40.46 85.32 49.61
C THR E 152 -40.80 86.55 48.78
N ALA E 153 -39.85 87.09 48.03
CA ALA E 153 -40.07 88.29 47.22
C ALA E 153 -40.52 89.45 48.09
N ALA E 154 -39.65 89.83 49.04
CA ALA E 154 -39.93 90.94 49.94
C ALA E 154 -39.56 92.25 49.24
N ALA E 155 -39.50 93.34 50.01
CA ALA E 155 -39.23 94.67 49.48
C ALA E 155 -37.74 94.80 49.17
N GLY E 156 -37.37 94.39 47.97
CA GLY E 156 -36.01 94.51 47.49
C GLY E 156 -35.10 93.36 47.85
N VAL E 157 -35.55 92.41 48.66
CA VAL E 157 -34.75 91.26 49.06
C VAL E 157 -35.59 90.01 48.91
N ILE E 158 -34.99 88.96 48.35
CA ILE E 158 -35.65 87.66 48.20
C ILE E 158 -35.02 86.71 49.20
N THR E 159 -35.85 86.19 50.11
CA THR E 159 -35.40 85.25 51.13
C THR E 159 -35.76 83.83 50.70
N LEU E 160 -34.83 82.90 50.93
CA LEU E 160 -34.95 81.54 50.45
C LEU E 160 -35.02 80.59 51.65
N THR E 161 -36.02 79.71 51.65
CA THR E 161 -36.22 78.74 52.72
C THR E 161 -36.41 77.35 52.11
N ALA E 162 -35.82 76.34 52.73
CA ALA E 162 -35.88 74.99 52.20
C ALA E 162 -37.28 74.41 52.34
N ARG E 163 -37.71 73.70 51.30
CA ARG E 163 -39.01 73.03 51.35
C ARG E 163 -38.95 71.83 52.30
N ASN E 164 -37.90 71.04 52.21
CA ASN E 164 -37.73 69.90 53.10
C ASN E 164 -36.84 70.25 54.28
N GLY E 165 -37.30 69.93 55.48
CA GLY E 165 -36.56 70.23 56.67
C GLY E 165 -35.32 69.37 56.81
N GLY E 166 -34.49 69.75 57.77
CA GLY E 166 -33.25 69.04 58.01
C GLY E 166 -32.06 69.66 57.30
N THR E 167 -30.93 68.97 57.41
CA THR E 167 -29.67 69.46 56.86
C THR E 167 -29.62 69.36 55.34
N ILE E 168 -30.60 68.74 54.70
CA ILE E 168 -30.54 68.58 53.24
C ILE E 168 -30.60 69.95 52.57
N GLY E 169 -31.34 70.89 53.12
CA GLY E 169 -31.43 72.21 52.54
C GLY E 169 -30.26 73.12 52.83
N ASN E 170 -29.29 72.66 53.61
CA ASN E 170 -28.12 73.45 53.99
C ASN E 170 -27.08 73.56 52.88
N HIS E 171 -27.41 73.18 51.65
CA HIS E 171 -26.43 73.05 50.59
C HIS E 171 -26.73 73.93 49.38
N LEU E 172 -27.41 75.06 49.57
CA LEU E 172 -27.73 75.92 48.44
C LEU E 172 -26.56 76.82 48.10
N SER E 173 -26.33 77.01 46.80
CA SER E 173 -25.27 77.88 46.29
C SER E 173 -25.82 78.70 45.14
N VAL E 174 -25.60 80.01 45.20
CA VAL E 174 -26.03 80.94 44.16
C VAL E 174 -24.83 81.76 43.72
N ILE E 175 -24.66 81.90 42.41
CA ILE E 175 -23.49 82.55 41.82
C ILE E 175 -23.97 83.65 40.88
N TYR E 176 -23.41 84.85 41.04
CA TYR E 176 -23.68 85.99 40.17
C TYR E 176 -22.60 86.00 39.09
N THR E 177 -22.85 85.19 38.05
CA THR E 177 -21.77 84.82 37.13
C THR E 177 -21.20 86.03 36.38
N ASN E 178 -22.05 86.85 35.80
CA ASN E 178 -21.61 87.86 34.83
C ASN E 178 -20.95 89.06 35.49
N LEU E 179 -20.59 88.99 36.77
CA LEU E 179 -19.81 90.06 37.37
C LEU E 179 -18.48 90.24 36.66
N GLY E 180 -17.86 89.14 36.22
CA GLY E 180 -16.61 89.20 35.50
C GLY E 180 -16.82 89.54 34.04
N SER E 181 -15.69 89.60 33.32
CA SER E 181 -15.74 89.93 31.90
C SER E 181 -16.53 88.87 31.14
N CYS E 182 -17.39 89.31 30.24
CA CYS E 182 -18.21 88.40 29.45
C CYS E 182 -18.71 89.13 28.21
N THR E 183 -19.25 88.35 27.26
CA THR E 183 -19.82 88.93 26.06
C THR E 183 -21.21 89.50 26.29
N SER E 184 -21.78 89.31 27.48
CA SER E 184 -23.05 89.91 27.87
C SER E 184 -22.78 91.00 28.90
N VAL E 185 -23.35 92.18 28.66
CA VAL E 185 -23.08 93.36 29.47
C VAL E 185 -24.10 93.43 30.59
N THR E 186 -23.60 93.47 31.83
CA THR E 186 -24.49 93.60 32.98
C THR E 186 -24.85 95.07 33.19
N PRO E 187 -26.00 95.35 33.79
CA PRO E 187 -26.30 96.74 34.19
C PRO E 187 -25.41 97.16 35.34
N GLU E 188 -24.60 98.19 35.11
CA GLU E 188 -23.70 98.69 36.14
C GLU E 188 -24.48 99.31 37.29
N GLY E 189 -23.88 99.27 38.48
CA GLY E 189 -24.55 99.76 39.66
C GLY E 189 -25.40 98.72 40.37
N VAL E 190 -25.24 97.44 40.05
CA VAL E 190 -26.03 96.36 40.65
C VAL E 190 -25.08 95.41 41.38
N THR E 191 -25.46 95.02 42.59
CA THR E 191 -24.69 94.06 43.37
C THR E 191 -25.66 93.16 44.13
N VAL E 192 -25.48 91.85 43.98
CA VAL E 192 -26.35 90.85 44.62
C VAL E 192 -25.50 90.05 45.59
N ALA E 193 -25.93 89.99 46.85
CA ALA E 193 -25.22 89.28 47.90
C ALA E 193 -26.05 88.10 48.40
N PHE E 194 -25.37 87.06 48.87
CA PHE E 194 -25.99 85.84 49.32
C PHE E 194 -25.36 85.40 50.64
N ALA E 195 -26.19 84.97 51.58
CA ALA E 195 -25.69 84.53 52.88
C ALA E 195 -26.74 83.66 53.55
N GLN E 196 -26.30 82.88 54.53
CA GLN E 196 -27.16 81.99 55.29
C GLN E 196 -27.53 82.62 56.62
N THR E 197 -28.69 82.23 57.15
CA THR E 197 -29.18 82.76 58.41
C THR E 197 -29.61 81.70 59.42
N THR E 198 -30.04 80.53 58.97
CA THR E 198 -30.45 79.48 59.90
C THR E 198 -30.20 78.09 59.28
N PRO E 199 -29.55 77.18 60.01
CA PRO E 199 -29.34 75.84 59.49
C PRO E 199 -30.47 74.89 59.84
N GLY E 200 -30.36 73.66 59.36
CA GLY E 200 -31.27 72.61 59.73
C GLY E 200 -30.89 71.97 61.06
N SER E 201 -31.83 71.22 61.63
CA SER E 201 -31.64 70.67 62.97
C SER E 201 -31.58 69.15 62.99
N VAL E 202 -32.62 68.49 62.50
CA VAL E 202 -32.80 67.05 62.69
C VAL E 202 -33.18 66.42 61.36
N ASN E 203 -32.72 65.19 61.13
CA ASN E 203 -33.05 64.39 59.96
C ASN E 203 -33.62 63.05 60.38
N PRO E 204 -34.49 62.45 59.56
CA PRO E 204 -35.03 61.14 59.90
C PRO E 204 -33.95 60.08 59.89
N GLU E 205 -34.09 59.10 60.78
CA GLU E 205 -33.13 58.01 60.91
C GLU E 205 -33.87 56.68 61.00
N PRO E 206 -34.53 56.26 59.92
CA PRO E 206 -35.25 55.00 59.95
C PRO E 206 -34.31 53.80 60.02
N ASN E 207 -34.81 52.72 60.60
CA ASN E 207 -34.06 51.48 60.74
C ASN E 207 -34.97 50.29 60.45
N ASP E 208 -35.76 50.40 59.37
CA ASP E 208 -36.75 49.39 59.03
C ASP E 208 -36.56 48.83 57.62
N TYR E 209 -35.31 48.59 57.19
CA TYR E 209 -35.09 47.99 55.87
C TYR E 209 -35.53 46.53 55.85
N ALA E 210 -35.43 45.84 56.98
CA ALA E 210 -35.73 44.42 57.01
C ALA E 210 -37.18 44.10 56.69
N SER E 211 -38.07 45.09 56.74
CA SER E 211 -39.50 44.87 56.50
C SER E 211 -39.99 45.48 55.20
N VAL E 212 -39.66 46.75 54.93
CA VAL E 212 -40.18 47.41 53.75
C VAL E 212 -39.59 46.83 52.47
N VAL E 213 -38.32 46.49 52.47
CA VAL E 213 -37.63 45.96 51.30
C VAL E 213 -37.25 44.49 51.50
N ASN E 214 -38.06 43.77 52.27
CA ASN E 214 -37.70 42.41 52.68
C ASN E 214 -37.51 41.50 51.48
N GLU E 215 -36.29 40.97 51.35
CA GLU E 215 -36.02 39.84 50.47
C GLU E 215 -36.46 40.05 49.04
N CYS E 216 -36.16 41.21 48.47
CA CYS E 216 -36.31 41.43 47.03
C CYS E 216 -35.03 42.06 46.51
N CYS E 217 -34.52 41.53 45.39
CA CYS E 217 -33.20 41.87 44.91
C CYS E 217 -33.18 43.23 44.23
N PHE E 218 -32.15 44.01 44.55
CA PHE E 218 -31.87 45.26 43.86
C PHE E 218 -30.40 45.30 43.48
N ALA E 219 -30.11 45.91 42.34
CA ALA E 219 -28.72 46.01 41.89
C ALA E 219 -28.01 47.19 42.54
N VAL E 220 -28.64 48.36 42.52
CA VAL E 220 -28.01 49.59 42.99
C VAL E 220 -28.95 50.29 43.95
N TYR E 221 -28.41 50.77 45.07
CA TYR E 221 -29.14 51.57 46.05
C TYR E 221 -28.58 52.99 46.02
N VAL E 222 -29.48 53.97 45.89
CA VAL E 222 -29.12 55.38 45.88
C VAL E 222 -29.83 56.05 47.05
N LEU E 223 -29.06 56.72 47.90
CA LEU E 223 -29.60 57.39 49.09
C LEU E 223 -29.32 58.88 48.98
N SER E 224 -30.39 59.69 48.94
CA SER E 224 -30.27 61.14 48.82
C SER E 224 -30.34 61.77 50.21
N SER E 225 -29.29 61.55 50.98
CA SER E 225 -29.22 62.08 52.34
C SER E 225 -27.75 62.17 52.75
N ASP E 226 -27.40 63.20 53.50
CA ASP E 226 -26.04 63.41 53.96
C ASP E 226 -25.81 62.94 55.39
N ASP E 227 -26.81 62.35 56.03
CA ASP E 227 -26.70 61.93 57.42
C ASP E 227 -25.86 60.67 57.50
N THR E 228 -24.85 60.68 58.39
CA THR E 228 -23.98 59.53 58.53
C THR E 228 -24.73 58.32 59.08
N ASP E 229 -25.63 58.54 60.05
CA ASP E 229 -26.34 57.42 60.65
C ASP E 229 -27.22 56.71 59.63
N TRP E 230 -27.92 57.47 58.79
CA TRP E 230 -28.74 56.86 57.75
C TRP E 230 -27.89 56.04 56.80
N GLN E 231 -26.71 56.57 56.44
CA GLN E 231 -25.81 55.83 55.55
C GLN E 231 -25.34 54.55 56.20
N GLU E 232 -25.03 54.58 57.49
CA GLU E 232 -24.61 53.35 58.17
C GLU E 232 -25.76 52.34 58.25
N ASN E 233 -26.99 52.84 58.44
CA ASN E 233 -28.13 51.93 58.42
C ASN E 233 -28.27 51.25 57.06
N LEU E 234 -28.07 52.01 55.98
CA LEU E 234 -28.10 51.40 54.65
C LEU E 234 -26.96 50.40 54.48
N ARG E 235 -25.77 50.74 54.99
CA ARG E 235 -24.63 49.84 54.91
C ARG E 235 -24.93 48.51 55.60
N ASP E 236 -25.60 48.58 56.74
CA ASP E 236 -25.97 47.35 57.45
C ASP E 236 -26.89 46.48 56.62
N TRP E 237 -27.89 47.06 55.95
CA TRP E 237 -28.75 46.26 55.08
C TRP E 237 -27.94 45.64 53.94
N ILE E 238 -27.04 46.41 53.32
CA ILE E 238 -26.28 45.86 52.21
C ILE E 238 -25.40 44.71 52.69
N ARG E 239 -24.77 44.86 53.85
CA ARG E 239 -23.99 43.76 54.41
C ARG E 239 -24.88 42.54 54.67
N SER E 240 -26.09 42.79 55.18
CA SER E 240 -27.02 41.69 55.41
C SER E 240 -27.33 40.94 54.13
N ALA E 241 -27.48 41.67 53.02
CA ALA E 241 -27.78 41.01 51.75
C ALA E 241 -26.65 40.09 51.33
N TRP E 242 -25.41 40.41 51.73
CA TRP E 242 -24.25 39.62 51.35
C TRP E 242 -23.89 38.57 52.40
N ASP E 243 -24.62 38.49 53.50
CA ASP E 243 -24.26 37.61 54.60
C ASP E 243 -24.40 36.15 54.19
N CYS E 244 -23.59 35.30 54.82
CA CYS E 244 -23.59 33.88 54.48
C CYS E 244 -24.66 33.10 55.23
N SER E 245 -25.42 33.74 56.10
CA SER E 245 -26.40 33.02 56.91
C SER E 245 -27.51 32.42 56.06
N LYS E 246 -27.98 33.14 55.05
CA LYS E 246 -29.13 32.72 54.27
C LYS E 246 -28.88 33.06 52.82
N PRO E 247 -29.72 32.57 51.89
CA PRO E 247 -29.52 32.89 50.47
C PRO E 247 -29.30 34.37 50.26
N GLN E 248 -28.39 34.69 49.34
CA GLN E 248 -27.84 36.03 49.24
C GLN E 248 -28.54 36.83 48.13
N CYS E 249 -28.96 38.04 48.48
CA CYS E 249 -29.19 39.07 47.48
C CYS E 249 -27.95 39.95 47.38
N PHE E 250 -27.68 40.45 46.19
CA PHE E 250 -26.47 41.22 45.93
C PHE E 250 -26.83 42.64 45.52
N GLY E 251 -26.01 43.59 45.94
CA GLY E 251 -26.27 44.98 45.59
C GLY E 251 -25.12 45.86 46.01
N HIS E 252 -25.22 47.13 45.62
CA HIS E 252 -24.20 48.13 45.90
C HIS E 252 -24.87 49.45 46.21
N GLY E 253 -24.29 50.19 47.15
CA GLY E 253 -24.87 51.44 47.63
C GLY E 253 -24.00 52.63 47.27
N TYR E 254 -24.66 53.72 46.85
CA TYR E 254 -23.98 54.94 46.43
C TYR E 254 -24.42 56.08 47.33
N VAL E 255 -23.44 56.68 48.02
CA VAL E 255 -23.70 57.80 48.93
C VAL E 255 -22.62 58.86 48.69
N PHE E 256 -22.78 60.01 49.34
CA PHE E 256 -21.86 61.12 49.17
C PHE E 256 -21.49 61.70 50.53
N ASN E 257 -20.43 62.53 50.53
CA ASN E 257 -19.95 63.20 51.72
C ASN E 257 -19.37 64.54 51.31
N LYS E 258 -19.59 65.56 52.14
CA LYS E 258 -19.15 66.92 51.85
C LYS E 258 -18.48 67.52 53.07
N GLY E 259 -17.40 68.25 52.86
CA GLY E 259 -16.68 68.86 53.97
C GLY E 259 -15.25 69.16 53.57
N THR E 260 -14.42 69.39 54.58
CA THR E 260 -12.99 69.59 54.34
C THR E 260 -12.27 68.25 54.25
N LEU E 261 -11.01 68.31 53.85
CA LEU E 261 -10.24 67.08 53.69
C LEU E 261 -10.19 66.29 55.00
N GLY E 262 -9.98 66.98 56.12
CA GLY E 262 -9.97 66.29 57.40
C GLY E 262 -11.32 65.70 57.76
N GLN E 263 -12.40 66.43 57.47
CA GLN E 263 -13.73 65.94 57.82
C GLN E 263 -14.13 64.76 56.94
N VAL E 264 -13.87 64.84 55.64
CA VAL E 264 -14.31 63.79 54.73
C VAL E 264 -13.61 62.48 55.05
N LEU E 265 -12.30 62.54 55.32
CA LEU E 265 -11.56 61.33 55.66
C LEU E 265 -12.14 60.64 56.88
N ALA E 266 -12.84 61.38 57.74
CA ALA E 266 -13.36 60.82 58.98
C ALA E 266 -14.58 59.93 58.76
N ASP E 267 -15.16 59.92 57.56
CA ASP E 267 -16.32 59.10 57.28
C ASP E 267 -15.97 57.74 56.70
N GLY E 268 -14.69 57.42 56.56
CA GLY E 268 -14.25 56.18 55.93
C GLY E 268 -14.27 54.97 56.84
N ASP E 269 -15.45 54.41 57.10
CA ASP E 269 -15.57 53.26 57.99
C ASP E 269 -15.46 51.97 57.19
N ASN E 270 -14.39 51.88 56.39
CA ASN E 270 -13.96 50.65 55.72
C ASN E 270 -15.13 49.84 55.16
N SER E 271 -16.16 50.50 54.64
CA SER E 271 -17.34 49.82 54.13
C SER E 271 -17.07 49.36 52.70
N ALA E 272 -16.98 48.04 52.51
CA ALA E 272 -16.84 47.50 51.16
C ALA E 272 -18.14 47.56 50.37
N GLU E 273 -19.25 47.94 51.00
CA GLU E 273 -20.55 47.93 50.37
C GLU E 273 -21.00 49.30 49.85
N LEU E 274 -20.17 50.33 49.97
CA LEU E 274 -20.56 51.69 49.62
C LEU E 274 -19.50 52.36 48.77
N SER E 275 -19.95 53.23 47.87
CA SER E 275 -19.08 54.12 47.11
C SER E 275 -19.33 55.54 47.57
N ARG E 276 -18.35 56.11 48.29
CA ARG E 276 -18.51 57.40 48.95
C ARG E 276 -17.99 58.49 48.02
N LEU E 277 -18.90 59.29 47.48
CA LEU E 277 -18.55 60.38 46.56
C LEU E 277 -18.14 61.60 47.39
N ALA E 278 -16.86 61.93 47.36
CA ALA E 278 -16.32 63.03 48.15
C ALA E 278 -16.49 64.34 47.39
N LEU E 279 -17.02 65.36 48.07
CA LEU E 279 -17.19 66.68 47.50
C LEU E 279 -16.60 67.74 48.43
N PRO E 280 -16.18 68.89 47.91
CA PRO E 280 -15.59 69.92 48.74
C PRO E 280 -16.65 70.82 49.37
N THR E 281 -16.18 71.69 50.27
CA THR E 281 -17.08 72.62 50.94
C THR E 281 -17.72 73.59 49.95
N THR E 282 -16.94 74.05 48.98
CA THR E 282 -17.39 75.05 48.02
C THR E 282 -18.04 74.44 46.78
N TYR E 283 -18.57 73.23 46.88
CA TYR E 283 -19.14 72.57 45.72
C TYR E 283 -20.34 73.35 45.21
N PRO E 284 -20.46 73.60 43.90
CA PRO E 284 -21.52 74.50 43.42
C PRO E 284 -22.82 73.81 43.03
N VAL E 285 -22.90 72.47 43.08
CA VAL E 285 -24.09 71.74 42.66
C VAL E 285 -24.67 71.03 43.87
N LEU E 286 -25.97 70.73 43.80
CA LEU E 286 -26.65 70.03 44.87
C LEU E 286 -26.15 68.59 44.97
N PRO E 287 -25.61 68.16 46.11
CA PRO E 287 -24.89 66.87 46.12
C PRO E 287 -25.73 65.69 45.68
N TYR E 288 -27.00 65.62 46.10
CA TYR E 288 -27.79 64.44 45.80
C TYR E 288 -28.04 64.30 44.30
N LEU E 289 -28.05 65.40 43.55
CA LEU E 289 -28.16 65.28 42.10
C LEU E 289 -26.96 64.53 41.51
N THR E 290 -25.75 64.90 41.93
CA THR E 290 -24.56 64.20 41.45
C THR E 290 -24.54 62.75 41.90
N ASN E 291 -24.92 62.50 43.16
CA ASN E 291 -24.96 61.12 43.64
C ASN E 291 -25.94 60.28 42.82
N ALA E 292 -27.11 60.82 42.54
CA ALA E 292 -28.10 60.09 41.74
C ALA E 292 -27.60 59.89 40.31
N ALA E 293 -26.93 60.89 39.73
CA ALA E 293 -26.41 60.73 38.38
C ALA E 293 -25.37 59.61 38.33
N TYR E 294 -24.44 59.59 39.29
CA TYR E 294 -23.44 58.54 39.33
C TYR E 294 -24.10 57.17 39.52
N GLY E 295 -25.05 57.08 40.44
CA GLY E 295 -25.71 55.80 40.67
C GLY E 295 -26.45 55.31 39.45
N ALA E 296 -27.17 56.20 38.77
CA ALA E 296 -27.95 55.80 37.60
C ALA E 296 -27.07 55.50 36.40
N LEU E 297 -25.89 56.12 36.32
CA LEU E 297 -24.95 55.76 35.26
C LEU E 297 -24.36 54.39 35.51
N SER E 298 -24.04 54.08 36.77
CA SER E 298 -23.44 52.79 37.10
C SER E 298 -24.47 51.68 37.21
N ALA E 299 -25.76 52.00 37.27
CA ALA E 299 -26.80 51.00 37.47
C ALA E 299 -27.22 50.33 36.17
N CYS E 300 -26.29 49.66 35.50
CA CYS E 300 -26.60 48.80 34.37
C CYS E 300 -27.03 49.58 33.14
N SER E 301 -27.18 50.90 33.26
CA SER E 301 -27.27 51.71 32.05
C SER E 301 -25.97 51.64 31.28
N THR E 302 -24.90 51.22 31.94
CA THR E 302 -23.62 50.89 31.31
C THR E 302 -23.18 49.47 31.68
N CYS E 303 -23.51 49.04 32.90
CA CYS E 303 -23.00 47.79 33.45
C CYS E 303 -23.95 46.62 33.18
N GLU E 304 -24.23 46.39 31.89
CA GLU E 304 -24.67 45.07 31.46
C GLU E 304 -23.50 44.10 31.40
N ASN E 305 -22.28 44.63 31.39
CA ASN E 305 -21.06 43.85 31.54
C ASN E 305 -20.49 44.12 32.91
N PRO E 306 -20.46 43.15 33.83
CA PRO E 306 -20.01 43.45 35.19
C PRO E 306 -18.56 43.90 35.28
N GLU E 307 -17.75 43.66 34.24
CA GLU E 307 -16.33 43.98 34.29
C GLU E 307 -16.01 45.39 33.82
N LEU E 308 -17.00 46.13 33.32
CA LEU E 308 -16.74 47.47 32.82
C LEU E 308 -16.55 48.45 33.98
N ASN E 309 -15.61 49.37 33.82
CA ASN E 309 -15.31 50.39 34.80
C ASN E 309 -15.92 51.72 34.36
N VAL E 310 -16.55 52.41 35.31
CA VAL E 310 -17.17 53.72 35.03
C VAL E 310 -16.10 54.76 35.35
N GLN E 311 -15.27 55.04 34.35
CA GLN E 311 -14.13 55.94 34.53
C GLN E 311 -13.90 56.72 33.24
N GLY E 312 -13.08 57.78 33.36
CA GLY E 312 -12.63 58.51 32.20
C GLY E 312 -13.64 59.52 31.69
N GLN E 313 -13.31 60.09 30.54
CA GLN E 313 -14.13 61.12 29.92
C GLN E 313 -15.14 60.55 28.92
N THR E 314 -15.16 59.24 28.70
CA THR E 314 -16.10 58.62 27.78
C THR E 314 -17.09 57.73 28.51
N TYR E 315 -16.62 56.77 29.31
CA TYR E 315 -17.48 55.84 30.01
C TYR E 315 -17.84 56.30 31.42
N GLY E 316 -17.40 57.49 31.83
CA GLY E 316 -17.67 57.99 33.16
C GLY E 316 -18.08 59.45 33.16
N LEU E 317 -18.79 59.87 32.13
CA LEU E 317 -19.19 61.27 31.95
C LEU E 317 -20.63 61.44 32.39
N LEU E 318 -20.84 62.33 33.37
CA LEU E 318 -22.19 62.61 33.88
C LEU E 318 -22.82 63.72 33.04
N SER E 319 -23.27 63.31 31.85
CA SER E 319 -23.69 64.27 30.83
C SER E 319 -24.97 65.02 31.18
N CYS E 320 -25.68 64.61 32.23
CA CYS E 320 -26.95 65.23 32.59
C CYS E 320 -26.79 66.28 33.69
N ILE E 321 -25.56 66.61 34.07
CA ILE E 321 -25.28 67.60 35.09
C ILE E 321 -24.36 68.66 34.51
N ASN E 322 -24.74 69.93 34.70
CA ASN E 322 -23.97 71.06 34.19
C ASN E 322 -23.66 72.01 35.33
N MET E 323 -22.42 72.50 35.35
CA MET E 323 -21.93 73.40 36.38
C MET E 323 -21.09 74.48 35.73
N PRO E 324 -21.02 75.66 36.34
CA PRO E 324 -20.24 76.74 35.73
C PRO E 324 -18.75 76.45 35.75
N GLU E 325 -18.05 76.96 34.74
CA GLU E 325 -16.61 76.78 34.66
C GLU E 325 -15.91 77.70 35.66
N SER E 326 -14.74 77.26 36.12
CA SER E 326 -13.98 78.02 37.11
C SER E 326 -12.52 77.59 37.05
N CYS E 327 -11.63 78.51 37.38
CA CYS E 327 -10.21 78.19 37.40
C CYS E 327 -9.82 77.34 38.59
N THR E 328 -10.47 77.51 39.73
CA THR E 328 -10.20 76.70 40.91
C THR E 328 -10.97 75.39 40.80
N PRO E 329 -10.31 74.22 40.86
CA PRO E 329 -11.02 72.96 40.60
C PRO E 329 -11.84 72.44 41.78
N GLY E 330 -11.59 72.92 43.00
CA GLY E 330 -12.27 72.45 44.19
C GLY E 330 -11.40 71.60 45.10
N TRP E 331 -10.59 70.72 44.52
CA TRP E 331 -9.61 69.93 45.26
C TRP E 331 -8.23 70.20 44.69
N GLU E 332 -7.25 70.38 45.57
CA GLU E 332 -5.86 70.40 45.13
C GLU E 332 -5.41 68.99 44.80
N PHE E 333 -4.39 68.90 43.94
CA PHE E 333 -3.93 67.59 43.50
C PHE E 333 -3.45 66.75 44.68
N THR E 334 -2.73 67.36 45.62
CA THR E 334 -2.29 66.64 46.81
C THR E 334 -3.44 66.22 47.70
N GLU E 335 -4.61 66.84 47.57
CA GLU E 335 -5.80 66.37 48.27
C GLU E 335 -6.50 65.27 47.48
N VAL E 336 -6.50 65.39 46.15
CA VAL E 336 -7.09 64.36 45.30
C VAL E 336 -6.36 63.05 45.50
N THR E 337 -5.03 63.11 45.61
CA THR E 337 -4.25 61.89 45.83
C THR E 337 -4.68 61.19 47.11
N GLN E 338 -4.81 61.95 48.21
CA GLN E 338 -5.22 61.34 49.48
C GLN E 338 -6.63 60.79 49.41
N LEU E 339 -7.56 61.54 48.79
CA LEU E 339 -8.94 61.06 48.70
C LEU E 339 -9.01 59.78 47.89
N GLN E 340 -8.22 59.68 46.82
CA GLN E 340 -8.21 58.46 46.01
C GLN E 340 -7.55 57.31 46.76
N ASN E 341 -6.50 57.60 47.53
CA ASN E 341 -5.79 56.56 48.25
C ASN E 341 -6.51 56.12 49.52
N ASN E 342 -7.53 56.83 49.96
CA ASN E 342 -8.30 56.46 51.14
C ASN E 342 -9.66 55.88 50.82
N GLY E 343 -10.00 55.73 49.54
CA GLY E 343 -11.22 55.05 49.16
C GLY E 343 -12.41 55.98 48.98
N PHE E 344 -12.21 57.08 48.26
CA PHE E 344 -13.28 58.01 47.95
C PHE E 344 -13.32 58.29 46.45
N VAL E 345 -14.53 58.26 45.88
CA VAL E 345 -14.68 58.58 44.47
C VAL E 345 -14.53 60.08 44.28
N VAL E 346 -13.66 60.48 43.36
CA VAL E 346 -13.41 61.88 43.07
C VAL E 346 -13.87 62.16 41.64
N SER E 347 -14.34 63.39 41.43
CA SER E 347 -14.83 63.82 40.13
C SER E 347 -14.25 65.18 39.80
N GLY E 348 -14.20 65.49 38.51
CA GLY E 348 -13.70 66.77 38.05
C GLY E 348 -14.36 67.22 36.77
N PRO E 349 -14.21 68.50 36.44
CA PRO E 349 -14.83 69.02 35.23
C PRO E 349 -14.17 68.47 33.97
N ALA E 350 -14.96 68.42 32.89
CA ALA E 350 -14.43 67.96 31.61
C ALA E 350 -13.57 69.01 30.92
N THR E 351 -13.66 70.27 31.34
CA THR E 351 -12.84 71.33 30.79
C THR E 351 -12.76 72.46 31.80
N THR E 352 -11.76 73.33 31.61
CA THR E 352 -11.48 74.41 32.55
C THR E 352 -11.31 75.72 31.80
N SER E 353 -11.79 76.80 32.40
CA SER E 353 -11.62 78.15 31.83
C SER E 353 -12.21 79.14 32.82
N GLY E 354 -11.95 80.43 32.56
CA GLY E 354 -12.45 81.49 33.41
C GLY E 354 -13.69 82.19 32.90
N GLN E 355 -14.20 81.80 31.73
CA GLN E 355 -15.32 82.49 31.13
C GLN E 355 -16.66 82.11 31.73
N GLY E 356 -16.71 81.06 32.55
CA GLY E 356 -17.91 80.75 33.30
C GLY E 356 -19.03 80.10 32.51
N ASN E 357 -18.70 79.32 31.48
CA ASN E 357 -19.71 78.56 30.76
C ASN E 357 -20.07 77.30 31.57
N PHE E 358 -20.92 76.47 30.98
CA PHE E 358 -21.40 75.27 31.64
C PHE E 358 -20.65 74.04 31.14
N THR E 359 -20.30 73.16 32.07
CA THR E 359 -19.57 71.94 31.75
C THR E 359 -20.09 70.81 32.62
N SER E 360 -19.87 69.58 32.14
CA SER E 360 -20.27 68.40 32.88
C SER E 360 -19.07 67.77 33.57
N PRO E 361 -19.25 67.16 34.74
CA PRO E 361 -18.14 66.46 35.39
C PRO E 361 -18.02 65.03 34.90
N TYR E 362 -16.96 64.37 35.34
CA TYR E 362 -16.74 62.96 35.04
C TYR E 362 -16.00 62.33 36.20
N ILE E 363 -16.08 61.00 36.27
CA ILE E 363 -15.56 60.25 37.41
C ILE E 363 -14.09 59.92 37.17
N TYR E 364 -13.25 60.22 38.16
CA TYR E 364 -11.83 59.92 38.05
C TYR E 364 -11.55 58.45 38.31
N ASN E 365 -11.96 57.95 39.47
CA ASN E 365 -11.69 56.58 39.89
C ASN E 365 -12.98 55.97 40.41
N ASP E 366 -13.40 54.86 39.81
CA ASP E 366 -14.58 54.12 40.26
C ASP E 366 -14.13 53.11 41.30
N VAL E 367 -14.23 53.47 42.58
CA VAL E 367 -13.63 52.72 43.67
C VAL E 367 -14.61 52.62 44.82
N THR E 368 -14.58 51.49 45.53
CA THR E 368 -15.34 51.32 46.76
C THR E 368 -14.50 51.77 47.95
N ASN E 369 -15.17 51.89 49.10
CA ASN E 369 -14.54 52.38 50.31
C ASN E 369 -13.80 51.28 51.07
N TYR E 370 -13.43 50.19 50.39
CA TYR E 370 -12.85 49.04 51.05
C TYR E 370 -11.34 49.18 51.18
N LEU E 371 -10.84 49.08 52.41
CA LEU E 371 -9.43 48.88 52.68
C LEU E 371 -9.31 47.77 53.71
N ARG E 372 -8.10 47.27 53.88
CA ARG E 372 -7.85 46.22 54.88
C ARG E 372 -8.75 45.03 54.54
N ASP E 373 -9.19 44.29 55.55
CA ASP E 373 -9.85 43.01 55.35
C ASP E 373 -10.24 42.49 56.72
N GLU E 374 -11.07 41.44 56.72
CA GLU E 374 -11.23 40.66 57.94
C GLU E 374 -9.84 40.23 58.40
N LYS E 375 -9.67 40.16 59.72
CA LYS E 375 -8.35 40.34 60.33
C LYS E 375 -7.98 41.80 60.07
N ASN E 376 -6.74 42.07 59.66
CA ASN E 376 -6.36 43.46 59.46
C ASN E 376 -5.43 43.70 58.27
N ARG E 377 -5.22 42.73 57.40
CA ARG E 377 -4.22 42.87 56.35
C ARG E 377 -4.69 43.82 55.25
N PRO E 378 -3.92 44.84 54.88
CA PRO E 378 -4.31 45.69 53.75
C PRO E 378 -4.15 44.96 52.42
N ASN E 379 -5.15 45.10 51.55
CA ASN E 379 -5.10 44.50 50.23
C ASN E 379 -6.07 45.23 49.31
N ALA E 380 -5.97 44.95 48.02
CA ALA E 380 -6.75 45.62 47.00
C ALA E 380 -7.77 44.71 46.34
N THR E 381 -8.22 43.66 47.03
CA THR E 381 -9.13 42.69 46.40
C THR E 381 -10.43 43.35 45.96
N PHE E 382 -11.12 44.01 46.87
CA PHE E 382 -12.42 44.62 46.60
C PHE E 382 -12.32 46.13 46.36
N ARG E 383 -11.21 46.59 45.77
CA ARG E 383 -11.00 48.02 45.61
C ARG E 383 -11.91 48.60 44.52
N ASP E 384 -12.19 47.84 43.48
CA ASP E 384 -13.01 48.30 42.37
C ASP E 384 -14.40 47.71 42.45
N ALA E 385 -15.40 48.54 42.14
CA ALA E 385 -16.79 48.07 42.15
C ALA E 385 -16.98 46.89 41.20
N SER E 386 -16.25 46.89 40.08
CA SER E 386 -16.31 45.75 39.18
C SER E 386 -15.93 44.46 39.88
N SER E 387 -15.07 44.52 40.89
CA SER E 387 -14.73 43.30 41.64
C SER E 387 -15.97 42.74 42.33
N ARG E 388 -16.76 43.59 42.98
CA ARG E 388 -17.97 43.12 43.64
C ARG E 388 -18.99 42.61 42.62
N ARG E 389 -19.14 43.33 41.50
CA ARG E 389 -20.07 42.88 40.47
C ARG E 389 -19.67 41.51 39.93
N LEU E 390 -18.37 41.32 39.70
CA LEU E 390 -17.90 40.03 39.19
C LEU E 390 -18.00 38.94 40.24
N ALA E 391 -17.84 39.29 41.53
CA ALA E 391 -18.05 38.29 42.57
C ALA E 391 -19.49 37.80 42.58
N ALA E 392 -20.45 38.72 42.46
CA ALA E 392 -21.85 38.32 42.39
C ALA E 392 -22.12 37.47 41.15
N ALA E 393 -21.59 37.90 40.00
CA ALA E 393 -21.80 37.16 38.77
C ALA E 393 -21.21 35.75 38.86
N THR E 394 -20.00 35.62 39.40
CA THR E 394 -19.38 34.32 39.58
C THR E 394 -20.17 33.44 40.54
N GLY E 395 -20.65 34.01 41.64
CA GLY E 395 -21.47 33.22 42.54
C GLY E 395 -22.70 32.66 41.85
N VAL E 396 -23.41 33.50 41.10
CA VAL E 396 -24.60 33.03 40.40
C VAL E 396 -24.24 31.96 39.36
N ALA E 397 -23.20 32.23 38.57
CA ALA E 397 -22.83 31.32 37.50
C ALA E 397 -22.41 29.96 38.04
N LEU E 398 -21.64 29.95 39.14
CA LEU E 398 -21.23 28.69 39.72
C LEU E 398 -22.40 27.96 40.38
N ALA E 399 -23.34 28.71 40.97
CA ALA E 399 -24.51 28.08 41.54
C ALA E 399 -25.37 27.42 40.47
N THR E 400 -25.45 28.02 39.28
CA THR E 400 -26.26 27.43 38.23
C THR E 400 -25.63 26.15 37.67
N PHE E 401 -24.30 26.12 37.59
CA PHE E 401 -23.62 24.94 37.03
C PHE E 401 -23.78 23.73 37.93
N LEU E 402 -23.76 23.93 39.25
CA LEU E 402 -23.80 22.81 40.18
C LEU E 402 -25.18 22.17 40.27
N GLN E 403 -26.17 22.68 39.52
CA GLN E 403 -27.51 22.14 39.63
C GLN E 403 -27.62 20.74 39.04
N GLN E 404 -26.74 20.39 38.10
CA GLN E 404 -26.83 19.10 37.44
C GLN E 404 -26.55 17.94 38.38
N PHE E 405 -26.00 18.20 39.56
CA PHE E 405 -25.75 17.16 40.54
C PHE E 405 -26.86 17.04 41.58
N ASN E 406 -27.94 17.80 41.44
CA ASN E 406 -29.06 17.72 42.37
C ASN E 406 -29.92 16.50 42.05
N GLY E 407 -30.02 15.58 43.00
CA GLY E 407 -30.78 14.36 42.80
C GLY E 407 -30.04 13.26 42.08
N LEU E 408 -28.78 13.49 41.68
CA LEU E 408 -28.00 12.46 41.01
C LEU E 408 -27.46 11.47 42.03
N ALA E 409 -27.49 10.19 41.69
CA ALA E 409 -26.99 9.17 42.59
C ALA E 409 -25.49 9.33 42.80
N VAL E 410 -25.04 9.02 44.01
CA VAL E 410 -23.65 9.21 44.41
C VAL E 410 -23.14 7.91 45.01
N PHE E 411 -21.96 7.48 44.57
CA PHE E 411 -21.28 6.31 45.11
C PHE E 411 -20.01 6.78 45.80
N THR E 412 -19.86 6.45 47.10
CA THR E 412 -18.79 7.07 47.88
C THR E 412 -18.01 6.09 48.75
N LYS E 413 -18.33 4.80 48.74
CA LYS E 413 -17.52 3.82 49.44
C LYS E 413 -16.86 2.88 48.44
N ASN E 414 -17.66 2.24 47.61
CA ASN E 414 -17.16 1.52 46.44
C ASN E 414 -17.40 2.39 45.23
N THR E 415 -16.33 2.91 44.63
CA THR E 415 -16.41 3.91 43.59
C THR E 415 -16.63 3.32 42.20
N ASN E 416 -16.96 2.03 42.12
CA ASN E 416 -17.32 1.42 40.84
C ASN E 416 -18.81 1.54 40.60
N ILE E 417 -19.18 2.07 39.45
CA ILE E 417 -20.57 2.27 39.07
C ILE E 417 -20.95 1.17 38.10
N LYS E 418 -21.99 0.41 38.45
CA LYS E 418 -22.43 -0.66 37.58
C LYS E 418 -22.82 -0.11 36.21
N THR E 419 -23.01 -1.01 35.26
CA THR E 419 -23.40 -0.60 33.92
C THR E 419 -24.85 -0.15 33.90
N GLY E 420 -25.13 0.88 33.11
CA GLY E 420 -26.47 1.40 32.96
C GLY E 420 -26.88 2.43 34.00
N ILE E 421 -26.26 2.42 35.18
CA ILE E 421 -26.64 3.36 36.23
C ILE E 421 -26.26 4.78 35.82
N ILE E 422 -27.08 5.75 36.23
CA ILE E 422 -26.85 7.15 35.97
C ILE E 422 -26.38 7.79 37.27
N GLY E 423 -25.06 7.89 37.44
CA GLY E 423 -24.51 8.39 38.68
C GLY E 423 -23.11 8.93 38.47
N THR E 424 -22.45 9.23 39.59
CA THR E 424 -21.13 9.83 39.56
C THR E 424 -20.47 9.59 40.92
N ASN E 425 -19.28 10.18 41.10
CA ASN E 425 -18.56 10.14 42.36
C ASN E 425 -17.66 11.36 42.47
N LEU E 426 -16.83 11.39 43.51
CA LEU E 426 -16.08 12.60 43.83
C LEU E 426 -15.14 13.01 42.71
N ARG E 427 -14.31 12.08 42.25
CA ARG E 427 -13.29 12.43 41.26
C ARG E 427 -13.93 12.88 39.95
N LEU E 428 -14.99 12.20 39.52
CA LEU E 428 -15.65 12.57 38.28
C LEU E 428 -16.32 13.94 38.40
N MET E 429 -16.77 14.30 39.61
CA MET E 429 -17.34 15.64 39.82
C MET E 429 -16.25 16.69 39.79
N LEU E 430 -15.11 16.41 40.42
CA LEU E 430 -14.02 17.38 40.44
C LEU E 430 -13.46 17.61 39.04
N GLY E 431 -13.41 16.57 38.22
CA GLY E 431 -12.98 16.75 36.84
C GLY E 431 -13.86 17.73 36.09
N LYS E 432 -15.18 17.61 36.26
CA LYS E 432 -16.10 18.52 35.58
C LYS E 432 -15.97 19.93 36.14
N ILE E 433 -15.79 20.07 37.44
CA ILE E 433 -15.65 21.41 38.01
C ILE E 433 -14.38 22.07 37.48
N ARG E 434 -13.27 21.33 37.39
CA ARG E 434 -12.06 21.87 36.81
C ARG E 434 -12.26 22.24 35.36
N LYS E 435 -12.96 21.40 34.60
CA LYS E 435 -13.23 21.72 33.20
C LYS E 435 -14.02 23.02 33.06
N TRP E 436 -15.05 23.18 33.89
CA TRP E 436 -15.83 24.41 33.84
C TRP E 436 -14.98 25.62 34.20
N ALA E 437 -14.15 25.49 35.23
CA ALA E 437 -13.29 26.61 35.61
C ALA E 437 -12.34 26.98 34.48
N SER E 438 -11.76 25.98 33.83
CA SER E 438 -10.84 26.26 32.71
C SER E 438 -11.58 26.93 31.56
N ASP E 439 -12.81 26.51 31.28
CA ASP E 439 -13.53 27.06 30.13
C ASP E 439 -13.77 28.55 30.28
N ASN E 440 -13.81 29.07 31.51
CA ASN E 440 -14.24 30.44 31.74
C ASN E 440 -13.07 31.42 31.89
N VAL E 441 -11.85 31.01 31.58
CA VAL E 441 -10.73 31.94 31.65
C VAL E 441 -10.82 32.92 30.48
N GLY E 442 -10.77 34.21 30.80
CA GLY E 442 -10.97 35.25 29.81
C GLY E 442 -12.35 35.87 29.82
N VAL E 443 -13.31 35.28 30.55
CA VAL E 443 -14.65 35.84 30.66
C VAL E 443 -14.87 36.26 32.10
N LEU E 444 -14.75 35.33 33.03
CA LEU E 444 -14.92 35.61 34.45
C LEU E 444 -13.60 35.64 35.21
N PHE E 445 -12.62 34.86 34.79
CA PHE E 445 -11.41 34.61 35.56
C PHE E 445 -10.17 35.00 34.79
N SER E 446 -9.12 35.31 35.53
CA SER E 446 -7.76 35.35 35.00
C SER E 446 -7.11 33.99 35.20
N GLU E 447 -5.98 33.77 34.52
CA GLU E 447 -5.36 32.45 34.55
C GLU E 447 -5.07 32.02 35.98
N PHE E 448 -5.32 30.75 36.26
CA PHE E 448 -5.18 30.22 37.61
C PHE E 448 -3.70 30.04 37.96
N ASP E 449 -3.34 30.45 39.17
CA ASP E 449 -1.97 30.28 39.62
C ASP E 449 -1.58 28.81 39.66
N ASN E 450 -2.39 27.98 40.30
CA ASN E 450 -2.14 26.54 40.34
C ASN E 450 -3.50 25.87 40.51
N ILE E 451 -4.04 25.35 39.40
CA ILE E 451 -5.39 24.79 39.41
C ILE E 451 -5.50 23.64 40.39
N ASN E 452 -4.40 22.94 40.65
CA ASN E 452 -4.46 21.79 41.55
C ASN E 452 -4.66 22.21 43.00
N GLU E 453 -4.28 23.44 43.35
CA GLU E 453 -4.40 23.91 44.72
C GLU E 453 -5.63 24.79 44.95
N ASP E 454 -6.21 25.34 43.88
CA ASP E 454 -7.27 26.33 44.04
C ASP E 454 -8.65 25.69 44.12
N ILE E 455 -8.83 24.50 43.56
CA ILE E 455 -10.13 23.81 43.57
C ILE E 455 -9.95 22.52 44.36
N GLN E 456 -10.78 22.34 45.39
CA GLN E 456 -10.75 21.14 46.22
C GLN E 456 -12.17 20.71 46.54
N LEU E 457 -12.43 19.40 46.46
CA LEU E 457 -13.73 18.84 46.75
C LEU E 457 -13.60 17.72 47.78
N VAL E 458 -14.42 17.79 48.82
CA VAL E 458 -14.38 16.81 49.90
C VAL E 458 -15.80 16.44 50.27
N SER E 459 -15.96 15.26 50.86
CA SER E 459 -17.27 14.77 51.28
C SER E 459 -17.42 14.89 52.79
N ASP E 460 -18.68 14.98 53.23
CA ASP E 460 -18.94 15.21 54.65
C ASP E 460 -18.45 14.05 55.50
N PHE E 461 -18.40 12.83 54.93
CA PHE E 461 -17.85 11.71 55.66
C PHE E 461 -16.38 11.91 56.01
N ASP E 462 -15.59 12.46 55.08
CA ASP E 462 -14.18 12.68 55.33
C ASP E 462 -13.94 13.74 56.41
N VAL E 463 -14.85 14.71 56.53
CA VAL E 463 -14.64 15.82 57.46
C VAL E 463 -15.11 15.45 58.86
N GLN E 464 -16.35 15.02 58.98
CA GLN E 464 -16.95 14.80 60.28
C GLN E 464 -16.41 13.52 60.92
N PRO E 465 -16.48 13.40 62.24
CA PRO E 465 -16.03 12.17 62.89
C PRO E 465 -16.96 11.01 62.60
N LYS E 466 -16.50 9.82 62.95
CA LYS E 466 -17.21 8.60 62.62
C LYS E 466 -18.64 8.64 63.17
N CYS E 467 -19.59 8.21 62.34
CA CYS E 467 -21.01 8.09 62.67
C CYS E 467 -21.70 9.44 62.83
N VAL E 468 -21.17 10.50 62.23
CA VAL E 468 -21.78 11.82 62.32
C VAL E 468 -21.98 12.42 60.92
N GLY E 469 -21.20 11.94 59.96
CA GLY E 469 -21.29 12.49 58.61
C GLY E 469 -22.64 12.21 57.98
N GLN E 470 -23.12 13.19 57.21
CA GLN E 470 -24.38 13.02 56.50
C GLN E 470 -24.15 12.48 55.10
N PRO E 471 -25.03 11.62 54.59
CA PRO E 471 -24.84 11.11 53.23
C PRO E 471 -25.32 12.09 52.18
N GLY E 472 -24.52 12.26 51.12
CA GLY E 472 -24.90 13.11 50.02
C GLY E 472 -24.57 14.58 50.19
N VAL E 473 -23.61 14.92 51.06
CA VAL E 473 -23.25 16.31 51.34
C VAL E 473 -21.78 16.49 51.05
N PHE E 474 -21.44 17.56 50.34
CA PHE E 474 -20.08 17.83 49.89
C PHE E 474 -19.64 19.23 50.29
N HIS E 475 -18.32 19.44 50.29
CA HIS E 475 -17.73 20.74 50.56
C HIS E 475 -16.78 21.10 49.44
N LEU E 476 -16.91 22.31 48.90
CA LEU E 476 -16.11 22.77 47.77
C LEU E 476 -15.43 24.08 48.14
N ASN E 477 -14.13 24.16 47.88
CA ASN E 477 -13.35 25.38 48.08
C ASN E 477 -12.81 25.83 46.73
N MET E 478 -13.09 27.08 46.36
CA MET E 478 -12.65 27.64 45.09
C MET E 478 -12.02 29.00 45.31
N ARG E 479 -10.84 29.19 44.74
CA ARG E 479 -10.11 30.47 44.79
C ARG E 479 -9.88 30.92 43.36
N TYR E 480 -10.05 32.22 43.10
CA TYR E 480 -10.04 32.72 41.74
C TYR E 480 -9.57 34.16 41.70
N ARG E 481 -9.31 34.64 40.49
CA ARG E 481 -8.85 35.99 40.21
C ARG E 481 -9.69 36.62 39.11
N PRO E 482 -9.92 37.93 39.14
CA PRO E 482 -10.60 38.59 38.03
C PRO E 482 -9.60 39.06 36.98
N PRO E 483 -10.07 39.38 35.77
CA PRO E 483 -9.14 39.78 34.71
C PRO E 483 -8.46 41.10 35.01
N VAL E 484 -7.29 41.29 34.40
CA VAL E 484 -6.48 42.50 34.57
C VAL E 484 -6.67 43.38 33.35
N ARG E 485 -6.75 44.69 33.55
CA ARG E 485 -6.95 45.64 32.48
C ARG E 485 -6.01 46.83 32.66
N GLY E 486 -5.66 47.46 31.55
CA GLY E 486 -4.71 48.56 31.57
C GLY E 486 -5.11 49.70 32.49
N ALA E 487 -4.16 50.17 33.30
CA ALA E 487 -4.46 51.18 34.31
C ALA E 487 -3.66 52.48 34.16
N ARG E 488 -2.36 52.40 33.89
CA ARG E 488 -1.55 53.61 33.84
C ARG E 488 -0.34 53.38 32.94
N ILE E 489 0.20 54.47 32.39
CA ILE E 489 1.41 54.46 31.59
C ILE E 489 2.28 55.61 32.07
N ASN E 490 3.52 55.32 32.46
CA ASN E 490 4.46 56.35 32.88
C ASN E 490 5.41 56.65 31.71
N VAL E 491 5.41 57.90 31.25
CA VAL E 491 6.12 58.28 30.03
C VAL E 491 7.29 59.17 30.42
N ASN E 492 8.48 58.82 29.95
CA ASN E 492 9.65 59.67 30.03
C ASN E 492 9.98 60.15 28.61
N LEU E 493 9.86 61.44 28.37
CA LEU E 493 10.02 62.04 27.05
C LEU E 493 11.30 62.86 27.06
N VAL E 494 12.35 62.35 26.41
CA VAL E 494 13.67 62.94 26.44
C VAL E 494 13.96 63.62 25.10
N PRO E 495 13.72 64.93 24.97
CA PRO E 495 14.07 65.61 23.72
C PRO E 495 15.56 65.67 23.50
N ALA E 496 15.95 65.77 22.22
CA ALA E 496 17.35 65.86 21.85
C ALA E 496 17.47 66.69 20.58
N LEU E 497 18.67 66.73 20.01
CA LEU E 497 18.95 67.54 18.84
C LEU E 497 19.79 66.75 17.84
N PHE E 498 19.73 67.17 16.59
CA PHE E 498 20.45 66.50 15.51
C PHE E 498 21.96 66.57 15.78
N ASP E 499 22.65 65.46 15.49
CA ASP E 499 24.03 65.31 15.93
C ASP E 499 24.85 64.69 14.80
N ASN E 500 26.17 64.73 14.97
CA ASN E 500 27.11 64.17 14.01
C ASN E 500 26.91 64.75 12.62
N CYS F 3 -2.40 -3.02 44.42
CA CYS F 3 -3.51 -2.26 43.78
C CYS F 3 -3.00 -0.93 43.22
N ASN F 4 -1.74 -0.61 43.53
CA ASN F 4 -1.19 0.68 43.14
C ASN F 4 -0.86 0.75 41.64
N LYS F 5 -0.28 -0.32 41.11
CA LYS F 5 0.27 -0.33 39.76
C LYS F 5 -0.65 -0.95 38.72
N GLN F 6 -1.93 -1.12 39.04
CA GLN F 6 -2.86 -1.69 38.06
C GLN F 6 -3.09 -0.70 36.92
N ASN F 7 -3.22 -1.23 35.71
CA ASN F 7 -3.40 -0.43 34.51
C ASN F 7 -4.68 -0.86 33.82
N GLY F 8 -5.68 0.02 33.83
CA GLY F 8 -6.95 -0.29 33.21
C GLY F 8 -7.93 0.83 33.39
N VAL F 9 -9.17 0.56 33.00
CA VAL F 9 -10.26 1.51 33.05
C VAL F 9 -11.21 1.10 34.16
N LYS F 10 -11.62 2.08 34.98
CA LYS F 10 -12.47 1.84 36.13
C LYS F 10 -13.91 2.30 35.91
N ASN F 11 -14.10 3.40 35.18
CA ASN F 11 -15.43 3.93 34.91
C ASN F 11 -15.42 4.63 33.56
N ILE F 12 -16.58 4.72 32.94
CA ILE F 12 -16.79 5.49 31.72
C ILE F 12 -18.21 6.04 31.76
N LEU F 13 -18.35 7.36 31.81
CA LEU F 13 -19.65 8.01 31.78
C LEU F 13 -19.76 8.85 30.52
N ILE F 14 -20.81 8.60 29.73
CA ILE F 14 -21.05 9.31 28.48
C ILE F 14 -22.39 10.01 28.57
N THR F 15 -22.49 11.18 27.95
CA THR F 15 -23.71 11.98 27.92
C THR F 15 -24.02 12.35 26.48
N PHE F 16 -25.29 12.25 26.10
CA PHE F 16 -25.72 12.46 24.73
C PHE F 16 -26.65 13.66 24.64
N THR F 17 -26.38 14.54 23.68
CA THR F 17 -27.25 15.67 23.37
C THR F 17 -27.57 15.63 21.88
N HIS F 18 -28.82 15.33 21.56
CA HIS F 18 -29.22 15.18 20.16
C HIS F 18 -29.19 16.53 19.46
N CYS F 19 -28.56 16.57 18.28
CA CYS F 19 -28.29 17.84 17.63
C CYS F 19 -29.54 18.46 17.01
N ASP F 20 -30.38 17.66 16.35
CA ASP F 20 -31.50 18.19 15.60
C ASP F 20 -32.69 18.60 16.46
N THR F 21 -32.82 18.04 17.67
CA THR F 21 -33.97 18.34 18.52
C THR F 21 -33.60 18.73 19.94
N GLY F 22 -32.34 18.57 20.34
CA GLY F 22 -31.91 19.03 21.65
C GLY F 22 -32.19 18.09 22.80
N GLU F 23 -32.63 16.86 22.52
CA GLU F 23 -32.89 15.90 23.58
C GLU F 23 -31.58 15.52 24.28
N VAL F 24 -31.70 15.19 25.56
CA VAL F 24 -30.54 14.90 26.41
C VAL F 24 -30.77 13.61 27.16
N ILE F 25 -29.70 12.84 27.37
CA ILE F 25 -29.74 11.62 28.16
C ILE F 25 -28.58 11.65 29.14
N GLY F 26 -28.89 11.45 30.42
CA GLY F 26 -27.93 11.66 31.49
C GLY F 26 -26.70 10.79 31.37
N PRO F 27 -25.77 10.94 32.32
CA PRO F 27 -24.47 10.27 32.21
C PRO F 27 -24.54 8.77 32.50
N ILE F 28 -24.89 7.98 31.48
CA ILE F 28 -25.00 6.54 31.65
C ILE F 28 -23.61 5.94 31.79
N SER F 29 -23.51 4.84 32.54
CA SER F 29 -22.24 4.15 32.71
C SER F 29 -22.09 3.07 31.65
N HIS F 30 -20.90 2.96 31.08
CA HIS F 30 -20.62 2.06 29.97
C HIS F 30 -19.52 1.08 30.34
N GLU F 31 -19.30 0.11 29.45
CA GLU F 31 -18.29 -0.92 29.63
C GLU F 31 -17.58 -1.14 28.29
N GLN F 32 -16.59 -2.03 28.30
CA GLN F 32 -15.76 -2.25 27.13
C GLN F 32 -16.04 -3.62 26.51
N PRO F 33 -15.82 -3.77 25.20
CA PRO F 33 -16.10 -5.06 24.56
C PRO F 33 -14.94 -6.05 24.65
N ASP F 34 -13.71 -5.55 24.76
CA ASP F 34 -12.53 -6.39 24.80
C ASP F 34 -11.46 -5.69 25.64
N ASP F 35 -10.20 -6.10 25.44
CA ASP F 35 -9.10 -5.63 26.27
C ASP F 35 -8.45 -4.34 25.77
N THR F 36 -8.96 -3.72 24.72
CA THR F 36 -8.32 -2.54 24.14
C THR F 36 -8.73 -1.31 24.94
N LEU F 37 -7.74 -0.58 25.47
CA LEU F 37 -8.01 0.61 26.26
C LEU F 37 -8.19 1.83 25.37
N PRO F 38 -8.84 2.88 25.89
CA PRO F 38 -8.91 4.13 25.14
C PRO F 38 -7.55 4.81 25.05
N THR F 39 -7.37 5.61 23.99
CA THR F 39 -6.14 6.36 23.77
C THR F 39 -6.47 7.84 23.64
N TYR F 40 -5.50 8.69 23.94
CA TYR F 40 -5.71 10.12 24.01
C TYR F 40 -4.57 10.88 23.33
N LYS F 41 -4.88 12.08 22.87
CA LYS F 41 -3.89 13.09 22.55
C LYS F 41 -4.41 14.42 23.08
N THR F 42 -3.77 14.93 24.14
CA THR F 42 -4.26 16.08 24.87
C THR F 42 -3.48 17.36 24.56
N CYS F 43 -2.60 17.34 23.57
CA CYS F 43 -1.86 18.52 23.16
C CYS F 43 -2.46 19.02 21.86
N ALA F 44 -2.99 20.24 21.88
CA ALA F 44 -3.67 20.82 20.73
C ALA F 44 -2.71 21.64 19.87
N TRP F 45 -1.61 20.98 19.47
CA TRP F 45 -0.63 21.56 18.57
C TRP F 45 0.11 20.42 17.88
N THR F 46 0.71 20.73 16.73
CA THR F 46 1.45 19.75 15.95
C THR F 46 2.76 20.34 15.48
N ASN F 47 3.82 19.53 15.54
CA ASN F 47 5.15 19.94 15.09
C ASN F 47 5.53 19.13 13.85
N THR F 48 5.92 19.83 12.79
CA THR F 48 6.41 19.23 11.57
C THR F 48 7.88 19.55 11.42
N ALA F 49 8.68 18.54 11.07
CA ALA F 49 10.13 18.67 11.12
C ALA F 49 10.67 19.39 9.89
N LEU F 50 11.36 20.51 10.13
CA LEU F 50 12.13 21.18 9.10
C LEU F 50 13.59 20.76 9.21
N THR F 51 14.49 21.44 8.50
CA THR F 51 15.90 21.09 8.53
C THR F 51 16.59 21.72 9.73
N ASN F 52 17.68 21.08 10.15
CA ASN F 52 18.56 21.61 11.20
C ASN F 52 17.81 21.81 12.51
N GLY F 53 16.99 20.85 12.89
CA GLY F 53 16.37 20.85 14.20
C GLY F 53 15.23 21.83 14.37
N ALA F 54 14.74 22.43 13.29
CA ALA F 54 13.63 23.37 13.37
C ALA F 54 12.32 22.67 13.04
N VAL F 55 11.23 23.16 13.64
CA VAL F 55 9.91 22.60 13.46
C VAL F 55 8.94 23.71 13.10
N MET F 56 7.78 23.31 12.59
CA MET F 56 6.67 24.21 12.31
C MET F 56 5.49 23.83 13.18
N ARG F 57 4.88 24.82 13.81
CA ARG F 57 3.83 24.59 14.81
C ARG F 57 2.48 24.99 14.24
N SER F 58 1.47 24.14 14.43
CA SER F 58 0.13 24.37 13.90
C SER F 58 -0.90 23.99 14.95
N ALA F 59 -2.17 24.28 14.65
CA ALA F 59 -3.21 24.26 15.68
C ALA F 59 -3.67 22.83 15.98
N SER F 60 -4.22 22.13 14.99
CA SER F 60 -4.71 20.77 15.20
C SER F 60 -5.80 20.68 16.25
N ASN F 61 -6.05 19.48 16.76
CA ASN F 61 -7.17 19.19 17.66
C ASN F 61 -6.70 18.30 18.79
N ALA F 62 -7.57 18.12 19.78
CA ALA F 62 -7.40 17.12 20.81
C ALA F 62 -8.38 15.98 20.58
N THR F 63 -7.88 14.75 20.68
CA THR F 63 -8.64 13.59 20.23
C THR F 63 -8.74 12.55 21.33
N MET F 64 -9.77 11.73 21.24
CA MET F 64 -9.96 10.57 22.11
C MET F 64 -10.53 9.44 21.27
N THR F 65 -10.05 8.23 21.50
CA THR F 65 -10.60 7.03 20.87
C THR F 65 -11.21 6.16 21.96
N LEU F 66 -12.52 5.91 21.87
CA LEU F 66 -13.28 5.29 22.94
C LEU F 66 -14.05 4.08 22.44
N PRO F 67 -13.51 2.86 22.62
CA PRO F 67 -14.31 1.66 22.33
C PRO F 67 -15.16 1.25 23.52
N VAL F 68 -16.47 1.09 23.30
CA VAL F 68 -17.41 0.78 24.37
C VAL F 68 -18.45 -0.20 23.85
N VAL F 69 -19.24 -0.75 24.76
CA VAL F 69 -20.38 -1.59 24.41
C VAL F 69 -21.64 -0.74 24.42
N ARG F 70 -22.42 -0.83 23.35
CA ARG F 70 -23.58 0.03 23.20
C ARG F 70 -24.58 -0.20 24.32
N ASP F 71 -25.35 0.83 24.62
CA ASP F 71 -26.44 0.74 25.58
C ASP F 71 -27.73 0.34 24.86
N PRO F 72 -28.40 -0.74 25.24
CA PRO F 72 -29.61 -1.16 24.52
C PRO F 72 -30.75 -0.17 24.58
N ARG F 73 -30.60 0.97 25.24
CA ARG F 73 -31.65 1.98 25.31
C ARG F 73 -31.38 3.19 24.44
N VAL F 74 -30.13 3.41 24.04
CA VAL F 74 -29.74 4.55 23.21
C VAL F 74 -29.70 4.09 21.76
N PRO F 75 -30.30 4.80 20.82
CA PRO F 75 -30.25 4.37 19.41
C PRO F 75 -28.81 4.30 18.89
N LEU F 76 -28.57 3.34 18.00
CA LEU F 76 -27.24 3.17 17.44
C LEU F 76 -26.79 4.39 16.66
N ALA F 77 -27.74 5.15 16.10
CA ALA F 77 -27.37 6.33 15.34
C ALA F 77 -26.72 7.39 16.22
N TRP F 78 -27.01 7.38 17.52
CA TRP F 78 -26.49 8.41 18.41
C TRP F 78 -25.00 8.23 18.71
N TYR F 79 -24.53 6.99 18.79
CA TYR F 79 -23.09 6.75 18.95
C TYR F 79 -22.31 7.09 17.70
N GLN F 80 -22.98 7.28 16.57
CA GLN F 80 -22.34 7.77 15.36
C GLN F 80 -22.55 9.27 15.26
N GLY F 81 -22.22 9.87 14.12
CA GLY F 81 -22.11 11.33 14.05
C GLY F 81 -23.39 12.10 14.28
N CYS F 82 -24.47 11.46 14.73
CA CYS F 82 -25.75 12.14 14.85
C CYS F 82 -26.00 12.76 16.23
N ALA F 83 -25.02 12.75 17.14
CA ALA F 83 -25.21 13.31 18.47
C ALA F 83 -23.90 13.89 18.99
N GLN F 84 -24.03 14.73 20.03
CA GLN F 84 -22.90 15.38 20.69
C GLN F 84 -22.63 14.66 22.00
N ILE F 85 -21.35 14.46 22.31
CA ILE F 85 -20.94 13.54 23.38
C ILE F 85 -20.09 14.28 24.41
N ASP F 86 -20.36 14.02 25.68
CA ASP F 86 -19.57 14.51 26.80
C ASP F 86 -19.10 13.32 27.62
N ALA F 87 -17.80 13.03 27.58
CA ALA F 87 -17.27 11.77 28.09
C ALA F 87 -16.29 12.01 29.22
N GLN F 88 -16.26 11.06 30.15
CA GLN F 88 -15.28 11.01 31.23
C GLN F 88 -14.78 9.58 31.38
N VAL F 89 -13.48 9.42 31.56
CA VAL F 89 -12.86 8.10 31.74
C VAL F 89 -11.98 8.15 32.97
N GLU F 90 -12.15 7.19 33.86
CA GLU F 90 -11.40 7.10 35.11
C GLU F 90 -10.57 5.82 35.11
N LYS F 91 -9.35 5.90 35.63
CA LYS F 91 -8.44 4.78 35.67
C LYS F 91 -8.26 4.29 37.11
N PHE F 92 -7.64 3.12 37.24
CA PHE F 92 -7.41 2.56 38.57
C PHE F 92 -6.38 3.34 39.36
N ASP F 93 -5.47 4.04 38.68
CA ASP F 93 -4.46 4.84 39.36
C ASP F 93 -4.98 6.19 39.84
N GLY F 94 -6.14 6.63 39.37
CA GLY F 94 -6.76 7.86 39.82
C GLY F 94 -6.84 8.95 38.80
N THR F 95 -6.41 8.70 37.56
CA THR F 95 -6.45 9.73 36.53
C THR F 95 -7.84 9.81 35.90
N VAL F 96 -8.30 11.03 35.67
CA VAL F 96 -9.62 11.29 35.10
C VAL F 96 -9.44 12.20 33.89
N MET F 97 -10.00 11.77 32.75
CA MET F 97 -9.94 12.54 31.51
C MET F 97 -11.35 13.03 31.20
N THR F 98 -11.53 14.35 31.11
CA THR F 98 -12.83 14.94 30.89
C THR F 98 -12.85 15.64 29.54
N LEU F 99 -13.73 15.17 28.65
CA LEU F 99 -13.95 15.78 27.35
C LEU F 99 -15.41 16.22 27.27
N THR F 100 -15.64 17.44 26.82
CA THR F 100 -16.98 17.99 26.68
C THR F 100 -17.15 18.62 25.31
N GLU F 101 -18.37 18.52 24.78
CA GLU F 101 -18.68 19.02 23.44
C GLU F 101 -17.84 18.33 22.37
N GLY F 102 -17.87 17.00 22.37
CA GLY F 102 -17.16 16.26 21.36
C GLY F 102 -17.94 16.16 20.07
N ALA F 103 -17.27 15.67 19.03
CA ALA F 103 -17.86 15.49 17.71
C ALA F 103 -17.27 14.24 17.09
N VAL F 104 -18.12 13.23 16.85
CA VAL F 104 -17.66 11.97 16.29
C VAL F 104 -17.36 12.17 14.81
N THR F 105 -16.16 11.77 14.39
CA THR F 105 -15.69 11.99 13.03
C THR F 105 -15.56 10.66 12.29
N GLU F 106 -15.98 10.65 11.03
CA GLU F 106 -15.89 9.50 10.14
C GLU F 106 -16.31 8.22 10.85
N PRO F 107 -17.60 8.08 11.18
CA PRO F 107 -18.07 6.87 11.89
C PRO F 107 -17.86 5.64 11.04
N GLU F 108 -17.56 4.52 11.71
CA GLU F 108 -17.38 3.24 11.04
C GLU F 108 -18.61 2.36 11.28
N GLU F 109 -18.73 1.32 10.45
CA GLU F 109 -19.87 0.43 10.55
C GLU F 109 -19.78 -0.43 11.81
N SER F 110 -20.93 -0.61 12.45
CA SER F 110 -21.04 -1.37 13.70
C SER F 110 -22.00 -2.53 13.52
N ASP F 111 -21.76 -3.60 14.28
CA ASP F 111 -22.62 -4.78 14.25
C ASP F 111 -23.79 -4.66 15.21
N GLY F 112 -23.90 -3.55 15.95
CA GLY F 112 -25.00 -3.34 16.86
C GLY F 112 -24.66 -3.52 18.32
N ARG F 113 -23.51 -4.10 18.65
CA ARG F 113 -23.12 -4.28 20.05
C ARG F 113 -21.89 -3.47 20.39
N ALA F 114 -20.79 -3.68 19.65
CA ALA F 114 -19.54 -3.00 19.91
C ALA F 114 -19.44 -1.75 19.03
N VAL F 115 -19.04 -0.64 19.64
CA VAL F 115 -18.93 0.63 18.93
C VAL F 115 -17.58 1.24 19.27
N THR F 116 -16.93 1.82 18.26
CA THR F 116 -15.66 2.51 18.44
C THR F 116 -15.82 3.93 17.91
N MET F 117 -15.79 4.91 18.80
CA MET F 117 -16.00 6.30 18.46
C MET F 117 -14.66 7.03 18.42
N THR F 118 -14.50 7.91 17.43
CA THR F 118 -13.35 8.80 17.36
C THR F 118 -13.87 10.22 17.59
N ILE F 119 -13.54 10.78 18.76
CA ILE F 119 -14.09 12.06 19.21
C ILE F 119 -12.97 13.09 19.14
N ILE F 120 -13.34 14.33 18.83
CA ILE F 120 -12.41 15.46 18.81
C ILE F 120 -13.03 16.61 19.59
N ALA F 121 -12.20 17.33 20.32
CA ALA F 121 -12.64 18.45 21.12
C ALA F 121 -11.60 19.56 21.08
N ALA F 122 -11.97 20.74 21.55
CA ALA F 122 -11.03 21.85 21.59
C ALA F 122 -9.95 21.60 22.64
N GLU F 123 -10.32 21.09 23.80
CA GLU F 123 -9.37 20.76 24.87
C GLU F 123 -9.87 19.55 25.63
N ILE F 124 -8.94 18.81 26.22
CA ILE F 124 -9.25 17.68 27.10
C ILE F 124 -8.55 17.92 28.43
N ASP F 125 -9.29 17.82 29.52
CA ASP F 125 -8.76 18.04 30.85
C ASP F 125 -8.21 16.75 31.43
N GLU F 126 -7.08 16.84 32.11
CA GLU F 126 -6.45 15.71 32.77
C GLU F 126 -6.26 16.05 34.24
N LEU F 127 -6.73 15.16 35.12
CA LEU F 127 -6.66 15.33 36.56
C LEU F 127 -5.81 14.21 37.11
N LEU F 128 -4.57 14.52 37.47
CA LEU F 128 -3.61 13.52 37.91
C LEU F 128 -3.87 13.14 39.37
N PRO F 129 -3.34 12.02 39.82
CA PRO F 129 -3.44 11.67 41.24
C PRO F 129 -2.79 12.73 42.10
N PRO F 130 -3.07 12.75 43.39
CA PRO F 130 -2.51 13.81 44.25
C PRO F 130 -0.99 13.81 44.26
N GLY F 131 -0.41 15.00 44.29
CA GLY F 131 1.03 15.15 44.40
C GLY F 131 1.72 15.44 43.08
N SER F 132 1.05 16.18 42.19
CA SER F 132 1.61 16.46 40.88
C SER F 132 2.71 17.52 40.98
N LEU F 133 3.50 17.62 39.93
CA LEU F 133 4.60 18.58 39.84
C LEU F 133 4.28 19.77 38.95
N ALA F 134 3.46 19.58 37.93
CA ALA F 134 3.12 20.67 37.02
C ALA F 134 1.99 21.51 37.58
N ALA F 135 2.07 22.81 37.36
CA ALA F 135 1.05 23.74 37.86
C ALA F 135 -0.27 23.52 37.13
N MET G 1 -70.05 -3.35 0.92
CA MET G 1 -69.06 -2.96 -0.13
C MET G 1 -68.33 -1.68 0.27
N ALA G 2 -69.05 -0.57 0.30
CA ALA G 2 -68.48 0.71 0.72
C ALA G 2 -67.32 1.04 -0.23
N GLN G 3 -66.19 1.45 0.32
CA GLN G 3 -65.07 1.88 -0.51
C GLN G 3 -64.15 0.70 -0.81
N ASP G 4 -63.41 0.81 -1.92
CA ASP G 4 -62.67 -0.34 -2.44
C ASP G 4 -61.63 -0.85 -1.45
N ALA G 5 -60.81 0.05 -0.91
CA ALA G 5 -59.70 -0.38 -0.06
C ALA G 5 -60.18 -1.02 1.23
N LEU G 6 -61.43 -0.82 1.60
CA LEU G 6 -61.97 -1.35 2.85
C LEU G 6 -63.07 -2.38 2.64
N SER G 7 -63.41 -2.72 1.40
CA SER G 7 -64.59 -3.54 1.14
C SER G 7 -64.39 -5.01 1.50
N ASP G 8 -63.21 -5.56 1.26
CA ASP G 8 -62.98 -6.99 1.44
C ASP G 8 -62.99 -7.42 2.90
N GLY G 9 -62.87 -6.48 3.84
CA GLY G 9 -62.99 -6.79 5.25
C GLY G 9 -61.75 -7.35 5.91
N PHE G 10 -60.59 -7.31 5.24
CA PHE G 10 -59.36 -7.74 5.88
C PHE G 10 -58.90 -6.73 6.92
N VAL G 11 -59.01 -5.44 6.60
CA VAL G 11 -58.68 -4.36 7.52
C VAL G 11 -59.98 -3.75 7.99
N ARG G 12 -60.22 -3.80 9.30
CA ARG G 12 -61.41 -3.23 9.91
C ARG G 12 -61.00 -1.97 10.67
N LEU G 13 -61.40 -0.82 10.15
CA LEU G 13 -60.88 0.48 10.59
C LEU G 13 -61.84 1.13 11.58
N CYS G 14 -61.28 1.79 12.59
CA CYS G 14 -62.03 2.58 13.54
C CYS G 14 -61.31 3.91 13.75
N ILE G 15 -62.04 5.01 13.66
CA ILE G 15 -61.48 6.35 13.82
C ILE G 15 -62.20 7.02 14.97
N ASP G 16 -61.46 7.32 16.03
CA ASP G 16 -62.03 7.98 17.21
C ASP G 16 -60.94 8.78 17.93
N PRO G 17 -61.01 10.11 17.91
CA PRO G 17 -59.94 10.90 18.55
C PRO G 17 -59.98 10.91 20.07
N SER G 18 -60.92 10.21 20.70
CA SER G 18 -61.03 10.21 22.15
C SER G 18 -60.46 8.96 22.81
N LEU G 19 -59.81 8.08 22.06
CA LEU G 19 -59.28 6.85 22.62
C LEU G 19 -57.99 7.13 23.39
N ASN G 20 -57.64 6.20 24.28
CA ASN G 20 -56.44 6.29 25.09
C ASN G 20 -55.74 4.94 25.11
N PHE G 21 -54.44 4.94 24.79
CA PHE G 21 -53.66 3.71 24.77
C PHE G 21 -53.07 3.37 26.12
N PHE G 22 -53.11 4.28 27.08
CA PHE G 22 -52.47 4.05 28.38
C PHE G 22 -53.23 3.01 29.18
N GLY G 23 -52.50 2.24 29.96
CA GLY G 23 -53.10 1.33 30.91
C GLY G 23 -53.53 2.05 32.18
N GLU G 24 -54.11 1.29 33.10
CA GLU G 24 -54.58 1.86 34.36
C GLU G 24 -53.39 2.09 35.28
N GLY G 25 -53.19 3.35 35.68
CA GLY G 25 -52.11 3.69 36.58
C GLY G 25 -52.40 3.31 38.01
N CYS G 26 -51.95 4.16 38.93
CA CYS G 26 -52.23 3.94 40.33
C CYS G 26 -53.63 4.42 40.68
N LYS G 27 -53.94 4.43 41.97
CA LYS G 27 -55.21 4.90 42.47
C LYS G 27 -54.99 5.96 43.54
N ILE G 28 -55.68 7.09 43.39
CA ILE G 28 -55.62 8.20 44.34
C ILE G 28 -57.03 8.49 44.82
N LEU G 29 -57.19 8.66 46.13
CA LEU G 29 -58.48 8.90 46.76
C LEU G 29 -58.55 10.34 47.25
N VAL G 30 -59.66 11.02 46.93
CA VAL G 30 -59.88 12.41 47.32
C VAL G 30 -61.11 12.45 48.21
N GLU G 31 -61.00 13.12 49.35
CA GLU G 31 -62.03 13.15 50.38
C GLU G 31 -62.35 14.59 50.75
N GLY G 32 -63.63 14.94 50.73
CA GLY G 32 -64.02 16.31 51.01
C GLY G 32 -65.54 16.43 51.07
N GLN G 33 -65.97 17.66 51.36
CA GLN G 33 -67.39 17.93 51.55
C GLN G 33 -68.13 17.97 50.21
N ILE G 34 -69.44 17.76 50.27
CA ILE G 34 -70.32 17.97 49.12
C ILE G 34 -71.44 18.89 49.54
N THR G 35 -72.37 19.17 48.62
CA THR G 35 -73.50 20.04 48.89
C THR G 35 -74.80 19.28 48.65
N ASP G 36 -75.90 19.86 49.12
CA ASP G 36 -77.20 19.20 49.04
C ASP G 36 -77.67 18.98 47.60
N ASP G 37 -77.11 19.69 46.63
CA ASP G 37 -77.52 19.55 45.24
C ASP G 37 -76.76 18.47 44.49
N ALA G 38 -75.86 17.74 45.16
CA ALA G 38 -75.11 16.69 44.51
C ALA G 38 -75.98 15.44 44.33
N THR G 39 -75.59 14.61 43.36
CA THR G 39 -76.30 13.38 43.07
C THR G 39 -75.51 12.13 43.43
N ALA G 40 -74.40 12.26 44.16
CA ALA G 40 -73.61 11.11 44.54
C ALA G 40 -73.99 10.63 45.94
N ALA G 41 -73.82 9.33 46.16
CA ALA G 41 -74.17 8.72 47.44
C ALA G 41 -73.10 9.03 48.47
N GLU G 42 -73.54 9.45 49.66
CA GLU G 42 -72.62 9.78 50.73
C GLU G 42 -71.91 8.53 51.25
N ASN G 43 -70.67 8.74 51.73
CA ASN G 43 -69.89 7.65 52.33
C ASN G 43 -69.79 6.45 51.41
N VAL G 44 -69.49 6.70 50.14
CA VAL G 44 -69.30 5.64 49.15
C VAL G 44 -68.18 6.06 48.22
N VAL G 45 -67.14 5.22 48.14
CA VAL G 45 -66.03 5.49 47.23
C VAL G 45 -66.50 5.23 45.80
N THR G 46 -66.32 6.23 44.93
CA THR G 46 -66.81 6.18 43.57
C THR G 46 -65.69 6.54 42.59
N CYS G 47 -65.74 5.94 41.41
CA CYS G 47 -64.76 6.23 40.38
C CYS G 47 -65.10 7.53 39.67
N VAL G 48 -64.06 8.29 39.30
CA VAL G 48 -64.21 9.54 38.58
C VAL G 48 -63.51 9.38 37.23
N ASN G 49 -64.19 9.76 36.16
CA ASN G 49 -63.71 9.47 34.81
C ASN G 49 -63.12 10.69 34.11
N SER G 50 -63.64 11.89 34.37
CA SER G 50 -63.16 13.07 33.66
C SER G 50 -63.48 14.32 34.49
N GLU G 51 -63.03 15.46 33.96
CA GLU G 51 -63.21 16.75 34.64
C GLU G 51 -64.61 17.33 34.45
N LEU G 52 -65.44 16.72 33.63
CA LEU G 52 -66.67 17.36 33.17
C LEU G 52 -67.90 16.93 33.93
N ASP G 53 -67.85 15.81 34.66
CA ASP G 53 -69.02 15.32 35.38
C ASP G 53 -69.21 15.97 36.74
N LEU G 54 -68.25 16.76 37.22
CA LEU G 54 -68.38 17.38 38.52
C LEU G 54 -69.54 18.37 38.52
N VAL G 55 -69.87 18.87 39.71
CA VAL G 55 -71.01 19.75 39.96
C VAL G 55 -72.29 18.92 39.93
N GLU G 56 -72.58 18.27 38.80
CA GLU G 56 -73.75 17.41 38.74
C GLU G 56 -73.64 16.25 39.74
N ARG G 57 -72.44 15.68 39.86
CA ARG G 57 -72.26 14.55 40.76
C ARG G 57 -71.88 14.99 42.18
N PHE G 58 -71.07 16.05 42.30
CA PHE G 58 -70.49 16.42 43.59
C PHE G 58 -70.87 17.82 44.03
N GLY G 59 -71.84 18.46 43.40
CA GLY G 59 -72.36 19.72 43.90
C GLY G 59 -71.61 20.92 43.37
N GLN G 60 -72.32 22.05 43.30
CA GLN G 60 -71.76 23.28 42.77
C GLN G 60 -70.81 23.91 43.78
N GLY G 61 -69.60 24.23 43.34
CA GLY G 61 -68.66 24.97 44.17
C GLY G 61 -68.34 24.32 45.48
N SER G 62 -68.44 23.00 45.57
CA SER G 62 -68.11 22.30 46.79
C SER G 62 -66.60 22.11 46.91
N VAL G 63 -66.16 21.84 48.14
CA VAL G 63 -64.72 21.60 48.37
C VAL G 63 -64.24 20.42 47.55
N LEU G 64 -65.03 19.34 47.51
CA LEU G 64 -64.61 18.14 46.81
C LEU G 64 -64.41 18.42 45.31
N THR G 65 -65.34 19.15 44.69
CA THR G 65 -65.19 19.46 43.28
C THR G 65 -63.93 20.28 43.02
N GLU G 66 -63.67 21.27 43.87
CA GLU G 66 -62.52 22.12 43.66
C GLU G 66 -61.22 21.32 43.81
N SER G 67 -61.17 20.43 44.81
CA SER G 67 -60.00 19.58 44.95
C SER G 67 -59.83 18.67 43.75
N LEU G 68 -60.93 18.09 43.25
CA LEU G 68 -60.84 17.17 42.12
C LEU G 68 -60.43 17.88 40.85
N ARG G 69 -60.79 19.16 40.70
CA ARG G 69 -60.47 19.86 39.47
C ARG G 69 -58.96 19.98 39.25
N LYS G 70 -58.20 20.18 40.34
CA LYS G 70 -56.76 20.31 40.21
C LYS G 70 -56.08 18.97 39.93
N VAL G 71 -56.64 17.88 40.46
CA VAL G 71 -56.01 16.57 40.30
C VAL G 71 -55.89 16.22 38.82
N PHE G 72 -56.97 16.43 38.07
CA PHE G 72 -56.94 16.14 36.64
C PHE G 72 -56.03 17.11 35.88
N CYS G 73 -55.91 18.36 36.34
CA CYS G 73 -55.04 19.30 35.65
C CYS G 73 -53.58 18.92 35.80
N MET G 74 -53.16 18.57 37.02
CA MET G 74 -51.78 18.14 37.22
C MET G 74 -51.48 16.80 36.55
N CYS G 75 -52.42 15.86 36.59
CA CYS G 75 -52.20 14.50 36.11
C CYS G 75 -52.89 14.34 34.76
N LYS G 76 -52.11 14.51 33.68
CA LYS G 76 -52.67 14.34 32.35
C LYS G 76 -52.83 12.87 31.98
N SER G 77 -52.10 11.98 32.64
CA SER G 77 -52.20 10.56 32.35
C SER G 77 -51.53 9.78 33.46
N GLY G 78 -51.79 8.47 33.48
CA GLY G 78 -51.13 7.58 34.42
C GLY G 78 -51.65 7.62 35.84
N VAL G 79 -52.96 7.79 36.03
CA VAL G 79 -53.55 7.83 37.36
C VAL G 79 -55.03 7.50 37.26
N SER G 80 -55.56 6.91 38.33
CA SER G 80 -56.98 6.64 38.49
C SER G 80 -57.48 7.39 39.72
N VAL G 81 -58.55 8.16 39.54
CA VAL G 81 -59.05 9.08 40.55
C VAL G 81 -60.30 8.50 41.18
N TYR G 82 -60.33 8.49 42.51
CA TYR G 82 -61.49 8.07 43.28
C TYR G 82 -61.86 9.16 44.26
N ALA G 83 -63.15 9.23 44.61
CA ALA G 83 -63.67 10.29 45.47
C ALA G 83 -64.47 9.68 46.61
N LEU G 84 -64.37 10.32 47.78
CA LEU G 84 -65.11 9.89 48.97
C LEU G 84 -65.88 11.07 49.54
N PRO G 85 -67.07 11.36 49.04
CA PRO G 85 -67.79 12.56 49.49
C PRO G 85 -68.26 12.44 50.93
N ARG G 86 -68.27 13.57 51.63
CA ARG G 86 -68.78 13.67 52.99
C ARG G 86 -69.74 14.85 53.08
N ALA G 87 -70.65 14.80 54.07
CA ALA G 87 -71.63 15.84 54.28
C ALA G 87 -71.38 16.55 55.59
N ASP G 88 -71.45 17.88 55.57
CA ASP G 88 -71.20 18.68 56.76
C ASP G 88 -72.30 18.45 57.79
N ALA G 89 -71.93 18.60 59.06
CA ALA G 89 -72.89 18.40 60.14
C ALA G 89 -74.01 19.42 60.08
N ALA G 90 -75.19 19.02 60.56
CA ALA G 90 -76.35 19.88 60.49
C ALA G 90 -76.22 21.13 61.37
N ALA G 91 -75.35 21.08 62.38
CA ALA G 91 -75.19 22.23 63.28
C ALA G 91 -74.10 23.20 62.81
N ALA G 92 -73.43 22.91 61.70
CA ALA G 92 -72.34 23.76 61.24
C ALA G 92 -72.87 25.11 60.77
N VAL G 93 -72.14 26.17 61.09
CA VAL G 93 -72.50 27.52 60.67
C VAL G 93 -71.50 27.99 59.62
N SER G 94 -72.00 28.60 58.55
CA SER G 94 -71.12 29.08 57.48
C SER G 94 -70.48 30.41 57.89
N ALA G 95 -69.18 30.55 57.61
CA ALA G 95 -68.48 31.78 57.92
C ALA G 95 -68.89 32.89 56.95
N VAL G 96 -68.84 34.12 57.43
CA VAL G 96 -69.30 35.28 56.69
C VAL G 96 -68.19 36.33 56.64
N TYR G 97 -68.02 36.93 55.48
CA TYR G 97 -67.04 37.99 55.27
C TYR G 97 -67.73 39.19 54.64
N THR G 98 -67.23 40.38 54.95
CA THR G 98 -67.81 41.64 54.49
C THR G 98 -66.82 42.36 53.58
N LEU G 99 -67.30 42.75 52.40
CA LEU G 99 -66.52 43.52 51.44
C LEU G 99 -67.26 44.84 51.19
N THR G 100 -66.58 45.95 51.47
CA THR G 100 -67.18 47.28 51.38
C THR G 100 -66.40 48.14 50.42
N VAL G 101 -67.10 48.79 49.49
CA VAL G 101 -66.51 49.77 48.60
C VAL G 101 -66.76 51.16 49.16
N THR G 102 -65.88 52.10 48.86
CA THR G 102 -65.99 53.45 49.39
C THR G 102 -65.46 54.45 48.37
N GLY G 103 -65.84 55.72 48.58
CA GLY G 103 -65.41 56.79 47.71
C GLY G 103 -66.31 56.97 46.50
N THR G 104 -65.79 57.59 45.46
CA THR G 104 -66.53 57.82 44.22
C THR G 104 -65.54 57.97 43.08
N ALA G 105 -65.57 57.03 42.15
CA ALA G 105 -64.59 57.04 41.05
C ALA G 105 -64.70 58.33 40.26
N LEU G 106 -63.55 58.96 40.01
CA LEU G 106 -63.49 60.20 39.26
C LEU G 106 -62.51 60.14 38.10
N THR G 107 -61.84 59.01 37.90
CA THR G 107 -61.03 58.76 36.71
C THR G 107 -61.32 57.36 36.20
N ASP G 108 -61.29 57.20 34.89
CA ASP G 108 -61.51 55.89 34.28
C ASP G 108 -60.29 55.00 34.50
N GLY G 109 -60.53 53.70 34.51
CA GLY G 109 -59.45 52.75 34.72
C GLY G 109 -60.00 51.36 34.92
N ARG G 110 -59.11 50.47 35.38
CA ARG G 110 -59.44 49.07 35.63
C ARG G 110 -59.04 48.69 37.04
N VAL G 111 -59.84 47.84 37.66
CA VAL G 111 -59.53 47.23 38.95
C VAL G 111 -59.64 45.73 38.79
N GLN G 112 -58.60 45.01 39.23
CA GLN G 112 -58.55 43.56 39.16
C GLN G 112 -58.28 43.00 40.54
N LEU G 113 -59.17 42.12 41.01
CA LEU G 113 -59.15 41.62 42.38
C LEU G 113 -58.69 40.17 42.39
N TYR G 114 -57.88 39.82 43.38
CA TYR G 114 -57.47 38.45 43.59
C TYR G 114 -58.31 37.82 44.69
N MET G 115 -58.87 36.64 44.40
CA MET G 115 -59.78 35.99 45.34
C MET G 115 -59.46 34.49 45.34
N GLY G 116 -58.79 34.03 46.41
CA GLY G 116 -58.60 32.61 46.61
C GLY G 116 -57.56 31.98 45.71
N GLU G 117 -57.78 32.06 44.40
CA GLU G 117 -56.88 31.40 43.45
C GLU G 117 -56.99 32.12 42.11
N ALA G 118 -55.98 31.91 41.27
CA ALA G 118 -55.91 32.64 40.00
C ALA G 118 -57.11 32.40 39.11
N GLU G 119 -57.73 31.22 39.18
CA GLU G 119 -58.89 30.94 38.35
C GLU G 119 -60.10 31.78 38.74
N TYR G 120 -60.16 32.23 40.00
CA TYR G 120 -61.31 32.95 40.52
C TYR G 120 -61.08 34.43 40.67
N SER G 121 -59.88 34.92 40.39
CA SER G 121 -59.63 36.35 40.33
C SER G 121 -60.29 36.92 39.09
N LEU G 122 -60.81 38.15 39.20
CA LEU G 122 -61.56 38.78 38.14
C LEU G 122 -61.01 40.17 37.87
N ASP G 123 -61.09 40.59 36.62
CA ASP G 123 -60.72 41.93 36.20
C ASP G 123 -61.98 42.67 35.79
N ILE G 124 -62.21 43.83 36.40
CA ILE G 124 -63.43 44.60 36.20
C ILE G 124 -63.05 46.07 36.09
N GLY G 125 -63.69 46.77 35.15
CA GLY G 125 -63.29 48.13 34.84
C GLY G 125 -64.43 49.14 34.89
N VAL G 126 -64.06 50.41 34.92
CA VAL G 126 -65.00 51.52 34.90
C VAL G 126 -64.58 52.48 33.80
N ASP G 127 -65.55 53.21 33.24
CA ASP G 127 -65.25 54.13 32.14
C ASP G 127 -65.97 55.46 32.27
N GLU G 128 -66.45 55.81 33.47
CA GLU G 128 -67.15 57.06 33.68
C GLU G 128 -66.67 57.69 34.98
N GLY G 129 -66.82 59.01 35.05
CA GLY G 129 -66.45 59.74 36.24
C GLY G 129 -67.62 59.93 37.21
N ASP G 130 -67.27 60.20 38.46
CA ASP G 130 -68.27 60.43 39.51
C ASP G 130 -69.27 59.28 39.59
N THR G 131 -68.78 58.06 39.42
CA THR G 131 -69.65 56.89 39.53
C THR G 131 -69.79 56.50 41.00
N PRO G 132 -71.01 56.44 41.54
CA PRO G 132 -71.17 56.10 42.96
C PRO G 132 -70.68 54.68 43.24
N THR G 133 -70.71 54.32 44.51
CA THR G 133 -70.36 52.96 44.90
C THR G 133 -71.33 51.93 44.33
N GLN G 134 -72.51 52.36 43.89
CA GLN G 134 -73.49 51.47 43.26
C GLN G 134 -73.11 51.11 41.83
N ILE G 135 -72.56 52.04 41.06
CA ILE G 135 -71.95 51.69 39.79
C ILE G 135 -70.76 50.77 40.02
N ALA G 136 -69.93 51.08 41.00
CA ALA G 136 -69.03 50.09 41.57
C ALA G 136 -69.87 49.00 42.24
N ALA G 137 -69.21 47.98 42.78
CA ALA G 137 -69.88 46.80 43.31
C ALA G 137 -70.66 46.07 42.22
N LYS G 138 -70.34 46.35 40.95
CA LYS G 138 -70.81 45.55 39.83
C LYS G 138 -70.06 44.23 39.70
N ILE G 139 -69.28 43.87 40.72
CA ILE G 139 -68.43 42.69 40.70
C ILE G 139 -69.26 41.43 40.52
N VAL G 140 -70.39 41.35 41.23
CA VAL G 140 -71.20 40.14 41.22
C VAL G 140 -71.59 39.70 39.82
N ALA G 141 -71.65 40.62 38.87
CA ALA G 141 -71.86 40.22 37.48
C ALA G 141 -70.66 39.46 36.92
N ALA G 142 -69.52 39.50 37.61
CA ALA G 142 -68.29 38.88 37.13
C ALA G 142 -67.86 37.68 37.95
N ILE G 143 -68.30 37.54 39.20
CA ILE G 143 -67.91 36.41 40.03
C ILE G 143 -68.29 35.12 39.32
N SER G 144 -67.43 34.12 39.42
CA SER G 144 -67.63 32.86 38.72
C SER G 144 -68.66 31.99 39.43
N PRO G 145 -69.35 31.13 38.69
CA PRO G 145 -70.28 30.20 39.36
C PRO G 145 -69.55 29.20 40.26
N ASP G 146 -68.32 28.84 39.92
CA ASP G 146 -67.58 27.83 40.66
C ASP G 146 -66.96 28.36 41.94
N PHE G 147 -67.03 29.67 42.19
CA PHE G 147 -66.44 30.21 43.40
C PHE G 147 -67.14 29.61 44.61
N PRO G 148 -66.40 29.09 45.61
CA PRO G 148 -67.05 28.39 46.72
C PRO G 148 -67.84 29.28 47.67
N TYR G 149 -68.05 30.55 47.32
CA TYR G 149 -68.74 31.48 48.21
C TYR G 149 -69.90 32.14 47.47
N GLU G 150 -70.92 32.53 48.23
CA GLU G 150 -72.09 33.21 47.72
C GLU G 150 -72.05 34.67 48.14
N ALA G 151 -72.31 35.57 47.19
CA ALA G 151 -72.28 37.00 47.44
C ALA G 151 -73.69 37.57 47.50
N THR G 152 -73.99 38.31 48.57
CA THR G 152 -75.32 38.86 48.77
C THR G 152 -75.64 39.99 47.79
N ALA G 153 -74.64 40.76 47.36
CA ALA G 153 -74.85 41.83 46.39
C ALA G 153 -75.82 42.88 46.92
N ALA G 154 -75.59 43.33 48.15
CA ALA G 154 -76.43 44.36 48.74
C ALA G 154 -76.04 45.73 48.19
N ALA G 155 -76.62 46.78 48.77
CA ALA G 155 -76.41 48.14 48.29
C ALA G 155 -75.08 48.69 48.77
N GLY G 156 -74.09 48.76 47.87
CA GLY G 156 -72.80 49.30 48.18
C GLY G 156 -71.82 48.33 48.80
N VAL G 157 -72.30 47.34 49.55
CA VAL G 157 -71.45 46.34 50.21
C VAL G 157 -71.95 44.96 49.83
N ILE G 158 -71.01 44.06 49.54
CA ILE G 158 -71.32 42.66 49.24
C ILE G 158 -70.67 41.79 50.31
N THR G 159 -71.48 40.91 50.90
CA THR G 159 -71.02 40.00 51.95
C THR G 159 -70.91 38.60 51.37
N LEU G 160 -69.81 37.91 51.71
CA LEU G 160 -69.51 36.60 51.16
C LEU G 160 -69.68 35.55 52.25
N THR G 161 -70.44 34.50 51.95
CA THR G 161 -70.70 33.42 52.89
C THR G 161 -70.35 32.09 52.25
N ALA G 162 -69.73 31.21 53.03
CA ALA G 162 -69.23 29.95 52.52
C ALA G 162 -70.37 29.04 52.08
N ARG G 163 -70.13 28.28 51.01
CA ARG G 163 -71.09 27.30 50.55
C ARG G 163 -71.06 26.02 51.38
N ASN G 164 -70.05 25.85 52.23
CA ASN G 164 -69.92 24.68 53.09
C ASN G 164 -69.67 25.13 54.52
N GLY G 165 -70.32 24.47 55.45
CA GLY G 165 -70.21 24.82 56.85
C GLY G 165 -68.88 24.39 57.44
N GLY G 166 -68.69 24.75 58.70
CA GLY G 166 -67.48 24.41 59.41
C GLY G 166 -66.36 25.40 59.17
N THR G 167 -65.18 25.03 59.68
CA THR G 167 -64.02 25.91 59.62
C THR G 167 -63.35 25.91 58.24
N ILE G 168 -63.78 25.06 57.31
CA ILE G 168 -63.12 24.97 56.03
C ILE G 168 -63.27 26.27 55.25
N GLY G 169 -64.42 26.95 55.37
CA GLY G 169 -64.62 28.21 54.71
C GLY G 169 -64.03 29.40 55.42
N ASN G 170 -63.25 29.17 56.48
CA ASN G 170 -62.71 30.23 57.32
C ASN G 170 -61.34 30.72 56.84
N HIS G 171 -61.05 30.61 55.55
CA HIS G 171 -59.73 30.91 55.03
C HIS G 171 -59.70 31.82 53.81
N LEU G 172 -60.83 32.38 53.38
CA LEU G 172 -60.84 33.20 52.18
C LEU G 172 -59.95 34.41 52.34
N SER G 173 -59.27 34.79 51.25
CA SER G 173 -58.39 35.96 51.22
C SER G 173 -58.68 36.76 49.97
N VAL G 174 -58.91 38.06 50.15
CA VAL G 174 -59.20 38.98 49.04
C VAL G 174 -58.12 40.06 49.05
N ILE G 175 -57.49 40.28 47.90
CA ILE G 175 -56.40 41.22 47.76
C ILE G 175 -56.74 42.22 46.67
N TYR G 176 -56.65 43.51 47.00
CA TYR G 176 -56.84 44.60 46.03
C TYR G 176 -55.46 44.89 45.45
N THR G 177 -55.13 44.16 44.37
CA THR G 177 -53.74 44.09 43.93
C THR G 177 -53.19 45.45 43.54
N ASN G 178 -53.94 46.24 42.79
CA ASN G 178 -53.43 47.44 42.16
C ASN G 178 -53.47 48.67 43.05
N LEU G 179 -53.51 48.49 44.37
CA LEU G 179 -53.39 49.64 45.27
C LEU G 179 -52.05 50.33 45.06
N GLY G 180 -50.98 49.56 44.94
CA GLY G 180 -49.69 50.13 44.63
C GLY G 180 -49.57 50.48 43.16
N SER G 181 -48.50 51.21 42.84
CA SER G 181 -48.28 51.64 41.47
C SER G 181 -48.15 50.44 40.54
N CYS G 182 -48.72 50.55 39.35
CA CYS G 182 -48.68 49.48 38.37
C CYS G 182 -48.84 50.07 36.98
N THR G 183 -48.49 49.29 35.96
CA THR G 183 -48.62 49.74 34.58
C THR G 183 -50.08 49.83 34.15
N SER G 184 -51.01 49.28 34.93
CA SER G 184 -52.43 49.41 34.64
C SER G 184 -53.03 50.47 35.55
N VAL G 185 -53.72 51.44 34.97
CA VAL G 185 -54.18 52.60 35.72
C VAL G 185 -55.49 52.27 36.41
N THR G 186 -55.49 52.35 37.74
CA THR G 186 -56.72 52.13 38.49
C THR G 186 -57.54 53.42 38.52
N PRO G 187 -58.87 53.32 38.57
CA PRO G 187 -59.68 54.53 38.77
C PRO G 187 -59.38 55.15 40.13
N GLU G 188 -59.36 56.47 40.17
CA GLU G 188 -59.00 57.18 41.39
C GLU G 188 -60.20 57.30 42.31
N GLY G 189 -59.92 57.42 43.61
CA GLY G 189 -60.97 57.57 44.61
C GLY G 189 -61.72 56.31 44.94
N VAL G 190 -61.13 55.13 44.67
CA VAL G 190 -61.77 53.85 44.91
C VAL G 190 -60.97 53.11 45.97
N THR G 191 -61.67 52.62 47.00
CA THR G 191 -61.05 51.85 48.07
C THR G 191 -62.00 50.73 48.47
N VAL G 192 -61.47 49.50 48.56
CA VAL G 192 -62.25 48.32 48.91
C VAL G 192 -61.64 47.70 50.15
N ALA G 193 -62.47 47.45 51.16
CA ALA G 193 -62.03 46.88 52.42
C ALA G 193 -62.63 45.49 52.59
N PHE G 194 -61.92 44.63 53.31
CA PHE G 194 -62.29 43.24 53.50
C PHE G 194 -62.09 42.86 54.96
N ALA G 195 -63.08 42.18 55.55
CA ALA G 195 -63.01 41.82 56.96
C ALA G 195 -63.94 40.64 57.21
N GLN G 196 -63.72 39.99 58.36
CA GLN G 196 -64.51 38.84 58.77
C GLN G 196 -65.54 39.26 59.80
N THR G 197 -66.66 38.53 59.85
CA THR G 197 -67.74 38.81 60.77
C THR G 197 -68.18 37.62 61.61
N THR G 198 -68.10 36.40 61.07
CA THR G 198 -68.50 35.21 61.83
C THR G 198 -67.70 33.99 61.38
N PRO G 199 -67.10 33.24 62.30
CA PRO G 199 -66.35 32.05 61.90
C PRO G 199 -67.24 30.81 61.85
N GLY G 200 -66.62 29.68 61.49
CA GLY G 200 -67.29 28.39 61.51
C GLY G 200 -67.15 27.70 62.86
N SER G 201 -68.04 26.73 63.10
CA SER G 201 -68.12 26.08 64.40
C SER G 201 -67.83 24.59 64.35
N VAL G 202 -68.53 23.83 63.52
CA VAL G 202 -68.59 22.37 63.63
C VAL G 202 -68.08 21.75 62.33
N ASN G 203 -67.30 20.67 62.47
CA ASN G 203 -66.81 19.89 61.35
C ASN G 203 -67.14 18.42 61.54
N PRO G 204 -67.36 17.67 60.46
CA PRO G 204 -67.63 16.24 60.60
C PRO G 204 -66.37 15.48 61.02
N GLU G 205 -66.57 14.40 61.76
CA GLU G 205 -65.48 13.54 62.24
C GLU G 205 -65.84 12.07 62.00
N PRO G 206 -65.90 11.65 60.74
CA PRO G 206 -66.22 10.24 60.46
C PRO G 206 -65.14 9.31 60.94
N ASN G 207 -65.55 8.10 61.31
CA ASN G 207 -64.63 7.05 61.76
C ASN G 207 -65.07 5.71 61.18
N ASP G 208 -65.42 5.71 59.89
CA ASP G 208 -65.95 4.53 59.22
C ASP G 208 -65.08 4.13 58.03
N TYR G 209 -63.77 4.27 58.12
CA TYR G 209 -62.89 3.87 57.02
C TYR G 209 -62.90 2.36 56.83
N ALA G 210 -62.98 1.60 57.93
CA ALA G 210 -62.85 0.16 57.85
C ALA G 210 -63.95 -0.49 57.01
N SER G 211 -65.06 0.21 56.77
CA SER G 211 -66.17 -0.34 56.00
C SER G 211 -66.21 0.16 54.57
N VAL G 212 -65.93 1.45 54.36
CA VAL G 212 -66.07 2.03 53.03
C VAL G 212 -64.81 1.87 52.19
N VAL G 213 -63.65 1.68 52.82
CA VAL G 213 -62.39 1.42 52.13
C VAL G 213 -61.87 0.02 52.49
N ASN G 214 -62.78 -0.91 52.73
CA ASN G 214 -62.42 -2.22 53.27
C ASN G 214 -61.57 -2.99 52.27
N GLU G 215 -60.28 -3.11 52.55
CA GLU G 215 -59.38 -4.01 51.82
C GLU G 215 -59.41 -3.74 50.33
N CYS G 216 -59.24 -2.47 49.95
CA CYS G 216 -58.95 -2.08 48.59
C CYS G 216 -57.84 -1.05 48.60
N CYS G 217 -56.84 -1.26 47.76
CA CYS G 217 -55.55 -0.58 47.89
C CYS G 217 -55.55 0.75 47.15
N PHE G 218 -55.02 1.79 47.82
CA PHE G 218 -54.76 3.08 47.22
C PHE G 218 -53.31 3.46 47.48
N ALA G 219 -52.74 4.26 46.57
CA ALA G 219 -51.37 4.71 46.75
C ALA G 219 -51.29 5.99 47.56
N VAL G 220 -52.15 6.95 47.26
CA VAL G 220 -52.12 8.27 47.91
C VAL G 220 -53.51 8.61 48.42
N TYR G 221 -53.56 9.18 49.62
CA TYR G 221 -54.79 9.71 50.20
C TYR G 221 -54.65 11.22 50.36
N VAL G 222 -55.66 11.96 49.91
CA VAL G 222 -55.71 13.41 50.02
C VAL G 222 -56.94 13.77 50.86
N LEU G 223 -56.73 14.57 51.90
CA LEU G 223 -57.80 14.98 52.80
C LEU G 223 -57.95 16.50 52.74
N SER G 224 -59.10 16.96 52.27
CA SER G 224 -59.37 18.39 52.10
C SER G 224 -60.09 18.95 53.33
N SER G 225 -59.39 18.91 54.46
CA SER G 225 -59.94 19.44 55.70
C SER G 225 -58.80 19.75 56.66
N ASP G 226 -59.00 20.77 57.50
CA ASP G 226 -57.99 21.22 58.44
C ASP G 226 -58.26 20.75 59.87
N ASP G 227 -59.24 19.89 60.07
CA ASP G 227 -59.58 19.42 61.42
C ASP G 227 -58.51 18.43 61.88
N THR G 228 -57.98 18.66 63.09
CA THR G 228 -56.91 17.81 63.60
C THR G 228 -57.39 16.41 63.96
N ASP G 229 -58.67 16.27 64.33
CA ASP G 229 -59.18 14.95 64.71
C ASP G 229 -59.39 14.05 63.50
N TRP G 230 -59.91 14.60 62.40
CA TRP G 230 -60.12 13.84 61.18
C TRP G 230 -58.79 13.34 60.61
N GLN G 231 -57.74 14.16 60.71
CA GLN G 231 -56.42 13.75 60.24
C GLN G 231 -55.91 12.56 61.03
N GLU G 232 -56.14 12.55 62.35
CA GLU G 232 -55.71 11.40 63.14
C GLU G 232 -56.52 10.16 62.80
N ASN G 233 -57.80 10.30 62.48
CA ASN G 233 -58.57 9.16 62.02
C ASN G 233 -58.00 8.58 60.74
N LEU G 234 -57.60 9.44 59.79
CA LEU G 234 -56.97 8.94 58.58
C LEU G 234 -55.60 8.32 58.87
N ARG G 235 -54.85 8.92 59.80
CA ARG G 235 -53.55 8.38 60.17
C ARG G 235 -53.69 6.96 60.72
N ASP G 236 -54.72 6.73 61.54
CA ASP G 236 -54.93 5.38 62.07
C ASP G 236 -55.24 4.38 60.96
N TRP G 237 -56.03 4.77 59.96
CA TRP G 237 -56.28 3.89 58.84
C TRP G 237 -54.99 3.56 58.09
N ILE G 238 -54.15 4.56 57.85
CA ILE G 238 -52.88 4.28 57.17
C ILE G 238 -52.02 3.35 58.02
N ARG G 239 -51.97 3.59 59.33
CA ARG G 239 -51.28 2.68 60.24
C ARG G 239 -51.77 1.25 60.05
N SER G 240 -53.09 1.08 60.01
CA SER G 240 -53.65 -0.26 59.84
C SER G 240 -53.23 -0.87 58.52
N ALA G 241 -53.20 -0.07 57.46
CA ALA G 241 -52.81 -0.58 56.15
C ALA G 241 -51.36 -1.05 56.11
N TRP G 242 -50.53 -0.63 57.07
CA TRP G 242 -49.14 -1.04 57.14
C TRP G 242 -48.88 -2.07 58.24
N ASP G 243 -49.91 -2.53 58.93
CA ASP G 243 -49.71 -3.32 60.15
C ASP G 243 -49.35 -4.76 59.81
N CYS G 244 -48.70 -5.42 60.77
CA CYS G 244 -48.23 -6.78 60.55
C CYS G 244 -49.28 -7.83 60.88
N SER G 245 -50.43 -7.44 61.40
CA SER G 245 -51.44 -8.41 61.79
C SER G 245 -51.97 -9.19 60.60
N LYS G 246 -52.11 -8.54 59.45
CA LYS G 246 -52.74 -9.13 58.29
C LYS G 246 -52.06 -8.58 57.04
N PRO G 247 -52.36 -9.14 55.86
CA PRO G 247 -51.69 -8.67 54.65
C PRO G 247 -51.80 -7.16 54.45
N GLN G 248 -50.71 -6.55 53.99
CA GLN G 248 -50.63 -5.11 53.94
C GLN G 248 -51.17 -4.57 52.62
N CYS G 249 -51.58 -3.29 52.66
CA CYS G 249 -51.96 -2.54 51.47
C CYS G 249 -51.10 -1.31 51.27
N PHE G 250 -50.37 -0.86 52.30
CA PHE G 250 -49.50 0.30 52.21
C PHE G 250 -50.28 1.55 51.83
N GLY G 251 -49.58 2.60 51.42
CA GLY G 251 -50.21 3.86 51.06
C GLY G 251 -49.67 5.02 51.88
N HIS G 252 -49.89 6.23 51.35
CA HIS G 252 -49.38 7.45 51.96
C HIS G 252 -50.48 8.51 51.93
N GLY G 253 -50.42 9.44 52.88
CA GLY G 253 -51.45 10.45 53.05
C GLY G 253 -50.87 11.85 53.09
N TYR G 254 -51.61 12.80 52.54
CA TYR G 254 -51.19 14.20 52.45
C TYR G 254 -52.21 15.09 53.14
N VAL G 255 -51.73 15.95 54.05
CA VAL G 255 -52.56 16.89 54.78
C VAL G 255 -51.80 18.20 54.96
N PHE G 256 -52.52 19.23 55.37
CA PHE G 256 -51.94 20.55 55.58
C PHE G 256 -52.28 21.07 56.97
N ASN G 257 -51.48 22.03 57.44
CA ASN G 257 -51.66 22.62 58.77
C ASN G 257 -51.31 24.11 58.65
N LYS G 258 -52.30 24.97 58.91
CA LYS G 258 -52.14 26.40 58.77
C LYS G 258 -52.18 27.07 60.15
N GLY G 259 -51.36 28.09 60.33
CA GLY G 259 -51.30 28.80 61.58
C GLY G 259 -49.96 29.48 61.76
N THR G 260 -49.72 29.93 62.99
CA THR G 260 -48.44 30.52 63.33
C THR G 260 -47.42 29.44 63.70
N LEU G 261 -46.18 29.86 63.89
CA LEU G 261 -45.11 28.90 64.14
C LEU G 261 -45.40 28.05 65.37
N GLY G 262 -45.83 28.70 66.46
CA GLY G 262 -46.13 27.95 67.67
C GLY G 262 -47.28 26.98 67.51
N GLN G 263 -48.31 27.35 66.74
CA GLN G 263 -49.46 26.46 66.56
C GLN G 263 -49.13 25.30 65.64
N VAL G 264 -48.42 25.57 64.54
CA VAL G 264 -48.14 24.52 63.57
C VAL G 264 -47.23 23.46 64.18
N LEU G 265 -46.25 23.87 64.99
CA LEU G 265 -45.35 22.90 65.60
C LEU G 265 -46.08 21.96 66.55
N ALA G 266 -47.30 22.32 66.97
CA ALA G 266 -48.04 21.49 67.90
C ALA G 266 -48.81 20.36 67.22
N ASP G 267 -48.81 20.31 65.89
CA ASP G 267 -49.51 19.26 65.17
C ASP G 267 -48.61 18.10 64.78
N GLY G 268 -47.35 18.10 65.20
CA GLY G 268 -46.40 17.07 64.81
C GLY G 268 -46.48 15.82 65.65
N ASP G 269 -47.46 14.95 65.38
CA ASP G 269 -47.64 13.73 66.16
C ASP G 269 -46.85 12.57 65.54
N ASN G 270 -45.59 12.84 65.24
CA ASN G 270 -44.60 11.82 64.86
C ASN G 270 -45.19 10.73 63.98
N SER G 271 -46.00 11.12 62.99
CA SER G 271 -46.68 10.17 62.14
C SER G 271 -45.90 9.99 60.85
N ALA G 272 -45.27 8.82 60.68
CA ALA G 272 -44.59 8.51 59.43
C ALA G 272 -45.57 8.29 58.28
N GLU G 273 -46.87 8.21 58.56
CA GLU G 273 -47.87 7.93 57.54
C GLU G 273 -48.36 9.17 56.82
N LEU G 274 -47.96 10.36 57.24
CA LEU G 274 -48.51 11.61 56.72
C LEU G 274 -47.41 12.56 56.29
N SER G 275 -47.71 13.35 55.28
CA SER G 275 -46.87 14.48 54.88
C SER G 275 -47.63 15.77 55.14
N ARG G 276 -47.16 16.55 56.10
CA ARG G 276 -47.88 17.71 56.61
C ARG G 276 -47.36 18.97 55.94
N LEU G 277 -48.19 19.58 55.09
CA LEU G 277 -47.84 20.82 54.41
C LEU G 277 -48.09 21.99 55.36
N ALA G 278 -47.02 22.58 55.88
CA ALA G 278 -47.13 23.72 56.77
C ALA G 278 -47.36 25.00 55.99
N LEU G 279 -48.29 25.83 56.47
CA LEU G 279 -48.64 27.08 55.81
C LEU G 279 -48.76 28.18 56.86
N PRO G 280 -48.55 29.44 56.48
CA PRO G 280 -48.68 30.53 57.45
C PRO G 280 -50.08 31.11 57.50
N THR G 281 -50.31 31.94 58.51
CA THR G 281 -51.62 32.58 58.67
C THR G 281 -51.93 33.48 57.48
N THR G 282 -50.94 34.22 56.99
CA THR G 282 -51.14 35.15 55.90
C THR G 282 -51.13 34.49 54.52
N TYR G 283 -51.27 33.17 54.47
CA TYR G 283 -51.20 32.47 53.18
C TYR G 283 -52.33 32.97 52.28
N PRO G 284 -52.05 33.35 51.03
CA PRO G 284 -53.07 33.94 50.17
C PRO G 284 -53.84 32.99 49.27
N VAL G 285 -53.76 31.67 49.47
CA VAL G 285 -54.41 30.70 48.60
C VAL G 285 -55.24 29.76 49.45
N LEU G 286 -56.29 29.20 48.85
CA LEU G 286 -57.15 28.22 49.52
C LEU G 286 -56.33 26.98 49.82
N PRO G 287 -56.13 26.62 51.10
CA PRO G 287 -55.14 25.57 51.41
C PRO G 287 -55.42 24.25 50.72
N TYR G 288 -56.68 23.83 50.62
CA TYR G 288 -56.96 22.51 50.07
C TYR G 288 -56.56 22.41 48.61
N LEU G 289 -56.59 23.51 47.86
CA LEU G 289 -56.12 23.47 46.48
C LEU G 289 -54.63 23.14 46.42
N THR G 290 -53.82 23.79 47.25
CA THR G 290 -52.39 23.49 47.28
C THR G 290 -52.14 22.06 47.73
N ASN G 291 -52.86 21.61 48.77
CA ASN G 291 -52.67 20.24 49.24
C ASN G 291 -53.02 19.24 48.14
N ALA G 292 -54.13 19.46 47.43
CA ALA G 292 -54.54 18.55 46.37
C ALA G 292 -53.53 18.56 45.23
N ALA G 293 -53.01 19.74 44.86
CA ALA G 293 -52.02 19.80 43.80
C ALA G 293 -50.76 19.03 44.18
N TYR G 294 -50.27 19.22 45.41
CA TYR G 294 -49.09 18.51 45.85
C TYR G 294 -49.32 17.00 45.83
N GLY G 295 -50.46 16.57 46.38
CA GLY G 295 -50.77 15.15 46.41
C GLY G 295 -50.88 14.56 45.03
N ALA G 296 -51.55 15.26 44.11
CA ALA G 296 -51.71 14.74 42.75
C ALA G 296 -50.37 14.66 42.03
N LEU G 297 -49.51 15.65 42.23
CA LEU G 297 -48.18 15.59 41.63
C LEU G 297 -47.39 14.41 42.16
N SER G 298 -47.42 14.20 43.48
CA SER G 298 -46.63 13.13 44.07
C SER G 298 -47.24 11.75 43.87
N ALA G 299 -48.52 11.67 43.52
CA ALA G 299 -49.22 10.39 43.49
C ALA G 299 -49.00 9.64 42.18
N CYS G 300 -47.75 9.26 41.91
CA CYS G 300 -47.44 8.34 40.81
C CYS G 300 -47.67 8.96 39.45
N SER G 301 -48.22 10.18 39.39
CA SER G 301 -48.17 10.92 38.14
C SER G 301 -46.72 11.22 37.79
N THR G 302 -45.85 11.24 38.80
CA THR G 302 -44.40 11.28 38.61
C THR G 302 -43.72 10.03 39.16
N CYS G 303 -44.33 9.36 40.13
CA CYS G 303 -43.68 8.25 40.81
C CYS G 303 -44.12 6.88 40.31
N GLU G 304 -43.82 6.57 39.05
CA GLU G 304 -43.63 5.18 38.66
C GLU G 304 -42.21 4.72 38.95
N ASN G 305 -41.33 5.65 39.32
CA ASN G 305 -40.01 5.38 39.85
C ASN G 305 -40.04 5.65 41.35
N PRO G 306 -40.08 4.64 42.21
CA PRO G 306 -40.33 4.90 43.64
C PRO G 306 -39.23 5.66 44.34
N GLU G 307 -38.12 5.97 43.67
CA GLU G 307 -36.98 6.63 44.29
C GLU G 307 -36.90 8.11 43.98
N LEU G 308 -37.73 8.63 43.07
CA LEU G 308 -37.66 10.04 42.73
C LEU G 308 -38.18 10.88 43.88
N ASN G 309 -37.53 12.02 44.11
CA ASN G 309 -37.94 12.97 45.13
C ASN G 309 -38.61 14.17 44.47
N VAL G 310 -39.68 14.66 45.10
CA VAL G 310 -40.46 15.77 44.56
C VAL G 310 -39.93 17.03 45.23
N GLN G 311 -38.90 17.62 44.63
CA GLN G 311 -38.24 18.78 45.21
C GLN G 311 -37.69 19.65 44.08
N GLY G 312 -37.35 20.88 44.44
CA GLY G 312 -36.71 21.80 43.51
C GLY G 312 -37.71 22.49 42.60
N GLN G 313 -37.15 23.25 41.65
CA GLN G 313 -37.97 24.01 40.71
C GLN G 313 -38.32 23.23 39.45
N THR G 314 -37.77 22.03 39.28
CA THR G 314 -38.07 21.22 38.10
C THR G 314 -39.08 20.12 38.41
N TYR G 315 -38.76 19.26 39.38
CA TYR G 315 -39.60 18.13 39.73
C TYR G 315 -40.58 18.42 40.86
N GLY G 316 -40.60 19.65 41.36
CA GLY G 316 -41.47 19.99 42.47
C GLY G 316 -42.26 21.25 42.25
N LEU G 317 -42.49 21.60 40.99
CA LEU G 317 -43.22 22.80 40.65
C LEU G 317 -44.71 22.50 40.53
N LEU G 318 -45.54 23.26 41.25
CA LEU G 318 -46.99 23.14 41.18
C LEU G 318 -47.54 24.10 40.13
N SER G 319 -47.27 23.77 38.87
CA SER G 319 -47.57 24.69 37.77
C SER G 319 -49.05 25.01 37.65
N CYS G 320 -49.92 24.21 38.26
CA CYS G 320 -51.36 24.44 38.17
C CYS G 320 -51.85 25.53 39.12
N ILE G 321 -51.01 26.00 40.03
CA ILE G 321 -51.41 26.97 41.04
C ILE G 321 -50.67 28.28 40.78
N ASN G 322 -51.41 29.39 40.88
CA ASN G 322 -50.86 30.72 40.66
C ASN G 322 -51.30 31.63 41.80
N MET G 323 -50.45 32.59 42.15
CA MET G 323 -50.71 33.50 43.26
C MET G 323 -49.90 34.76 43.05
N PRO G 324 -50.34 35.88 43.61
CA PRO G 324 -49.64 37.16 43.34
C PRO G 324 -48.26 37.19 43.95
N GLU G 325 -47.37 37.95 43.31
CA GLU G 325 -46.03 38.15 43.83
C GLU G 325 -46.05 39.12 45.01
N SER G 326 -45.08 38.98 45.90
CA SER G 326 -45.02 39.81 47.09
C SER G 326 -43.60 39.84 47.63
N CYS G 327 -43.21 40.97 48.20
CA CYS G 327 -41.91 41.08 48.83
C CYS G 327 -41.77 40.15 50.02
N THR G 328 -42.82 40.04 50.84
CA THR G 328 -42.79 39.19 52.02
C THR G 328 -43.06 37.75 51.61
N PRO G 329 -42.21 36.79 51.97
CA PRO G 329 -42.40 35.41 51.46
C PRO G 329 -43.47 34.63 52.21
N GLY G 330 -43.67 34.95 53.50
CA GLY G 330 -44.60 34.26 54.36
C GLY G 330 -43.94 33.59 55.54
N TRP G 331 -42.80 32.95 55.34
CA TRP G 331 -41.99 32.40 56.41
C TRP G 331 -40.62 33.04 56.39
N GLU G 332 -40.16 33.48 57.56
CA GLU G 332 -38.77 33.90 57.69
C GLU G 332 -37.86 32.69 57.67
N PHE G 333 -36.60 32.91 57.30
CA PHE G 333 -35.70 31.78 57.09
C PHE G 333 -35.50 30.98 58.37
N THR G 334 -35.37 31.66 59.52
CA THR G 334 -35.23 30.94 60.77
C THR G 334 -36.48 30.14 61.11
N GLU G 335 -37.62 30.47 60.52
CA GLU G 335 -38.82 29.65 60.69
C GLU G 335 -38.84 28.48 59.72
N VAL G 336 -38.36 28.70 58.50
CA VAL G 336 -38.27 27.62 57.52
C VAL G 336 -37.34 26.54 58.04
N THR G 337 -36.21 26.92 58.62
CA THR G 337 -35.28 25.93 59.15
C THR G 337 -35.94 25.09 60.23
N GLN G 338 -36.66 25.71 61.15
CA GLN G 338 -37.33 24.95 62.21
C GLN G 338 -38.41 24.04 61.65
N LEU G 339 -39.21 24.53 60.71
CA LEU G 339 -40.26 23.71 60.13
C LEU G 339 -39.66 22.49 59.42
N GLN G 340 -38.56 22.69 58.69
CA GLN G 340 -37.92 21.57 58.01
C GLN G 340 -37.31 20.60 59.01
N ASN G 341 -36.73 21.12 60.09
CA ASN G 341 -36.08 20.25 61.07
C ASN G 341 -37.07 19.54 61.98
N ASN G 342 -38.35 19.94 61.97
CA ASN G 342 -39.37 19.30 62.78
C ASN G 342 -40.33 18.45 61.96
N GLY G 343 -40.04 18.21 60.68
CA GLY G 343 -40.82 17.28 59.91
C GLY G 343 -42.02 17.86 59.20
N PHE G 344 -41.94 19.10 58.71
CA PHE G 344 -43.01 19.74 57.97
C PHE G 344 -42.52 20.10 56.58
N VAL G 345 -43.37 19.89 55.58
CA VAL G 345 -43.04 20.26 54.21
C VAL G 345 -43.29 21.74 54.02
N VAL G 346 -42.29 22.45 53.51
CA VAL G 346 -42.36 23.88 53.29
C VAL G 346 -42.29 24.15 51.80
N SER G 347 -43.08 25.12 51.32
CA SER G 347 -43.12 25.49 49.93
C SER G 347 -42.87 26.99 49.80
N GLY G 348 -42.31 27.39 48.66
CA GLY G 348 -42.01 28.77 48.41
C GLY G 348 -42.19 29.15 46.95
N PRO G 349 -42.29 30.46 46.69
CA PRO G 349 -42.54 30.90 45.31
C PRO G 349 -41.36 30.65 44.40
N ALA G 350 -41.66 30.51 43.12
CA ALA G 350 -40.62 30.31 42.11
C ALA G 350 -39.91 31.61 41.72
N THR G 351 -40.50 32.77 42.04
CA THR G 351 -39.86 34.05 41.78
C THR G 351 -40.48 35.09 42.70
N THR G 352 -39.75 36.19 42.88
CA THR G 352 -40.14 37.22 43.84
C THR G 352 -40.01 38.60 43.20
N SER G 353 -40.94 39.48 43.57
CA SER G 353 -40.92 40.87 43.15
C SER G 353 -42.09 41.58 43.83
N GLY G 354 -42.13 42.91 43.66
CA GLY G 354 -43.19 43.71 44.24
C GLY G 354 -44.30 44.08 43.28
N GLN G 355 -44.16 43.76 41.98
CA GLN G 355 -45.17 44.15 41.01
C GLN G 355 -46.50 43.46 41.28
N GLY G 356 -46.48 42.19 41.66
CA GLY G 356 -47.70 41.49 42.00
C GLY G 356 -48.27 40.61 40.91
N ASN G 357 -47.44 40.14 39.98
CA ASN G 357 -47.90 39.21 38.96
C ASN G 357 -48.11 37.82 39.57
N PHE G 358 -48.44 36.85 38.73
CA PHE G 358 -48.74 35.51 39.18
C PHE G 358 -47.51 34.60 39.08
N THR G 359 -47.35 33.76 40.09
CA THR G 359 -46.26 32.79 40.13
C THR G 359 -46.75 31.52 40.79
N SER G 360 -46.02 30.42 40.54
CA SER G 360 -46.34 29.13 41.12
C SER G 360 -45.36 28.79 42.23
N PRO G 361 -45.78 28.01 43.23
CA PRO G 361 -44.85 27.58 44.27
C PRO G 361 -44.17 26.28 43.90
N TYR G 362 -43.24 25.85 44.76
CA TYR G 362 -42.59 24.56 44.62
C TYR G 362 -42.20 24.04 45.98
N ILE G 363 -41.98 22.72 46.05
CA ILE G 363 -41.71 22.07 47.33
C ILE G 363 -40.23 22.12 47.63
N TYR G 364 -39.88 22.56 48.84
CA TYR G 364 -38.48 22.60 49.25
C TYR G 364 -37.96 21.22 49.60
N ASN G 365 -38.76 20.42 50.32
CA ASN G 365 -38.32 19.10 50.79
C ASN G 365 -39.52 18.17 50.82
N ASP G 366 -39.37 16.98 50.25
CA ASP G 366 -40.41 15.97 50.25
C ASP G 366 -40.24 15.04 51.45
N VAL G 367 -40.54 15.57 52.63
CA VAL G 367 -40.26 14.92 53.89
C VAL G 367 -41.56 14.43 54.52
N THR G 368 -41.46 13.34 55.27
CA THR G 368 -42.56 12.84 56.09
C THR G 368 -42.44 13.39 57.51
N ASN G 369 -43.49 13.21 58.30
CA ASN G 369 -43.53 13.75 59.66
C ASN G 369 -42.83 12.83 60.67
N TYR G 370 -41.96 11.93 60.20
CA TYR G 370 -41.36 10.94 61.08
C TYR G 370 -40.16 11.51 61.83
N LEU G 371 -40.19 11.39 63.15
CA LEU G 371 -39.06 11.66 64.02
C LEU G 371 -39.02 10.55 65.07
N ARG G 372 -37.87 10.39 65.70
CA ARG G 372 -37.74 9.37 66.75
C ARG G 372 -38.03 8.00 66.18
N ASP G 373 -38.28 7.02 67.05
CA ASP G 373 -38.37 5.62 66.64
C ASP G 373 -39.39 4.93 67.53
N GLU G 374 -39.80 3.72 67.12
CA GLU G 374 -40.75 2.96 67.92
C GLU G 374 -40.21 2.69 69.32
N LYS G 375 -38.90 2.75 69.52
CA LYS G 375 -38.30 2.71 70.85
C LYS G 375 -37.80 4.09 71.28
N ASN G 376 -38.34 5.16 70.70
CA ASN G 376 -37.99 6.53 71.09
C ASN G 376 -36.50 6.79 70.89
N ARG G 377 -36.05 6.70 69.65
CA ARG G 377 -34.67 7.00 69.29
C ARG G 377 -34.64 7.84 68.01
N PRO G 378 -33.97 8.99 68.01
CA PRO G 378 -33.99 9.84 66.81
C PRO G 378 -33.14 9.25 65.69
N ASN G 379 -33.74 9.11 64.51
CA ASN G 379 -33.02 8.66 63.33
C ASN G 379 -33.77 9.17 62.10
N ALA G 380 -33.22 8.87 60.92
CA ALA G 380 -33.74 9.38 59.66
C ALA G 380 -34.13 8.28 58.69
N THR G 381 -34.48 7.09 59.19
CA THR G 381 -34.79 5.96 58.30
C THR G 381 -35.98 6.29 57.39
N PHE G 382 -37.05 6.85 57.97
CA PHE G 382 -38.25 7.20 57.23
C PHE G 382 -38.42 8.70 57.05
N ARG G 383 -37.31 9.44 56.95
CA ARG G 383 -37.41 10.90 56.88
C ARG G 383 -37.94 11.36 55.52
N ASP G 384 -37.72 10.56 54.48
CA ASP G 384 -38.14 10.89 53.13
C ASP G 384 -39.28 9.98 52.70
N ALA G 385 -40.23 10.54 51.93
CA ALA G 385 -41.32 9.73 51.40
C ALA G 385 -40.81 8.63 50.49
N SER G 386 -39.75 8.92 49.72
CA SER G 386 -39.15 7.89 48.88
C SER G 386 -38.75 6.68 49.70
N SER G 387 -38.40 6.87 50.98
CA SER G 387 -38.09 5.72 51.82
C SER G 387 -39.31 4.82 52.01
N ARG G 388 -40.48 5.40 52.26
CA ARG G 388 -41.69 4.59 52.38
C ARG G 388 -42.00 3.89 51.06
N ARG G 389 -41.90 4.62 49.95
CA ARG G 389 -42.20 4.00 48.66
C ARG G 389 -41.25 2.84 48.37
N LEU G 390 -39.95 3.03 48.63
CA LEU G 390 -38.99 1.98 48.40
C LEU G 390 -39.19 0.80 49.34
N ALA G 391 -39.60 1.06 50.59
CA ALA G 391 -39.90 -0.04 51.49
C ALA G 391 -41.06 -0.88 50.98
N ALA G 392 -42.13 -0.23 50.52
CA ALA G 392 -43.26 -0.97 49.97
C ALA G 392 -42.85 -1.77 48.73
N ALA G 393 -42.08 -1.14 47.83
CA ALA G 393 -41.64 -1.84 46.64
C ALA G 393 -40.75 -3.03 46.97
N THR G 394 -39.85 -2.85 47.95
CA THR G 394 -38.97 -3.94 48.36
C THR G 394 -39.78 -5.09 48.95
N GLY G 395 -40.76 -4.78 49.80
CA GLY G 395 -41.59 -5.83 50.35
C GLY G 395 -42.30 -6.62 49.28
N VAL G 396 -42.91 -5.92 48.32
CA VAL G 396 -43.65 -6.61 47.26
C VAL G 396 -42.69 -7.45 46.41
N ALA G 397 -41.55 -6.89 46.04
CA ALA G 397 -40.62 -7.62 45.19
C ALA G 397 -40.06 -8.86 45.88
N LEU G 398 -39.72 -8.75 47.17
CA LEU G 398 -39.24 -9.91 47.90
C LEU G 398 -40.34 -10.96 48.05
N ALA G 399 -41.58 -10.51 48.28
CA ALA G 399 -42.69 -11.47 48.38
C ALA G 399 -42.92 -12.19 47.06
N THR G 400 -42.69 -11.52 45.93
CA THR G 400 -42.87 -12.18 44.65
C THR G 400 -41.78 -13.21 44.38
N PHE G 401 -40.54 -12.89 44.74
CA PHE G 401 -39.43 -13.81 44.49
C PHE G 401 -39.59 -15.10 45.29
N LEU G 402 -40.03 -15.00 46.54
CA LEU G 402 -40.09 -16.15 47.44
C LEU G 402 -41.19 -17.13 47.07
N GLN G 403 -41.97 -16.87 46.01
CA GLN G 403 -43.08 -17.73 45.67
C GLN G 403 -42.65 -19.07 45.08
N GLN G 404 -41.41 -19.17 44.59
CA GLN G 404 -40.97 -20.42 43.97
C GLN G 404 -40.84 -21.56 44.97
N PHE G 405 -40.74 -21.25 46.27
CA PHE G 405 -40.60 -22.27 47.29
C PHE G 405 -41.95 -22.75 47.83
N ASN G 406 -43.03 -22.53 47.10
CA ASN G 406 -44.37 -22.93 47.53
C ASN G 406 -44.69 -24.30 46.94
N GLY G 407 -44.74 -25.31 47.80
CA GLY G 407 -44.97 -26.68 47.37
C GLY G 407 -43.71 -27.45 47.03
N LEU G 408 -42.56 -26.80 46.99
CA LEU G 408 -41.31 -27.50 46.74
C LEU G 408 -40.94 -28.34 47.95
N ALA G 409 -40.52 -29.58 47.71
CA ALA G 409 -40.16 -30.48 48.80
C ALA G 409 -38.98 -29.92 49.58
N VAL G 410 -38.95 -30.21 50.88
CA VAL G 410 -37.97 -29.64 51.79
C VAL G 410 -37.35 -30.77 52.60
N PHE G 411 -36.04 -30.71 52.79
CA PHE G 411 -35.29 -31.72 53.52
C PHE G 411 -34.53 -31.04 54.64
N THR G 412 -34.76 -31.47 55.88
CA THR G 412 -34.18 -30.79 57.04
C THR G 412 -33.39 -31.71 57.98
N LYS G 413 -33.81 -32.96 58.21
CA LYS G 413 -33.08 -33.81 59.14
C LYS G 413 -31.85 -34.41 58.46
N ASN G 414 -32.05 -35.16 57.38
CA ASN G 414 -30.97 -35.60 56.52
C ASN G 414 -31.03 -34.79 55.23
N THR G 415 -30.01 -33.97 54.99
CA THR G 415 -30.05 -32.96 53.95
C THR G 415 -29.49 -33.45 52.62
N ASN G 416 -29.48 -34.76 52.38
CA ASN G 416 -29.11 -35.30 51.09
C ASN G 416 -30.37 -35.58 50.28
N ILE G 417 -30.38 -35.14 49.02
CA ILE G 417 -31.54 -35.24 48.14
C ILE G 417 -31.28 -36.34 47.14
N LYS G 418 -32.12 -37.38 47.16
CA LYS G 418 -31.99 -38.50 46.24
C LYS G 418 -31.90 -37.98 44.81
N THR G 419 -31.16 -38.70 43.97
CA THR G 419 -31.05 -38.33 42.56
C THR G 419 -32.41 -38.34 41.90
N GLY G 420 -32.69 -37.30 41.10
CA GLY G 420 -33.93 -37.17 40.39
C GLY G 420 -35.00 -36.40 41.12
N ILE G 421 -34.89 -36.23 42.44
CA ILE G 421 -35.92 -35.53 43.19
C ILE G 421 -35.84 -34.03 42.92
N ILE G 422 -37.00 -33.37 43.02
CA ILE G 422 -37.09 -31.93 42.88
C ILE G 422 -37.33 -31.35 44.28
N GLY G 423 -36.29 -30.79 44.87
CA GLY G 423 -36.41 -30.26 46.22
C GLY G 423 -35.26 -29.34 46.53
N THR G 424 -35.15 -28.99 47.81
CA THR G 424 -34.13 -28.05 48.28
C THR G 424 -34.02 -28.17 49.79
N ASN G 425 -33.06 -27.44 50.35
CA ASN G 425 -32.84 -27.40 51.78
C ASN G 425 -32.44 -26.00 52.21
N LEU G 426 -32.17 -25.83 53.50
CA LEU G 426 -31.99 -24.49 54.07
C LEU G 426 -30.83 -23.75 53.41
N ARG G 427 -29.67 -24.40 53.34
CA ARG G 427 -28.47 -23.71 52.87
C ARG G 427 -28.62 -23.26 51.42
N LEU G 428 -29.22 -24.10 50.57
CA LEU G 428 -29.40 -23.72 49.18
C LEU G 428 -30.38 -22.55 49.05
N MET G 429 -31.45 -22.57 49.85
CA MET G 429 -32.39 -21.44 49.84
C MET G 429 -31.70 -20.16 50.26
N LEU G 430 -30.86 -20.23 51.29
CA LEU G 430 -30.14 -19.04 51.73
C LEU G 430 -29.18 -18.54 50.66
N GLY G 431 -28.49 -19.47 49.99
CA GLY G 431 -27.57 -19.08 48.94
C GLY G 431 -28.27 -18.48 47.73
N LYS G 432 -29.54 -18.84 47.52
CA LYS G 432 -30.29 -18.23 46.44
C LYS G 432 -30.86 -16.87 46.84
N ILE G 433 -31.28 -16.73 48.09
CA ILE G 433 -31.76 -15.43 48.57
C ILE G 433 -30.64 -14.40 48.57
N ARG G 434 -29.43 -14.82 48.99
CA ARG G 434 -28.29 -13.91 48.94
C ARG G 434 -28.01 -13.46 47.52
N LYS G 435 -28.11 -14.36 46.55
CA LYS G 435 -27.91 -13.99 45.15
C LYS G 435 -28.95 -12.97 44.70
N TRP G 436 -30.21 -13.20 45.07
CA TRP G 436 -31.24 -12.21 44.73
C TRP G 436 -30.92 -10.85 45.33
N ALA G 437 -30.50 -10.83 46.59
CA ALA G 437 -30.18 -9.56 47.23
C ALA G 437 -29.03 -8.86 46.53
N SER G 438 -27.98 -9.62 46.18
CA SER G 438 -26.83 -9.01 45.53
C SER G 438 -27.19 -8.45 44.15
N ASP G 439 -28.02 -9.17 43.39
CA ASP G 439 -28.36 -8.71 42.05
C ASP G 439 -29.10 -7.38 42.05
N ASN G 440 -29.72 -7.01 43.16
CA ASN G 440 -30.57 -5.81 43.22
C ASN G 440 -29.83 -4.59 43.75
N VAL G 441 -28.52 -4.67 43.96
CA VAL G 441 -27.75 -3.51 44.39
C VAL G 441 -27.65 -2.55 43.21
N GLY G 442 -28.14 -1.34 43.38
CA GLY G 442 -28.23 -0.35 42.31
C GLY G 442 -29.64 -0.12 41.80
N VAL G 443 -30.61 -0.93 42.24
CA VAL G 443 -32.00 -0.75 41.84
C VAL G 443 -32.83 -0.47 43.08
N LEU G 444 -32.76 -1.35 44.07
CA LEU G 444 -33.51 -1.21 45.31
C LEU G 444 -32.63 -0.95 46.52
N PHE G 445 -31.33 -1.23 46.44
CA PHE G 445 -30.46 -1.20 47.60
C PHE G 445 -29.16 -0.46 47.30
N SER G 446 -28.59 0.11 48.35
CA SER G 446 -27.17 0.44 48.35
C SER G 446 -26.38 -0.80 48.77
N GLU G 447 -25.06 -0.72 48.64
CA GLU G 447 -24.24 -1.87 48.99
C GLU G 447 -24.51 -2.29 50.43
N PHE G 448 -24.17 -3.54 50.73
CA PHE G 448 -24.49 -4.14 52.01
C PHE G 448 -23.31 -4.02 52.96
N ASP G 449 -23.59 -3.59 54.19
CA ASP G 449 -22.53 -3.44 55.19
C ASP G 449 -21.82 -4.77 55.42
N ASN G 450 -22.58 -5.84 55.64
CA ASN G 450 -22.01 -7.17 55.80
C ASN G 450 -23.11 -8.17 55.46
N ILE G 451 -23.05 -8.72 54.25
CA ILE G 451 -24.13 -9.59 53.77
C ILE G 451 -24.18 -10.87 54.58
N ASN G 452 -23.12 -11.20 55.32
CA ASN G 452 -23.13 -12.41 56.13
C ASN G 452 -23.92 -12.24 57.42
N GLU G 453 -24.29 -11.01 57.76
CA GLU G 453 -25.10 -10.73 58.95
C GLU G 453 -26.42 -10.07 58.63
N ASP G 454 -26.54 -9.43 57.47
CA ASP G 454 -27.77 -8.74 57.11
C ASP G 454 -28.84 -9.67 56.57
N ILE G 455 -28.53 -10.95 56.34
CA ILE G 455 -29.49 -11.93 55.85
C ILE G 455 -29.32 -13.21 56.65
N GLN G 456 -30.43 -13.74 57.17
CA GLN G 456 -30.41 -14.96 57.95
C GLN G 456 -31.67 -15.77 57.69
N LEU G 457 -31.52 -17.08 57.69
CA LEU G 457 -32.64 -17.99 57.45
C LEU G 457 -32.59 -19.11 58.48
N VAL G 458 -33.74 -19.41 59.09
CA VAL G 458 -33.82 -20.42 60.13
C VAL G 458 -35.16 -21.13 60.01
N SER G 459 -35.17 -22.42 60.36
CA SER G 459 -36.37 -23.23 60.31
C SER G 459 -37.10 -23.17 61.65
N ASP G 460 -38.34 -23.65 61.65
CA ASP G 460 -39.16 -23.59 62.85
C ASP G 460 -38.72 -24.60 63.89
N PHE G 461 -38.19 -25.75 63.45
CA PHE G 461 -37.71 -26.75 64.40
C PHE G 461 -36.54 -26.22 65.23
N ASP G 462 -35.76 -25.28 64.70
CA ASP G 462 -34.62 -24.73 65.42
C ASP G 462 -35.05 -23.72 66.48
N VAL G 463 -36.17 -23.04 66.29
CA VAL G 463 -36.61 -21.98 67.20
C VAL G 463 -37.52 -22.54 68.29
N GLN G 464 -38.63 -23.17 67.91
CA GLN G 464 -39.62 -23.59 68.87
C GLN G 464 -39.07 -24.74 69.73
N PRO G 465 -39.59 -24.91 70.94
CA PRO G 465 -39.14 -26.03 71.79
C PRO G 465 -39.46 -27.36 71.13
N LYS G 466 -38.94 -28.42 71.75
CA LYS G 466 -39.04 -29.75 71.17
C LYS G 466 -40.49 -30.18 71.02
N CYS G 467 -40.79 -30.88 69.93
CA CYS G 467 -42.10 -31.47 69.69
C CYS G 467 -43.16 -30.41 69.48
N VAL G 468 -42.75 -29.16 69.24
CA VAL G 468 -43.70 -28.07 69.00
C VAL G 468 -43.52 -27.44 67.63
N GLY G 469 -42.34 -27.57 67.01
CA GLY G 469 -42.13 -26.96 65.71
C GLY G 469 -42.98 -27.60 64.63
N GLN G 470 -43.28 -26.82 63.60
CA GLN G 470 -44.11 -27.27 62.49
C GLN G 470 -43.26 -27.54 61.26
N PRO G 471 -43.64 -28.49 60.41
CA PRO G 471 -42.85 -28.79 59.22
C PRO G 471 -43.18 -27.84 58.08
N GLY G 472 -42.14 -27.34 57.41
CA GLY G 472 -42.32 -26.48 56.26
C GLY G 472 -42.42 -25.01 56.56
N VAL G 473 -42.03 -24.58 57.75
CA VAL G 473 -42.13 -23.19 58.17
C VAL G 473 -40.73 -22.64 58.38
N PHE G 474 -40.48 -21.41 57.92
CA PHE G 474 -39.17 -20.81 57.94
C PHE G 474 -39.25 -19.37 58.46
N HIS G 475 -38.14 -18.89 59.01
CA HIS G 475 -38.03 -17.52 59.52
C HIS G 475 -36.86 -16.84 58.83
N LEU G 476 -37.10 -15.70 58.20
CA LEU G 476 -36.09 -14.95 57.46
C LEU G 476 -36.00 -13.54 58.00
N ASN G 477 -34.77 -13.08 58.27
CA ASN G 477 -34.49 -11.72 58.69
C ASN G 477 -33.60 -11.07 57.65
N MET G 478 -33.98 -9.87 57.19
CA MET G 478 -33.22 -9.15 56.19
C MET G 478 -33.14 -7.68 56.56
N ARG G 479 -31.93 -7.11 56.45
CA ARG G 479 -31.68 -5.71 56.73
C ARG G 479 -31.09 -5.06 55.47
N TYR G 480 -31.57 -3.86 55.14
CA TYR G 480 -31.24 -3.24 53.87
C TYR G 480 -31.15 -1.73 54.04
N ARG G 481 -30.47 -1.09 53.07
CA ARG G 481 -30.39 0.36 52.98
C ARG G 481 -30.86 0.80 51.59
N PRO G 482 -31.47 1.97 51.45
CA PRO G 482 -31.83 2.45 50.12
C PRO G 482 -30.69 3.19 49.47
N PRO G 483 -30.77 3.47 48.17
CA PRO G 483 -29.67 4.19 47.50
C PRO G 483 -29.58 5.63 47.96
N VAL G 484 -28.38 6.20 47.80
CA VAL G 484 -28.07 7.56 48.23
C VAL G 484 -28.02 8.46 47.01
N ARG G 485 -28.36 9.73 47.20
CA ARG G 485 -28.34 10.73 46.13
C ARG G 485 -27.85 12.06 46.67
N GLY G 486 -27.30 12.89 45.79
CA GLY G 486 -26.76 14.18 46.19
C GLY G 486 -27.78 15.08 46.87
N ALA G 487 -27.38 15.73 47.97
CA ALA G 487 -28.31 16.52 48.77
C ALA G 487 -27.92 17.98 48.87
N ARG G 488 -26.64 18.26 49.11
CA ARG G 488 -26.21 19.65 49.33
C ARG G 488 -24.73 19.78 49.00
N ILE G 489 -24.34 21.00 48.62
CA ILE G 489 -22.94 21.35 48.38
C ILE G 489 -22.67 22.68 49.06
N ASN G 490 -21.64 22.71 49.90
CA ASN G 490 -21.25 23.90 50.64
C ASN G 490 -20.03 24.53 49.97
N VAL G 491 -20.20 25.74 49.42
CA VAL G 491 -19.20 26.37 48.58
C VAL G 491 -18.57 27.51 49.36
N ASN G 492 -17.24 27.50 49.46
CA ASN G 492 -16.46 28.63 49.93
C ASN G 492 -15.77 29.27 48.74
N LEU G 493 -16.04 30.55 48.49
CA LEU G 493 -15.53 31.26 47.33
C LEU G 493 -14.59 32.35 47.82
N VAL G 494 -13.32 32.28 47.41
CA VAL G 494 -12.28 33.16 47.94
C VAL G 494 -11.71 34.02 46.82
N PRO G 495 -12.20 35.23 46.61
CA PRO G 495 -11.61 36.11 45.60
C PRO G 495 -10.20 36.54 45.97
N ALA G 496 -9.43 36.89 44.95
CA ALA G 496 -8.07 37.37 45.12
C ALA G 496 -7.75 38.36 43.99
N LEU G 497 -6.48 38.75 43.90
CA LEU G 497 -6.03 39.69 42.88
C LEU G 497 -4.75 39.17 42.25
N PHE G 498 -4.50 39.61 41.01
CA PHE G 498 -3.30 39.20 40.29
C PHE G 498 -2.06 39.61 41.07
N ASP G 499 -1.08 38.71 41.15
CA ASP G 499 0.01 38.85 42.10
C ASP G 499 1.34 38.63 41.39
N ASN G 500 2.41 38.99 42.10
CA ASN G 500 3.78 38.76 41.64
C ASN G 500 4.02 39.34 40.26
N CYS H 3 -15.34 -35.44 59.91
CA CYS H 3 -16.50 -34.81 59.21
C CYS H 3 -16.17 -33.40 58.78
N ASN H 4 -15.28 -32.74 59.50
CA ASN H 4 -14.90 -31.37 59.17
C ASN H 4 -13.87 -31.29 58.07
N LYS H 5 -13.18 -32.39 57.74
CA LYS H 5 -12.12 -32.38 56.76
C LYS H 5 -12.42 -33.29 55.57
N GLN H 6 -13.69 -33.43 55.21
CA GLN H 6 -14.05 -34.20 54.02
C GLN H 6 -14.19 -33.29 52.82
N ASN H 7 -13.60 -33.72 51.70
CA ASN H 7 -13.61 -32.95 50.46
C ASN H 7 -14.45 -33.70 49.44
N GLY H 8 -15.54 -33.08 49.00
CA GLY H 8 -16.41 -33.71 48.02
C GLY H 8 -17.65 -32.88 47.80
N VAL H 9 -18.47 -33.36 46.87
CA VAL H 9 -19.72 -32.72 46.50
C VAL H 9 -20.86 -33.45 47.20
N LYS H 10 -21.81 -32.69 47.73
CA LYS H 10 -22.93 -33.25 48.48
C LYS H 10 -24.26 -33.11 47.76
N ASN H 11 -24.46 -32.00 47.03
CA ASN H 11 -25.70 -31.75 46.33
C ASN H 11 -25.44 -30.92 45.09
N ILE H 12 -26.13 -31.26 44.00
CA ILE H 12 -26.09 -30.48 42.76
C ILE H 12 -27.53 -30.29 42.30
N LEU H 13 -27.90 -29.05 41.98
CA LEU H 13 -29.22 -28.73 41.48
C LEU H 13 -29.09 -27.91 40.20
N ILE H 14 -29.87 -28.25 39.19
CA ILE H 14 -29.84 -27.56 37.91
C ILE H 14 -31.26 -27.23 37.48
N THR H 15 -31.43 -26.05 36.88
CA THR H 15 -32.72 -25.59 36.38
C THR H 15 -32.54 -25.14 34.94
N PHE H 16 -33.41 -25.64 34.05
CA PHE H 16 -33.27 -25.42 32.63
C PHE H 16 -34.39 -24.51 32.14
N THR H 17 -34.02 -23.52 31.34
CA THR H 17 -34.98 -22.62 30.69
C THR H 17 -34.68 -22.62 29.20
N HIS H 18 -35.62 -23.12 28.39
CA HIS H 18 -35.44 -23.18 26.95
C HIS H 18 -35.55 -21.78 26.36
N CYS H 19 -34.53 -21.37 25.60
CA CYS H 19 -34.50 -20.00 25.08
C CYS H 19 -35.53 -19.75 24.01
N ASP H 20 -35.77 -20.72 23.11
CA ASP H 20 -36.66 -20.50 21.97
C ASP H 20 -38.13 -20.63 22.33
N THR H 21 -38.47 -21.24 23.46
CA THR H 21 -39.87 -21.39 23.87
C THR H 21 -40.15 -21.04 25.31
N GLY H 22 -39.14 -20.87 26.16
CA GLY H 22 -39.35 -20.43 27.53
C GLY H 22 -39.76 -21.52 28.50
N GLU H 23 -39.78 -22.78 28.08
CA GLU H 23 -40.17 -23.86 28.98
C GLU H 23 -39.16 -23.99 30.11
N VAL H 24 -39.64 -24.38 31.29
CA VAL H 24 -38.83 -24.45 32.50
C VAL H 24 -39.00 -25.82 33.14
N ILE H 25 -37.91 -26.34 33.70
CA ILE H 25 -37.92 -27.59 34.44
C ILE H 25 -37.26 -27.34 35.80
N GLY H 26 -38.00 -27.63 36.87
CA GLY H 26 -37.58 -27.26 38.19
C GLY H 26 -36.25 -27.86 38.57
N PRO H 27 -35.76 -27.50 39.76
CA PRO H 27 -34.44 -27.97 40.20
C PRO H 27 -34.39 -29.48 40.40
N ILE H 28 -33.53 -30.15 39.64
CA ILE H 28 -33.40 -31.60 39.69
C ILE H 28 -32.07 -31.94 40.37
N SER H 29 -32.12 -32.90 41.30
CA SER H 29 -30.91 -33.34 41.98
C SER H 29 -30.09 -34.22 41.04
N HIS H 30 -28.81 -33.91 40.90
CA HIS H 30 -27.93 -34.59 39.96
C HIS H 30 -26.82 -35.35 40.69
N GLU H 31 -26.06 -36.12 39.93
CA GLU H 31 -24.93 -36.88 40.45
C GLU H 31 -23.78 -36.80 39.47
N GLN H 32 -22.63 -37.36 39.89
CA GLN H 32 -21.41 -37.25 39.09
C GLN H 32 -21.05 -38.59 38.44
N PRO H 33 -20.35 -38.56 37.30
CA PRO H 33 -19.98 -39.81 36.63
C PRO H 33 -18.74 -40.48 37.21
N ASP H 34 -17.84 -39.69 37.79
CA ASP H 34 -16.59 -40.23 38.31
C ASP H 34 -16.10 -39.29 39.42
N ASP H 35 -14.83 -39.46 39.82
CA ASP H 35 -14.29 -38.79 41.00
C ASP H 35 -13.92 -37.33 40.76
N THR H 36 -13.98 -36.84 39.53
CA THR H 36 -13.57 -35.47 39.23
C THR H 36 -14.60 -34.51 39.83
N LEU H 37 -14.12 -33.50 40.56
CA LEU H 37 -15.00 -32.53 41.18
C LEU H 37 -15.15 -31.30 40.30
N PRO H 38 -16.20 -30.49 40.52
CA PRO H 38 -16.33 -29.22 39.79
C PRO H 38 -15.23 -28.23 40.16
N THR H 39 -14.87 -27.35 39.23
CA THR H 39 -13.86 -26.33 39.45
C THR H 39 -14.47 -24.97 39.20
N TYR H 40 -13.97 -23.95 39.91
CA TYR H 40 -14.61 -22.65 39.93
C TYR H 40 -13.59 -21.55 39.65
N LYS H 41 -14.09 -20.41 39.19
CA LYS H 41 -13.32 -19.17 39.14
C LYS H 41 -14.29 -18.03 39.41
N THR H 42 -14.30 -17.53 40.65
CA THR H 42 -15.30 -16.58 41.09
C THR H 42 -14.86 -15.12 40.98
N CYS H 43 -13.69 -14.85 40.42
CA CYS H 43 -13.17 -13.50 40.27
C CYS H 43 -13.34 -13.07 38.82
N ALA H 44 -13.97 -11.92 38.61
CA ALA H 44 -14.41 -11.52 37.29
C ALA H 44 -13.39 -10.70 36.52
N TRP H 45 -12.23 -10.41 37.09
CA TRP H 45 -11.18 -9.67 36.40
C TRP H 45 -9.99 -10.58 36.11
N THR H 46 -9.13 -10.14 35.20
CA THR H 46 -7.93 -10.87 34.81
C THR H 46 -6.73 -9.94 34.83
N ASN H 47 -5.58 -10.47 35.28
CA ASN H 47 -4.33 -9.71 35.34
C ASN H 47 -3.34 -10.28 34.33
N THR H 48 -2.64 -9.39 33.64
CA THR H 48 -1.60 -9.75 32.68
C THR H 48 -0.29 -9.08 33.09
N ALA H 49 0.81 -9.81 32.99
CA ALA H 49 2.07 -9.34 33.57
C ALA H 49 2.80 -8.39 32.63
N LEU H 50 3.03 -7.18 33.11
CA LEU H 50 3.91 -6.21 32.45
C LEU H 50 5.31 -6.31 33.07
N THR H 51 6.20 -5.35 32.88
CA THR H 51 7.52 -5.38 33.50
C THR H 51 7.48 -4.63 34.83
N ASN H 52 8.37 -5.03 35.73
CA ASN H 52 8.59 -4.34 37.00
C ASN H 52 7.38 -4.44 37.93
N GLY H 53 6.67 -5.56 37.87
CA GLY H 53 5.60 -5.83 38.81
C GLY H 53 4.27 -5.19 38.47
N ALA H 54 4.18 -4.43 37.39
CA ALA H 54 2.91 -3.87 36.98
C ALA H 54 2.09 -4.91 36.23
N VAL H 55 0.77 -4.77 36.30
CA VAL H 55 -0.15 -5.68 35.63
C VAL H 55 -1.20 -4.86 34.88
N MET H 56 -1.81 -5.47 33.88
CA MET H 56 -2.95 -4.89 33.18
C MET H 56 -4.21 -5.60 33.62
N ARG H 57 -5.20 -4.85 34.06
CA ARG H 57 -6.43 -5.40 34.61
C ARG H 57 -7.56 -5.16 33.62
N SER H 58 -8.21 -6.24 33.19
CA SER H 58 -9.30 -6.18 32.23
C SER H 58 -10.40 -7.13 32.66
N ALA H 59 -11.61 -6.87 32.15
CA ALA H 59 -12.78 -7.63 32.58
C ALA H 59 -12.76 -9.03 32.00
N SER H 60 -13.46 -9.94 32.69
CA SER H 60 -13.54 -11.33 32.28
C SER H 60 -14.87 -11.94 32.71
N ASN H 61 -14.97 -13.27 32.71
CA ASN H 61 -16.19 -13.96 33.10
C ASN H 61 -15.93 -14.82 34.33
N ALA H 62 -16.96 -14.99 35.14
CA ALA H 62 -16.95 -16.03 36.17
C ALA H 62 -17.38 -17.35 35.55
N THR H 63 -16.61 -18.41 35.83
CA THR H 63 -16.76 -19.67 35.12
C THR H 63 -16.95 -20.81 36.10
N MET H 64 -17.55 -21.89 35.60
CA MET H 64 -17.74 -23.12 36.34
C MET H 64 -17.66 -24.29 35.36
N THR H 65 -16.97 -25.35 35.78
CA THR H 65 -16.94 -26.60 35.02
C THR H 65 -17.68 -27.67 35.83
N LEU H 66 -18.73 -28.25 35.23
CA LEU H 66 -19.67 -29.09 35.95
C LEU H 66 -19.87 -30.41 35.21
N PRO H 67 -19.15 -31.47 35.61
CA PRO H 67 -19.45 -32.80 35.08
C PRO H 67 -20.55 -33.51 35.84
N VAL H 68 -21.60 -33.93 35.13
CA VAL H 68 -22.78 -34.52 35.76
C VAL H 68 -23.23 -35.72 34.94
N VAL H 69 -24.10 -36.52 35.53
CA VAL H 69 -24.82 -37.58 34.82
C VAL H 69 -26.18 -37.05 34.43
N ARG H 70 -26.50 -37.12 33.15
CA ARG H 70 -27.74 -36.53 32.65
C ARG H 70 -28.96 -37.19 33.28
N ASP H 71 -30.03 -36.42 33.42
CA ASP H 71 -31.30 -36.97 33.85
C ASP H 71 -32.04 -37.57 32.66
N PRO H 72 -32.44 -38.84 32.71
CA PRO H 72 -33.06 -39.46 31.53
C PRO H 72 -34.34 -38.79 31.06
N ARG H 73 -34.85 -37.79 31.79
CA ARG H 73 -36.07 -37.11 31.42
C ARG H 73 -35.84 -35.82 30.66
N VAL H 74 -34.59 -35.38 30.50
CA VAL H 74 -34.29 -34.10 29.86
C VAL H 74 -33.53 -34.36 28.56
N PRO H 75 -33.90 -33.71 27.46
CA PRO H 75 -33.17 -33.94 26.21
C PRO H 75 -31.70 -33.60 26.34
N LEU H 76 -30.87 -34.35 25.62
CA LEU H 76 -29.42 -34.14 25.68
C LEU H 76 -29.04 -32.78 25.12
N ALA H 77 -29.85 -32.23 24.21
CA ALA H 77 -29.54 -30.92 23.65
C ALA H 77 -29.60 -29.83 24.70
N TRP H 78 -30.36 -30.04 25.78
CA TRP H 78 -30.51 -29.03 26.81
C TRP H 78 -29.27 -28.89 27.67
N TYR H 79 -28.52 -29.96 27.89
CA TYR H 79 -27.24 -29.87 28.58
C TYR H 79 -26.17 -29.19 27.73
N GLN H 80 -26.33 -29.22 26.41
CA GLN H 80 -25.50 -28.44 25.52
C GLN H 80 -26.14 -27.07 25.33
N GLY H 81 -25.67 -26.29 24.35
CA GLY H 81 -25.97 -24.87 24.33
C GLY H 81 -27.42 -24.50 24.09
N CYS H 82 -28.31 -25.48 23.93
CA CYS H 82 -29.68 -25.17 23.55
C CYS H 82 -30.58 -24.74 24.71
N ALA H 83 -30.05 -24.44 25.89
CA ALA H 83 -30.88 -24.02 27.01
C ALA H 83 -30.08 -23.25 28.03
N GLN H 84 -30.77 -22.40 28.79
CA GLN H 84 -30.14 -21.62 29.87
C GLN H 84 -30.16 -22.41 31.16
N ILE H 85 -29.11 -22.24 31.98
CA ILE H 85 -28.87 -23.12 33.12
C ILE H 85 -28.66 -22.28 34.38
N ASP H 86 -29.29 -22.70 35.48
CA ASP H 86 -29.02 -22.20 36.81
C ASP H 86 -28.56 -23.35 37.68
N ALA H 87 -27.37 -23.24 38.28
CA ALA H 87 -26.75 -24.35 38.96
C ALA H 87 -26.37 -23.97 40.39
N GLN H 88 -26.34 -24.98 41.25
CA GLN H 88 -25.91 -24.83 42.64
C GLN H 88 -25.19 -26.09 43.08
N VAL H 89 -24.06 -25.93 43.74
CA VAL H 89 -23.24 -27.05 44.22
C VAL H 89 -22.95 -26.85 45.70
N GLU H 90 -23.18 -27.89 46.49
CA GLU H 90 -22.98 -27.85 47.94
C GLU H 90 -21.96 -28.92 48.31
N LYS H 91 -20.94 -28.53 49.07
CA LYS H 91 -19.88 -29.43 49.48
C LYS H 91 -20.12 -29.88 50.92
N PHE H 92 -19.36 -30.90 51.34
CA PHE H 92 -19.55 -31.47 52.67
C PHE H 92 -19.16 -30.50 53.77
N ASP H 93 -18.22 -29.59 53.52
CA ASP H 93 -17.82 -28.64 54.56
C ASP H 93 -18.90 -27.60 54.83
N GLY H 94 -19.64 -27.18 53.82
CA GLY H 94 -20.72 -26.23 54.00
C GLY H 94 -20.77 -25.12 52.97
N THR H 95 -19.91 -25.14 51.96
CA THR H 95 -19.88 -24.09 50.96
C THR H 95 -20.94 -24.34 49.90
N VAL H 96 -21.66 -23.28 49.54
CA VAL H 96 -22.68 -23.33 48.50
C VAL H 96 -22.31 -22.31 47.43
N MET H 97 -22.19 -22.77 46.19
CA MET H 97 -21.86 -21.90 45.06
C MET H 97 -23.07 -21.77 44.16
N THR H 98 -23.52 -20.54 43.93
CA THR H 98 -24.77 -20.27 43.23
C THR H 98 -24.48 -19.52 41.94
N LEU H 99 -24.95 -20.06 40.83
CA LEU H 99 -24.80 -19.46 39.50
C LEU H 99 -26.18 -19.41 38.86
N THR H 100 -26.55 -18.24 38.33
CA THR H 100 -27.83 -18.07 37.67
C THR H 100 -27.63 -17.38 36.32
N GLU H 101 -28.50 -17.72 35.38
CA GLU H 101 -28.46 -17.15 34.03
C GLU H 101 -27.14 -17.48 33.32
N GLY H 102 -26.73 -18.75 33.42
CA GLY H 102 -25.51 -19.18 32.78
C GLY H 102 -25.70 -19.54 31.33
N ALA H 103 -24.57 -19.65 30.62
CA ALA H 103 -24.56 -19.99 29.21
C ALA H 103 -23.48 -21.04 28.94
N VAL H 104 -23.84 -22.10 28.25
CA VAL H 104 -22.92 -23.20 27.96
C VAL H 104 -22.18 -22.87 26.67
N THR H 105 -20.86 -22.97 26.72
CA THR H 105 -19.99 -22.54 25.63
C THR H 105 -19.22 -23.72 25.05
N GLU H 106 -19.20 -23.81 23.72
CA GLU H 106 -18.39 -24.78 22.98
C GLU H 106 -18.55 -26.18 23.56
N PRO H 107 -19.74 -26.77 23.45
CA PRO H 107 -19.93 -28.13 23.97
C PRO H 107 -19.13 -29.15 23.18
N GLU H 108 -18.71 -30.22 23.86
CA GLU H 108 -18.10 -31.36 23.18
C GLU H 108 -19.10 -32.52 23.14
N GLU H 109 -18.78 -33.50 22.31
CA GLU H 109 -19.70 -34.60 22.09
C GLU H 109 -19.78 -35.51 23.30
N SER H 110 -20.98 -36.03 23.55
CA SER H 110 -21.26 -36.89 24.69
C SER H 110 -21.81 -38.22 24.22
N ASP H 111 -21.61 -39.25 25.04
CA ASP H 111 -22.08 -40.60 24.72
C ASP H 111 -23.51 -40.86 25.19
N GLY H 112 -24.15 -39.90 25.83
CA GLY H 112 -25.51 -40.05 26.28
C GLY H 112 -25.68 -40.31 27.76
N ARG H 113 -24.61 -40.54 28.51
CA ARG H 113 -24.68 -40.69 29.96
C ARG H 113 -23.89 -39.60 30.67
N ALA H 114 -22.62 -39.44 30.36
CA ALA H 114 -21.77 -38.47 31.03
C ALA H 114 -21.69 -37.19 30.19
N VAL H 115 -21.84 -36.05 30.85
CA VAL H 115 -21.81 -34.75 30.20
C VAL H 115 -20.96 -33.81 31.05
N THR H 116 -20.15 -32.99 30.39
CA THR H 116 -19.36 -31.97 31.05
C THR H 116 -19.69 -30.62 30.43
N MET H 117 -20.17 -29.69 31.26
CA MET H 117 -20.61 -28.39 30.81
C MET H 117 -19.62 -27.33 31.27
N THR H 118 -19.34 -26.37 30.40
CA THR H 118 -18.53 -25.20 30.75
C THR H 118 -19.47 -23.99 30.75
N ILE H 119 -19.76 -23.47 31.94
CA ILE H 119 -20.77 -22.44 32.13
C ILE H 119 -20.09 -21.14 32.51
N ILE H 120 -20.48 -20.04 31.88
CA ILE H 120 -19.99 -18.71 32.21
C ILE H 120 -21.16 -17.87 32.70
N ALA H 121 -20.85 -16.86 33.50
CA ALA H 121 -21.86 -15.97 34.05
C ALA H 121 -21.21 -14.65 34.42
N ALA H 122 -22.04 -13.67 34.77
CA ALA H 122 -21.52 -12.38 35.21
C ALA H 122 -20.84 -12.50 36.57
N GLU H 123 -21.46 -13.21 37.50
CA GLU H 123 -20.92 -13.41 38.84
C GLU H 123 -21.33 -14.77 39.37
N ILE H 124 -20.57 -15.27 40.33
CA ILE H 124 -20.91 -16.49 41.07
C ILE H 124 -20.85 -16.18 42.56
N ASP H 125 -21.87 -16.59 43.29
CA ASP H 125 -21.97 -16.31 44.71
C ASP H 125 -21.37 -17.46 45.52
N GLU H 126 -20.59 -17.11 46.55
CA GLU H 126 -20.00 -18.08 47.44
C GLU H 126 -20.51 -17.83 48.86
N LEU H 127 -21.01 -18.88 49.50
CA LEU H 127 -21.53 -18.80 50.85
C LEU H 127 -20.69 -19.69 51.76
N LEU H 128 -19.78 -19.08 52.50
CA LEU H 128 -18.81 -19.79 53.33
C LEU H 128 -19.48 -20.38 54.56
N PRO H 129 -18.85 -21.36 55.20
CA PRO H 129 -19.37 -21.85 56.47
C PRO H 129 -19.39 -20.75 57.51
N PRO H 130 -20.19 -20.89 58.57
CA PRO H 130 -20.30 -19.81 59.55
C PRO H 130 -18.96 -19.43 60.15
N GLY H 131 -18.76 -18.13 60.36
CA GLY H 131 -17.55 -17.63 60.97
C GLY H 131 -16.56 -17.00 60.02
N SER H 132 -17.02 -16.46 58.89
CA SER H 132 -16.13 -15.89 57.91
C SER H 132 -15.51 -14.59 58.40
N LEU H 133 -14.38 -14.21 57.78
CA LEU H 133 -13.67 -13.00 58.12
C LEU H 133 -13.85 -11.88 57.10
N ALA H 134 -14.42 -12.16 55.94
CA ALA H 134 -14.57 -11.19 54.88
C ALA H 134 -16.01 -10.69 54.82
N ALA H 135 -16.17 -9.37 54.78
CA ALA H 135 -17.49 -8.76 54.72
C ALA H 135 -18.19 -9.12 53.42
N MET I 1 -63.92 7.24 -52.80
CA MET I 1 -62.94 8.35 -53.03
C MET I 1 -62.37 8.83 -51.69
N ALA I 2 -61.05 8.97 -51.60
CA ALA I 2 -60.40 9.34 -50.36
C ALA I 2 -59.20 10.22 -50.67
N GLN I 3 -58.39 10.48 -49.64
CA GLN I 3 -57.26 11.37 -49.72
C GLN I 3 -55.96 10.57 -49.57
N ASP I 4 -54.92 11.00 -50.27
CA ASP I 4 -53.70 10.19 -50.39
C ASP I 4 -53.10 9.88 -49.03
N ALA I 5 -52.89 10.90 -48.20
CA ALA I 5 -52.19 10.71 -46.94
C ALA I 5 -52.97 9.85 -45.95
N LEU I 6 -54.26 9.61 -46.18
CA LEU I 6 -55.08 8.86 -45.24
C LEU I 6 -55.65 7.57 -45.82
N SER I 7 -55.38 7.27 -47.10
CA SER I 7 -56.03 6.14 -47.75
C SER I 7 -55.47 4.79 -47.32
N ASP I 8 -54.19 4.72 -46.94
CA ASP I 8 -53.58 3.44 -46.62
C ASP I 8 -54.08 2.86 -45.30
N GLY I 9 -54.67 3.67 -44.43
CA GLY I 9 -55.26 3.15 -43.21
C GLY I 9 -54.31 2.98 -42.05
N PHE I 10 -53.06 3.43 -42.16
CA PHE I 10 -52.16 3.39 -41.02
C PHE I 10 -52.63 4.36 -39.94
N VAL I 11 -53.05 5.55 -40.34
CA VAL I 11 -53.53 6.57 -39.41
C VAL I 11 -55.03 6.71 -39.61
N ARG I 12 -55.80 6.50 -38.55
CA ARG I 12 -57.25 6.65 -38.57
C ARG I 12 -57.59 7.91 -37.79
N LEU I 13 -58.14 8.91 -38.48
CA LEU I 13 -58.30 10.24 -37.94
C LEU I 13 -59.76 10.47 -37.54
N CYS I 14 -59.95 11.23 -36.45
CA CYS I 14 -61.28 11.56 -35.93
C CYS I 14 -61.23 12.97 -35.35
N ILE I 15 -61.73 13.93 -36.12
CA ILE I 15 -61.76 15.32 -35.70
C ILE I 15 -63.07 15.58 -34.95
N ASP I 16 -62.95 16.02 -33.70
CA ASP I 16 -64.14 16.26 -32.87
C ASP I 16 -63.83 17.33 -31.82
N PRO I 17 -64.47 18.50 -31.88
CA PRO I 17 -64.14 19.56 -30.92
C PRO I 17 -64.83 19.41 -29.57
N SER I 18 -65.52 18.30 -29.29
CA SER I 18 -66.28 18.15 -28.07
C SER I 18 -65.77 17.04 -27.16
N LEU I 19 -64.61 16.46 -27.45
CA LEU I 19 -64.07 15.40 -26.62
C LEU I 19 -63.35 15.96 -25.40
N ASN I 20 -63.29 15.15 -24.35
CA ASN I 20 -62.63 15.51 -23.09
C ASN I 20 -61.67 14.40 -22.71
N PHE I 21 -60.41 14.77 -22.45
CA PHE I 21 -59.39 13.79 -22.08
C PHE I 21 -59.38 13.50 -20.58
N PHE I 22 -60.12 14.27 -19.78
CA PHE I 22 -60.06 14.10 -18.34
C PHE I 22 -60.73 12.80 -17.91
N GLY I 23 -60.21 12.20 -16.85
CA GLY I 23 -60.86 11.07 -16.23
C GLY I 23 -62.00 11.51 -15.33
N GLU I 24 -62.62 10.54 -14.68
CA GLU I 24 -63.72 10.82 -13.78
C GLU I 24 -63.17 11.32 -12.45
N GLY I 25 -63.53 12.54 -12.07
CA GLY I 25 -63.09 13.11 -10.82
C GLY I 25 -63.89 12.56 -9.65
N CYS I 26 -64.17 13.43 -8.68
CA CYS I 26 -64.94 13.03 -7.54
C CYS I 26 -66.43 12.95 -7.90
N LYS I 27 -67.25 12.73 -6.88
CA LYS I 27 -68.69 12.68 -7.05
C LYS I 27 -69.34 13.63 -6.05
N ILE I 28 -70.18 14.53 -6.54
CA ILE I 28 -70.89 15.50 -5.72
C ILE I 28 -72.39 15.29 -5.93
N LEU I 29 -73.14 15.35 -4.83
CA LEU I 29 -74.58 15.10 -4.84
C LEU I 29 -75.31 16.38 -4.45
N VAL I 30 -76.33 16.75 -5.23
CA VAL I 30 -77.15 17.92 -4.97
C VAL I 30 -78.59 17.47 -4.79
N GLU I 31 -79.25 18.02 -3.78
CA GLU I 31 -80.58 17.58 -3.37
C GLU I 31 -81.48 18.79 -3.17
N GLY I 32 -82.64 18.77 -3.80
CA GLY I 32 -83.54 19.90 -3.73
C GLY I 32 -84.86 19.61 -4.42
N GLN I 33 -85.72 20.62 -4.42
CA GLN I 33 -87.07 20.47 -4.95
C GLN I 33 -87.06 20.43 -6.48
N ILE I 34 -88.12 19.86 -7.04
CA ILE I 34 -88.38 19.93 -8.47
C ILE I 34 -89.85 20.31 -8.68
N THR I 35 -90.28 20.39 -9.94
CA THR I 35 -91.65 20.79 -10.25
C THR I 35 -92.31 19.67 -11.06
N ASP I 36 -93.61 19.85 -11.30
CA ASP I 36 -94.39 18.82 -11.97
C ASP I 36 -93.93 18.56 -13.40
N ASP I 37 -93.51 19.59 -14.13
CA ASP I 37 -93.11 19.43 -15.52
C ASP I 37 -91.75 18.76 -15.69
N ALA I 38 -91.18 18.21 -14.62
CA ALA I 38 -89.88 17.54 -14.70
C ALA I 38 -90.06 16.09 -15.12
N THR I 39 -89.26 15.65 -16.09
CA THR I 39 -89.31 14.27 -16.54
C THR I 39 -88.52 13.32 -15.64
N ALA I 40 -87.76 13.85 -14.69
CA ALA I 40 -86.96 12.99 -13.82
C ALA I 40 -87.86 12.29 -12.81
N ALA I 41 -87.36 11.16 -12.28
CA ALA I 41 -88.14 10.35 -11.35
C ALA I 41 -87.88 10.77 -9.91
N GLU I 42 -88.92 10.66 -9.09
CA GLU I 42 -88.83 11.04 -7.69
C GLU I 42 -87.92 10.10 -6.91
N ASN I 43 -87.18 10.67 -5.96
CA ASN I 43 -86.39 9.91 -4.99
C ASN I 43 -85.49 8.88 -5.68
N VAL I 44 -84.74 9.30 -6.69
CA VAL I 44 -83.80 8.42 -7.38
C VAL I 44 -82.59 9.23 -7.81
N VAL I 45 -81.40 8.79 -7.39
CA VAL I 45 -80.17 9.48 -7.75
C VAL I 45 -79.89 9.24 -9.23
N THR I 46 -79.59 10.32 -9.96
CA THR I 46 -79.35 10.25 -11.38
C THR I 46 -78.11 11.04 -11.73
N CYS I 47 -77.44 10.62 -12.80
CA CYS I 47 -76.24 11.31 -13.27
C CYS I 47 -76.62 12.52 -14.10
N VAL I 48 -75.86 13.60 -13.94
CA VAL I 48 -76.03 14.83 -14.72
C VAL I 48 -74.76 15.05 -15.50
N ASN I 49 -74.88 15.26 -16.81
CA ASN I 49 -73.72 15.29 -17.69
C ASN I 49 -73.42 16.66 -18.28
N SER I 50 -74.38 17.57 -18.30
CA SER I 50 -74.14 18.89 -18.87
C SER I 50 -75.19 19.86 -18.35
N GLU I 51 -74.90 21.15 -18.53
CA GLU I 51 -75.82 22.20 -18.11
C GLU I 51 -77.06 22.27 -18.99
N LEU I 52 -76.96 21.79 -20.23
CA LEU I 52 -78.00 22.06 -21.23
C LEU I 52 -79.27 21.25 -21.00
N ASP I 53 -79.15 20.06 -20.41
CA ASP I 53 -80.29 19.18 -20.25
C ASP I 53 -81.21 19.59 -19.11
N LEU I 54 -80.86 20.63 -18.35
CA LEU I 54 -81.68 21.06 -17.23
C LEU I 54 -83.03 21.56 -17.74
N VAL I 55 -83.88 22.03 -16.83
CA VAL I 55 -85.19 22.60 -17.16
C VAL I 55 -86.19 21.49 -17.44
N GLU I 56 -85.99 20.77 -18.54
CA GLU I 56 -86.94 19.70 -18.88
C GLU I 56 -86.80 18.52 -17.93
N ARG I 57 -85.56 18.18 -17.55
CA ARG I 57 -85.34 17.03 -16.67
C ARG I 57 -85.76 17.35 -15.24
N PHE I 58 -85.44 18.55 -14.75
CA PHE I 58 -85.65 18.89 -13.35
C PHE I 58 -86.58 20.07 -13.15
N GLY I 59 -87.34 20.46 -14.17
CA GLY I 59 -88.36 21.48 -14.01
C GLY I 59 -87.92 22.89 -14.37
N GLN I 60 -88.89 23.73 -14.71
CA GLN I 60 -88.60 25.12 -15.08
C GLN I 60 -88.35 25.94 -13.83
N GLY I 61 -87.15 26.51 -13.72
CA GLY I 61 -86.84 27.42 -12.64
C GLY I 61 -87.05 26.84 -11.26
N SER I 62 -86.65 25.60 -11.06
CA SER I 62 -86.78 24.94 -9.77
C SER I 62 -85.49 25.10 -8.97
N VAL I 63 -85.60 24.87 -7.65
CA VAL I 63 -84.44 25.00 -6.77
C VAL I 63 -83.31 24.11 -7.27
N LEU I 64 -83.61 22.87 -7.62
CA LEU I 64 -82.58 21.93 -8.05
C LEU I 64 -81.88 22.42 -9.31
N THR I 65 -82.65 22.93 -10.28
CA THR I 65 -82.05 23.44 -11.51
C THR I 65 -81.12 24.61 -11.21
N GLU I 66 -81.56 25.52 -10.33
CA GLU I 66 -80.73 26.67 -9.99
C GLU I 66 -79.43 26.22 -9.32
N SER I 67 -79.52 25.27 -8.40
CA SER I 67 -78.31 24.77 -7.75
C SER I 67 -77.37 24.13 -8.75
N LEU I 68 -77.92 23.32 -9.66
CA LEU I 68 -77.07 22.65 -10.65
C LEU I 68 -76.46 23.65 -11.62
N ARG I 69 -77.12 24.78 -11.86
CA ARG I 69 -76.53 25.80 -12.71
C ARG I 69 -75.25 26.35 -12.12
N LYS I 70 -75.22 26.60 -10.82
CA LYS I 70 -74.00 27.06 -10.17
C LYS I 70 -72.97 25.95 -10.02
N VAL I 71 -73.42 24.72 -9.77
CA VAL I 71 -72.48 23.61 -9.58
C VAL I 71 -71.61 23.44 -10.82
N PHE I 72 -72.22 23.48 -12.00
CA PHE I 72 -71.44 23.32 -13.22
C PHE I 72 -70.59 24.55 -13.51
N CYS I 73 -71.07 25.74 -13.15
CA CYS I 73 -70.32 26.95 -13.47
C CYS I 73 -69.06 27.07 -12.62
N MET I 74 -69.13 26.65 -11.34
CA MET I 74 -67.96 26.64 -10.48
C MET I 74 -66.94 25.57 -10.86
N CYS I 75 -67.30 24.60 -11.71
CA CYS I 75 -66.43 23.45 -11.98
C CYS I 75 -66.37 23.24 -13.50
N LYS I 76 -65.25 23.67 -14.10
CA LYS I 76 -65.04 23.44 -15.52
C LYS I 76 -64.52 22.04 -15.81
N SER I 77 -64.04 21.32 -14.81
CA SER I 77 -63.52 19.98 -15.02
C SER I 77 -63.24 19.33 -13.68
N GLY I 78 -62.96 18.02 -13.73
CA GLY I 78 -62.59 17.28 -12.54
C GLY I 78 -63.69 17.09 -11.51
N VAL I 79 -64.93 16.86 -11.95
CA VAL I 79 -66.02 16.59 -11.02
C VAL I 79 -67.12 15.85 -11.77
N SER I 80 -67.85 15.01 -11.04
CA SER I 80 -69.03 14.33 -11.54
C SER I 80 -70.22 14.73 -10.69
N VAL I 81 -71.29 15.17 -11.35
CA VAL I 81 -72.44 15.76 -10.67
C VAL I 81 -73.58 14.74 -10.64
N TYR I 82 -74.18 14.58 -9.46
CA TYR I 82 -75.33 13.71 -9.27
C TYR I 82 -76.44 14.51 -8.59
N ALA I 83 -77.68 14.15 -8.90
CA ALA I 83 -78.85 14.90 -8.44
C ALA I 83 -79.81 13.95 -7.73
N LEU I 84 -80.46 14.46 -6.68
CA LEU I 84 -81.45 13.70 -5.91
C LEU I 84 -82.71 14.54 -5.78
N PRO I 85 -83.61 14.52 -6.77
CA PRO I 85 -84.79 15.38 -6.72
C PRO I 85 -85.75 14.99 -5.62
N ARG I 86 -86.48 15.98 -5.10
CA ARG I 86 -87.49 15.79 -4.07
C ARG I 86 -88.73 16.58 -4.44
N ALA I 87 -89.88 16.11 -3.95
CA ALA I 87 -91.16 16.72 -4.27
C ALA I 87 -91.66 17.59 -3.13
N ASP I 88 -92.42 18.62 -3.49
CA ASP I 88 -93.04 19.48 -2.49
C ASP I 88 -94.09 18.72 -1.69
N ALA I 89 -94.25 19.09 -0.43
CA ALA I 89 -95.33 18.55 0.37
C ALA I 89 -96.68 18.95 -0.23
N ALA I 90 -97.62 18.01 -0.22
CA ALA I 90 -98.91 18.25 -0.86
C ALA I 90 -99.73 19.34 -0.16
N ALA I 91 -99.43 19.62 1.10
CA ALA I 91 -100.18 20.62 1.87
C ALA I 91 -99.42 21.92 2.07
N ALA I 92 -98.33 22.14 1.34
CA ALA I 92 -97.51 23.33 1.55
C ALA I 92 -98.05 24.50 0.75
N VAL I 93 -98.03 25.68 1.35
CA VAL I 93 -98.52 26.89 0.68
C VAL I 93 -97.33 27.68 0.15
N SER I 94 -97.54 28.39 -0.96
CA SER I 94 -96.48 29.17 -1.57
C SER I 94 -96.47 30.60 -1.01
N ALA I 95 -95.26 31.13 -0.79
CA ALA I 95 -95.12 32.49 -0.28
C ALA I 95 -95.45 33.51 -1.38
N VAL I 96 -95.87 34.70 -0.95
CA VAL I 96 -96.32 35.75 -1.85
C VAL I 96 -95.65 37.06 -1.47
N TYR I 97 -95.31 37.85 -2.49
CA TYR I 97 -94.78 39.19 -2.30
C TYR I 97 -95.46 40.14 -3.27
N THR I 98 -95.48 41.42 -2.91
CA THR I 98 -96.09 42.46 -3.72
C THR I 98 -95.05 43.54 -4.01
N LEU I 99 -95.00 43.97 -5.28
CA LEU I 99 -94.10 45.04 -5.71
C LEU I 99 -94.97 46.17 -6.25
N THR I 100 -95.36 47.08 -5.36
CA THR I 100 -96.32 48.14 -5.69
C THR I 100 -95.56 49.35 -6.21
N VAL I 101 -95.84 49.74 -7.44
CA VAL I 101 -95.26 50.96 -8.01
C VAL I 101 -96.13 52.15 -7.61
N THR I 102 -95.52 53.33 -7.53
CA THR I 102 -96.23 54.54 -7.13
C THR I 102 -95.69 55.74 -7.90
N GLY I 103 -96.45 56.82 -7.87
CA GLY I 103 -96.06 58.05 -8.53
C GLY I 103 -96.35 58.02 -10.01
N THR I 104 -95.83 59.05 -10.70
CA THR I 104 -95.98 59.16 -12.15
C THR I 104 -94.73 59.81 -12.71
N ALA I 105 -94.15 59.18 -13.73
CA ALA I 105 -92.88 59.66 -14.29
C ALA I 105 -93.06 61.01 -14.96
N LEU I 106 -92.00 61.82 -14.90
CA LEU I 106 -91.99 63.11 -15.57
C LEU I 106 -90.67 63.41 -16.29
N THR I 107 -89.73 62.47 -16.33
CA THR I 107 -88.51 62.60 -17.11
C THR I 107 -88.12 61.22 -17.65
N ASP I 108 -87.29 61.23 -18.69
CA ASP I 108 -86.81 60.00 -19.28
C ASP I 108 -85.59 59.48 -18.53
N GLY I 109 -85.27 58.21 -18.74
CA GLY I 109 -84.10 57.62 -18.11
C GLY I 109 -84.22 56.10 -18.05
N ARG I 110 -83.51 55.54 -17.07
CA ARG I 110 -83.42 54.09 -16.90
C ARG I 110 -83.71 53.71 -15.46
N VAL I 111 -84.27 52.51 -15.28
CA VAL I 111 -84.44 51.89 -13.97
C VAL I 111 -83.95 50.46 -14.07
N GLN I 112 -83.08 50.06 -13.15
CA GLN I 112 -82.51 48.72 -13.11
C GLN I 112 -82.69 48.15 -11.71
N LEU I 113 -83.26 46.95 -11.63
CA LEU I 113 -83.62 46.32 -10.37
C LEU I 113 -82.74 45.10 -10.13
N TYR I 114 -82.39 44.87 -8.87
CA TYR I 114 -81.68 43.67 -8.47
C TYR I 114 -82.66 42.67 -7.87
N MET I 115 -82.56 41.42 -8.30
CA MET I 115 -83.51 40.39 -7.87
C MET I 115 -82.76 39.07 -7.73
N GLY I 116 -82.53 38.66 -6.48
CA GLY I 116 -81.98 37.36 -6.20
C GLY I 116 -80.50 37.22 -6.51
N GLU I 117 -80.14 37.42 -7.77
CA GLU I 117 -78.75 37.22 -8.20
C GLU I 117 -78.56 37.96 -9.52
N ALA I 118 -77.28 38.19 -9.86
CA ALA I 118 -76.96 39.00 -11.04
C ALA I 118 -77.52 38.41 -12.32
N GLU I 119 -77.74 37.09 -12.38
CA GLU I 119 -78.28 36.49 -13.60
C GLU I 119 -79.75 36.85 -13.79
N TYR I 120 -80.44 37.26 -12.73
CA TYR I 120 -81.86 37.57 -12.80
C TYR I 120 -82.17 39.04 -12.56
N SER I 121 -81.16 39.88 -12.30
CA SER I 121 -81.37 41.31 -12.26
C SER I 121 -81.54 41.84 -13.68
N LEU I 122 -82.38 42.86 -13.82
CA LEU I 122 -82.76 43.37 -15.14
C LEU I 122 -82.66 44.88 -15.15
N ASP I 123 -82.39 45.42 -16.34
CA ASP I 123 -82.38 46.85 -16.58
C ASP I 123 -83.47 47.18 -17.60
N ILE I 124 -84.41 48.02 -17.20
CA ILE I 124 -85.56 48.38 -18.02
C ILE I 124 -85.69 49.90 -18.03
N GLY I 125 -85.89 50.46 -19.22
CA GLY I 125 -85.87 51.91 -19.37
C GLY I 125 -87.16 52.50 -19.91
N VAL I 126 -87.34 53.80 -19.70
CA VAL I 126 -88.48 54.54 -20.25
C VAL I 126 -87.93 55.82 -20.87
N ASP I 127 -88.48 56.20 -22.02
CA ASP I 127 -87.97 57.33 -22.79
C ASP I 127 -88.89 58.55 -22.75
N GLU I 128 -89.97 58.52 -21.97
CA GLU I 128 -90.91 59.63 -21.92
C GLU I 128 -91.49 59.74 -20.52
N GLY I 129 -91.90 60.95 -20.17
CA GLY I 129 -92.56 61.19 -18.91
C GLY I 129 -94.06 60.95 -19.01
N ASP I 130 -94.75 61.32 -17.93
CA ASP I 130 -96.20 61.20 -17.86
C ASP I 130 -96.65 59.75 -18.03
N THR I 131 -95.75 58.82 -17.75
CA THR I 131 -96.11 57.40 -17.80
C THR I 131 -96.68 56.99 -16.45
N PRO I 132 -97.95 56.56 -16.37
CA PRO I 132 -98.50 56.17 -15.07
C PRO I 132 -97.89 54.88 -14.55
N THR I 133 -98.36 54.40 -13.39
CA THR I 133 -97.88 53.13 -12.86
C THR I 133 -98.19 51.98 -13.81
N GLN I 134 -99.24 52.12 -14.63
CA GLN I 134 -99.59 51.07 -15.57
C GLN I 134 -98.65 51.02 -16.77
N ILE I 135 -98.19 52.16 -17.28
CA ILE I 135 -97.12 52.13 -18.26
C ILE I 135 -95.83 51.63 -17.63
N ALA I 136 -95.64 51.88 -16.33
CA ALA I 136 -94.69 51.10 -15.56
C ALA I 136 -95.25 49.69 -15.39
N ALA I 137 -94.55 48.87 -14.63
CA ALA I 137 -94.85 47.44 -14.53
C ALA I 137 -94.62 46.72 -15.85
N LYS I 138 -93.95 47.36 -16.81
CA LYS I 138 -93.45 46.70 -17.99
C LYS I 138 -92.31 45.74 -17.67
N ILE I 139 -91.91 45.66 -16.40
CA ILE I 139 -90.84 44.79 -15.93
C ILE I 139 -91.13 43.36 -16.34
N VAL I 140 -92.38 42.93 -16.16
CA VAL I 140 -92.76 41.55 -16.44
C VAL I 140 -92.43 41.14 -17.86
N ALA I 141 -92.23 42.10 -18.77
CA ALA I 141 -91.74 41.79 -20.10
C ALA I 141 -90.26 41.45 -20.11
N ALA I 142 -89.55 41.69 -19.00
CA ALA I 142 -88.11 41.42 -18.91
C ALA I 142 -87.76 40.35 -17.89
N ILE I 143 -88.68 40.00 -16.99
CA ILE I 143 -88.39 38.97 -16.00
C ILE I 143 -88.05 37.68 -16.73
N SER I 144 -86.94 37.06 -16.34
CA SER I 144 -86.44 35.88 -17.03
C SER I 144 -87.31 34.67 -16.73
N PRO I 145 -87.41 33.72 -17.67
CA PRO I 145 -88.17 32.49 -17.39
C PRO I 145 -87.62 31.70 -16.22
N ASP I 146 -86.30 31.74 -16.00
CA ASP I 146 -85.66 30.93 -14.98
C ASP I 146 -85.83 31.50 -13.58
N PHE I 147 -86.42 32.68 -13.44
CA PHE I 147 -86.61 33.25 -12.11
C PHE I 147 -87.53 32.32 -11.30
N PRO I 148 -87.15 31.97 -10.07
CA PRO I 148 -87.95 31.01 -9.31
C PRO I 148 -89.33 31.51 -8.91
N TYR I 149 -89.75 32.68 -9.38
CA TYR I 149 -91.02 33.26 -8.99
C TYR I 149 -91.82 33.65 -10.22
N GLU I 150 -93.13 33.75 -10.05
CA GLU I 150 -94.06 34.12 -11.12
C GLU I 150 -94.60 35.51 -10.85
N ALA I 151 -94.66 36.33 -11.90
CA ALA I 151 -95.15 37.70 -11.82
C ALA I 151 -96.52 37.79 -12.46
N THR I 152 -97.49 38.34 -11.71
CA THR I 152 -98.87 38.41 -12.17
C THR I 152 -99.12 39.53 -13.16
N ALA I 153 -98.44 40.66 -13.02
CA ALA I 153 -98.61 41.80 -13.93
C ALA I 153 -100.04 42.33 -13.86
N ALA I 154 -100.44 42.79 -12.67
CA ALA I 154 -101.78 43.35 -12.49
C ALA I 154 -101.78 44.81 -12.92
N ALA I 155 -102.89 45.49 -12.62
CA ALA I 155 -103.11 46.88 -13.06
C ALA I 155 -102.27 47.82 -12.19
N GLY I 156 -101.04 48.06 -12.65
CA GLY I 156 -100.14 48.99 -11.98
C GLY I 156 -99.25 48.37 -10.93
N VAL I 157 -99.52 47.14 -10.50
CA VAL I 157 -98.73 46.46 -9.49
C VAL I 157 -98.50 45.03 -9.96
N ILE I 158 -97.33 44.49 -9.63
CA ILE I 158 -96.96 43.12 -9.98
C ILE I 158 -96.75 42.34 -8.69
N THR I 159 -97.39 41.17 -8.59
CA THR I 159 -97.32 40.32 -7.42
C THR I 159 -96.45 39.11 -7.72
N LEU I 160 -95.68 38.68 -6.72
CA LEU I 160 -94.71 37.59 -6.88
C LEU I 160 -95.11 36.42 -5.99
N THR I 161 -95.13 35.22 -6.57
CA THR I 161 -95.46 34.00 -5.86
C THR I 161 -94.43 32.93 -6.14
N ALA I 162 -94.02 32.22 -5.11
CA ALA I 162 -92.96 31.22 -5.25
C ALA I 162 -93.45 30.03 -6.09
N ARG I 163 -92.56 29.54 -6.96
CA ARG I 163 -92.89 28.36 -7.76
C ARG I 163 -92.91 27.10 -6.90
N ASN I 164 -91.92 26.95 -6.02
CA ASN I 164 -91.86 25.82 -5.12
C ASN I 164 -92.46 26.22 -3.77
N GLY I 165 -93.23 25.30 -3.19
CA GLY I 165 -93.91 25.55 -1.94
C GLY I 165 -92.98 25.50 -0.75
N GLY I 166 -93.55 25.67 0.43
CA GLY I 166 -92.79 25.63 1.65
C GLY I 166 -92.05 26.93 1.92
N THR I 167 -91.13 26.85 2.88
CA THR I 167 -90.40 28.03 3.36
C THR I 167 -89.27 28.44 2.44
N ILE I 168 -88.91 27.62 1.45
CA ILE I 168 -87.75 27.93 0.61
C ILE I 168 -87.95 29.23 -0.15
N GLY I 169 -89.20 29.56 -0.50
CA GLY I 169 -89.47 30.79 -1.22
C GLY I 169 -89.59 32.02 -0.34
N ASN I 170 -89.34 31.88 0.95
CA ASN I 170 -89.53 32.94 1.93
C ASN I 170 -88.34 33.89 2.02
N HIS I 171 -87.49 33.96 0.99
CA HIS I 171 -86.21 34.67 1.10
C HIS I 171 -85.95 35.68 -0.02
N LEU I 172 -86.89 35.91 -0.93
CA LEU I 172 -86.64 36.80 -2.05
C LEU I 172 -86.37 38.22 -1.55
N SER I 173 -85.38 38.87 -2.15
CA SER I 173 -85.05 40.26 -1.86
C SER I 173 -84.94 41.04 -3.16
N VAL I 174 -85.58 42.20 -3.22
CA VAL I 174 -85.53 43.08 -4.38
C VAL I 174 -85.04 44.44 -3.92
N ILE I 175 -84.05 44.99 -4.65
CA ILE I 175 -83.44 46.26 -4.30
C ILE I 175 -83.55 47.20 -5.49
N TYR I 176 -83.92 48.45 -5.21
CA TYR I 176 -84.05 49.49 -6.23
C TYR I 176 -82.77 50.34 -6.16
N THR I 177 -81.76 49.91 -6.92
CA THR I 177 -80.41 50.39 -6.72
C THR I 177 -80.29 51.90 -6.93
N ASN I 178 -80.79 52.40 -8.06
CA ASN I 178 -80.46 53.74 -8.51
C ASN I 178 -81.21 54.84 -7.76
N LEU I 179 -81.88 54.52 -6.66
CA LEU I 179 -82.51 55.56 -5.85
C LEU I 179 -81.47 56.52 -5.30
N GLY I 180 -80.34 55.99 -4.82
CA GLY I 180 -79.28 56.82 -4.27
C GLY I 180 -78.43 57.45 -5.34
N SER I 181 -77.35 58.08 -4.88
CA SER I 181 -76.42 58.73 -5.80
C SER I 181 -75.90 57.72 -6.82
N CYS I 182 -75.93 58.11 -8.09
CA CYS I 182 -75.48 57.23 -9.16
C CYS I 182 -75.17 58.07 -10.39
N THR I 183 -74.44 57.47 -11.33
CA THR I 183 -74.09 58.13 -12.58
C THR I 183 -75.12 57.89 -13.68
N SER I 184 -76.20 57.17 -13.39
CA SER I 184 -77.26 56.91 -14.35
C SER I 184 -78.52 57.66 -13.94
N VAL I 185 -79.20 58.25 -14.92
CA VAL I 185 -80.32 59.16 -14.65
C VAL I 185 -81.58 58.34 -14.46
N THR I 186 -82.20 58.45 -13.29
CA THR I 186 -83.43 57.74 -13.03
C THR I 186 -84.64 58.64 -13.31
N PRO I 187 -85.69 58.09 -13.92
CA PRO I 187 -86.96 58.80 -13.99
C PRO I 187 -87.38 59.39 -12.65
N GLU I 188 -87.45 60.72 -12.59
CA GLU I 188 -87.94 61.38 -11.40
C GLU I 188 -89.45 61.15 -11.28
N GLY I 189 -89.91 61.04 -10.04
CA GLY I 189 -91.30 60.76 -9.75
C GLY I 189 -91.68 59.29 -9.77
N VAL I 190 -90.73 58.38 -9.93
CA VAL I 190 -91.00 56.95 -9.94
C VAL I 190 -90.48 56.34 -8.64
N THR I 191 -91.30 55.50 -8.01
CA THR I 191 -90.92 54.83 -6.78
C THR I 191 -91.47 53.42 -6.79
N VAL I 192 -90.68 52.47 -6.29
CA VAL I 192 -91.05 51.07 -6.24
C VAL I 192 -90.84 50.57 -4.82
N ALA I 193 -91.85 49.89 -4.28
CA ALA I 193 -91.80 49.34 -2.93
C ALA I 193 -92.02 47.83 -2.99
N PHE I 194 -91.39 47.12 -2.06
CA PHE I 194 -91.43 45.66 -2.00
C PHE I 194 -91.79 45.23 -0.58
N ALA I 195 -92.69 44.26 -0.47
CA ALA I 195 -93.13 43.78 0.83
C ALA I 195 -93.67 42.37 0.70
N GLN I 196 -93.74 41.67 1.84
CA GLN I 196 -94.26 40.32 1.89
C GLN I 196 -95.69 40.30 2.41
N THR I 197 -96.43 39.26 2.02
CA THR I 197 -97.82 39.12 2.44
C THR I 197 -98.17 37.74 2.99
N THR I 198 -97.50 36.67 2.57
CA THR I 198 -97.81 35.33 3.07
C THR I 198 -96.56 34.46 3.07
N PRO I 199 -96.21 33.83 4.19
CA PRO I 199 -95.07 32.91 4.20
C PRO I 199 -95.48 31.49 3.85
N GLY I 200 -94.46 30.63 3.73
CA GLY I 200 -94.71 29.21 3.54
C GLY I 200 -94.87 28.49 4.87
N SER I 201 -95.48 27.30 4.80
CA SER I 201 -95.83 26.55 6.00
C SER I 201 -95.10 25.21 6.11
N VAL I 202 -95.19 24.35 5.10
CA VAL I 202 -94.79 22.95 5.22
C VAL I 202 -93.64 22.67 4.28
N ASN I 203 -92.68 21.87 4.74
CA ASN I 203 -91.54 21.43 3.97
C ASN I 203 -91.42 19.91 4.01
N PRO I 204 -90.87 19.28 2.97
CA PRO I 204 -90.70 17.83 3.00
C PRO I 204 -89.58 17.42 3.94
N GLU I 205 -89.76 16.27 4.58
CA GLU I 205 -88.81 15.73 5.54
C GLU I 205 -88.57 14.25 5.26
N PRO I 206 -87.92 13.94 4.14
CA PRO I 206 -87.64 12.53 3.82
C PRO I 206 -86.62 11.94 4.77
N ASN I 207 -86.68 10.61 4.92
CA ASN I 207 -85.76 9.87 5.78
C ASN I 207 -85.31 8.57 5.14
N ASP I 208 -85.25 8.52 3.81
CA ASP I 208 -84.95 7.31 3.08
C ASP I 208 -83.55 7.34 2.44
N TYR I 209 -82.56 7.88 3.15
CA TYR I 209 -81.21 7.93 2.59
C TYR I 209 -80.60 6.53 2.48
N ALA I 210 -80.96 5.63 3.40
CA ALA I 210 -80.34 4.31 3.43
C ALA I 210 -80.69 3.47 2.20
N SER I 211 -81.69 3.88 1.42
CA SER I 211 -82.12 3.11 0.26
C SER I 211 -81.68 3.70 -1.07
N VAL I 212 -81.53 5.02 -1.14
CA VAL I 212 -81.18 5.66 -2.41
C VAL I 212 -79.67 5.79 -2.57
N VAL I 213 -78.94 5.90 -1.46
CA VAL I 213 -77.49 6.09 -1.47
C VAL I 213 -76.86 4.93 -0.72
N ASN I 214 -77.45 3.74 -0.86
CA ASN I 214 -77.17 2.63 0.04
C ASN I 214 -75.67 2.46 0.26
N GLU I 215 -74.93 2.09 -0.79
CA GLU I 215 -73.51 1.75 -0.66
C GLU I 215 -72.70 2.34 -1.82
N CYS I 216 -72.96 3.61 -2.14
CA CYS I 216 -72.18 4.31 -3.14
C CYS I 216 -71.54 5.53 -2.49
N CYS I 217 -70.28 5.78 -2.84
CA CYS I 217 -69.45 6.78 -2.18
C CYS I 217 -69.61 8.14 -2.85
N PHE I 218 -69.87 9.16 -2.03
CA PHE I 218 -69.92 10.55 -2.48
C PHE I 218 -68.97 11.38 -1.62
N ALA I 219 -68.28 12.32 -2.25
CA ALA I 219 -67.32 13.15 -1.53
C ALA I 219 -68.00 14.33 -0.84
N VAL I 220 -68.90 15.01 -1.55
CA VAL I 220 -69.52 16.23 -1.04
C VAL I 220 -71.04 16.10 -1.19
N TYR I 221 -71.77 16.48 -0.15
CA TYR I 221 -73.22 16.54 -0.16
C TYR I 221 -73.65 17.99 -0.04
N VAL I 222 -74.56 18.42 -0.91
CA VAL I 222 -75.11 19.77 -0.90
C VAL I 222 -76.62 19.66 -0.74
N LEU I 223 -77.15 20.35 0.27
CA LEU I 223 -78.58 20.34 0.56
C LEU I 223 -79.13 21.75 0.39
N SER I 224 -80.13 21.90 -0.49
CA SER I 224 -80.73 23.20 -0.77
C SER I 224 -82.03 23.37 0.03
N SER I 225 -81.89 23.44 1.35
CA SER I 225 -83.04 23.63 2.23
C SER I 225 -82.59 24.31 3.51
N ASP I 226 -83.52 24.98 4.17
CA ASP I 226 -83.27 25.64 5.45
C ASP I 226 -83.93 24.92 6.62
N ASP I 227 -84.64 23.83 6.37
CA ASP I 227 -85.31 23.09 7.43
C ASP I 227 -84.29 22.38 8.29
N THR I 228 -84.34 22.61 9.60
CA THR I 228 -83.35 22.01 10.50
C THR I 228 -83.50 20.50 10.56
N ASP I 229 -84.73 19.99 10.50
CA ASP I 229 -84.95 18.55 10.60
C ASP I 229 -84.34 17.81 9.41
N TRP I 230 -84.50 18.36 8.21
CA TRP I 230 -83.89 17.76 7.03
C TRP I 230 -82.37 17.76 7.14
N GLN I 231 -81.80 18.85 7.65
CA GLN I 231 -80.37 18.94 7.83
C GLN I 231 -79.88 17.88 8.84
N GLU I 232 -80.62 17.69 9.93
CA GLU I 232 -80.22 16.66 10.90
C GLU I 232 -80.36 15.27 10.29
N ASN I 233 -81.37 15.06 9.45
CA ASN I 233 -81.48 13.79 8.75
C ASN I 233 -80.26 13.52 7.88
N LEU I 234 -79.78 14.55 7.17
CA LEU I 234 -78.56 14.38 6.38
C LEU I 234 -77.36 14.14 7.28
N ARG I 235 -77.29 14.85 8.41
CA ARG I 235 -76.19 14.65 9.36
C ARG I 235 -76.13 13.20 9.81
N ASP I 236 -77.29 12.61 10.09
CA ASP I 236 -77.32 11.22 10.54
C ASP I 236 -76.75 10.29 9.48
N TRP I 237 -77.10 10.50 8.21
CA TRP I 237 -76.54 9.68 7.15
C TRP I 237 -75.03 9.85 7.05
N ILE I 238 -74.54 11.09 7.11
CA ILE I 238 -73.10 11.31 6.99
C ILE I 238 -72.37 10.61 8.14
N ARG I 239 -72.89 10.75 9.37
CA ARG I 239 -72.30 10.07 10.51
C ARG I 239 -72.32 8.56 10.30
N SER I 240 -73.40 8.04 9.73
CA SER I 240 -73.48 6.62 9.45
C SER I 240 -72.37 6.19 8.50
N ALA I 241 -72.08 7.01 7.48
CA ALA I 241 -71.03 6.65 6.54
C ALA I 241 -69.68 6.52 7.24
N TRP I 242 -69.47 7.26 8.32
CA TRP I 242 -68.21 7.25 9.05
C TRP I 242 -68.20 6.26 10.20
N ASP I 243 -69.29 5.55 10.45
CA ASP I 243 -69.38 4.72 11.64
C ASP I 243 -68.48 3.51 11.54
N CYS I 244 -68.10 2.96 12.70
CA CYS I 244 -67.16 1.84 12.76
C CYS I 244 -67.83 0.49 12.59
N SER I 245 -69.17 0.44 12.48
CA SER I 245 -69.86 -0.83 12.42
C SER I 245 -69.51 -1.62 11.17
N LYS I 246 -69.40 -0.95 10.03
CA LYS I 246 -69.25 -1.63 8.75
C LYS I 246 -68.27 -0.83 7.90
N PRO I 247 -67.78 -1.40 6.79
CA PRO I 247 -66.86 -0.66 5.93
C PRO I 247 -67.32 0.77 5.69
N GLN I 248 -66.36 1.68 5.62
CA GLN I 248 -66.65 3.11 5.69
C GLN I 248 -66.71 3.74 4.31
N CYS I 249 -67.75 4.54 4.10
CA CYS I 249 -67.76 5.58 3.10
C CYS I 249 -67.45 6.90 3.78
N PHE I 250 -66.95 7.86 3.00
CA PHE I 250 -66.52 9.13 3.56
C PHE I 250 -67.16 10.27 2.80
N GLY I 251 -67.63 11.29 3.52
CA GLY I 251 -68.26 12.43 2.88
C GLY I 251 -68.39 13.60 3.84
N HIS I 252 -68.55 14.78 3.25
CA HIS I 252 -68.72 16.02 4.00
C HIS I 252 -69.96 16.72 3.49
N GLY I 253 -70.75 17.28 4.42
CA GLY I 253 -72.01 17.92 4.08
C GLY I 253 -71.92 19.44 4.20
N TYR I 254 -72.66 20.13 3.34
CA TYR I 254 -72.67 21.59 3.30
C TYR I 254 -74.11 22.09 3.40
N VAL I 255 -74.40 22.85 4.45
CA VAL I 255 -75.71 23.42 4.68
C VAL I 255 -75.54 24.87 5.11
N PHE I 256 -76.66 25.61 5.11
CA PHE I 256 -76.66 27.02 5.46
C PHE I 256 -77.72 27.31 6.51
N ASN I 257 -77.52 28.39 7.25
CA ASN I 257 -78.44 28.86 8.27
C ASN I 257 -78.54 30.37 8.18
N LYS I 258 -79.75 30.89 8.35
CA LYS I 258 -80.01 32.32 8.20
C LYS I 258 -80.86 32.81 9.36
N GLY I 259 -80.55 34.00 9.86
CA GLY I 259 -81.30 34.56 10.97
C GLY I 259 -80.46 35.59 11.70
N THR I 260 -80.88 35.91 12.92
CA THR I 260 -80.12 36.82 13.77
C THR I 260 -79.02 36.06 14.49
N LEU I 261 -78.12 36.82 15.13
CA LEU I 261 -77.00 36.19 15.82
C LEU I 261 -77.48 35.17 16.84
N GLY I 262 -78.50 35.53 17.62
CA GLY I 262 -79.02 34.60 18.61
C GLY I 262 -79.66 33.37 18.00
N GLN I 263 -80.32 33.53 16.85
CA GLN I 263 -81.01 32.41 16.24
C GLN I 263 -80.03 31.40 15.63
N VAL I 264 -79.03 31.89 14.91
CA VAL I 264 -78.11 30.99 14.22
C VAL I 264 -77.28 30.20 15.22
N LEU I 265 -76.91 30.80 16.34
CA LEU I 265 -76.17 30.08 17.36
C LEU I 265 -76.97 28.93 17.96
N ALA I 266 -78.29 28.92 17.75
CA ALA I 266 -79.13 27.84 18.27
C ALA I 266 -79.16 26.61 17.37
N ASP I 267 -78.47 26.65 16.23
CA ASP I 267 -78.39 25.51 15.32
C ASP I 267 -77.09 24.75 15.43
N GLY I 268 -76.26 25.05 16.42
CA GLY I 268 -74.97 24.42 16.56
C GLY I 268 -74.99 23.09 17.29
N ASP I 269 -75.43 22.03 16.61
CA ASP I 269 -75.46 20.70 17.21
C ASP I 269 -74.15 19.94 17.04
N ASN I 270 -73.02 20.57 17.38
CA ASN I 270 -71.70 19.91 17.43
C ASN I 270 -71.51 18.90 16.31
N SER I 271 -71.90 19.26 15.09
CA SER I 271 -71.82 18.34 13.95
C SER I 271 -70.46 18.50 13.29
N ALA I 272 -69.59 17.51 13.49
CA ALA I 272 -68.33 17.45 12.77
C ALA I 272 -68.52 17.09 11.30
N GLU I 273 -69.72 16.69 10.91
CA GLU I 273 -69.99 16.21 9.56
C GLU I 273 -70.57 17.27 8.64
N LEU I 274 -70.74 18.51 9.11
CA LEU I 274 -71.40 19.55 8.34
C LEU I 274 -70.60 20.83 8.38
N SER I 275 -70.68 21.61 7.30
CA SER I 275 -70.13 22.96 7.25
C SER I 275 -71.29 23.95 7.16
N ARG I 276 -71.55 24.66 8.25
CA ARG I 276 -72.71 25.53 8.37
C ARG I 276 -72.34 26.94 7.92
N LEU I 277 -72.88 27.36 6.78
CA LEU I 277 -72.67 28.71 6.29
C LEU I 277 -73.70 29.64 6.91
N ALA I 278 -73.25 30.60 7.70
CA ALA I 278 -74.13 31.49 8.45
C ALA I 278 -74.35 32.78 7.66
N LEU I 279 -75.62 33.17 7.54
CA LEU I 279 -76.00 34.36 6.80
C LEU I 279 -76.91 35.24 7.66
N PRO I 280 -76.94 36.55 7.40
CA PRO I 280 -77.81 37.44 8.18
C PRO I 280 -79.21 37.52 7.60
N THR I 281 -80.09 38.16 8.36
CA THR I 281 -81.48 38.32 7.92
C THR I 281 -81.56 39.16 6.65
N THR I 282 -80.67 40.12 6.48
CA THR I 282 -80.72 41.04 5.35
C THR I 282 -79.87 40.57 4.18
N TYR I 283 -79.55 39.29 4.10
CA TYR I 283 -78.69 38.80 3.03
C TYR I 283 -79.38 39.01 1.68
N PRO I 284 -78.68 39.56 0.68
CA PRO I 284 -79.36 39.88 -0.59
C PRO I 284 -79.46 38.72 -1.57
N VAL I 285 -78.56 37.74 -1.53
CA VAL I 285 -78.53 36.68 -2.52
C VAL I 285 -79.40 35.51 -2.04
N LEU I 286 -79.78 34.65 -2.97
CA LEU I 286 -80.57 33.47 -2.64
C LEU I 286 -79.68 32.46 -1.92
N PRO I 287 -80.01 32.07 -0.68
CA PRO I 287 -79.03 31.32 0.12
C PRO I 287 -78.52 30.04 -0.51
N TYR I 288 -79.41 29.27 -1.16
CA TYR I 288 -78.98 27.99 -1.69
C TYR I 288 -77.99 28.15 -2.83
N LEU I 289 -78.03 29.26 -3.56
CA LEU I 289 -77.02 29.51 -4.58
C LEU I 289 -75.63 29.62 -3.95
N THR I 290 -75.52 30.38 -2.86
CA THR I 290 -74.23 30.51 -2.18
C THR I 290 -73.78 29.17 -1.58
N ASN I 291 -74.72 28.43 -0.99
CA ASN I 291 -74.36 27.13 -0.45
C ASN I 291 -73.84 26.20 -1.54
N ALA I 292 -74.51 26.18 -2.70
CA ALA I 292 -74.08 25.33 -3.80
C ALA I 292 -72.73 25.79 -4.33
N ALA I 293 -72.50 27.10 -4.42
CA ALA I 293 -71.21 27.58 -4.89
C ALA I 293 -70.08 27.14 -3.97
N TYR I 294 -70.28 27.28 -2.65
CA TYR I 294 -69.26 26.83 -1.71
C TYR I 294 -69.01 25.33 -1.82
N GLY I 295 -70.10 24.55 -1.89
CA GLY I 295 -69.93 23.11 -2.00
C GLY I 295 -69.21 22.71 -3.26
N ALA I 296 -69.55 23.33 -4.39
CA ALA I 296 -68.94 22.96 -5.66
C ALA I 296 -67.48 23.42 -5.73
N LEU I 297 -67.14 24.51 -5.06
CA LEU I 297 -65.73 24.90 -4.99
C LEU I 297 -64.94 23.94 -4.13
N SER I 298 -65.53 23.44 -3.04
CA SER I 298 -64.82 22.49 -2.20
C SER I 298 -64.75 21.11 -2.83
N ALA I 299 -65.70 20.77 -3.72
CA ALA I 299 -65.82 19.41 -4.21
C ALA I 299 -64.77 19.05 -5.26
N CYS I 300 -63.50 19.11 -4.88
CA CYS I 300 -62.41 18.56 -5.68
C CYS I 300 -62.18 19.31 -6.99
N SER I 301 -63.04 20.28 -7.31
CA SER I 301 -62.65 21.27 -8.28
C SER I 301 -61.49 22.11 -7.76
N THR I 302 -61.25 22.02 -6.45
CA THR I 302 -60.09 22.59 -5.79
C THR I 302 -59.32 21.54 -5.00
N CYS I 303 -60.03 20.60 -4.39
CA CYS I 303 -59.42 19.64 -3.47
C CYS I 303 -59.13 18.28 -4.10
N GLU I 304 -58.26 18.22 -5.10
CA GLU I 304 -57.53 16.99 -5.35
C GLU I 304 -56.33 16.87 -4.43
N ASN I 305 -55.95 17.97 -3.78
CA ASN I 305 -54.97 17.95 -2.70
C ASN I 305 -55.75 18.01 -1.39
N PRO I 306 -55.76 16.94 -0.59
CA PRO I 306 -56.66 16.92 0.57
C PRO I 306 -56.36 17.98 1.63
N GLU I 307 -55.16 18.55 1.65
CA GLU I 307 -54.76 19.46 2.72
C GLU I 307 -55.00 20.93 2.39
N LEU I 308 -55.50 21.24 1.20
CA LEU I 308 -55.72 22.62 0.83
C LEU I 308 -56.93 23.20 1.58
N ASN I 309 -56.81 24.45 2.00
CA ASN I 309 -57.86 25.16 2.71
C ASN I 309 -58.56 26.11 1.74
N VAL I 310 -59.89 26.11 1.76
CA VAL I 310 -60.69 26.98 0.89
C VAL I 310 -60.94 28.25 1.69
N GLN I 311 -59.99 29.18 1.61
CA GLN I 311 -60.07 30.45 2.32
C GLN I 311 -59.44 31.54 1.48
N GLY I 312 -59.47 32.76 2.03
CA GLY I 312 -58.79 33.88 1.41
C GLY I 312 -59.55 34.44 0.22
N GLN I 313 -58.90 35.39 -0.45
CA GLN I 313 -59.46 36.00 -1.65
C GLN I 313 -58.98 35.34 -2.94
N THR I 314 -58.15 34.31 -2.85
CA THR I 314 -57.64 33.61 -4.03
C THR I 314 -58.19 32.20 -4.14
N TYR I 315 -58.02 31.40 -3.09
CA TYR I 315 -58.47 30.01 -3.10
C TYR I 315 -59.86 29.83 -2.49
N GLY I 316 -60.53 30.92 -2.12
CA GLY I 316 -61.85 30.83 -1.54
C GLY I 316 -62.79 31.89 -2.10
N LEU I 317 -62.59 32.23 -3.36
CA LEU I 317 -63.40 33.27 -3.99
C LEU I 317 -64.54 32.63 -4.78
N LEU I 318 -65.77 32.99 -4.43
CA LEU I 318 -66.96 32.47 -5.11
C LEU I 318 -67.26 33.35 -6.34
N SER I 319 -66.45 33.15 -7.38
CA SER I 319 -66.45 34.05 -8.53
C SER I 319 -67.73 33.99 -9.34
N CYS I 320 -68.61 33.02 -9.10
CA CYS I 320 -69.82 32.86 -9.90
C CYS I 320 -71.05 33.46 -9.22
N ILE I 321 -70.88 34.19 -8.13
CA ILE I 321 -71.97 34.86 -7.43
C ILE I 321 -71.65 36.34 -7.33
N ASN I 322 -72.61 37.17 -7.71
CA ASN I 322 -72.45 38.62 -7.70
C ASN I 322 -73.56 39.25 -6.88
N MET I 323 -73.19 40.23 -6.06
CA MET I 323 -74.11 40.93 -5.18
C MET I 323 -73.79 42.42 -5.21
N PRO I 324 -74.77 43.27 -4.91
CA PRO I 324 -74.52 44.72 -4.99
C PRO I 324 -73.60 45.20 -3.88
N GLU I 325 -72.91 46.31 -4.16
CA GLU I 325 -72.08 46.95 -3.15
C GLU I 325 -72.94 47.49 -2.02
N SER I 326 -72.33 47.65 -0.84
CA SER I 326 -73.03 48.17 0.32
C SER I 326 -72.02 48.51 1.40
N CYS I 327 -72.23 49.65 2.06
CA CYS I 327 -71.37 50.03 3.18
C CYS I 327 -71.61 49.17 4.41
N THR I 328 -72.83 48.69 4.60
CA THR I 328 -73.12 47.78 5.71
C THR I 328 -72.71 46.37 5.31
N PRO I 329 -71.81 45.71 6.05
CA PRO I 329 -71.31 44.40 5.61
C PRO I 329 -72.21 43.21 5.91
N GLY I 330 -73.25 43.38 6.72
CA GLY I 330 -74.12 42.28 7.08
C GLY I 330 -73.87 41.77 8.47
N TRP I 331 -72.61 41.66 8.85
CA TRP I 331 -72.22 41.25 10.20
C TRP I 331 -71.27 42.30 10.78
N GLU I 332 -71.48 42.64 12.04
CA GLU I 332 -70.50 43.42 12.77
C GLU I 332 -69.32 42.53 13.14
N PHE I 333 -68.16 43.16 13.33
CA PHE I 333 -66.96 42.38 13.61
C PHE I 333 -67.10 41.57 14.89
N THR I 334 -67.77 42.13 15.91
CA THR I 334 -67.99 41.37 17.13
C THR I 334 -68.91 40.17 16.90
N GLU I 335 -69.85 40.28 15.96
CA GLU I 335 -70.67 39.13 15.59
C GLU I 335 -69.88 38.12 14.79
N VAL I 336 -69.02 38.59 13.89
CA VAL I 336 -68.18 37.70 13.10
C VAL I 336 -67.28 36.88 14.01
N THR I 337 -66.71 37.52 15.04
CA THR I 337 -65.85 36.80 15.97
C THR I 337 -66.60 35.68 16.66
N GLN I 338 -67.81 35.96 17.15
CA GLN I 338 -68.59 34.91 17.82
C GLN I 338 -68.96 33.79 16.85
N LEU I 339 -69.39 34.13 15.64
CA LEU I 339 -69.76 33.10 14.68
C LEU I 339 -68.56 32.21 14.35
N GLN I 340 -67.39 32.81 14.16
CA GLN I 340 -66.18 32.03 13.88
C GLN I 340 -65.82 31.15 15.07
N ASN I 341 -65.91 31.69 16.28
CA ASN I 341 -65.52 30.94 17.46
C ASN I 341 -66.48 29.79 17.74
N ASN I 342 -67.74 29.92 17.32
CA ASN I 342 -68.74 28.89 17.61
C ASN I 342 -68.81 27.80 16.54
N GLY I 343 -68.17 27.99 15.39
CA GLY I 343 -68.09 26.93 14.41
C GLY I 343 -68.95 27.16 13.19
N PHE I 344 -69.12 28.42 12.79
CA PHE I 344 -69.90 28.78 11.62
C PHE I 344 -68.99 29.42 10.58
N VAL I 345 -69.23 29.10 9.31
CA VAL I 345 -68.45 29.65 8.22
C VAL I 345 -69.00 31.02 7.86
N VAL I 346 -68.13 32.03 7.85
CA VAL I 346 -68.51 33.40 7.55
C VAL I 346 -67.92 33.79 6.20
N SER I 347 -68.68 34.55 5.43
CA SER I 347 -68.24 35.04 4.13
C SER I 347 -68.43 36.54 4.07
N GLY I 348 -67.66 37.18 3.19
CA GLY I 348 -67.73 38.62 3.03
C GLY I 348 -67.40 39.05 1.61
N PRO I 349 -67.70 40.29 1.28
CA PRO I 349 -67.42 40.79 -0.08
C PRO I 349 -65.95 41.04 -0.30
N ALA I 350 -65.56 41.01 -1.58
CA ALA I 350 -64.18 41.27 -1.96
C ALA I 350 -63.83 42.76 -1.90
N THR I 351 -64.83 43.63 -1.95
CA THR I 351 -64.59 45.07 -1.86
C THR I 351 -65.86 45.75 -1.37
N THR I 352 -65.70 46.98 -0.89
CA THR I 352 -66.78 47.74 -0.27
C THR I 352 -66.92 49.10 -0.94
N SER I 353 -68.16 49.56 -1.07
CA SER I 353 -68.44 50.87 -1.64
C SER I 353 -69.94 51.11 -1.54
N GLY I 354 -70.34 52.36 -1.75
CA GLY I 354 -71.74 52.75 -1.70
C GLY I 354 -72.40 52.97 -3.04
N GLN I 355 -71.72 52.62 -4.14
CA GLN I 355 -72.24 52.90 -5.47
C GLN I 355 -73.09 51.76 -6.04
N GLY I 356 -73.24 50.66 -5.32
CA GLY I 356 -74.15 49.61 -5.75
C GLY I 356 -73.67 48.78 -6.94
N ASN I 357 -72.37 48.70 -7.16
CA ASN I 357 -71.85 47.85 -8.22
C ASN I 357 -71.89 46.39 -7.79
N PHE I 358 -71.38 45.51 -8.64
CA PHE I 358 -71.39 44.07 -8.37
C PHE I 358 -70.04 43.60 -7.85
N THR I 359 -70.09 42.68 -6.88
CA THR I 359 -68.89 42.08 -6.32
C THR I 359 -69.17 40.63 -5.96
N SER I 360 -68.09 39.85 -5.86
CA SER I 360 -68.18 38.46 -5.46
C SER I 360 -67.77 38.28 -4.01
N PRO I 361 -68.37 37.33 -3.29
CA PRO I 361 -67.93 37.07 -1.92
C PRO I 361 -66.79 36.07 -1.88
N TYR I 362 -66.26 35.87 -0.67
CA TYR I 362 -65.22 34.89 -0.42
C TYR I 362 -65.32 34.43 1.02
N ILE I 363 -64.66 33.30 1.31
CA ILE I 363 -64.82 32.60 2.57
C ILE I 363 -63.72 33.05 3.53
N TYR I 364 -64.11 33.47 4.74
CA TYR I 364 -63.13 33.86 5.74
C TYR I 364 -62.43 32.67 6.37
N ASN I 365 -63.16 31.58 6.62
CA ASN I 365 -62.60 30.43 7.32
C ASN I 365 -63.30 29.17 6.85
N ASP I 366 -62.52 28.14 6.55
CA ASP I 366 -63.06 26.85 6.09
C ASP I 366 -63.15 25.88 7.28
N VAL I 367 -64.12 26.17 8.14
CA VAL I 367 -64.27 25.45 9.40
C VAL I 367 -65.46 24.50 9.33
N THR I 368 -65.41 23.45 10.15
CA THR I 368 -66.53 22.54 10.35
C THR I 368 -67.16 22.82 11.70
N ASN I 369 -68.45 22.47 11.82
CA ASN I 369 -69.21 22.77 13.03
C ASN I 369 -68.90 21.79 14.16
N TYR I 370 -67.64 21.70 14.56
CA TYR I 370 -67.19 20.74 15.56
C TYR I 370 -66.64 21.45 16.78
N LEU I 371 -67.18 21.12 17.95
CA LEU I 371 -66.67 21.57 19.23
C LEU I 371 -66.75 20.40 20.20
N ARG I 372 -66.04 20.51 21.31
CA ARG I 372 -66.07 19.46 22.34
C ARG I 372 -65.60 18.16 21.68
N ASP I 373 -65.99 17.02 22.24
CA ASP I 373 -65.46 15.74 21.81
C ASP I 373 -66.48 14.67 22.19
N GLU I 374 -66.21 13.44 21.73
CA GLU I 374 -67.07 12.32 22.11
C GLU I 374 -67.15 12.16 23.62
N LYS I 375 -66.13 12.63 24.35
CA LYS I 375 -66.16 12.69 25.81
C LYS I 375 -66.44 14.10 26.32
N ASN I 376 -66.89 14.99 25.43
CA ASN I 376 -67.32 16.34 25.82
C ASN I 376 -66.14 17.25 26.14
N ARG I 377 -64.94 16.87 25.74
CA ARG I 377 -63.76 17.70 26.00
C ARG I 377 -63.55 18.68 24.85
N PRO I 378 -63.36 19.97 25.11
CA PRO I 378 -63.15 20.93 24.01
C PRO I 378 -61.75 20.81 23.44
N ASN I 379 -61.67 20.62 22.13
CA ASN I 379 -60.39 20.60 21.41
C ASN I 379 -60.64 21.00 19.96
N ALA I 380 -59.54 21.17 19.23
CA ALA I 380 -59.59 21.64 17.85
C ALA I 380 -59.13 20.58 16.85
N THR I 381 -59.33 19.30 17.15
CA THR I 381 -58.85 18.25 16.26
C THR I 381 -59.53 18.33 14.90
N PHE I 382 -60.86 18.37 14.89
CA PHE I 382 -61.64 18.39 13.65
C PHE I 382 -62.19 19.77 13.32
N ARG I 383 -61.48 20.83 13.71
CA ARG I 383 -61.98 22.18 13.47
C ARG I 383 -61.97 22.54 11.99
N ASP I 384 -61.01 22.03 11.24
CA ASP I 384 -60.86 22.34 9.82
C ASP I 384 -61.33 21.17 8.97
N ALA I 385 -62.02 21.48 7.87
CA ALA I 385 -62.49 20.42 6.97
C ALA I 385 -61.33 19.63 6.40
N SER I 386 -60.19 20.29 6.18
CA SER I 386 -59.01 19.58 5.70
C SER I 386 -58.61 18.46 6.66
N SER I 387 -58.93 18.62 7.95
CA SER I 387 -58.68 17.53 8.89
C SER I 387 -59.50 16.30 8.55
N ARG I 388 -60.78 16.48 8.22
CA ARG I 388 -61.60 15.33 7.83
C ARG I 388 -61.10 14.72 6.53
N ARG I 389 -60.75 15.55 5.55
CA ARG I 389 -60.24 15.01 4.30
C ARG I 389 -58.95 14.23 4.52
N LEU I 390 -58.06 14.75 5.38
CA LEU I 390 -56.81 14.05 5.67
C LEU I 390 -57.06 12.77 6.44
N ALA I 391 -58.04 12.75 7.35
CA ALA I 391 -58.37 11.52 8.05
C ALA I 391 -58.82 10.44 7.07
N ALA I 392 -59.69 10.82 6.13
CA ALA I 392 -60.14 9.85 5.13
C ALA I 392 -58.98 9.37 4.27
N ALA I 393 -58.14 10.30 3.81
CA ALA I 393 -57.00 9.91 2.97
C ALA I 393 -56.06 8.98 3.71
N THR I 394 -55.77 9.28 4.98
CA THR I 394 -54.89 8.43 5.78
C THR I 394 -55.49 7.06 5.98
N GLY I 395 -56.78 6.99 6.29
CA GLY I 395 -57.42 5.69 6.44
C GLY I 395 -57.29 4.86 5.18
N VAL I 396 -57.58 5.45 4.03
CA VAL I 396 -57.49 4.71 2.77
C VAL I 396 -56.05 4.27 2.51
N ALA I 397 -55.10 5.19 2.68
CA ALA I 397 -53.70 4.88 2.36
C ALA I 397 -53.17 3.78 3.26
N LEU I 398 -53.51 3.81 4.55
CA LEU I 398 -53.04 2.78 5.47
C LEU I 398 -53.74 1.45 5.19
N ALA I 399 -55.00 1.50 4.76
CA ALA I 399 -55.68 0.26 4.37
C ALA I 399 -54.99 -0.39 3.18
N THR I 400 -54.61 0.40 2.18
CA THR I 400 -53.95 -0.17 1.01
C THR I 400 -52.59 -0.78 1.36
N PHE I 401 -51.84 -0.15 2.25
CA PHE I 401 -50.51 -0.63 2.59
C PHE I 401 -50.56 -2.00 3.26
N LEU I 402 -51.50 -2.20 4.18
CA LEU I 402 -51.52 -3.42 4.98
C LEU I 402 -51.92 -4.64 4.17
N GLN I 403 -52.37 -4.48 2.93
CA GLN I 403 -52.85 -5.61 2.15
C GLN I 403 -51.76 -6.65 1.90
N GLN I 404 -50.49 -6.26 1.94
CA GLN I 404 -49.41 -7.21 1.66
C GLN I 404 -49.35 -8.33 2.69
N PHE I 405 -49.97 -8.17 3.85
CA PHE I 405 -49.99 -9.21 4.88
C PHE I 405 -51.18 -10.14 4.76
N ASN I 406 -52.01 -9.99 3.74
CA ASN I 406 -53.16 -10.87 3.56
C ASN I 406 -52.69 -12.22 3.03
N GLY I 407 -52.95 -13.28 3.80
CA GLY I 407 -52.56 -14.61 3.40
C GLY I 407 -51.10 -14.95 3.64
N LEU I 408 -50.32 -14.03 4.19
CA LEU I 408 -48.92 -14.31 4.48
C LEU I 408 -48.80 -15.20 5.70
N ALA I 409 -47.86 -16.13 5.67
CA ALA I 409 -47.66 -17.03 6.79
C ALA I 409 -47.22 -16.24 8.02
N VAL I 410 -47.61 -16.73 9.19
CA VAL I 410 -47.38 -16.02 10.45
C VAL I 410 -46.92 -17.01 11.50
N PHE I 411 -45.93 -16.60 12.30
CA PHE I 411 -45.39 -17.42 13.38
C PHE I 411 -45.48 -16.62 14.68
N THR I 412 -46.02 -17.25 15.73
CA THR I 412 -46.35 -16.52 16.95
C THR I 412 -45.83 -17.15 18.23
N LYS I 413 -45.42 -18.42 18.22
CA LYS I 413 -44.90 -19.04 19.43
C LYS I 413 -43.40 -19.26 19.32
N ASN I 414 -42.97 -19.97 18.28
CA ASN I 414 -41.55 -20.08 17.95
C ASN I 414 -41.29 -19.16 16.77
N THR I 415 -40.79 -17.96 17.06
CA THR I 415 -40.67 -16.91 16.07
C THR I 415 -39.49 -17.10 15.12
N ASN I 416 -38.86 -18.28 15.12
CA ASN I 416 -37.82 -18.57 14.15
C ASN I 416 -38.44 -19.07 12.85
N ILE I 417 -38.04 -18.47 11.74
CA ILE I 417 -38.58 -18.81 10.42
C ILE I 417 -37.52 -19.63 9.70
N LYS I 418 -37.90 -20.84 9.28
CA LYS I 418 -36.98 -21.71 8.59
C LYS I 418 -36.46 -21.05 7.31
N THR I 419 -35.45 -21.65 6.72
CA THR I 419 -34.88 -21.11 5.49
C THR I 419 -35.79 -21.42 4.32
N GLY I 420 -36.07 -20.42 3.49
CA GLY I 420 -36.88 -20.58 2.32
C GLY I 420 -38.35 -20.24 2.49
N ILE I 421 -38.85 -20.18 3.72
CA ILE I 421 -40.25 -19.87 3.94
C ILE I 421 -40.51 -18.41 3.63
N ILE I 422 -41.73 -18.11 3.21
CA ILE I 422 -42.16 -16.74 2.93
C ILE I 422 -43.15 -16.36 4.02
N GLY I 423 -42.65 -15.71 5.07
CA GLY I 423 -43.49 -15.40 6.21
C GLY I 423 -42.92 -14.24 6.98
N THR I 424 -43.50 -14.00 8.15
CA THR I 424 -43.12 -12.88 9.00
C THR I 424 -43.67 -13.13 10.40
N ASN I 425 -43.39 -12.19 11.31
CA ASN I 425 -43.89 -12.25 12.67
C ASN I 425 -44.15 -10.83 13.16
N LEU I 426 -44.56 -10.71 14.43
CA LEU I 426 -45.05 -9.43 14.95
C LEU I 426 -44.01 -8.33 14.81
N ARG I 427 -42.80 -8.58 15.29
CA ARG I 427 -41.78 -7.54 15.31
C ARG I 427 -41.41 -7.09 13.90
N LEU I 428 -41.27 -8.04 12.98
CA LEU I 428 -40.91 -7.69 11.61
C LEU I 428 -42.02 -6.90 10.93
N MET I 429 -43.27 -7.13 11.31
CA MET I 429 -44.37 -6.33 10.80
C MET I 429 -44.37 -4.92 11.39
N LEU I 430 -44.11 -4.83 12.69
CA LEU I 430 -44.08 -3.53 13.35
C LEU I 430 -42.98 -2.66 12.78
N GLY I 431 -41.83 -3.26 12.46
CA GLY I 431 -40.77 -2.49 11.82
C GLY I 431 -41.20 -1.89 10.49
N LYS I 432 -41.87 -2.70 9.66
CA LYS I 432 -42.35 -2.20 8.37
C LYS I 432 -43.38 -1.08 8.56
N ILE I 433 -44.27 -1.24 9.53
CA ILE I 433 -45.29 -0.21 9.77
C ILE I 433 -44.63 1.08 10.22
N ARG I 434 -43.65 1.01 11.12
CA ARG I 434 -42.95 2.21 11.56
C ARG I 434 -42.22 2.86 10.40
N LYS I 435 -41.58 2.07 9.54
CA LYS I 435 -40.90 2.65 8.38
C LYS I 435 -41.88 3.37 7.47
N TRP I 436 -43.04 2.76 7.22
CA TRP I 436 -44.03 3.41 6.38
C TRP I 436 -44.53 4.70 7.01
N ALA I 437 -44.76 4.70 8.31
CA ALA I 437 -45.20 5.91 8.98
C ALA I 437 -44.16 7.00 8.90
N SER I 438 -42.88 6.65 9.04
CA SER I 438 -41.81 7.64 8.92
C SER I 438 -41.75 8.22 7.51
N ASP I 439 -41.94 7.37 6.49
CA ASP I 439 -41.78 7.83 5.11
C ASP I 439 -42.77 8.93 4.75
N ASN I 440 -43.90 9.01 5.46
CA ASN I 440 -44.98 9.89 5.08
C ASN I 440 -44.97 11.23 5.81
N VAL I 441 -43.93 11.53 6.57
CA VAL I 441 -43.84 12.82 7.23
C VAL I 441 -43.56 13.88 6.17
N GLY I 442 -44.41 14.89 6.10
CA GLY I 442 -44.36 15.89 5.05
C GLY I 442 -45.36 15.69 3.94
N VAL I 443 -46.11 14.59 3.96
CA VAL I 443 -47.15 14.31 2.97
C VAL I 443 -48.50 14.14 3.64
N LEU I 444 -48.58 13.24 4.63
CA LEU I 444 -49.79 13.03 5.41
C LEU I 444 -49.66 13.47 6.85
N PHE I 445 -48.45 13.45 7.41
CA PHE I 445 -48.25 13.58 8.85
C PHE I 445 -47.30 14.71 9.16
N SER I 446 -47.41 15.21 10.39
CA SER I 446 -46.39 16.03 11.01
C SER I 446 -45.47 15.14 11.85
N GLU I 447 -44.36 15.72 12.30
CA GLU I 447 -43.37 14.92 13.01
C GLU I 447 -44.00 14.25 14.23
N PHE I 448 -43.62 13.00 14.46
CA PHE I 448 -44.23 12.21 15.53
C PHE I 448 -43.67 12.63 16.89
N ASP I 449 -44.57 12.76 17.86
CA ASP I 449 -44.14 13.11 19.22
C ASP I 449 -43.20 12.05 19.79
N ASN I 450 -43.62 10.79 19.72
CA ASN I 450 -42.79 9.68 20.18
C ASN I 450 -43.22 8.44 19.41
N ILE I 451 -42.46 8.08 18.39
CA ILE I 451 -42.86 6.97 17.51
C ILE I 451 -42.94 5.67 18.29
N ASN I 452 -42.21 5.57 19.42
CA ASN I 452 -42.24 4.35 20.21
C ASN I 452 -43.52 4.20 21.01
N GLU I 453 -44.34 5.25 21.11
CA GLU I 453 -45.59 5.20 21.86
C GLU I 453 -46.81 5.34 20.99
N ASP I 454 -46.68 5.90 19.78
CA ASP I 454 -47.84 6.16 18.94
C ASP I 454 -48.24 4.95 18.09
N ILE I 455 -47.39 3.95 17.98
CA ILE I 455 -47.67 2.77 17.16
C ILE I 455 -47.47 1.53 18.03
N GLN I 456 -48.46 0.64 18.02
CA GLN I 456 -48.41 -0.59 18.80
C GLN I 456 -49.11 -1.71 18.04
N LEU I 457 -48.54 -2.90 18.10
CA LEU I 457 -49.11 -4.08 17.45
C LEU I 457 -49.17 -5.22 18.45
N VAL I 458 -50.32 -5.90 18.50
CA VAL I 458 -50.57 -6.96 19.45
C VAL I 458 -51.39 -8.05 18.76
N SER I 459 -51.12 -9.30 19.12
CA SER I 459 -51.87 -10.42 18.57
C SER I 459 -53.06 -10.76 19.47
N ASP I 460 -54.06 -11.41 18.86
CA ASP I 460 -55.28 -11.72 19.60
C ASP I 460 -55.02 -12.67 20.76
N PHE I 461 -53.96 -13.48 20.67
CA PHE I 461 -53.63 -14.37 21.77
C PHE I 461 -53.26 -13.61 23.04
N ASP I 462 -52.54 -12.49 22.91
CA ASP I 462 -52.15 -11.71 24.08
C ASP I 462 -53.33 -11.01 24.72
N VAL I 463 -54.37 -10.71 23.95
CA VAL I 463 -55.53 -10.00 24.48
C VAL I 463 -56.55 -10.96 25.08
N GLN I 464 -57.10 -11.86 24.28
CA GLN I 464 -58.15 -12.75 24.77
C GLN I 464 -57.57 -13.76 25.76
N PRO I 465 -58.37 -14.23 26.70
CA PRO I 465 -57.89 -15.25 27.65
C PRO I 465 -57.60 -16.55 26.94
N LYS I 466 -56.95 -17.46 27.68
CA LYS I 466 -56.51 -18.72 27.09
C LYS I 466 -57.69 -19.47 26.50
N CYS I 467 -57.48 -20.01 25.29
CA CYS I 467 -58.44 -20.81 24.54
C CYS I 467 -59.51 -19.97 23.86
N VAL I 468 -59.38 -18.65 23.81
CA VAL I 468 -60.39 -17.82 23.18
C VAL I 468 -59.83 -17.03 21.99
N GLY I 469 -58.52 -16.85 21.93
CA GLY I 469 -57.93 -16.10 20.83
C GLY I 469 -58.06 -16.83 19.51
N GLN I 470 -57.93 -16.06 18.42
CA GLN I 470 -58.04 -16.59 17.08
C GLN I 470 -56.70 -16.51 16.36
N PRO I 471 -56.35 -17.50 15.54
CA PRO I 471 -55.05 -17.44 14.84
C PRO I 471 -55.10 -16.46 13.66
N GLY I 472 -54.03 -15.69 13.53
CA GLY I 472 -53.93 -14.75 12.42
C GLY I 472 -54.75 -13.49 12.55
N VAL I 473 -54.99 -13.02 13.77
CA VAL I 473 -55.76 -11.80 14.01
C VAL I 473 -54.92 -10.87 14.85
N PHE I 474 -54.85 -9.60 14.45
CA PHE I 474 -53.97 -8.62 15.08
C PHE I 474 -54.73 -7.35 15.41
N HIS I 475 -54.18 -6.58 16.35
CA HIS I 475 -54.71 -5.28 16.73
C HIS I 475 -53.61 -4.23 16.59
N LEU I 476 -53.94 -3.12 15.94
CA LEU I 476 -53.00 -2.03 15.68
C LEU I 476 -53.59 -0.73 16.18
N ASN I 477 -52.80 0.01 16.97
CA ASN I 477 -53.17 1.34 17.43
C ASN I 477 -52.19 2.34 16.86
N MET I 478 -52.70 3.41 16.24
CA MET I 478 -51.86 4.41 15.60
C MET I 478 -52.41 5.81 15.87
N ARG I 479 -51.59 6.67 16.45
CA ARG I 479 -51.91 8.06 16.67
C ARG I 479 -51.03 8.94 15.78
N TYR I 480 -51.62 9.99 15.22
CA TYR I 480 -50.91 10.82 14.25
C TYR I 480 -51.39 12.26 14.35
N ARG I 481 -50.67 13.15 13.66
CA ARG I 481 -50.94 14.57 13.58
C ARG I 481 -50.91 15.03 12.13
N PRO I 482 -51.68 16.04 11.74
CA PRO I 482 -51.59 16.57 10.39
C PRO I 482 -50.57 17.69 10.32
N PRO I 483 -50.13 18.07 9.12
CA PRO I 483 -49.13 19.15 9.00
C PRO I 483 -49.69 20.50 9.45
N VAL I 484 -48.76 21.38 9.84
CA VAL I 484 -49.09 22.73 10.30
C VAL I 484 -48.86 23.71 9.18
N ARG I 485 -49.59 24.82 9.20
CA ARG I 485 -49.48 25.84 8.16
C ARG I 485 -49.75 27.21 8.76
N GLY I 486 -49.26 28.25 8.07
CA GLY I 486 -49.40 29.61 8.56
C GLY I 486 -50.83 30.03 8.79
N ALA I 487 -51.10 30.66 9.94
CA ALA I 487 -52.45 31.03 10.31
C ALA I 487 -52.63 32.55 10.46
N ARG I 488 -51.79 33.20 11.26
CA ARG I 488 -51.96 34.62 11.53
C ARG I 488 -50.62 35.23 11.91
N ILE I 489 -50.50 36.54 11.67
CA ILE I 489 -49.32 37.31 12.06
C ILE I 489 -49.80 38.57 12.77
N ASN I 490 -49.33 38.77 14.00
CA ASN I 490 -49.63 39.99 14.75
C ASN I 490 -48.49 40.98 14.57
N VAL I 491 -48.81 42.19 14.12
CA VAL I 491 -47.81 43.20 13.77
C VAL I 491 -47.94 44.36 14.75
N ASN I 492 -46.80 44.74 15.35
CA ASN I 492 -46.70 45.97 16.13
C ASN I 492 -45.80 46.94 15.37
N LEU I 493 -46.41 47.94 14.73
CA LEU I 493 -45.72 48.88 13.87
C LEU I 493 -45.49 50.17 14.65
N VAL I 494 -44.25 50.35 15.11
CA VAL I 494 -43.91 51.49 15.95
C VAL I 494 -43.20 52.55 15.10
N PRO I 495 -43.86 53.65 14.75
CA PRO I 495 -43.16 54.72 14.03
C PRO I 495 -42.28 55.53 14.97
N ALA I 496 -41.34 56.25 14.35
CA ALA I 496 -40.39 57.07 15.09
C ALA I 496 -39.91 58.20 14.18
N LEU I 497 -38.97 58.97 14.69
CA LEU I 497 -38.43 60.12 13.97
C LEU I 497 -36.90 60.08 13.98
N PHE I 498 -36.31 60.74 12.98
CA PHE I 498 -34.86 60.80 12.87
C PHE I 498 -34.27 61.48 14.10
N ASP I 499 -33.20 60.90 14.63
CA ASP I 499 -32.72 61.24 15.96
C ASP I 499 -31.22 61.48 15.92
N ASN I 500 -30.71 62.09 16.99
CA ASN I 500 -29.29 62.32 17.18
C ASN I 500 -28.70 63.11 16.02
N CYS J 3 -30.77 -16.04 28.22
CA CYS J 3 -31.23 -15.78 26.83
C CYS J 3 -31.35 -14.28 26.56
N ASN J 4 -30.89 -13.46 27.51
CA ASN J 4 -31.04 -12.02 27.40
C ASN J 4 -29.75 -11.31 27.00
N LYS J 5 -28.62 -12.02 26.91
CA LYS J 5 -27.34 -11.42 26.56
C LYS J 5 -26.69 -12.12 25.38
N GLN J 6 -27.47 -12.79 24.54
CA GLN J 6 -26.93 -13.48 23.38
C GLN J 6 -26.76 -12.51 22.22
N ASN J 7 -25.67 -12.65 21.48
CA ASN J 7 -25.37 -11.80 20.34
C ASN J 7 -25.38 -12.62 19.07
N GLY J 8 -26.21 -12.22 18.11
CA GLY J 8 -26.31 -12.92 16.85
C GLY J 8 -27.53 -12.50 16.09
N VAL J 9 -27.73 -13.16 14.95
CA VAL J 9 -28.84 -12.88 14.05
C VAL J 9 -29.88 -13.98 14.20
N LYS J 10 -31.15 -13.58 14.29
CA LYS J 10 -32.24 -14.52 14.49
C LYS J 10 -33.01 -14.78 13.21
N ASN J 11 -33.27 -13.74 12.42
CA ASN J 11 -34.00 -13.85 11.16
C ASN J 11 -33.48 -12.83 10.17
N ILE J 12 -33.50 -13.21 8.89
CA ILE J 12 -33.19 -12.30 7.79
C ILE J 12 -34.24 -12.53 6.70
N LEU J 13 -34.91 -11.45 6.30
CA LEU J 13 -35.92 -11.50 5.25
C LEU J 13 -35.57 -10.51 4.16
N ILE J 14 -35.61 -10.97 2.90
CA ILE J 14 -35.25 -10.14 1.76
C ILE J 14 -36.35 -10.22 0.71
N THR J 15 -36.62 -9.10 0.06
CA THR J 15 -37.60 -9.00 -1.03
C THR J 15 -36.90 -8.42 -2.25
N PHE J 16 -37.24 -8.94 -3.43
CA PHE J 16 -36.58 -8.57 -4.67
C PHE J 16 -37.59 -7.93 -5.61
N THR J 17 -37.19 -6.87 -6.28
CA THR J 17 -37.96 -6.23 -7.33
C THR J 17 -37.06 -6.01 -8.54
N HIS J 18 -37.35 -6.70 -9.63
CA HIS J 18 -36.53 -6.57 -10.83
C HIS J 18 -36.70 -5.18 -11.44
N CYS J 19 -35.59 -4.53 -11.75
CA CYS J 19 -35.64 -3.15 -12.24
C CYS J 19 -36.08 -3.08 -13.69
N ASP J 20 -35.70 -4.05 -14.50
CA ASP J 20 -35.99 -3.99 -15.94
C ASP J 20 -37.44 -4.34 -16.25
N THR J 21 -38.01 -5.32 -15.55
CA THR J 21 -39.35 -5.81 -15.86
C THR J 21 -40.34 -5.70 -14.72
N GLY J 22 -39.89 -5.42 -13.50
CA GLY J 22 -40.79 -5.19 -12.39
C GLY J 22 -41.27 -6.42 -11.65
N GLU J 23 -40.76 -7.60 -11.99
CA GLU J 23 -41.16 -8.82 -11.28
C GLU J 23 -40.73 -8.73 -9.82
N VAL J 24 -41.53 -9.33 -8.94
CA VAL J 24 -41.33 -9.23 -7.49
C VAL J 24 -41.36 -10.64 -6.90
N ILE J 25 -40.47 -10.89 -5.95
CA ILE J 25 -40.41 -12.16 -5.21
C ILE J 25 -40.53 -11.85 -3.73
N GLY J 26 -41.47 -12.51 -3.07
CA GLY J 26 -41.87 -12.15 -1.72
C GLY J 26 -40.75 -12.29 -0.71
N PRO J 27 -41.08 -12.07 0.57
CA PRO J 27 -40.05 -12.04 1.62
C PRO J 27 -39.50 -13.41 1.99
N ILE J 28 -38.50 -13.88 1.25
CA ILE J 28 -37.91 -15.18 1.50
C ILE J 28 -37.00 -15.10 2.73
N SER J 29 -36.95 -16.18 3.50
CA SER J 29 -36.09 -16.25 4.67
C SER J 29 -34.71 -16.77 4.26
N HIS J 30 -33.66 -16.15 4.80
CA HIS J 30 -32.29 -16.45 4.42
C HIS J 30 -31.48 -16.86 5.64
N GLU J 31 -30.38 -17.56 5.38
CA GLU J 31 -29.42 -17.95 6.41
C GLU J 31 -28.07 -17.28 6.14
N GLN J 32 -27.08 -17.64 6.96
CA GLN J 32 -25.76 -17.05 6.85
C GLN J 32 -24.70 -18.09 6.53
N PRO J 33 -23.63 -17.72 5.82
CA PRO J 33 -22.63 -18.71 5.41
C PRO J 33 -21.58 -19.02 6.47
N ASP J 34 -21.26 -18.08 7.36
CA ASP J 34 -20.23 -18.28 8.37
C ASP J 34 -20.60 -17.42 9.58
N ASP J 35 -19.59 -17.12 10.40
CA ASP J 35 -19.80 -16.48 11.70
C ASP J 35 -19.75 -14.96 11.65
N THR J 36 -19.68 -14.34 10.47
CA THR J 36 -19.57 -12.89 10.38
C THR J 36 -20.96 -12.27 10.38
N LEU J 37 -21.18 -11.31 11.29
CA LEU J 37 -22.50 -10.69 11.43
C LEU J 37 -22.62 -9.48 10.50
N PRO J 38 -23.85 -9.06 10.20
CA PRO J 38 -24.03 -7.83 9.43
C PRO J 38 -23.64 -6.59 10.22
N THR J 39 -23.32 -5.53 9.49
CA THR J 39 -22.90 -4.27 10.08
C THR J 39 -23.69 -3.13 9.45
N TYR J 40 -23.88 -2.06 10.22
CA TYR J 40 -24.77 -0.98 9.85
C TYR J 40 -24.11 0.36 10.07
N LYS J 41 -24.59 1.37 9.34
CA LYS J 41 -24.33 2.77 9.65
C LYS J 41 -25.63 3.53 9.44
N THR J 42 -26.31 3.85 10.54
CA THR J 42 -27.65 4.43 10.48
C THR J 42 -27.67 5.95 10.46
N CYS J 43 -26.56 6.62 10.78
CA CYS J 43 -26.51 8.07 10.70
C CYS J 43 -26.15 8.50 9.28
N ALA J 44 -26.95 9.39 8.72
CA ALA J 44 -26.73 9.86 7.36
C ALA J 44 -25.51 10.75 7.28
N TRP J 45 -25.47 11.82 8.05
CA TRP J 45 -24.43 12.84 7.89
C TRP J 45 -23.06 12.30 8.28
N THR J 46 -22.02 12.99 7.81
CA THR J 46 -20.63 12.65 8.07
C THR J 46 -19.87 13.87 8.54
N ASN J 47 -18.91 13.66 9.44
CA ASN J 47 -18.13 14.74 10.04
C ASN J 47 -16.67 14.60 9.62
N THR J 48 -16.11 15.69 9.09
CA THR J 48 -14.70 15.77 8.75
C THR J 48 -14.02 16.77 9.68
N ALA J 49 -12.83 16.42 10.16
CA ALA J 49 -12.20 17.19 11.23
C ALA J 49 -11.48 18.42 10.68
N LEU J 50 -11.88 19.59 11.16
CA LEU J 50 -11.18 20.84 10.93
C LEU J 50 -10.22 21.09 12.09
N THR J 51 -9.70 22.31 12.30
CA THR J 51 -8.82 22.59 13.41
C THR J 51 -9.60 23.23 14.54
N ASN J 52 -9.10 23.04 15.76
CA ASN J 52 -9.64 23.66 16.97
C ASN J 52 -11.02 23.12 17.34
N GLY J 53 -11.26 21.84 17.08
CA GLY J 53 -12.47 21.18 17.51
C GLY J 53 -13.67 21.36 16.61
N ALA J 54 -13.50 21.93 15.43
CA ALA J 54 -14.60 22.13 14.49
C ALA J 54 -14.64 20.99 13.47
N VAL J 55 -15.83 20.73 12.95
CA VAL J 55 -16.04 19.68 11.96
C VAL J 55 -16.85 20.25 10.80
N MET J 56 -16.83 19.53 9.69
CA MET J 56 -17.65 19.85 8.52
C MET J 56 -18.68 18.75 8.33
N ARG J 57 -19.94 19.14 8.20
CA ARG J 57 -21.05 18.19 8.14
C ARG J 57 -21.56 18.10 6.70
N SER J 58 -21.63 16.88 6.18
CA SER J 58 -22.09 16.64 4.81
C SER J 58 -23.06 15.46 4.83
N ALA J 59 -23.67 15.19 3.67
CA ALA J 59 -24.87 14.35 3.64
C ALA J 59 -24.55 12.86 3.76
N SER J 60 -23.84 12.30 2.78
CA SER J 60 -23.54 10.87 2.75
C SER J 60 -24.80 10.02 2.75
N ASN J 61 -24.68 8.74 3.13
CA ASN J 61 -25.78 7.78 3.04
C ASN J 61 -25.82 6.90 4.29
N ALA J 62 -26.88 6.12 4.40
CA ALA J 62 -26.97 5.04 5.37
C ALA J 62 -26.68 3.72 4.68
N THR J 63 -25.87 2.88 5.32
CA THR J 63 -25.33 1.69 4.68
C THR J 63 -25.58 0.45 5.53
N MET J 64 -25.60 -0.70 4.85
CA MET J 64 -25.70 -2.01 5.48
C MET J 64 -24.85 -2.99 4.70
N THR J 65 -24.22 -3.92 5.40
CA THR J 65 -23.45 -4.99 4.78
C THR J 65 -24.06 -6.32 5.21
N LEU J 66 -24.40 -7.17 4.24
CA LEU J 66 -25.22 -8.34 4.48
C LEU J 66 -24.61 -9.57 3.83
N PRO J 67 -23.90 -10.40 4.60
CA PRO J 67 -23.47 -11.71 4.09
C PRO J 67 -24.56 -12.75 4.31
N VAL J 68 -24.99 -13.40 3.22
CA VAL J 68 -26.04 -14.39 3.26
C VAL J 68 -25.73 -15.53 2.30
N VAL J 69 -26.38 -16.66 2.51
CA VAL J 69 -26.28 -17.79 1.59
C VAL J 69 -27.38 -17.64 0.54
N ARG J 70 -27.00 -17.78 -0.72
CA ARG J 70 -27.92 -17.55 -1.82
C ARG J 70 -29.08 -18.52 -1.77
N ASP J 71 -30.24 -18.07 -2.25
CA ASP J 71 -31.41 -18.94 -2.35
C ASP J 71 -31.42 -19.62 -3.72
N PRO J 72 -31.54 -20.95 -3.79
CA PRO J 72 -31.42 -21.64 -5.08
C PRO J 72 -32.52 -21.30 -6.06
N ARG J 73 -33.60 -20.65 -5.63
CA ARG J 73 -34.72 -20.34 -6.50
C ARG J 73 -34.64 -18.95 -7.12
N VAL J 74 -33.59 -18.18 -6.82
CA VAL J 74 -33.45 -16.81 -7.30
C VAL J 74 -32.16 -16.72 -8.11
N PRO J 75 -32.13 -16.06 -9.26
CA PRO J 75 -30.90 -15.96 -10.02
C PRO J 75 -29.82 -15.21 -9.26
N LEU J 76 -28.56 -15.59 -9.52
CA LEU J 76 -27.44 -14.96 -8.83
C LEU J 76 -27.33 -13.48 -9.16
N ALA J 77 -27.72 -13.09 -10.37
CA ALA J 77 -27.62 -11.68 -10.76
C ALA J 77 -28.53 -10.78 -9.93
N TRP J 78 -29.54 -11.35 -9.26
CA TRP J 78 -30.45 -10.54 -8.46
C TRP J 78 -29.85 -10.12 -7.13
N TYR J 79 -28.85 -10.85 -6.63
CA TYR J 79 -28.09 -10.44 -5.46
C TYR J 79 -26.99 -9.45 -5.81
N GLN J 80 -27.11 -8.78 -6.95
CA GLN J 80 -26.11 -7.83 -7.42
C GLN J 80 -26.90 -6.66 -8.01
N GLY J 81 -26.24 -5.81 -8.79
CA GLY J 81 -26.84 -4.57 -9.23
C GLY J 81 -28.07 -4.71 -10.12
N CYS J 82 -28.53 -5.93 -10.39
CA CYS J 82 -29.64 -6.11 -11.32
C CYS J 82 -31.01 -6.18 -10.64
N ALA J 83 -31.12 -5.90 -9.35
CA ALA J 83 -32.40 -5.94 -8.67
C ALA J 83 -32.40 -4.99 -7.48
N GLN J 84 -33.59 -4.67 -6.99
CA GLN J 84 -33.79 -3.77 -5.86
C GLN J 84 -34.13 -4.57 -4.61
N ILE J 85 -33.52 -4.20 -3.48
CA ILE J 85 -33.51 -5.03 -2.29
C ILE J 85 -34.27 -4.33 -1.17
N ASP J 86 -35.13 -5.07 -0.49
CA ASP J 86 -35.75 -4.67 0.77
C ASP J 86 -35.38 -5.71 1.82
N ALA J 87 -34.82 -5.26 2.95
CA ALA J 87 -34.25 -6.17 3.92
C ALA J 87 -34.72 -5.86 5.33
N GLN J 88 -34.82 -6.89 6.15
CA GLN J 88 -35.05 -6.78 7.58
C GLN J 88 -34.19 -7.79 8.30
N VAL J 89 -33.51 -7.37 9.36
CA VAL J 89 -32.66 -8.24 10.16
C VAL J 89 -33.10 -8.12 11.61
N GLU J 90 -33.37 -9.25 12.24
CA GLU J 90 -33.81 -9.30 13.63
C GLU J 90 -32.75 -10.03 14.45
N LYS J 91 -32.36 -9.42 15.57
CA LYS J 91 -31.35 -10.01 16.44
C LYS J 91 -32.02 -10.80 17.56
N PHE J 92 -31.19 -11.46 18.38
CA PHE J 92 -31.72 -12.26 19.48
C PHE J 92 -32.23 -11.40 20.63
N ASP J 93 -31.75 -10.17 20.76
CA ASP J 93 -32.18 -9.31 21.86
C ASP J 93 -33.43 -8.51 21.54
N GLY J 94 -33.90 -8.52 20.30
CA GLY J 94 -35.15 -7.88 19.93
C GLY J 94 -35.01 -6.76 18.93
N THR J 95 -33.79 -6.35 18.58
CA THR J 95 -33.62 -5.26 17.64
C THR J 95 -34.00 -5.71 16.24
N VAL J 96 -34.62 -4.80 15.48
CA VAL J 96 -35.01 -5.05 14.10
C VAL J 96 -34.48 -3.90 13.26
N MET J 97 -33.81 -4.23 12.16
CA MET J 97 -33.23 -3.24 11.25
C MET J 97 -33.95 -3.32 9.91
N THR J 98 -34.76 -2.32 9.61
CA THR J 98 -35.59 -2.33 8.42
C THR J 98 -35.04 -1.35 7.39
N LEU J 99 -34.75 -1.87 6.20
CA LEU J 99 -34.26 -1.08 5.08
C LEU J 99 -35.13 -1.38 3.87
N THR J 100 -35.49 -0.33 3.13
CA THR J 100 -36.33 -0.48 1.94
C THR J 100 -35.77 0.33 0.79
N GLU J 101 -35.97 -0.17 -0.43
CA GLU J 101 -35.48 0.48 -1.64
C GLU J 101 -33.95 0.57 -1.63
N GLY J 102 -33.29 -0.54 -1.35
CA GLY J 102 -31.84 -0.55 -1.34
C GLY J 102 -31.26 -0.56 -2.74
N ALA J 103 -29.97 -0.24 -2.82
CA ALA J 103 -29.21 -0.28 -4.05
C ALA J 103 -27.86 -0.94 -3.77
N VAL J 104 -27.57 -2.03 -4.49
CA VAL J 104 -26.34 -2.79 -4.27
C VAL J 104 -25.24 -2.18 -5.13
N THR J 105 -24.11 -1.88 -4.50
CA THR J 105 -23.02 -1.13 -5.12
C THR J 105 -21.76 -1.97 -5.23
N GLU J 106 -21.11 -1.88 -6.39
CA GLU J 106 -19.82 -2.50 -6.67
C GLU J 106 -19.75 -3.94 -6.17
N PRO J 107 -20.50 -4.86 -6.77
CA PRO J 107 -20.44 -6.26 -6.34
C PRO J 107 -19.10 -6.88 -6.70
N GLU J 108 -18.71 -7.89 -5.91
CA GLU J 108 -17.55 -8.70 -6.22
C GLU J 108 -17.98 -10.08 -6.68
N GLU J 109 -17.03 -10.81 -7.26
CA GLU J 109 -17.33 -12.11 -7.82
C GLU J 109 -17.66 -13.12 -6.73
N SER J 110 -18.63 -13.98 -7.01
CA SER J 110 -19.12 -14.96 -6.05
C SER J 110 -18.92 -16.37 -6.56
N ASP J 111 -18.67 -17.30 -5.65
CA ASP J 111 -18.51 -18.70 -6.02
C ASP J 111 -19.84 -19.37 -6.34
N GLY J 112 -20.97 -18.69 -6.11
CA GLY J 112 -22.27 -19.23 -6.43
C GLY J 112 -23.11 -19.66 -5.24
N ARG J 113 -22.54 -19.70 -4.03
CA ARG J 113 -23.30 -20.06 -2.84
C ARG J 113 -23.35 -18.91 -1.84
N ALA J 114 -22.22 -18.34 -1.47
CA ALA J 114 -22.19 -17.25 -0.51
C ALA J 114 -22.10 -15.91 -1.22
N VAL J 115 -22.86 -14.93 -0.73
CA VAL J 115 -22.90 -13.59 -1.31
C VAL J 115 -22.79 -12.59 -0.17
N THR J 116 -22.04 -11.51 -0.40
CA THR J 116 -21.89 -10.42 0.56
C THR J 116 -22.31 -9.13 -0.13
N MET J 117 -23.57 -8.77 0.03
CA MET J 117 -24.10 -7.56 -0.57
C MET J 117 -23.59 -6.33 0.19
N THR J 118 -23.55 -5.19 -0.52
CA THR J 118 -23.29 -3.90 0.08
C THR J 118 -24.41 -2.96 -0.35
N ILE J 119 -25.28 -2.62 0.59
CA ILE J 119 -26.54 -1.93 0.31
C ILE J 119 -26.46 -0.52 0.87
N ILE J 120 -26.96 0.45 0.12
CA ILE J 120 -27.09 1.83 0.58
C ILE J 120 -28.55 2.24 0.42
N ALA J 121 -29.06 2.95 1.43
CA ALA J 121 -30.43 3.45 1.41
C ALA J 121 -30.43 4.88 1.93
N ALA J 122 -31.54 5.57 1.69
CA ALA J 122 -31.68 6.93 2.19
C ALA J 122 -31.76 6.96 3.70
N GLU J 123 -32.46 5.98 4.31
CA GLU J 123 -32.57 5.87 5.75
C GLU J 123 -32.63 4.41 6.13
N ILE J 124 -32.34 4.14 7.41
CA ILE J 124 -32.53 2.83 8.02
C ILE J 124 -33.28 3.02 9.33
N ASP J 125 -34.26 2.17 9.58
CA ASP J 125 -35.10 2.26 10.76
C ASP J 125 -34.66 1.23 11.80
N GLU J 126 -34.48 1.68 13.03
CA GLU J 126 -34.08 0.82 14.13
C GLU J 126 -35.21 0.75 15.15
N LEU J 127 -35.60 -0.47 15.51
CA LEU J 127 -36.64 -0.71 16.52
C LEU J 127 -35.96 -1.38 17.70
N LEU J 128 -35.86 -0.66 18.81
CA LEU J 128 -35.14 -1.14 19.98
C LEU J 128 -36.04 -2.05 20.81
N PRO J 129 -35.46 -2.78 21.76
CA PRO J 129 -36.29 -3.57 22.68
C PRO J 129 -37.14 -2.66 23.54
N PRO J 130 -38.24 -3.17 24.10
CA PRO J 130 -39.13 -2.29 24.88
C PRO J 130 -38.38 -1.60 26.01
N GLY J 131 -38.67 -0.32 26.19
CA GLY J 131 -38.06 0.48 27.23
C GLY J 131 -36.97 1.46 26.79
N SER J 132 -37.06 1.98 25.57
CA SER J 132 -36.03 2.88 25.06
C SER J 132 -36.08 4.23 25.78
N LEU J 133 -34.98 4.98 25.66
CA LEU J 133 -34.88 6.31 26.24
C LEU J 133 -35.01 7.43 25.21
N ALA J 134 -34.72 7.16 23.94
CA ALA J 134 -34.78 8.19 22.92
C ALA J 134 -36.18 8.26 22.31
N ALA J 135 -36.68 9.48 22.15
CA ALA J 135 -37.99 9.68 21.54
C ALA J 135 -37.98 9.21 20.09
N MET K 1 -34.22 -35.75 -49.31
CA MET K 1 -33.17 -34.71 -49.59
C MET K 1 -33.64 -33.33 -49.14
N ALA K 2 -34.58 -32.75 -49.90
CA ALA K 2 -35.19 -31.49 -49.53
C ALA K 2 -34.18 -30.35 -49.49
N GLN K 3 -33.78 -29.94 -48.28
CA GLN K 3 -32.96 -28.76 -48.09
C GLN K 3 -31.72 -29.13 -47.28
N ASP K 4 -30.61 -28.43 -47.54
CA ASP K 4 -29.31 -28.89 -47.09
C ASP K 4 -29.24 -29.04 -45.57
N ALA K 5 -29.69 -28.03 -44.83
CA ALA K 5 -29.60 -28.08 -43.39
C ALA K 5 -30.42 -29.22 -42.79
N LEU K 6 -31.43 -29.70 -43.52
CA LEU K 6 -32.33 -30.74 -43.02
C LEU K 6 -32.19 -32.06 -43.75
N SER K 7 -31.28 -32.16 -44.74
CA SER K 7 -31.26 -33.32 -45.62
C SER K 7 -30.65 -34.55 -44.94
N ASP K 8 -29.57 -34.37 -44.17
CA ASP K 8 -28.84 -35.52 -43.64
C ASP K 8 -29.68 -36.36 -42.67
N GLY K 9 -30.76 -35.81 -42.13
CA GLY K 9 -31.65 -36.57 -41.27
C GLY K 9 -31.26 -36.63 -39.81
N PHE K 10 -30.21 -35.90 -39.40
CA PHE K 10 -29.87 -35.87 -37.97
C PHE K 10 -30.94 -35.15 -37.17
N VAL K 11 -31.43 -34.02 -37.68
CA VAL K 11 -32.48 -33.25 -37.03
C VAL K 11 -33.78 -33.50 -37.76
N ARG K 12 -34.79 -33.97 -37.04
CA ARG K 12 -36.11 -34.21 -37.58
C ARG K 12 -37.06 -33.16 -37.01
N LEU K 13 -37.58 -32.29 -37.87
CA LEU K 13 -38.25 -31.07 -37.47
C LEU K 13 -39.76 -31.21 -37.64
N CYS K 14 -40.50 -30.71 -36.66
CA CYS K 14 -41.96 -30.64 -36.71
C CYS K 14 -42.39 -29.24 -36.29
N ILE K 15 -43.21 -28.60 -37.13
CA ILE K 15 -43.73 -27.27 -36.85
C ILE K 15 -45.24 -27.37 -36.73
N ASP K 16 -45.76 -27.12 -35.53
CA ASP K 16 -47.19 -27.21 -35.28
C ASP K 16 -47.56 -26.23 -34.17
N PRO K 17 -48.26 -25.13 -34.48
CA PRO K 17 -48.57 -24.14 -33.44
C PRO K 17 -49.66 -24.56 -32.47
N SER K 18 -50.19 -25.78 -32.58
CA SER K 18 -51.28 -26.23 -31.72
C SER K 18 -50.85 -27.23 -30.66
N LEU K 19 -49.56 -27.45 -30.48
CA LEU K 19 -49.08 -28.41 -29.49
C LEU K 19 -49.05 -27.79 -28.10
N ASN K 20 -49.07 -28.65 -27.08
CA ASN K 20 -48.98 -28.24 -25.69
C ASN K 20 -47.94 -29.09 -24.96
N PHE K 21 -47.14 -28.44 -24.13
CA PHE K 21 -46.14 -29.14 -23.32
C PHE K 21 -46.64 -29.45 -21.92
N PHE K 22 -47.84 -28.99 -21.56
CA PHE K 22 -48.35 -29.15 -20.21
C PHE K 22 -48.69 -30.61 -19.93
N GLY K 23 -48.54 -31.00 -18.67
CA GLY K 23 -48.97 -32.31 -18.24
C GLY K 23 -50.45 -32.34 -17.93
N GLU K 24 -50.89 -33.51 -17.46
CA GLU K 24 -52.30 -33.69 -17.13
C GLU K 24 -52.55 -33.25 -15.69
N GLY K 25 -53.27 -32.15 -15.51
CA GLY K 25 -53.53 -31.61 -14.19
C GLY K 25 -54.57 -32.40 -13.45
N CYS K 26 -55.29 -31.70 -12.57
CA CYS K 26 -56.37 -32.34 -11.82
C CYS K 26 -57.60 -32.49 -12.71
N LYS K 27 -58.52 -33.35 -12.27
CA LYS K 27 -59.73 -33.64 -13.02
C LYS K 27 -60.92 -32.99 -12.34
N ILE K 28 -61.78 -32.35 -13.14
CA ILE K 28 -62.98 -31.68 -12.67
C ILE K 28 -64.17 -32.24 -13.43
N LEU K 29 -65.23 -32.58 -12.71
CA LEU K 29 -66.45 -33.14 -13.30
C LEU K 29 -67.55 -32.09 -13.30
N VAL K 30 -68.21 -31.94 -14.43
CA VAL K 30 -69.31 -30.98 -14.60
C VAL K 30 -70.56 -31.78 -14.92
N GLU K 31 -71.62 -31.55 -14.15
CA GLU K 31 -72.86 -32.33 -14.25
C GLU K 31 -74.03 -31.39 -14.47
N GLY K 32 -74.82 -31.65 -15.52
CA GLY K 32 -75.92 -30.77 -15.85
C GLY K 32 -76.80 -31.39 -16.91
N GLN K 33 -77.86 -30.66 -17.25
CA GLN K 33 -78.85 -31.15 -18.21
C GLN K 33 -78.34 -31.01 -19.63
N ILE K 34 -78.84 -31.86 -20.53
CA ILE K 34 -78.60 -31.71 -21.96
C ILE K 34 -79.95 -31.65 -22.67
N THR K 35 -79.93 -31.54 -23.99
CA THR K 35 -81.15 -31.47 -24.78
C THR K 35 -81.20 -32.66 -25.74
N ASP K 36 -82.37 -32.84 -26.36
CA ASP K 36 -82.59 -33.99 -27.22
C ASP K 36 -81.69 -33.99 -28.45
N ASP K 37 -81.21 -32.82 -28.88
CA ASP K 37 -80.40 -32.76 -30.10
C ASP K 37 -78.94 -33.06 -29.86
N ALA K 38 -78.53 -33.33 -28.61
CA ALA K 38 -77.15 -33.66 -28.31
C ALA K 38 -76.82 -35.08 -28.75
N THR K 39 -75.59 -35.27 -29.22
CA THR K 39 -75.15 -36.58 -29.69
C THR K 39 -74.41 -37.37 -28.62
N ALA K 40 -74.26 -36.84 -27.41
CA ALA K 40 -73.57 -37.56 -26.36
C ALA K 40 -74.50 -38.56 -25.68
N ALA K 41 -73.91 -39.66 -25.19
CA ALA K 41 -74.69 -40.68 -24.52
C ALA K 41 -75.04 -40.26 -23.11
N GLU K 42 -76.27 -40.55 -22.70
CA GLU K 42 -76.71 -40.20 -21.35
C GLU K 42 -75.95 -41.01 -20.29
N ASN K 43 -75.79 -40.40 -19.12
CA ASN K 43 -75.27 -41.08 -17.93
C ASN K 43 -73.95 -41.80 -18.21
N VAL K 44 -73.06 -41.17 -18.95
CA VAL K 44 -71.74 -41.70 -19.23
C VAL K 44 -70.73 -40.56 -19.11
N VAL K 45 -69.77 -40.70 -18.20
CA VAL K 45 -68.74 -39.68 -18.01
C VAL K 45 -67.78 -39.75 -19.19
N THR K 46 -67.56 -38.60 -19.83
CA THR K 46 -66.72 -38.52 -21.02
C THR K 46 -65.81 -37.31 -20.91
N CYS K 47 -64.65 -37.41 -21.56
CA CYS K 47 -63.69 -36.31 -21.56
C CYS K 47 -64.11 -35.23 -22.54
N VAL K 48 -63.75 -33.98 -22.22
CA VAL K 48 -64.01 -32.83 -23.07
C VAL K 48 -62.65 -32.20 -23.36
N ASN K 49 -62.35 -31.99 -24.64
CA ASN K 49 -61.00 -31.56 -25.01
C ASN K 49 -60.91 -30.07 -25.30
N SER K 50 -62.00 -29.45 -25.74
CA SER K 50 -61.96 -28.03 -26.09
C SER K 50 -63.38 -27.47 -26.06
N GLU K 51 -63.45 -26.14 -26.23
CA GLU K 51 -64.71 -25.41 -26.19
C GLU K 51 -65.54 -25.56 -27.46
N LEU K 52 -64.97 -26.08 -28.54
CA LEU K 52 -65.61 -26.03 -29.84
C LEU K 52 -66.34 -27.32 -30.22
N ASP K 53 -66.25 -28.36 -29.40
CA ASP K 53 -67.00 -29.58 -29.66
C ASP K 53 -68.40 -29.56 -29.06
N LEU K 54 -68.74 -28.52 -28.33
CA LEU K 54 -70.02 -28.45 -27.64
C LEU K 54 -71.15 -28.23 -28.64
N VAL K 55 -72.37 -28.11 -28.10
CA VAL K 55 -73.60 -27.93 -28.88
C VAL K 55 -73.96 -29.24 -29.57
N GLU K 56 -73.11 -29.68 -30.51
CA GLU K 56 -73.37 -30.94 -31.19
C GLU K 56 -73.25 -32.12 -30.23
N ARG K 57 -72.39 -32.01 -29.22
CA ARG K 57 -72.23 -33.09 -28.27
C ARG K 57 -73.14 -32.93 -27.06
N PHE K 58 -73.52 -31.69 -26.71
CA PHE K 58 -74.24 -31.45 -25.47
C PHE K 58 -75.46 -30.55 -25.64
N GLY K 59 -75.84 -30.23 -26.88
CA GLY K 59 -77.10 -29.53 -27.11
C GLY K 59 -76.93 -28.03 -27.22
N GLN K 60 -77.85 -27.41 -27.96
CA GLN K 60 -77.81 -25.98 -28.21
C GLN K 60 -78.27 -25.22 -26.97
N GLY K 61 -77.42 -24.33 -26.46
CA GLY K 61 -77.83 -23.47 -25.36
C GLY K 61 -78.32 -24.22 -24.14
N SER K 62 -77.79 -25.43 -23.91
CA SER K 62 -78.17 -26.21 -22.75
C SER K 62 -77.40 -25.74 -21.51
N VAL K 63 -77.88 -26.20 -20.35
CA VAL K 63 -77.21 -25.86 -19.11
C VAL K 63 -75.77 -26.36 -19.11
N LEU K 64 -75.57 -27.60 -19.55
CA LEU K 64 -74.24 -28.19 -19.51
C LEU K 64 -73.27 -27.45 -20.41
N THR K 65 -73.71 -27.06 -21.60
CA THR K 65 -72.82 -26.35 -22.52
C THR K 65 -72.35 -25.03 -21.93
N GLU K 66 -73.29 -24.26 -21.36
CA GLU K 66 -72.93 -22.98 -20.79
C GLU K 66 -72.05 -23.15 -19.56
N SER K 67 -72.30 -24.20 -18.76
CA SER K 67 -71.43 -24.48 -17.63
C SER K 67 -70.02 -24.79 -18.07
N LEU K 68 -69.87 -25.61 -19.12
CA LEU K 68 -68.54 -25.96 -19.61
C LEU K 68 -67.83 -24.78 -20.23
N ARG K 69 -68.59 -23.86 -20.84
CA ARG K 69 -67.97 -22.70 -21.46
C ARG K 69 -67.21 -21.88 -20.44
N LYS K 70 -67.83 -21.58 -19.29
CA LYS K 70 -67.14 -20.84 -18.25
C LYS K 70 -65.97 -21.64 -17.68
N VAL K 71 -66.13 -22.95 -17.54
CA VAL K 71 -65.06 -23.78 -17.00
C VAL K 71 -63.82 -23.66 -17.87
N PHE K 72 -63.99 -23.73 -19.18
CA PHE K 72 -62.85 -23.56 -20.07
C PHE K 72 -62.36 -22.12 -20.08
N CYS K 73 -63.25 -21.16 -19.90
CA CYS K 73 -62.83 -19.76 -19.87
C CYS K 73 -61.88 -19.49 -18.71
N MET K 74 -62.20 -19.99 -17.52
CA MET K 74 -61.38 -19.70 -16.35
C MET K 74 -60.02 -20.37 -16.45
N CYS K 75 -59.99 -21.65 -16.78
CA CYS K 75 -58.76 -22.44 -16.74
C CYS K 75 -58.13 -22.47 -18.13
N LYS K 76 -57.12 -21.62 -18.31
CA LYS K 76 -56.38 -21.61 -19.56
C LYS K 76 -55.44 -22.80 -19.67
N SER K 77 -55.03 -23.37 -18.53
CA SER K 77 -54.11 -24.51 -18.55
C SER K 77 -54.16 -25.19 -17.19
N GLY K 78 -53.64 -26.42 -17.17
CA GLY K 78 -53.44 -27.13 -15.91
C GLY K 78 -54.66 -27.82 -15.35
N VAL K 79 -55.60 -28.25 -16.19
CA VAL K 79 -56.80 -28.92 -15.74
C VAL K 79 -57.30 -29.88 -16.82
N SER K 80 -58.02 -30.91 -16.39
CA SER K 80 -58.68 -31.85 -17.28
C SER K 80 -60.17 -31.84 -16.96
N VAL K 81 -61.00 -31.66 -17.98
CA VAL K 81 -62.43 -31.44 -17.81
C VAL K 81 -63.19 -32.70 -18.21
N TYR K 82 -64.11 -33.13 -17.35
CA TYR K 82 -65.00 -34.25 -17.62
C TYR K 82 -66.44 -33.80 -17.43
N ALA K 83 -67.35 -34.44 -18.14
CA ALA K 83 -68.76 -34.07 -18.13
C ALA K 83 -69.63 -35.29 -17.86
N LEU K 84 -70.73 -35.06 -17.14
CA LEU K 84 -71.71 -36.10 -16.81
C LEU K 84 -73.09 -35.59 -17.21
N PRO K 85 -73.49 -35.79 -18.47
CA PRO K 85 -74.76 -35.20 -18.95
C PRO K 85 -75.97 -35.95 -18.40
N ARG K 86 -76.97 -35.19 -17.98
CA ARG K 86 -78.28 -35.70 -17.58
C ARG K 86 -79.34 -35.13 -18.52
N ALA K 87 -80.54 -35.72 -18.46
CA ALA K 87 -81.64 -35.31 -19.32
C ALA K 87 -82.86 -35.00 -18.46
N ASP K 88 -83.74 -34.16 -19.00
CA ASP K 88 -84.92 -33.72 -18.27
C ASP K 88 -85.87 -34.89 -18.00
N ALA K 89 -86.69 -34.74 -16.98
CA ALA K 89 -87.72 -35.74 -16.70
C ALA K 89 -88.81 -35.69 -17.75
N ALA K 90 -89.62 -36.75 -17.81
CA ALA K 90 -90.65 -36.83 -18.83
C ALA K 90 -91.74 -35.78 -18.62
N ALA K 91 -92.01 -35.41 -17.36
CA ALA K 91 -93.05 -34.46 -17.04
C ALA K 91 -92.53 -33.04 -16.81
N ALA K 92 -91.29 -32.76 -17.20
CA ALA K 92 -90.71 -31.46 -16.97
C ALA K 92 -91.51 -30.37 -17.68
N VAL K 93 -91.65 -29.21 -17.05
CA VAL K 93 -92.40 -28.09 -17.58
C VAL K 93 -91.46 -26.90 -17.72
N SER K 94 -91.41 -26.32 -18.91
CA SER K 94 -90.56 -25.16 -19.15
C SER K 94 -91.24 -23.89 -18.66
N ALA K 95 -90.50 -23.05 -17.95
CA ALA K 95 -91.05 -21.79 -17.45
C ALA K 95 -91.18 -20.78 -18.58
N VAL K 96 -92.14 -19.87 -18.43
CA VAL K 96 -92.48 -18.90 -19.46
C VAL K 96 -92.41 -17.50 -18.87
N TYR K 97 -91.80 -16.57 -19.60
CA TYR K 97 -91.77 -15.17 -19.23
C TYR K 97 -92.29 -14.32 -20.38
N THR K 98 -92.86 -13.17 -20.02
CA THR K 98 -93.44 -12.25 -21.00
C THR K 98 -92.68 -10.93 -20.98
N LEU K 99 -92.22 -10.50 -22.15
CA LEU K 99 -91.56 -9.21 -22.33
C LEU K 99 -92.41 -8.39 -23.28
N THR K 100 -92.84 -7.20 -22.83
CA THR K 100 -93.77 -6.37 -23.57
C THR K 100 -93.16 -4.99 -23.78
N VAL K 101 -93.21 -4.50 -25.02
CA VAL K 101 -92.80 -3.16 -25.36
C VAL K 101 -94.04 -2.29 -25.49
N THR K 102 -93.93 -1.03 -25.09
CA THR K 102 -95.07 -0.12 -25.07
C THR K 102 -94.64 1.26 -25.55
N GLY K 103 -95.62 2.07 -25.91
CA GLY K 103 -95.38 3.42 -26.38
C GLY K 103 -95.05 3.47 -27.86
N THR K 104 -94.53 4.63 -28.26
CA THR K 104 -94.11 4.84 -29.65
C THR K 104 -92.94 5.80 -29.65
N ALA K 105 -91.82 5.37 -30.23
CA ALA K 105 -90.62 6.18 -30.22
C ALA K 105 -90.85 7.51 -30.92
N LEU K 106 -90.41 8.59 -30.27
CA LEU K 106 -90.49 9.92 -30.84
C LEU K 106 -89.12 10.60 -30.91
N THR K 107 -88.07 9.95 -30.45
CA THR K 107 -86.70 10.42 -30.64
C THR K 107 -85.82 9.23 -31.01
N ASP K 108 -84.75 9.50 -31.73
CA ASP K 108 -83.79 8.46 -32.07
C ASP K 108 -82.87 8.20 -30.88
N GLY K 109 -82.24 7.03 -30.88
CA GLY K 109 -81.34 6.66 -29.81
C GLY K 109 -81.05 5.17 -29.84
N ARG K 110 -80.60 4.67 -28.69
CA ARG K 110 -80.23 3.27 -28.53
C ARG K 110 -80.80 2.73 -27.23
N VAL K 111 -80.96 1.41 -27.20
CA VAL K 111 -81.35 0.70 -25.99
C VAL K 111 -80.43 -0.51 -25.84
N GLN K 112 -79.92 -0.72 -24.63
CA GLN K 112 -79.03 -1.83 -24.31
C GLN K 112 -79.65 -2.64 -23.19
N LEU K 113 -79.87 -3.92 -23.45
CA LEU K 113 -80.54 -4.82 -22.52
C LEU K 113 -79.54 -5.80 -21.92
N TYR K 114 -79.66 -6.04 -20.61
CA TYR K 114 -78.87 -7.06 -19.94
C TYR K 114 -79.76 -8.28 -19.67
N MET K 115 -79.31 -9.45 -20.11
CA MET K 115 -80.10 -10.68 -20.04
C MET K 115 -79.21 -11.81 -19.55
N GLY K 116 -79.30 -12.11 -18.26
CA GLY K 116 -78.66 -13.29 -17.71
C GLY K 116 -77.17 -13.16 -17.52
N GLU K 117 -76.45 -12.74 -18.56
CA GLU K 117 -75.01 -12.64 -18.50
C GLU K 117 -74.53 -11.65 -19.54
N ALA K 118 -73.33 -11.11 -19.34
CA ALA K 118 -72.80 -10.12 -20.26
C ALA K 118 -72.64 -10.68 -21.67
N GLU K 119 -72.45 -11.99 -21.80
CA GLU K 119 -72.29 -12.59 -23.11
C GLU K 119 -73.60 -12.63 -23.89
N TYR K 120 -74.75 -12.63 -23.20
CA TYR K 120 -76.05 -12.66 -23.85
C TYR K 120 -76.71 -11.30 -23.93
N SER K 121 -76.10 -10.27 -23.34
CA SER K 121 -76.62 -8.91 -23.47
C SER K 121 -76.38 -8.41 -24.89
N LEU K 122 -77.29 -7.56 -25.36
CA LEU K 122 -77.28 -7.09 -26.73
C LEU K 122 -77.56 -5.60 -26.78
N ASP K 123 -77.05 -4.95 -27.82
CA ASP K 123 -77.29 -3.54 -28.09
C ASP K 123 -78.08 -3.42 -29.38
N ILE K 124 -79.24 -2.77 -29.30
CA ILE K 124 -80.12 -2.56 -30.44
C ILE K 124 -80.49 -1.09 -30.50
N GLY K 125 -80.43 -0.50 -31.70
CA GLY K 125 -80.63 0.91 -31.87
C GLY K 125 -81.81 1.24 -32.78
N VAL K 126 -82.27 2.49 -32.66
CA VAL K 126 -83.33 3.03 -33.49
C VAL K 126 -82.87 4.36 -34.05
N ASP K 127 -83.22 4.64 -35.30
CA ASP K 127 -82.75 5.83 -35.99
C ASP K 127 -83.87 6.81 -36.34
N GLU K 128 -85.13 6.46 -36.10
CA GLU K 128 -86.24 7.35 -36.42
C GLU K 128 -87.35 7.17 -35.40
N GLY K 129 -88.18 8.20 -35.28
CA GLY K 129 -89.34 8.14 -34.43
C GLY K 129 -90.51 7.46 -35.11
N ASP K 130 -91.61 7.37 -34.38
CA ASP K 130 -92.86 6.79 -34.85
C ASP K 130 -92.72 5.31 -35.23
N THR K 131 -91.63 4.66 -34.82
CA THR K 131 -91.46 3.25 -35.09
C THR K 131 -92.46 2.45 -34.25
N PRO K 132 -93.32 1.64 -34.85
CA PRO K 132 -94.31 0.90 -34.05
C PRO K 132 -93.62 -0.04 -33.07
N THR K 133 -94.42 -0.57 -32.15
CA THR K 133 -93.92 -1.59 -31.24
C THR K 133 -93.53 -2.85 -31.99
N GLN K 134 -93.97 -3.02 -33.24
CA GLN K 134 -93.58 -4.14 -34.07
C GLN K 134 -92.22 -3.94 -34.72
N ILE K 135 -91.81 -2.69 -34.96
CA ILE K 135 -90.40 -2.45 -35.27
C ILE K 135 -89.54 -2.73 -34.04
N ALA K 136 -90.04 -2.39 -32.85
CA ALA K 136 -89.55 -3.03 -31.64
C ALA K 136 -89.95 -4.51 -31.67
N ALA K 137 -89.33 -5.30 -30.80
CA ALA K 137 -89.33 -6.75 -30.91
C ALA K 137 -88.43 -7.23 -32.04
N LYS K 138 -87.73 -6.30 -32.71
CA LYS K 138 -86.63 -6.65 -33.60
C LYS K 138 -85.46 -7.24 -32.84
N ILE K 139 -85.48 -7.16 -31.52
CA ILE K 139 -84.46 -7.74 -30.65
C ILE K 139 -84.11 -9.14 -31.11
N VAL K 140 -85.12 -9.92 -31.48
CA VAL K 140 -84.91 -11.31 -31.88
C VAL K 140 -83.92 -11.45 -33.02
N ALA K 141 -83.72 -10.40 -33.81
CA ALA K 141 -82.66 -10.44 -34.82
C ALA K 141 -81.28 -10.42 -34.17
N ALA K 142 -81.20 -10.06 -32.89
CA ALA K 142 -79.93 -9.93 -32.20
C ALA K 142 -79.69 -11.01 -31.16
N ILE K 143 -80.75 -11.65 -30.66
CA ILE K 143 -80.60 -12.67 -29.63
C ILE K 143 -79.68 -13.77 -30.15
N SER K 144 -78.76 -14.22 -29.31
CA SER K 144 -77.78 -15.21 -29.72
C SER K 144 -78.37 -16.61 -29.70
N PRO K 145 -77.86 -17.53 -30.51
CA PRO K 145 -78.36 -18.91 -30.47
C PRO K 145 -78.16 -19.59 -29.13
N ASP K 146 -77.08 -19.26 -28.42
CA ASP K 146 -76.73 -19.95 -27.19
C ASP K 146 -77.53 -19.48 -25.98
N PHE K 147 -78.35 -18.46 -26.13
CA PHE K 147 -79.18 -18.01 -25.02
C PHE K 147 -80.10 -19.15 -24.59
N PRO K 148 -80.10 -19.55 -23.30
CA PRO K 148 -80.87 -20.74 -22.92
C PRO K 148 -82.38 -20.64 -23.09
N TYR K 149 -82.88 -19.54 -23.65
CA TYR K 149 -84.31 -19.34 -23.79
C TYR K 149 -84.66 -19.07 -25.25
N GLU K 150 -85.91 -19.41 -25.62
CA GLU K 150 -86.41 -19.20 -26.96
C GLU K 150 -87.35 -18.00 -26.96
N ALA K 151 -87.17 -17.11 -27.93
CA ALA K 151 -88.00 -15.91 -28.07
C ALA K 151 -89.02 -16.14 -29.18
N THR K 152 -90.29 -15.95 -28.87
CA THR K 152 -91.36 -16.21 -29.83
C THR K 152 -91.48 -15.14 -30.91
N ALA K 153 -91.13 -13.89 -30.60
CA ALA K 153 -91.22 -12.81 -31.57
C ALA K 153 -92.64 -12.62 -32.06
N ALA K 154 -93.57 -12.47 -31.12
CA ALA K 154 -94.98 -12.27 -31.46
C ALA K 154 -95.20 -10.82 -31.89
N ALA K 155 -96.47 -10.47 -32.10
CA ALA K 155 -96.83 -9.15 -32.58
C ALA K 155 -96.68 -8.09 -31.49
N GLY K 156 -95.53 -7.43 -31.45
CA GLY K 156 -95.29 -6.38 -30.49
C GLY K 156 -94.79 -6.84 -29.14
N VAL K 157 -94.73 -8.15 -28.90
CA VAL K 157 -94.24 -8.70 -27.64
C VAL K 157 -93.48 -9.97 -27.94
N ILE K 158 -92.46 -10.26 -27.13
CA ILE K 158 -91.68 -11.48 -27.24
C ILE K 158 -91.82 -12.26 -25.94
N THR K 159 -92.14 -13.55 -26.06
CA THR K 159 -92.29 -14.43 -24.93
C THR K 159 -91.07 -15.35 -24.84
N LEU K 160 -90.54 -15.52 -23.63
CA LEU K 160 -89.31 -16.26 -23.41
C LEU K 160 -89.63 -17.53 -22.64
N THR K 161 -89.15 -18.67 -23.14
CA THR K 161 -89.37 -19.96 -22.52
C THR K 161 -88.05 -20.72 -22.44
N ALA K 162 -87.89 -21.50 -21.36
CA ALA K 162 -86.64 -22.19 -21.11
C ALA K 162 -86.45 -23.36 -22.07
N ARG K 163 -85.20 -23.56 -22.50
CA ARG K 163 -84.89 -24.72 -23.32
C ARG K 163 -84.80 -26.01 -22.52
N ASN K 164 -84.64 -25.90 -21.20
CA ASN K 164 -84.57 -27.05 -20.32
C ASN K 164 -85.66 -26.95 -19.27
N GLY K 165 -86.36 -28.06 -19.04
CA GLY K 165 -87.47 -28.07 -18.12
C GLY K 165 -87.02 -28.03 -16.67
N GLY K 166 -88.02 -28.00 -15.79
CA GLY K 166 -87.74 -27.93 -14.37
C GLY K 166 -87.55 -26.52 -13.87
N THR K 167 -86.99 -26.42 -12.67
CA THR K 167 -86.80 -25.14 -12.00
C THR K 167 -85.51 -24.43 -12.39
N ILE K 168 -84.66 -25.06 -13.20
CA ILE K 168 -83.37 -24.45 -13.52
C ILE K 168 -83.57 -23.19 -14.35
N GLY K 169 -84.54 -23.19 -15.26
CA GLY K 169 -84.83 -22.02 -16.06
C GLY K 169 -85.67 -20.98 -15.37
N ASN K 170 -85.92 -21.15 -14.08
CA ASN K 170 -86.84 -20.29 -13.33
C ASN K 170 -86.08 -19.10 -12.74
N HIS K 171 -84.97 -18.70 -13.37
CA HIS K 171 -84.07 -17.71 -12.80
C HIS K 171 -83.71 -16.57 -13.75
N LEU K 172 -84.35 -16.46 -14.91
CA LEU K 172 -83.98 -15.43 -15.86
C LEU K 172 -84.24 -14.05 -15.29
N SER K 173 -83.32 -13.11 -15.56
CA SER K 173 -83.44 -11.72 -15.15
C SER K 173 -83.08 -10.83 -16.33
N VAL K 174 -83.96 -9.86 -16.64
CA VAL K 174 -83.75 -8.92 -17.73
C VAL K 174 -83.84 -7.51 -17.14
N ILE K 175 -82.85 -6.68 -17.48
CA ILE K 175 -82.73 -5.33 -16.93
C ILE K 175 -82.69 -4.33 -18.08
N TYR K 176 -83.57 -3.34 -18.01
CA TYR K 176 -83.63 -2.26 -18.99
C TYR K 176 -82.69 -1.16 -18.48
N THR K 177 -81.40 -1.34 -18.76
CA THR K 177 -80.37 -0.58 -18.04
C THR K 177 -80.49 0.92 -18.27
N ASN K 178 -80.67 1.33 -19.51
CA ASN K 178 -80.58 2.75 -19.87
C ASN K 178 -81.83 3.55 -19.50
N LEU K 179 -82.71 3.02 -18.64
CA LEU K 179 -83.81 3.83 -18.15
C LEU K 179 -83.29 5.03 -17.37
N GLY K 180 -82.27 4.82 -16.55
CA GLY K 180 -81.68 5.93 -15.82
C GLY K 180 -80.78 6.76 -16.72
N SER K 181 -80.42 7.95 -16.25
CA SER K 181 -79.59 8.84 -17.02
C SER K 181 -78.25 8.19 -17.33
N CYS K 182 -77.76 8.41 -18.55
CA CYS K 182 -76.48 7.85 -18.98
C CYS K 182 -76.00 8.62 -20.20
N THR K 183 -74.77 8.31 -20.61
CA THR K 183 -74.19 8.98 -21.78
C THR K 183 -74.77 8.47 -23.09
N SER K 184 -75.60 7.42 -23.05
CA SER K 184 -76.27 6.91 -24.24
C SER K 184 -77.72 7.39 -24.23
N VAL K 185 -78.17 7.92 -25.36
CA VAL K 185 -79.49 8.54 -25.44
C VAL K 185 -80.53 7.45 -25.66
N THR K 186 -81.33 7.18 -24.63
CA THR K 186 -82.43 6.23 -24.77
C THR K 186 -83.58 6.88 -25.53
N PRO K 187 -84.12 6.24 -26.57
CA PRO K 187 -85.27 6.83 -27.28
C PRO K 187 -86.42 7.09 -26.32
N GLU K 188 -87.06 8.24 -26.47
CA GLU K 188 -88.14 8.64 -25.57
C GLU K 188 -89.43 7.93 -25.94
N GLY K 189 -90.31 7.79 -24.95
CA GLY K 189 -91.60 7.17 -25.16
C GLY K 189 -91.59 5.66 -25.24
N VAL K 190 -90.51 5.02 -24.81
CA VAL K 190 -90.37 3.56 -24.88
C VAL K 190 -90.26 3.01 -23.47
N THR K 191 -91.02 1.95 -23.19
CA THR K 191 -90.99 1.28 -21.90
C THR K 191 -91.11 -0.22 -22.12
N VAL K 192 -90.21 -0.98 -21.50
CA VAL K 192 -90.17 -2.43 -21.64
C VAL K 192 -90.38 -3.04 -20.26
N ALA K 193 -91.37 -3.93 -20.17
CA ALA K 193 -91.70 -4.60 -18.92
C ALA K 193 -91.42 -6.10 -19.03
N PHE K 194 -91.12 -6.71 -17.89
CA PHE K 194 -90.75 -8.12 -17.83
C PHE K 194 -91.45 -8.77 -16.65
N ALA K 195 -91.98 -9.97 -16.86
CA ALA K 195 -92.72 -10.67 -15.81
C ALA K 195 -92.75 -12.15 -16.12
N GLN K 196 -93.07 -12.94 -15.10
CA GLN K 196 -93.15 -14.39 -15.20
C GLN K 196 -94.61 -14.82 -15.27
N THR K 197 -94.86 -15.95 -15.96
CA THR K 197 -96.21 -16.46 -16.11
C THR K 197 -96.37 -17.91 -15.71
N THR K 198 -95.35 -18.75 -15.86
CA THR K 198 -95.45 -20.15 -15.47
C THR K 198 -94.10 -20.67 -14.98
N PRO K 199 -94.04 -21.29 -13.80
CA PRO K 199 -92.78 -21.89 -13.34
C PRO K 199 -92.67 -23.36 -13.69
N GLY K 200 -91.47 -23.90 -13.46
CA GLY K 200 -91.26 -25.34 -13.55
C GLY K 200 -91.66 -26.04 -12.28
N SER K 201 -91.84 -27.36 -12.37
CA SER K 201 -92.33 -28.13 -11.24
C SER K 201 -91.61 -29.45 -11.01
N VAL K 202 -90.87 -29.95 -12.00
CA VAL K 202 -90.31 -31.30 -11.96
C VAL K 202 -88.83 -31.23 -12.30
N ASN K 203 -88.01 -31.89 -11.49
CA ASN K 203 -86.57 -31.97 -11.69
C ASN K 203 -86.10 -33.41 -11.57
N PRO K 204 -85.05 -33.78 -12.30
CA PRO K 204 -84.52 -35.14 -12.16
C PRO K 204 -83.78 -35.34 -10.85
N GLU K 205 -83.80 -36.57 -10.36
CA GLU K 205 -83.14 -36.93 -9.10
C GLU K 205 -82.39 -38.24 -9.26
N PRO K 206 -81.31 -38.23 -10.04
CA PRO K 206 -80.51 -39.45 -10.20
C PRO K 206 -79.82 -39.84 -8.91
N ASN K 207 -79.61 -41.15 -8.74
CA ASN K 207 -78.93 -41.69 -7.56
C ASN K 207 -77.97 -42.81 -7.94
N ASP K 208 -77.36 -42.74 -9.11
CA ASP K 208 -76.51 -43.80 -9.63
C ASP K 208 -75.05 -43.40 -9.74
N TYR K 209 -74.53 -42.66 -8.75
CA TYR K 209 -73.11 -42.27 -8.78
C TYR K 209 -72.20 -43.46 -8.64
N ALA K 210 -72.57 -44.42 -7.79
CA ALA K 210 -71.69 -45.55 -7.50
C ALA K 210 -71.40 -46.39 -8.73
N SER K 211 -72.22 -46.29 -9.78
CA SER K 211 -72.05 -47.08 -10.98
C SER K 211 -71.35 -46.32 -12.11
N VAL K 212 -71.55 -45.01 -12.20
CA VAL K 212 -71.00 -44.24 -13.30
C VAL K 212 -69.68 -43.55 -12.95
N VAL K 213 -69.40 -43.36 -11.67
CA VAL K 213 -68.15 -42.77 -11.20
C VAL K 213 -67.36 -43.78 -10.38
N ASN K 214 -67.48 -45.06 -10.70
CA ASN K 214 -66.95 -46.14 -9.86
C ASN K 214 -65.44 -46.04 -9.78
N GLU K 215 -64.93 -45.67 -8.61
CA GLU K 215 -63.51 -45.76 -8.30
C GLU K 215 -62.64 -45.03 -9.31
N CYS K 216 -63.04 -43.83 -9.72
CA CYS K 216 -62.19 -42.91 -10.45
C CYS K 216 -62.19 -41.58 -9.73
N CYS K 217 -60.99 -41.05 -9.50
CA CYS K 217 -60.78 -39.95 -8.56
C CYS K 217 -60.90 -38.61 -9.28
N PHE K 218 -61.73 -37.73 -8.72
CA PHE K 218 -61.88 -36.36 -9.21
C PHE K 218 -61.58 -35.39 -8.08
N ALA K 219 -60.87 -34.31 -8.41
CA ALA K 219 -60.53 -33.30 -7.41
C ALA K 219 -61.72 -32.44 -7.05
N VAL K 220 -62.49 -32.01 -8.05
CA VAL K 220 -63.56 -31.03 -7.85
C VAL K 220 -64.83 -31.54 -8.52
N TYR K 221 -65.97 -31.31 -7.86
CA TYR K 221 -67.29 -31.62 -8.39
C TYR K 221 -68.10 -30.34 -8.50
N VAL K 222 -68.76 -30.15 -9.64
CA VAL K 222 -69.63 -29.00 -9.88
C VAL K 222 -71.01 -29.52 -10.25
N LEU K 223 -72.03 -29.01 -9.58
CA LEU K 223 -73.43 -29.35 -9.86
C LEU K 223 -74.15 -28.11 -10.37
N SER K 224 -74.80 -28.25 -11.54
CA SER K 224 -75.52 -27.14 -12.17
C SER K 224 -77.02 -27.20 -11.92
N SER K 225 -77.45 -27.62 -10.74
CA SER K 225 -78.86 -27.70 -10.40
C SER K 225 -79.08 -27.15 -9.00
N ASP K 226 -80.26 -26.57 -8.78
CA ASP K 226 -80.62 -25.99 -7.50
C ASP K 226 -81.44 -26.93 -6.62
N ASP K 227 -81.66 -28.16 -7.06
CA ASP K 227 -82.48 -29.10 -6.31
C ASP K 227 -81.72 -29.57 -5.07
N THR K 228 -82.39 -29.54 -3.91
CA THR K 228 -81.73 -29.94 -2.67
C THR K 228 -81.43 -31.43 -2.64
N ASP K 229 -82.35 -32.26 -3.13
CA ASP K 229 -82.16 -33.71 -3.07
C ASP K 229 -80.99 -34.18 -3.91
N TRP K 230 -80.85 -33.62 -5.12
CA TRP K 230 -79.71 -33.94 -5.96
C TRP K 230 -78.40 -33.59 -5.26
N GLN K 231 -78.37 -32.42 -4.62
CA GLN K 231 -77.18 -32.00 -3.90
C GLN K 231 -76.87 -32.94 -2.74
N GLU K 232 -77.92 -33.40 -2.03
CA GLU K 232 -77.68 -34.35 -0.94
C GLU K 232 -77.17 -35.68 -1.46
N ASN K 233 -77.65 -36.13 -2.61
CA ASN K 233 -77.11 -37.34 -3.20
C ASN K 233 -75.62 -37.17 -3.53
N LEU K 234 -75.26 -36.01 -4.09
CA LEU K 234 -73.85 -35.76 -4.37
C LEU K 234 -73.04 -35.72 -3.08
N ARG K 235 -73.58 -35.13 -2.02
CA ARG K 235 -72.88 -35.13 -0.75
C ARG K 235 -72.65 -36.55 -0.24
N ASP K 236 -73.67 -37.40 -0.37
CA ASP K 236 -73.52 -38.78 0.04
C ASP K 236 -72.42 -39.47 -0.75
N TRP K 237 -72.35 -39.22 -2.05
CA TRP K 237 -71.26 -39.78 -2.84
C TRP K 237 -69.90 -39.28 -2.33
N ILE K 238 -69.79 -37.98 -2.06
CA ILE K 238 -68.51 -37.43 -1.61
C ILE K 238 -68.10 -38.07 -0.29
N ARG K 239 -69.03 -38.21 0.65
CA ARG K 239 -68.72 -38.89 1.89
C ARG K 239 -68.29 -40.33 1.65
N SER K 240 -68.97 -41.02 0.74
CA SER K 240 -68.56 -42.38 0.39
C SER K 240 -67.12 -42.40 -0.11
N ALA K 241 -66.69 -41.32 -0.77
CA ALA K 241 -65.31 -41.24 -1.25
C ALA K 241 -64.33 -40.88 -0.13
N TRP K 242 -64.79 -40.64 1.08
CA TRP K 242 -63.92 -40.25 2.19
C TRP K 242 -63.94 -41.21 3.37
N ASP K 243 -64.86 -42.17 3.41
CA ASP K 243 -65.00 -43.02 4.59
C ASP K 243 -63.85 -44.01 4.72
N CYS K 244 -63.75 -44.63 5.90
CA CYS K 244 -62.63 -45.51 6.20
C CYS K 244 -62.88 -46.95 5.79
N SER K 245 -64.05 -47.27 5.24
CA SER K 245 -64.35 -48.65 4.90
C SER K 245 -63.40 -49.20 3.84
N LYS K 246 -63.07 -48.40 2.83
CA LYS K 246 -62.26 -48.83 1.71
C LYS K 246 -61.36 -47.68 1.29
N PRO K 247 -60.41 -47.92 0.40
CA PRO K 247 -59.47 -46.85 0.03
C PRO K 247 -60.20 -45.61 -0.46
N GLN K 248 -59.65 -44.45 -0.10
CA GLN K 248 -60.33 -43.18 -0.32
C GLN K 248 -60.03 -42.60 -1.69
N CYS K 249 -60.92 -41.72 -2.14
CA CYS K 249 -60.81 -41.03 -3.43
C CYS K 249 -61.11 -39.55 -3.21
N PHE K 250 -60.42 -38.96 -2.23
CA PHE K 250 -60.78 -37.63 -1.71
C PHE K 250 -61.22 -36.69 -2.83
N GLY K 251 -62.24 -35.89 -2.53
CA GLY K 251 -62.74 -34.90 -3.46
C GLY K 251 -63.51 -33.83 -2.73
N HIS K 252 -63.99 -32.85 -3.50
CA HIS K 252 -64.72 -31.71 -2.94
C HIS K 252 -65.69 -31.18 -4.01
N GLY K 253 -66.86 -30.76 -3.57
CA GLY K 253 -67.94 -30.36 -4.47
C GLY K 253 -68.46 -28.97 -4.20
N TYR K 254 -68.97 -28.31 -5.24
CA TYR K 254 -69.43 -26.93 -5.17
C TYR K 254 -70.88 -26.86 -5.60
N VAL K 255 -71.71 -26.19 -4.79
CA VAL K 255 -73.14 -26.03 -5.05
C VAL K 255 -73.56 -24.64 -4.62
N PHE K 256 -74.77 -24.23 -5.04
CA PHE K 256 -75.28 -22.91 -4.74
C PHE K 256 -76.72 -22.99 -4.24
N ASN K 257 -77.11 -21.98 -3.47
CA ASN K 257 -78.46 -21.83 -2.96
C ASN K 257 -78.91 -20.39 -3.17
N LYS K 258 -80.21 -20.20 -3.39
CA LYS K 258 -80.76 -18.88 -3.67
C LYS K 258 -82.06 -18.70 -2.91
N GLY K 259 -82.32 -17.47 -2.48
CA GLY K 259 -83.53 -17.16 -1.75
C GLY K 259 -83.27 -16.07 -0.72
N THR K 260 -84.27 -15.86 0.14
CA THR K 260 -84.11 -14.91 1.22
C THR K 260 -83.25 -15.51 2.33
N LEU K 261 -82.85 -14.65 3.27
CA LEU K 261 -81.97 -15.10 4.34
C LEU K 261 -82.58 -16.25 5.12
N GLY K 262 -83.86 -16.13 5.48
CA GLY K 262 -84.51 -17.19 6.24
C GLY K 262 -84.57 -18.51 5.51
N GLN K 263 -84.76 -18.48 4.19
CA GLN K 263 -84.80 -19.72 3.42
C GLN K 263 -83.40 -20.31 3.25
N VAL K 264 -82.41 -19.46 2.98
CA VAL K 264 -81.06 -19.96 2.69
C VAL K 264 -80.48 -20.65 3.92
N LEU K 265 -80.66 -20.06 5.09
CA LEU K 265 -80.13 -20.67 6.32
C LEU K 265 -80.75 -22.05 6.56
N ALA K 266 -81.90 -22.34 5.97
CA ALA K 266 -82.54 -23.63 6.17
C ALA K 266 -81.91 -24.75 5.36
N ASP K 267 -81.02 -24.42 4.42
CA ASP K 267 -80.34 -25.43 3.61
C ASP K 267 -79.07 -25.95 4.26
N GLY K 268 -78.61 -25.32 5.35
CA GLY K 268 -77.41 -25.79 6.01
C GLY K 268 -77.58 -27.20 6.54
N ASP K 269 -76.58 -28.05 6.29
CA ASP K 269 -76.63 -29.43 6.74
C ASP K 269 -75.31 -29.91 7.32
N ASN K 270 -74.41 -29.01 7.73
CA ASN K 270 -73.16 -29.39 8.38
C ASN K 270 -72.30 -30.29 7.49
N SER K 271 -72.34 -30.05 6.18
CA SER K 271 -71.62 -30.91 5.24
C SER K 271 -70.23 -30.33 4.99
N ALA K 272 -69.21 -30.98 5.55
CA ALA K 272 -67.83 -30.60 5.25
C ALA K 272 -67.46 -30.91 3.81
N GLU K 273 -68.30 -31.67 3.10
CA GLU K 273 -68.00 -32.10 1.75
C GLU K 273 -68.40 -31.08 0.69
N LEU K 274 -69.06 -29.98 1.07
CA LEU K 274 -69.65 -29.06 0.12
C LEU K 274 -69.27 -27.63 0.45
N SER K 275 -69.27 -26.78 -0.58
CA SER K 275 -69.11 -25.34 -0.43
C SER K 275 -70.35 -24.66 -1.01
N ARG K 276 -71.23 -24.19 -0.13
CA ARG K 276 -72.54 -23.68 -0.52
C ARG K 276 -72.42 -22.19 -0.81
N LEU K 277 -72.65 -21.81 -2.06
CA LEU K 277 -72.59 -20.41 -2.48
C LEU K 277 -73.98 -19.81 -2.35
N ALA K 278 -74.15 -18.90 -1.38
CA ALA K 278 -75.44 -18.28 -1.10
C ALA K 278 -75.65 -17.09 -2.02
N LEU K 279 -76.87 -16.97 -2.57
CA LEU K 279 -77.23 -15.88 -3.46
C LEU K 279 -78.57 -15.29 -3.04
N PRO K 280 -78.82 -14.01 -3.33
CA PRO K 280 -80.10 -13.41 -2.98
C PRO K 280 -81.15 -13.62 -4.06
N THR K 281 -82.40 -13.31 -3.69
CA THR K 281 -83.51 -13.46 -4.64
C THR K 281 -83.33 -12.55 -5.85
N THR K 282 -82.65 -11.41 -5.68
CA THR K 282 -82.50 -10.44 -6.75
C THR K 282 -81.20 -10.59 -7.53
N TYR K 283 -80.53 -11.72 -7.42
CA TYR K 283 -79.26 -11.90 -8.11
C TYR K 283 -79.46 -11.76 -9.61
N PRO K 284 -78.65 -10.93 -10.30
CA PRO K 284 -78.91 -10.70 -11.74
C PRO K 284 -78.30 -11.72 -12.68
N VAL K 285 -77.26 -12.44 -12.28
CA VAL K 285 -76.58 -13.36 -13.17
C VAL K 285 -77.24 -14.73 -13.09
N LEU K 286 -77.07 -15.53 -14.14
CA LEU K 286 -77.60 -16.88 -14.15
C LEU K 286 -76.88 -17.71 -13.09
N PRO K 287 -77.59 -18.32 -12.14
CA PRO K 287 -76.89 -18.88 -10.96
C PRO K 287 -75.76 -19.84 -11.30
N TYR K 288 -76.04 -20.89 -12.07
CA TYR K 288 -75.07 -21.95 -12.27
C TYR K 288 -73.78 -21.46 -12.91
N LEU K 289 -73.81 -20.35 -13.64
CA LEU K 289 -72.59 -19.82 -14.23
C LEU K 289 -71.59 -19.40 -13.15
N THR K 290 -72.07 -18.72 -12.11
CA THR K 290 -71.19 -18.32 -11.02
C THR K 290 -70.61 -19.53 -10.30
N ASN K 291 -71.44 -20.55 -10.07
CA ASN K 291 -70.95 -21.75 -9.41
C ASN K 291 -69.88 -22.44 -10.25
N ALA K 292 -70.10 -22.53 -11.56
CA ALA K 292 -69.10 -23.13 -12.44
C ALA K 292 -67.81 -22.33 -12.44
N ALA K 293 -67.91 -21.00 -12.46
CA ALA K 293 -66.72 -20.17 -12.44
C ALA K 293 -65.94 -20.36 -11.15
N TYR K 294 -66.64 -20.39 -10.02
CA TYR K 294 -65.98 -20.58 -8.73
C TYR K 294 -65.29 -21.94 -8.67
N GLY K 295 -65.97 -23.00 -9.11
CA GLY K 295 -65.36 -24.31 -9.10
C GLY K 295 -64.16 -24.40 -10.00
N ALA K 296 -64.25 -23.83 -11.21
CA ALA K 296 -63.13 -23.86 -12.13
C ALA K 296 -61.94 -23.08 -11.58
N LEU K 297 -62.19 -21.94 -10.94
CA LEU K 297 -61.11 -21.17 -10.34
C LEU K 297 -60.46 -21.97 -9.21
N SER K 298 -61.26 -22.58 -8.35
CA SER K 298 -60.74 -23.34 -7.23
C SER K 298 -60.06 -24.63 -7.67
N ALA K 299 -60.30 -25.09 -8.90
CA ALA K 299 -59.63 -26.27 -9.41
C ALA K 299 -58.15 -25.97 -9.62
N CYS K 300 -57.43 -26.95 -10.17
CA CYS K 300 -55.97 -26.91 -10.23
C CYS K 300 -55.45 -25.70 -10.99
N SER K 301 -56.34 -24.87 -11.53
CA SER K 301 -55.90 -23.59 -12.06
C SER K 301 -55.22 -22.76 -10.98
N THR K 302 -55.48 -23.07 -9.71
CA THR K 302 -54.87 -22.39 -8.59
C THR K 302 -54.38 -23.32 -7.49
N CYS K 303 -54.56 -24.63 -7.64
CA CYS K 303 -54.37 -25.55 -6.53
C CYS K 303 -53.49 -26.74 -6.93
N GLU K 304 -52.35 -26.45 -7.57
CA GLU K 304 -51.25 -27.40 -7.50
C GLU K 304 -50.57 -27.35 -6.14
N ASN K 305 -50.60 -26.19 -5.49
CA ASN K 305 -50.22 -26.02 -4.09
C ASN K 305 -51.49 -26.01 -3.25
N PRO K 306 -51.67 -26.94 -2.32
CA PRO K 306 -52.98 -27.17 -1.71
C PRO K 306 -53.33 -26.24 -0.55
N GLU K 307 -52.55 -25.21 -0.26
CA GLU K 307 -52.81 -24.34 0.89
C GLU K 307 -53.22 -22.92 0.49
N LEU K 308 -53.45 -22.66 -0.80
CA LEU K 308 -53.84 -21.33 -1.23
C LEU K 308 -55.33 -21.13 -1.01
N ASN K 309 -55.69 -20.09 -0.25
CA ASN K 309 -57.09 -19.74 -0.05
C ASN K 309 -57.57 -18.91 -1.22
N VAL K 310 -58.77 -19.21 -1.71
CA VAL K 310 -59.36 -18.47 -2.83
C VAL K 310 -60.25 -17.36 -2.29
N GLN K 311 -59.66 -16.20 -2.04
CA GLN K 311 -60.39 -15.06 -1.50
C GLN K 311 -59.77 -13.78 -2.01
N GLY K 312 -60.36 -12.67 -1.59
CA GLY K 312 -59.79 -11.35 -1.88
C GLY K 312 -60.11 -10.89 -3.29
N GLN K 313 -59.50 -9.76 -3.63
CA GLN K 313 -59.67 -9.18 -4.96
C GLN K 313 -58.60 -9.61 -5.95
N THR K 314 -57.63 -10.42 -5.52
CA THR K 314 -56.59 -10.90 -6.43
C THR K 314 -56.79 -12.37 -6.76
N TYR K 315 -56.84 -13.22 -5.74
CA TYR K 315 -56.97 -14.66 -5.92
C TYR K 315 -58.42 -15.13 -5.95
N GLY K 316 -59.38 -14.27 -5.65
CA GLY K 316 -60.78 -14.62 -5.64
C GLY K 316 -61.61 -13.97 -6.72
N LEU K 317 -60.99 -13.37 -7.73
CA LEU K 317 -61.72 -12.61 -8.74
C LEU K 317 -62.22 -13.55 -9.83
N LEU K 318 -63.53 -13.53 -10.07
CA LEU K 318 -64.13 -14.31 -11.16
C LEU K 318 -64.18 -13.47 -12.44
N SER K 319 -63.01 -13.30 -13.04
CA SER K 319 -62.85 -12.34 -14.12
C SER K 319 -63.64 -12.72 -15.37
N CYS K 320 -64.16 -13.95 -15.44
CA CYS K 320 -64.91 -14.37 -16.61
C CYS K 320 -66.40 -14.07 -16.52
N ILE K 321 -66.86 -13.45 -15.43
CA ILE K 321 -68.26 -13.13 -15.23
C ILE K 321 -68.41 -11.63 -15.08
N ASN K 322 -69.45 -11.08 -15.69
CA ASN K 322 -69.70 -9.65 -15.68
C ASN K 322 -71.17 -9.41 -15.36
N MET K 323 -71.45 -8.29 -14.70
CA MET K 323 -72.81 -7.93 -14.30
C MET K 323 -72.87 -6.42 -14.13
N PRO K 324 -74.05 -5.83 -14.25
CA PRO K 324 -74.14 -4.36 -14.20
C PRO K 324 -73.82 -3.81 -12.81
N GLU K 325 -73.28 -2.59 -12.79
CA GLU K 325 -73.12 -1.86 -11.54
C GLU K 325 -74.47 -1.69 -10.85
N SER K 326 -74.42 -1.34 -9.57
CA SER K 326 -75.64 -1.15 -8.79
C SER K 326 -75.28 -0.51 -7.46
N CYS K 327 -76.17 0.37 -6.99
CA CYS K 327 -76.01 0.95 -5.67
C CYS K 327 -76.41 -0.02 -4.57
N THR K 328 -77.20 -1.05 -4.90
CA THR K 328 -77.64 -2.05 -3.94
C THR K 328 -76.76 -3.28 -4.04
N PRO K 329 -76.14 -3.72 -2.94
CA PRO K 329 -75.19 -4.84 -3.02
C PRO K 329 -75.82 -6.22 -3.05
N GLY K 330 -77.13 -6.32 -2.92
CA GLY K 330 -77.79 -7.63 -2.86
C GLY K 330 -77.96 -8.17 -1.45
N TRP K 331 -76.88 -8.26 -0.69
CA TRP K 331 -76.94 -8.62 0.73
C TRP K 331 -76.57 -7.42 1.57
N GLU K 332 -77.35 -7.14 2.60
CA GLU K 332 -76.95 -6.16 3.59
C GLU K 332 -75.82 -6.71 4.43
N PHE K 333 -75.05 -5.82 5.07
CA PHE K 333 -73.85 -6.27 5.77
C PHE K 333 -74.19 -7.23 6.90
N THR K 334 -75.26 -6.98 7.64
CA THR K 334 -75.66 -7.91 8.69
C THR K 334 -76.01 -9.28 8.11
N GLU K 335 -76.68 -9.30 6.96
CA GLU K 335 -76.97 -10.57 6.30
C GLU K 335 -75.68 -11.27 5.88
N VAL K 336 -74.70 -10.51 5.40
CA VAL K 336 -73.41 -11.08 5.03
C VAL K 336 -72.76 -11.74 6.24
N THR K 337 -72.77 -11.03 7.38
CA THR K 337 -72.19 -11.61 8.59
C THR K 337 -72.93 -12.86 9.01
N GLN K 338 -74.26 -12.84 8.94
CA GLN K 338 -75.05 -14.02 9.28
C GLN K 338 -74.66 -15.21 8.41
N LEU K 339 -74.61 -14.99 7.09
CA LEU K 339 -74.29 -16.08 6.17
C LEU K 339 -72.89 -16.61 6.42
N GLN K 340 -71.92 -15.72 6.64
CA GLN K 340 -70.55 -16.17 6.87
C GLN K 340 -70.45 -16.95 8.17
N ASN K 341 -71.12 -16.49 9.22
CA ASN K 341 -71.07 -17.19 10.50
C ASN K 341 -71.86 -18.49 10.48
N ASN K 342 -72.75 -18.68 9.51
CA ASN K 342 -73.52 -19.91 9.40
C ASN K 342 -73.02 -20.83 8.29
N GLY K 343 -71.78 -20.65 7.86
CA GLY K 343 -71.13 -21.61 6.98
C GLY K 343 -71.38 -21.44 5.51
N PHE K 344 -71.95 -20.32 5.07
CA PHE K 344 -72.18 -20.09 3.65
C PHE K 344 -71.13 -19.15 3.08
N VAL K 345 -70.89 -19.28 1.79
CA VAL K 345 -69.91 -18.48 1.08
C VAL K 345 -70.61 -17.28 0.45
N VAL K 346 -70.03 -16.10 0.61
CA VAL K 346 -70.59 -14.87 0.10
C VAL K 346 -69.63 -14.28 -0.92
N SER K 347 -70.18 -13.56 -1.89
CA SER K 347 -69.41 -12.90 -2.92
C SER K 347 -70.01 -11.53 -3.18
N GLY K 348 -69.18 -10.63 -3.72
CA GLY K 348 -69.60 -9.28 -3.99
C GLY K 348 -68.87 -8.67 -5.16
N PRO K 349 -69.35 -7.53 -5.66
CA PRO K 349 -68.73 -6.90 -6.82
C PRO K 349 -67.36 -6.32 -6.49
N ALA K 350 -66.50 -6.26 -7.51
CA ALA K 350 -65.19 -5.67 -7.33
C ALA K 350 -65.25 -4.15 -7.29
N THR K 351 -66.31 -3.54 -7.82
CA THR K 351 -66.46 -2.09 -7.79
C THR K 351 -67.94 -1.76 -7.75
N THR K 352 -68.25 -0.57 -7.26
CA THR K 352 -69.63 -0.15 -7.04
C THR K 352 -69.86 1.21 -7.67
N SER K 353 -71.07 1.41 -8.19
CA SER K 353 -71.47 2.67 -8.81
C SER K 353 -72.93 2.54 -9.22
N GLY K 354 -73.49 3.67 -9.66
CA GLY K 354 -74.86 3.70 -10.14
C GLY K 354 -75.01 3.83 -11.64
N GLN K 355 -73.91 3.89 -12.38
CA GLN K 355 -73.97 4.13 -13.81
C GLN K 355 -74.33 2.89 -14.62
N GLY K 356 -74.34 1.71 -14.00
CA GLY K 356 -74.78 0.51 -14.68
C GLY K 356 -73.76 -0.16 -15.57
N ASN K 357 -72.47 0.14 -15.40
CA ASN K 357 -71.45 -0.52 -16.20
C ASN K 357 -71.23 -1.95 -15.70
N PHE K 358 -70.30 -2.66 -16.33
CA PHE K 358 -70.06 -4.06 -16.00
C PHE K 358 -68.94 -4.20 -14.98
N THR K 359 -69.13 -5.15 -14.06
CA THR K 359 -68.14 -5.45 -13.03
C THR K 359 -68.10 -6.95 -12.79
N SER K 360 -66.98 -7.41 -12.26
CA SER K 360 -66.82 -8.82 -11.92
C SER K 360 -66.94 -9.03 -10.41
N PRO K 361 -67.40 -10.19 -9.96
CA PRO K 361 -67.43 -10.46 -8.52
C PRO K 361 -66.16 -11.14 -8.04
N TYR K 362 -66.02 -11.22 -6.73
CA TYR K 362 -64.94 -11.95 -6.09
C TYR K 362 -65.43 -12.57 -4.79
N ILE K 363 -64.75 -13.61 -4.35
CA ILE K 363 -65.17 -14.38 -3.19
C ILE K 363 -64.65 -13.71 -1.92
N TYR K 364 -65.49 -13.62 -0.91
CA TYR K 364 -65.08 -13.07 0.38
C TYR K 364 -64.41 -14.10 1.27
N ASN K 365 -64.97 -15.30 1.40
CA ASN K 365 -64.43 -16.32 2.29
C ASN K 365 -64.50 -17.66 1.58
N ASP K 366 -63.37 -18.38 1.56
CA ASP K 366 -63.31 -19.72 1.00
C ASP K 366 -63.57 -20.76 2.11
N VAL K 367 -64.86 -20.95 2.39
CA VAL K 367 -65.28 -21.72 3.55
C VAL K 367 -66.13 -22.91 3.10
N THR K 368 -66.12 -23.96 3.91
CA THR K 368 -66.98 -25.11 3.73
C THR K 368 -68.13 -25.03 4.73
N ASN K 369 -69.16 -25.85 4.51
CA ASN K 369 -70.37 -25.80 5.32
C ASN K 369 -70.22 -26.50 6.66
N TYR K 370 -69.02 -26.96 7.01
CA TYR K 370 -68.80 -27.63 8.28
C TYR K 370 -68.98 -26.65 9.43
N LEU K 371 -69.78 -27.04 10.42
CA LEU K 371 -70.04 -26.19 11.57
C LEU K 371 -69.87 -26.94 12.89
N ARG K 372 -70.28 -28.20 12.93
CA ARG K 372 -70.24 -29.01 14.14
C ARG K 372 -69.46 -30.28 13.89
N ASP K 373 -68.60 -30.63 14.85
CA ASP K 373 -67.87 -31.88 14.79
C ASP K 373 -68.82 -33.06 15.06
N GLU K 374 -68.38 -34.25 14.65
CA GLU K 374 -69.07 -35.45 15.09
C GLU K 374 -69.02 -35.53 16.61
N LYS K 375 -70.07 -36.06 17.20
CA LYS K 375 -70.34 -35.97 18.63
C LYS K 375 -70.85 -34.58 19.02
N ASN K 376 -71.25 -33.78 18.03
CA ASN K 376 -71.95 -32.52 18.26
C ASN K 376 -71.14 -31.58 19.15
N ARG K 377 -69.99 -31.17 18.62
CA ARG K 377 -69.18 -30.14 19.25
C ARG K 377 -68.74 -29.16 18.17
N PRO K 378 -68.93 -27.86 18.38
CA PRO K 378 -68.56 -26.88 17.34
C PRO K 378 -67.08 -26.53 17.40
N ASN K 379 -66.47 -26.45 16.23
CA ASN K 379 -65.06 -26.06 16.12
C ASN K 379 -64.78 -25.72 14.67
N ALA K 380 -63.56 -25.23 14.43
CA ALA K 380 -63.16 -24.73 13.13
C ALA K 380 -62.11 -25.60 12.43
N THR K 381 -62.06 -26.90 12.75
CA THR K 381 -61.03 -27.75 12.16
C THR K 381 -61.17 -27.83 10.65
N PHE K 382 -62.38 -27.96 10.12
CA PHE K 382 -62.63 -28.06 8.69
C PHE K 382 -63.37 -26.85 8.15
N ARG K 383 -63.19 -25.69 8.78
CA ARG K 383 -63.88 -24.48 8.32
C ARG K 383 -63.44 -24.08 6.92
N ASP K 384 -62.14 -24.20 6.63
CA ASP K 384 -61.58 -23.76 5.37
C ASP K 384 -61.44 -24.95 4.42
N ALA K 385 -61.66 -24.69 3.12
CA ALA K 385 -61.47 -25.73 2.12
C ALA K 385 -60.01 -26.17 2.05
N SER K 386 -59.09 -25.22 2.22
CA SER K 386 -57.67 -25.58 2.26
C SER K 386 -57.39 -26.62 3.33
N SER K 387 -58.17 -26.63 4.41
CA SER K 387 -58.00 -27.67 5.42
C SER K 387 -58.29 -29.05 4.85
N ARG K 388 -59.36 -29.18 4.07
CA ARG K 388 -59.67 -30.45 3.45
C ARG K 388 -58.60 -30.87 2.44
N ARG K 389 -58.15 -29.91 1.62
CA ARG K 389 -57.10 -30.23 0.65
C ARG K 389 -55.83 -30.68 1.36
N LEU K 390 -55.45 -30.01 2.44
CA LEU K 390 -54.25 -30.37 3.17
C LEU K 390 -54.42 -31.70 3.87
N ALA K 391 -55.62 -32.01 4.36
CA ALA K 391 -55.85 -33.33 4.95
C ALA K 391 -55.63 -34.43 3.92
N ALA K 392 -56.19 -34.25 2.72
CA ALA K 392 -56.00 -35.25 1.67
C ALA K 392 -54.53 -35.39 1.30
N ALA K 393 -53.85 -34.26 1.11
CA ALA K 393 -52.44 -34.30 0.75
C ALA K 393 -51.59 -34.96 1.84
N THR K 394 -51.89 -34.66 3.10
CA THR K 394 -51.16 -35.28 4.21
C THR K 394 -51.39 -36.78 4.23
N GLY K 395 -52.63 -37.22 4.04
CA GLY K 395 -52.88 -38.66 4.00
C GLY K 395 -52.08 -39.34 2.91
N VAL K 396 -52.09 -38.76 1.70
CA VAL K 396 -51.35 -39.36 0.59
C VAL K 396 -49.86 -39.40 0.90
N ALA K 397 -49.31 -38.28 1.38
CA ALA K 397 -47.88 -38.21 1.62
C ALA K 397 -47.44 -39.20 2.70
N LEU K 398 -48.22 -39.30 3.77
CA LEU K 398 -47.90 -40.26 4.82
C LEU K 398 -48.01 -41.69 4.30
N ALA K 399 -48.99 -41.95 3.42
CA ALA K 399 -49.11 -43.28 2.84
C ALA K 399 -47.87 -43.63 2.02
N THR K 400 -47.37 -42.68 1.23
CA THR K 400 -46.20 -42.96 0.40
C THR K 400 -44.96 -43.23 1.25
N PHE K 401 -44.78 -42.46 2.33
CA PHE K 401 -43.59 -42.64 3.16
C PHE K 401 -43.56 -44.02 3.80
N LEU K 402 -44.70 -44.48 4.30
CA LEU K 402 -44.78 -45.73 5.05
C LEU K 402 -44.62 -46.96 4.18
N GLN K 403 -44.30 -46.81 2.89
CA GLN K 403 -44.14 -47.96 2.01
C GLN K 403 -42.81 -48.68 2.21
N GLN K 404 -41.80 -48.01 2.78
CA GLN K 404 -40.49 -48.63 2.91
C GLN K 404 -40.51 -49.78 3.90
N PHE K 405 -41.49 -49.82 4.80
CA PHE K 405 -41.59 -50.91 5.77
C PHE K 405 -42.36 -52.11 5.23
N ASN K 406 -42.82 -52.06 3.98
CA ASN K 406 -43.57 -53.17 3.41
C ASN K 406 -42.62 -54.30 3.04
N GLY K 407 -42.84 -55.47 3.65
CA GLY K 407 -42.00 -56.62 3.43
C GLY K 407 -40.72 -56.64 4.23
N LEU K 408 -40.44 -55.61 5.03
CA LEU K 408 -39.26 -55.59 5.87
C LEU K 408 -39.48 -56.46 7.09
N ALA K 409 -38.44 -57.18 7.49
CA ALA K 409 -38.53 -58.05 8.67
C ALA K 409 -38.73 -57.21 9.92
N VAL K 410 -39.47 -57.77 10.88
CA VAL K 410 -39.80 -57.07 12.11
C VAL K 410 -39.51 -58.00 13.28
N PHE K 411 -38.90 -57.46 14.34
CA PHE K 411 -38.53 -58.21 15.52
C PHE K 411 -39.28 -57.64 16.71
N THR K 412 -40.06 -58.48 17.39
CA THR K 412 -40.95 -58.00 18.44
C THR K 412 -40.64 -58.61 19.80
N LYS K 413 -40.49 -59.92 19.87
CA LYS K 413 -40.26 -60.58 21.16
C LYS K 413 -38.85 -60.29 21.65
N ASN K 414 -37.85 -60.68 20.87
CA ASN K 414 -36.46 -60.29 21.09
C ASN K 414 -36.10 -59.22 20.08
N THR K 415 -35.63 -58.06 20.58
CA THR K 415 -35.52 -56.86 19.77
C THR K 415 -34.08 -56.59 19.32
N ASN K 416 -33.22 -57.60 19.33
CA ASN K 416 -31.86 -57.49 18.82
C ASN K 416 -31.80 -58.05 17.41
N ILE K 417 -31.43 -57.21 16.45
CA ILE K 417 -31.22 -57.65 15.08
C ILE K 417 -29.79 -58.13 14.95
N LYS K 418 -29.61 -59.39 14.56
CA LYS K 418 -28.28 -59.93 14.37
C LYS K 418 -27.54 -59.13 13.30
N THR K 419 -26.23 -59.37 13.23
CA THR K 419 -25.41 -58.67 12.25
C THR K 419 -25.76 -59.13 10.84
N GLY K 420 -25.80 -58.18 9.91
CA GLY K 420 -26.06 -58.50 8.52
C GLY K 420 -27.54 -58.47 8.16
N ILE K 421 -28.39 -58.82 9.11
CA ILE K 421 -29.83 -58.88 8.84
C ILE K 421 -30.33 -57.49 8.48
N ILE K 422 -31.28 -57.45 7.54
CA ILE K 422 -31.95 -56.22 7.14
C ILE K 422 -33.33 -56.21 7.79
N GLY K 423 -33.47 -55.48 8.88
CA GLY K 423 -34.74 -55.47 9.59
C GLY K 423 -34.86 -54.23 10.45
N THR K 424 -35.88 -54.24 11.31
CA THR K 424 -36.18 -53.12 12.18
C THR K 424 -37.07 -53.61 13.32
N ASN K 425 -37.50 -52.68 14.15
CA ASN K 425 -38.43 -52.96 15.23
C ASN K 425 -39.22 -51.70 15.56
N LEU K 426 -40.07 -51.79 16.59
CA LEU K 426 -41.02 -50.72 16.86
C LEU K 426 -40.33 -49.39 17.18
N ARG K 427 -39.34 -49.42 18.07
CA ARG K 427 -38.74 -48.18 18.52
C ARG K 427 -38.04 -47.44 17.38
N LEU K 428 -37.32 -48.17 16.53
CA LEU K 428 -36.65 -47.54 15.40
C LEU K 428 -37.66 -46.97 14.42
N MET K 429 -38.75 -47.69 14.16
CA MET K 429 -39.79 -47.19 13.26
C MET K 429 -40.42 -45.91 13.82
N LEU K 430 -40.70 -45.88 15.12
CA LEU K 430 -41.25 -44.68 15.73
C LEU K 430 -40.27 -43.52 15.63
N GLY K 431 -38.99 -43.77 15.88
CA GLY K 431 -37.99 -42.73 15.77
C GLY K 431 -37.82 -42.20 14.36
N LYS K 432 -38.10 -43.02 13.36
CA LYS K 432 -38.05 -42.57 11.97
C LYS K 432 -39.31 -41.83 11.54
N ILE K 433 -40.47 -42.25 12.03
CA ILE K 433 -41.71 -41.54 11.74
C ILE K 433 -41.68 -40.15 12.38
N ARG K 434 -41.16 -40.05 13.61
CA ARG K 434 -41.02 -38.74 14.23
C ARG K 434 -40.11 -37.83 13.43
N LYS K 435 -39.01 -38.36 12.90
CA LYS K 435 -38.13 -37.55 12.06
C LYS K 435 -38.86 -37.07 10.82
N TRP K 436 -39.62 -37.96 10.17
CA TRP K 436 -40.41 -37.53 9.02
C TRP K 436 -41.36 -36.41 9.40
N ALA K 437 -42.07 -36.56 10.50
CA ALA K 437 -43.04 -35.55 10.91
C ALA K 437 -42.35 -34.21 11.17
N SER K 438 -41.20 -34.23 11.84
CA SER K 438 -40.48 -33.00 12.12
C SER K 438 -40.01 -32.33 10.85
N ASP K 439 -39.51 -33.11 9.87
CA ASP K 439 -38.96 -32.51 8.66
C ASP K 439 -40.02 -31.75 7.87
N ASN K 440 -41.30 -32.05 8.08
CA ASN K 440 -42.38 -31.47 7.29
C ASN K 440 -43.01 -30.25 7.94
N VAL K 441 -42.48 -29.77 9.06
CA VAL K 441 -42.98 -28.54 9.66
C VAL K 441 -42.61 -27.38 8.75
N GLY K 442 -43.61 -26.58 8.37
CA GLY K 442 -43.44 -25.49 7.44
C GLY K 442 -43.94 -25.80 6.04
N VAL K 443 -44.10 -27.07 5.73
CA VAL K 443 -44.61 -27.51 4.43
C VAL K 443 -46.03 -28.04 4.55
N LEU K 444 -46.26 -28.98 5.46
CA LEU K 444 -47.58 -29.55 5.69
C LEU K 444 -48.12 -29.30 7.09
N PHE K 445 -47.28 -28.88 8.03
CA PHE K 445 -47.68 -28.81 9.44
C PHE K 445 -47.22 -27.50 10.08
N SER K 446 -47.96 -27.10 11.10
CA SER K 446 -47.47 -26.15 12.08
C SER K 446 -46.73 -26.91 13.19
N GLU K 447 -46.05 -26.17 14.06
CA GLU K 447 -45.26 -26.82 15.09
C GLU K 447 -46.16 -27.68 15.98
N PHE K 448 -45.61 -28.81 16.42
CA PHE K 448 -46.37 -29.74 17.24
C PHE K 448 -46.42 -29.26 18.69
N ASP K 449 -47.62 -29.36 19.29
CA ASP K 449 -47.77 -28.98 20.68
C ASP K 449 -46.89 -29.84 21.58
N ASN K 450 -46.94 -31.16 21.40
CA ASN K 450 -46.07 -32.07 22.14
C ASN K 450 -45.92 -33.33 21.28
N ILE K 451 -44.78 -33.43 20.59
CA ILE K 451 -44.59 -34.53 19.64
C ILE K 451 -44.54 -35.86 20.35
N ASN K 452 -44.28 -35.87 21.66
CA ASN K 452 -44.22 -37.12 22.40
C ASN K 452 -45.60 -37.70 22.67
N GLU K 453 -46.66 -36.94 22.44
CA GLU K 453 -48.03 -37.41 22.60
C GLU K 453 -48.81 -37.44 21.30
N ASP K 454 -48.41 -36.66 20.31
CA ASP K 454 -49.15 -36.59 19.06
C ASP K 454 -48.81 -37.72 18.10
N ILE K 455 -47.81 -38.54 18.40
CA ILE K 455 -47.43 -39.66 17.55
C ILE K 455 -47.21 -40.87 18.44
N GLN K 456 -47.81 -42.00 18.05
CA GLN K 456 -47.69 -43.23 18.81
C GLN K 456 -47.71 -44.41 17.85
N LEU K 457 -47.03 -45.49 18.23
CA LEU K 457 -46.96 -46.68 17.40
C LEU K 457 -47.03 -47.90 18.31
N VAL K 458 -47.89 -48.85 17.95
CA VAL K 458 -48.14 -50.04 18.76
C VAL K 458 -48.34 -51.24 17.84
N SER K 459 -47.87 -52.40 18.28
CA SER K 459 -47.99 -53.63 17.52
C SER K 459 -49.33 -54.29 17.81
N ASP K 460 -49.68 -55.25 16.95
CA ASP K 460 -50.98 -55.90 17.07
C ASP K 460 -51.03 -56.82 18.29
N PHE K 461 -49.91 -57.42 18.69
CA PHE K 461 -49.91 -58.27 19.86
C PHE K 461 -50.20 -57.52 21.15
N ASP K 462 -49.87 -56.23 21.21
CA ASP K 462 -50.06 -55.48 22.44
C ASP K 462 -51.51 -55.09 22.66
N VAL K 463 -52.32 -55.09 21.62
CA VAL K 463 -53.70 -54.63 21.69
C VAL K 463 -54.67 -55.78 21.88
N GLN K 464 -54.72 -56.70 20.93
CA GLN K 464 -55.68 -57.79 20.97
C GLN K 464 -55.36 -58.76 22.11
N PRO K 465 -56.36 -59.47 22.60
CA PRO K 465 -56.12 -60.41 23.70
C PRO K 465 -55.13 -61.50 23.31
N LYS K 466 -54.69 -62.26 24.31
CA LYS K 466 -53.68 -63.28 24.10
C LYS K 466 -54.14 -64.31 23.08
N CYS K 467 -53.21 -64.72 22.21
CA CYS K 467 -53.39 -65.74 21.19
C CYS K 467 -54.27 -65.29 20.03
N VAL K 468 -54.57 -64.00 19.91
CA VAL K 468 -55.44 -63.50 18.84
C VAL K 468 -54.70 -62.50 17.97
N GLY K 469 -53.59 -61.97 18.48
CA GLY K 469 -52.85 -60.97 17.75
C GLY K 469 -52.24 -61.54 16.47
N GLN K 470 -52.10 -60.68 15.46
CA GLN K 470 -51.55 -61.09 14.18
C GLN K 470 -50.10 -60.62 14.05
N PRO K 471 -49.23 -61.39 13.38
CA PRO K 471 -47.83 -60.98 13.26
C PRO K 471 -47.64 -59.96 12.14
N GLY K 472 -46.91 -58.89 12.45
CA GLY K 472 -46.58 -57.89 11.45
C GLY K 472 -47.64 -56.85 11.20
N VAL K 473 -48.52 -56.60 12.16
CA VAL K 473 -49.60 -55.62 12.03
C VAL K 473 -49.43 -54.56 13.11
N PHE K 474 -49.47 -53.30 12.71
CA PHE K 474 -49.17 -52.18 13.59
C PHE K 474 -50.30 -51.17 13.57
N HIS K 475 -50.41 -50.41 14.66
CA HIS K 475 -51.39 -49.35 14.80
C HIS K 475 -50.67 -48.04 15.07
N LEU K 476 -50.96 -47.02 14.26
CA LEU K 476 -50.30 -45.72 14.35
C LEU K 476 -51.35 -44.65 14.55
N ASN K 477 -51.12 -43.77 15.54
CA ASN K 477 -51.98 -42.61 15.78
C ASN K 477 -51.15 -41.35 15.59
N MET K 478 -51.70 -40.39 14.85
CA MET K 478 -50.99 -39.14 14.57
C MET K 478 -51.96 -37.98 14.60
N ARG K 479 -51.60 -36.94 15.36
CA ARG K 479 -52.39 -35.71 15.47
C ARG K 479 -51.55 -34.55 14.95
N TYR K 480 -52.15 -33.72 14.10
CA TYR K 480 -51.42 -32.66 13.42
C TYR K 480 -52.26 -31.40 13.35
N ARG K 481 -51.61 -30.29 13.00
CA ARG K 481 -52.25 -29.00 12.82
C ARG K 481 -51.74 -28.39 11.52
N PRO K 482 -52.56 -27.63 10.80
CA PRO K 482 -52.08 -27.00 9.56
C PRO K 482 -51.42 -25.67 9.83
N PRO K 483 -50.69 -25.12 8.86
CA PRO K 483 -50.03 -23.83 9.08
C PRO K 483 -51.02 -22.69 9.22
N VAL K 484 -50.58 -21.63 9.91
CA VAL K 484 -51.40 -20.45 10.17
C VAL K 484 -51.04 -19.36 9.18
N ARG K 485 -52.00 -18.47 8.91
CA ARG K 485 -51.80 -17.38 7.97
C ARG K 485 -52.61 -16.16 8.41
N GLY K 486 -52.16 -14.98 7.99
CA GLY K 486 -52.80 -13.75 8.41
C GLY K 486 -54.23 -13.67 7.91
N ALA K 487 -55.14 -13.22 8.77
CA ALA K 487 -56.56 -13.19 8.44
C ALA K 487 -57.27 -11.87 8.73
N ARG K 488 -56.79 -11.05 9.66
CA ARG K 488 -57.47 -9.80 9.96
C ARG K 488 -56.57 -8.90 10.78
N ILE K 489 -56.73 -7.59 10.60
CA ILE K 489 -56.06 -6.57 11.41
C ILE K 489 -57.11 -5.54 11.81
N ASN K 490 -57.20 -5.28 13.11
CA ASN K 490 -58.11 -4.27 13.65
C ASN K 490 -57.32 -3.00 13.94
N VAL K 491 -57.72 -1.89 13.31
CA VAL K 491 -56.96 -0.66 13.34
C VAL K 491 -57.74 0.39 14.13
N ASN K 492 -57.10 0.96 15.15
CA ASN K 492 -57.63 2.13 15.84
C ASN K 492 -56.80 3.34 15.43
N LEU K 493 -57.41 4.25 14.68
CA LEU K 493 -56.73 5.44 14.17
C LEU K 493 -57.18 6.64 15.00
N VAL K 494 -56.22 7.31 15.64
CA VAL K 494 -56.53 8.36 16.61
C VAL K 494 -55.91 9.68 16.14
N PRO K 495 -56.65 10.54 15.46
CA PRO K 495 -56.09 11.82 15.01
C PRO K 495 -55.97 12.82 16.16
N ALA K 496 -54.79 13.40 16.30
CA ALA K 496 -54.50 14.44 17.28
C ALA K 496 -54.13 15.74 16.56
N LEU K 497 -53.70 16.74 17.31
CA LEU K 497 -53.30 18.03 16.74
C LEU K 497 -51.95 18.44 17.31
N PHE K 498 -51.16 19.14 16.50
CA PHE K 498 -49.87 19.64 16.93
C PHE K 498 -50.05 20.58 18.11
N ASP K 499 -49.24 20.40 19.15
CA ASP K 499 -49.43 21.13 20.39
C ASP K 499 -48.08 21.34 21.08
N ASN K 500 -48.16 21.73 22.36
CA ASN K 500 -46.97 22.03 23.17
C ASN K 500 -46.01 22.96 22.43
N CYS L 3 -31.21 -53.87 34.94
CA CYS L 3 -31.45 -53.81 33.46
C CYS L 3 -31.73 -52.38 33.01
N ASN L 4 -32.22 -51.55 33.94
CA ASN L 4 -32.52 -50.16 33.60
C ASN L 4 -31.32 -49.25 33.74
N LYS L 5 -30.21 -49.73 34.32
CA LYS L 5 -28.98 -48.94 34.45
C LYS L 5 -27.82 -49.55 33.67
N GLN L 6 -28.09 -50.23 32.57
CA GLN L 6 -27.04 -50.70 31.69
C GLN L 6 -26.71 -49.64 30.66
N ASN L 7 -25.42 -49.41 30.41
CA ASN L 7 -24.95 -48.41 29.48
C ASN L 7 -24.22 -49.09 28.33
N GLY L 8 -24.80 -48.98 27.13
CA GLY L 8 -24.20 -49.60 25.97
C GLY L 8 -25.05 -49.37 24.74
N VAL L 9 -24.61 -49.94 23.62
CA VAL L 9 -25.30 -49.84 22.34
C VAL L 9 -25.97 -51.18 22.05
N LYS L 10 -27.22 -51.12 21.59
CA LYS L 10 -28.02 -52.31 21.35
C LYS L 10 -28.19 -52.63 19.88
N ASN L 11 -28.38 -51.61 19.04
CA ASN L 11 -28.58 -51.80 17.61
C ASN L 11 -28.04 -50.61 16.85
N ILE L 12 -27.45 -50.87 15.68
CA ILE L 12 -27.00 -49.84 14.76
C ILE L 12 -27.47 -50.25 13.37
N LEU L 13 -28.24 -49.39 12.71
CA LEU L 13 -28.69 -49.61 11.35
C LEU L 13 -28.23 -48.45 10.47
N ILE L 14 -27.71 -48.76 9.29
CA ILE L 14 -27.21 -47.76 8.36
C ILE L 14 -27.80 -48.02 6.99
N THR L 15 -28.01 -46.95 6.21
CA THR L 15 -28.52 -47.04 4.86
C THR L 15 -27.61 -46.21 3.95
N PHE L 16 -27.27 -46.75 2.79
CA PHE L 16 -26.33 -46.14 1.88
C PHE L 16 -27.02 -45.71 0.59
N THR L 17 -26.77 -44.48 0.16
CA THR L 17 -27.24 -43.98 -1.12
C THR L 17 -26.06 -43.40 -1.88
N HIS L 18 -25.72 -44.01 -3.02
CA HIS L 18 -24.57 -43.58 -3.79
C HIS L 18 -24.87 -42.28 -4.51
N CYS L 19 -24.03 -41.27 -4.30
CA CYS L 19 -24.30 -39.95 -4.86
C CYS L 19 -24.27 -39.96 -6.39
N ASP L 20 -23.30 -40.63 -7.00
CA ASP L 20 -23.11 -40.53 -8.44
C ASP L 20 -24.16 -41.29 -9.22
N THR L 21 -24.55 -42.50 -8.78
CA THR L 21 -25.46 -43.35 -9.52
C THR L 21 -26.78 -43.61 -8.82
N GLY L 22 -26.93 -43.24 -7.54
CA GLY L 22 -28.19 -43.35 -6.85
C GLY L 22 -28.54 -44.73 -6.34
N GLU L 23 -27.63 -45.69 -6.41
CA GLU L 23 -27.89 -47.02 -5.89
C GLU L 23 -28.08 -46.97 -4.38
N VAL L 24 -28.94 -47.86 -3.87
CA VAL L 24 -29.34 -47.87 -2.46
C VAL L 24 -29.14 -49.27 -1.91
N ILE L 25 -28.83 -49.35 -0.61
CA ILE L 25 -28.71 -50.61 0.11
C ILE L 25 -29.47 -50.48 1.43
N GLY L 26 -30.38 -51.42 1.68
CA GLY L 26 -31.30 -51.32 2.79
C GLY L 26 -30.62 -51.20 4.14
N PRO L 27 -31.43 -51.09 5.19
CA PRO L 27 -30.87 -50.81 6.53
C PRO L 27 -30.18 -52.02 7.17
N ILE L 28 -28.92 -52.22 6.82
CA ILE L 28 -28.15 -53.36 7.34
C ILE L 28 -27.87 -53.14 8.83
N SER L 29 -27.76 -54.24 9.57
CA SER L 29 -27.44 -54.18 10.99
C SER L 29 -25.94 -54.31 11.19
N HIS L 30 -25.36 -53.41 11.97
CA HIS L 30 -23.92 -53.34 12.17
C HIS L 30 -23.55 -53.62 13.63
N GLU L 31 -22.25 -53.73 13.88
CA GLU L 31 -21.70 -53.95 15.20
C GLU L 31 -20.47 -53.09 15.41
N GLN L 32 -19.88 -53.17 16.62
CA GLN L 32 -18.75 -52.31 16.95
C GLN L 32 -17.45 -53.11 17.00
N PRO L 33 -16.32 -52.46 16.74
CA PRO L 33 -15.03 -53.16 16.82
C PRO L 33 -14.45 -53.25 18.22
N ASP L 34 -14.76 -52.32 19.11
CA ASP L 34 -14.20 -52.32 20.46
C ASP L 34 -15.24 -51.70 21.40
N ASP L 35 -14.80 -51.31 22.60
CA ASP L 35 -15.70 -50.85 23.64
C ASP L 35 -16.13 -49.40 23.50
N THR L 36 -15.48 -48.61 22.66
CA THR L 36 -15.82 -47.20 22.53
C THR L 36 -17.24 -47.05 22.00
N LEU L 37 -18.02 -46.16 22.63
CA LEU L 37 -19.41 -45.94 22.25
C LEU L 37 -19.51 -44.73 21.31
N PRO L 38 -20.57 -44.67 20.49
CA PRO L 38 -20.78 -43.47 19.68
C PRO L 38 -21.06 -42.25 20.54
N THR L 39 -20.70 -41.07 20.02
CA THR L 39 -20.88 -39.81 20.71
C THR L 39 -21.63 -38.85 19.81
N TYR L 40 -22.41 -37.96 20.42
CA TYR L 40 -23.39 -37.13 19.73
C TYR L 40 -23.21 -35.67 20.08
N LYS L 41 -23.79 -34.81 19.26
CA LYS L 41 -24.01 -33.41 19.58
C LYS L 41 -25.26 -32.95 18.85
N THR L 42 -26.37 -32.89 19.58
CA THR L 42 -27.68 -32.68 18.95
C THR L 42 -28.11 -31.22 18.89
N CYS L 43 -27.39 -30.31 19.55
CA CYS L 43 -27.68 -28.89 19.44
C CYS L 43 -26.98 -28.32 18.21
N ALA L 44 -27.68 -27.43 17.50
CA ALA L 44 -27.20 -26.88 16.24
C ALA L 44 -26.76 -25.43 16.35
N TRP L 45 -26.33 -24.98 17.53
CA TRP L 45 -25.79 -23.65 17.73
C TRP L 45 -24.54 -23.73 18.61
N THR L 46 -23.72 -22.69 18.55
CA THR L 46 -22.49 -22.61 19.33
C THR L 46 -22.41 -21.26 20.03
N ASN L 47 -21.94 -21.27 21.27
CA ASN L 47 -21.74 -20.06 22.06
C ASN L 47 -20.25 -19.84 22.26
N THR L 48 -19.80 -18.62 21.99
CA THR L 48 -18.41 -18.23 22.20
C THR L 48 -18.36 -17.17 23.29
N ALA L 49 -17.41 -17.31 24.22
CA ALA L 49 -17.41 -16.48 25.42
C ALA L 49 -16.88 -15.08 25.14
N LEU L 50 -17.73 -14.09 25.41
CA LEU L 50 -17.31 -12.69 25.45
C LEU L 50 -16.98 -12.31 26.89
N THR L 51 -16.90 -11.02 27.18
CA THR L 51 -16.66 -10.53 28.53
C THR L 51 -17.98 -10.30 29.24
N ASN L 52 -17.94 -10.46 30.57
CA ASN L 52 -19.05 -10.08 31.44
C ASN L 52 -20.27 -10.95 31.22
N GLY L 53 -20.05 -12.24 30.99
CA GLY L 53 -21.13 -13.19 30.91
C GLY L 53 -21.89 -13.21 29.60
N ALA L 54 -21.51 -12.39 28.63
CA ALA L 54 -22.16 -12.40 27.33
C ALA L 54 -21.53 -13.46 26.43
N VAL L 55 -22.33 -13.96 25.48
CA VAL L 55 -21.89 -14.95 24.52
C VAL L 55 -22.30 -14.51 23.13
N MET L 56 -21.65 -15.09 22.12
CA MET L 56 -22.03 -14.92 20.73
C MET L 56 -22.57 -16.23 20.21
N ARG L 57 -23.78 -16.20 19.64
CA ARG L 57 -24.48 -17.39 19.21
C ARG L 57 -24.52 -17.44 17.68
N SER L 58 -24.09 -18.57 17.12
CA SER L 58 -24.04 -18.74 15.68
C SER L 58 -24.41 -20.18 15.34
N ALA L 59 -24.68 -20.42 14.06
CA ALA L 59 -25.18 -21.71 13.62
C ALA L 59 -24.04 -22.67 13.32
N SER L 60 -24.32 -23.96 13.51
CA SER L 60 -23.35 -25.01 13.22
C SER L 60 -24.08 -26.29 12.83
N ASN L 61 -23.38 -27.42 12.89
CA ASN L 61 -23.93 -28.71 12.48
C ASN L 61 -24.19 -29.58 13.70
N ALA L 62 -25.11 -30.53 13.55
CA ALA L 62 -25.24 -31.61 14.50
C ALA L 62 -24.41 -32.80 14.03
N THR L 63 -23.63 -33.38 14.94
CA THR L 63 -22.60 -34.33 14.57
C THR L 63 -22.81 -35.66 15.28
N MET L 64 -22.18 -36.69 14.74
CA MET L 64 -22.18 -38.03 15.32
C MET L 64 -20.89 -38.73 14.94
N THR L 65 -20.21 -39.31 15.92
CA THR L 65 -19.05 -40.16 15.67
C THR L 65 -19.47 -41.61 15.84
N LEU L 66 -19.24 -42.42 14.82
CA LEU L 66 -19.81 -43.77 14.74
C LEU L 66 -18.73 -44.77 14.33
N PRO L 67 -18.10 -45.46 15.29
CA PRO L 67 -17.19 -46.56 14.93
C PRO L 67 -17.94 -47.86 14.77
N VAL L 68 -17.77 -48.50 13.61
CA VAL L 68 -18.47 -49.74 13.28
C VAL L 68 -17.51 -50.69 12.59
N VAL L 69 -17.87 -51.97 12.59
CA VAL L 69 -17.17 -52.97 11.78
C VAL L 69 -17.85 -53.05 10.43
N ARG L 70 -17.10 -52.83 9.37
CA ARG L 70 -17.68 -52.76 8.03
C ARG L 70 -18.35 -54.07 7.66
N ASP L 71 -19.31 -53.99 6.77
CA ASP L 71 -19.98 -55.18 6.25
C ASP L 71 -19.23 -55.69 5.03
N PRO L 72 -18.91 -56.98 4.95
CA PRO L 72 -18.08 -57.47 3.82
C PRO L 72 -18.81 -57.46 2.48
N ARG L 73 -20.03 -56.95 2.44
CA ARG L 73 -20.80 -56.87 1.21
C ARG L 73 -20.93 -55.45 0.68
N VAL L 74 -20.27 -54.47 1.29
CA VAL L 74 -20.37 -53.07 0.89
C VAL L 74 -18.96 -52.56 0.66
N PRO L 75 -18.70 -51.83 -0.43
CA PRO L 75 -17.34 -51.35 -0.68
C PRO L 75 -16.84 -50.45 0.45
N LEU L 76 -15.53 -50.49 0.68
CA LEU L 76 -14.94 -49.67 1.74
C LEU L 76 -15.01 -48.19 1.39
N ALA L 77 -15.12 -47.87 0.11
CA ALA L 77 -15.22 -46.47 -0.29
C ALA L 77 -16.55 -45.86 0.12
N TRP L 78 -17.57 -46.67 0.36
CA TRP L 78 -18.88 -46.16 0.75
C TRP L 78 -18.92 -45.69 2.19
N TYR L 79 -18.20 -46.34 3.09
CA TYR L 79 -18.08 -45.87 4.47
C TYR L 79 -17.29 -44.57 4.56
N GLN L 80 -16.46 -44.29 3.56
CA GLN L 80 -15.83 -42.99 3.44
C GLN L 80 -16.74 -42.05 2.64
N GLY L 81 -16.19 -40.93 2.20
CA GLY L 81 -17.03 -39.84 1.71
C GLY L 81 -17.66 -40.04 0.34
N CYS L 82 -17.77 -41.27 -0.16
CA CYS L 82 -18.36 -41.50 -1.48
C CYS L 82 -19.82 -41.96 -1.42
N ALA L 83 -20.52 -41.76 -0.32
CA ALA L 83 -21.92 -42.16 -0.22
C ALA L 83 -22.63 -41.32 0.85
N GLN L 84 -23.96 -41.37 0.81
CA GLN L 84 -24.81 -40.66 1.76
C GLN L 84 -25.37 -41.66 2.77
N ILE L 85 -25.32 -41.30 4.05
CA ILE L 85 -25.52 -42.26 5.13
C ILE L 85 -26.71 -41.84 5.98
N ASP L 86 -27.55 -42.81 6.32
CA ASP L 86 -28.69 -42.61 7.21
C ASP L 86 -28.58 -43.60 8.36
N ALA L 87 -28.30 -43.11 9.56
CA ALA L 87 -27.92 -43.96 10.68
C ALA L 87 -28.96 -43.87 11.80
N GLN L 88 -29.10 -44.98 12.54
CA GLN L 88 -29.91 -45.05 13.73
C GLN L 88 -29.19 -45.87 14.78
N VAL L 89 -29.18 -45.39 16.03
CA VAL L 89 -28.50 -46.06 17.14
C VAL L 89 -29.47 -46.15 18.30
N GLU L 90 -29.61 -47.36 18.85
CA GLU L 90 -30.52 -47.63 19.96
C GLU L 90 -29.71 -48.14 21.14
N LYS L 91 -29.96 -47.56 22.31
CA LYS L 91 -29.25 -47.92 23.53
C LYS L 91 -30.07 -48.93 24.33
N PHE L 92 -29.45 -49.46 25.39
CA PHE L 92 -30.14 -50.42 26.24
C PHE L 92 -31.23 -49.77 27.08
N ASP L 93 -31.06 -48.52 27.47
CA ASP L 93 -32.05 -47.86 28.32
C ASP L 93 -33.32 -47.48 27.57
N GLY L 94 -33.26 -47.32 26.25
CA GLY L 94 -34.42 -47.01 25.44
C GLY L 94 -34.23 -45.84 24.50
N THR L 95 -33.19 -45.05 24.66
CA THR L 95 -32.98 -43.89 23.81
C THR L 95 -32.66 -44.33 22.38
N VAL L 96 -33.23 -43.62 21.41
CA VAL L 96 -32.97 -43.86 19.99
C VAL L 96 -32.58 -42.54 19.35
N MET L 97 -31.47 -42.55 18.61
CA MET L 97 -30.98 -41.37 17.91
C MET L 97 -31.06 -41.61 16.41
N THR L 98 -31.74 -40.72 15.70
CA THR L 98 -31.99 -40.87 14.28
C THR L 98 -31.35 -39.72 13.52
N LEU L 99 -30.56 -40.06 12.50
CA LEU L 99 -29.91 -39.08 11.64
C LEU L 99 -30.17 -39.47 10.20
N THR L 100 -30.50 -38.49 9.36
CA THR L 100 -30.77 -38.73 7.96
C THR L 100 -30.08 -37.67 7.11
N GLU L 101 -29.69 -38.08 5.90
CA GLU L 101 -29.02 -37.19 4.95
C GLU L 101 -27.70 -36.67 5.50
N GLY L 102 -26.89 -37.56 6.07
CA GLY L 102 -25.62 -37.15 6.64
C GLY L 102 -24.49 -37.19 5.63
N ALA L 103 -23.43 -36.44 5.94
CA ALA L 103 -22.24 -36.36 5.11
C ALA L 103 -21.03 -36.75 5.94
N VAL L 104 -20.15 -37.56 5.35
CA VAL L 104 -18.95 -38.04 6.02
C VAL L 104 -17.80 -37.10 5.65
N THR L 105 -17.15 -36.54 6.66
CA THR L 105 -16.18 -35.48 6.47
C THR L 105 -14.80 -35.93 6.90
N GLU L 106 -13.81 -35.68 6.05
CA GLU L 106 -12.39 -35.89 6.34
C GLU L 106 -12.14 -37.29 6.90
N PRO L 107 -12.24 -38.33 6.10
CA PRO L 107 -11.98 -39.68 6.60
C PRO L 107 -10.50 -39.91 6.90
N GLU L 108 -10.26 -40.91 7.75
CA GLU L 108 -8.93 -41.39 8.07
C GLU L 108 -8.75 -42.78 7.49
N GLU L 109 -7.50 -43.13 7.17
CA GLU L 109 -7.23 -44.40 6.52
C GLU L 109 -7.62 -45.57 7.41
N SER L 110 -8.24 -46.58 6.81
CA SER L 110 -8.74 -47.74 7.55
C SER L 110 -8.02 -49.01 7.11
N ASP L 111 -7.98 -49.98 8.01
CA ASP L 111 -7.31 -51.25 7.75
C ASP L 111 -8.19 -52.25 7.02
N GLY L 112 -9.44 -51.92 6.75
CA GLY L 112 -10.34 -52.80 6.02
C GLY L 112 -11.33 -53.56 6.87
N ARG L 113 -11.28 -53.43 8.19
CA ARG L 113 -12.26 -54.06 9.07
C ARG L 113 -13.02 -53.05 9.91
N ALA L 114 -12.32 -52.13 10.57
CA ALA L 114 -12.94 -51.17 11.48
C ALA L 114 -12.86 -49.78 10.87
N VAL L 115 -13.97 -49.05 10.92
CA VAL L 115 -14.10 -47.71 10.36
C VAL L 115 -14.71 -46.79 11.40
N THR L 116 -14.23 -45.56 11.45
CA THR L 116 -14.78 -44.53 12.33
C THR L 116 -15.23 -43.35 11.47
N MET L 117 -16.54 -43.17 11.34
CA MET L 117 -17.13 -42.18 10.46
C MET L 117 -17.59 -40.98 11.27
N THR L 118 -17.25 -39.78 10.80
CA THR L 118 -17.71 -38.54 11.41
C THR L 118 -18.79 -37.96 10.52
N ILE L 119 -20.03 -37.97 11.00
CA ILE L 119 -21.19 -37.63 10.19
C ILE L 119 -21.77 -36.32 10.70
N ILE L 120 -22.04 -35.39 9.79
CA ILE L 120 -22.71 -34.14 10.12
C ILE L 120 -24.06 -34.13 9.44
N ALA L 121 -25.02 -33.44 10.06
CA ALA L 121 -26.37 -33.34 9.54
C ALA L 121 -26.97 -32.03 10.01
N ALA L 122 -28.11 -31.67 9.42
CA ALA L 122 -28.82 -30.47 9.85
C ALA L 122 -29.47 -30.66 11.21
N GLU L 123 -29.99 -31.85 11.48
CA GLU L 123 -30.65 -32.14 12.74
C GLU L 123 -30.44 -33.61 13.11
N ILE L 124 -30.51 -33.90 14.40
CA ILE L 124 -30.52 -35.25 14.92
C ILE L 124 -31.70 -35.38 15.86
N ASP L 125 -32.52 -36.41 15.66
CA ASP L 125 -33.71 -36.65 16.46
C ASP L 125 -33.37 -37.56 17.63
N GLU L 126 -33.86 -37.21 18.82
CA GLU L 126 -33.67 -38.00 20.02
C GLU L 126 -35.04 -38.44 20.54
N LEU L 127 -35.15 -39.71 20.90
CA LEU L 127 -36.40 -40.30 21.37
C LEU L 127 -36.14 -40.89 22.75
N LEU L 128 -36.50 -40.15 23.79
CA LEU L 128 -36.24 -40.56 25.16
C LEU L 128 -37.18 -41.70 25.55
N PRO L 129 -36.85 -42.43 26.61
CA PRO L 129 -37.77 -43.46 27.11
C PRO L 129 -39.08 -42.83 27.54
N PRO L 130 -40.12 -43.63 27.75
CA PRO L 130 -41.43 -43.06 28.10
C PRO L 130 -41.37 -42.25 29.39
N GLY L 131 -42.12 -41.13 29.39
CA GLY L 131 -42.24 -40.31 30.58
C GLY L 131 -41.25 -39.16 30.66
N SER L 132 -41.15 -38.38 29.59
CA SER L 132 -40.22 -37.26 29.53
C SER L 132 -40.85 -36.01 30.11
N LEU L 133 -40.00 -35.00 30.37
CA LEU L 133 -40.45 -33.74 30.92
C LEU L 133 -40.47 -32.61 29.89
N ALA L 134 -39.69 -32.73 28.82
CA ALA L 134 -39.60 -31.68 27.81
C ALA L 134 -40.51 -32.01 26.64
N ALA L 135 -41.31 -31.04 26.23
CA ALA L 135 -42.23 -31.22 25.12
C ALA L 135 -41.48 -31.45 23.81
N MET M 1 1.03 -8.72 -82.83
CA MET M 1 1.07 -7.29 -82.42
C MET M 1 0.19 -7.07 -81.18
N ALA M 2 0.73 -6.36 -80.19
CA ALA M 2 0.01 -6.11 -78.95
C ALA M 2 0.31 -4.69 -78.49
N GLN M 3 -0.06 -4.40 -77.25
CA GLN M 3 0.10 -3.07 -76.68
C GLN M 3 0.95 -3.15 -75.42
N ASP M 4 1.73 -2.10 -75.16
CA ASP M 4 2.80 -2.16 -74.17
C ASP M 4 2.27 -2.51 -72.78
N ALA M 5 1.24 -1.80 -72.32
CA ALA M 5 0.77 -1.98 -70.96
C ALA M 5 0.14 -3.34 -70.71
N LEU M 6 -0.15 -4.11 -71.76
CA LEU M 6 -0.80 -5.40 -71.63
C LEU M 6 0.00 -6.56 -72.20
N SER M 7 1.15 -6.29 -72.84
CA SER M 7 1.85 -7.35 -73.57
C SER M 7 2.44 -8.42 -72.67
N ASP M 8 2.99 -8.05 -71.52
CA ASP M 8 3.72 -9.01 -70.69
C ASP M 8 2.82 -10.07 -70.08
N GLY M 9 1.52 -9.86 -70.02
CA GLY M 9 0.61 -10.88 -69.55
C GLY M 9 0.47 -10.99 -68.05
N PHE M 10 0.82 -9.94 -67.31
CA PHE M 10 0.56 -9.95 -65.87
C PHE M 10 -0.89 -9.60 -65.59
N VAL M 11 -1.41 -8.57 -66.26
CA VAL M 11 -2.82 -8.23 -66.18
C VAL M 11 -3.51 -8.76 -67.42
N ARG M 12 -4.55 -9.57 -67.23
CA ARG M 12 -5.32 -10.15 -68.32
C ARG M 12 -6.70 -9.52 -68.30
N LEU M 13 -6.96 -8.66 -69.28
CA LEU M 13 -8.13 -7.79 -69.27
C LEU M 13 -9.23 -8.36 -70.15
N CYS M 14 -10.46 -8.35 -69.65
CA CYS M 14 -11.65 -8.75 -70.40
C CYS M 14 -12.69 -7.65 -70.24
N ILE M 15 -13.26 -7.21 -71.37
CA ILE M 15 -14.24 -6.15 -71.39
C ILE M 15 -15.55 -6.72 -71.91
N ASP M 16 -16.61 -6.64 -71.10
CA ASP M 16 -17.91 -7.17 -71.47
C ASP M 16 -19.00 -6.36 -70.77
N PRO M 17 -19.81 -5.59 -71.49
CA PRO M 17 -20.83 -4.76 -70.83
C PRO M 17 -22.07 -5.53 -70.38
N SER M 18 -22.00 -6.86 -70.35
CA SER M 18 -23.16 -7.67 -70.00
C SER M 18 -22.92 -8.63 -68.84
N LEU M 19 -21.77 -8.59 -68.19
CA LEU M 19 -21.51 -9.48 -67.07
C LEU M 19 -22.31 -9.04 -65.85
N ASN M 20 -22.62 -9.99 -64.97
CA ASN M 20 -23.40 -9.75 -63.77
C ASN M 20 -22.64 -10.30 -62.57
N PHE M 21 -22.41 -9.44 -61.57
CA PHE M 21 -21.72 -9.86 -60.36
C PHE M 21 -22.63 -10.53 -59.35
N PHE M 22 -23.94 -10.39 -59.51
CA PHE M 22 -24.88 -10.90 -58.51
C PHE M 22 -24.81 -12.42 -58.44
N GLY M 23 -24.94 -12.95 -57.23
CA GLY M 23 -25.06 -14.38 -57.05
C GLY M 23 -26.45 -14.88 -57.38
N GLU M 24 -26.64 -16.18 -57.23
CA GLU M 24 -27.94 -16.79 -57.52
C GLU M 24 -28.89 -16.51 -56.36
N GLY M 25 -29.92 -15.72 -56.62
CA GLY M 25 -30.89 -15.37 -55.61
C GLY M 25 -31.80 -16.53 -55.27
N CYS M 26 -33.04 -16.19 -54.93
CA CYS M 26 -34.04 -17.22 -54.62
C CYS M 26 -34.53 -17.88 -55.91
N LYS M 27 -35.53 -18.72 -55.76
CA LYS M 27 -36.16 -19.40 -56.88
C LYS M 27 -37.65 -19.12 -56.88
N ILE M 28 -38.17 -18.70 -58.03
CA ILE M 28 -39.60 -18.45 -58.22
C ILE M 28 -40.07 -19.30 -59.39
N LEU M 29 -41.23 -19.94 -59.23
CA LEU M 29 -41.80 -20.82 -60.24
C LEU M 29 -43.10 -20.22 -60.74
N VAL M 30 -43.24 -20.15 -62.07
CA VAL M 30 -44.41 -19.58 -62.72
C VAL M 30 -45.07 -20.66 -63.55
N GLU M 31 -46.38 -20.83 -63.38
CA GLU M 31 -47.13 -21.91 -64.01
C GLU M 31 -48.30 -21.32 -64.80
N GLY M 32 -48.43 -21.73 -66.05
CA GLY M 32 -49.45 -21.17 -66.91
C GLY M 32 -49.54 -21.91 -68.23
N GLN M 33 -50.47 -21.44 -69.05
CA GLN M 33 -50.76 -22.11 -70.32
C GLN M 33 -49.72 -21.75 -71.37
N ILE M 34 -49.64 -22.58 -72.41
CA ILE M 34 -48.83 -22.29 -73.59
C ILE M 34 -49.68 -22.54 -74.83
N THR M 35 -49.07 -22.41 -76.01
CA THR M 35 -49.77 -22.61 -77.27
C THR M 35 -49.03 -23.63 -78.11
N ASP M 36 -49.63 -24.00 -79.25
CA ASP M 36 -49.07 -25.05 -80.09
C ASP M 36 -47.73 -24.67 -80.70
N ASP M 37 -47.47 -23.37 -80.89
CA ASP M 37 -46.23 -22.96 -81.53
C ASP M 37 -45.05 -22.88 -80.55
N ALA M 38 -45.27 -23.21 -79.28
CA ALA M 38 -44.19 -23.19 -78.30
C ALA M 38 -43.23 -24.35 -78.55
N THR M 39 -41.93 -24.06 -78.48
CA THR M 39 -40.92 -25.09 -78.64
C THR M 39 -40.51 -25.74 -77.32
N ALA M 40 -41.01 -25.24 -76.21
CA ALA M 40 -40.70 -25.83 -74.91
C ALA M 40 -41.47 -27.12 -74.71
N ALA M 41 -40.95 -27.98 -73.84
CA ALA M 41 -41.57 -29.27 -73.56
C ALA M 41 -42.67 -29.13 -72.53
N GLU M 42 -43.79 -29.80 -72.78
CA GLU M 42 -44.93 -29.75 -71.88
C GLU M 42 -44.61 -30.48 -70.58
N ASN M 43 -45.21 -29.99 -69.49
CA ASN M 43 -45.14 -30.66 -68.19
C ASN M 43 -43.70 -30.95 -67.76
N VAL M 44 -42.79 -30.02 -67.97
CA VAL M 44 -41.40 -30.17 -67.57
C VAL M 44 -40.87 -28.79 -67.14
N VAL M 45 -40.36 -28.72 -65.93
CA VAL M 45 -39.87 -27.46 -65.39
C VAL M 45 -38.55 -27.10 -66.07
N THR M 46 -38.44 -25.87 -66.53
CA THR M 46 -37.26 -25.40 -67.24
C THR M 46 -36.88 -24.02 -66.73
N CYS M 47 -35.59 -23.70 -66.88
CA CYS M 47 -35.05 -22.43 -66.42
C CYS M 47 -35.27 -21.35 -67.47
N VAL M 48 -35.42 -20.11 -67.01
CA VAL M 48 -35.59 -18.95 -67.88
C VAL M 48 -34.51 -17.94 -67.50
N ASN M 49 -33.86 -17.36 -68.51
CA ASN M 49 -32.70 -16.51 -68.28
C ASN M 49 -32.94 -15.04 -68.62
N SER M 50 -33.91 -14.74 -69.48
CA SER M 50 -34.18 -13.34 -69.84
C SER M 50 -35.53 -13.27 -70.54
N GLU M 51 -35.97 -12.03 -70.77
CA GLU M 51 -37.24 -11.78 -71.45
C GLU M 51 -37.22 -12.13 -72.93
N LEU M 52 -36.02 -12.16 -73.54
CA LEU M 52 -35.93 -12.14 -74.99
C LEU M 52 -36.38 -13.44 -75.65
N ASP M 53 -36.29 -14.57 -74.95
CA ASP M 53 -36.60 -15.86 -75.57
C ASP M 53 -38.08 -16.20 -75.53
N LEU M 54 -38.92 -15.34 -74.96
CA LEU M 54 -40.35 -15.62 -74.93
C LEU M 54 -40.91 -15.68 -76.35
N VAL M 55 -42.17 -16.11 -76.45
CA VAL M 55 -42.86 -16.29 -77.73
C VAL M 55 -42.23 -17.47 -78.47
N GLU M 56 -40.92 -17.35 -78.76
CA GLU M 56 -40.22 -18.44 -79.42
C GLU M 56 -40.33 -19.73 -78.62
N ARG M 57 -40.23 -19.63 -77.29
CA ARG M 57 -40.23 -20.81 -76.44
C ARG M 57 -41.61 -21.12 -75.88
N PHE M 58 -42.38 -20.11 -75.48
CA PHE M 58 -43.63 -20.32 -74.77
C PHE M 58 -44.86 -19.81 -75.53
N GLY M 59 -44.73 -19.54 -76.83
CA GLY M 59 -45.90 -19.25 -77.62
C GLY M 59 -46.24 -17.77 -77.68
N GLN M 60 -46.93 -17.39 -78.75
CA GLN M 60 -47.26 -15.98 -78.98
C GLN M 60 -48.39 -15.54 -78.06
N GLY M 61 -48.13 -14.50 -77.27
CA GLY M 61 -49.19 -13.90 -76.46
C GLY M 61 -49.90 -14.87 -75.55
N SER M 62 -49.23 -15.91 -75.10
CA SER M 62 -49.85 -16.87 -74.20
C SER M 62 -49.88 -16.32 -72.78
N VAL M 63 -50.60 -17.03 -71.91
CA VAL M 63 -50.68 -16.61 -70.51
C VAL M 63 -49.30 -16.63 -69.87
N LEU M 64 -48.54 -17.69 -70.10
CA LEU M 64 -47.28 -17.87 -69.38
C LEU M 64 -46.24 -16.84 -69.81
N THR M 65 -46.15 -16.54 -71.10
CA THR M 65 -45.16 -15.56 -71.56
C THR M 65 -45.46 -14.18 -70.98
N GLU M 66 -46.73 -13.79 -70.97
CA GLU M 66 -47.08 -12.50 -70.39
C GLU M 66 -46.84 -12.48 -68.88
N SER M 67 -47.11 -13.60 -68.20
CA SER M 67 -46.81 -13.66 -66.78
C SER M 67 -45.31 -13.48 -66.53
N LEU M 68 -44.47 -14.12 -67.35
CA LEU M 68 -43.04 -13.98 -67.17
C LEU M 68 -42.56 -12.57 -67.51
N ARG M 69 -43.26 -11.89 -68.42
CA ARG M 69 -42.86 -10.52 -68.75
C ARG M 69 -42.91 -9.61 -67.52
N LYS M 70 -43.95 -9.74 -66.69
CA LYS M 70 -44.01 -8.96 -65.46
C LYS M 70 -43.01 -9.45 -64.42
N VAL M 71 -42.80 -10.76 -64.33
CA VAL M 71 -41.85 -11.30 -63.35
C VAL M 71 -40.47 -10.73 -63.61
N PHE M 72 -40.04 -10.69 -64.87
CA PHE M 72 -38.74 -10.12 -65.20
C PHE M 72 -38.73 -8.60 -65.12
N CYS M 73 -39.90 -7.96 -65.23
CA CYS M 73 -39.96 -6.51 -65.13
C CYS M 73 -39.81 -6.04 -63.69
N MET M 74 -40.43 -6.74 -62.74
CA MET M 74 -40.41 -6.33 -61.35
C MET M 74 -39.11 -6.67 -60.62
N CYS M 75 -38.25 -7.51 -61.21
CA CYS M 75 -37.05 -7.99 -60.53
C CYS M 75 -35.84 -7.74 -61.44
N LYS M 76 -35.11 -6.66 -61.15
CA LYS M 76 -33.90 -6.36 -61.92
C LYS M 76 -32.72 -7.23 -61.50
N SER M 77 -32.78 -7.84 -60.31
CA SER M 77 -31.69 -8.68 -59.85
C SER M 77 -32.15 -9.43 -58.60
N GLY M 78 -31.37 -10.45 -58.24
CA GLY M 78 -31.61 -11.18 -57.01
C GLY M 78 -32.71 -12.22 -57.06
N VAL M 79 -32.99 -12.78 -58.24
CA VAL M 79 -34.03 -13.79 -58.37
C VAL M 79 -33.67 -14.72 -59.52
N SER M 80 -34.06 -15.99 -59.38
CA SER M 80 -33.93 -16.99 -60.43
C SER M 80 -35.33 -17.45 -60.82
N VAL M 81 -35.63 -17.41 -62.11
CA VAL M 81 -36.99 -17.63 -62.62
C VAL M 81 -37.06 -19.01 -63.26
N TYR M 82 -38.09 -19.77 -62.90
CA TYR M 82 -38.37 -21.07 -63.50
C TYR M 82 -39.80 -21.08 -63.99
N ALA M 83 -40.06 -21.93 -64.98
CA ALA M 83 -41.36 -21.99 -65.63
C ALA M 83 -41.85 -23.43 -65.70
N LEU M 84 -43.16 -23.60 -65.60
CA LEU M 84 -43.81 -24.91 -65.66
C LEU M 84 -44.94 -24.84 -66.67
N PRO M 85 -44.65 -24.97 -67.97
CA PRO M 85 -45.69 -24.82 -68.98
C PRO M 85 -46.75 -25.90 -68.90
N ARG M 86 -47.98 -25.52 -69.25
CA ARG M 86 -49.11 -26.44 -69.27
C ARG M 86 -49.90 -26.21 -70.55
N ALA M 87 -50.62 -27.24 -70.98
CA ALA M 87 -51.33 -27.22 -72.25
C ALA M 87 -52.84 -27.26 -72.01
N ASP M 88 -53.59 -26.67 -72.95
CA ASP M 88 -55.03 -26.59 -72.81
C ASP M 88 -55.67 -27.96 -73.02
N ALA M 89 -56.82 -28.17 -72.38
CA ALA M 89 -57.61 -29.36 -72.62
C ALA M 89 -58.11 -29.37 -74.06
N ALA M 90 -58.20 -30.57 -74.64
CA ALA M 90 -58.59 -30.68 -76.04
C ALA M 90 -60.01 -30.21 -76.30
N ALA M 91 -60.89 -30.27 -75.29
CA ALA M 91 -62.29 -29.93 -75.47
C ALA M 91 -62.61 -28.49 -75.09
N ALA M 92 -61.61 -27.69 -74.72
CA ALA M 92 -61.87 -26.33 -74.26
C ALA M 92 -62.25 -25.43 -75.43
N VAL M 93 -63.20 -24.54 -75.19
CA VAL M 93 -63.63 -23.55 -76.18
C VAL M 93 -63.08 -22.19 -75.81
N SER M 94 -62.88 -21.33 -76.80
CA SER M 94 -62.32 -20.00 -76.59
C SER M 94 -63.44 -18.96 -76.50
N ALA M 95 -63.29 -18.01 -75.60
CA ALA M 95 -64.30 -16.98 -75.41
C ALA M 95 -64.30 -15.99 -76.56
N VAL M 96 -65.44 -15.33 -76.76
CA VAL M 96 -65.64 -14.42 -77.89
C VAL M 96 -66.24 -13.12 -77.39
N TYR M 97 -65.75 -12.00 -77.92
CA TYR M 97 -66.32 -10.68 -77.63
C TYR M 97 -66.50 -9.92 -78.94
N THR M 98 -67.47 -9.00 -78.93
CA THR M 98 -67.78 -8.18 -80.09
C THR M 98 -67.53 -6.71 -79.75
N LEU M 99 -66.77 -6.03 -80.60
CA LEU M 99 -66.50 -4.60 -80.47
C LEU M 99 -67.09 -3.92 -81.70
N THR M 100 -68.37 -3.55 -81.61
CA THR M 100 -69.10 -3.00 -82.74
C THR M 100 -69.01 -1.48 -82.72
N VAL M 101 -68.41 -0.91 -83.78
CA VAL M 101 -68.38 0.54 -83.92
C VAL M 101 -69.67 1.01 -84.59
N THR M 102 -70.04 2.27 -84.34
CA THR M 102 -71.27 2.82 -84.88
C THR M 102 -71.07 4.30 -85.19
N GLY M 103 -71.97 4.82 -86.02
CA GLY M 103 -71.93 6.22 -86.39
C GLY M 103 -71.02 6.49 -87.58
N THR M 104 -70.72 7.77 -87.77
CA THR M 104 -69.84 8.21 -88.85
C THR M 104 -69.15 9.48 -88.41
N ALA M 105 -67.85 9.41 -88.17
CA ALA M 105 -67.11 10.56 -87.65
C ALA M 105 -67.21 11.74 -88.61
N LEU M 106 -67.53 12.91 -88.06
CA LEU M 106 -67.69 14.12 -88.84
C LEU M 106 -66.73 15.24 -88.46
N THR M 107 -66.08 15.14 -87.30
CA THR M 107 -64.99 16.03 -86.93
C THR M 107 -63.70 15.22 -86.71
N ASP M 108 -62.57 15.86 -87.01
CA ASP M 108 -61.29 15.21 -86.79
C ASP M 108 -60.97 15.15 -85.31
N GLY M 109 -60.08 14.24 -84.94
CA GLY M 109 -59.69 14.07 -83.55
C GLY M 109 -58.91 12.77 -83.37
N ARG M 110 -58.81 12.36 -82.12
CA ARG M 110 -58.10 11.15 -81.74
C ARG M 110 -58.96 10.29 -80.83
N VAL M 111 -58.78 8.98 -80.94
CA VAL M 111 -59.40 8.01 -80.04
C VAL M 111 -58.29 7.10 -79.50
N GLN M 112 -58.24 6.96 -78.19
CA GLN M 112 -57.27 6.10 -77.52
C GLN M 112 -58.01 5.16 -76.59
N LEU M 113 -57.89 3.86 -76.85
CA LEU M 113 -58.63 2.83 -76.14
C LEU M 113 -57.72 2.14 -75.13
N TYR M 114 -58.29 1.70 -74.02
CA TYR M 114 -57.58 0.91 -73.03
C TYR M 114 -58.02 -0.54 -73.11
N MET M 115 -57.05 -1.45 -73.17
CA MET M 115 -57.33 -2.86 -73.39
C MET M 115 -56.41 -3.69 -72.49
N GLY M 116 -56.99 -4.28 -71.45
CA GLY M 116 -56.27 -5.23 -70.61
C GLY M 116 -55.24 -4.60 -69.71
N GLU M 117 -54.26 -3.91 -70.29
CA GLU M 117 -53.17 -3.33 -69.52
C GLU M 117 -52.55 -2.21 -70.34
N ALA M 118 -51.77 -1.36 -69.68
CA ALA M 118 -51.17 -0.22 -70.34
C ALA M 118 -50.27 -0.59 -71.51
N GLU M 119 -49.76 -1.82 -71.55
CA GLU M 119 -48.93 -2.25 -72.67
C GLU M 119 -49.73 -2.47 -73.94
N TYR M 120 -51.00 -2.84 -73.81
CA TYR M 120 -51.84 -3.16 -74.96
C TYR M 120 -52.86 -2.08 -75.27
N SER M 121 -52.79 -0.94 -74.59
CA SER M 121 -53.63 0.20 -74.93
C SER M 121 -52.99 1.01 -76.05
N LEU M 122 -53.83 1.54 -76.93
CA LEU M 122 -53.34 2.19 -78.15
C LEU M 122 -54.04 3.53 -78.32
N ASP M 123 -53.32 4.46 -78.96
CA ASP M 123 -53.86 5.75 -79.35
C ASP M 123 -53.87 5.81 -80.87
N ILE M 124 -55.05 5.98 -81.46
CA ILE M 124 -55.23 5.96 -82.90
C ILE M 124 -56.12 7.14 -83.27
N GLY M 125 -55.75 7.89 -84.31
CA GLY M 125 -56.41 9.12 -84.67
C GLY M 125 -57.04 9.11 -86.04
N VAL M 126 -57.95 10.06 -86.24
CA VAL M 126 -58.61 10.30 -87.52
C VAL M 126 -58.49 11.78 -87.84
N ASP M 127 -58.12 12.09 -89.09
CA ASP M 127 -57.85 13.47 -89.49
C ASP M 127 -58.94 14.05 -90.39
N GLU M 128 -60.03 13.32 -90.64
CA GLU M 128 -61.10 13.83 -91.49
C GLU M 128 -62.42 13.24 -91.05
N GLY M 129 -63.50 13.91 -91.42
CA GLY M 129 -64.83 13.43 -91.15
C GLY M 129 -65.32 12.50 -92.25
N ASP M 130 -66.61 12.19 -92.19
CA ASP M 130 -67.30 11.35 -93.16
C ASP M 130 -66.70 9.95 -93.24
N THR M 131 -65.94 9.54 -92.24
CA THR M 131 -65.37 8.20 -92.22
C THR M 131 -66.40 7.23 -91.65
N PRO M 132 -66.88 6.24 -92.41
CA PRO M 132 -67.88 5.32 -91.86
C PRO M 132 -67.26 4.35 -90.86
N THR M 133 -68.06 3.40 -90.38
CA THR M 133 -67.55 2.40 -89.46
C THR M 133 -66.44 1.56 -90.11
N GLN M 134 -66.45 1.47 -91.44
CA GLN M 134 -65.44 0.69 -92.15
C GLN M 134 -64.08 1.39 -92.17
N ILE M 135 -64.05 2.71 -92.34
CA ILE M 135 -62.79 3.43 -92.14
C ILE M 135 -62.36 3.36 -90.69
N ALA M 136 -63.31 3.40 -89.75
CA ALA M 136 -63.04 2.91 -88.42
C ALA M 136 -62.77 1.42 -88.49
N ALA M 137 -62.37 0.82 -87.37
CA ALA M 137 -61.85 -0.54 -87.33
C ALA M 137 -60.47 -0.64 -87.97
N LYS M 138 -59.86 0.50 -88.29
CA LYS M 138 -58.44 0.54 -88.64
C LYS M 138 -57.55 0.32 -87.42
N ILE M 139 -58.12 -0.02 -86.28
CA ILE M 139 -57.40 -0.22 -85.03
C ILE M 139 -56.36 -1.30 -85.22
N VAL M 140 -56.69 -2.35 -85.99
CA VAL M 140 -55.81 -3.49 -86.15
C VAL M 140 -54.42 -3.07 -86.61
N ALA M 141 -54.29 -1.92 -87.26
CA ALA M 141 -52.97 -1.41 -87.60
C ALA M 141 -52.15 -1.08 -86.36
N ALA M 142 -52.80 -0.95 -85.20
CA ALA M 142 -52.13 -0.61 -83.95
C ALA M 142 -52.10 -1.74 -82.95
N ILE M 143 -53.01 -2.72 -83.03
CA ILE M 143 -53.00 -3.82 -82.09
C ILE M 143 -51.65 -4.55 -82.17
N SER M 144 -51.18 -5.01 -81.03
CA SER M 144 -49.86 -5.62 -80.92
C SER M 144 -49.95 -7.13 -81.05
N PRO M 145 -48.90 -7.79 -81.54
CA PRO M 145 -48.94 -9.26 -81.63
C PRO M 145 -49.09 -9.94 -80.28
N ASP M 146 -48.64 -9.30 -79.20
CA ASP M 146 -48.62 -9.91 -77.89
C ASP M 146 -49.97 -9.90 -77.19
N PHE M 147 -50.96 -9.23 -77.76
CA PHE M 147 -52.28 -9.21 -77.14
C PHE M 147 -52.82 -10.65 -77.07
N PRO M 148 -53.28 -11.11 -75.89
CA PRO M 148 -53.73 -12.52 -75.80
C PRO M 148 -54.96 -12.84 -76.64
N TYR M 149 -55.47 -11.90 -77.42
CA TYR M 149 -56.68 -12.13 -78.20
C TYR M 149 -56.39 -11.82 -79.67
N GLU M 150 -57.28 -12.31 -80.54
CA GLU M 150 -57.18 -12.14 -81.97
C GLU M 150 -58.33 -11.26 -82.46
N ALA M 151 -58.02 -10.30 -83.32
CA ALA M 151 -59.01 -9.40 -83.88
C ALA M 151 -59.28 -9.79 -85.34
N THR M 152 -60.55 -10.03 -85.67
CA THR M 152 -60.90 -10.48 -87.00
C THR M 152 -60.84 -9.38 -88.05
N ALA M 153 -61.08 -8.13 -87.66
CA ALA M 153 -61.05 -7.01 -88.60
C ALA M 153 -62.07 -7.21 -89.72
N ALA M 154 -63.33 -7.43 -89.33
CA ALA M 154 -64.39 -7.63 -90.30
C ALA M 154 -64.89 -6.29 -90.83
N ALA M 155 -66.00 -6.33 -91.55
CA ALA M 155 -66.55 -5.15 -92.22
C ALA M 155 -67.19 -4.22 -91.19
N GLY M 156 -66.39 -3.31 -90.66
CA GLY M 156 -66.87 -2.31 -89.73
C GLY M 156 -66.92 -2.73 -88.28
N VAL M 157 -66.78 -4.02 -87.99
CA VAL M 157 -66.79 -4.53 -86.63
C VAL M 157 -65.64 -5.51 -86.48
N ILE M 158 -65.00 -5.49 -85.31
CA ILE M 158 -63.89 -6.38 -85.01
C ILE M 158 -64.30 -7.27 -83.84
N THR M 159 -64.19 -8.58 -84.04
CA THR M 159 -64.52 -9.55 -83.01
C THR M 159 -63.24 -10.04 -82.35
N LEU M 160 -63.32 -10.32 -81.04
CA LEU M 160 -62.17 -10.70 -80.25
C LEU M 160 -62.37 -12.09 -79.69
N THR M 161 -61.41 -12.97 -79.92
CA THR M 161 -61.45 -14.34 -79.44
C THR M 161 -60.11 -14.70 -78.78
N ALA M 162 -60.19 -15.36 -77.63
CA ALA M 162 -58.99 -15.65 -76.86
C ALA M 162 -58.12 -16.68 -77.57
N ARG M 163 -56.80 -16.54 -77.39
CA ARG M 163 -55.87 -17.53 -77.92
C ARG M 163 -55.88 -18.79 -77.07
N ASN M 164 -55.63 -18.65 -75.77
CA ASN M 164 -55.68 -19.79 -74.88
C ASN M 164 -57.12 -20.09 -74.49
N GLY M 165 -57.51 -21.35 -74.61
CA GLY M 165 -58.87 -21.74 -74.32
C GLY M 165 -59.17 -21.80 -72.84
N GLY M 166 -60.42 -22.10 -72.53
CA GLY M 166 -60.86 -22.21 -71.16
C GLY M 166 -61.37 -20.88 -70.61
N THR M 167 -61.54 -20.87 -69.29
CA THR M 167 -62.12 -19.72 -68.61
C THR M 167 -61.14 -18.57 -68.43
N ILE M 168 -59.85 -18.79 -68.70
CA ILE M 168 -58.87 -17.74 -68.46
C ILE M 168 -59.13 -16.54 -69.35
N GLY M 169 -59.74 -16.74 -70.52
CA GLY M 169 -59.98 -15.66 -71.45
C GLY M 169 -61.26 -14.88 -71.19
N ASN M 170 -61.95 -15.15 -70.09
CA ASN M 170 -63.25 -14.54 -69.84
C ASN M 170 -63.10 -13.22 -69.10
N HIS M 171 -61.95 -12.57 -69.23
CA HIS M 171 -61.63 -11.42 -68.39
C HIS M 171 -61.24 -10.17 -69.16
N LEU M 172 -61.33 -10.15 -70.48
CA LEU M 172 -60.94 -8.96 -71.24
C LEU M 172 -61.87 -7.81 -70.91
N SER M 173 -61.31 -6.61 -70.75
CA SER M 173 -62.06 -5.40 -70.52
C SER M 173 -61.56 -4.30 -71.44
N VAL M 174 -62.50 -3.58 -72.06
CA VAL M 174 -62.20 -2.51 -73.00
C VAL M 174 -62.87 -1.24 -72.51
N ILE M 175 -62.13 -0.14 -72.47
CA ILE M 175 -62.61 1.13 -71.95
C ILE M 175 -62.36 2.22 -72.98
N TYR M 176 -63.37 3.04 -73.23
CA TYR M 176 -63.28 4.17 -74.17
C TYR M 176 -62.98 5.42 -73.35
N THR M 177 -61.67 5.70 -73.19
CA THR M 177 -61.23 6.62 -72.15
C THR M 177 -61.74 8.04 -72.36
N ASN M 178 -61.71 8.54 -73.60
CA ASN M 178 -61.84 9.97 -73.84
C ASN M 178 -63.29 10.43 -74.03
N LEU M 179 -64.28 9.60 -73.72
CA LEU M 179 -65.66 10.04 -73.84
C LEU M 179 -65.99 11.17 -72.88
N GLY M 180 -65.49 11.10 -71.65
CA GLY M 180 -65.86 12.06 -70.62
C GLY M 180 -64.91 13.24 -70.57
N SER M 181 -64.82 13.85 -69.39
CA SER M 181 -63.98 15.01 -69.18
C SER M 181 -62.54 14.69 -69.52
N CYS M 182 -62.02 15.32 -70.58
CA CYS M 182 -60.63 15.11 -70.99
C CYS M 182 -60.20 16.28 -71.87
N THR M 183 -58.89 16.44 -72.00
CA THR M 183 -58.33 17.51 -72.83
C THR M 183 -58.09 17.07 -74.27
N SER M 184 -58.31 15.80 -74.58
CA SER M 184 -58.11 15.30 -75.93
C SER M 184 -59.37 15.50 -76.78
N VAL M 185 -59.18 15.93 -78.02
CA VAL M 185 -60.30 16.25 -78.91
C VAL M 185 -60.71 14.95 -79.61
N THR M 186 -61.78 14.33 -79.14
CA THR M 186 -62.30 13.14 -79.80
C THR M 186 -63.08 13.52 -81.05
N PRO M 187 -63.05 12.68 -82.08
CA PRO M 187 -63.91 12.93 -83.24
C PRO M 187 -65.38 12.74 -82.89
N GLU M 188 -66.21 13.67 -83.35
CA GLU M 188 -67.63 13.64 -83.04
C GLU M 188 -68.33 12.55 -83.84
N GLY M 189 -69.39 11.99 -83.25
CA GLY M 189 -70.20 11.00 -83.92
C GLY M 189 -69.68 9.58 -83.85
N VAL M 190 -68.77 9.28 -82.92
CA VAL M 190 -68.18 7.96 -82.79
C VAL M 190 -68.69 7.34 -81.50
N THR M 191 -69.14 6.08 -81.58
CA THR M 191 -69.65 5.35 -80.42
C THR M 191 -69.24 3.89 -80.58
N VAL M 192 -68.37 3.41 -79.70
CA VAL M 192 -67.86 2.04 -79.75
C VAL M 192 -68.45 1.27 -78.57
N ALA M 193 -69.03 0.11 -78.85
CA ALA M 193 -69.63 -0.73 -77.84
C ALA M 193 -68.88 -2.05 -77.74
N PHE M 194 -68.86 -2.61 -76.53
CA PHE M 194 -68.14 -3.83 -76.22
C PHE M 194 -69.04 -4.76 -75.44
N ALA M 195 -69.08 -6.04 -75.83
CA ALA M 195 -69.94 -7.01 -75.17
C ALA M 195 -69.41 -8.42 -75.40
N GLN M 196 -69.82 -9.32 -74.51
CA GLN M 196 -69.42 -10.73 -74.61
C GLN M 196 -70.48 -11.51 -75.39
N THR M 197 -70.03 -12.60 -76.03
CA THR M 197 -70.93 -13.45 -76.81
C THR M 197 -70.76 -14.94 -76.57
N THR M 198 -69.66 -15.39 -75.96
CA THR M 198 -69.47 -16.80 -75.69
C THR M 198 -68.38 -17.01 -74.65
N PRO M 199 -68.62 -17.78 -73.60
CA PRO M 199 -67.59 -18.00 -72.58
C PRO M 199 -66.76 -19.25 -72.86
N GLY M 200 -65.73 -19.45 -72.03
CA GLY M 200 -64.98 -20.68 -72.02
C GLY M 200 -65.66 -21.75 -71.20
N SER M 201 -65.18 -23.00 -71.35
CA SER M 201 -65.87 -24.11 -70.72
C SER M 201 -64.96 -25.02 -69.90
N VAL M 202 -63.75 -25.31 -70.37
CA VAL M 202 -62.93 -26.38 -69.82
C VAL M 202 -61.54 -25.84 -69.50
N ASN M 203 -61.00 -26.24 -68.34
CA ASN M 203 -59.66 -25.87 -67.91
C ASN M 203 -58.88 -27.12 -67.53
N PRO M 204 -57.56 -27.14 -67.76
CA PRO M 204 -56.77 -28.29 -67.35
C PRO M 204 -56.68 -28.41 -65.84
N GLU M 205 -56.59 -29.64 -65.35
CA GLU M 205 -56.52 -29.93 -63.91
C GLU M 205 -55.40 -30.92 -63.64
N PRO M 206 -54.15 -30.52 -63.85
CA PRO M 206 -53.03 -31.41 -63.51
C PRO M 206 -52.95 -31.67 -62.01
N ASN M 207 -52.52 -32.88 -61.67
CA ASN M 207 -52.36 -33.29 -60.28
C ASN M 207 -51.06 -34.08 -60.13
N ASP M 208 -49.99 -33.58 -60.74
CA ASP M 208 -48.72 -34.29 -60.77
C ASP M 208 -47.54 -33.45 -60.31
N TYR M 209 -47.69 -32.65 -59.25
CA TYR M 209 -46.57 -31.86 -58.76
C TYR M 209 -45.49 -32.76 -58.16
N ALA M 210 -45.89 -33.85 -57.51
CA ALA M 210 -44.95 -34.72 -56.83
C ALA M 210 -43.95 -35.36 -57.79
N SER M 211 -44.13 -35.22 -59.10
CA SER M 211 -43.22 -35.79 -60.09
C SER M 211 -42.44 -34.73 -60.86
N VAL M 212 -43.06 -33.61 -61.20
CA VAL M 212 -42.37 -32.58 -61.96
C VAL M 212 -41.51 -31.69 -61.06
N VAL M 213 -41.93 -31.47 -59.82
CA VAL M 213 -41.20 -30.64 -58.87
C VAL M 213 -40.72 -31.48 -57.69
N ASN M 214 -40.35 -32.73 -57.95
CA ASN M 214 -40.06 -33.68 -56.88
C ASN M 214 -38.82 -33.29 -56.09
N GLU M 215 -39.02 -32.88 -54.84
CA GLU M 215 -37.92 -32.63 -53.90
C GLU M 215 -36.87 -31.70 -54.49
N CYS M 216 -37.33 -30.56 -55.01
CA CYS M 216 -36.45 -29.44 -55.34
C CYS M 216 -37.11 -28.18 -54.83
N CYS M 217 -36.34 -27.32 -54.17
CA CYS M 217 -36.90 -26.26 -53.34
C CYS M 217 -37.17 -25.00 -54.14
N PHE M 218 -38.37 -24.46 -53.95
CA PHE M 218 -38.76 -23.17 -54.49
C PHE M 218 -39.27 -22.28 -53.36
N ALA M 219 -39.09 -20.97 -53.51
CA ALA M 219 -39.52 -20.04 -52.48
C ALA M 219 -40.95 -19.57 -52.71
N VAL M 220 -41.26 -19.11 -53.92
CA VAL M 220 -42.56 -18.53 -54.24
C VAL M 220 -43.15 -19.30 -55.42
N TYR M 221 -44.44 -19.63 -55.33
CA TYR M 221 -45.18 -20.28 -56.40
C TYR M 221 -46.23 -19.31 -56.92
N VAL M 222 -46.26 -19.12 -58.24
CA VAL M 222 -47.23 -18.26 -58.91
C VAL M 222 -48.04 -19.10 -59.88
N LEU M 223 -49.36 -19.05 -59.73
CA LEU M 223 -50.28 -19.83 -60.57
C LEU M 223 -51.16 -18.87 -61.34
N SER M 224 -51.10 -18.96 -62.68
CA SER M 224 -51.88 -18.09 -63.56
C SER M 224 -53.16 -18.79 -64.00
N SER M 225 -54.07 -18.98 -63.05
CA SER M 225 -55.36 -19.59 -63.34
C SER M 225 -56.35 -19.21 -62.25
N ASP M 226 -57.64 -19.24 -62.58
CA ASP M 226 -58.70 -18.89 -61.65
C ASP M 226 -59.55 -20.09 -61.24
N ASP M 227 -59.10 -21.30 -61.56
CA ASP M 227 -59.85 -22.51 -61.27
C ASP M 227 -59.59 -22.93 -59.83
N THR M 228 -60.66 -23.14 -59.08
CA THR M 228 -60.52 -23.50 -57.67
C THR M 228 -59.81 -24.84 -57.50
N ASP M 229 -60.12 -25.80 -58.37
CA ASP M 229 -59.54 -27.13 -58.26
C ASP M 229 -58.03 -27.14 -58.43
N TRP M 230 -57.51 -26.43 -59.42
CA TRP M 230 -56.07 -26.30 -59.62
C TRP M 230 -55.39 -25.65 -58.43
N GLN M 231 -56.01 -24.60 -57.89
CA GLN M 231 -55.47 -23.94 -56.71
C GLN M 231 -55.43 -24.89 -55.52
N GLU M 232 -56.45 -25.73 -55.37
CA GLU M 232 -56.44 -26.69 -54.26
C GLU M 232 -55.33 -27.72 -54.44
N ASN M 233 -55.05 -28.14 -55.68
CA ASN M 233 -53.92 -29.05 -55.90
C ASN M 233 -52.61 -28.38 -55.51
N LEU M 234 -52.43 -27.12 -55.89
CA LEU M 234 -51.21 -26.42 -55.50
C LEU M 234 -51.12 -26.27 -53.99
N ARG M 235 -52.26 -26.01 -53.33
CA ARG M 235 -52.28 -25.92 -51.88
C ARG M 235 -51.86 -27.24 -51.24
N ASP M 236 -52.35 -28.35 -51.78
CA ASP M 236 -51.97 -29.65 -51.27
C ASP M 236 -50.48 -29.89 -51.45
N TRP M 237 -49.92 -29.48 -52.60
CA TRP M 237 -48.48 -29.61 -52.78
C TRP M 237 -47.72 -28.81 -51.74
N ILE M 238 -48.15 -27.57 -51.48
CA ILE M 238 -47.43 -26.76 -50.50
C ILE M 238 -47.53 -27.37 -49.10
N ARG M 239 -48.72 -27.86 -48.71
CA ARG M 239 -48.83 -28.60 -47.46
C ARG M 239 -47.83 -29.75 -47.43
N SER M 240 -47.72 -30.47 -48.54
CA SER M 240 -46.78 -31.59 -48.60
C SER M 240 -45.36 -31.11 -48.35
N ALA M 241 -45.00 -29.96 -48.90
CA ALA M 241 -43.66 -29.41 -48.71
C ALA M 241 -43.39 -28.98 -47.28
N TRP M 242 -44.40 -28.96 -46.41
CA TRP M 242 -44.25 -28.54 -45.03
C TRP M 242 -44.47 -29.64 -44.01
N ASP M 243 -44.99 -30.81 -44.40
CA ASP M 243 -45.36 -31.82 -43.44
C ASP M 243 -44.14 -32.40 -42.74
N CYS M 244 -44.36 -33.01 -41.57
CA CYS M 244 -43.28 -33.55 -40.76
C CYS M 244 -42.88 -34.96 -41.17
N SER M 245 -43.56 -35.55 -42.15
CA SER M 245 -43.25 -36.93 -42.54
C SER M 245 -41.84 -37.09 -43.09
N LYS M 246 -41.26 -36.02 -43.64
CA LYS M 246 -39.96 -36.11 -44.29
C LYS M 246 -39.34 -34.72 -44.30
N PRO M 247 -38.07 -34.61 -44.67
CA PRO M 247 -37.42 -33.29 -44.67
C PRO M 247 -38.20 -32.28 -45.49
N GLN M 248 -38.25 -31.05 -44.98
CA GLN M 248 -39.15 -30.03 -45.52
C GLN M 248 -38.43 -29.15 -46.54
N CYS M 249 -39.20 -28.59 -47.46
CA CYS M 249 -38.72 -27.61 -48.41
C CYS M 249 -39.36 -26.24 -48.23
N PHE M 250 -40.50 -26.15 -47.54
CA PHE M 250 -41.17 -24.88 -47.31
C PHE M 250 -41.61 -24.23 -48.61
N GLY M 251 -41.99 -22.97 -48.56
CA GLY M 251 -42.48 -22.25 -49.73
C GLY M 251 -43.87 -21.68 -49.50
N HIS M 252 -44.22 -20.72 -50.36
CA HIS M 252 -45.48 -20.00 -50.26
C HIS M 252 -45.99 -19.69 -51.65
N GLY M 253 -47.31 -19.83 -51.83
CA GLY M 253 -47.92 -19.70 -53.13
C GLY M 253 -48.89 -18.54 -53.20
N TYR M 254 -49.07 -17.99 -54.41
CA TYR M 254 -49.90 -16.81 -54.63
C TYR M 254 -50.94 -17.12 -55.69
N VAL M 255 -52.20 -16.79 -55.39
CA VAL M 255 -53.32 -17.01 -56.30
C VAL M 255 -54.25 -15.80 -56.21
N PHE M 256 -55.24 -15.77 -57.10
CA PHE M 256 -56.23 -14.70 -57.11
C PHE M 256 -57.64 -15.26 -57.20
N ASN M 257 -58.62 -14.41 -56.91
CA ASN M 257 -60.03 -14.79 -56.90
C ASN M 257 -60.84 -13.57 -57.31
N LYS M 258 -61.63 -13.69 -58.38
CA LYS M 258 -62.43 -12.59 -58.90
C LYS M 258 -63.91 -12.94 -58.81
N GLY M 259 -64.71 -11.98 -58.40
CA GLY M 259 -66.14 -12.20 -58.29
C GLY M 259 -66.79 -11.15 -57.42
N THR M 260 -68.03 -11.39 -57.04
CA THR M 260 -68.72 -10.52 -56.10
C THR M 260 -68.34 -10.89 -54.67
N LEU M 261 -68.68 -10.00 -53.74
CA LEU M 261 -68.27 -10.19 -52.35
C LEU M 261 -68.71 -11.56 -51.84
N GLY M 262 -69.97 -11.92 -52.05
CA GLY M 262 -70.46 -13.20 -51.60
C GLY M 262 -69.78 -14.39 -52.26
N GLN M 263 -69.37 -14.24 -53.51
CA GLN M 263 -68.69 -15.33 -54.20
C GLN M 263 -67.25 -15.49 -53.73
N VAL M 264 -66.55 -14.38 -53.51
CA VAL M 264 -65.13 -14.46 -53.14
C VAL M 264 -64.96 -15.08 -51.76
N LEU M 265 -65.83 -14.72 -50.82
CA LEU M 265 -65.72 -15.28 -49.48
C LEU M 265 -65.87 -16.80 -49.48
N ALA M 266 -66.46 -17.37 -50.54
CA ALA M 266 -66.67 -18.81 -50.59
C ALA M 266 -65.41 -19.59 -50.92
N ASP M 267 -64.30 -18.91 -51.22
CA ASP M 267 -63.05 -19.58 -51.57
C ASP M 267 -62.07 -19.63 -50.39
N GLY M 268 -62.51 -19.28 -49.18
CA GLY M 268 -61.62 -19.25 -48.03
C GLY M 268 -61.43 -20.59 -47.36
N ASP M 269 -60.60 -21.46 -47.95
CA ASP M 269 -60.38 -22.80 -47.40
C ASP M 269 -59.18 -22.82 -46.44
N ASN M 270 -59.18 -21.85 -45.53
CA ASN M 270 -58.25 -21.81 -44.39
C ASN M 270 -56.81 -22.12 -44.79
N SER M 271 -56.40 -21.76 -46.00
CA SER M 271 -55.09 -22.11 -46.51
C SER M 271 -54.04 -21.17 -45.91
N ALA M 272 -53.25 -21.68 -44.96
CA ALA M 272 -52.10 -20.92 -44.49
C ALA M 272 -50.99 -20.87 -45.52
N GLU M 273 -51.11 -21.65 -46.59
CA GLU M 273 -50.06 -21.75 -47.60
C GLU M 273 -50.30 -20.85 -48.81
N LEU M 274 -51.35 -20.05 -48.82
CA LEU M 274 -51.73 -19.26 -49.98
C LEU M 274 -52.03 -17.82 -49.58
N SER M 275 -51.71 -16.90 -50.49
CA SER M 275 -52.18 -15.52 -50.42
C SER M 275 -53.20 -15.30 -51.53
N ARG M 276 -54.45 -15.03 -51.15
CA ARG M 276 -55.55 -14.93 -52.09
C ARG M 276 -55.80 -13.45 -52.39
N LEU M 277 -55.70 -13.09 -53.66
CA LEU M 277 -55.85 -11.70 -54.09
C LEU M 277 -57.29 -11.48 -54.55
N ALA M 278 -58.10 -10.87 -53.69
CA ALA M 278 -59.49 -10.63 -54.01
C ALA M 278 -59.61 -9.47 -54.99
N LEU M 279 -60.40 -9.67 -56.05
CA LEU M 279 -60.66 -8.64 -57.05
C LEU M 279 -62.15 -8.57 -57.33
N PRO M 280 -62.65 -7.43 -57.78
CA PRO M 280 -64.08 -7.31 -58.08
C PRO M 280 -64.39 -7.71 -59.51
N THR M 281 -65.70 -7.83 -59.79
CA THR M 281 -66.13 -8.18 -61.13
C THR M 281 -65.74 -7.12 -62.14
N THR M 282 -65.84 -5.85 -61.77
CA THR M 282 -65.54 -4.74 -62.66
C THR M 282 -64.05 -4.42 -62.75
N TYR M 283 -63.19 -5.34 -62.33
CA TYR M 283 -61.76 -5.06 -62.32
C TYR M 283 -61.28 -4.79 -63.75
N PRO M 284 -60.48 -3.75 -63.98
CA PRO M 284 -60.12 -3.37 -65.36
C PRO M 284 -58.80 -3.93 -65.88
N VAL M 285 -58.16 -4.86 -65.19
CA VAL M 285 -56.86 -5.39 -65.61
C VAL M 285 -56.94 -6.91 -65.63
N LEU M 286 -56.07 -7.53 -66.42
CA LEU M 286 -56.02 -8.98 -66.52
C LEU M 286 -55.50 -9.55 -65.20
N PRO M 287 -56.27 -10.39 -64.49
CA PRO M 287 -55.89 -10.72 -63.11
C PRO M 287 -54.52 -11.35 -62.97
N TYR M 288 -54.15 -12.25 -63.88
CA TYR M 288 -52.89 -12.96 -63.71
C TYR M 288 -51.69 -12.05 -63.79
N LEU M 289 -51.77 -10.95 -64.55
CA LEU M 289 -50.66 -9.99 -64.54
C LEU M 289 -50.45 -9.39 -63.16
N THR M 290 -51.53 -8.97 -62.50
CA THR M 290 -51.42 -8.42 -61.16
C THR M 290 -50.94 -9.48 -60.16
N ASN M 291 -51.44 -10.71 -60.28
CA ASN M 291 -50.99 -11.76 -59.38
C ASN M 291 -49.50 -12.02 -59.55
N ALA M 292 -49.02 -12.08 -60.78
CA ALA M 292 -47.60 -12.28 -61.02
C ALA M 292 -46.79 -11.10 -60.52
N ALA M 293 -47.30 -9.88 -60.67
CA ALA M 293 -46.59 -8.72 -60.14
C ALA M 293 -46.42 -8.82 -58.63
N TYR M 294 -47.50 -9.15 -57.92
CA TYR M 294 -47.41 -9.28 -56.47
C TYR M 294 -46.43 -10.40 -56.09
N GLY M 295 -46.54 -11.55 -56.74
CA GLY M 295 -45.66 -12.65 -56.44
C GLY M 295 -44.20 -12.32 -56.66
N ALA M 296 -43.89 -11.70 -57.80
CA ALA M 296 -42.50 -11.37 -58.10
C ALA M 296 -41.98 -10.26 -57.19
N LEU M 297 -42.85 -9.35 -56.74
CA LEU M 297 -42.43 -8.33 -55.79
C LEU M 297 -42.06 -8.96 -54.46
N SER M 298 -42.88 -9.90 -53.98
CA SER M 298 -42.60 -10.51 -52.68
C SER M 298 -41.57 -11.63 -52.76
N ALA M 299 -41.21 -12.09 -53.96
CA ALA M 299 -40.29 -13.21 -54.09
C ALA M 299 -38.83 -12.78 -54.00
N CYS M 300 -38.43 -12.26 -52.85
CA CYS M 300 -37.05 -11.94 -52.50
C CYS M 300 -36.47 -10.80 -53.32
N SER M 301 -37.20 -10.28 -54.32
CA SER M 301 -36.80 -9.00 -54.88
C SER M 301 -36.88 -7.91 -53.82
N THR M 302 -37.61 -8.18 -52.74
CA THR M 302 -37.63 -7.34 -51.56
C THR M 302 -37.22 -8.13 -50.31
N CYS M 303 -37.57 -9.41 -50.26
CA CYS M 303 -37.37 -10.24 -49.07
C CYS M 303 -36.02 -10.95 -49.11
N GLU M 304 -34.95 -10.14 -49.06
CA GLU M 304 -33.66 -10.68 -48.64
C GLU M 304 -33.62 -10.87 -47.13
N ASN M 305 -34.42 -10.09 -46.41
CA ASN M 305 -34.63 -10.24 -44.97
C ASN M 305 -36.07 -10.65 -44.73
N PRO M 306 -36.34 -11.79 -44.09
CA PRO M 306 -37.70 -12.34 -44.09
C PRO M 306 -38.69 -11.60 -43.20
N GLU M 307 -38.26 -10.59 -42.46
CA GLU M 307 -39.14 -9.88 -41.55
C GLU M 307 -39.93 -8.77 -42.21
N LEU M 308 -39.59 -8.38 -43.43
CA LEU M 308 -40.20 -7.22 -44.07
C LEU M 308 -41.61 -7.55 -44.55
N ASN M 309 -42.49 -6.55 -44.43
CA ASN M 309 -43.87 -6.66 -44.86
C ASN M 309 -44.06 -5.91 -46.18
N VAL M 310 -44.70 -6.57 -47.14
CA VAL M 310 -44.93 -5.97 -48.46
C VAL M 310 -46.28 -5.26 -48.36
N GLN M 311 -46.24 -4.01 -47.89
CA GLN M 311 -47.43 -3.22 -47.67
C GLN M 311 -47.14 -1.76 -47.99
N GLY M 312 -48.20 -0.95 -47.99
CA GLY M 312 -48.05 0.49 -48.07
C GLY M 312 -47.80 0.98 -49.48
N GLN M 313 -47.54 2.29 -49.57
CA GLN M 313 -47.32 2.94 -50.85
C GLN M 313 -45.86 2.98 -51.26
N THR M 314 -44.96 2.40 -50.47
CA THR M 314 -43.54 2.38 -50.79
C THR M 314 -42.99 0.97 -50.94
N TYR M 315 -43.33 0.06 -50.03
CA TYR M 315 -42.85 -1.31 -50.09
C TYR M 315 -43.85 -2.27 -50.69
N GLY M 316 -45.01 -1.79 -51.13
CA GLY M 316 -46.02 -2.65 -51.74
C GLY M 316 -46.59 -2.03 -52.99
N LEU M 317 -45.76 -1.29 -53.73
CA LEU M 317 -46.18 -0.59 -54.93
C LEU M 317 -45.91 -1.46 -56.15
N LEU M 318 -46.98 -1.88 -56.83
CA LEU M 318 -46.87 -2.69 -58.05
C LEU M 318 -46.65 -1.75 -59.24
N SER M 319 -45.41 -1.28 -59.36
CA SER M 319 -45.10 -0.23 -60.32
C SER M 319 -45.12 -0.70 -61.76
N CYS M 320 -45.24 -2.00 -62.02
CA CYS M 320 -45.30 -2.52 -63.38
C CYS M 320 -46.72 -2.62 -63.92
N ILE M 321 -47.73 -2.49 -63.07
CA ILE M 321 -49.13 -2.53 -63.49
C ILE M 321 -49.64 -1.10 -63.58
N ASN M 322 -50.33 -0.79 -64.68
CA ASN M 322 -50.91 0.52 -64.89
C ASN M 322 -52.37 0.39 -65.31
N MET M 323 -53.23 1.18 -64.68
CA MET M 323 -54.66 1.15 -64.95
C MET M 323 -55.17 2.59 -64.92
N PRO M 324 -56.28 2.87 -65.59
CA PRO M 324 -56.77 4.25 -65.65
C PRO M 324 -57.39 4.70 -64.34
N GLU M 325 -57.38 6.01 -64.12
CA GLU M 325 -58.00 6.58 -62.94
C GLU M 325 -59.52 6.44 -63.03
N SER M 326 -60.16 6.34 -61.86
CA SER M 326 -61.61 6.19 -61.82
C SER M 326 -62.13 6.68 -60.48
N CYS M 327 -63.38 7.17 -60.49
CA CYS M 327 -64.01 7.59 -59.24
C CYS M 327 -64.42 6.40 -58.39
N THR M 328 -64.96 5.36 -59.01
CA THR M 328 -65.39 4.19 -58.27
C THR M 328 -64.16 3.39 -57.82
N PRO M 329 -64.02 3.09 -56.52
CA PRO M 329 -62.80 2.45 -56.02
C PRO M 329 -62.72 0.96 -56.26
N GLY M 330 -63.75 0.34 -56.82
CA GLY M 330 -63.77 -1.12 -56.97
C GLY M 330 -64.42 -1.84 -55.82
N TRP M 331 -63.97 -1.56 -54.60
CA TRP M 331 -64.56 -2.10 -53.38
C TRP M 331 -65.02 -0.96 -52.49
N GLU M 332 -66.18 -1.14 -51.87
CA GLU M 332 -66.59 -0.22 -50.82
C GLU M 332 -65.79 -0.49 -49.55
N PHE M 333 -65.74 0.51 -48.68
CA PHE M 333 -64.89 0.39 -47.50
C PHE M 333 -65.34 -0.76 -46.61
N THR M 334 -66.65 -0.96 -46.45
CA THR M 334 -67.14 -2.10 -45.68
C THR M 334 -66.77 -3.43 -46.33
N GLU M 335 -66.87 -3.52 -47.65
CA GLU M 335 -66.43 -4.74 -48.33
C GLU M 335 -64.93 -4.95 -48.14
N VAL M 336 -64.15 -3.88 -48.18
CA VAL M 336 -62.71 -3.98 -47.93
C VAL M 336 -62.46 -4.52 -46.54
N THR M 337 -63.19 -4.00 -45.55
CA THR M 337 -63.01 -4.46 -44.18
C THR M 337 -63.35 -5.93 -44.05
N GLN M 338 -64.45 -6.37 -44.67
CA GLN M 338 -64.82 -7.78 -44.59
C GLN M 338 -63.78 -8.66 -45.25
N LEU M 339 -63.30 -8.26 -46.44
CA LEU M 339 -62.29 -9.06 -47.12
C LEU M 339 -61.01 -9.15 -46.31
N GLN M 340 -60.59 -8.03 -45.72
CA GLN M 340 -59.37 -8.03 -44.91
C GLN M 340 -59.54 -8.87 -43.66
N ASN M 341 -60.72 -8.86 -43.04
CA ASN M 341 -60.95 -9.64 -41.84
C ASN M 341 -61.19 -11.11 -42.12
N ASN M 342 -61.48 -11.48 -43.36
CA ASN M 342 -61.70 -12.88 -43.72
C ASN M 342 -60.49 -13.53 -44.38
N GLY M 343 -59.38 -12.82 -44.49
CA GLY M 343 -58.14 -13.42 -44.96
C GLY M 343 -57.80 -13.22 -46.42
N PHE M 344 -58.26 -12.13 -47.03
CA PHE M 344 -57.99 -11.86 -48.43
C PHE M 344 -57.14 -10.60 -48.56
N VAL M 345 -56.15 -10.65 -49.45
CA VAL M 345 -55.31 -9.48 -49.70
C VAL M 345 -56.04 -8.53 -50.64
N VAL M 346 -56.14 -7.27 -50.24
CA VAL M 346 -56.85 -6.25 -51.00
C VAL M 346 -55.84 -5.21 -51.47
N SER M 347 -56.01 -4.77 -52.72
CA SER M 347 -55.15 -3.76 -53.31
C SER M 347 -56.00 -2.62 -53.84
N GLY M 348 -55.39 -1.43 -53.93
CA GLY M 348 -56.08 -0.27 -54.41
C GLY M 348 -55.16 0.67 -55.18
N PRO M 349 -55.75 1.65 -55.86
CA PRO M 349 -54.93 2.61 -56.63
C PRO M 349 -54.16 3.54 -55.70
N ALA M 350 -53.06 4.06 -56.25
CA ALA M 350 -52.25 5.02 -55.51
C ALA M 350 -52.81 6.43 -55.55
N THR M 351 -53.78 6.71 -56.43
CA THR M 351 -54.40 8.02 -56.50
C THR M 351 -55.74 7.87 -57.21
N THR M 352 -56.60 8.87 -57.04
CA THR M 352 -57.96 8.84 -57.56
C THR M 352 -58.28 10.14 -58.29
N SER M 353 -59.03 10.01 -59.38
CA SER M 353 -59.47 11.16 -60.16
C SER M 353 -60.40 10.65 -61.26
N GLY M 354 -61.13 11.59 -61.86
CA GLY M 354 -62.02 11.26 -62.96
C GLY M 354 -61.44 11.48 -64.35
N GLN M 355 -60.21 11.98 -64.44
CA GLN M 355 -59.64 12.31 -65.73
C GLN M 355 -59.15 11.10 -66.51
N GLY M 356 -59.00 9.95 -65.86
CA GLY M 356 -58.67 8.72 -66.56
C GLY M 356 -57.21 8.53 -66.90
N ASN M 357 -56.30 9.15 -66.15
CA ASN M 357 -54.88 8.90 -66.38
C ASN M 357 -54.49 7.54 -65.81
N PHE M 358 -53.26 7.13 -66.13
CA PHE M 358 -52.76 5.83 -65.68
C PHE M 358 -52.17 5.93 -64.29
N THR M 359 -52.47 4.93 -63.47
CA THR M 359 -51.96 4.85 -62.11
C THR M 359 -51.60 3.41 -61.79
N SER M 360 -50.72 3.24 -60.80
CA SER M 360 -50.31 1.93 -60.35
C SER M 360 -51.01 1.58 -59.04
N PRO M 361 -51.33 0.31 -58.80
CA PRO M 361 -51.92 -0.08 -57.52
C PRO M 361 -50.85 -0.41 -56.48
N TYR M 362 -51.33 -0.61 -55.25
CA TYR M 362 -50.48 -1.09 -54.17
C TYR M 362 -51.33 -1.94 -53.24
N ILE M 363 -50.68 -2.54 -52.26
CA ILE M 363 -51.29 -3.57 -51.43
C ILE M 363 -51.53 -3.01 -50.03
N TYR M 364 -52.76 -3.17 -49.53
CA TYR M 364 -53.13 -2.70 -48.21
C TYR M 364 -52.60 -3.60 -47.10
N ASN M 365 -52.75 -4.92 -47.26
CA ASN M 365 -52.37 -5.88 -46.23
C ASN M 365 -51.69 -7.07 -46.88
N ASP M 366 -50.55 -7.49 -46.31
CA ASP M 366 -49.81 -8.66 -46.77
C ASP M 366 -50.18 -9.80 -45.85
N VAL M 367 -51.17 -10.60 -46.26
CA VAL M 367 -51.81 -11.58 -45.40
C VAL M 367 -51.91 -12.93 -46.11
N THR M 368 -51.95 -13.99 -45.33
CA THR M 368 -52.25 -15.33 -45.79
C THR M 368 -53.68 -15.70 -45.41
N ASN M 369 -54.22 -16.70 -46.09
CA ASN M 369 -55.62 -17.06 -45.90
C ASN M 369 -55.84 -17.86 -44.61
N TYR M 370 -54.85 -17.85 -43.72
CA TYR M 370 -54.93 -18.63 -42.50
C TYR M 370 -55.92 -18.02 -41.51
N LEU M 371 -56.79 -18.88 -40.99
CA LEU M 371 -57.66 -18.55 -39.87
C LEU M 371 -57.79 -19.79 -39.01
N ARG M 372 -58.39 -19.63 -37.83
CA ARG M 372 -58.68 -20.79 -36.98
C ARG M 372 -57.37 -21.54 -36.72
N ASP M 373 -57.43 -22.85 -36.53
CA ASP M 373 -56.26 -23.64 -36.16
C ASP M 373 -56.62 -25.10 -36.36
N GLU M 374 -55.62 -25.97 -36.25
CA GLU M 374 -55.87 -27.40 -36.39
C GLU M 374 -56.82 -27.92 -35.33
N LYS M 375 -57.00 -27.18 -34.24
CA LYS M 375 -58.05 -27.46 -33.27
C LYS M 375 -59.21 -26.46 -33.37
N ASN M 376 -59.29 -25.73 -34.48
CA ASN M 376 -60.42 -24.86 -34.78
C ASN M 376 -60.41 -23.61 -33.89
N ARG M 377 -59.32 -23.38 -33.18
CA ARG M 377 -59.23 -22.19 -32.34
C ARG M 377 -58.83 -20.98 -33.18
N PRO M 378 -59.58 -19.87 -33.11
CA PRO M 378 -59.21 -18.68 -33.89
C PRO M 378 -58.06 -17.92 -33.25
N ASN M 379 -57.02 -17.67 -34.03
CA ASN M 379 -55.88 -16.89 -33.58
C ASN M 379 -55.15 -16.34 -34.80
N ALA M 380 -54.18 -15.46 -34.54
CA ALA M 380 -53.46 -14.76 -35.59
C ALA M 380 -52.01 -15.18 -35.71
N THR M 381 -51.67 -16.42 -35.37
CA THR M 381 -50.27 -16.84 -35.38
C THR M 381 -49.67 -16.76 -36.77
N PHE M 382 -50.39 -17.21 -37.79
CA PHE M 382 -49.92 -17.20 -39.17
C PHE M 382 -50.69 -16.23 -40.04
N ARG M 383 -51.11 -15.10 -39.47
CA ARG M 383 -51.89 -14.13 -40.23
C ARG M 383 -51.05 -13.46 -41.31
N ASP M 384 -49.82 -13.08 -40.97
CA ASP M 384 -48.94 -12.40 -41.91
C ASP M 384 -48.00 -13.41 -42.58
N ALA M 385 -47.67 -13.15 -43.85
CA ALA M 385 -46.75 -14.03 -44.55
C ALA M 385 -45.35 -14.00 -43.95
N SER M 386 -44.96 -12.85 -43.39
CA SER M 386 -43.67 -12.77 -42.70
C SER M 386 -43.59 -13.78 -41.57
N SER M 387 -44.72 -14.17 -40.98
CA SER M 387 -44.68 -15.19 -39.95
C SER M 387 -44.20 -16.52 -40.52
N ARG M 388 -44.70 -16.91 -41.69
CA ARG M 388 -44.24 -18.14 -42.32
C ARG M 388 -42.79 -18.04 -42.75
N ARG M 389 -42.39 -16.89 -43.30
CA ARG M 389 -41.00 -16.72 -43.69
C ARG M 389 -40.07 -16.86 -42.49
N LEU M 390 -40.44 -16.24 -41.36
CA LEU M 390 -39.64 -16.33 -40.16
C LEU M 390 -39.66 -17.74 -39.57
N ALA M 391 -40.77 -18.45 -39.70
CA ALA M 391 -40.78 -19.84 -39.23
C ALA M 391 -39.79 -20.69 -40.02
N ALA M 392 -39.78 -20.53 -41.35
CA ALA M 392 -38.81 -21.28 -42.16
C ALA M 392 -37.38 -20.89 -41.80
N ALA M 393 -37.12 -19.59 -41.65
CA ALA M 393 -35.77 -19.14 -41.32
C ALA M 393 -35.33 -19.67 -39.97
N THR M 394 -36.22 -19.64 -38.97
CA THR M 394 -35.89 -20.14 -37.64
C THR M 394 -35.62 -21.64 -37.67
N GLY M 395 -36.45 -22.39 -38.41
CA GLY M 395 -36.21 -23.81 -38.52
C GLY M 395 -34.84 -24.11 -39.10
N VAL M 396 -34.49 -23.44 -40.19
CA VAL M 396 -33.18 -23.67 -40.81
C VAL M 396 -32.05 -23.29 -39.87
N ALA M 397 -32.16 -22.12 -39.23
CA ALA M 397 -31.09 -21.64 -38.36
C ALA M 397 -30.90 -22.56 -37.16
N LEU M 398 -31.99 -23.02 -36.56
CA LEU M 398 -31.90 -23.94 -35.44
C LEU M 398 -31.31 -25.28 -35.89
N ALA M 399 -31.69 -25.75 -37.07
CA ALA M 399 -31.13 -27.00 -37.58
C ALA M 399 -29.62 -26.89 -37.79
N THR M 400 -29.14 -25.75 -38.31
CA THR M 400 -27.71 -25.58 -38.49
C THR M 400 -26.96 -25.58 -37.17
N PHE M 401 -27.52 -24.93 -36.15
CA PHE M 401 -26.84 -24.83 -34.86
C PHE M 401 -26.65 -26.21 -34.23
N LEU M 402 -27.69 -27.04 -34.27
CA LEU M 402 -27.66 -28.33 -33.58
C LEU M 402 -26.69 -29.32 -34.22
N GLN M 403 -26.13 -29.00 -35.39
CA GLN M 403 -25.25 -29.95 -36.06
C GLN M 403 -24.02 -30.29 -35.23
N GLN M 404 -23.60 -29.38 -34.35
CA GLN M 404 -22.35 -29.60 -33.61
C GLN M 404 -22.42 -30.80 -32.68
N PHE M 405 -23.62 -31.27 -32.34
CA PHE M 405 -23.76 -32.44 -31.48
C PHE M 405 -23.80 -33.75 -32.24
N ASN M 406 -23.79 -33.71 -33.58
CA ASN M 406 -23.80 -34.93 -34.36
C ASN M 406 -22.44 -35.61 -34.29
N GLY M 407 -22.41 -36.81 -33.72
CA GLY M 407 -21.17 -37.54 -33.53
C GLY M 407 -20.45 -37.26 -32.23
N LEU M 408 -20.97 -36.35 -31.41
CA LEU M 408 -20.34 -36.02 -30.13
C LEU M 408 -20.72 -37.06 -29.08
N ALA M 409 -19.74 -37.41 -28.24
CA ALA M 409 -19.97 -38.39 -27.19
C ALA M 409 -21.02 -37.88 -26.21
N VAL M 410 -21.93 -38.76 -25.80
CA VAL M 410 -23.04 -38.41 -24.92
C VAL M 410 -22.92 -39.29 -23.68
N PHE M 411 -22.99 -38.66 -22.51
CA PHE M 411 -22.86 -39.35 -21.23
C PHE M 411 -24.18 -39.27 -20.48
N THR M 412 -24.72 -40.44 -20.15
CA THR M 412 -25.95 -40.54 -19.37
C THR M 412 -25.69 -41.49 -18.22
N LYS M 413 -26.68 -41.59 -17.32
CA LYS M 413 -26.50 -42.33 -16.07
C LYS M 413 -25.46 -41.62 -15.22
N ASN M 414 -24.23 -42.12 -15.19
CA ASN M 414 -23.15 -41.39 -14.53
C ASN M 414 -22.71 -40.25 -15.45
N THR M 415 -22.92 -39.01 -15.01
CA THR M 415 -22.73 -37.84 -15.85
C THR M 415 -21.39 -37.15 -15.61
N ASN M 416 -20.46 -37.79 -14.91
CA ASN M 416 -19.13 -37.24 -14.72
C ASN M 416 -18.27 -37.59 -15.92
N ILE M 417 -17.72 -36.58 -16.59
CA ILE M 417 -16.93 -36.75 -17.79
C ILE M 417 -15.46 -36.79 -17.38
N LYS M 418 -14.78 -37.88 -17.71
CA LYS M 418 -13.39 -38.03 -17.31
C LYS M 418 -12.54 -36.96 -17.99
N THR M 419 -11.44 -36.59 -17.32
CA THR M 419 -10.57 -35.54 -17.83
C THR M 419 -10.03 -35.92 -19.20
N GLY M 420 -10.05 -34.97 -20.13
CA GLY M 420 -9.50 -35.16 -21.45
C GLY M 420 -10.49 -35.60 -22.50
N ILE M 421 -11.65 -36.11 -22.11
CA ILE M 421 -12.63 -36.59 -23.08
C ILE M 421 -13.30 -35.40 -23.76
N ILE M 422 -13.79 -35.62 -24.97
CA ILE M 422 -14.56 -34.62 -25.71
C ILE M 422 -16.00 -35.12 -25.75
N GLY M 423 -16.86 -34.51 -24.94
CA GLY M 423 -18.23 -34.97 -24.84
C GLY M 423 -19.07 -33.95 -24.10
N THR M 424 -20.30 -34.36 -23.78
CA THR M 424 -21.26 -33.47 -23.14
C THR M 424 -22.33 -34.31 -22.45
N ASN M 425 -23.38 -33.64 -21.98
CA ASN M 425 -24.50 -34.29 -21.33
C ASN M 425 -25.72 -33.37 -21.43
N LEU M 426 -26.85 -33.84 -20.88
CA LEU M 426 -28.12 -33.18 -21.11
C LEU M 426 -28.09 -31.73 -20.63
N ARG M 427 -27.64 -31.50 -19.41
CA ARG M 427 -27.69 -30.15 -18.84
C ARG M 427 -26.84 -29.17 -19.62
N LEU M 428 -25.64 -29.58 -20.02
CA LEU M 428 -24.78 -28.68 -20.79
C LEU M 428 -25.36 -28.38 -22.17
N MET M 429 -25.95 -29.39 -22.81
CA MET M 429 -26.62 -29.15 -24.09
C MET M 429 -27.76 -28.16 -23.93
N LEU M 430 -28.56 -28.32 -22.87
CA LEU M 430 -29.65 -27.39 -22.63
C LEU M 430 -29.13 -25.98 -22.38
N GLY M 431 -28.03 -25.86 -21.64
CA GLY M 431 -27.45 -24.55 -21.41
C GLY M 431 -27.00 -23.88 -22.69
N LYS M 432 -26.37 -24.64 -23.58
CA LYS M 432 -25.95 -24.08 -24.86
C LYS M 432 -27.14 -23.67 -25.71
N ILE M 433 -28.19 -24.48 -25.72
CA ILE M 433 -29.38 -24.15 -26.50
C ILE M 433 -30.02 -22.88 -25.98
N ARG M 434 -30.13 -22.75 -24.65
CA ARG M 434 -30.70 -21.54 -24.07
C ARG M 434 -29.86 -20.32 -24.40
N LYS M 435 -28.53 -20.46 -24.35
CA LYS M 435 -27.66 -19.35 -24.70
C LYS M 435 -27.87 -18.93 -26.15
N TRP M 436 -27.97 -19.90 -27.07
CA TRP M 436 -28.20 -19.56 -28.46
C TRP M 436 -29.54 -18.86 -28.65
N ALA M 437 -30.57 -19.35 -27.96
CA ALA M 437 -31.89 -18.73 -28.08
C ALA M 437 -31.85 -17.29 -27.57
N SER M 438 -31.19 -17.06 -26.44
CA SER M 438 -31.11 -15.71 -25.89
C SER M 438 -30.34 -14.78 -26.83
N ASP M 439 -29.26 -15.27 -27.45
CA ASP M 439 -28.47 -14.43 -28.33
C ASP M 439 -29.28 -13.90 -29.51
N ASN M 440 -30.36 -14.58 -29.90
CA ASN M 440 -31.09 -14.25 -31.11
C ASN M 440 -32.28 -13.33 -30.88
N VAL M 441 -32.49 -12.84 -29.65
CA VAL M 441 -33.59 -11.93 -29.39
C VAL M 441 -33.28 -10.59 -30.03
N GLY M 442 -34.00 -10.26 -31.10
CA GLY M 442 -33.76 -9.04 -31.84
C GLY M 442 -33.61 -9.29 -33.32
N VAL M 443 -33.40 -10.55 -33.70
CA VAL M 443 -33.22 -10.93 -35.09
C VAL M 443 -34.34 -11.89 -35.50
N LEU M 444 -34.43 -13.02 -34.80
CA LEU M 444 -35.48 -13.98 -35.12
C LEU M 444 -36.62 -13.91 -34.13
N PHE M 445 -36.34 -13.58 -32.87
CA PHE M 445 -37.27 -13.75 -31.78
C PHE M 445 -37.61 -12.43 -31.10
N SER M 446 -38.80 -12.39 -30.52
CA SER M 446 -39.14 -11.42 -29.50
C SER M 446 -38.80 -12.01 -28.13
N GLU M 447 -38.78 -11.16 -27.11
CA GLU M 447 -38.36 -11.63 -25.80
C GLU M 447 -39.25 -12.78 -25.33
N PHE M 448 -38.64 -13.72 -24.62
CA PHE M 448 -39.35 -14.92 -24.19
C PHE M 448 -40.20 -14.64 -22.95
N ASP M 449 -41.39 -15.23 -22.95
CA ASP M 449 -42.30 -15.08 -21.80
C ASP M 449 -41.68 -15.68 -20.54
N ASN M 450 -41.20 -16.92 -20.63
CA ASN M 450 -40.53 -17.55 -19.50
C ASN M 450 -39.58 -18.59 -20.09
N ILE M 451 -38.29 -18.26 -20.12
CA ILE M 451 -37.32 -19.09 -20.82
C ILE M 451 -37.22 -20.48 -20.19
N ASN M 452 -37.64 -20.62 -18.92
CA ASN M 452 -37.51 -21.91 -18.25
C ASN M 452 -38.56 -22.92 -18.68
N GLU M 453 -39.64 -22.47 -19.31
CA GLU M 453 -40.69 -23.38 -19.77
C GLU M 453 -40.73 -23.49 -21.29
N ASP M 454 -40.19 -22.52 -22.01
CA ASP M 454 -40.25 -22.55 -23.47
C ASP M 454 -39.30 -23.56 -24.09
N ILE M 455 -38.16 -23.82 -23.45
CA ILE M 455 -37.15 -24.74 -23.98
C ILE M 455 -37.00 -25.89 -23.01
N GLN M 456 -37.14 -27.12 -23.52
CA GLN M 456 -37.04 -28.32 -22.70
C GLN M 456 -36.36 -29.41 -23.49
N LEU M 457 -35.37 -30.07 -22.87
CA LEU M 457 -34.63 -31.16 -23.49
C LEU M 457 -34.78 -32.41 -22.65
N VAL M 458 -35.03 -33.54 -23.32
CA VAL M 458 -35.20 -34.82 -22.66
C VAL M 458 -34.55 -35.90 -23.53
N SER M 459 -34.17 -37.00 -22.90
CA SER M 459 -33.55 -38.12 -23.60
C SER M 459 -34.57 -39.22 -23.83
N ASP M 460 -34.27 -40.09 -24.81
CA ASP M 460 -35.19 -41.15 -25.18
C ASP M 460 -35.35 -42.17 -24.06
N PHE M 461 -34.34 -42.36 -23.21
CA PHE M 461 -34.49 -43.27 -22.09
C PHE M 461 -35.55 -42.78 -21.10
N ASP M 462 -35.68 -41.47 -20.93
CA ASP M 462 -36.65 -40.93 -19.99
C ASP M 462 -38.07 -41.08 -20.49
N VAL M 463 -38.25 -41.18 -21.81
CA VAL M 463 -39.59 -41.21 -22.38
C VAL M 463 -40.11 -42.64 -22.49
N GLN M 464 -39.38 -43.50 -23.19
CA GLN M 464 -39.84 -44.84 -23.49
C GLN M 464 -39.74 -45.73 -22.26
N PRO M 465 -40.52 -46.81 -22.21
CA PRO M 465 -40.45 -47.71 -21.06
C PRO M 465 -39.10 -48.43 -21.00
N LYS M 466 -38.91 -49.16 -19.89
CA LYS M 466 -37.63 -49.81 -19.64
C LYS M 466 -37.27 -50.76 -20.77
N CYS M 467 -36.00 -50.74 -21.16
CA CYS M 467 -35.42 -51.62 -22.18
C CYS M 467 -36.01 -51.38 -23.57
N VAL M 468 -36.52 -50.18 -23.84
CA VAL M 468 -37.05 -49.85 -25.16
C VAL M 468 -36.46 -48.57 -25.72
N GLY M 469 -35.95 -47.67 -24.88
CA GLY M 469 -35.42 -46.42 -25.40
C GLY M 469 -34.10 -46.61 -26.12
N GLN M 470 -33.95 -45.89 -27.23
CA GLN M 470 -32.75 -46.00 -28.04
C GLN M 470 -31.62 -45.17 -27.43
N PRO M 471 -30.36 -45.57 -27.63
CA PRO M 471 -29.24 -44.77 -27.12
C PRO M 471 -28.86 -43.66 -28.09
N GLY M 472 -28.71 -42.45 -27.55
CA GLY M 472 -28.25 -41.33 -28.34
C GLY M 472 -29.33 -40.54 -29.04
N VAL M 473 -30.58 -40.67 -28.62
CA VAL M 473 -31.71 -39.99 -29.24
C VAL M 473 -32.30 -39.02 -28.23
N PHE M 474 -32.55 -37.79 -28.68
CA PHE M 474 -33.00 -36.71 -27.81
C PHE M 474 -34.27 -36.08 -28.37
N HIS M 475 -35.01 -35.41 -27.48
CA HIS M 475 -36.23 -34.69 -27.84
C HIS M 475 -36.09 -33.25 -27.36
N LEU M 476 -36.51 -32.31 -28.19
CA LEU M 476 -36.43 -30.88 -27.88
C LEU M 476 -37.77 -30.22 -28.18
N ASN M 477 -38.23 -29.40 -27.24
CA ASN M 477 -39.43 -28.59 -27.42
C ASN M 477 -39.04 -27.12 -27.29
N MET M 478 -39.49 -26.30 -28.24
CA MET M 478 -39.16 -24.88 -28.23
C MET M 478 -40.36 -24.07 -28.70
N ARG M 479 -40.77 -23.11 -27.89
CA ARG M 479 -41.84 -22.17 -28.22
C ARG M 479 -41.25 -20.76 -28.33
N TYR M 480 -41.71 -20.00 -29.30
CA TYR M 480 -41.12 -18.70 -29.58
C TYR M 480 -42.16 -17.76 -30.18
N ARG M 481 -41.81 -16.47 -30.20
CA ARG M 481 -42.67 -15.43 -30.73
C ARG M 481 -41.84 -14.50 -31.61
N PRO M 482 -42.36 -14.05 -32.75
CA PRO M 482 -41.57 -13.18 -33.64
C PRO M 482 -41.63 -11.73 -33.17
N PRO M 483 -40.78 -10.87 -33.74
CA PRO M 483 -40.76 -9.47 -33.30
C PRO M 483 -42.06 -8.73 -33.63
N VAL M 484 -42.31 -7.66 -32.88
CA VAL M 484 -43.51 -6.83 -33.04
C VAL M 484 -43.13 -5.57 -33.79
N ARG M 485 -44.06 -5.02 -34.55
CA ARG M 485 -43.83 -3.82 -35.34
C ARG M 485 -45.07 -2.95 -35.36
N GLY M 486 -44.87 -1.65 -35.54
CA GLY M 486 -45.99 -0.71 -35.53
C GLY M 486 -46.98 -1.03 -36.63
N ALA M 487 -48.26 -1.01 -36.28
CA ALA M 487 -49.32 -1.38 -37.21
C ALA M 487 -50.37 -0.30 -37.44
N ARG M 488 -50.79 0.43 -36.39
CA ARG M 488 -51.85 1.41 -36.54
C ARG M 488 -51.75 2.45 -35.43
N ILE M 489 -52.22 3.65 -35.74
CA ILE M 489 -52.33 4.74 -34.76
C ILE M 489 -53.73 5.33 -34.88
N ASN M 490 -54.43 5.42 -33.76
CA ASN M 490 -55.76 6.01 -33.71
C ASN M 490 -55.65 7.42 -33.13
N VAL M 491 -55.96 8.42 -33.94
CA VAL M 491 -55.72 9.82 -33.59
C VAL M 491 -57.06 10.49 -33.31
N ASN M 492 -57.17 11.12 -32.15
CA ASN M 492 -58.26 12.03 -31.86
C ASN M 492 -57.75 13.45 -31.88
N LEU M 493 -58.34 14.28 -32.73
CA LEU M 493 -57.85 15.65 -32.97
C LEU M 493 -58.92 16.62 -32.50
N VAL M 494 -58.64 17.34 -31.41
CA VAL M 494 -59.63 18.18 -30.76
C VAL M 494 -59.29 19.65 -30.96
N PRO M 495 -59.82 20.30 -31.98
CA PRO M 495 -59.56 21.74 -32.15
C PRO M 495 -60.20 22.55 -31.05
N ALA M 496 -59.60 23.71 -30.77
CA ALA M 496 -60.08 24.62 -29.75
C ALA M 496 -59.90 26.05 -30.23
N LEU M 497 -60.07 27.00 -29.32
CA LEU M 497 -59.92 28.42 -29.62
C LEU M 497 -59.20 29.12 -28.48
N PHE M 498 -58.54 30.23 -28.82
CA PHE M 498 -57.80 30.99 -27.83
C PHE M 498 -58.73 31.48 -26.74
N ASP M 499 -58.29 31.36 -25.49
CA ASP M 499 -59.19 31.47 -24.35
C ASP M 499 -58.50 32.30 -23.28
N ASN M 500 -59.31 32.79 -22.33
CA ASN M 500 -58.83 33.65 -21.24
C ASN M 500 -58.17 34.91 -21.77
N CYS N 3 -28.19 -36.26 -2.18
CA CYS N 3 -26.87 -35.59 -2.08
C CYS N 3 -27.04 -34.14 -2.52
N ASN N 4 -27.82 -33.38 -1.74
CA ASN N 4 -28.34 -32.09 -2.20
C ASN N 4 -27.50 -30.90 -1.77
N LYS N 5 -26.80 -30.97 -0.64
CA LYS N 5 -26.12 -29.82 -0.07
C LYS N 5 -24.61 -29.90 -0.24
N GLN N 6 -24.14 -30.35 -1.40
CA GLN N 6 -22.71 -30.43 -1.69
C GLN N 6 -22.32 -29.22 -2.54
N ASN N 7 -21.28 -28.51 -2.11
CA ASN N 7 -20.77 -27.37 -2.85
C ASN N 7 -19.48 -27.76 -3.57
N GLY N 8 -19.46 -27.58 -4.88
CA GLY N 8 -18.26 -27.90 -5.65
C GLY N 8 -18.54 -27.88 -7.12
N VAL N 9 -17.49 -28.19 -7.88
CA VAL N 9 -17.54 -28.20 -9.34
C VAL N 9 -17.57 -29.63 -9.81
N LYS N 10 -18.44 -29.93 -10.78
CA LYS N 10 -18.64 -31.28 -11.26
C LYS N 10 -18.06 -31.50 -12.66
N ASN N 11 -18.19 -30.51 -13.54
CA ASN N 11 -17.69 -30.63 -14.91
C ASN N 11 -17.27 -29.26 -15.42
N ILE N 12 -16.20 -29.24 -16.21
CA ILE N 12 -15.73 -28.04 -16.88
C ILE N 12 -15.41 -28.40 -18.32
N LEU N 13 -16.02 -27.70 -19.27
CA LEU N 13 -15.76 -27.89 -20.69
C LEU N 13 -15.29 -26.57 -21.29
N ILE N 14 -14.20 -26.61 -22.04
CA ILE N 14 -13.63 -25.42 -22.67
C ILE N 14 -13.44 -25.70 -24.16
N THR N 15 -13.71 -24.70 -24.98
CA THR N 15 -13.56 -24.78 -26.43
C THR N 15 -12.69 -23.61 -26.89
N PHE N 16 -11.71 -23.90 -27.73
CA PHE N 16 -10.72 -22.92 -28.15
C PHE N 16 -10.91 -22.58 -29.62
N THR N 17 -10.70 -21.31 -29.95
CA THR N 17 -10.69 -20.84 -31.33
C THR N 17 -9.51 -19.89 -31.50
N HIS N 18 -8.56 -20.25 -32.36
CA HIS N 18 -7.36 -19.44 -32.51
C HIS N 18 -7.68 -18.21 -33.35
N CYS N 19 -7.37 -17.03 -32.81
CA CYS N 19 -7.78 -15.79 -33.45
C CYS N 19 -7.08 -15.58 -34.79
N ASP N 20 -5.78 -15.87 -34.87
CA ASP N 20 -4.99 -15.55 -36.06
C ASP N 20 -5.25 -16.48 -37.24
N THR N 21 -5.57 -17.76 -37.00
CA THR N 21 -5.77 -18.71 -38.07
C THR N 21 -7.13 -19.40 -38.03
N GLY N 22 -7.88 -19.29 -36.93
CA GLY N 22 -9.21 -19.84 -36.86
C GLY N 22 -9.31 -21.31 -36.51
N GLU N 23 -8.19 -21.96 -36.16
CA GLU N 23 -8.24 -23.37 -35.79
C GLU N 23 -9.04 -23.56 -34.51
N VAL N 24 -9.83 -24.62 -34.46
CA VAL N 24 -10.76 -24.88 -33.36
C VAL N 24 -10.43 -26.23 -32.73
N ILE N 25 -10.52 -26.30 -31.41
CA ILE N 25 -10.34 -27.53 -30.66
C ILE N 25 -11.59 -27.74 -29.81
N GLY N 26 -12.16 -28.94 -29.90
CA GLY N 26 -13.48 -29.20 -29.38
C GLY N 26 -13.58 -29.11 -27.87
N PRO N 27 -14.77 -29.42 -27.33
CA PRO N 27 -15.02 -29.22 -25.91
C PRO N 27 -14.34 -30.24 -25.01
N ILE N 28 -13.07 -29.98 -24.66
CA ILE N 28 -12.32 -30.90 -23.81
C ILE N 28 -12.77 -30.75 -22.37
N SER N 29 -12.76 -31.86 -21.63
CA SER N 29 -13.06 -31.84 -20.21
C SER N 29 -11.81 -31.51 -19.41
N HIS N 30 -11.96 -30.67 -18.39
CA HIS N 30 -10.85 -30.18 -17.58
C HIS N 30 -11.06 -30.53 -16.12
N GLU N 31 -10.01 -30.29 -15.33
CA GLU N 31 -10.02 -30.52 -13.89
C GLU N 31 -9.40 -29.30 -13.20
N GLN N 32 -9.39 -29.34 -11.85
CA GLN N 32 -8.92 -28.20 -11.08
C GLN N 32 -7.60 -28.51 -10.38
N PRO N 33 -6.76 -27.49 -10.14
CA PRO N 33 -5.49 -27.74 -9.46
C PRO N 33 -5.57 -27.79 -7.94
N ASP N 34 -6.55 -27.16 -7.32
CA ASP N 34 -6.71 -27.18 -5.87
C ASP N 34 -8.16 -26.87 -5.54
N ASP N 35 -8.41 -26.47 -4.29
CA ASP N 35 -9.75 -26.36 -3.74
C ASP N 35 -10.48 -25.08 -4.14
N THR N 36 -9.84 -24.15 -4.83
CA THR N 36 -10.46 -22.86 -5.11
C THR N 36 -11.51 -23.02 -6.21
N LEU N 37 -12.74 -22.64 -5.91
CA LEU N 37 -13.82 -22.73 -6.88
C LEU N 37 -13.80 -21.54 -7.82
N PRO N 38 -14.41 -21.66 -9.01
CA PRO N 38 -14.57 -20.49 -9.87
C PRO N 38 -15.53 -19.48 -9.28
N THR N 39 -15.34 -18.21 -9.64
CA THR N 39 -16.18 -17.11 -9.16
C THR N 39 -16.80 -16.40 -10.35
N TYR N 40 -17.96 -15.78 -10.13
CA TYR N 40 -18.78 -15.27 -11.22
C TYR N 40 -19.28 -13.88 -10.90
N LYS N 41 -19.56 -13.10 -11.94
CA LYS N 41 -20.39 -11.90 -11.84
C LYS N 41 -21.25 -11.82 -13.09
N THR N 42 -22.54 -12.09 -12.95
CA THR N 42 -23.43 -12.25 -14.10
C THR N 42 -24.29 -11.02 -14.38
N CYS N 43 -24.14 -9.94 -13.62
CA CYS N 43 -24.89 -8.71 -13.85
C CYS N 43 -23.99 -7.75 -14.61
N ALA N 44 -24.43 -7.34 -15.81
CA ALA N 44 -23.63 -6.47 -16.68
C ALA N 44 -23.97 -5.00 -16.45
N TRP N 45 -23.89 -4.58 -15.19
CA TRP N 45 -24.12 -3.20 -14.80
C TRP N 45 -23.37 -2.95 -13.49
N THR N 46 -23.15 -1.68 -13.19
CA THR N 46 -22.41 -1.29 -12.00
C THR N 46 -23.07 -0.08 -11.36
N ASN N 47 -23.17 -0.10 -10.02
CA ASN N 47 -23.77 0.98 -9.25
C ASN N 47 -22.68 1.68 -8.44
N THR N 48 -22.68 3.01 -8.50
CA THR N 48 -21.74 3.83 -7.74
C THR N 48 -22.51 4.74 -6.80
N ALA N 49 -22.04 4.85 -5.56
CA ALA N 49 -22.81 5.50 -4.50
C ALA N 49 -22.66 7.02 -4.58
N LEU N 50 -23.79 7.71 -4.77
CA LEU N 50 -23.86 9.15 -4.60
C LEU N 50 -24.34 9.46 -3.19
N THR N 51 -24.76 10.69 -2.93
CA THR N 51 -25.27 11.08 -1.63
C THR N 51 -26.78 10.88 -1.58
N ASN N 52 -27.27 10.55 -0.39
CA ASN N 52 -28.71 10.47 -0.10
C ASN N 52 -29.36 9.27 -0.79
N GLY N 53 -28.64 8.16 -0.92
CA GLY N 53 -29.19 6.93 -1.41
C GLY N 53 -29.25 6.79 -2.92
N ALA N 54 -28.85 7.81 -3.67
CA ALA N 54 -28.86 7.72 -5.12
C ALA N 54 -27.61 6.99 -5.61
N VAL N 55 -27.72 6.36 -6.78
CA VAL N 55 -26.63 5.62 -7.39
C VAL N 55 -26.44 6.11 -8.82
N MET N 56 -25.36 5.63 -9.44
CA MET N 56 -25.09 5.87 -10.85
C MET N 56 -24.89 4.52 -11.52
N ARG N 57 -25.57 4.32 -12.66
CA ARG N 57 -25.60 3.03 -13.32
C ARG N 57 -24.80 3.10 -14.63
N SER N 58 -23.93 2.11 -14.83
CA SER N 58 -23.08 2.07 -16.02
C SER N 58 -22.90 0.61 -16.45
N ALA N 59 -22.36 0.44 -17.66
CA ALA N 59 -22.48 -0.84 -18.36
C ALA N 59 -21.61 -1.93 -17.73
N SER N 60 -20.30 -1.74 -17.71
CA SER N 60 -19.38 -2.75 -17.20
C SER N 60 -19.52 -4.03 -18.01
N ASN N 61 -19.12 -5.17 -17.44
CA ASN N 61 -19.08 -6.44 -18.15
C ASN N 61 -19.51 -7.56 -17.21
N ALA N 62 -19.63 -8.75 -17.78
CA ALA N 62 -19.81 -9.98 -17.01
C ALA N 62 -18.50 -10.78 -17.05
N THR N 63 -18.08 -11.26 -15.89
CA THR N 63 -16.73 -11.79 -15.71
C THR N 63 -16.78 -13.20 -15.13
N MET N 64 -15.76 -13.99 -15.43
CA MET N 64 -15.54 -15.30 -14.84
C MET N 64 -14.08 -15.43 -14.47
N THR N 65 -13.80 -16.17 -13.40
CA THR N 65 -12.44 -16.52 -13.00
C THR N 65 -12.36 -18.03 -12.92
N LEU N 66 -11.53 -18.63 -13.78
CA LEU N 66 -11.52 -20.08 -13.99
C LEU N 66 -10.13 -20.64 -13.77
N PRO N 67 -9.84 -21.16 -12.58
CA PRO N 67 -8.59 -21.90 -12.35
C PRO N 67 -8.76 -23.36 -12.75
N VAL N 68 -7.92 -23.82 -13.69
CA VAL N 68 -8.00 -25.17 -14.22
C VAL N 68 -6.58 -25.69 -14.44
N VAL N 69 -6.48 -27.01 -14.61
CA VAL N 69 -5.23 -27.67 -14.94
C VAL N 69 -5.10 -27.75 -16.45
N ARG N 70 -3.96 -27.34 -16.96
CA ARG N 70 -3.75 -27.26 -18.40
C ARG N 70 -3.81 -28.64 -19.05
N ASP N 71 -4.32 -28.67 -20.27
CA ASP N 71 -4.33 -29.90 -21.05
C ASP N 71 -2.99 -30.07 -21.77
N PRO N 72 -2.33 -31.21 -21.64
CA PRO N 72 -1.01 -31.37 -22.29
C PRO N 72 -1.04 -31.27 -23.80
N ARG N 73 -2.22 -31.31 -24.42
CA ARG N 73 -2.33 -31.29 -25.87
C ARG N 73 -2.57 -29.90 -26.46
N VAL N 74 -2.61 -28.86 -25.63
CA VAL N 74 -2.93 -27.51 -26.06
C VAL N 74 -1.76 -26.60 -25.70
N PRO N 75 -1.28 -25.76 -26.60
CA PRO N 75 -0.19 -24.84 -26.24
C PRO N 75 -0.58 -23.92 -25.09
N LEU N 76 0.41 -23.61 -24.25
CA LEU N 76 0.15 -22.75 -23.11
C LEU N 76 -0.31 -21.36 -23.54
N ALA N 77 0.15 -20.90 -24.70
CA ALA N 77 -0.23 -19.57 -25.17
C ALA N 77 -1.72 -19.45 -25.43
N TRP N 78 -2.41 -20.58 -25.63
CA TRP N 78 -3.85 -20.54 -25.90
C TRP N 78 -4.68 -20.26 -24.66
N TYR N 79 -4.25 -20.73 -23.50
CA TYR N 79 -4.92 -20.37 -22.25
C TYR N 79 -4.69 -18.92 -21.86
N GLN N 80 -3.65 -18.29 -22.40
CA GLN N 80 -3.45 -16.86 -22.27
C GLN N 80 -4.17 -16.17 -23.45
N GLY N 81 -3.86 -14.91 -23.68
CA GLY N 81 -4.70 -14.09 -24.55
C GLY N 81 -4.65 -14.40 -26.02
N CYS N 82 -3.98 -15.46 -26.45
CA CYS N 82 -3.82 -15.73 -27.88
C CYS N 82 -4.94 -16.57 -28.48
N ALA N 83 -6.00 -16.88 -27.73
CA ALA N 83 -7.11 -17.67 -28.26
C ALA N 83 -8.42 -17.22 -27.63
N GLN N 84 -9.52 -17.57 -28.30
CA GLN N 84 -10.87 -17.25 -27.85
C GLN N 84 -11.50 -18.47 -27.22
N ILE N 85 -12.23 -18.25 -26.12
CA ILE N 85 -12.62 -19.33 -25.21
C ILE N 85 -14.12 -19.35 -25.02
N ASP N 86 -14.71 -20.54 -25.11
CA ASP N 86 -16.09 -20.80 -24.72
C ASP N 86 -16.10 -21.83 -23.60
N ALA N 87 -16.67 -21.47 -22.46
CA ALA N 87 -16.57 -22.31 -21.27
C ALA N 87 -17.95 -22.62 -20.70
N GLN N 88 -18.08 -23.81 -20.12
CA GLN N 88 -19.25 -24.21 -19.35
C GLN N 88 -18.80 -24.84 -18.05
N VAL N 89 -19.49 -24.53 -16.96
CA VAL N 89 -19.18 -25.07 -15.65
C VAL N 89 -20.47 -25.57 -15.02
N GLU N 90 -20.44 -26.80 -14.50
CA GLU N 90 -21.61 -27.43 -13.90
C GLU N 90 -21.29 -27.77 -12.46
N LYS N 91 -22.26 -27.57 -11.57
CA LYS N 91 -22.10 -27.83 -10.15
C LYS N 91 -22.87 -29.07 -9.75
N PHE N 92 -22.59 -29.56 -8.53
CA PHE N 92 -23.24 -30.78 -8.05
C PHE N 92 -24.74 -30.56 -7.83
N ASP N 93 -25.15 -29.34 -7.51
CA ASP N 93 -26.56 -29.08 -7.24
C ASP N 93 -27.37 -28.85 -8.51
N GLY N 94 -26.73 -28.67 -9.67
CA GLY N 94 -27.42 -28.58 -10.92
C GLY N 94 -27.24 -27.27 -11.68
N THR N 95 -26.58 -26.28 -11.08
CA THR N 95 -26.38 -25.01 -11.77
C THR N 95 -25.40 -25.18 -12.92
N VAL N 96 -25.65 -24.47 -14.01
CA VAL N 96 -24.78 -24.50 -15.18
C VAL N 96 -24.57 -23.07 -15.65
N MET N 97 -23.30 -22.65 -15.73
CA MET N 97 -22.93 -21.34 -16.23
C MET N 97 -22.34 -21.49 -17.63
N THR N 98 -22.92 -20.79 -18.60
CA THR N 98 -22.49 -20.86 -19.99
C THR N 98 -21.92 -19.51 -20.42
N LEU N 99 -20.70 -19.53 -20.92
CA LEU N 99 -20.03 -18.33 -21.43
C LEU N 99 -19.48 -18.66 -22.81
N THR N 100 -19.80 -17.83 -23.80
CA THR N 100 -19.36 -18.04 -25.17
C THR N 100 -18.75 -16.75 -25.71
N GLU N 101 -17.74 -16.91 -26.56
CA GLU N 101 -17.06 -15.79 -27.19
C GLU N 101 -16.36 -14.90 -26.17
N GLY N 102 -15.69 -15.50 -25.19
CA GLY N 102 -15.03 -14.72 -24.17
C GLY N 102 -13.65 -14.25 -24.60
N ALA N 103 -13.07 -13.42 -23.75
CA ALA N 103 -11.74 -12.86 -23.98
C ALA N 103 -10.95 -12.89 -22.68
N VAL N 104 -9.70 -13.32 -22.75
CA VAL N 104 -8.84 -13.44 -21.58
C VAL N 104 -8.03 -12.15 -21.45
N THR N 105 -8.06 -11.57 -20.25
CA THR N 105 -7.50 -10.24 -20.00
C THR N 105 -6.38 -10.32 -18.99
N GLU N 106 -5.27 -9.62 -19.30
CA GLU N 106 -4.13 -9.46 -18.40
C GLU N 106 -3.73 -10.77 -17.76
N PRO N 107 -3.15 -11.70 -18.51
CA PRO N 107 -2.70 -12.97 -17.93
C PRO N 107 -1.49 -12.79 -17.04
N GLU N 108 -1.30 -13.74 -16.14
CA GLU N 108 -0.12 -13.83 -15.31
C GLU N 108 0.77 -14.98 -15.78
N GLU N 109 1.99 -15.00 -15.25
CA GLU N 109 2.94 -16.06 -15.60
C GLU N 109 2.53 -17.36 -14.94
N SER N 110 2.65 -18.45 -15.70
CA SER N 110 2.24 -19.76 -15.26
C SER N 110 3.42 -20.73 -15.24
N ASP N 111 3.43 -21.62 -14.25
CA ASP N 111 4.48 -22.61 -14.13
C ASP N 111 4.37 -23.72 -15.15
N GLY N 112 3.33 -23.73 -15.98
CA GLY N 112 3.17 -24.73 -17.01
C GLY N 112 2.15 -25.80 -16.72
N ARG N 113 1.62 -25.87 -15.50
CA ARG N 113 0.61 -26.87 -15.17
C ARG N 113 -0.70 -26.21 -14.74
N ALA N 114 -0.63 -25.26 -13.82
CA ALA N 114 -1.80 -24.58 -13.29
C ALA N 114 -1.97 -23.24 -14.00
N VAL N 115 -3.21 -22.91 -14.34
CA VAL N 115 -3.55 -21.68 -15.05
C VAL N 115 -4.79 -21.09 -14.41
N THR N 116 -4.83 -19.76 -14.32
CA THR N 116 -5.98 -19.04 -13.77
C THR N 116 -6.39 -17.99 -14.80
N MET N 117 -7.39 -18.33 -15.61
CA MET N 117 -7.88 -17.41 -16.63
C MET N 117 -8.82 -16.39 -16.00
N THR N 118 -8.83 -15.19 -16.57
CA THR N 118 -9.80 -14.15 -16.23
C THR N 118 -10.54 -13.77 -17.50
N ILE N 119 -11.79 -14.20 -17.60
CA ILE N 119 -12.56 -14.14 -18.84
C ILE N 119 -13.65 -13.10 -18.68
N ILE N 120 -13.87 -12.31 -19.73
CA ILE N 120 -14.94 -11.31 -19.77
C ILE N 120 -15.81 -11.58 -20.99
N ALA N 121 -17.12 -11.47 -20.81
CA ALA N 121 -18.06 -11.69 -21.91
C ALA N 121 -19.15 -10.64 -21.82
N ALA N 122 -19.97 -10.56 -22.87
CA ALA N 122 -21.10 -9.64 -22.86
C ALA N 122 -22.18 -10.09 -21.90
N GLU N 123 -22.44 -11.40 -21.83
CA GLU N 123 -23.44 -11.95 -20.93
C GLU N 123 -23.00 -13.34 -20.49
N ILE N 124 -23.57 -13.80 -19.38
CA ILE N 124 -23.40 -15.16 -18.89
C ILE N 124 -24.78 -15.73 -18.59
N ASP N 125 -25.03 -16.95 -19.04
CA ASP N 125 -26.31 -17.61 -18.87
C ASP N 125 -26.25 -18.52 -17.65
N GLU N 126 -27.24 -18.41 -16.77
CA GLU N 126 -27.32 -19.24 -15.57
C GLU N 126 -28.57 -20.12 -15.69
N LEU N 127 -28.36 -21.43 -15.64
CA LEU N 127 -29.45 -22.40 -15.69
C LEU N 127 -29.64 -23.01 -14.31
N LEU N 128 -30.67 -22.54 -13.60
CA LEU N 128 -30.91 -22.95 -12.23
C LEU N 128 -31.45 -24.37 -12.19
N PRO N 129 -31.40 -25.03 -11.03
CA PRO N 129 -32.05 -26.33 -10.90
C PRO N 129 -33.56 -26.19 -11.07
N PRO N 130 -34.27 -27.27 -11.35
CA PRO N 130 -35.71 -27.16 -11.60
C PRO N 130 -36.45 -26.55 -10.43
N GLY N 131 -37.42 -25.70 -10.75
CA GLY N 131 -38.24 -25.06 -9.72
C GLY N 131 -37.89 -23.63 -9.43
N SER N 132 -37.43 -22.87 -10.43
CA SER N 132 -37.04 -21.49 -10.21
C SER N 132 -38.26 -20.59 -10.00
N LEU N 133 -38.01 -19.41 -9.44
CA LEU N 133 -39.07 -18.44 -9.23
C LEU N 133 -39.03 -17.29 -10.23
N ALA N 134 -37.91 -17.08 -10.90
CA ALA N 134 -37.77 -15.99 -11.84
C ALA N 134 -38.24 -16.42 -13.23
N ALA N 135 -38.37 -15.43 -14.12
CA ALA N 135 -38.78 -15.69 -15.49
C ALA N 135 -37.57 -16.02 -16.36
N MET O 1 36.23 -31.11 -51.14
CA MET O 1 35.78 -29.70 -50.93
C MET O 1 34.42 -29.44 -51.57
N ALA O 2 33.75 -28.40 -51.11
CA ALA O 2 32.46 -27.98 -51.63
C ALA O 2 32.20 -26.59 -51.07
N GLN O 3 30.95 -26.15 -51.11
CA GLN O 3 30.55 -25.07 -50.22
C GLN O 3 31.22 -25.28 -48.86
N ASP O 4 31.88 -24.24 -48.36
CA ASP O 4 32.73 -24.41 -47.18
C ASP O 4 31.93 -24.98 -46.00
N ALA O 5 30.63 -24.73 -45.97
CA ALA O 5 29.80 -25.24 -44.89
C ALA O 5 29.58 -26.75 -44.99
N LEU O 6 29.94 -27.37 -46.12
CA LEU O 6 29.70 -28.79 -46.33
C LEU O 6 30.98 -29.61 -46.52
N SER O 7 32.15 -28.98 -46.46
CA SER O 7 33.38 -29.68 -46.78
C SER O 7 33.83 -30.64 -45.69
N ASP O 8 33.74 -30.23 -44.43
CA ASP O 8 34.28 -31.04 -43.34
C ASP O 8 33.52 -32.35 -43.14
N GLY O 9 32.32 -32.48 -43.68
CA GLY O 9 31.61 -33.74 -43.63
C GLY O 9 30.81 -33.98 -42.36
N PHE O 10 30.73 -33.01 -41.46
CA PHE O 10 29.89 -33.17 -40.28
C PHE O 10 28.43 -33.28 -40.66
N VAL O 11 27.98 -32.44 -41.59
CA VAL O 11 26.60 -32.44 -42.06
C VAL O 11 26.57 -33.02 -43.46
N ARG O 12 25.85 -34.13 -43.63
CA ARG O 12 25.69 -34.78 -44.92
C ARG O 12 24.28 -34.51 -45.42
N LEU O 13 24.18 -33.72 -46.48
CA LEU O 13 22.90 -33.17 -46.93
C LEU O 13 22.36 -33.97 -48.11
N CYS O 14 21.03 -34.03 -48.20
CA CYS O 14 20.35 -34.73 -49.30
C CYS O 14 19.05 -33.98 -49.59
N ILE O 15 18.93 -33.47 -50.81
CA ILE O 15 17.75 -32.72 -51.23
C ILE O 15 16.95 -33.58 -52.18
N ASP O 16 15.71 -33.91 -51.81
CA ASP O 16 14.84 -34.72 -52.65
C ASP O 16 13.38 -34.35 -52.40
N PRO O 17 12.68 -33.75 -53.35
CA PRO O 17 11.28 -33.37 -53.11
C PRO O 17 10.30 -34.53 -53.17
N SER O 18 10.75 -35.74 -53.46
CA SER O 18 9.85 -36.88 -53.57
C SER O 18 9.86 -37.79 -52.35
N LEU O 19 10.47 -37.37 -51.24
CA LEU O 19 10.53 -38.20 -50.05
C LEU O 19 9.23 -38.11 -49.26
N ASN O 20 8.98 -39.14 -48.45
CA ASN O 20 7.79 -39.20 -47.60
C ASN O 20 8.21 -39.61 -46.20
N PHE O 21 7.79 -38.83 -45.21
CA PHE O 21 8.12 -39.12 -43.82
C PHE O 21 7.14 -40.08 -43.17
N PHE O 22 5.99 -40.33 -43.80
CA PHE O 22 4.96 -41.15 -43.18
C PHE O 22 5.39 -42.60 -43.07
N GLY O 23 4.96 -43.26 -42.00
CA GLY O 23 5.12 -44.69 -41.90
C GLY O 23 4.03 -45.41 -42.67
N GLU O 24 4.08 -46.73 -42.61
CA GLU O 24 3.08 -47.55 -43.30
C GLU O 24 1.78 -47.54 -42.50
N GLY O 25 0.67 -47.26 -43.19
CA GLY O 25 -0.64 -47.28 -42.58
C GLY O 25 -1.25 -48.67 -42.61
N CYS O 26 -2.54 -48.72 -42.94
CA CYS O 26 -3.23 -49.98 -43.08
C CYS O 26 -2.96 -50.57 -44.47
N LYS O 27 -3.59 -51.71 -44.74
CA LYS O 27 -3.52 -52.37 -46.02
C LYS O 27 -4.92 -52.55 -46.59
N ILE O 28 -5.13 -52.12 -47.82
CA ILE O 28 -6.40 -52.24 -48.52
C ILE O 28 -6.19 -53.11 -49.75
N LEU O 29 -7.10 -54.07 -49.96
CA LEU O 29 -7.05 -54.97 -51.10
C LEU O 29 -8.14 -54.60 -52.09
N VAL O 30 -7.78 -54.48 -53.36
CA VAL O 30 -8.70 -54.14 -54.44
C VAL O 30 -8.69 -55.29 -55.44
N GLU O 31 -9.88 -55.79 -55.79
CA GLU O 31 -10.02 -56.97 -56.63
C GLU O 31 -10.95 -56.66 -57.79
N GLY O 32 -10.53 -57.03 -59.00
CA GLY O 32 -11.31 -56.74 -60.18
C GLY O 32 -10.68 -57.31 -61.42
N GLN O 33 -11.37 -57.09 -62.54
CA GLN O 33 -10.93 -57.64 -63.82
C GLN O 33 -9.74 -56.88 -64.38
N ILE O 34 -8.99 -57.55 -65.25
CA ILE O 34 -7.95 -56.91 -66.05
C ILE O 34 -8.15 -57.34 -67.50
N THR O 35 -7.29 -56.85 -68.40
CA THR O 35 -7.39 -57.16 -69.81
C THR O 35 -6.15 -57.95 -70.24
N ASP O 36 -6.20 -58.46 -71.46
CA ASP O 36 -5.13 -59.31 -71.98
C ASP O 36 -3.84 -58.55 -72.22
N ASP O 37 -3.86 -57.21 -72.22
CA ASP O 37 -2.67 -56.41 -72.47
C ASP O 37 -1.91 -56.06 -71.21
N ALA O 38 -2.32 -56.57 -70.05
CA ALA O 38 -1.66 -56.25 -68.80
C ALA O 38 -0.46 -57.16 -68.56
N THR O 39 0.54 -56.62 -67.88
CA THR O 39 1.76 -57.36 -67.56
C THR O 39 1.74 -57.99 -66.18
N ALA O 40 0.65 -57.87 -65.43
CA ALA O 40 0.59 -58.44 -64.09
C ALA O 40 0.22 -59.92 -64.16
N ALA O 41 0.60 -60.65 -63.10
CA ALA O 41 0.33 -62.08 -63.04
C ALA O 41 -1.05 -62.34 -62.45
N GLU O 42 -1.79 -63.25 -63.08
CA GLU O 42 -3.13 -63.57 -62.63
C GLU O 42 -3.10 -64.22 -61.24
N ASN O 43 -4.15 -63.96 -60.47
CA ASN O 43 -4.37 -64.65 -59.19
C ASN O 43 -3.15 -64.55 -58.28
N VAL O 44 -2.55 -63.37 -58.19
CA VAL O 44 -1.41 -63.13 -57.32
C VAL O 44 -1.55 -61.73 -56.73
N VAL O 45 -1.69 -61.66 -55.40
CA VAL O 45 -1.80 -60.39 -54.72
C VAL O 45 -0.45 -59.67 -54.82
N THR O 46 -0.49 -58.43 -55.29
CA THR O 46 0.73 -57.68 -55.57
C THR O 46 0.60 -56.26 -55.04
N CYS O 47 1.70 -55.73 -54.53
CA CYS O 47 1.71 -54.38 -54.00
C CYS O 47 1.62 -53.37 -55.13
N VAL O 48 0.86 -52.29 -54.90
CA VAL O 48 0.75 -51.18 -55.84
C VAL O 48 1.35 -49.96 -55.16
N ASN O 49 2.24 -49.26 -55.86
CA ASN O 49 3.02 -48.20 -55.25
C ASN O 49 2.46 -46.81 -55.54
N SER O 50 1.81 -46.60 -56.67
CA SER O 50 1.28 -45.28 -56.99
C SER O 50 0.26 -45.39 -58.12
N GLU O 51 -0.34 -44.25 -58.44
CA GLU O 51 -1.26 -44.14 -59.57
C GLU O 51 -0.56 -44.33 -60.90
N LEU O 52 0.78 -44.32 -60.91
CA LEU O 52 1.56 -44.03 -62.09
C LEU O 52 1.93 -45.25 -62.91
N ASP O 53 1.83 -46.45 -62.35
CA ASP O 53 2.21 -47.67 -63.07
C ASP O 53 1.03 -48.41 -63.67
N LEU O 54 -0.18 -47.84 -63.59
CA LEU O 54 -1.37 -48.53 -64.08
C LEU O 54 -1.32 -48.64 -65.61
N VAL O 55 -2.38 -49.22 -66.17
CA VAL O 55 -2.52 -49.43 -67.60
C VAL O 55 -1.59 -50.55 -68.06
N GLU O 56 -0.28 -50.32 -67.93
CA GLU O 56 0.68 -51.33 -68.36
C GLU O 56 0.67 -52.54 -67.42
N ARG O 57 0.43 -52.30 -66.13
CA ARG O 57 0.40 -53.40 -65.18
C ARG O 57 -0.97 -54.08 -65.15
N PHE O 58 -2.05 -53.32 -65.38
CA PHE O 58 -3.40 -53.85 -65.21
C PHE O 58 -4.31 -53.58 -66.40
N GLY O 59 -3.77 -53.12 -67.53
CA GLY O 59 -4.57 -53.03 -68.74
C GLY O 59 -5.21 -51.67 -68.91
N GLN O 60 -5.54 -51.35 -70.17
CA GLN O 60 -6.12 -50.06 -70.52
C GLN O 60 -7.59 -49.99 -70.15
N GLY O 61 -7.96 -49.01 -69.33
CA GLY O 61 -9.37 -48.79 -69.02
C GLY O 61 -10.08 -50.01 -68.46
N SER O 62 -9.34 -50.89 -67.79
CA SER O 62 -9.96 -52.06 -67.18
C SER O 62 -10.68 -51.67 -65.90
N VAL O 63 -11.54 -52.57 -65.44
CA VAL O 63 -12.27 -52.34 -64.20
C VAL O 63 -11.30 -52.12 -63.05
N LEU O 64 -10.27 -52.97 -62.97
CA LEU O 64 -9.32 -52.88 -61.87
C LEU O 64 -8.56 -51.56 -61.91
N THR O 65 -8.14 -51.12 -63.09
CA THR O 65 -7.44 -49.84 -63.18
C THR O 65 -8.32 -48.69 -62.71
N GLU O 66 -9.59 -48.69 -63.12
CA GLU O 66 -10.50 -47.64 -62.70
C GLU O 66 -10.69 -47.65 -61.19
N SER O 67 -10.86 -48.85 -60.61
CA SER O 67 -11.02 -48.95 -59.17
C SER O 67 -9.77 -48.44 -58.44
N LEU O 68 -8.59 -48.82 -58.92
CA LEU O 68 -7.35 -48.38 -58.26
C LEU O 68 -7.16 -46.87 -58.40
N ARG O 69 -7.67 -46.28 -59.49
CA ARG O 69 -7.46 -44.85 -59.70
C ARG O 69 -8.12 -44.01 -58.62
N LYS O 70 -9.30 -44.42 -58.14
CA LYS O 70 -10.01 -43.65 -57.13
C LYS O 70 -9.39 -43.83 -55.74
N VAL O 71 -8.80 -44.99 -55.47
CA VAL O 71 -8.26 -45.27 -54.14
C VAL O 71 -7.18 -44.25 -53.79
N PHE O 72 -6.27 -44.00 -54.74
CA PHE O 72 -5.24 -42.99 -54.51
C PHE O 72 -5.83 -41.59 -54.49
N CYS O 73 -6.88 -41.34 -55.27
CA CYS O 73 -7.50 -40.02 -55.27
C CYS O 73 -8.05 -39.67 -53.89
N MET O 74 -8.72 -40.63 -53.25
CA MET O 74 -9.29 -40.35 -51.93
C MET O 74 -8.23 -40.34 -50.83
N CYS O 75 -7.25 -41.25 -50.89
CA CYS O 75 -6.29 -41.45 -49.81
C CYS O 75 -4.96 -40.83 -50.21
N LYS O 76 -4.69 -39.62 -49.72
CA LYS O 76 -3.41 -38.98 -49.98
C LYS O 76 -2.29 -39.57 -49.14
N SER O 77 -2.60 -40.16 -48.00
CA SER O 77 -1.57 -40.78 -47.17
C SER O 77 -2.25 -41.68 -46.14
N GLY O 78 -1.45 -42.56 -45.55
CA GLY O 78 -1.91 -43.39 -44.45
C GLY O 78 -2.45 -44.74 -44.83
N VAL O 79 -2.21 -45.21 -46.04
CA VAL O 79 -2.68 -46.53 -46.47
C VAL O 79 -1.66 -47.17 -47.39
N SER O 80 -1.74 -48.50 -47.48
CA SER O 80 -0.98 -49.29 -48.44
C SER O 80 -1.95 -50.04 -49.33
N VAL O 81 -1.77 -49.91 -50.64
CA VAL O 81 -2.71 -50.45 -51.61
C VAL O 81 -2.17 -51.75 -52.18
N TYR O 82 -3.02 -52.77 -52.20
CA TYR O 82 -2.71 -54.06 -52.81
C TYR O 82 -3.79 -54.41 -53.81
N ALA O 83 -3.42 -55.17 -54.83
CA ALA O 83 -4.33 -55.50 -55.93
C ALA O 83 -4.34 -57.00 -56.17
N LEU O 84 -5.52 -57.53 -56.53
CA LEU O 84 -5.70 -58.95 -56.83
C LEU O 84 -6.39 -59.07 -58.18
N PRO O 85 -5.64 -59.01 -59.28
CA PRO O 85 -6.27 -59.04 -60.61
C PRO O 85 -6.92 -60.39 -60.91
N ARG O 86 -7.97 -60.35 -61.73
CA ARG O 86 -8.68 -61.54 -62.17
C ARG O 86 -8.90 -61.48 -63.68
N ALA O 87 -9.04 -62.65 -64.30
CA ALA O 87 -9.23 -62.74 -65.74
C ALA O 87 -10.70 -62.90 -66.09
N ASP O 88 -11.05 -62.43 -67.28
CA ASP O 88 -12.40 -62.61 -67.77
C ASP O 88 -12.65 -64.08 -68.07
N ALA O 89 -13.91 -64.49 -67.94
CA ALA O 89 -14.28 -65.85 -68.29
C ALA O 89 -14.06 -66.09 -69.78
N ALA O 90 -13.70 -67.33 -70.13
CA ALA O 90 -13.38 -67.64 -71.52
C ALA O 90 -14.58 -67.45 -72.44
N ALA O 91 -15.80 -67.67 -71.94
CA ALA O 91 -17.00 -67.55 -72.74
C ALA O 91 -17.77 -66.25 -72.50
N ALA O 92 -17.15 -65.27 -71.85
CA ALA O 92 -17.85 -64.03 -71.53
C ALA O 92 -18.18 -63.26 -72.80
N VAL O 93 -19.26 -62.48 -72.74
CA VAL O 93 -19.75 -61.69 -73.86
C VAL O 93 -19.79 -60.23 -73.44
N SER O 94 -19.24 -59.36 -74.29
CA SER O 94 -19.24 -57.93 -74.01
C SER O 94 -20.57 -57.30 -74.41
N ALA O 95 -21.08 -56.42 -73.57
CA ALA O 95 -22.33 -55.73 -73.89
C ALA O 95 -22.10 -54.65 -74.95
N VAL O 96 -23.17 -54.33 -75.67
CA VAL O 96 -23.11 -53.38 -76.77
C VAL O 96 -24.23 -52.36 -76.60
N TYR O 97 -23.91 -51.09 -76.86
CA TYR O 97 -24.87 -49.99 -76.79
C TYR O 97 -24.80 -49.18 -78.07
N THR O 98 -25.91 -48.53 -78.41
CA THR O 98 -26.04 -47.73 -79.61
C THR O 98 -26.31 -46.28 -79.24
N LEU O 99 -25.57 -45.36 -79.85
CA LEU O 99 -25.73 -43.92 -79.65
C LEU O 99 -25.93 -43.30 -81.04
N THR O 100 -27.20 -43.06 -81.39
CA THR O 100 -27.54 -42.59 -82.73
C THR O 100 -27.79 -41.09 -82.69
N VAL O 101 -27.04 -40.34 -83.49
CA VAL O 101 -27.31 -38.91 -83.68
C VAL O 101 -28.33 -38.75 -84.79
N THR O 102 -29.10 -37.67 -84.72
CA THR O 102 -30.18 -37.44 -85.69
C THR O 102 -30.33 -35.96 -85.94
N GLY O 103 -31.00 -35.63 -87.03
CA GLY O 103 -31.24 -34.25 -87.41
C GLY O 103 -30.07 -33.65 -88.19
N THR O 104 -30.09 -32.33 -88.25
CA THR O 104 -29.03 -31.59 -88.96
C THR O 104 -28.93 -30.21 -88.33
N ALA O 105 -27.77 -29.90 -87.77
CA ALA O 105 -27.60 -28.65 -87.04
C ALA O 105 -27.88 -27.46 -87.96
N LEU O 106 -28.68 -26.52 -87.47
CA LEU O 106 -29.00 -25.31 -88.19
C LEU O 106 -28.47 -24.05 -87.51
N THR O 107 -27.74 -24.19 -86.41
CA THR O 107 -27.12 -23.06 -85.73
C THR O 107 -25.93 -23.54 -84.92
N ASP O 108 -24.98 -22.64 -84.70
CA ASP O 108 -23.79 -22.98 -83.95
C ASP O 108 -24.10 -23.11 -82.47
N GLY O 109 -23.21 -23.79 -81.75
CA GLY O 109 -23.37 -23.97 -80.33
C GLY O 109 -22.48 -25.09 -79.82
N ARG O 110 -22.82 -25.59 -78.64
CA ARG O 110 -22.05 -26.63 -77.97
C ARG O 110 -22.96 -27.74 -77.49
N VAL O 111 -22.44 -28.96 -77.48
CA VAL O 111 -23.07 -30.11 -76.85
C VAL O 111 -22.07 -30.74 -75.89
N GLN O 112 -22.49 -30.95 -74.65
CA GLN O 112 -21.64 -31.56 -73.64
C GLN O 112 -22.36 -32.77 -73.06
N LEU O 113 -21.71 -33.93 -73.14
CA LEU O 113 -22.31 -35.20 -72.76
C LEU O 113 -21.69 -35.71 -71.47
N TYR O 114 -22.50 -36.42 -70.68
CA TYR O 114 -22.02 -37.07 -69.47
C TYR O 114 -22.04 -38.58 -69.66
N MET O 115 -20.90 -39.22 -69.38
CA MET O 115 -20.73 -40.65 -69.62
C MET O 115 -20.01 -41.27 -68.43
N GLY O 116 -20.76 -42.02 -67.62
CA GLY O 116 -20.16 -42.80 -66.55
C GLY O 116 -19.74 -41.99 -65.35
N GLU O 117 -18.83 -41.04 -65.54
CA GLU O 117 -18.31 -40.27 -64.42
C GLU O 117 -17.72 -38.98 -64.97
N ALA O 118 -17.51 -38.01 -64.07
CA ALA O 118 -17.05 -36.69 -64.49
C ALA O 118 -15.70 -36.73 -65.18
N GLU O 119 -14.90 -37.79 -64.95
CA GLU O 119 -13.60 -37.86 -65.61
C GLU O 119 -13.73 -38.20 -67.08
N TYR O 120 -14.80 -38.88 -67.48
CA TYR O 120 -14.98 -39.33 -68.85
C TYR O 120 -16.10 -38.59 -69.57
N SER O 121 -16.60 -37.50 -68.98
CA SER O 121 -17.54 -36.63 -69.68
C SER O 121 -16.77 -35.62 -70.53
N LEU O 122 -17.39 -35.21 -71.63
CA LEU O 122 -16.73 -34.37 -72.61
C LEU O 122 -17.65 -33.25 -73.06
N ASP O 123 -17.04 -32.10 -73.39
CA ASP O 123 -17.74 -30.98 -74.00
C ASP O 123 -17.22 -30.82 -75.42
N ILE O 124 -18.12 -30.88 -76.39
CA ILE O 124 -17.76 -30.91 -77.80
C ILE O 124 -18.73 -30.00 -78.56
N GLY O 125 -18.19 -29.14 -79.42
CA GLY O 125 -18.97 -28.10 -80.05
C GLY O 125 -18.95 -28.17 -81.58
N VAL O 126 -19.98 -27.58 -82.18
CA VAL O 126 -20.09 -27.44 -83.63
C VAL O 126 -20.40 -25.97 -83.92
N ASP O 127 -19.73 -25.42 -84.94
CA ASP O 127 -19.81 -23.99 -85.20
C ASP O 127 -20.33 -23.66 -86.59
N GLU O 128 -21.08 -24.55 -87.23
CA GLU O 128 -21.64 -24.27 -88.54
C GLU O 128 -22.98 -24.98 -88.69
N GLY O 129 -23.86 -24.39 -89.48
CA GLY O 129 -25.13 -25.00 -89.78
C GLY O 129 -25.01 -26.03 -90.88
N ASP O 130 -26.07 -26.82 -91.03
CA ASP O 130 -26.15 -27.86 -92.07
C ASP O 130 -25.03 -28.88 -91.94
N THR O 131 -24.50 -29.09 -90.74
CA THR O 131 -23.51 -30.12 -90.53
C THR O 131 -24.20 -31.48 -90.46
N PRO O 132 -23.87 -32.43 -91.33
CA PRO O 132 -24.57 -33.73 -91.30
C PRO O 132 -24.28 -34.48 -90.00
N THR O 133 -24.97 -35.60 -89.85
CA THR O 133 -24.71 -36.48 -88.71
C THR O 133 -23.29 -37.02 -88.75
N GLN O 134 -22.64 -37.04 -89.91
CA GLN O 134 -21.25 -37.45 -90.02
C GLN O 134 -20.27 -36.39 -89.52
N ILE O 135 -20.58 -35.11 -89.68
CA ILE O 135 -19.82 -34.09 -88.98
C ILE O 135 -20.05 -34.20 -87.49
N ALA O 136 -21.29 -34.47 -87.06
CA ALA O 136 -21.52 -35.01 -85.74
C ALA O 136 -20.88 -36.40 -85.68
N ALA O 137 -20.89 -37.01 -84.50
CA ALA O 137 -20.19 -38.28 -84.31
C ALA O 137 -18.69 -38.06 -84.42
N LYS O 138 -18.26 -36.79 -84.39
CA LYS O 138 -16.85 -36.46 -84.18
C LYS O 138 -16.50 -36.72 -82.72
N ILE O 139 -17.52 -37.03 -81.92
CA ILE O 139 -17.37 -37.37 -80.51
C ILE O 139 -16.18 -38.30 -80.30
N VAL O 140 -16.07 -39.32 -81.17
CA VAL O 140 -15.00 -40.31 -81.02
C VAL O 140 -13.62 -39.68 -81.02
N ALA O 141 -13.48 -38.46 -81.52
CA ALA O 141 -12.23 -37.74 -81.41
C ALA O 141 -11.96 -37.22 -80.00
N ALA O 142 -12.95 -37.30 -79.11
CA ALA O 142 -12.82 -36.80 -77.75
C ALA O 142 -12.88 -37.87 -76.68
N ILE O 143 -13.41 -39.06 -77.00
CA ILE O 143 -13.45 -40.13 -76.01
C ILE O 143 -12.03 -40.47 -75.59
N SER O 144 -11.80 -40.46 -74.27
CA SER O 144 -10.46 -40.69 -73.75
C SER O 144 -10.12 -42.18 -73.78
N PRO O 145 -8.83 -42.52 -73.80
CA PRO O 145 -8.46 -43.94 -73.79
C PRO O 145 -8.92 -44.69 -72.56
N ASP O 146 -8.97 -44.03 -71.40
CA ASP O 146 -9.29 -44.69 -70.15
C ASP O 146 -10.76 -45.08 -70.04
N PHE O 147 -11.61 -44.61 -70.95
CA PHE O 147 -13.01 -45.00 -70.89
C PHE O 147 -13.13 -46.51 -71.04
N PRO O 148 -13.91 -47.20 -70.19
CA PRO O 148 -13.94 -48.67 -70.27
C PRO O 148 -14.65 -49.22 -71.49
N TYR O 149 -14.99 -48.37 -72.46
CA TYR O 149 -15.74 -48.79 -73.63
C TYR O 149 -15.02 -48.35 -74.91
N GLU O 150 -15.28 -49.07 -75.99
CA GLU O 150 -14.72 -48.80 -77.31
C GLU O 150 -15.82 -48.26 -78.22
N ALA O 151 -15.51 -47.21 -78.97
CA ALA O 151 -16.45 -46.59 -79.89
C ALA O 151 -16.09 -47.00 -81.32
N THR O 152 -17.06 -47.56 -82.04
CA THR O 152 -16.82 -48.03 -83.40
C THR O 152 -16.64 -46.90 -84.40
N ALA O 153 -17.29 -45.75 -84.18
CA ALA O 153 -17.17 -44.60 -85.07
C ALA O 153 -17.65 -44.93 -86.48
N ALA O 154 -18.87 -45.46 -86.56
CA ALA O 154 -19.48 -45.78 -87.85
C ALA O 154 -20.03 -44.51 -88.51
N ALA O 155 -20.75 -44.70 -89.61
CA ALA O 155 -21.26 -43.58 -90.39
C ALA O 155 -22.50 -42.97 -89.75
N GLY O 156 -22.30 -41.91 -88.95
CA GLY O 156 -23.40 -41.17 -88.36
C GLY O 156 -23.90 -41.69 -87.03
N VAL O 157 -23.58 -42.92 -86.67
CA VAL O 157 -23.97 -43.50 -85.38
C VAL O 157 -22.76 -44.24 -84.81
N ILE O 158 -22.55 -44.10 -83.50
CA ILE O 158 -21.42 -44.71 -82.82
C ILE O 158 -21.96 -45.72 -81.81
N THR O 159 -21.46 -46.94 -81.87
CA THR O 159 -21.84 -48.00 -80.95
C THR O 159 -20.73 -48.22 -79.93
N LEU O 160 -21.12 -48.46 -78.69
CA LEU O 160 -20.19 -48.61 -77.57
C LEU O 160 -20.22 -50.04 -77.09
N THR O 161 -19.04 -50.66 -77.00
CA THR O 161 -18.92 -52.06 -76.58
C THR O 161 -17.96 -52.16 -75.40
N ALA O 162 -18.35 -52.97 -74.42
CA ALA O 162 -17.56 -53.09 -73.20
C ALA O 162 -16.23 -53.77 -73.48
N ARG O 163 -15.18 -53.32 -72.77
CA ARG O 163 -13.88 -53.94 -72.87
C ARG O 163 -13.84 -55.24 -72.08
N ASN O 164 -14.16 -55.17 -70.79
CA ASN O 164 -14.20 -56.36 -69.96
C ASN O 164 -15.54 -57.06 -70.13
N GLY O 165 -15.48 -58.39 -70.29
CA GLY O 165 -16.68 -59.17 -70.51
C GLY O 165 -17.49 -59.34 -69.25
N GLY O 166 -18.64 -59.99 -69.40
CA GLY O 166 -19.52 -60.22 -68.28
C GLY O 166 -20.53 -59.10 -68.09
N THR O 167 -21.23 -59.19 -66.95
CA THR O 167 -22.28 -58.23 -66.65
C THR O 167 -21.76 -56.93 -66.07
N ILE O 168 -20.45 -56.83 -65.80
CA ILE O 168 -19.94 -55.62 -65.17
C ILE O 168 -20.11 -54.41 -66.07
N GLY O 169 -20.00 -54.59 -67.39
CA GLY O 169 -20.18 -53.48 -68.31
C GLY O 169 -21.62 -53.21 -68.68
N ASN O 170 -22.57 -53.83 -67.98
CA ASN O 170 -23.99 -53.71 -68.29
C ASN O 170 -24.62 -52.51 -67.60
N HIS O 171 -23.80 -51.52 -67.22
CA HIS O 171 -24.27 -50.43 -66.38
C HIS O 171 -23.99 -49.05 -66.95
N LEU O 172 -23.51 -48.93 -68.19
CA LEU O 172 -23.17 -47.61 -68.73
C LEU O 172 -24.41 -46.74 -68.83
N SER O 173 -24.24 -45.45 -68.55
CA SER O 173 -25.30 -44.46 -68.65
C SER O 173 -24.77 -43.22 -69.35
N VAL O 174 -25.48 -42.76 -70.38
CA VAL O 174 -25.12 -41.56 -71.13
C VAL O 174 -26.28 -40.57 -71.01
N ILE O 175 -25.96 -39.34 -70.65
CA ILE O 175 -26.96 -38.30 -70.40
C ILE O 175 -26.65 -37.12 -71.32
N TYR O 176 -27.64 -36.71 -72.12
CA TYR O 176 -27.53 -35.53 -72.95
C TYR O 176 -27.98 -34.34 -72.11
N THR O 177 -27.03 -33.76 -71.38
CA THR O 177 -27.34 -32.85 -70.30
C THR O 177 -28.13 -31.63 -70.77
N ASN O 178 -27.62 -30.94 -71.79
CA ASN O 178 -28.09 -29.62 -72.14
C ASN O 178 -29.37 -29.64 -72.98
N LEU O 179 -30.10 -30.75 -72.99
CA LEU O 179 -31.41 -30.75 -73.64
C LEU O 179 -32.31 -29.69 -73.02
N GLY O 180 -32.29 -29.55 -71.70
CA GLY O 180 -33.03 -28.49 -71.05
C GLY O 180 -32.31 -27.16 -71.14
N SER O 181 -32.98 -26.12 -70.67
CA SER O 181 -32.42 -24.78 -70.72
C SER O 181 -31.15 -24.69 -69.88
N CYS O 182 -30.19 -23.92 -70.37
CA CYS O 182 -28.94 -23.71 -69.66
C CYS O 182 -28.25 -22.47 -70.21
N THR O 183 -27.24 -22.00 -69.49
CA THR O 183 -26.46 -20.86 -69.97
C THR O 183 -25.66 -21.22 -71.22
N SER O 184 -25.53 -22.50 -71.55
CA SER O 184 -24.93 -22.95 -72.80
C SER O 184 -26.03 -23.44 -73.71
N VAL O 185 -26.02 -22.98 -74.95
CA VAL O 185 -27.11 -23.23 -75.90
C VAL O 185 -26.73 -24.38 -76.82
N THR O 186 -27.60 -25.39 -76.88
CA THR O 186 -27.35 -26.53 -77.73
C THR O 186 -27.69 -26.19 -79.18
N PRO O 187 -26.90 -26.69 -80.14
CA PRO O 187 -27.29 -26.53 -81.54
C PRO O 187 -28.68 -27.10 -81.78
N GLU O 188 -29.55 -26.27 -82.36
CA GLU O 188 -30.92 -26.69 -82.63
C GLU O 188 -30.96 -27.70 -83.76
N GLY O 189 -31.96 -28.59 -83.70
CA GLY O 189 -32.09 -29.64 -84.70
C GLY O 189 -31.20 -30.84 -84.47
N VAL O 190 -30.63 -30.99 -83.28
CA VAL O 190 -29.73 -32.09 -82.95
C VAL O 190 -30.35 -32.90 -81.82
N THR O 191 -30.41 -34.22 -82.00
CA THR O 191 -30.94 -35.12 -81.00
C THR O 191 -30.07 -36.37 -80.94
N VAL O 192 -29.75 -36.82 -79.74
CA VAL O 192 -28.91 -37.99 -79.51
C VAL O 192 -29.71 -38.99 -78.69
N ALA O 193 -29.79 -40.22 -79.18
CA ALA O 193 -30.53 -41.29 -78.51
C ALA O 193 -29.55 -42.36 -78.04
N PHE O 194 -29.95 -43.07 -76.98
CA PHE O 194 -29.10 -44.08 -76.35
C PHE O 194 -29.94 -45.30 -76.03
N ALA O 195 -29.41 -46.48 -76.33
CA ALA O 195 -30.16 -47.72 -76.10
C ALA O 195 -29.18 -48.89 -76.04
N GLN O 196 -29.68 -49.99 -75.47
CA GLN O 196 -28.90 -51.22 -75.34
C GLN O 196 -29.30 -52.22 -76.41
N THR O 197 -28.35 -53.05 -76.83
CA THR O 197 -28.60 -54.05 -77.86
C THR O 197 -28.23 -55.47 -77.44
N THR O 198 -27.20 -55.66 -76.64
CA THR O 198 -26.82 -57.01 -76.21
C THR O 198 -26.22 -56.97 -74.80
N PRO O 199 -26.64 -57.85 -73.90
CA PRO O 199 -26.06 -57.88 -72.55
C PRO O 199 -24.87 -58.81 -72.45
N GLY O 200 -24.26 -58.80 -71.26
CA GLY O 200 -23.21 -59.75 -70.94
C GLY O 200 -23.79 -61.02 -70.34
N SER O 201 -23.00 -62.08 -70.40
CA SER O 201 -23.51 -63.40 -70.04
C SER O 201 -22.82 -64.01 -68.82
N VAL O 202 -21.49 -64.10 -68.84
CA VAL O 202 -20.74 -64.96 -67.92
C VAL O 202 -19.76 -64.11 -67.11
N ASN O 203 -19.65 -64.45 -65.81
CA ASN O 203 -18.72 -63.81 -64.90
C ASN O 203 -17.83 -64.86 -64.22
N PRO O 204 -16.59 -64.51 -63.88
CA PRO O 204 -15.74 -65.46 -63.17
C PRO O 204 -16.19 -65.63 -61.71
N GLU O 205 -15.98 -66.82 -61.17
CA GLU O 205 -16.34 -67.15 -59.79
C GLU O 205 -15.18 -67.87 -59.12
N PRO O 206 -14.09 -67.16 -58.86
CA PRO O 206 -12.95 -67.78 -58.17
C PRO O 206 -13.29 -68.15 -56.73
N ASN O 207 -12.60 -69.17 -56.23
CA ASN O 207 -12.80 -69.65 -54.87
C ASN O 207 -11.46 -70.00 -54.21
N ASP O 208 -10.39 -69.30 -54.57
CA ASP O 208 -9.05 -69.62 -54.12
C ASP O 208 -8.47 -68.55 -53.20
N TYR O 209 -9.28 -67.99 -52.29
CA TYR O 209 -8.77 -67.00 -51.35
C TYR O 209 -7.81 -67.64 -50.35
N ALA O 210 -8.05 -68.89 -49.99
CA ALA O 210 -7.26 -69.56 -48.97
C ALA O 210 -5.81 -69.77 -49.38
N SER O 211 -5.49 -69.60 -50.66
CA SER O 211 -4.15 -69.89 -51.16
C SER O 211 -3.37 -68.65 -51.60
N VAL O 212 -4.03 -67.49 -51.73
CA VAL O 212 -3.37 -66.30 -52.23
C VAL O 212 -3.41 -65.20 -51.17
N VAL O 213 -4.41 -65.24 -50.30
CA VAL O 213 -4.52 -64.31 -49.19
C VAL O 213 -4.19 -65.07 -47.91
N ASN O 214 -3.34 -66.09 -48.04
CA ASN O 214 -3.08 -67.02 -46.95
C ASN O 214 -2.36 -66.31 -45.82
N GLU O 215 -3.09 -66.04 -44.73
CA GLU O 215 -2.50 -65.57 -43.48
C GLU O 215 -1.72 -64.26 -43.68
N CYS O 216 -2.30 -63.33 -44.41
CA CYS O 216 -1.84 -61.95 -44.44
C CYS O 216 -3.03 -61.03 -44.19
N CYS O 217 -2.88 -60.11 -43.24
CA CYS O 217 -3.99 -59.36 -42.67
C CYS O 217 -4.20 -58.08 -43.45
N PHE O 218 -5.38 -57.94 -44.04
CA PHE O 218 -5.82 -56.69 -44.65
C PHE O 218 -6.98 -56.12 -43.83
N ALA O 219 -7.03 -54.79 -43.74
CA ALA O 219 -8.09 -54.15 -42.97
C ALA O 219 -9.39 -54.05 -43.76
N VAL O 220 -9.30 -53.73 -45.04
CA VAL O 220 -10.47 -53.49 -45.88
C VAL O 220 -10.33 -54.28 -47.17
N TYR O 221 -11.45 -54.86 -47.61
CA TYR O 221 -11.54 -55.57 -48.88
C TYR O 221 -12.55 -54.86 -49.78
N VAL O 222 -12.18 -54.62 -51.02
CA VAL O 222 -13.05 -54.00 -52.01
C VAL O 222 -13.24 -54.98 -53.15
N LEU O 223 -14.50 -55.25 -53.50
CA LEU O 223 -14.85 -56.18 -54.56
C LEU O 223 -15.57 -55.41 -55.66
N SER O 224 -14.89 -55.23 -56.80
CA SER O 224 -15.44 -54.50 -57.94
C SER O 224 -16.24 -55.39 -58.87
N SER O 225 -17.28 -56.05 -58.36
CA SER O 225 -18.12 -56.92 -59.17
C SER O 225 -19.51 -57.00 -58.56
N ASP O 226 -20.50 -57.24 -59.41
CA ASP O 226 -21.90 -57.28 -58.99
C ASP O 226 -22.45 -58.71 -58.90
N ASP O 227 -21.58 -59.72 -58.93
CA ASP O 227 -22.02 -61.11 -58.90
C ASP O 227 -22.27 -61.52 -57.44
N THR O 228 -23.47 -62.06 -57.18
CA THR O 228 -23.82 -62.46 -55.83
C THR O 228 -22.94 -63.60 -55.34
N ASP O 229 -22.65 -64.58 -56.20
CA ASP O 229 -21.85 -65.73 -55.79
C ASP O 229 -20.46 -65.31 -55.37
N TRP O 230 -19.82 -64.42 -56.13
CA TRP O 230 -18.50 -63.93 -55.77
C TRP O 230 -18.53 -63.24 -54.41
N GLN O 231 -19.57 -62.44 -54.17
CA GLN O 231 -19.71 -61.79 -52.88
C GLN O 231 -19.88 -62.80 -51.76
N GLU O 232 -20.58 -63.90 -52.01
CA GLU O 232 -20.73 -64.93 -50.97
C GLU O 232 -19.39 -65.59 -50.67
N ASN O 233 -18.57 -65.85 -51.68
CA ASN O 233 -17.23 -66.39 -51.43
C ASN O 233 -16.39 -65.43 -50.61
N LEU O 234 -16.44 -64.13 -50.94
CA LEU O 234 -15.69 -63.17 -50.14
C LEU O 234 -16.21 -63.11 -48.70
N ARG O 235 -17.53 -63.20 -48.52
CA ARG O 235 -18.09 -63.24 -47.18
C ARG O 235 -17.57 -64.44 -46.42
N ASP O 236 -17.53 -65.60 -47.06
CA ASP O 236 -17.00 -66.80 -46.42
C ASP O 236 -15.54 -66.62 -46.04
N TRP O 237 -14.73 -66.02 -46.91
CA TRP O 237 -13.34 -65.79 -46.55
C TRP O 237 -13.22 -64.87 -45.33
N ILE O 238 -13.98 -63.76 -45.32
CA ILE O 238 -13.89 -62.86 -44.19
C ILE O 238 -14.35 -63.54 -42.91
N ARG O 239 -15.43 -64.33 -42.97
CA ARG O 239 -15.88 -65.07 -41.81
C ARG O 239 -14.81 -66.01 -41.31
N SER O 240 -14.12 -66.68 -42.23
CA SER O 240 -13.01 -67.55 -41.85
C SER O 240 -11.93 -66.74 -41.14
N ALA O 241 -11.68 -65.51 -41.60
CA ALA O 241 -10.69 -64.66 -40.96
C ALA O 241 -11.10 -64.24 -39.55
N TRP O 242 -12.35 -64.44 -39.17
CA TRP O 242 -12.84 -64.10 -37.83
C TRP O 242 -13.14 -65.33 -36.99
N ASP O 243 -12.85 -66.53 -37.49
CA ASP O 243 -13.30 -67.75 -36.82
C ASP O 243 -12.45 -68.04 -35.59
N CYS O 244 -13.04 -68.79 -34.66
CA CYS O 244 -12.38 -69.10 -33.40
C CYS O 244 -11.43 -70.28 -33.51
N SER O 245 -11.42 -70.99 -34.64
CA SER O 245 -10.59 -72.18 -34.75
C SER O 245 -9.10 -71.87 -34.65
N LYS O 246 -8.66 -70.78 -35.27
CA LYS O 246 -7.24 -70.47 -35.37
C LYS O 246 -7.07 -68.97 -35.16
N PRO O 247 -5.85 -68.49 -35.02
CA PRO O 247 -5.64 -67.06 -34.77
C PRO O 247 -6.30 -66.21 -35.84
N GLN O 248 -6.86 -65.08 -35.40
CA GLN O 248 -7.71 -64.27 -36.25
C GLN O 248 -6.90 -63.20 -36.99
N CYS O 249 -7.44 -62.79 -38.14
CA CYS O 249 -6.89 -61.68 -38.92
C CYS O 249 -7.85 -60.51 -39.05
N PHE O 250 -9.13 -60.73 -38.82
CA PHE O 250 -10.15 -59.66 -38.85
C PHE O 250 -10.27 -59.13 -40.28
N GLY O 251 -10.79 -57.92 -40.44
CA GLY O 251 -11.01 -57.32 -41.74
C GLY O 251 -12.49 -57.13 -42.05
N HIS O 252 -12.75 -56.22 -42.99
CA HIS O 252 -14.11 -55.84 -43.36
C HIS O 252 -14.17 -55.67 -44.87
N GLY O 253 -15.33 -55.94 -45.45
CA GLY O 253 -15.50 -55.94 -46.90
C GLY O 253 -16.62 -55.03 -47.35
N TYR O 254 -16.43 -54.41 -48.52
CA TYR O 254 -17.38 -53.47 -49.08
C TYR O 254 -17.84 -53.96 -50.45
N VAL O 255 -19.16 -54.02 -50.65
CA VAL O 255 -19.75 -54.47 -51.91
C VAL O 255 -20.98 -53.61 -52.19
N PHE O 256 -21.49 -53.72 -53.42
CA PHE O 256 -22.63 -52.93 -53.86
C PHE O 256 -23.66 -53.82 -54.54
N ASN O 257 -24.91 -53.37 -54.53
CA ASN O 257 -26.01 -54.04 -55.20
C ASN O 257 -26.87 -53.00 -55.89
N LYS O 258 -27.43 -53.36 -57.04
CA LYS O 258 -28.23 -52.43 -57.84
C LYS O 258 -29.50 -53.12 -58.31
N GLY O 259 -30.57 -52.35 -58.40
CA GLY O 259 -31.85 -52.88 -58.83
C GLY O 259 -32.99 -52.14 -58.16
N THR O 260 -34.20 -52.67 -58.35
CA THR O 260 -35.37 -52.10 -57.72
C THR O 260 -35.40 -52.47 -56.24
N LEU O 261 -36.27 -51.80 -55.49
CA LEU O 261 -36.34 -52.01 -54.05
C LEU O 261 -36.54 -53.49 -53.71
N GLY O 262 -37.45 -54.16 -54.42
CA GLY O 262 -37.69 -55.57 -54.15
C GLY O 262 -36.49 -56.46 -54.42
N GLN O 263 -35.67 -56.11 -55.42
CA GLN O 263 -34.52 -56.92 -55.75
C GLN O 263 -33.38 -56.76 -54.74
N VAL O 264 -33.09 -55.52 -54.32
CA VAL O 264 -31.98 -55.29 -53.40
C VAL O 264 -32.27 -55.91 -52.04
N LEU O 265 -33.53 -55.87 -51.60
CA LEU O 265 -33.87 -56.47 -50.32
C LEU O 265 -33.73 -57.98 -50.32
N ALA O 266 -33.54 -58.60 -51.48
CA ALA O 266 -33.35 -60.04 -51.57
C ALA O 266 -31.89 -60.46 -51.45
N ASP O 267 -30.98 -59.53 -51.18
CA ASP O 267 -29.57 -59.83 -51.01
C ASP O 267 -29.12 -59.79 -49.56
N GLY O 268 -30.05 -59.69 -48.62
CA GLY O 268 -29.71 -59.53 -47.21
C GLY O 268 -29.40 -60.83 -46.50
N ASP O 269 -28.21 -61.38 -46.71
CA ASP O 269 -27.84 -62.63 -46.07
C ASP O 269 -27.19 -62.40 -44.72
N ASN O 270 -27.83 -61.59 -43.87
CA ASN O 270 -27.42 -61.40 -42.48
C ASN O 270 -25.90 -61.42 -42.30
N SER O 271 -25.20 -60.68 -43.15
CA SER O 271 -23.74 -60.72 -43.20
C SER O 271 -23.17 -59.57 -42.37
N ALA O 272 -22.57 -59.89 -41.23
CA ALA O 272 -21.91 -58.88 -40.41
C ALA O 272 -20.57 -58.45 -40.99
N GLU O 273 -20.05 -59.18 -41.98
CA GLU O 273 -18.74 -58.88 -42.53
C GLU O 273 -18.81 -58.01 -43.78
N LEU O 274 -20.00 -57.62 -44.23
CA LEU O 274 -20.16 -56.90 -45.49
C LEU O 274 -20.92 -55.61 -45.26
N SER O 275 -20.53 -54.57 -46.00
CA SER O 275 -21.25 -53.30 -46.05
C SER O 275 -21.83 -53.16 -47.46
N ARG O 276 -23.12 -53.46 -47.59
CA ARG O 276 -23.77 -53.53 -48.89
C ARG O 276 -24.25 -52.14 -49.28
N LEU O 277 -23.77 -51.66 -50.43
CA LEU O 277 -24.13 -50.34 -50.94
C LEU O 277 -25.30 -50.49 -51.91
N ALA O 278 -26.47 -50.01 -51.49
CA ALA O 278 -27.68 -50.14 -52.30
C ALA O 278 -27.75 -48.99 -53.31
N LEU O 279 -28.02 -49.34 -54.56
CA LEU O 279 -28.15 -48.36 -55.63
C LEU O 279 -29.40 -48.64 -56.44
N PRO O 280 -29.98 -47.62 -57.07
CA PRO O 280 -31.21 -47.82 -57.86
C PRO O 280 -30.90 -48.21 -59.30
N THR O 281 -31.95 -48.59 -60.01
CA THR O 281 -31.81 -48.99 -61.40
C THR O 281 -31.31 -47.83 -62.26
N THR O 282 -31.63 -46.60 -61.88
CA THR O 282 -31.31 -45.42 -62.68
C THR O 282 -30.05 -44.72 -62.23
N TYR O 283 -29.19 -45.36 -61.45
CA TYR O 283 -28.00 -44.71 -60.94
C TYR O 283 -27.12 -44.24 -62.09
N PRO O 284 -26.71 -42.96 -62.13
CA PRO O 284 -26.01 -42.46 -63.31
C PRO O 284 -24.49 -42.59 -63.27
N VAL O 285 -23.94 -43.41 -62.38
CA VAL O 285 -22.50 -43.53 -62.22
C VAL O 285 -22.11 -45.00 -62.27
N LEU O 286 -20.85 -45.26 -62.62
CA LEU O 286 -20.29 -46.61 -62.64
C LEU O 286 -20.22 -47.12 -61.20
N PRO O 287 -20.97 -48.15 -60.84
CA PRO O 287 -21.08 -48.51 -59.41
C PRO O 287 -19.74 -48.80 -58.74
N TYR O 288 -18.83 -49.47 -59.43
CA TYR O 288 -17.57 -49.84 -58.78
C TYR O 288 -16.75 -48.62 -58.39
N LEU O 289 -16.89 -47.51 -59.11
CA LEU O 289 -16.19 -46.29 -58.71
C LEU O 289 -16.69 -45.79 -57.36
N THR O 290 -18.00 -45.76 -57.17
CA THR O 290 -18.55 -45.34 -55.87
C THR O 290 -18.15 -46.32 -54.78
N ASN O 291 -18.21 -47.62 -55.07
CA ASN O 291 -17.82 -48.60 -54.06
C ASN O 291 -16.36 -48.41 -53.66
N ALA O 292 -15.47 -48.20 -54.64
CA ALA O 292 -14.07 -47.99 -54.33
C ALA O 292 -13.85 -46.71 -53.55
N ALA O 293 -14.57 -45.64 -53.89
CA ALA O 293 -14.43 -44.40 -53.15
C ALA O 293 -14.84 -44.58 -51.69
N TYR O 294 -15.98 -45.24 -51.46
CA TYR O 294 -16.44 -45.48 -50.09
C TYR O 294 -15.42 -46.33 -49.33
N GLY O 295 -14.96 -47.41 -49.94
CA GLY O 295 -14.00 -48.28 -49.28
C GLY O 295 -12.70 -47.57 -48.96
N ALA O 296 -12.19 -46.77 -49.90
CA ALA O 296 -10.94 -46.06 -49.68
C ALA O 296 -11.10 -45.02 -48.58
N LEU O 297 -12.24 -44.31 -48.56
CA LEU O 297 -12.48 -43.36 -47.48
C LEU O 297 -12.52 -44.06 -46.13
N SER O 298 -13.19 -45.20 -46.04
CA SER O 298 -13.34 -45.89 -44.78
C SER O 298 -12.12 -46.70 -44.37
N ALA O 299 -11.20 -46.97 -45.29
CA ALA O 299 -10.08 -47.88 -45.01
C ALA O 299 -8.94 -47.18 -44.30
N CYS O 300 -9.20 -46.66 -43.10
CA CYS O 300 -8.16 -46.16 -42.21
C CYS O 300 -7.49 -44.90 -42.74
N SER O 301 -7.85 -44.47 -43.95
CA SER O 301 -7.47 -43.13 -44.36
C SER O 301 -8.08 -42.10 -43.42
N THR O 302 -9.16 -42.49 -42.74
CA THR O 302 -9.75 -41.73 -41.65
C THR O 302 -9.77 -42.53 -40.36
N CYS O 303 -9.91 -43.86 -40.47
CA CYS O 303 -10.10 -44.71 -39.31
C CYS O 303 -8.78 -45.33 -38.82
N GLU O 304 -7.84 -44.44 -38.49
CA GLU O 304 -6.74 -44.83 -37.61
C GLU O 304 -7.15 -44.73 -36.15
N ASN O 305 -8.26 -44.04 -35.87
CA ASN O 305 -8.94 -44.11 -34.59
C ASN O 305 -10.25 -44.87 -34.81
N PRO O 306 -10.40 -46.08 -34.28
CA PRO O 306 -11.43 -46.99 -34.79
C PRO O 306 -12.86 -46.62 -34.45
N GLU O 307 -13.09 -45.60 -33.62
CA GLU O 307 -14.44 -45.31 -33.17
C GLU O 307 -15.15 -44.25 -34.01
N LEU O 308 -14.53 -43.75 -35.07
CA LEU O 308 -15.17 -42.74 -35.90
C LEU O 308 -16.19 -43.37 -36.83
N ASN O 309 -17.30 -42.67 -37.05
CA ASN O 309 -18.34 -43.10 -37.97
C ASN O 309 -18.21 -42.30 -39.27
N VAL O 310 -18.30 -42.98 -40.39
CA VAL O 310 -18.15 -42.34 -41.71
C VAL O 310 -19.55 -42.00 -42.19
N GLN O 311 -20.02 -40.82 -41.80
CA GLN O 311 -21.37 -40.37 -42.10
C GLN O 311 -21.38 -38.87 -42.29
N GLY O 312 -22.56 -38.34 -42.61
CA GLY O 312 -22.75 -36.91 -42.64
C GLY O 312 -22.20 -36.25 -43.90
N GLN O 313 -22.20 -34.92 -43.87
CA GLN O 313 -21.69 -34.14 -44.99
C GLN O 313 -20.23 -33.76 -44.83
N THR O 314 -19.61 -34.06 -43.69
CA THR O 314 -18.22 -33.71 -43.44
C THR O 314 -17.32 -34.94 -43.47
N TYR O 315 -17.63 -35.95 -42.67
CA TYR O 315 -16.79 -37.14 -42.55
C TYR O 315 -17.21 -38.26 -43.49
N GLY O 316 -18.21 -38.03 -44.33
CA GLY O 316 -18.69 -39.08 -45.22
C GLY O 316 -18.93 -38.58 -46.63
N LEU O 317 -18.13 -37.63 -47.08
CA LEU O 317 -18.27 -37.03 -48.40
C LEU O 317 -17.29 -37.68 -49.37
N LEU O 318 -17.82 -38.20 -50.48
CA LEU O 318 -16.99 -38.80 -51.53
C LEU O 318 -16.59 -37.70 -52.52
N SER O 319 -15.62 -36.90 -52.10
CA SER O 319 -15.27 -35.69 -52.83
C SER O 319 -14.66 -35.97 -54.20
N CYS O 320 -14.27 -37.21 -54.47
CA CYS O 320 -13.65 -37.55 -55.75
C CYS O 320 -14.65 -38.05 -56.79
N ILE O 321 -15.95 -38.02 -56.49
CA ILE O 321 -16.98 -38.46 -57.42
C ILE O 321 -17.91 -37.28 -57.71
N ASN O 322 -18.25 -37.10 -58.97
CA ASN O 322 -19.10 -36.00 -59.41
C ASN O 322 -20.17 -36.54 -60.35
N MET O 323 -21.41 -36.12 -60.15
CA MET O 323 -22.54 -36.55 -60.96
C MET O 323 -23.46 -35.37 -61.19
N PRO O 324 -24.25 -35.40 -62.27
CA PRO O 324 -25.11 -34.26 -62.57
C PRO O 324 -26.24 -34.11 -61.56
N GLU O 325 -26.68 -32.87 -61.38
CA GLU O 325 -27.81 -32.59 -60.50
C GLU O 325 -29.11 -33.06 -61.14
N SER O 326 -30.11 -33.34 -60.30
CA SER O 326 -31.40 -33.80 -60.79
C SER O 326 -32.45 -33.60 -59.72
N CYS O 327 -33.67 -33.27 -60.15
CA CYS O 327 -34.78 -33.15 -59.21
C CYS O 327 -35.08 -34.49 -58.57
N THR O 328 -35.04 -35.57 -59.35
CA THR O 328 -35.35 -36.88 -58.83
C THR O 328 -34.20 -37.39 -57.97
N PRO O 329 -34.45 -37.81 -56.73
CA PRO O 329 -33.35 -38.21 -55.83
C PRO O 329 -32.84 -39.63 -56.04
N GLY O 330 -33.47 -40.42 -56.90
CA GLY O 330 -33.08 -41.81 -57.06
C GLY O 330 -33.91 -42.75 -56.20
N TRP O 331 -33.92 -42.51 -54.90
CA TRP O 331 -34.73 -43.27 -53.96
C TRP O 331 -35.78 -42.35 -53.35
N GLU O 332 -37.02 -42.83 -53.27
CA GLU O 332 -38.02 -42.15 -52.47
C GLU O 332 -37.69 -42.29 -50.99
N PHE O 333 -38.21 -41.37 -50.19
CA PHE O 333 -37.84 -41.38 -48.77
C PHE O 333 -38.29 -42.65 -48.08
N THR O 334 -39.48 -43.17 -48.41
CA THR O 334 -39.91 -44.43 -47.82
C THR O 334 -38.99 -45.57 -48.21
N GLU O 335 -38.55 -45.59 -49.48
CA GLU O 335 -37.59 -46.60 -49.91
C GLU O 335 -36.28 -46.46 -49.14
N VAL O 336 -35.84 -45.22 -48.92
CA VAL O 336 -34.62 -45.00 -48.14
C VAL O 336 -34.77 -45.55 -46.74
N THR O 337 -35.93 -45.28 -46.11
CA THR O 337 -36.16 -45.80 -44.76
C THR O 337 -36.14 -47.32 -44.75
N GLN O 338 -36.77 -47.95 -45.74
CA GLN O 338 -36.77 -49.41 -45.81
C GLN O 338 -35.35 -49.94 -45.94
N LEU O 339 -34.57 -49.37 -46.86
CA LEU O 339 -33.20 -49.84 -47.05
C LEU O 339 -32.38 -49.67 -45.79
N GLN O 340 -32.50 -48.53 -45.12
CA GLN O 340 -31.76 -48.31 -43.89
C GLN O 340 -32.17 -49.31 -42.81
N ASN O 341 -33.47 -49.54 -42.66
CA ASN O 341 -33.95 -50.49 -41.65
C ASN O 341 -33.65 -51.94 -42.00
N ASN O 342 -33.24 -52.22 -43.24
CA ASN O 342 -32.93 -53.59 -43.63
C ASN O 342 -31.44 -53.79 -43.90
N GLY O 343 -30.58 -52.99 -43.27
CA GLY O 343 -29.16 -53.25 -43.28
C GLY O 343 -28.41 -52.86 -44.54
N PHE O 344 -28.88 -51.85 -45.27
CA PHE O 344 -28.22 -51.40 -46.50
C PHE O 344 -27.74 -49.97 -46.33
N VAL O 345 -26.52 -49.70 -46.81
CA VAL O 345 -25.97 -48.35 -46.77
C VAL O 345 -26.56 -47.54 -47.91
N VAL O 346 -27.15 -46.40 -47.58
CA VAL O 346 -27.74 -45.52 -48.58
C VAL O 346 -26.93 -44.24 -48.64
N SER O 347 -26.91 -43.63 -49.83
CA SER O 347 -26.20 -42.38 -50.05
C SER O 347 -27.05 -41.49 -50.94
N GLY O 348 -26.76 -40.19 -50.89
CA GLY O 348 -27.51 -39.23 -51.66
C GLY O 348 -26.68 -38.02 -52.04
N PRO O 349 -27.19 -37.20 -52.95
CA PRO O 349 -26.43 -36.04 -53.40
C PRO O 349 -26.25 -35.01 -52.30
N ALA O 350 -25.14 -34.28 -52.38
CA ALA O 350 -24.87 -33.22 -51.41
C ALA O 350 -25.72 -31.99 -51.64
N THR O 351 -26.14 -31.72 -52.87
CA THR O 351 -27.00 -30.59 -53.18
C THR O 351 -27.89 -30.96 -54.36
N THR O 352 -29.02 -30.25 -54.47
CA THR O 352 -30.05 -30.58 -55.45
C THR O 352 -30.40 -29.35 -56.27
N SER O 353 -30.71 -29.58 -57.54
CA SER O 353 -31.18 -28.55 -58.45
C SER O 353 -31.53 -29.21 -59.78
N GLY O 354 -32.12 -28.41 -60.67
CA GLY O 354 -32.47 -28.88 -62.00
C GLY O 354 -31.51 -28.46 -63.09
N GLN O 355 -30.49 -27.68 -62.76
CA GLN O 355 -29.60 -27.13 -63.79
C GLN O 355 -28.60 -28.17 -64.32
N GLY O 356 -28.37 -29.25 -63.58
CA GLY O 356 -27.53 -30.32 -64.08
C GLY O 356 -26.05 -30.14 -63.86
N ASN O 357 -25.63 -29.32 -62.91
CA ASN O 357 -24.22 -29.20 -62.58
C ASN O 357 -23.74 -30.45 -61.85
N PHE O 358 -22.48 -30.44 -61.45
CA PHE O 358 -21.85 -31.59 -60.82
C PHE O 358 -21.85 -31.45 -59.30
N THR O 359 -22.17 -32.56 -58.63
CA THR O 359 -22.18 -32.63 -57.18
C THR O 359 -21.64 -33.98 -56.73
N SER O 360 -21.22 -34.04 -55.47
CA SER O 360 -20.71 -35.26 -54.87
C SER O 360 -21.73 -35.88 -53.93
N PRO O 361 -21.73 -37.20 -53.77
CA PRO O 361 -22.62 -37.82 -52.78
C PRO O 361 -21.95 -37.98 -51.43
N TYR O 362 -22.75 -38.41 -50.45
CA TYR O 362 -22.24 -38.72 -49.13
C TYR O 362 -23.07 -39.84 -48.51
N ILE O 363 -22.49 -40.52 -47.52
CA ILE O 363 -23.12 -41.68 -46.92
C ILE O 363 -24.07 -41.22 -45.82
N TYR O 364 -25.29 -41.77 -45.82
CA TYR O 364 -26.26 -41.47 -44.77
C TYR O 364 -26.02 -42.27 -43.50
N ASN O 365 -25.80 -43.58 -43.63
CA ASN O 365 -25.62 -44.46 -42.47
C ASN O 365 -24.48 -45.43 -42.77
N ASP O 366 -23.47 -45.44 -41.90
CA ASP O 366 -22.34 -46.36 -42.02
C ASP O 366 -22.69 -47.64 -41.26
N VAL O 367 -23.38 -48.54 -41.95
CA VAL O 367 -24.02 -49.70 -41.32
C VAL O 367 -23.59 -50.98 -42.05
N THR O 368 -23.39 -52.04 -41.28
CA THR O 368 -23.17 -53.37 -41.82
C THR O 368 -24.50 -54.06 -42.06
N ASN O 369 -24.45 -55.21 -42.73
CA ASN O 369 -25.64 -55.96 -43.07
C ASN O 369 -26.11 -56.87 -41.96
N TYR O 370 -25.71 -56.61 -40.72
CA TYR O 370 -26.02 -57.51 -39.62
C TYR O 370 -27.46 -57.33 -39.14
N LEU O 371 -28.12 -58.46 -38.93
CA LEU O 371 -29.43 -58.51 -38.28
C LEU O 371 -29.51 -59.83 -37.52
N ARG O 372 -30.53 -59.96 -36.69
CA ARG O 372 -30.72 -61.20 -35.91
C ARG O 372 -29.44 -61.43 -35.10
N ASP O 373 -29.00 -62.67 -34.92
CA ASP O 373 -27.87 -62.98 -34.05
C ASP O 373 -27.29 -64.32 -34.49
N GLU O 374 -26.33 -64.83 -33.72
CA GLU O 374 -25.88 -66.20 -33.93
C GLU O 374 -27.05 -67.17 -33.83
N LYS O 375 -28.00 -66.86 -32.95
CA LYS O 375 -29.32 -67.47 -32.96
C LYS O 375 -30.29 -66.56 -33.70
N ASN O 376 -31.58 -66.90 -33.62
CA ASN O 376 -32.61 -66.08 -34.25
C ASN O 376 -33.18 -65.11 -33.22
N ARG O 377 -32.50 -63.98 -33.08
CA ARG O 377 -32.90 -62.93 -32.14
C ARG O 377 -32.40 -61.59 -32.68
N PRO O 378 -33.29 -60.64 -32.97
CA PRO O 378 -32.82 -59.35 -33.51
C PRO O 378 -32.21 -58.46 -32.43
N ASN O 379 -31.09 -57.85 -32.77
CA ASN O 379 -30.44 -56.88 -31.90
C ASN O 379 -29.51 -56.02 -32.75
N ALA O 380 -28.96 -54.98 -32.12
CA ALA O 380 -28.13 -53.99 -32.81
C ALA O 380 -26.68 -54.01 -32.37
N THR O 381 -26.18 -55.16 -31.92
CA THR O 381 -24.81 -55.21 -31.40
C THR O 381 -23.80 -54.86 -32.48
N PHE O 382 -23.97 -55.39 -33.68
CA PHE O 382 -23.03 -55.16 -34.79
C PHE O 382 -23.66 -54.32 -35.90
N ARG O 383 -24.58 -53.42 -35.53
CA ARG O 383 -25.24 -52.60 -36.54
C ARG O 383 -24.24 -51.66 -37.22
N ASP O 384 -23.30 -51.10 -36.45
CA ASP O 384 -22.35 -50.13 -36.97
C ASP O 384 -21.00 -50.79 -37.24
N ALA O 385 -20.36 -50.38 -38.34
CA ALA O 385 -19.04 -50.91 -38.66
C ALA O 385 -18.02 -50.56 -37.59
N SER O 386 -18.17 -49.39 -36.97
CA SER O 386 -17.29 -49.02 -35.87
C SER O 386 -17.35 -50.06 -34.76
N SER O 387 -18.48 -50.75 -34.60
CA SER O 387 -18.54 -51.83 -33.64
C SER O 387 -17.57 -52.94 -33.98
N ARG O 388 -17.50 -53.32 -35.26
CA ARG O 388 -16.54 -54.34 -35.67
C ARG O 388 -15.10 -53.87 -35.45
N ARG O 389 -14.81 -52.62 -35.83
CA ARG O 389 -13.47 -52.10 -35.62
C ARG O 389 -13.10 -52.10 -34.14
N LEU O 390 -14.02 -51.68 -33.28
CA LEU O 390 -13.74 -51.64 -31.86
C LEU O 390 -13.60 -53.05 -31.28
N ALA O 391 -14.37 -54.01 -31.78
CA ALA O 391 -14.21 -55.38 -31.33
C ALA O 391 -12.82 -55.91 -31.66
N ALA O 392 -12.36 -55.67 -32.89
CA ALA O 392 -11.02 -56.11 -33.26
C ALA O 392 -9.96 -55.43 -32.40
N ALA O 393 -10.09 -54.12 -32.21
CA ALA O 393 -9.11 -53.38 -31.42
C ALA O 393 -9.10 -53.87 -29.98
N THR O 394 -10.26 -54.12 -29.40
CA THR O 394 -10.34 -54.61 -28.03
C THR O 394 -9.71 -55.99 -27.91
N GLY O 395 -9.98 -56.87 -28.88
CA GLY O 395 -9.34 -58.18 -28.84
C GLY O 395 -7.83 -58.07 -28.86
N VAL O 396 -7.29 -57.23 -29.75
CA VAL O 396 -5.85 -57.09 -29.84
C VAL O 396 -5.29 -56.50 -28.55
N ALA O 397 -5.93 -55.46 -28.02
CA ALA O 397 -5.42 -54.79 -26.82
C ALA O 397 -5.43 -55.73 -25.62
N LEU O 398 -6.50 -56.52 -25.47
CA LEU O 398 -6.57 -57.47 -24.37
C LEU O 398 -5.55 -58.58 -24.56
N ALA O 399 -5.27 -58.96 -25.81
CA ALA O 399 -4.22 -59.94 -26.05
C ALA O 399 -2.87 -59.41 -25.60
N THR O 400 -2.57 -58.16 -25.93
CA THR O 400 -1.26 -57.60 -25.57
C THR O 400 -1.10 -57.50 -24.05
N PHE O 401 -2.17 -57.10 -23.35
CA PHE O 401 -2.06 -56.92 -21.90
C PHE O 401 -1.77 -58.23 -21.19
N LEU O 402 -2.41 -59.32 -21.62
CA LEU O 402 -2.31 -60.58 -20.90
C LEU O 402 -0.95 -61.23 -21.03
N GLN O 403 -0.07 -60.73 -21.90
CA GLN O 403 1.21 -61.36 -22.14
C GLN O 403 2.09 -61.40 -20.89
N GLN O 404 1.85 -60.52 -19.92
CA GLN O 404 2.70 -60.48 -18.74
C GLN O 404 2.58 -61.73 -17.88
N PHE O 405 1.53 -62.52 -18.07
CA PHE O 405 1.35 -63.76 -17.31
C PHE O 405 1.97 -64.97 -18.00
N ASN O 406 2.67 -64.77 -19.11
CA ASN O 406 3.28 -65.88 -19.84
C ASN O 406 4.57 -66.29 -19.15
N GLY O 407 4.61 -67.53 -18.67
CA GLY O 407 5.80 -68.02 -17.98
C GLY O 407 5.90 -67.63 -16.53
N LEU O 408 4.91 -66.92 -15.98
CA LEU O 408 4.93 -66.52 -14.59
C LEU O 408 4.43 -67.66 -13.72
N ALA O 409 5.11 -67.88 -12.59
CA ALA O 409 4.75 -68.98 -11.70
C ALA O 409 3.33 -68.79 -11.17
N VAL O 410 2.61 -69.91 -11.03
CA VAL O 410 1.21 -69.90 -10.64
C VAL O 410 1.01 -70.87 -9.48
N PHE O 411 0.28 -70.43 -8.47
CA PHE O 411 0.00 -71.24 -7.29
C PHE O 411 -1.52 -71.41 -7.18
N THR O 412 -1.97 -72.66 -7.08
CA THR O 412 -3.39 -72.95 -7.15
C THR O 412 -3.92 -73.84 -6.03
N LYS O 413 -3.09 -74.70 -5.44
CA LYS O 413 -3.56 -75.58 -4.38
C LYS O 413 -3.35 -74.86 -3.06
N ASN O 414 -2.12 -74.49 -2.70
CA ASN O 414 -1.90 -73.58 -1.58
C ASN O 414 -1.49 -72.23 -2.13
N THR O 415 -2.28 -71.20 -1.80
CA THR O 415 -2.18 -69.91 -2.46
C THR O 415 -1.30 -68.92 -1.72
N ASN O 416 -0.55 -69.36 -0.72
CA ASN O 416 0.45 -68.51 -0.08
C ASN O 416 1.76 -68.58 -0.85
N ILE O 417 2.28 -67.41 -1.21
CA ILE O 417 3.48 -67.32 -2.02
C ILE O 417 4.65 -67.03 -1.09
N LYS O 418 5.61 -67.95 -1.05
CA LYS O 418 6.79 -67.77 -0.20
C LYS O 418 7.42 -66.41 -0.47
N THR O 419 8.11 -65.89 0.54
CA THR O 419 8.76 -64.59 0.40
C THR O 419 9.89 -64.66 -0.61
N GLY O 420 9.94 -63.67 -1.49
CA GLY O 420 10.99 -63.56 -2.48
C GLY O 420 10.65 -64.14 -3.83
N ILE O 421 9.64 -64.99 -3.92
CA ILE O 421 9.29 -65.61 -5.19
C ILE O 421 8.57 -64.62 -6.07
N ILE O 422 8.72 -64.78 -7.39
CA ILE O 422 8.00 -63.97 -8.37
C ILE O 422 6.87 -64.82 -8.94
N GLY O 423 5.65 -64.59 -8.46
CA GLY O 423 4.53 -65.40 -8.88
C GLY O 423 3.23 -64.68 -8.63
N THR O 424 2.14 -65.42 -8.75
CA THR O 424 0.81 -64.87 -8.60
C THR O 424 -0.20 -66.02 -8.49
N ASN O 425 -1.47 -65.67 -8.35
CA ASN O 425 -2.54 -66.66 -8.27
C ASN O 425 -3.79 -66.09 -8.94
N LEU O 426 -4.89 -66.84 -8.85
CA LEU O 426 -6.11 -66.47 -9.57
C LEU O 426 -6.63 -65.11 -9.12
N ARG O 427 -6.79 -64.92 -7.80
CA ARG O 427 -7.46 -63.73 -7.31
C ARG O 427 -6.70 -62.46 -7.67
N LEU O 428 -5.37 -62.50 -7.56
CA LEU O 428 -4.57 -61.33 -7.90
C LEU O 428 -4.65 -61.03 -9.40
N MET O 429 -4.64 -62.07 -10.22
CA MET O 429 -4.80 -61.87 -11.67
C MET O 429 -6.13 -61.23 -11.99
N LEU O 430 -7.21 -61.70 -11.36
CA LEU O 430 -8.51 -61.11 -11.60
C LEU O 430 -8.55 -59.66 -11.17
N GLY O 431 -7.87 -59.32 -10.06
CA GLY O 431 -7.79 -57.93 -9.66
C GLY O 431 -7.08 -57.07 -10.69
N LYS O 432 -5.97 -57.56 -11.22
CA LYS O 432 -5.26 -56.82 -12.26
C LYS O 432 -6.13 -56.64 -13.50
N ILE O 433 -6.85 -57.68 -13.90
CA ILE O 433 -7.70 -57.58 -15.09
C ILE O 433 -8.83 -56.60 -14.87
N ARG O 434 -9.44 -56.61 -13.67
CA ARG O 434 -10.47 -55.64 -13.35
C ARG O 434 -9.93 -54.22 -13.39
N LYS O 435 -8.72 -54.02 -12.86
CA LYS O 435 -8.11 -52.69 -12.90
C LYS O 435 -7.92 -52.25 -14.34
N TRP O 436 -7.41 -53.14 -15.20
CA TRP O 436 -7.21 -52.79 -16.60
C TRP O 436 -8.53 -52.42 -17.26
N ALA O 437 -9.58 -53.22 -17.02
CA ALA O 437 -10.87 -52.93 -17.61
C ALA O 437 -11.39 -51.57 -17.15
N SER O 438 -11.26 -51.26 -15.86
CA SER O 438 -11.74 -49.99 -15.36
C SER O 438 -10.94 -48.82 -15.92
N ASP O 439 -9.65 -49.00 -16.16
CA ASP O 439 -8.81 -47.93 -16.67
C ASP O 439 -9.12 -47.56 -18.12
N ASN O 440 -9.85 -48.41 -18.84
CA ASN O 440 -10.13 -48.19 -20.26
C ASN O 440 -11.53 -47.64 -20.52
N VAL O 441 -12.28 -47.31 -19.47
CA VAL O 441 -13.59 -46.73 -19.66
C VAL O 441 -13.44 -45.33 -20.25
N GLY O 442 -14.18 -45.05 -21.32
CA GLY O 442 -14.05 -43.82 -22.05
C GLY O 442 -13.13 -43.88 -23.25
N VAL O 443 -12.33 -44.93 -23.39
CA VAL O 443 -11.44 -45.11 -24.53
C VAL O 443 -11.97 -46.24 -25.40
N LEU O 444 -12.19 -47.41 -24.78
CA LEU O 444 -12.70 -48.58 -25.49
C LEU O 444 -14.08 -49.00 -25.03
N PHE O 445 -14.52 -48.58 -23.84
CA PHE O 445 -15.73 -49.11 -23.23
C PHE O 445 -16.61 -47.99 -22.72
N SER O 446 -17.91 -48.28 -22.67
CA SER O 446 -18.84 -47.53 -21.84
C SER O 446 -18.84 -48.13 -20.43
N GLU O 447 -19.43 -47.42 -19.49
CA GLU O 447 -19.41 -47.87 -18.11
C GLU O 447 -20.05 -49.25 -17.99
N PHE O 448 -19.43 -50.10 -17.16
CA PHE O 448 -19.91 -51.47 -17.02
C PHE O 448 -21.19 -51.52 -16.22
N ASP O 449 -22.13 -52.36 -16.67
CA ASP O 449 -23.38 -52.53 -15.94
C ASP O 449 -23.12 -53.07 -14.54
N ASN O 450 -22.29 -54.10 -14.43
CA ASN O 450 -21.91 -54.65 -13.13
C ASN O 450 -20.57 -55.35 -13.32
N ILE O 451 -19.50 -54.70 -12.86
CA ILE O 451 -18.14 -55.19 -13.06
C ILE O 451 -17.97 -56.55 -12.39
N ASN O 452 -18.77 -56.81 -11.36
CA ASN O 452 -18.62 -58.07 -10.62
C ASN O 452 -19.16 -59.27 -11.40
N GLU O 453 -20.10 -59.04 -12.31
CA GLU O 453 -20.64 -60.12 -13.13
C GLU O 453 -20.11 -60.12 -14.56
N ASP O 454 -19.53 -59.00 -15.01
CA ASP O 454 -19.08 -58.89 -16.39
C ASP O 454 -17.71 -59.50 -16.63
N ILE O 455 -16.93 -59.73 -15.58
CA ILE O 455 -15.59 -60.30 -15.69
C ILE O 455 -15.48 -61.47 -14.72
N GLN O 456 -15.03 -62.61 -15.23
CA GLN O 456 -14.91 -63.83 -14.43
C GLN O 456 -13.69 -64.61 -14.89
N LEU O 457 -12.91 -65.11 -13.93
CA LEU O 457 -11.71 -65.88 -14.21
C LEU O 457 -11.77 -67.20 -13.45
N VAL O 458 -11.39 -68.29 -14.13
CA VAL O 458 -11.47 -69.62 -13.55
C VAL O 458 -10.29 -70.45 -14.07
N SER O 459 -9.84 -71.39 -13.24
CA SER O 459 -8.74 -72.28 -13.61
C SER O 459 -9.30 -73.56 -14.20
N ASP O 460 -8.43 -74.29 -14.92
CA ASP O 460 -8.88 -75.49 -15.62
C ASP O 460 -9.19 -76.62 -14.65
N PHE O 461 -8.45 -76.71 -13.54
CA PHE O 461 -8.74 -77.73 -12.55
C PHE O 461 -10.14 -77.59 -11.98
N ASP O 462 -10.70 -76.38 -11.98
CA ASP O 462 -12.05 -76.18 -11.47
C ASP O 462 -13.11 -76.65 -12.45
N VAL O 463 -12.79 -76.67 -13.75
CA VAL O 463 -13.76 -76.99 -14.78
C VAL O 463 -13.73 -78.47 -15.13
N GLN O 464 -12.59 -78.97 -15.60
CA GLN O 464 -12.51 -80.34 -16.07
C GLN O 464 -12.70 -81.31 -14.92
N PRO O 465 -13.24 -82.50 -15.20
CA PRO O 465 -13.42 -83.49 -14.13
C PRO O 465 -12.10 -83.89 -13.50
N LYS O 466 -12.20 -84.58 -12.38
CA LYS O 466 -11.00 -84.92 -11.60
C LYS O 466 -10.02 -85.72 -12.45
N CYS O 467 -8.74 -85.38 -12.30
CA CYS O 467 -7.61 -86.04 -12.95
C CYS O 467 -7.52 -85.73 -14.44
N VAL O 468 -8.28 -84.77 -14.95
CA VAL O 468 -8.25 -84.42 -16.36
C VAL O 468 -7.77 -82.99 -16.60
N GLY O 469 -7.80 -82.13 -15.58
CA GLY O 469 -7.38 -80.76 -15.77
C GLY O 469 -5.90 -80.63 -16.01
N GLN O 470 -5.51 -79.50 -16.61
CA GLN O 470 -4.12 -79.23 -16.94
C GLN O 470 -3.57 -78.08 -16.10
N PRO O 471 -2.28 -78.08 -15.79
CA PRO O 471 -1.72 -77.01 -14.97
C PRO O 471 -1.40 -75.77 -15.79
N GLY O 472 -1.71 -74.61 -15.24
CA GLY O 472 -1.39 -73.35 -15.89
C GLY O 472 -2.29 -73.01 -17.07
N VAL O 473 -3.56 -73.40 -17.02
CA VAL O 473 -4.53 -73.09 -18.07
C VAL O 473 -5.73 -72.42 -17.42
N PHE O 474 -6.16 -71.30 -17.97
CA PHE O 474 -7.19 -70.47 -17.36
C PHE O 474 -8.28 -70.17 -18.37
N HIS O 475 -9.47 -69.85 -17.84
CA HIS O 475 -10.62 -69.46 -18.66
C HIS O 475 -11.11 -68.10 -18.19
N LEU O 476 -11.30 -67.17 -19.12
CA LEU O 476 -11.72 -65.81 -18.82
C LEU O 476 -12.96 -65.48 -19.65
N ASN O 477 -13.99 -64.96 -18.99
CA ASN O 477 -15.20 -64.48 -19.65
C ASN O 477 -15.36 -63.00 -19.37
N MET O 478 -15.48 -62.20 -20.43
CA MET O 478 -15.58 -60.76 -20.28
C MET O 478 -16.69 -60.21 -21.16
N ARG O 479 -17.52 -59.33 -20.59
CA ARG O 479 -18.62 -58.69 -21.29
C ARG O 479 -18.41 -57.18 -21.28
N TYR O 480 -18.62 -56.54 -22.42
CA TYR O 480 -18.30 -55.13 -22.56
C TYR O 480 -19.29 -54.47 -23.51
N ARG O 481 -19.32 -53.13 -23.46
CA ARG O 481 -20.18 -52.33 -24.32
C ARG O 481 -19.31 -51.28 -25.01
N PRO O 482 -19.64 -50.87 -26.22
CA PRO O 482 -18.90 -49.78 -26.86
C PRO O 482 -19.42 -48.43 -26.42
N PRO O 483 -18.68 -47.36 -26.64
CA PRO O 483 -19.14 -46.02 -26.23
C PRO O 483 -20.33 -45.55 -27.05
N VAL O 484 -21.08 -44.60 -26.47
CA VAL O 484 -22.30 -44.07 -27.08
C VAL O 484 -21.99 -42.69 -27.64
N ARG O 485 -22.73 -42.29 -28.67
CA ARG O 485 -22.54 -41.00 -29.33
C ARG O 485 -23.87 -40.47 -29.83
N GLY O 486 -23.91 -39.15 -30.06
CA GLY O 486 -25.14 -38.50 -30.47
C GLY O 486 -25.63 -39.04 -31.80
N ALA O 487 -26.92 -39.35 -31.88
CA ALA O 487 -27.51 -39.95 -33.09
C ALA O 487 -28.62 -39.12 -33.72
N ARG O 488 -29.60 -38.66 -32.96
CA ARG O 488 -30.74 -37.96 -33.54
C ARG O 488 -31.34 -37.02 -32.50
N ILE O 489 -31.94 -35.94 -32.99
CA ILE O 489 -32.65 -34.97 -32.16
C ILE O 489 -33.99 -34.67 -32.83
N ASN O 490 -35.08 -34.89 -32.10
CA ASN O 490 -36.42 -34.59 -32.59
C ASN O 490 -36.87 -33.24 -32.05
N VAL O 491 -37.13 -32.31 -32.95
CA VAL O 491 -37.42 -30.92 -32.59
C VAL O 491 -38.89 -30.65 -32.86
N ASN O 492 -39.61 -30.20 -31.83
CA ASN O 492 -40.96 -29.69 -31.97
C ASN O 492 -40.90 -28.16 -31.85
N LEU O 493 -41.34 -27.47 -32.89
CA LEU O 493 -41.25 -26.02 -32.97
C LEU O 493 -42.67 -25.47 -32.94
N VAL O 494 -42.95 -24.59 -31.99
CA VAL O 494 -44.31 -24.16 -31.70
C VAL O 494 -44.41 -22.64 -31.79
N PRO O 495 -44.56 -22.06 -32.97
CA PRO O 495 -44.65 -20.60 -33.07
C PRO O 495 -45.88 -20.06 -32.36
N ALA O 496 -45.72 -18.90 -31.75
CA ALA O 496 -46.82 -18.19 -31.10
C ALA O 496 -46.78 -16.72 -31.48
N LEU O 497 -47.58 -15.89 -30.81
CA LEU O 497 -47.64 -14.47 -31.11
C LEU O 497 -47.63 -13.68 -29.81
N PHE O 498 -47.02 -12.49 -29.86
CA PHE O 498 -46.95 -11.63 -28.68
C PHE O 498 -48.35 -11.33 -28.16
N ASP O 499 -48.53 -11.46 -26.85
CA ASP O 499 -49.86 -11.41 -26.25
C ASP O 499 -49.82 -10.64 -24.94
N ASN O 500 -50.96 -10.65 -24.25
CA ASN O 500 -51.13 -9.97 -22.95
C ASN O 500 -50.52 -8.58 -22.96
N CYS P 3 -12.03 -69.49 10.27
CA CYS P 3 -11.31 -69.12 9.02
C CYS P 3 -12.01 -67.97 8.31
N ASN P 4 -13.33 -67.89 8.46
CA ASN P 4 -14.08 -66.80 7.83
C ASN P 4 -13.84 -65.47 8.52
N LYS P 5 -13.46 -65.49 9.80
CA LYS P 5 -13.31 -64.27 10.59
C LYS P 5 -11.87 -64.03 11.02
N GLN P 6 -10.90 -64.46 10.23
CA GLN P 6 -9.52 -64.11 10.48
C GLN P 6 -9.21 -62.74 9.88
N ASN P 7 -8.37 -61.98 10.57
CA ASN P 7 -8.00 -60.64 10.14
C ASN P 7 -6.50 -60.54 10.04
N GLY P 8 -6.00 -60.31 8.84
CA GLY P 8 -4.58 -60.20 8.60
C GLY P 8 -4.31 -60.06 7.12
N VAL P 9 -3.02 -60.09 6.78
CA VAL P 9 -2.54 -59.93 5.40
C VAL P 9 -2.03 -61.28 4.93
N LYS P 10 -2.37 -61.64 3.69
CA LYS P 10 -2.00 -62.92 3.11
C LYS P 10 -0.85 -62.83 2.12
N ASN P 11 -0.88 -61.85 1.22
CA ASN P 11 0.19 -61.68 0.24
C ASN P 11 0.38 -60.21 -0.06
N ILE P 12 1.61 -59.84 -0.41
CA ILE P 12 1.93 -58.49 -0.87
C ILE P 12 2.87 -58.63 -2.06
N LEU P 13 2.49 -58.06 -3.21
CA LEU P 13 3.30 -58.08 -4.41
C LEU P 13 3.59 -56.65 -4.84
N ILE P 14 4.86 -56.39 -5.17
CA ILE P 14 5.31 -55.05 -5.55
C ILE P 14 6.11 -55.15 -6.83
N THR P 15 5.91 -54.17 -7.73
CA THR P 15 6.62 -54.08 -9.00
C THR P 15 7.25 -52.69 -9.10
N PHE P 16 8.53 -52.66 -9.46
CA PHE P 16 9.29 -51.42 -9.49
C PHE P 16 9.62 -51.04 -10.93
N THR P 17 9.60 -49.73 -11.20
CA THR P 17 9.93 -49.21 -12.53
C THR P 17 10.74 -47.93 -12.34
N HIS P 18 12.05 -48.03 -12.54
CA HIS P 18 12.92 -46.86 -12.33
C HIS P 18 12.54 -45.75 -13.31
N CYS P 19 12.36 -44.54 -12.79
CA CYS P 19 11.85 -43.45 -13.61
C CYS P 19 12.84 -43.04 -14.69
N ASP P 20 14.13 -42.93 -14.36
CA ASP P 20 15.12 -42.34 -15.26
C ASP P 20 15.71 -43.34 -16.25
N THR P 21 15.48 -44.64 -16.08
CA THR P 21 16.03 -45.63 -16.98
C THR P 21 15.03 -46.69 -17.46
N GLY P 22 13.86 -46.77 -16.85
CA GLY P 22 12.83 -47.70 -17.29
C GLY P 22 13.04 -49.14 -16.88
N GLU P 23 14.03 -49.43 -16.04
CA GLU P 23 14.26 -50.80 -15.61
C GLU P 23 13.09 -51.30 -14.77
N VAL P 24 12.76 -52.58 -14.93
CA VAL P 24 11.59 -53.18 -14.30
C VAL P 24 12.02 -54.42 -13.53
N ILE P 25 11.40 -54.63 -12.37
CA ILE P 25 11.60 -55.84 -11.58
C ILE P 25 10.22 -56.43 -11.30
N GLY P 26 10.05 -57.72 -11.62
CA GLY P 26 8.75 -58.34 -11.60
C GLY P 26 8.12 -58.32 -10.21
N PRO P 27 6.93 -58.92 -10.10
CA PRO P 27 6.17 -58.84 -8.85
C PRO P 27 6.74 -59.71 -7.74
N ILE P 28 7.72 -59.18 -7.01
CA ILE P 28 8.35 -59.92 -5.93
C ILE P 28 7.38 -60.03 -4.75
N SER P 29 7.41 -61.16 -4.06
CA SER P 29 6.57 -61.40 -2.90
C SER P 29 7.24 -60.86 -1.65
N HIS P 30 6.54 -60.00 -0.91
CA HIS P 30 7.09 -59.33 0.26
C HIS P 30 6.42 -59.82 1.55
N GLU P 31 6.97 -59.38 2.67
CA GLU P 31 6.45 -59.71 3.99
C GLU P 31 6.45 -58.47 4.87
N GLN P 32 5.92 -58.62 6.09
CA GLN P 32 5.73 -57.48 6.98
C GLN P 32 6.72 -57.53 8.14
N PRO P 33 7.11 -56.37 8.69
CA PRO P 33 8.08 -56.37 9.79
C PRO P 33 7.48 -56.51 11.17
N ASP P 34 6.20 -56.21 11.37
CA ASP P 34 5.57 -56.30 12.68
C ASP P 34 4.07 -56.50 12.47
N ASP P 35 3.29 -56.28 13.53
CA ASP P 35 1.86 -56.61 13.52
C ASP P 35 1.00 -55.53 12.87
N THR P 36 1.55 -54.36 12.55
CA THR P 36 0.77 -53.27 11.99
C THR P 36 0.32 -53.66 10.59
N LEU P 37 -0.97 -53.47 10.30
CA LEU P 37 -1.50 -53.82 9.00
C LEU P 37 -1.58 -52.59 8.08
N PRO P 38 -1.55 -52.78 6.77
CA PRO P 38 -1.71 -51.64 5.87
C PRO P 38 -3.10 -51.03 5.98
N THR P 39 -3.17 -49.73 5.70
CA THR P 39 -4.42 -48.98 5.75
C THR P 39 -4.64 -48.29 4.41
N TYR P 40 -5.91 -48.04 4.10
CA TYR P 40 -6.33 -47.61 2.77
C TYR P 40 -7.27 -46.42 2.88
N LYS P 41 -7.31 -45.61 1.81
CA LYS P 41 -8.39 -44.66 1.58
C LYS P 41 -8.72 -44.73 0.09
N THR P 42 -9.83 -45.38 -0.26
CA THR P 42 -10.15 -45.67 -1.64
C THR P 42 -11.16 -44.70 -2.24
N CYS P 43 -11.63 -43.71 -1.47
CA CYS P 43 -12.57 -42.71 -1.97
C CYS P 43 -11.78 -41.46 -2.34
N ALA P 44 -11.87 -41.06 -3.60
CA ALA P 44 -11.04 -39.97 -4.10
C ALA P 44 -11.41 -38.65 -3.46
N TRP P 45 -12.70 -38.30 -3.48
CA TRP P 45 -13.12 -36.96 -3.06
C TRP P 45 -13.00 -36.79 -1.55
N THR P 46 -13.12 -35.54 -1.11
CA THR P 46 -13.06 -35.17 0.30
C THR P 46 -14.14 -34.14 0.61
N ASN P 47 -14.70 -34.22 1.81
CA ASN P 47 -15.74 -33.31 2.26
C ASN P 47 -15.25 -32.47 3.43
N THR P 48 -15.71 -31.21 3.48
CA THR P 48 -15.36 -30.28 4.55
C THR P 48 -16.63 -29.66 5.09
N ALA P 49 -16.73 -29.55 6.41
CA ALA P 49 -18.00 -29.19 7.04
C ALA P 49 -18.24 -27.69 7.00
N LEU P 50 -19.34 -27.30 6.37
CA LEU P 50 -19.87 -25.94 6.48
C LEU P 50 -20.92 -25.90 7.58
N THR P 51 -21.73 -24.85 7.62
CA THR P 51 -22.81 -24.74 8.60
C THR P 51 -24.07 -25.38 8.06
N ASN P 52 -24.90 -25.87 8.99
CA ASN P 52 -26.25 -26.35 8.68
C ASN P 52 -26.24 -27.57 7.76
N GLY P 53 -25.25 -28.44 7.96
CA GLY P 53 -25.23 -29.72 7.29
C GLY P 53 -24.66 -29.71 5.88
N ALA P 54 -24.20 -28.56 5.39
CA ALA P 54 -23.64 -28.50 4.05
C ALA P 54 -22.14 -28.80 4.10
N VAL P 55 -21.61 -29.28 2.97
CA VAL P 55 -20.21 -29.63 2.85
C VAL P 55 -19.67 -29.08 1.53
N MET P 56 -18.34 -29.01 1.45
CA MET P 56 -17.63 -28.68 0.22
C MET P 56 -16.85 -29.90 -0.23
N ARG P 57 -16.96 -30.24 -1.51
CA ARG P 57 -16.44 -31.49 -2.05
C ARG P 57 -15.30 -31.20 -3.01
N SER P 58 -14.14 -31.80 -2.75
CA SER P 58 -12.92 -31.53 -3.52
C SER P 58 -12.30 -32.84 -3.97
N ALA P 59 -11.21 -32.74 -4.73
CA ALA P 59 -10.71 -33.87 -5.49
C ALA P 59 -9.89 -34.83 -4.64
N SER P 60 -8.77 -34.36 -4.09
CA SER P 60 -7.90 -35.19 -3.27
C SER P 60 -7.41 -36.43 -4.02
N ASN P 61 -6.92 -37.44 -3.29
CA ASN P 61 -6.31 -38.61 -3.89
C ASN P 61 -6.80 -39.88 -3.21
N ALA P 62 -6.44 -41.01 -3.80
CA ALA P 62 -6.57 -42.30 -3.13
C ALA P 62 -5.21 -42.75 -2.63
N THR P 63 -5.16 -43.21 -1.38
CA THR P 63 -3.88 -43.41 -0.70
C THR P 63 -3.80 -44.81 -0.11
N MET P 64 -2.57 -45.28 0.05
CA MET P 64 -2.26 -46.53 0.73
C MET P 64 -1.02 -46.33 1.59
N THR P 65 -0.97 -47.01 2.73
CA THR P 65 0.21 -47.02 3.59
C THR P 65 0.68 -48.46 3.73
N LEU P 66 1.90 -48.73 3.28
CA LEU P 66 2.39 -50.09 3.10
C LEU P 66 3.69 -50.32 3.85
N PRO P 67 3.64 -50.86 5.06
CA PRO P 67 4.88 -51.26 5.74
C PRO P 67 5.32 -52.67 5.35
N VAL P 68 6.55 -52.80 4.83
CA VAL P 68 7.06 -54.07 4.33
C VAL P 68 8.50 -54.26 4.80
N VAL P 69 8.99 -55.49 4.71
CA VAL P 69 10.40 -55.78 4.93
C VAL P 69 11.12 -55.71 3.60
N ARG P 70 12.22 -54.96 3.57
CA ARG P 70 12.90 -54.70 2.32
C ARG P 70 13.46 -55.98 1.71
N ASP P 71 13.47 -56.04 0.39
CA ASP P 71 14.08 -57.17 -0.32
C ASP P 71 15.57 -56.93 -0.47
N PRO P 72 16.44 -57.85 -0.02
CA PRO P 72 17.88 -57.62 -0.12
C PRO P 72 18.41 -57.59 -1.54
N ARG P 73 17.58 -57.74 -2.56
CA ARG P 73 18.00 -57.69 -3.95
C ARG P 73 17.59 -56.40 -4.65
N VAL P 74 17.04 -55.43 -3.93
CA VAL P 74 16.57 -54.17 -4.51
C VAL P 74 17.23 -53.03 -3.76
N PRO P 75 17.70 -51.98 -4.44
CA PRO P 75 18.30 -50.86 -3.71
C PRO P 75 17.29 -50.20 -2.78
N LEU P 76 17.80 -49.67 -1.66
CA LEU P 76 16.92 -49.01 -0.71
C LEU P 76 16.28 -47.76 -1.28
N ALA P 77 16.91 -47.17 -2.30
CA ALA P 77 16.37 -45.95 -2.88
C ALA P 77 15.12 -46.22 -3.71
N TRP P 78 14.87 -47.46 -4.12
CA TRP P 78 13.70 -47.79 -4.90
C TRP P 78 12.42 -47.88 -4.06
N TYR P 79 12.55 -48.11 -2.75
CA TYR P 79 11.42 -48.04 -1.84
C TYR P 79 11.13 -46.61 -1.41
N GLN P 80 11.87 -45.64 -1.94
CA GLN P 80 11.65 -44.23 -1.73
C GLN P 80 11.36 -43.58 -3.08
N GLY P 81 11.32 -42.26 -3.12
CA GLY P 81 10.79 -41.56 -4.27
C GLY P 81 11.55 -41.70 -5.58
N CYS P 82 12.52 -42.61 -5.66
CA CYS P 82 13.30 -42.80 -6.88
C CYS P 82 12.77 -43.91 -7.78
N ALA P 83 11.56 -44.40 -7.58
CA ALA P 83 11.00 -45.41 -8.47
C ALA P 83 9.47 -45.42 -8.36
N GLN P 84 8.84 -45.96 -9.39
CA GLN P 84 7.39 -46.09 -9.44
C GLN P 84 6.97 -47.49 -8.98
N ILE P 85 5.80 -47.58 -8.35
CA ILE P 85 5.42 -48.77 -7.62
C ILE P 85 4.02 -49.22 -8.05
N ASP P 86 3.83 -50.54 -8.16
CA ASP P 86 2.54 -51.16 -8.39
C ASP P 86 2.33 -52.24 -7.35
N ALA P 87 1.22 -52.16 -6.60
CA ALA P 87 1.05 -52.98 -5.41
C ALA P 87 -0.28 -53.72 -5.44
N GLN P 88 -0.30 -54.90 -4.84
CA GLN P 88 -1.51 -55.67 -4.58
C GLN P 88 -1.40 -56.33 -3.21
N VAL P 89 -2.46 -56.24 -2.42
CA VAL P 89 -2.51 -56.81 -1.09
C VAL P 89 -3.73 -57.70 -0.99
N GLU P 90 -3.55 -58.92 -0.49
CA GLU P 90 -4.62 -59.90 -0.36
C GLU P 90 -4.79 -60.27 1.10
N LYS P 91 -6.02 -60.21 1.58
CA LYS P 91 -6.33 -60.55 2.96
C LYS P 91 -6.77 -62.01 3.07
N PHE P 92 -7.01 -62.45 4.30
CA PHE P 92 -7.42 -63.83 4.52
C PHE P 92 -8.88 -64.06 4.14
N ASP P 93 -9.74 -63.04 4.23
CA ASP P 93 -11.14 -63.20 3.89
C ASP P 93 -11.40 -63.25 2.40
N GLY P 94 -10.57 -62.59 1.58
CA GLY P 94 -10.71 -62.59 0.15
C GLY P 94 -10.63 -61.24 -0.51
N THR P 95 -10.40 -60.17 0.25
CA THR P 95 -10.33 -58.83 -0.34
C THR P 95 -8.96 -58.60 -0.95
N VAL P 96 -8.95 -58.10 -2.19
CA VAL P 96 -7.73 -57.78 -2.91
C VAL P 96 -7.77 -56.30 -3.28
N MET P 97 -6.72 -55.57 -2.91
CA MET P 97 -6.61 -54.13 -3.18
C MET P 97 -5.49 -53.91 -4.19
N THR P 98 -5.85 -53.48 -5.40
CA THR P 98 -4.90 -53.33 -6.50
C THR P 98 -4.66 -51.86 -6.77
N LEU P 99 -3.40 -51.45 -6.71
CA LEU P 99 -2.97 -50.09 -6.99
C LEU P 99 -1.89 -50.12 -8.05
N THR P 100 -1.98 -49.22 -9.03
CA THR P 100 -1.01 -49.15 -10.10
C THR P 100 -0.63 -47.71 -10.36
N GLU P 101 0.59 -47.52 -10.87
CA GLU P 101 1.12 -46.18 -11.16
C GLU P 101 1.17 -45.32 -9.91
N GLY P 102 1.75 -45.85 -8.83
CA GLY P 102 1.80 -45.11 -7.58
C GLY P 102 3.06 -44.27 -7.46
N ALA P 103 2.98 -43.27 -6.57
CA ALA P 103 4.09 -42.37 -6.30
C ALA P 103 4.29 -42.28 -4.79
N VAL P 104 5.53 -42.42 -4.35
CA VAL P 104 5.85 -42.39 -2.93
C VAL P 104 6.16 -40.95 -2.54
N THR P 105 5.44 -40.44 -1.54
CA THR P 105 5.51 -39.04 -1.15
C THR P 105 6.21 -38.90 0.20
N GLU P 106 7.15 -37.97 0.27
CA GLU P 106 7.84 -37.62 1.50
C GLU P 106 8.39 -38.85 2.19
N PRO P 107 9.43 -39.48 1.64
CA PRO P 107 10.00 -40.67 2.28
C PRO P 107 10.60 -40.35 3.64
N GLU P 108 10.70 -41.38 4.46
CA GLU P 108 11.26 -41.27 5.80
C GLU P 108 12.48 -42.17 5.91
N GLU P 109 13.37 -41.83 6.83
CA GLU P 109 14.64 -42.54 6.93
C GLU P 109 14.43 -43.96 7.46
N SER P 110 15.12 -44.91 6.85
CA SER P 110 15.01 -46.32 7.18
C SER P 110 16.36 -46.88 7.63
N ASP P 111 16.31 -47.93 8.44
CA ASP P 111 17.50 -48.59 8.95
C ASP P 111 18.02 -49.67 8.01
N GLY P 112 17.36 -49.89 6.88
CA GLY P 112 17.82 -50.85 5.90
C GLY P 112 17.10 -52.18 5.90
N ARG P 113 16.18 -52.41 6.84
CA ARG P 113 15.39 -53.64 6.87
C ARG P 113 13.90 -53.39 6.71
N ALA P 114 13.34 -52.46 7.48
CA ALA P 114 11.91 -52.18 7.47
C ALA P 114 11.67 -50.82 6.81
N VAL P 115 10.72 -50.78 5.88
CA VAL P 115 10.38 -49.56 5.16
C VAL P 115 8.88 -49.36 5.21
N THR P 116 8.46 -48.11 5.42
CA THR P 116 7.06 -47.73 5.38
C THR P 116 6.88 -46.71 4.26
N MET P 117 6.08 -47.07 3.26
CA MET P 117 5.83 -46.22 2.11
C MET P 117 4.45 -45.60 2.23
N THR P 118 4.34 -44.32 1.89
CA THR P 118 3.06 -43.65 1.73
C THR P 118 2.84 -43.45 0.23
N ILE P 119 1.88 -44.16 -0.33
CA ILE P 119 1.66 -44.21 -1.78
C ILE P 119 0.36 -43.49 -2.08
N ILE P 120 0.32 -42.79 -3.21
CA ILE P 120 -0.89 -42.13 -3.69
C ILE P 120 -1.13 -42.56 -5.13
N ALA P 121 -2.38 -42.45 -5.56
CA ALA P 121 -2.76 -42.85 -6.90
C ALA P 121 -4.08 -42.20 -7.26
N ALA P 122 -4.43 -42.31 -8.55
CA ALA P 122 -5.72 -41.76 -9.00
C ALA P 122 -6.87 -42.63 -8.52
N GLU P 123 -6.70 -43.95 -8.50
CA GLU P 123 -7.74 -44.87 -8.08
C GLU P 123 -7.10 -46.08 -7.40
N ILE P 124 -7.93 -46.79 -6.63
CA ILE P 124 -7.56 -48.08 -6.05
C ILE P 124 -8.74 -49.03 -6.26
N ASP P 125 -8.45 -50.24 -6.70
CA ASP P 125 -9.47 -51.22 -7.04
C ASP P 125 -9.66 -52.16 -5.85
N GLU P 126 -10.91 -52.35 -5.44
CA GLU P 126 -11.25 -53.26 -4.35
C GLU P 126 -12.10 -54.39 -4.91
N LEU P 127 -11.70 -55.62 -4.61
CA LEU P 127 -12.38 -56.82 -5.09
C LEU P 127 -12.89 -57.60 -3.88
N LEU P 128 -14.18 -57.48 -3.59
CA LEU P 128 -14.78 -58.07 -2.42
C LEU P 128 -14.97 -59.58 -2.60
N PRO P 129 -15.13 -60.33 -1.52
CA PRO P 129 -15.44 -61.74 -1.67
C PRO P 129 -16.74 -61.92 -2.42
N PRO P 130 -17.01 -63.12 -2.92
CA PRO P 130 -18.23 -63.33 -3.71
C PRO P 130 -19.49 -63.00 -2.91
N GLY P 131 -20.46 -62.39 -3.60
CA GLY P 131 -21.75 -62.13 -3.00
C GLY P 131 -21.94 -60.72 -2.47
N SER P 132 -21.33 -59.74 -3.13
CA SER P 132 -21.45 -58.36 -2.70
C SER P 132 -22.75 -57.75 -3.20
N LEU P 133 -23.12 -56.61 -2.62
CA LEU P 133 -24.36 -55.92 -2.94
C LEU P 133 -24.15 -54.73 -3.89
N ALA P 134 -23.06 -53.99 -3.72
CA ALA P 134 -22.80 -52.85 -4.60
C ALA P 134 -22.47 -53.33 -6.00
N ALA P 135 -22.84 -52.53 -6.98
CA ALA P 135 -22.57 -52.86 -8.39
C ALA P 135 -21.14 -52.47 -8.76
N MET Q 1 62.41 16.68 -52.72
CA MET Q 1 61.44 17.81 -52.61
C MET Q 1 60.01 17.27 -52.49
N ALA Q 2 59.26 17.78 -51.51
CA ALA Q 2 57.90 17.33 -51.27
C ALA Q 2 57.04 18.54 -50.93
N GLN Q 3 55.83 18.27 -50.42
CA GLN Q 3 54.85 19.29 -50.14
C GLN Q 3 54.50 19.27 -48.66
N ASP Q 4 54.26 20.44 -48.08
CA ASP Q 4 54.18 20.55 -46.62
C ASP Q 4 53.10 19.65 -46.03
N ALA Q 5 51.89 19.70 -46.60
CA ALA Q 5 50.78 18.95 -46.02
C ALA Q 5 51.02 17.44 -46.00
N LEU Q 6 51.85 16.93 -46.92
CA LEU Q 6 52.07 15.50 -47.06
C LEU Q 6 53.45 15.05 -46.61
N SER Q 7 54.28 15.95 -46.09
CA SER Q 7 55.68 15.62 -45.83
C SER Q 7 55.90 14.90 -44.50
N ASP Q 8 55.05 15.12 -43.50
CA ASP Q 8 55.26 14.49 -42.20
C ASP Q 8 55.05 12.99 -42.22
N GLY Q 9 54.42 12.45 -43.27
CA GLY Q 9 54.27 11.02 -43.39
C GLY Q 9 53.13 10.41 -42.61
N PHE Q 10 52.30 11.23 -41.95
CA PHE Q 10 51.15 10.67 -41.24
C PHE Q 10 50.09 10.19 -42.22
N VAL Q 11 49.85 10.94 -43.29
CA VAL Q 11 48.90 10.56 -44.32
C VAL Q 11 49.68 10.12 -45.55
N ARG Q 12 49.38 8.92 -46.04
CA ARG Q 12 50.03 8.37 -47.23
C ARG Q 12 49.00 8.28 -48.34
N LEU Q 13 49.16 9.12 -49.36
CA LEU Q 13 48.14 9.36 -50.36
C LEU Q 13 48.46 8.59 -51.63
N CYS Q 14 47.45 7.92 -52.19
CA CYS Q 14 47.55 7.23 -53.47
C CYS Q 14 46.35 7.63 -54.31
N ILE Q 15 46.61 8.13 -55.52
CA ILE Q 15 45.57 8.58 -56.44
C ILE Q 15 45.56 7.64 -57.62
N ASP Q 16 44.42 6.99 -57.86
CA ASP Q 16 44.27 6.04 -58.95
C ASP Q 16 42.82 5.99 -59.41
N PRO Q 17 42.52 6.43 -60.63
CA PRO Q 17 41.11 6.43 -61.07
C PRO Q 17 40.60 5.08 -61.53
N SER Q 18 41.33 4.00 -61.25
CA SER Q 18 40.95 2.67 -61.72
C SER Q 18 40.77 1.65 -60.61
N LEU Q 19 40.85 2.04 -59.35
CA LEU Q 19 40.64 1.09 -58.26
C LEU Q 19 39.16 0.78 -58.11
N ASN Q 20 38.87 -0.39 -57.53
CA ASN Q 20 37.50 -0.86 -57.31
C ASN Q 20 37.36 -1.30 -55.87
N PHE Q 21 36.34 -0.77 -55.18
CA PHE Q 21 36.10 -1.11 -53.79
C PHE Q 21 35.28 -2.39 -53.64
N PHE Q 22 34.66 -2.87 -54.71
CA PHE Q 22 33.80 -4.04 -54.60
C PHE Q 22 34.63 -5.29 -54.35
N GLY Q 23 34.09 -6.18 -53.51
CA GLY Q 23 34.70 -7.46 -53.29
C GLY Q 23 34.40 -8.42 -54.42
N GLU Q 24 34.90 -9.64 -54.28
CA GLU Q 24 34.69 -10.67 -55.29
C GLU Q 24 33.26 -11.18 -55.22
N GLY Q 25 32.51 -11.02 -56.31
CA GLY Q 25 31.13 -11.44 -56.37
C GLY Q 25 30.99 -12.94 -56.58
N CYS Q 26 30.04 -13.31 -57.42
CA CYS Q 26 29.84 -14.70 -57.76
C CYS Q 26 30.86 -15.13 -58.81
N LYS Q 27 30.72 -16.38 -59.26
CA LYS Q 27 31.55 -16.91 -60.33
C LYS Q 27 30.64 -17.44 -61.44
N ILE Q 28 30.93 -17.05 -62.68
CA ILE Q 28 30.19 -17.50 -63.84
C ILE Q 28 31.19 -18.06 -64.85
N LEU Q 29 30.80 -19.13 -65.53
CA LEU Q 29 31.65 -19.83 -66.49
C LEU Q 29 31.03 -19.77 -67.86
N VAL Q 30 31.84 -19.48 -68.88
CA VAL Q 30 31.40 -19.36 -70.26
C VAL Q 30 32.16 -20.39 -71.09
N GLU Q 31 31.43 -21.15 -71.90
CA GLU Q 31 31.99 -22.24 -72.68
C GLU Q 31 31.67 -22.04 -74.15
N GLY Q 32 32.68 -22.11 -74.99
CA GLY Q 32 32.49 -21.86 -76.41
C GLY Q 32 33.76 -22.15 -77.20
N GLN Q 33 33.66 -21.91 -78.51
CA GLN Q 33 34.76 -22.24 -79.41
C GLN Q 33 35.83 -21.14 -79.39
N ILE Q 34 37.02 -21.50 -79.86
CA ILE Q 34 38.09 -20.55 -80.09
C ILE Q 34 38.62 -20.74 -81.51
N THR Q 35 39.61 -19.95 -81.89
CA THR Q 35 40.20 -20.04 -83.22
C THR Q 35 41.69 -20.30 -83.09
N ASP Q 36 42.30 -20.76 -84.19
CA ASP Q 36 43.71 -21.15 -84.17
C ASP Q 36 44.64 -20.02 -83.82
N ASP Q 37 44.21 -18.77 -83.94
CA ASP Q 37 45.06 -17.62 -83.61
C ASP Q 37 45.03 -17.26 -82.14
N ALA Q 38 44.29 -18.01 -81.32
CA ALA Q 38 44.21 -17.73 -79.90
C ALA Q 38 45.49 -18.17 -79.19
N THR Q 39 45.77 -17.51 -78.06
CA THR Q 39 46.92 -17.86 -77.24
C THR Q 39 46.53 -18.55 -75.93
N ALA Q 40 45.24 -18.73 -75.67
CA ALA Q 40 44.81 -19.40 -74.46
C ALA Q 40 44.94 -20.91 -74.61
N ALA Q 41 45.12 -21.59 -73.48
CA ALA Q 41 45.29 -23.03 -73.49
C ALA Q 41 43.94 -23.73 -73.65
N GLU Q 42 43.93 -24.77 -74.48
CA GLU Q 42 42.70 -25.53 -74.71
C GLU Q 42 42.33 -26.34 -73.49
N ASN Q 43 41.03 -26.50 -73.27
CA ASN Q 43 40.49 -27.37 -72.21
C ASN Q 43 41.08 -27.02 -70.84
N VAL Q 44 41.18 -25.74 -70.52
CA VAL Q 44 41.67 -25.29 -69.22
C VAL Q 44 40.89 -24.06 -68.80
N VAL Q 45 40.20 -24.15 -67.67
CA VAL Q 45 39.42 -23.03 -67.16
C VAL Q 45 40.37 -21.94 -66.70
N THR Q 46 40.11 -20.71 -67.15
CA THR Q 46 40.98 -19.58 -66.85
C THR Q 46 40.13 -18.38 -66.47
N CYS Q 47 40.76 -17.44 -65.75
CA CYS Q 47 40.08 -16.25 -65.25
C CYS Q 47 40.19 -15.13 -66.28
N VAL Q 48 39.12 -14.37 -66.42
CA VAL Q 48 39.08 -13.20 -67.31
C VAL Q 48 38.83 -11.97 -66.44
N ASN Q 49 39.67 -10.95 -66.61
CA ASN Q 49 39.62 -9.77 -65.75
C ASN Q 49 39.02 -8.55 -66.42
N SER Q 50 38.99 -8.49 -67.75
CA SER Q 50 38.39 -7.37 -68.45
C SER Q 50 38.20 -7.77 -69.91
N GLU Q 51 37.36 -7.01 -70.61
CA GLU Q 51 37.08 -7.29 -72.01
C GLU Q 51 38.21 -6.82 -72.92
N LEU Q 52 39.13 -6.01 -72.41
CA LEU Q 52 40.17 -5.44 -73.26
C LEU Q 52 41.12 -6.50 -73.79
N ASP Q 53 41.28 -7.61 -73.06
CA ASP Q 53 42.26 -8.63 -73.44
C ASP Q 53 41.73 -9.63 -74.45
N LEU Q 54 40.46 -9.52 -74.85
CA LEU Q 54 39.91 -10.47 -75.81
C LEU Q 54 40.64 -10.35 -77.15
N VAL Q 55 40.24 -11.21 -78.09
CA VAL Q 55 40.86 -11.29 -79.41
C VAL Q 55 42.25 -11.88 -79.28
N GLU Q 56 43.12 -11.20 -78.53
CA GLU Q 56 44.49 -11.69 -78.35
C GLU Q 56 44.50 -13.05 -77.67
N ARG Q 57 43.64 -13.25 -76.67
CA ARG Q 57 43.67 -14.48 -75.90
C ARG Q 57 42.76 -15.56 -76.50
N PHE Q 58 41.53 -15.21 -76.85
CA PHE Q 58 40.54 -16.17 -77.28
C PHE Q 58 40.28 -16.14 -78.79
N GLY Q 59 41.11 -15.45 -79.55
CA GLY Q 59 40.99 -15.50 -81.00
C GLY Q 59 40.12 -14.38 -81.56
N GLN Q 60 40.29 -14.13 -82.85
CA GLN Q 60 39.60 -13.03 -83.51
C GLN Q 60 38.18 -13.42 -83.91
N GLY Q 61 37.20 -12.67 -83.43
CA GLY Q 61 35.82 -12.89 -83.83
C GLY Q 61 35.30 -14.28 -83.55
N SER Q 62 35.82 -14.95 -82.53
CA SER Q 62 35.36 -16.29 -82.19
C SER Q 62 34.10 -16.22 -81.35
N VAL Q 63 33.40 -17.36 -81.27
CA VAL Q 63 32.16 -17.42 -80.50
C VAL Q 63 32.40 -17.01 -79.06
N LEU Q 64 33.47 -17.52 -78.46
CA LEU Q 64 33.73 -17.24 -77.05
C LEU Q 64 33.94 -15.76 -76.79
N THR Q 65 34.69 -15.09 -77.68
CA THR Q 65 34.90 -13.66 -77.51
C THR Q 65 33.58 -12.90 -77.59
N GLU Q 66 32.72 -13.27 -78.53
CA GLU Q 66 31.44 -12.59 -78.66
C GLU Q 66 30.58 -12.79 -77.42
N SER Q 67 30.57 -14.01 -76.88
CA SER Q 67 29.81 -14.28 -75.67
C SER Q 67 30.35 -13.45 -74.50
N LEU Q 68 31.68 -13.40 -74.36
CA LEU Q 68 32.28 -12.66 -73.26
C LEU Q 68 32.03 -11.17 -73.37
N ARG Q 69 31.98 -10.64 -74.59
CA ARG Q 69 31.69 -9.22 -74.76
C ARG Q 69 30.34 -8.85 -74.18
N LYS Q 70 29.31 -9.67 -74.42
CA LYS Q 70 28.00 -9.42 -73.81
C LYS Q 70 28.02 -9.69 -72.32
N VAL Q 71 28.71 -10.75 -71.89
CA VAL Q 71 28.76 -11.08 -70.47
C VAL Q 71 29.32 -9.90 -69.67
N PHE Q 72 30.38 -9.29 -70.18
CA PHE Q 72 30.98 -8.17 -69.45
C PHE Q 72 30.13 -6.92 -69.53
N CYS Q 73 29.37 -6.74 -70.61
CA CYS Q 73 28.58 -5.52 -70.76
C CYS Q 73 27.34 -5.56 -69.88
N MET Q 74 26.74 -6.73 -69.72
CA MET Q 74 25.59 -6.88 -68.83
C MET Q 74 25.93 -6.66 -67.36
N CYS Q 75 27.21 -6.80 -66.97
CA CYS Q 75 27.60 -6.78 -65.56
C CYS Q 75 28.68 -5.72 -65.35
N LYS Q 76 28.28 -4.57 -64.81
CA LYS Q 76 29.25 -3.54 -64.47
C LYS Q 76 29.98 -3.87 -63.18
N SER Q 77 29.41 -4.71 -62.33
CA SER Q 77 30.03 -5.06 -61.06
C SER Q 77 29.32 -6.28 -60.48
N GLY Q 78 29.96 -6.89 -59.48
CA GLY Q 78 29.36 -7.96 -58.74
C GLY Q 78 29.41 -9.32 -59.38
N VAL Q 79 30.39 -9.59 -60.24
CA VAL Q 79 30.51 -10.90 -60.89
C VAL Q 79 31.98 -11.15 -61.23
N SER Q 80 32.35 -12.43 -61.25
CA SER Q 80 33.67 -12.87 -61.68
C SER Q 80 33.49 -13.82 -62.86
N VAL Q 81 34.19 -13.55 -63.95
CA VAL Q 81 33.99 -14.26 -65.21
C VAL Q 81 35.11 -15.27 -65.41
N TYR Q 82 34.75 -16.49 -65.78
CA TYR Q 82 35.69 -17.54 -66.13
C TYR Q 82 35.34 -18.09 -67.50
N ALA Q 83 36.34 -18.61 -68.21
CA ALA Q 83 36.19 -19.09 -69.57
C ALA Q 83 36.72 -20.50 -69.70
N LEU Q 84 36.06 -21.31 -70.54
CA LEU Q 84 36.45 -22.69 -70.80
C LEU Q 84 36.54 -22.88 -72.32
N PRO Q 85 37.65 -22.50 -72.94
CA PRO Q 85 37.74 -22.57 -74.40
C PRO Q 85 37.68 -24.00 -74.92
N ARG Q 86 37.14 -24.14 -76.12
CA ARG Q 86 37.04 -25.42 -76.81
C ARG Q 86 37.46 -25.23 -78.27
N ALA Q 87 37.98 -26.29 -78.87
CA ALA Q 87 38.47 -26.21 -80.24
C ALA Q 87 37.53 -26.92 -81.21
N ASP Q 88 37.56 -26.47 -82.46
CA ASP Q 88 36.73 -27.07 -83.49
C ASP Q 88 37.17 -28.50 -83.77
N ALA Q 89 36.20 -29.34 -84.13
CA ALA Q 89 36.51 -30.69 -84.57
C ALA Q 89 37.35 -30.62 -85.85
N ALA Q 90 38.39 -31.45 -85.92
CA ALA Q 90 39.31 -31.38 -87.04
C ALA Q 90 38.63 -31.64 -88.38
N ALA Q 91 37.50 -32.35 -88.39
CA ALA Q 91 36.80 -32.68 -89.62
C ALA Q 91 35.60 -31.78 -89.89
N ALA Q 92 35.41 -30.72 -89.11
CA ALA Q 92 34.24 -29.87 -89.27
C ALA Q 92 34.34 -29.02 -90.53
N VAL Q 93 33.19 -28.71 -91.11
CA VAL Q 93 33.10 -27.90 -92.33
C VAL Q 93 32.34 -26.62 -92.02
N SER Q 94 32.83 -25.51 -92.55
CA SER Q 94 32.22 -24.21 -92.30
C SER Q 94 31.09 -23.95 -93.28
N ALA Q 95 30.02 -23.33 -92.79
CA ALA Q 95 28.88 -23.00 -93.63
C ALA Q 95 29.16 -21.75 -94.47
N VAL Q 96 28.50 -21.67 -95.62
CA VAL Q 96 28.73 -20.61 -96.59
C VAL Q 96 27.40 -19.99 -96.99
N TYR Q 97 27.38 -18.66 -97.12
CA TYR Q 97 26.22 -17.93 -97.61
C TYR Q 97 26.65 -16.99 -98.72
N THR Q 98 25.71 -16.66 -99.60
CA THR Q 98 25.95 -15.79 -100.74
C THR Q 98 25.04 -14.57 -100.66
N LEU Q 99 25.64 -13.39 -100.76
CA LEU Q 99 24.92 -12.12 -100.84
C LEU Q 99 25.21 -11.50 -102.20
N THR Q 100 24.18 -11.41 -103.05
CA THR Q 100 24.33 -10.95 -104.42
C THR Q 100 23.60 -9.62 -104.60
N VAL Q 101 24.32 -8.62 -105.07
CA VAL Q 101 23.72 -7.33 -105.42
C VAL Q 101 23.27 -7.39 -106.87
N THR Q 102 22.18 -6.69 -107.18
CA THR Q 102 21.62 -6.70 -108.52
C THR Q 102 21.14 -5.31 -108.90
N GLY Q 103 20.91 -5.11 -110.19
CA GLY Q 103 20.47 -3.84 -110.70
C GLY Q 103 21.60 -2.84 -110.86
N THR Q 104 21.21 -1.58 -111.06
CA THR Q 104 22.18 -0.50 -111.20
C THR Q 104 21.56 0.77 -110.64
N ALA Q 105 22.26 1.40 -109.70
CA ALA Q 105 21.72 2.57 -109.03
C ALA Q 105 21.51 3.72 -110.00
N LEU Q 106 20.40 4.44 -109.82
CA LEU Q 106 20.11 5.61 -110.64
C LEU Q 106 19.69 6.81 -109.81
N THR Q 107 19.69 6.70 -108.48
CA THR Q 107 19.46 7.83 -107.60
C THR Q 107 20.41 7.73 -106.41
N ASP Q 108 20.71 8.89 -105.82
CA ASP Q 108 21.56 8.93 -104.65
C ASP Q 108 20.77 8.58 -103.40
N GLY Q 109 21.49 8.22 -102.34
CA GLY Q 109 20.85 7.87 -101.09
C GLY Q 109 21.78 7.05 -100.22
N ARG Q 110 21.18 6.32 -99.28
CA ARG Q 110 21.91 5.50 -98.32
C ARG Q 110 21.32 4.10 -98.27
N VAL Q 111 22.17 3.13 -97.95
CA VAL Q 111 21.76 1.77 -97.66
C VAL Q 111 22.39 1.35 -96.34
N GLN Q 112 21.57 0.82 -95.44
CA GLN Q 112 22.02 0.36 -94.14
C GLN Q 112 21.47 -1.04 -93.89
N LEU Q 113 22.35 -1.98 -93.59
CA LEU Q 113 22.02 -3.39 -93.45
C LEU Q 113 22.14 -3.82 -92.01
N TYR Q 114 21.28 -4.76 -91.61
CA TYR Q 114 21.38 -5.38 -90.29
C TYR Q 114 21.94 -6.79 -90.44
N MET Q 115 22.96 -7.11 -89.65
CA MET Q 115 23.69 -8.36 -89.77
C MET Q 115 23.96 -8.93 -88.38
N GLY Q 116 23.13 -9.88 -87.96
CA GLY Q 116 23.38 -10.61 -86.74
C GLY Q 116 23.03 -9.87 -85.47
N GLU Q 117 23.55 -8.65 -85.33
CA GLU Q 117 23.32 -7.87 -84.11
C GLU Q 117 23.64 -6.42 -84.42
N ALA Q 118 23.13 -5.52 -83.58
CA ALA Q 118 23.28 -4.10 -83.82
C ALA Q 118 24.74 -3.67 -83.89
N GLU Q 119 25.61 -4.35 -83.14
CA GLU Q 119 27.03 -3.98 -83.16
C GLU Q 119 27.68 -4.22 -84.52
N TYR Q 120 27.15 -5.15 -85.31
CA TYR Q 120 27.73 -5.50 -86.59
C TYR Q 120 26.88 -5.03 -87.77
N SER Q 121 25.84 -4.27 -87.52
CA SER Q 121 25.09 -3.62 -88.59
C SER Q 121 25.82 -2.37 -89.05
N LEU Q 122 25.74 -2.09 -90.35
CA LEU Q 122 26.51 -1.02 -90.97
C LEU Q 122 25.59 -0.16 -91.83
N ASP Q 123 25.94 1.12 -91.91
CA ASP Q 123 25.27 2.07 -92.80
C ASP Q 123 26.28 2.58 -93.81
N ILE Q 124 26.02 2.34 -95.08
CA ILE Q 124 26.93 2.70 -96.17
C ILE Q 124 26.11 3.41 -97.24
N GLY Q 125 26.64 4.53 -97.74
CA GLY Q 125 25.91 5.38 -98.65
C GLY Q 125 26.56 5.52 -100.01
N VAL Q 126 25.75 5.94 -100.97
CA VAL Q 126 26.21 6.23 -102.33
C VAL Q 126 25.70 7.61 -102.71
N ASP Q 127 26.52 8.38 -103.42
CA ASP Q 127 26.20 9.75 -103.75
C ASP Q 127 25.92 9.99 -105.23
N GLU Q 128 25.96 8.95 -106.07
CA GLU Q 128 25.72 9.10 -107.48
C GLU Q 128 25.09 7.83 -108.04
N GLY Q 129 24.41 7.99 -109.17
CA GLY Q 129 23.82 6.87 -109.85
C GLY Q 129 24.80 6.23 -110.82
N ASP Q 130 24.28 5.31 -111.61
CA ASP Q 130 25.07 4.61 -112.63
C ASP Q 130 26.22 3.85 -112.00
N THR Q 131 26.13 3.58 -110.70
CA THR Q 131 27.16 2.79 -110.03
C THR Q 131 26.85 1.31 -110.25
N PRO Q 132 27.73 0.54 -110.90
CA PRO Q 132 27.43 -0.87 -111.14
C PRO Q 132 27.40 -1.65 -109.83
N THR Q 133 27.10 -2.94 -109.94
CA THR Q 133 27.21 -3.82 -108.79
C THR Q 133 28.64 -3.88 -108.27
N GLN Q 134 29.62 -3.53 -109.10
CA GLN Q 134 31.02 -3.49 -108.69
C GLN Q 134 31.33 -2.31 -107.78
N ILE Q 135 30.78 -1.13 -108.06
CA ILE Q 135 30.88 -0.03 -107.11
C ILE Q 135 30.09 -0.34 -105.85
N ALA Q 136 28.93 -0.99 -105.99
CA ALA Q 136 28.34 -1.70 -104.86
C ALA Q 136 29.28 -2.84 -104.45
N ALA Q 137 28.95 -3.50 -103.35
CA ALA Q 137 29.86 -4.45 -102.70
C ALA Q 137 31.04 -3.73 -102.07
N LYS Q 138 30.97 -2.40 -101.98
CA LYS Q 138 31.89 -1.63 -101.15
C LYS Q 138 31.59 -1.78 -99.67
N ILE Q 139 30.71 -2.72 -99.31
CA ILE Q 139 30.35 -2.95 -97.92
C ILE Q 139 31.58 -3.32 -97.10
N VAL Q 140 32.48 -4.10 -97.67
CA VAL Q 140 33.67 -4.55 -96.95
C VAL Q 140 34.46 -3.40 -96.34
N ALA Q 141 34.33 -2.19 -96.88
CA ALA Q 141 34.96 -1.04 -96.25
C ALA Q 141 34.35 -0.73 -94.89
N ALA Q 142 33.16 -1.24 -94.60
CA ALA Q 142 32.48 -1.01 -93.34
C ALA Q 142 32.32 -2.27 -92.49
N ILE Q 143 32.43 -3.45 -93.08
CA ILE Q 143 32.30 -4.68 -92.31
C ILE Q 143 33.33 -4.71 -91.20
N SER Q 144 32.89 -5.09 -90.00
CA SER Q 144 33.74 -5.03 -88.82
C SER Q 144 34.68 -6.23 -88.76
N PRO Q 145 35.84 -6.07 -88.11
CA PRO Q 145 36.73 -7.22 -87.95
C PRO Q 145 36.19 -8.31 -87.05
N ASP Q 146 35.23 -7.98 -86.18
CA ASP Q 146 34.71 -8.94 -85.20
C ASP Q 146 33.53 -9.75 -85.72
N PHE Q 147 33.08 -9.50 -86.94
CA PHE Q 147 31.99 -10.27 -87.49
C PHE Q 147 32.42 -11.74 -87.63
N PRO Q 148 31.65 -12.70 -87.10
CA PRO Q 148 32.10 -14.10 -87.12
C PRO Q 148 32.28 -14.71 -88.49
N TYR Q 149 32.05 -13.95 -89.57
CA TYR Q 149 32.14 -14.47 -90.92
C TYR Q 149 33.10 -13.63 -91.74
N GLU Q 150 33.60 -14.22 -92.82
CA GLU Q 150 34.53 -13.55 -93.72
C GLU Q 150 33.81 -13.17 -95.01
N ALA Q 151 33.99 -11.93 -95.46
CA ALA Q 151 33.44 -11.43 -96.70
C ALA Q 151 34.57 -11.35 -97.73
N THR Q 152 34.35 -11.95 -98.90
CA THR Q 152 35.39 -12.10 -99.91
C THR Q 152 35.33 -11.06 -101.02
N ALA Q 153 34.16 -10.49 -101.29
CA ALA Q 153 34.01 -9.49 -102.35
C ALA Q 153 34.44 -10.06 -103.69
N ALA Q 154 33.71 -11.07 -104.18
CA ALA Q 154 34.08 -11.78 -105.40
C ALA Q 154 33.38 -11.11 -106.59
N ALA Q 155 33.88 -9.93 -106.96
CA ALA Q 155 33.47 -9.23 -108.17
C ALA Q 155 31.97 -8.94 -108.16
N GLY Q 156 31.55 -8.09 -107.22
CA GLY Q 156 30.18 -7.63 -107.15
C GLY Q 156 29.28 -8.42 -106.24
N VAL Q 157 29.70 -9.62 -105.81
CA VAL Q 157 28.94 -10.43 -104.86
C VAL Q 157 29.88 -10.81 -103.73
N ILE Q 158 29.43 -10.58 -102.49
CA ILE Q 158 30.20 -10.89 -101.30
C ILE Q 158 29.71 -12.21 -100.76
N THR Q 159 30.63 -13.14 -100.54
CA THR Q 159 30.31 -14.47 -100.03
C THR Q 159 30.75 -14.56 -98.57
N LEU Q 160 29.90 -15.16 -97.74
CA LEU Q 160 30.10 -15.19 -96.30
C LEU Q 160 30.37 -16.62 -95.87
N THR Q 161 31.46 -16.81 -95.11
CA THR Q 161 31.84 -18.11 -94.59
C THR Q 161 32.15 -17.99 -93.11
N ALA Q 162 31.74 -19.00 -92.34
CA ALA Q 162 31.90 -18.95 -90.89
C ALA Q 162 33.36 -19.11 -90.48
N ARG Q 163 33.73 -18.42 -89.40
CA ARG Q 163 35.08 -18.57 -88.86
C ARG Q 163 35.21 -19.81 -87.98
N ASN Q 164 34.09 -20.43 -87.60
CA ASN Q 164 34.09 -21.62 -86.77
C ASN Q 164 33.27 -22.71 -87.47
N GLY Q 165 33.78 -23.92 -87.45
CA GLY Q 165 33.12 -25.03 -88.10
C GLY Q 165 31.89 -25.48 -87.34
N GLY Q 166 31.22 -26.49 -87.89
CA GLY Q 166 30.04 -27.02 -87.24
C GLY Q 166 28.81 -26.19 -87.55
N THR Q 167 27.76 -26.47 -86.78
CA THR Q 167 26.46 -25.84 -87.01
C THR Q 167 26.33 -24.48 -86.33
N ILE Q 168 27.34 -24.05 -85.58
CA ILE Q 168 27.21 -22.79 -84.84
C ILE Q 168 27.07 -21.61 -85.79
N GLY Q 169 27.76 -21.65 -86.93
CA GLY Q 169 27.64 -20.58 -87.90
C GLY Q 169 26.46 -20.71 -88.83
N ASN Q 170 25.60 -21.69 -88.61
CA ASN Q 170 24.47 -21.99 -89.48
C ASN Q 170 23.25 -21.11 -89.20
N HIS Q 171 23.43 -19.96 -88.54
CA HIS Q 171 22.32 -19.17 -88.04
C HIS Q 171 22.31 -17.71 -88.48
N LEU Q 172 23.19 -17.31 -89.39
CA LEU Q 172 23.31 -15.89 -89.73
C LEU Q 172 22.07 -15.40 -90.45
N SER Q 173 21.72 -14.13 -90.20
CA SER Q 173 20.57 -13.49 -90.82
C SER Q 173 20.96 -12.07 -91.23
N VAL Q 174 20.53 -11.66 -92.42
CA VAL Q 174 20.78 -10.33 -92.95
C VAL Q 174 19.47 -9.75 -93.44
N ILE Q 175 19.24 -8.47 -93.16
CA ILE Q 175 17.96 -7.81 -93.43
C ILE Q 175 18.24 -6.50 -94.16
N TYR Q 176 17.35 -6.14 -95.09
CA TYR Q 176 17.50 -4.94 -95.91
C TYR Q 176 16.35 -4.01 -95.50
N THR Q 177 16.63 -3.19 -94.48
CA THR Q 177 15.57 -2.64 -93.63
C THR Q 177 14.81 -1.49 -94.28
N ASN Q 178 15.48 -0.62 -95.03
CA ASN Q 178 14.95 0.72 -95.29
C ASN Q 178 13.75 0.73 -96.25
N LEU Q 179 13.18 -0.41 -96.62
CA LEU Q 179 12.01 -0.43 -97.49
C LEU Q 179 10.72 -0.03 -96.79
N GLY Q 180 10.65 -0.10 -95.46
CA GLY Q 180 9.42 0.19 -94.77
C GLY Q 180 8.94 1.61 -94.95
N SER Q 181 7.94 2.03 -94.18
CA SER Q 181 7.45 3.40 -94.22
C SER Q 181 8.49 4.27 -93.51
N CYS Q 182 9.67 4.35 -94.11
CA CYS Q 182 10.84 4.94 -93.49
C CYS Q 182 11.15 6.28 -94.15
N THR Q 183 11.93 7.10 -93.43
CA THR Q 183 12.30 8.42 -93.90
C THR Q 183 13.65 8.46 -94.60
N SER Q 184 14.31 7.31 -94.78
CA SER Q 184 15.62 7.26 -95.41
C SER Q 184 15.47 7.05 -96.91
N VAL Q 185 16.22 7.82 -97.69
CA VAL Q 185 16.15 7.75 -99.14
C VAL Q 185 17.12 6.67 -99.61
N THR Q 186 16.59 5.59 -100.17
CA THR Q 186 17.42 4.51 -100.66
C THR Q 186 17.67 4.66 -102.16
N PRO Q 187 18.86 4.31 -102.64
CA PRO Q 187 19.10 4.32 -104.09
C PRO Q 187 18.07 3.47 -104.81
N GLU Q 188 17.61 3.97 -105.94
CA GLU Q 188 16.62 3.25 -106.73
C GLU Q 188 17.29 2.25 -107.66
N GLY Q 189 16.59 1.13 -107.89
CA GLY Q 189 17.10 0.09 -108.76
C GLY Q 189 18.09 -0.87 -108.13
N VAL Q 190 18.18 -0.89 -106.80
CA VAL Q 190 19.12 -1.75 -106.08
C VAL Q 190 18.33 -2.83 -105.36
N THR Q 191 18.78 -4.08 -105.50
CA THR Q 191 18.16 -5.22 -104.84
C THR Q 191 19.24 -6.17 -104.37
N VAL Q 192 19.23 -6.50 -103.07
CA VAL Q 192 20.23 -7.37 -102.47
C VAL Q 192 19.52 -8.61 -101.97
N ALA Q 193 20.01 -9.78 -102.35
CA ALA Q 193 19.43 -11.06 -101.99
C ALA Q 193 20.39 -11.84 -101.10
N PHE Q 194 19.83 -12.75 -100.31
CA PHE Q 194 20.59 -13.57 -99.37
C PHE Q 194 20.14 -15.01 -99.47
N ALA Q 195 21.10 -15.93 -99.42
CA ALA Q 195 20.81 -17.35 -99.50
C ALA Q 195 21.96 -18.15 -98.91
N GLN Q 196 21.69 -19.41 -98.59
CA GLN Q 196 22.68 -20.32 -98.05
C GLN Q 196 23.11 -21.32 -99.11
N THR Q 197 24.33 -21.81 -99.00
CA THR Q 197 24.88 -22.74 -99.97
C THR Q 197 25.48 -24.00 -99.36
N THR Q 198 25.98 -23.95 -98.13
CA THR Q 198 26.54 -25.13 -97.48
C THR Q 198 26.32 -25.09 -95.97
N PRO Q 199 25.79 -26.14 -95.36
CA PRO Q 199 25.65 -26.17 -93.91
C PRO Q 199 26.87 -26.79 -93.23
N GLY Q 200 26.86 -26.72 -91.90
CA GLY Q 200 27.89 -27.38 -91.11
C GLY Q 200 27.50 -28.81 -90.78
N SER Q 201 28.52 -29.61 -90.48
CA SER Q 201 28.31 -31.04 -90.26
C SER Q 201 28.70 -31.50 -88.86
N VAL Q 202 29.93 -31.20 -88.44
CA VAL Q 202 30.50 -31.83 -87.25
C VAL Q 202 30.66 -30.81 -86.14
N ASN Q 203 30.31 -31.21 -84.91
CA ASN Q 203 30.46 -30.39 -83.72
C ASN Q 203 31.24 -31.14 -82.65
N PRO Q 204 32.03 -30.44 -81.85
CA PRO Q 204 32.75 -31.13 -80.77
C PRO Q 204 31.79 -31.59 -79.68
N GLU Q 205 32.12 -32.72 -79.05
CA GLU Q 205 31.32 -33.31 -77.98
C GLU Q 205 32.24 -33.70 -76.82
N PRO Q 206 32.84 -32.72 -76.14
CA PRO Q 206 33.70 -33.04 -75.01
C PRO Q 206 32.91 -33.64 -73.86
N ASN Q 207 33.58 -34.53 -73.11
CA ASN Q 207 32.98 -35.20 -71.96
C ASN Q 207 33.99 -35.27 -70.82
N ASP Q 208 34.68 -34.15 -70.57
CA ASP Q 208 35.72 -34.09 -69.55
C ASP Q 208 35.46 -33.00 -68.51
N TYR Q 209 34.21 -32.82 -68.09
CA TYR Q 209 33.92 -31.82 -67.06
C TYR Q 209 34.50 -32.23 -65.72
N ALA Q 210 34.54 -33.53 -65.44
CA ALA Q 210 34.98 -34.01 -64.14
C ALA Q 210 36.45 -33.72 -63.86
N SER Q 211 37.23 -33.35 -64.87
CA SER Q 211 38.66 -33.09 -64.72
C SER Q 211 39.04 -31.63 -64.87
N VAL Q 212 38.56 -30.95 -65.91
CA VAL Q 212 38.96 -29.56 -66.12
C VAL Q 212 38.22 -28.62 -65.17
N VAL Q 213 36.94 -28.85 -64.95
CA VAL Q 213 36.15 -28.11 -63.97
C VAL Q 213 36.07 -28.90 -62.66
N ASN Q 214 37.05 -29.76 -62.42
CA ASN Q 214 36.95 -30.72 -61.34
C ASN Q 214 36.73 -30.02 -60.02
N GLU Q 215 35.51 -30.10 -59.50
CA GLU Q 215 35.20 -29.79 -58.11
C GLU Q 215 35.66 -28.38 -57.75
N CYS Q 216 35.07 -27.40 -58.41
CA CYS Q 216 35.12 -26.01 -57.96
C CYS Q 216 33.77 -25.37 -58.21
N CYS Q 217 33.35 -24.52 -57.28
CA CYS Q 217 31.98 -24.05 -57.20
C CYS Q 217 31.74 -22.93 -58.20
N PHE Q 218 30.67 -23.06 -58.99
CA PHE Q 218 30.21 -22.02 -59.90
C PHE Q 218 28.72 -21.80 -59.69
N ALA Q 219 28.27 -20.58 -59.97
CA ALA Q 219 26.86 -20.25 -59.80
C ALA Q 219 26.08 -20.47 -61.08
N VAL Q 220 26.58 -19.92 -62.19
CA VAL Q 220 25.88 -19.95 -63.47
C VAL Q 220 26.80 -20.54 -64.52
N TYR Q 221 26.26 -21.45 -65.34
CA TYR Q 221 26.97 -22.04 -66.46
C TYR Q 221 26.30 -21.57 -67.76
N VAL Q 222 27.10 -21.02 -68.67
CA VAL Q 222 26.63 -20.56 -69.97
C VAL Q 222 27.35 -21.36 -71.05
N LEU Q 223 26.58 -21.99 -71.93
CA LEU Q 223 27.13 -22.81 -73.00
C LEU Q 223 26.70 -22.21 -74.34
N SER Q 224 27.68 -21.82 -75.15
CA SER Q 224 27.42 -21.21 -76.45
C SER Q 224 27.51 -22.27 -77.55
N SER Q 225 26.52 -23.15 -77.56
CA SER Q 225 26.45 -24.19 -78.57
C SER Q 225 25.01 -24.68 -78.68
N ASP Q 226 24.62 -25.13 -79.87
CA ASP Q 226 23.28 -25.61 -80.12
C ASP Q 226 23.19 -27.13 -80.21
N ASP Q 227 24.25 -27.84 -79.86
CA ASP Q 227 24.29 -29.30 -79.97
C ASP Q 227 23.59 -29.91 -78.76
N THR Q 228 22.62 -30.79 -79.02
CA THR Q 228 21.88 -31.41 -77.93
C THR Q 228 22.77 -32.29 -77.06
N ASP Q 229 23.69 -33.03 -77.69
CA ASP Q 229 24.55 -33.93 -76.93
C ASP Q 229 25.45 -33.17 -75.97
N TRP Q 230 26.02 -32.06 -76.41
CA TRP Q 230 26.85 -31.23 -75.54
C TRP Q 230 26.03 -30.67 -74.38
N GLN Q 231 24.80 -30.26 -74.65
CA GLN Q 231 23.93 -29.76 -73.60
C GLN Q 231 23.62 -30.86 -72.58
N GLU Q 232 23.38 -32.09 -73.04
CA GLU Q 232 23.13 -33.19 -72.11
C GLU Q 232 24.38 -33.50 -71.30
N ASN Q 233 25.56 -33.40 -71.91
CA ASN Q 233 26.79 -33.58 -71.15
C ASN Q 233 26.92 -32.54 -70.05
N LEU Q 234 26.57 -31.28 -70.34
CA LEU Q 234 26.57 -30.27 -69.30
C LEU Q 234 25.53 -30.57 -68.23
N ARG Q 235 24.35 -31.04 -68.65
CA ARG Q 235 23.30 -31.38 -67.69
C ARG Q 235 23.78 -32.45 -66.72
N ASP Q 236 24.50 -33.44 -67.22
CA ASP Q 236 25.03 -34.48 -66.35
C ASP Q 236 25.98 -33.92 -65.31
N TRP Q 237 26.87 -33.01 -65.69
CA TRP Q 237 27.76 -32.39 -64.70
C TRP Q 237 26.96 -31.60 -63.67
N ILE Q 238 25.96 -30.83 -64.12
CA ILE Q 238 25.18 -30.04 -63.18
C ILE Q 238 24.47 -30.95 -62.18
N ARG Q 239 23.90 -32.05 -62.66
CA ARG Q 239 23.30 -33.03 -61.75
C ARG Q 239 24.33 -33.59 -60.80
N SER Q 240 25.54 -33.87 -61.30
CA SER Q 240 26.60 -34.38 -60.45
C SER Q 240 26.91 -33.41 -59.31
N ALA Q 241 26.84 -32.10 -59.59
CA ALA Q 241 27.07 -31.11 -58.56
C ALA Q 241 25.94 -31.04 -57.54
N TRP Q 242 24.88 -31.83 -57.69
CA TRP Q 242 23.72 -31.79 -56.81
C TRP Q 242 23.44 -33.12 -56.12
N ASP Q 243 24.13 -34.20 -56.47
CA ASP Q 243 23.79 -35.51 -55.92
C ASP Q 243 24.16 -35.60 -54.45
N CYS Q 244 23.57 -36.59 -53.77
CA CYS Q 244 23.80 -36.75 -52.34
C CYS Q 244 25.04 -37.59 -52.02
N SER Q 245 25.73 -38.09 -53.04
CA SER Q 245 26.87 -38.97 -52.80
C SER Q 245 27.98 -38.25 -52.04
N LYS Q 246 28.27 -37.00 -52.40
CA LYS Q 246 29.39 -36.28 -51.83
C LYS Q 246 28.98 -34.82 -51.68
N PRO Q 247 29.78 -34.01 -50.97
CA PRO Q 247 29.40 -32.61 -50.77
C PRO Q 247 29.05 -31.92 -52.07
N GLN Q 248 28.00 -31.10 -52.02
CA GLN Q 248 27.42 -30.51 -53.22
C GLN Q 248 28.01 -29.14 -53.49
N CYS Q 249 28.08 -28.79 -54.77
CA CYS Q 249 28.50 -27.45 -55.19
C CYS Q 249 27.35 -26.64 -55.79
N PHE Q 250 26.24 -27.28 -56.14
CA PHE Q 250 25.09 -26.60 -56.70
C PHE Q 250 25.43 -25.87 -58.00
N GLY Q 251 24.51 -25.06 -58.50
CA GLY Q 251 24.73 -24.34 -59.74
C GLY Q 251 23.58 -24.48 -60.72
N HIS Q 252 23.53 -23.59 -61.72
CA HIS Q 252 22.46 -23.58 -62.71
C HIS Q 252 23.08 -23.37 -64.09
N GLY Q 253 22.45 -23.94 -65.11
CA GLY Q 253 22.94 -23.89 -66.48
C GLY Q 253 21.94 -23.26 -67.43
N TYR Q 254 22.44 -22.46 -68.36
CA TYR Q 254 21.60 -21.74 -69.31
C TYR Q 254 21.98 -22.13 -70.74
N VAL Q 255 21.02 -22.66 -71.48
CA VAL Q 255 21.21 -23.08 -72.87
C VAL Q 255 20.03 -22.58 -73.68
N PHE Q 256 20.11 -22.79 -75.00
CA PHE Q 256 19.07 -22.33 -75.92
C PHE Q 256 18.72 -23.42 -76.92
N ASN Q 257 17.63 -23.20 -77.65
CA ASN Q 257 17.17 -24.11 -78.68
C ASN Q 257 16.48 -23.31 -79.77
N LYS Q 258 16.50 -23.82 -81.00
CA LYS Q 258 15.93 -23.12 -82.14
C LYS Q 258 15.30 -24.12 -83.09
N GLY Q 259 14.16 -23.75 -83.66
CA GLY Q 259 13.47 -24.63 -84.58
C GLY Q 259 12.00 -24.30 -84.63
N THR Q 260 11.22 -25.23 -85.18
CA THR Q 260 9.77 -25.09 -85.20
C THR Q 260 9.20 -25.51 -83.85
N LEU Q 261 7.91 -25.23 -83.65
CA LEU Q 261 7.26 -25.56 -82.39
C LEU Q 261 7.39 -27.05 -82.09
N GLY Q 262 7.13 -27.89 -83.08
CA GLY Q 262 7.24 -29.32 -82.85
C GLY Q 262 8.66 -29.76 -82.54
N GLN Q 263 9.63 -29.14 -83.19
CA GLN Q 263 11.02 -29.52 -82.96
C GLN Q 263 11.51 -29.08 -81.59
N VAL Q 264 11.17 -27.86 -81.17
CA VAL Q 264 11.67 -27.33 -79.90
C VAL Q 264 11.14 -28.16 -78.73
N LEU Q 265 9.86 -28.52 -78.77
CA LEU Q 265 9.30 -29.33 -77.70
C LEU Q 265 10.02 -30.67 -77.56
N ALA Q 266 10.66 -31.14 -78.64
CA ALA Q 266 11.32 -32.43 -78.61
C ALA Q 266 12.60 -32.42 -77.79
N ASP Q 267 13.10 -31.25 -77.41
CA ASP Q 267 14.33 -31.16 -76.63
C ASP Q 267 14.09 -31.14 -75.12
N GLY Q 268 12.84 -31.13 -74.68
CA GLY Q 268 12.52 -31.00 -73.27
C GLY Q 268 12.57 -32.29 -72.49
N ASP Q 269 13.77 -32.77 -72.17
CA ASP Q 269 13.93 -34.04 -71.47
C ASP Q 269 13.95 -33.80 -69.95
N ASN Q 270 12.95 -33.06 -69.49
CA ASN Q 270 12.69 -32.89 -68.05
C ASN Q 270 13.92 -32.48 -67.26
N SER Q 271 14.76 -31.60 -67.82
CA SER Q 271 15.99 -31.17 -67.17
C SER Q 271 15.66 -30.07 -66.16
N ALA Q 272 15.73 -30.44 -64.89
CA ALA Q 272 15.51 -29.49 -63.80
C ALA Q 272 16.73 -28.61 -63.59
N GLU Q 273 17.83 -28.92 -64.26
CA GLU Q 273 19.09 -28.22 -64.07
C GLU Q 273 19.40 -27.19 -65.15
N LEU Q 274 18.52 -27.01 -66.14
CA LEU Q 274 18.81 -26.16 -67.28
C LEU Q 274 17.62 -25.24 -67.55
N SER Q 275 17.91 -24.03 -68.00
CA SER Q 275 16.90 -23.11 -68.50
C SER Q 275 17.00 -23.03 -70.01
N ARG Q 276 16.03 -23.60 -70.72
CA ARG Q 276 16.10 -23.74 -72.17
C ARG Q 276 15.40 -22.56 -72.83
N LEU Q 277 16.19 -21.68 -73.45
CA LEU Q 277 15.67 -20.49 -74.11
C LEU Q 277 15.20 -20.87 -75.51
N ALA Q 278 13.89 -20.83 -75.73
CA ALA Q 278 13.29 -21.23 -76.99
C ALA Q 278 13.30 -20.04 -77.96
N LEU Q 279 13.75 -20.28 -79.18
CA LEU Q 279 13.77 -19.27 -80.23
C LEU Q 279 13.15 -19.82 -81.51
N PRO Q 280 12.60 -18.97 -82.36
CA PRO Q 280 11.96 -19.45 -83.58
C PRO Q 280 12.96 -19.62 -84.71
N THR Q 281 12.48 -20.22 -85.81
CA THR Q 281 13.34 -20.43 -86.97
C THR Q 281 13.80 -19.12 -87.59
N THR Q 282 12.93 -18.10 -87.58
CA THR Q 282 13.22 -16.82 -88.20
C THR Q 282 13.83 -15.81 -87.25
N TYR Q 283 14.48 -16.28 -86.19
CA TYR Q 283 15.03 -15.36 -85.20
C TYR Q 283 16.13 -14.51 -85.83
N PRO Q 284 16.12 -13.19 -85.64
CA PRO Q 284 17.08 -12.33 -86.35
C PRO Q 284 18.42 -12.13 -85.66
N VAL Q 285 18.57 -12.55 -84.40
CA VAL Q 285 19.81 -12.32 -83.66
C VAL Q 285 20.54 -13.65 -83.49
N LEU Q 286 21.85 -13.58 -83.27
CA LEU Q 286 22.65 -14.78 -83.09
C LEU Q 286 22.31 -15.40 -81.73
N PRO Q 287 21.89 -16.66 -81.69
CA PRO Q 287 21.31 -17.19 -80.43
C PRO Q 287 22.24 -17.10 -79.24
N TYR Q 288 23.53 -17.39 -79.41
CA TYR Q 288 24.41 -17.44 -78.25
C TYR Q 288 24.57 -16.08 -77.61
N LEU Q 289 24.41 -14.99 -78.36
CA LEU Q 289 24.44 -13.66 -77.75
C LEU Q 289 23.30 -13.50 -76.76
N THR Q 290 22.07 -13.88 -77.16
CA THR Q 290 20.94 -13.78 -76.24
C THR Q 290 21.10 -14.72 -75.05
N ASN Q 291 21.58 -15.93 -75.30
CA ASN Q 291 21.79 -16.87 -74.20
C ASN Q 291 22.79 -16.31 -73.19
N ALA Q 292 23.88 -15.73 -73.67
CA ALA Q 292 24.88 -15.15 -72.77
C ALA Q 292 24.31 -13.95 -72.03
N ALA Q 293 23.50 -13.13 -72.72
CA ALA Q 293 22.90 -11.98 -72.04
C ALA Q 293 21.99 -12.42 -70.91
N TYR Q 294 21.13 -13.41 -71.17
CA TYR Q 294 20.26 -13.92 -70.12
C TYR Q 294 21.05 -14.51 -68.96
N GLY Q 295 22.07 -15.31 -69.28
CA GLY Q 295 22.88 -15.90 -68.21
C GLY Q 295 23.57 -14.85 -67.37
N ALA Q 296 24.15 -13.83 -68.01
CA ALA Q 296 24.87 -12.80 -67.27
C ALA Q 296 23.93 -11.91 -66.49
N LEU Q 297 22.68 -11.76 -66.94
CA LEU Q 297 21.70 -11.01 -66.16
C LEU Q 297 21.30 -11.79 -64.93
N SER Q 298 21.09 -13.10 -65.07
CA SER Q 298 20.69 -13.92 -63.94
C SER Q 298 21.85 -14.23 -63.00
N ALA Q 299 23.10 -14.06 -63.44
CA ALA Q 299 24.26 -14.44 -62.64
C ALA Q 299 24.61 -13.44 -61.55
N CYS Q 300 23.65 -13.16 -60.67
CA CYS Q 300 23.89 -12.38 -59.47
C CYS Q 300 24.21 -10.93 -59.79
N SER Q 301 24.26 -10.56 -61.07
CA SER Q 301 24.23 -9.14 -61.38
C SER Q 301 22.88 -8.56 -61.00
N THR Q 302 21.87 -9.42 -60.83
CA THR Q 302 20.60 -9.07 -60.24
C THR Q 302 20.32 -9.93 -59.00
N CYS Q 303 20.75 -11.19 -59.03
CA CYS Q 303 20.41 -12.16 -57.99
C CYS Q 303 21.46 -12.22 -56.89
N GLU Q 304 21.67 -11.09 -56.22
CA GLU Q 304 22.23 -11.14 -54.88
C GLU Q 304 21.16 -11.53 -53.87
N ASN Q 305 19.90 -11.46 -54.27
CA ASN Q 305 18.77 -11.98 -53.50
C ASN Q 305 18.26 -13.22 -54.21
N PRO Q 306 18.39 -14.42 -53.63
CA PRO Q 306 18.01 -15.63 -54.37
C PRO Q 306 16.53 -15.70 -54.72
N GLU Q 307 15.68 -14.91 -54.06
CA GLU Q 307 14.25 -14.97 -54.28
C GLU Q 307 13.77 -14.09 -55.42
N LEU Q 308 14.63 -13.23 -55.96
CA LEU Q 308 14.22 -12.34 -57.04
C LEU Q 308 14.02 -13.10 -58.34
N ASN Q 309 12.99 -12.72 -59.08
CA ASN Q 309 12.66 -13.31 -60.36
C ASN Q 309 13.11 -12.40 -61.49
N VAL Q 310 13.71 -12.99 -62.53
CA VAL Q 310 14.16 -12.21 -63.70
C VAL Q 310 13.02 -12.26 -64.70
N GLN Q 311 12.13 -11.27 -64.60
CA GLN Q 311 10.92 -11.23 -65.40
C GLN Q 311 10.52 -9.78 -65.66
N GLY Q 312 9.62 -9.59 -66.62
CA GLY Q 312 9.04 -8.30 -66.87
C GLY Q 312 9.93 -7.39 -67.69
N GLN Q 313 9.51 -6.13 -67.78
CA GLN Q 313 10.21 -5.13 -68.57
C GLN Q 313 11.14 -4.27 -67.73
N THR Q 314 11.28 -4.54 -66.43
CA THR Q 314 12.20 -3.82 -65.56
C THR Q 314 13.31 -4.71 -65.05
N TYR Q 315 12.98 -5.85 -64.44
CA TYR Q 315 13.97 -6.76 -63.89
C TYR Q 315 14.37 -7.87 -64.86
N GLY Q 316 13.84 -7.85 -66.09
CA GLY Q 316 14.13 -8.89 -67.05
C GLY Q 316 14.40 -8.35 -68.44
N LEU Q 317 15.01 -7.17 -68.51
CA LEU Q 317 15.26 -6.48 -69.77
C LEU Q 317 16.70 -6.69 -70.20
N LEU Q 318 16.89 -7.28 -71.38
CA LEU Q 318 18.22 -7.54 -71.93
C LEU Q 318 18.71 -6.32 -72.71
N SER Q 319 19.08 -5.28 -71.96
CA SER Q 319 19.32 -3.97 -72.53
C SER Q 319 20.58 -3.90 -73.39
N CYS Q 320 21.36 -4.97 -73.49
CA CYS Q 320 22.58 -4.97 -74.30
C CYS Q 320 22.35 -5.53 -75.70
N ILE Q 321 21.14 -6.00 -76.00
CA ILE Q 321 20.84 -6.63 -77.28
C ILE Q 321 19.79 -5.81 -77.98
N ASN Q 322 20.06 -5.47 -79.24
CA ASN Q 322 19.16 -4.65 -80.05
C ASN Q 322 18.82 -5.41 -81.32
N MET Q 323 17.55 -5.40 -81.69
CA MET Q 323 17.04 -6.11 -82.85
C MET Q 323 16.04 -5.21 -83.57
N PRO Q 324 15.90 -5.36 -84.88
CA PRO Q 324 14.97 -4.50 -85.61
C PRO Q 324 13.52 -4.78 -85.24
N GLU Q 325 12.71 -3.72 -85.29
CA GLU Q 325 11.29 -3.87 -85.03
C GLU Q 325 10.61 -4.62 -86.16
N SER Q 326 9.50 -5.29 -85.84
CA SER Q 326 8.78 -6.08 -86.83
C SER Q 326 7.34 -6.26 -86.36
N CYS Q 327 6.42 -6.31 -87.32
CA CYS Q 327 5.02 -6.55 -86.99
C CYS Q 327 4.74 -7.99 -86.64
N THR Q 328 5.58 -8.94 -87.08
CA THR Q 328 5.41 -10.34 -86.74
C THR Q 328 6.17 -10.66 -85.47
N PRO Q 329 5.52 -11.18 -84.42
CA PRO Q 329 6.19 -11.33 -83.12
C PRO Q 329 7.15 -12.50 -83.03
N GLY Q 330 7.26 -13.33 -84.05
CA GLY Q 330 8.12 -14.51 -83.97
C GLY Q 330 7.38 -15.76 -83.51
N TRP Q 331 6.64 -15.67 -82.42
CA TRP Q 331 5.80 -16.76 -81.94
C TRP Q 331 4.35 -16.28 -81.89
N GLU Q 332 3.44 -17.14 -82.36
CA GLU Q 332 2.03 -16.88 -82.15
C GLU Q 332 1.67 -17.11 -80.69
N PHE Q 333 0.60 -16.45 -80.25
CA PHE Q 333 0.29 -16.47 -78.82
C PHE Q 333 0.02 -17.89 -78.33
N THR Q 334 -0.67 -18.71 -79.11
CA THR Q 334 -0.86 -20.10 -78.72
C THR Q 334 0.45 -20.85 -78.62
N GLU Q 335 1.37 -20.64 -79.55
CA GLU Q 335 2.69 -21.25 -79.46
C GLU Q 335 3.40 -20.79 -78.20
N VAL Q 336 3.26 -19.50 -77.85
CA VAL Q 336 3.86 -18.99 -76.62
C VAL Q 336 3.29 -19.72 -75.42
N THR Q 337 1.97 -19.91 -75.40
CA THR Q 337 1.33 -20.60 -74.29
C THR Q 337 1.86 -22.03 -74.17
N GLN Q 338 1.95 -22.75 -75.28
CA GLN Q 338 2.46 -24.11 -75.22
C GLN Q 338 3.91 -24.16 -74.76
N LEU Q 339 4.76 -23.26 -75.27
CA LEU Q 339 6.16 -23.26 -74.86
C LEU Q 339 6.28 -22.96 -73.37
N GLN Q 340 5.50 -21.99 -72.86
CA GLN Q 340 5.55 -21.68 -71.44
C GLN Q 340 5.05 -22.84 -70.60
N ASN Q 341 4.00 -23.51 -71.04
CA ASN Q 341 3.44 -24.62 -70.29
C ASN Q 341 4.28 -25.89 -70.37
N ASN Q 342 5.21 -25.97 -71.32
CA ASN Q 342 6.09 -27.12 -71.45
C ASN Q 342 7.47 -26.90 -70.86
N GLY Q 343 7.74 -25.72 -70.31
CA GLY Q 343 8.99 -25.48 -69.61
C GLY Q 343 10.09 -24.90 -70.46
N PHE Q 344 9.78 -23.84 -71.20
CA PHE Q 344 10.76 -23.13 -72.01
C PHE Q 344 10.68 -21.64 -71.73
N VAL Q 345 11.84 -21.00 -71.61
CA VAL Q 345 11.89 -19.56 -71.41
C VAL Q 345 11.58 -18.86 -72.74
N VAL Q 346 10.60 -17.97 -72.72
CA VAL Q 346 10.18 -17.23 -73.91
C VAL Q 346 10.53 -15.77 -73.70
N SER Q 347 10.89 -15.08 -74.79
CA SER Q 347 11.24 -13.68 -74.77
C SER Q 347 10.53 -12.96 -75.89
N GLY Q 348 10.36 -11.65 -75.73
CA GLY Q 348 9.69 -10.84 -76.72
C GLY Q 348 10.21 -9.42 -76.73
N PRO Q 349 9.90 -8.68 -77.79
CA PRO Q 349 10.36 -7.30 -77.90
C PRO Q 349 9.70 -6.39 -76.89
N ALA Q 350 10.40 -5.32 -76.52
CA ALA Q 350 9.87 -4.33 -75.61
C ALA Q 350 8.85 -3.40 -76.28
N THR Q 351 8.83 -3.36 -77.61
CA THR Q 351 7.84 -2.57 -78.33
C THR Q 351 7.72 -3.13 -79.75
N THR Q 352 6.63 -2.75 -80.41
CA THR Q 352 6.31 -3.27 -81.74
C THR Q 352 6.03 -2.11 -82.68
N SER Q 353 6.44 -2.25 -83.93
CA SER Q 353 6.21 -1.24 -84.95
C SER Q 353 6.71 -1.77 -86.28
N GLY Q 354 6.28 -1.11 -87.36
CA GLY Q 354 6.71 -1.47 -88.70
C GLY Q 354 7.81 -0.60 -89.26
N GLN Q 355 8.30 0.38 -88.50
CA GLN Q 355 9.29 1.32 -89.00
C GLN Q 355 10.71 0.77 -88.95
N GLY Q 356 10.93 -0.36 -88.27
CA GLY Q 356 12.22 -1.03 -88.34
C GLY Q 356 13.32 -0.39 -87.52
N ASN Q 357 13.00 0.27 -86.42
CA ASN Q 357 14.02 0.78 -85.52
C ASN Q 357 14.57 -0.37 -84.69
N PHE Q 358 15.39 -0.05 -83.68
CA PHE Q 358 16.05 -1.04 -82.85
C PHE Q 358 15.39 -1.09 -81.48
N THR Q 359 15.14 -2.30 -81.00
CA THR Q 359 14.50 -2.52 -79.70
C THR Q 359 15.21 -3.67 -78.99
N SER Q 360 15.10 -3.66 -77.66
CA SER Q 360 15.69 -4.72 -76.86
C SER Q 360 14.62 -5.72 -76.43
N PRO Q 361 14.96 -7.01 -76.30
CA PRO Q 361 13.98 -7.98 -75.82
C PRO Q 361 13.92 -8.02 -74.31
N TYR Q 362 12.95 -8.76 -73.80
CA TYR Q 362 12.82 -9.00 -72.37
C TYR Q 362 12.19 -10.38 -72.17
N ILE Q 363 12.27 -10.86 -70.94
CA ILE Q 363 11.93 -12.25 -70.63
C ILE Q 363 10.52 -12.31 -70.06
N TYR Q 364 9.72 -13.24 -70.58
CA TYR Q 364 8.33 -13.38 -70.12
C TYR Q 364 8.27 -14.20 -68.83
N ASN Q 365 8.81 -15.42 -68.87
CA ASN Q 365 8.73 -16.36 -67.76
C ASN Q 365 10.13 -16.90 -67.48
N ASP Q 366 10.46 -17.05 -66.19
CA ASP Q 366 11.77 -17.54 -65.76
C ASP Q 366 11.58 -18.93 -65.19
N VAL Q 367 11.81 -19.96 -66.01
CA VAL Q 367 11.45 -21.33 -65.68
C VAL Q 367 12.65 -22.24 -65.93
N THR Q 368 12.66 -23.40 -65.26
CA THR Q 368 13.82 -24.29 -65.25
C THR Q 368 13.64 -25.56 -66.06
N ASN Q 369 12.59 -25.68 -66.86
CA ASN Q 369 12.33 -26.85 -67.68
C ASN Q 369 12.00 -28.09 -66.86
N TYR Q 370 11.62 -27.91 -65.59
CA TYR Q 370 11.33 -29.04 -64.73
C TYR Q 370 9.85 -29.38 -64.78
N LEU Q 371 9.55 -30.66 -64.95
CA LEU Q 371 8.21 -31.20 -64.86
C LEU Q 371 8.27 -32.55 -64.18
N ARG Q 372 7.12 -33.01 -63.70
CA ARG Q 372 7.03 -34.33 -63.07
C ARG Q 372 7.93 -34.33 -61.83
N ASP Q 373 8.68 -35.38 -61.57
CA ASP Q 373 9.37 -35.53 -60.29
C ASP Q 373 10.41 -36.63 -60.43
N GLU Q 374 11.00 -37.01 -59.30
CA GLU Q 374 11.79 -38.24 -59.28
C GLU Q 374 10.92 -39.42 -59.64
N LYS Q 375 9.70 -39.46 -59.10
CA LYS Q 375 8.64 -40.30 -59.63
C LYS Q 375 8.04 -39.57 -60.83
N ASN Q 376 6.89 -40.01 -61.31
CA ASN Q 376 6.28 -39.38 -62.48
C ASN Q 376 5.12 -38.47 -62.13
N ARG Q 377 5.03 -38.00 -60.89
CA ARG Q 377 3.94 -37.09 -60.49
C ARG Q 377 4.21 -35.69 -61.00
N PRO Q 378 3.28 -35.07 -61.74
CA PRO Q 378 3.47 -33.67 -62.15
C PRO Q 378 3.28 -32.72 -60.98
N ASN Q 379 4.22 -31.79 -60.81
CA ASN Q 379 4.12 -30.79 -59.77
C ASN Q 379 4.97 -29.58 -60.17
N ALA Q 380 4.79 -28.48 -59.44
CA ALA Q 380 5.45 -27.22 -59.74
C ALA Q 380 6.48 -26.82 -58.69
N THR Q 381 7.06 -27.78 -57.97
CA THR Q 381 8.01 -27.44 -56.92
C THR Q 381 9.20 -26.66 -57.47
N PHE Q 382 9.94 -27.26 -58.40
CA PHE Q 382 11.16 -26.67 -58.93
C PHE Q 382 10.90 -25.92 -60.23
N ARG Q 383 9.71 -25.34 -60.39
CA ARG Q 383 9.33 -24.74 -61.66
C ARG Q 383 10.03 -23.42 -61.91
N ASP Q 384 10.41 -22.71 -60.85
CA ASP Q 384 11.07 -21.41 -60.96
C ASP Q 384 12.53 -21.53 -60.55
N ALA Q 385 13.40 -20.80 -61.26
CA ALA Q 385 14.82 -20.83 -60.92
C ALA Q 385 15.06 -20.33 -59.50
N SER Q 386 14.27 -19.36 -59.05
CA SER Q 386 14.38 -18.91 -57.68
C SER Q 386 14.18 -20.05 -56.70
N SER Q 387 13.39 -21.07 -57.06
CA SER Q 387 13.22 -22.22 -56.18
C SER Q 387 14.55 -22.95 -55.98
N ARG Q 388 15.30 -23.17 -57.05
CA ARG Q 388 16.59 -23.83 -56.94
C ARG Q 388 17.58 -22.96 -56.16
N ARG Q 389 17.59 -21.65 -56.45
CA ARG Q 389 18.49 -20.76 -55.73
C ARG Q 389 18.19 -20.78 -54.23
N LEU Q 390 16.90 -20.74 -53.87
CA LEU Q 390 16.52 -20.77 -52.47
C LEU Q 390 16.81 -22.13 -51.83
N ALA Q 391 16.71 -23.22 -52.60
CA ALA Q 391 17.08 -24.52 -52.06
C ALA Q 391 18.56 -24.55 -51.71
N ALA Q 392 19.42 -24.03 -52.58
CA ALA Q 392 20.83 -23.96 -52.28
C ALA Q 392 21.09 -23.08 -51.07
N ALA Q 393 20.45 -21.91 -51.02
CA ALA Q 393 20.65 -21.00 -49.89
C ALA Q 393 20.21 -21.64 -48.58
N THR Q 394 19.07 -22.32 -48.58
CA THR Q 394 18.59 -22.98 -47.39
C THR Q 394 19.52 -24.11 -46.96
N GLY Q 395 20.03 -24.88 -47.92
CA GLY Q 395 20.98 -25.92 -47.57
C GLY Q 395 22.20 -25.36 -46.87
N VAL Q 396 22.77 -24.30 -47.43
CA VAL Q 396 23.95 -23.69 -46.82
C VAL Q 396 23.63 -23.13 -45.45
N ALA Q 397 22.51 -22.41 -45.33
CA ALA Q 397 22.17 -21.77 -44.07
C ALA Q 397 21.92 -22.79 -42.97
N LEU Q 398 21.23 -23.89 -43.31
CA LEU Q 398 20.98 -24.92 -42.32
C LEU Q 398 22.26 -25.66 -41.95
N ALA Q 399 23.17 -25.84 -42.92
CA ALA Q 399 24.45 -26.47 -42.62
C ALA Q 399 25.26 -25.63 -41.64
N THR Q 400 25.25 -24.32 -41.83
CA THR Q 400 26.03 -23.45 -40.94
C THR Q 400 25.48 -23.48 -39.51
N PHE Q 401 24.16 -23.50 -39.37
CA PHE Q 401 23.55 -23.46 -38.04
C PHE Q 401 23.89 -24.72 -37.24
N LEU Q 402 23.90 -25.88 -37.90
CA LEU Q 402 24.11 -27.14 -37.19
C LEU Q 402 25.54 -27.33 -36.72
N GLN Q 403 26.44 -26.38 -37.01
CA GLN Q 403 27.83 -26.53 -36.62
C GLN Q 403 28.04 -26.44 -35.11
N GLN Q 404 27.13 -25.78 -34.39
CA GLN Q 404 27.33 -25.59 -32.96
C GLN Q 404 27.23 -26.90 -32.19
N PHE Q 405 26.75 -27.96 -32.82
CA PHE Q 405 26.67 -29.27 -32.18
C PHE Q 405 27.86 -30.16 -32.50
N ASN Q 406 28.85 -29.66 -33.21
CA ASN Q 406 30.03 -30.45 -33.55
C ASN Q 406 30.98 -30.49 -32.35
N GLY Q 407 31.22 -31.69 -31.83
CA GLY Q 407 32.07 -31.85 -30.68
C GLY Q 407 31.38 -31.66 -29.35
N LEU Q 408 30.11 -31.30 -29.34
CA LEU Q 408 29.37 -31.14 -28.09
C LEU Q 408 29.00 -32.51 -27.53
N ALA Q 409 29.06 -32.62 -26.21
CA ALA Q 409 28.70 -33.88 -25.56
C ALA Q 409 27.23 -34.18 -25.76
N VAL Q 410 26.88 -35.47 -25.75
CA VAL Q 410 25.54 -35.93 -26.03
C VAL Q 410 25.15 -37.01 -25.03
N PHE Q 411 23.92 -36.94 -24.54
CA PHE Q 411 23.39 -37.88 -23.56
C PHE Q 411 22.16 -38.54 -24.15
N THR Q 412 22.17 -39.87 -24.25
CA THR Q 412 21.13 -40.60 -24.96
C THR Q 412 20.39 -41.63 -24.13
N LYS Q 413 20.98 -42.17 -23.07
CA LYS Q 413 20.30 -43.18 -22.27
C LYS Q 413 19.72 -42.55 -21.01
N ASN Q 414 20.56 -41.89 -20.23
CA ASN Q 414 20.09 -41.08 -19.10
C ASN Q 414 20.15 -39.63 -19.54
N THR Q 415 18.98 -39.04 -19.76
CA THR Q 415 18.88 -37.70 -20.33
C THR Q 415 19.06 -36.59 -19.30
N ASN Q 416 19.51 -36.92 -18.09
CA ASN Q 416 19.82 -35.91 -17.10
C ASN Q 416 21.29 -35.49 -17.23
N ILE Q 417 21.51 -34.18 -17.31
CA ILE Q 417 22.84 -33.60 -17.46
C ILE Q 417 23.26 -33.06 -16.11
N LYS Q 418 24.39 -33.54 -15.60
CA LYS Q 418 24.89 -33.06 -14.33
C LYS Q 418 25.12 -31.56 -14.38
N THR Q 419 25.34 -30.97 -13.21
CA THR Q 419 25.59 -29.54 -13.13
C THR Q 419 27.00 -29.23 -13.63
N GLY Q 420 27.13 -28.12 -14.35
CA GLY Q 420 28.40 -27.68 -14.88
C GLY Q 420 28.78 -28.26 -16.22
N ILE Q 421 28.24 -29.41 -16.59
CA ILE Q 421 28.59 -30.03 -17.86
C ILE Q 421 28.05 -29.20 -19.01
N ILE Q 422 28.80 -29.13 -20.10
CA ILE Q 422 28.42 -28.40 -21.30
C ILE Q 422 27.98 -29.45 -22.31
N GLY Q 423 26.67 -29.67 -22.41
CA GLY Q 423 26.15 -30.72 -23.27
C GLY Q 423 24.70 -30.48 -23.60
N THR Q 424 24.09 -31.49 -24.22
CA THR Q 424 22.71 -31.39 -24.67
C THR Q 424 22.16 -32.79 -24.88
N ASN Q 425 20.95 -32.84 -25.44
CA ASN Q 425 20.30 -34.11 -25.77
C ASN Q 425 19.32 -33.87 -26.91
N LEU Q 426 18.57 -34.92 -27.25
CA LEU Q 426 17.72 -34.87 -28.45
C LEU Q 426 16.66 -33.77 -28.36
N ARG Q 427 15.92 -33.73 -27.25
CA ARG Q 427 14.78 -32.82 -27.17
C ARG Q 427 15.23 -31.37 -27.21
N LEU Q 428 16.31 -31.02 -26.51
CA LEU Q 428 16.80 -29.65 -26.53
C LEU Q 428 17.28 -29.26 -27.93
N MET Q 429 17.96 -30.19 -28.62
CA MET Q 429 18.39 -29.93 -29.99
C MET Q 429 17.19 -29.68 -30.90
N LEU Q 430 16.13 -30.48 -30.75
CA LEU Q 430 14.95 -30.30 -31.58
C LEU Q 430 14.27 -28.97 -31.27
N GLY Q 431 14.23 -28.58 -30.00
CA GLY Q 431 13.69 -27.27 -29.66
C GLY Q 431 14.46 -26.15 -30.31
N LYS Q 432 15.79 -26.23 -30.30
CA LYS Q 432 16.59 -25.20 -30.96
C LYS Q 432 16.36 -25.19 -32.47
N ILE Q 433 16.25 -26.35 -33.09
CA ILE Q 433 16.02 -26.38 -34.53
C ILE Q 433 14.67 -25.78 -34.88
N ARG Q 434 13.65 -26.09 -34.07
CA ARG Q 434 12.34 -25.49 -34.29
C ARG Q 434 12.39 -23.97 -34.12
N LYS Q 435 13.13 -23.50 -33.12
CA LYS Q 435 13.27 -22.06 -32.92
C LYS Q 435 13.93 -21.41 -34.14
N TRP Q 436 14.98 -22.03 -34.66
CA TRP Q 436 15.66 -21.48 -35.84
C TRP Q 436 14.71 -21.44 -37.03
N ALA Q 437 13.95 -22.53 -37.24
CA ALA Q 437 13.02 -22.56 -38.37
C ALA Q 437 11.97 -21.49 -38.23
N SER Q 438 11.43 -21.29 -37.03
CA SER Q 438 10.42 -20.26 -36.82
C SER Q 438 10.99 -18.87 -37.08
N ASP Q 439 12.25 -18.64 -36.68
CA ASP Q 439 12.83 -17.32 -36.84
C ASP Q 439 12.94 -16.89 -38.29
N ASN Q 440 13.02 -17.85 -39.22
CA ASN Q 440 13.33 -17.55 -40.61
C ASN Q 440 12.09 -17.45 -41.50
N VAL Q 441 10.89 -17.45 -40.93
CA VAL Q 441 9.68 -17.29 -41.74
C VAL Q 441 9.61 -15.86 -42.25
N GLY Q 442 9.45 -15.70 -43.55
CA GLY Q 442 9.48 -14.40 -44.18
C GLY Q 442 10.78 -14.05 -44.87
N VAL Q 443 11.84 -14.83 -44.64
CA VAL Q 443 13.12 -14.62 -45.29
C VAL Q 443 13.40 -15.78 -46.23
N LEU Q 444 13.44 -16.99 -45.68
CA LEU Q 444 13.68 -18.19 -46.46
C LEU Q 444 12.42 -19.01 -46.68
N PHE Q 445 11.50 -18.99 -45.73
CA PHE Q 445 10.38 -19.91 -45.70
C PHE Q 445 9.05 -19.17 -45.69
N SER Q 446 8.02 -19.87 -46.16
CA SER Q 446 6.64 -19.47 -45.90
C SER Q 446 6.13 -20.22 -44.67
N GLU Q 447 5.00 -19.78 -44.14
CA GLU Q 447 4.51 -20.31 -42.88
C GLU Q 447 4.38 -21.83 -42.97
N PHE Q 448 4.80 -22.52 -41.91
CA PHE Q 448 4.76 -23.97 -41.89
C PHE Q 448 3.34 -24.49 -41.75
N ASP Q 449 3.01 -25.51 -42.53
CA ASP Q 449 1.70 -26.13 -42.44
C ASP Q 449 1.46 -26.72 -41.07
N ASN Q 450 2.38 -27.55 -40.58
CA ASN Q 450 2.29 -28.13 -39.25
C ASN Q 450 3.71 -28.38 -38.76
N ILE Q 451 4.22 -27.46 -37.94
CA ILE Q 451 5.62 -27.52 -37.51
C ILE Q 451 5.89 -28.82 -36.78
N ASN Q 452 4.89 -29.39 -36.10
CA ASN Q 452 5.09 -30.62 -35.34
C ASN Q 452 5.33 -31.82 -36.24
N GLU Q 453 4.93 -31.76 -37.51
CA GLU Q 453 5.08 -32.88 -38.44
C GLU Q 453 6.19 -32.64 -39.47
N ASP Q 454 6.64 -31.41 -39.64
CA ASP Q 454 7.60 -31.10 -40.70
C ASP Q 454 9.04 -31.28 -40.25
N ILE Q 455 9.32 -31.19 -38.96
CA ILE Q 455 10.67 -31.32 -38.43
C ILE Q 455 10.69 -32.51 -37.47
N GLN Q 456 11.58 -33.46 -37.72
CA GLN Q 456 11.73 -34.65 -36.88
C GLN Q 456 13.20 -34.95 -36.70
N LEU Q 457 13.59 -35.29 -35.48
CA LEU Q 457 14.97 -35.63 -35.15
C LEU Q 457 15.00 -36.99 -34.46
N VAL Q 458 15.88 -37.86 -34.94
CA VAL Q 458 16.01 -39.22 -34.41
C VAL Q 458 17.49 -39.55 -34.29
N SER Q 459 17.80 -40.49 -33.42
CA SER Q 459 19.17 -40.93 -33.20
C SER Q 459 19.41 -42.28 -33.86
N ASP Q 460 20.69 -42.54 -34.17
CA ASP Q 460 21.02 -43.76 -34.91
C ASP Q 460 20.70 -45.01 -34.09
N PHE Q 461 20.71 -44.92 -32.76
CA PHE Q 461 20.33 -46.04 -31.93
C PHE Q 461 18.87 -46.44 -32.14
N ASP Q 462 17.98 -45.46 -32.29
CA ASP Q 462 16.57 -45.76 -32.51
C ASP Q 462 16.33 -46.43 -33.87
N VAL Q 463 17.12 -46.03 -34.88
CA VAL Q 463 16.87 -46.53 -36.22
C VAL Q 463 17.46 -47.92 -36.43
N GLN Q 464 18.74 -48.09 -36.11
CA GLN Q 464 19.44 -49.32 -36.40
C GLN Q 464 19.07 -50.42 -35.40
N PRO Q 465 19.25 -51.68 -35.77
CA PRO Q 465 18.98 -52.77 -34.83
C PRO Q 465 20.02 -52.82 -33.73
N LYS Q 466 19.70 -53.58 -32.68
CA LYS Q 466 20.52 -53.61 -31.49
C LYS Q 466 21.96 -54.01 -31.83
N CYS Q 467 22.92 -53.31 -31.25
CA CYS Q 467 24.35 -53.53 -31.37
C CYS Q 467 24.92 -53.07 -32.70
N VAL Q 468 24.20 -52.25 -33.47
CA VAL Q 468 24.68 -51.80 -34.76
C VAL Q 468 24.72 -50.27 -34.80
N GLY Q 469 23.92 -49.63 -33.96
CA GLY Q 469 23.87 -48.17 -33.98
C GLY Q 469 25.19 -47.55 -33.57
N GLN Q 470 25.52 -46.43 -34.21
CA GLN Q 470 26.75 -45.72 -33.90
C GLN Q 470 26.47 -44.62 -32.88
N PRO Q 471 27.40 -44.35 -31.95
CA PRO Q 471 27.18 -43.29 -30.97
C PRO Q 471 27.50 -41.92 -31.54
N GLY Q 472 26.61 -40.96 -31.28
CA GLY Q 472 26.82 -39.59 -31.72
C GLY Q 472 26.37 -39.26 -33.11
N VAL Q 473 25.45 -40.04 -33.69
CA VAL Q 473 24.99 -39.86 -35.06
C VAL Q 473 23.48 -39.67 -35.03
N PHE Q 474 22.99 -38.67 -35.76
CA PHE Q 474 21.58 -38.29 -35.75
C PHE Q 474 21.05 -38.21 -37.17
N HIS Q 475 19.72 -38.26 -37.28
CA HIS Q 475 19.02 -38.12 -38.55
C HIS Q 475 17.95 -37.04 -38.41
N LEU Q 476 17.93 -36.09 -39.35
CA LEU Q 476 17.01 -34.96 -39.32
C LEU Q 476 16.22 -34.93 -40.62
N ASN Q 477 14.90 -34.76 -40.50
CA ASN Q 477 14.01 -34.60 -41.66
C ASN Q 477 13.32 -33.25 -41.55
N MET Q 478 13.43 -32.44 -42.61
CA MET Q 478 12.84 -31.12 -42.62
C MET Q 478 12.12 -30.87 -43.95
N ARG Q 479 10.89 -30.38 -43.86
CA ARG Q 479 10.07 -30.05 -45.02
C ARG Q 479 9.70 -28.58 -44.93
N TYR Q 480 9.76 -27.87 -46.05
CA TYR Q 480 9.57 -26.43 -46.02
C TYR Q 480 8.94 -25.95 -47.32
N ARG Q 481 8.61 -24.67 -47.35
CA ARG Q 481 7.99 -23.99 -48.47
C ARG Q 481 8.67 -22.65 -48.73
N PRO Q 482 8.81 -22.23 -49.98
CA PRO Q 482 9.34 -20.89 -50.24
C PRO Q 482 8.23 -19.86 -50.26
N PRO Q 483 8.56 -18.57 -50.12
CA PRO Q 483 7.52 -17.54 -50.05
C PRO Q 483 6.75 -17.42 -51.36
N VAL Q 484 5.51 -16.94 -51.24
CA VAL Q 484 4.62 -16.73 -52.38
C VAL Q 484 4.69 -15.26 -52.78
N ARG Q 485 4.41 -14.97 -54.05
CA ARG Q 485 4.48 -13.61 -54.57
C ARG Q 485 3.46 -13.43 -55.68
N GLY Q 486 3.13 -12.17 -55.94
CA GLY Q 486 2.12 -11.85 -56.94
C GLY Q 486 2.44 -12.40 -58.31
N ALA Q 487 1.46 -13.08 -58.93
CA ALA Q 487 1.67 -13.72 -60.21
C ALA Q 487 0.79 -13.15 -61.32
N ARG Q 488 -0.53 -13.07 -61.09
CA ARG Q 488 -1.45 -12.64 -62.14
C ARG Q 488 -2.66 -11.99 -61.51
N ILE Q 489 -3.33 -11.15 -62.30
CA ILE Q 489 -4.59 -10.51 -61.92
C ILE Q 489 -5.52 -10.63 -63.11
N ASN Q 490 -6.70 -11.21 -62.90
CA ASN Q 490 -7.71 -11.32 -63.94
C ASN Q 490 -8.75 -10.23 -63.75
N VAL Q 491 -8.86 -9.32 -64.71
CA VAL Q 491 -9.69 -8.13 -64.59
C VAL Q 491 -10.91 -8.28 -65.48
N ASN Q 492 -12.08 -8.01 -64.92
CA ASN Q 492 -13.33 -7.96 -65.66
C ASN Q 492 -13.87 -6.53 -65.60
N LEU Q 493 -13.83 -5.84 -66.74
CA LEU Q 493 -14.35 -4.48 -66.85
C LEU Q 493 -15.75 -4.54 -67.43
N VAL Q 494 -16.68 -3.86 -66.78
CA VAL Q 494 -18.09 -3.89 -67.19
C VAL Q 494 -18.58 -2.46 -67.35
N PRO Q 495 -18.34 -1.81 -68.49
CA PRO Q 495 -18.81 -0.44 -68.67
C PRO Q 495 -20.33 -0.35 -68.59
N ALA Q 496 -20.83 0.78 -68.11
CA ALA Q 496 -22.25 1.03 -67.98
C ALA Q 496 -22.52 2.50 -68.30
N LEU Q 497 -23.75 2.92 -68.03
CA LEU Q 497 -24.20 4.28 -68.33
C LEU Q 497 -25.08 4.79 -67.20
N PHE Q 498 -25.23 6.11 -67.13
CA PHE Q 498 -26.05 6.73 -66.10
C PHE Q 498 -27.51 6.31 -66.25
N ASP Q 499 -28.22 6.32 -65.13
CA ASP Q 499 -29.58 5.81 -65.09
C ASP Q 499 -30.35 6.50 -63.97
N ASN Q 500 -31.62 6.14 -63.84
CA ASN Q 500 -32.50 6.70 -62.82
C ASN Q 500 -32.47 8.23 -62.85
N CYS R 3 6.31 -42.90 -15.40
CA CYS R 3 6.41 -41.77 -14.43
C CYS R 3 5.87 -40.52 -15.12
N ASN R 4 4.58 -40.54 -15.46
CA ASN R 4 4.03 -39.55 -16.37
C ASN R 4 3.56 -38.27 -15.68
N LYS R 5 3.09 -38.36 -14.44
CA LYS R 5 2.41 -37.25 -13.79
C LYS R 5 3.32 -36.41 -12.90
N GLN R 6 4.63 -36.62 -12.96
CA GLN R 6 5.55 -35.83 -12.14
C GLN R 6 5.64 -34.41 -12.68
N ASN R 7 5.75 -33.45 -11.77
CA ASN R 7 5.78 -32.03 -12.10
C ASN R 7 7.06 -31.41 -11.55
N GLY R 8 7.93 -30.95 -12.43
CA GLY R 8 9.18 -30.36 -12.00
C GLY R 8 10.06 -30.04 -13.19
N VAL R 9 11.30 -29.65 -12.87
CA VAL R 9 12.29 -29.26 -13.87
C VAL R 9 13.34 -30.34 -13.95
N LYS R 10 13.69 -30.74 -15.18
CA LYS R 10 14.63 -31.81 -15.44
C LYS R 10 15.99 -31.31 -15.90
N ASN R 11 16.04 -30.22 -16.64
CA ASN R 11 17.28 -29.65 -17.13
C ASN R 11 17.12 -28.15 -17.30
N ILE R 12 18.24 -27.43 -17.24
CA ILE R 12 18.29 -26.00 -17.54
C ILE R 12 19.65 -25.73 -18.16
N LEU R 13 19.67 -25.30 -19.42
CA LEU R 13 20.90 -24.92 -20.10
C LEU R 13 20.84 -23.44 -20.44
N ILE R 14 21.86 -22.68 -20.00
CA ILE R 14 21.93 -21.25 -20.23
C ILE R 14 23.21 -20.95 -21.00
N THR R 15 23.15 -19.95 -21.88
CA THR R 15 24.27 -19.54 -22.69
C THR R 15 24.44 -18.03 -22.55
N PHE R 16 25.69 -17.58 -22.39
CA PHE R 16 26.00 -16.19 -22.13
C PHE R 16 26.80 -15.60 -23.29
N THR R 17 26.37 -14.43 -23.76
CA THR R 17 27.10 -13.66 -24.76
C THR R 17 27.33 -12.26 -24.22
N HIS R 18 28.58 -11.92 -23.93
CA HIS R 18 28.90 -10.64 -23.32
C HIS R 18 28.70 -9.52 -24.33
N CYS R 19 27.99 -8.47 -23.92
CA CYS R 19 27.57 -7.44 -24.86
C CYS R 19 28.71 -6.53 -25.28
N ASP R 20 29.57 -6.12 -24.36
CA ASP R 20 30.59 -5.12 -24.64
C ASP R 20 31.78 -5.67 -25.42
N THR R 21 32.05 -6.98 -25.33
CA THR R 21 33.22 -7.56 -25.98
C THR R 21 32.90 -8.79 -26.84
N GLY R 22 31.70 -9.34 -26.75
CA GLY R 22 31.31 -10.44 -27.61
C GLY R 22 31.74 -11.81 -27.16
N GLU R 23 32.32 -11.95 -25.96
CA GLU R 23 32.73 -13.25 -25.47
C GLU R 23 31.52 -14.14 -25.23
N VAL R 24 31.71 -15.45 -25.41
CA VAL R 24 30.63 -16.42 -25.34
C VAL R 24 31.05 -17.54 -24.40
N ILE R 25 30.07 -18.15 -23.73
CA ILE R 25 30.29 -19.30 -22.86
C ILE R 25 29.21 -20.33 -23.18
N GLY R 26 29.62 -21.57 -23.44
CA GLY R 26 28.74 -22.58 -23.96
C GLY R 26 27.58 -22.88 -23.02
N PRO R 27 26.70 -23.81 -23.44
CA PRO R 27 25.47 -24.07 -22.67
C PRO R 27 25.70 -24.85 -21.39
N ILE R 28 26.06 -24.15 -20.32
CA ILE R 28 26.33 -24.77 -19.03
C ILE R 28 25.02 -25.24 -18.42
N SER R 29 25.07 -26.35 -17.69
CA SER R 29 23.89 -26.87 -17.00
C SER R 29 23.78 -26.26 -15.62
N HIS R 30 22.57 -25.87 -15.23
CA HIS R 30 22.32 -25.19 -13.97
C HIS R 30 21.34 -25.99 -13.11
N GLU R 31 21.19 -25.55 -11.86
CA GLU R 31 20.28 -26.16 -10.91
C GLU R 31 19.50 -25.06 -10.20
N GLN R 32 18.63 -25.45 -9.27
CA GLN R 32 17.75 -24.51 -8.60
C GLN R 32 18.11 -24.40 -7.12
N PRO R 33 17.80 -23.25 -6.49
CA PRO R 33 18.16 -23.08 -5.08
C PRO R 33 17.10 -23.62 -4.13
N ASP R 34 15.86 -23.70 -4.58
CA ASP R 34 14.75 -24.15 -3.73
C ASP R 34 13.66 -24.73 -4.63
N ASP R 35 12.45 -24.85 -4.08
CA ASP R 35 11.35 -25.55 -4.74
C ASP R 35 10.58 -24.69 -5.73
N THR R 36 10.93 -23.42 -5.92
CA THR R 36 10.15 -22.54 -6.79
C THR R 36 10.49 -22.84 -8.25
N LEU R 37 9.47 -23.16 -9.04
CA LEU R 37 9.69 -23.48 -10.44
C LEU R 37 9.69 -22.20 -11.29
N PRO R 38 10.25 -22.25 -12.49
CA PRO R 38 10.15 -21.10 -13.39
C PRO R 38 8.73 -20.91 -13.91
N THR R 39 8.40 -19.67 -14.29
CA THR R 39 7.10 -19.32 -14.82
C THR R 39 7.28 -18.63 -16.17
N TYR R 40 6.25 -18.71 -17.01
CA TYR R 40 6.33 -18.26 -18.39
C TYR R 40 5.09 -17.47 -18.78
N LYS R 41 5.24 -16.60 -19.78
CA LYS R 41 4.13 -16.04 -20.52
C LYS R 41 4.52 -16.03 -21.99
N THR R 42 3.93 -16.93 -22.77
CA THR R 42 4.33 -17.14 -24.16
C THR R 42 3.46 -16.39 -25.17
N CYS R 43 2.43 -15.68 -24.74
CA CYS R 43 1.57 -14.93 -25.64
C CYS R 43 2.08 -13.50 -25.68
N ALA R 44 2.48 -13.03 -26.86
CA ALA R 44 3.04 -11.69 -27.02
C ALA R 44 1.95 -10.69 -27.40
N TRP R 45 0.90 -10.66 -26.59
CA TRP R 45 -0.18 -9.71 -26.74
C TRP R 45 -0.84 -9.53 -25.38
N THR R 46 -1.53 -8.39 -25.21
CA THR R 46 -2.21 -8.08 -23.97
C THR R 46 -3.61 -7.56 -24.27
N ASN R 47 -4.57 -7.99 -23.46
CA ASN R 47 -5.96 -7.59 -23.60
C ASN R 47 -6.38 -6.75 -22.39
N THR R 48 -6.92 -5.56 -22.66
CA THR R 48 -7.43 -4.67 -21.62
C THR R 48 -8.94 -4.56 -21.78
N ALA R 49 -9.66 -4.62 -20.67
CA ALA R 49 -11.11 -4.76 -20.71
C ALA R 49 -11.80 -3.42 -20.93
N LEU R 50 -12.57 -3.32 -22.00
CA LEU R 50 -13.46 -2.20 -22.25
C LEU R 50 -14.85 -2.57 -21.71
N THR R 51 -15.91 -1.85 -22.04
CA THR R 51 -17.25 -2.17 -21.57
C THR R 51 -17.96 -3.06 -22.58
N ASN R 52 -18.91 -3.84 -22.06
CA ASN R 52 -19.77 -4.69 -22.88
C ASN R 52 -18.98 -5.79 -23.59
N GLY R 53 -18.02 -6.38 -22.90
CA GLY R 53 -17.32 -7.53 -23.41
C GLY R 53 -16.25 -7.24 -24.43
N ALA R 54 -15.95 -5.97 -24.69
CA ALA R 54 -14.91 -5.62 -25.65
C ALA R 54 -13.57 -5.43 -24.95
N VAL R 55 -12.50 -5.73 -25.67
CA VAL R 55 -11.14 -5.60 -25.16
C VAL R 55 -10.31 -4.78 -26.13
N MET R 56 -9.14 -4.35 -25.67
CA MET R 56 -8.16 -3.66 -26.48
C MET R 56 -6.89 -4.49 -26.53
N ARG R 57 -6.35 -4.68 -27.73
CA ARG R 57 -5.22 -5.58 -27.95
C ARG R 57 -3.97 -4.78 -28.25
N SER R 58 -2.85 -5.15 -27.62
CA SER R 58 -1.58 -4.45 -27.81
C SER R 58 -0.45 -5.45 -27.75
N ALA R 59 0.78 -4.95 -27.96
CA ALA R 59 1.89 -5.83 -28.32
C ALA R 59 2.47 -6.56 -27.10
N SER R 60 2.98 -5.83 -26.14
CA SER R 60 3.60 -6.43 -24.95
C SER R 60 4.78 -7.31 -25.36
N ASN R 61 5.19 -8.23 -24.48
CA ASN R 61 6.39 -9.04 -24.66
C ASN R 61 6.10 -10.47 -24.25
N ALA R 62 7.10 -11.32 -24.41
CA ALA R 62 7.10 -12.67 -23.86
C ALA R 62 8.17 -12.76 -22.78
N THR R 63 7.82 -13.34 -21.64
CA THR R 63 8.64 -13.25 -20.44
C THR R 63 8.92 -14.63 -19.88
N MET R 64 10.03 -14.73 -19.15
CA MET R 64 10.40 -15.93 -18.40
C MET R 64 11.02 -15.47 -17.08
N THR R 65 10.68 -16.18 -16.00
CA THR R 65 11.28 -15.95 -14.69
C THR R 65 12.05 -17.21 -14.30
N LEU R 66 13.35 -17.08 -14.13
CA LEU R 66 14.25 -18.22 -13.99
C LEU R 66 15.10 -18.08 -12.72
N PRO R 67 14.71 -18.74 -11.64
CA PRO R 67 15.58 -18.82 -10.45
C PRO R 67 16.54 -19.99 -10.58
N VAL R 68 17.84 -19.73 -10.40
CA VAL R 68 18.88 -20.74 -10.54
C VAL R 68 19.98 -20.47 -9.55
N VAL R 69 20.86 -21.47 -9.39
CA VAL R 69 22.06 -21.32 -8.57
C VAL R 69 23.22 -20.90 -9.47
N ARG R 70 23.93 -19.85 -9.07
CA ARG R 70 24.98 -19.30 -9.90
C ARG R 70 26.08 -20.32 -10.13
N ASP R 71 26.69 -20.25 -11.30
CA ASP R 71 27.82 -21.09 -11.62
C ASP R 71 29.11 -20.43 -11.13
N PRO R 72 29.92 -21.10 -10.30
CA PRO R 72 31.07 -20.41 -9.69
C PRO R 72 32.15 -19.99 -10.68
N ARG R 73 31.97 -20.21 -11.97
CA ARG R 73 32.94 -19.79 -12.97
C ARG R 73 32.49 -18.58 -13.78
N VAL R 74 31.22 -18.27 -13.79
CA VAL R 74 30.67 -17.14 -14.53
C VAL R 74 30.57 -15.96 -13.57
N PRO R 75 31.04 -14.76 -13.93
CA PRO R 75 30.93 -13.62 -13.02
C PRO R 75 29.49 -13.29 -12.68
N LEU R 76 29.28 -12.82 -11.45
CA LEU R 76 27.93 -12.48 -11.00
C LEU R 76 27.33 -11.37 -11.82
N ALA R 77 28.15 -10.49 -12.40
CA ALA R 77 27.61 -9.40 -13.20
C ALA R 77 26.93 -9.92 -14.46
N TRP R 78 27.31 -11.11 -14.93
CA TRP R 78 26.76 -11.63 -16.17
C TRP R 78 25.33 -12.12 -16.01
N TYR R 79 24.95 -12.61 -14.83
CA TYR R 79 23.57 -12.97 -14.56
C TYR R 79 22.67 -11.75 -14.37
N GLN R 80 23.25 -10.57 -14.22
CA GLN R 80 22.52 -9.31 -14.19
C GLN R 80 22.56 -8.71 -15.59
N GLY R 81 22.10 -7.47 -15.82
CA GLY R 81 21.87 -7.02 -17.18
C GLY R 81 23.11 -6.74 -18.01
N CYS R 82 24.25 -7.34 -17.67
CA CYS R 82 25.48 -7.10 -18.41
C CYS R 82 25.74 -8.11 -19.53
N ALA R 83 24.82 -9.04 -19.78
CA ALA R 83 24.96 -10.00 -20.88
C ALA R 83 23.58 -10.45 -21.33
N GLN R 84 23.52 -11.02 -22.54
CA GLN R 84 22.28 -11.58 -23.07
C GLN R 84 22.31 -13.09 -22.94
N ILE R 85 21.13 -13.69 -22.83
CA ILE R 85 20.99 -15.07 -22.35
C ILE R 85 20.14 -15.86 -23.33
N ASP R 86 20.56 -17.10 -23.60
CA ASP R 86 19.80 -18.06 -24.38
C ASP R 86 19.51 -19.27 -23.51
N ALA R 87 18.25 -19.43 -23.10
CA ALA R 87 17.89 -20.41 -22.08
C ALA R 87 16.96 -21.47 -22.65
N GLN R 88 17.11 -22.69 -22.14
CA GLN R 88 16.20 -23.79 -22.41
C GLN R 88 15.87 -24.48 -21.10
N VAL R 89 14.60 -24.82 -20.91
CA VAL R 89 14.13 -25.50 -19.72
C VAL R 89 13.33 -26.72 -20.15
N GLU R 90 13.64 -27.87 -19.55
CA GLU R 90 12.98 -29.13 -19.88
C GLU R 90 12.29 -29.66 -18.63
N LYS R 91 11.07 -30.17 -18.80
CA LYS R 91 10.27 -30.70 -17.72
C LYS R 91 10.25 -32.22 -17.76
N PHE R 92 9.72 -32.81 -16.69
CA PHE R 92 9.65 -34.26 -16.61
C PHE R 92 8.60 -34.85 -17.55
N ASP R 93 7.60 -34.08 -17.95
CA ASP R 93 6.57 -34.57 -18.86
C ASP R 93 6.98 -34.51 -20.32
N GLY R 94 8.10 -33.84 -20.63
CA GLY R 94 8.60 -33.77 -21.98
C GLY R 94 8.54 -32.40 -22.61
N THR R 95 8.02 -31.40 -21.92
CA THR R 95 7.91 -30.06 -22.49
C THR R 95 9.25 -29.35 -22.45
N VAL R 96 9.58 -28.66 -23.54
CA VAL R 96 10.82 -27.91 -23.67
C VAL R 96 10.48 -26.49 -24.10
N MET R 97 11.04 -25.51 -23.39
CA MET R 97 10.77 -24.10 -23.64
C MET R 97 12.09 -23.44 -24.04
N THR R 98 12.16 -22.93 -25.27
CA THR R 98 13.39 -22.36 -25.81
C THR R 98 13.24 -20.86 -25.98
N LEU R 99 14.15 -20.12 -25.35
CA LEU R 99 14.20 -18.67 -25.46
C LEU R 99 15.60 -18.28 -25.91
N THR R 100 15.69 -17.39 -26.90
CA THR R 100 16.97 -16.93 -27.42
C THR R 100 16.97 -15.41 -27.52
N GLU R 101 18.15 -14.82 -27.31
CA GLU R 101 18.31 -13.37 -27.32
C GLU R 101 17.46 -12.71 -26.24
N GLY R 102 17.62 -13.18 -25.01
CA GLY R 102 16.92 -12.56 -23.90
C GLY R 102 17.62 -11.31 -23.41
N ALA R 103 16.93 -10.57 -22.53
CA ALA R 103 17.45 -9.35 -21.95
C ALA R 103 16.95 -9.26 -20.52
N VAL R 104 17.87 -9.33 -19.55
CA VAL R 104 17.49 -9.29 -18.15
C VAL R 104 17.08 -7.87 -17.79
N THR R 105 15.90 -7.73 -17.19
CA THR R 105 15.32 -6.43 -16.87
C THR R 105 15.26 -6.23 -15.37
N GLU R 106 15.61 -5.01 -14.93
CA GLU R 106 15.53 -4.57 -13.54
C GLU R 106 16.12 -5.64 -12.61
N PRO R 107 17.44 -5.87 -12.68
CA PRO R 107 18.06 -6.90 -11.84
C PRO R 107 17.91 -6.57 -10.36
N GLU R 108 17.78 -7.61 -9.54
CA GLU R 108 17.68 -7.45 -8.10
C GLU R 108 18.99 -7.87 -7.43
N GLU R 109 19.19 -7.42 -6.20
CA GLU R 109 20.42 -7.73 -5.49
C GLU R 109 20.49 -9.21 -5.14
N SER R 110 21.70 -9.75 -5.23
CA SER R 110 21.96 -11.17 -4.99
C SER R 110 23.03 -11.32 -3.92
N ASP R 111 22.95 -12.43 -3.18
CA ASP R 111 23.92 -12.74 -2.14
C ASP R 111 25.13 -13.50 -2.68
N GLY R 112 25.17 -13.76 -3.99
CA GLY R 112 26.29 -14.44 -4.59
C GLY R 112 26.10 -15.90 -4.89
N ARG R 113 25.01 -16.52 -4.41
CA ARG R 113 24.75 -17.93 -4.71
C ARG R 113 23.47 -18.09 -5.49
N ALA R 114 22.37 -17.55 -4.98
CA ALA R 114 21.07 -17.68 -5.63
C ALA R 114 20.79 -16.44 -6.46
N VAL R 115 20.29 -16.65 -7.68
CA VAL R 115 19.99 -15.57 -8.60
C VAL R 115 18.62 -15.81 -9.20
N THR R 116 17.85 -14.74 -9.37
CA THR R 116 16.52 -14.80 -9.96
C THR R 116 16.47 -13.78 -11.10
N MET R 117 16.58 -14.26 -12.33
CA MET R 117 16.57 -13.39 -13.50
C MET R 117 15.16 -13.24 -14.04
N THR R 118 14.86 -12.05 -14.56
CA THR R 118 13.62 -11.79 -15.29
C THR R 118 14.00 -11.48 -16.72
N ILE R 119 13.67 -12.38 -17.64
CA ILE R 119 14.11 -12.32 -19.02
C ILE R 119 12.91 -11.99 -19.90
N ILE R 120 13.14 -11.20 -20.95
CA ILE R 120 12.10 -10.88 -21.93
C ILE R 120 12.67 -11.14 -23.32
N ALA R 121 11.81 -11.65 -24.20
CA ALA R 121 12.19 -11.99 -25.56
C ALA R 121 11.04 -11.68 -26.50
N ALA R 122 11.34 -11.66 -27.79
CA ALA R 122 10.29 -11.42 -28.78
C ALA R 122 9.33 -12.60 -28.87
N GLU R 123 9.84 -13.82 -28.79
CA GLU R 123 9.02 -15.02 -28.85
C GLU R 123 9.64 -16.09 -27.99
N ILE R 124 8.80 -17.02 -27.53
CA ILE R 124 9.23 -18.21 -26.80
C ILE R 124 8.60 -19.42 -27.49
N ASP R 125 9.41 -20.46 -27.70
CA ASP R 125 8.96 -21.66 -28.38
C ASP R 125 8.63 -22.75 -27.37
N GLU R 126 7.47 -23.37 -27.55
CA GLU R 126 7.03 -24.48 -26.71
C GLU R 126 6.94 -25.74 -27.55
N LEU R 127 7.59 -26.80 -27.08
CA LEU R 127 7.63 -28.09 -27.77
C LEU R 127 6.93 -29.10 -26.87
N LEU R 128 5.66 -29.37 -27.16
CA LEU R 128 4.84 -30.22 -26.32
C LEU R 128 5.22 -31.69 -26.52
N PRO R 129 4.85 -32.57 -25.61
CA PRO R 129 5.08 -33.99 -25.81
C PRO R 129 4.38 -34.48 -27.06
N PRO R 130 4.75 -35.67 -27.55
CA PRO R 130 4.16 -36.15 -28.81
C PRO R 130 2.65 -36.30 -28.70
N GLY R 131 1.96 -35.98 -29.80
CA GLY R 131 0.53 -36.16 -29.88
C GLY R 131 -0.28 -34.90 -29.63
N SER R 132 0.25 -33.75 -30.05
CA SER R 132 -0.43 -32.49 -29.82
C SER R 132 -1.62 -32.32 -30.76
N LEU R 133 -2.49 -31.36 -30.43
CA LEU R 133 -3.67 -31.06 -31.22
C LEU R 133 -3.54 -29.76 -32.02
N ALA R 134 -2.72 -28.83 -31.56
CA ALA R 134 -2.57 -27.55 -32.25
C ALA R 134 -1.48 -27.64 -33.31
N ALA R 135 -1.74 -27.06 -34.47
CA ALA R 135 -0.78 -27.08 -35.57
C ALA R 135 0.48 -26.33 -35.19
N MET S 1 69.70 4.16 -2.26
CA MET S 1 68.81 5.33 -1.96
C MET S 1 67.95 5.65 -3.17
N ALA S 2 68.60 6.05 -4.27
CA ALA S 2 67.93 6.19 -5.55
C ALA S 2 66.74 7.14 -5.48
N GLN S 3 65.53 6.60 -5.62
CA GLN S 3 64.31 7.39 -5.75
C GLN S 3 63.43 7.18 -4.53
N ASP S 4 62.68 8.22 -4.16
CA ASP S 4 61.97 8.24 -2.88
C ASP S 4 61.04 7.04 -2.74
N ALA S 5 60.20 6.79 -3.74
CA ALA S 5 59.22 5.72 -3.63
C ALA S 5 59.87 4.35 -3.53
N LEU S 6 61.13 4.22 -3.94
CA LEU S 6 61.83 2.95 -3.93
C LEU S 6 63.03 2.93 -2.99
N SER S 7 63.24 3.98 -2.20
CA SER S 7 64.47 4.11 -1.43
C SER S 7 64.52 3.20 -0.22
N ASP S 8 63.39 3.01 0.46
CA ASP S 8 63.38 2.31 1.74
C ASP S 8 63.51 0.80 1.59
N GLY S 9 63.36 0.26 0.39
CA GLY S 9 63.58 -1.15 0.17
C GLY S 9 62.45 -2.07 0.57
N PHE S 10 61.26 -1.55 0.83
CA PHE S 10 60.12 -2.41 1.11
C PHE S 10 59.61 -3.06 -0.18
N VAL S 11 59.57 -2.30 -1.26
CA VAL S 11 59.20 -2.81 -2.57
C VAL S 11 60.46 -2.91 -3.41
N ARG S 12 60.81 -4.12 -3.83
CA ARG S 12 61.97 -4.38 -4.66
C ARG S 12 61.49 -4.67 -6.08
N LEU S 13 61.75 -3.74 -7.00
CA LEU S 13 61.15 -3.75 -8.32
C LEU S 13 62.09 -4.35 -9.34
N CYS S 14 61.53 -5.12 -10.28
CA CYS S 14 62.24 -5.68 -11.41
C CYS S 14 61.41 -5.47 -12.66
N ILE S 15 62.03 -4.94 -13.71
CA ILE S 15 61.36 -4.67 -14.98
C ILE S 15 62.09 -5.45 -16.06
N ASP S 16 61.40 -6.41 -16.67
CA ASP S 16 61.98 -7.23 -17.73
C ASP S 16 60.87 -7.70 -18.67
N PRO S 17 60.80 -7.18 -19.90
CA PRO S 17 59.73 -7.60 -20.81
C PRO S 17 59.89 -9.00 -21.38
N SER S 18 60.94 -9.73 -21.02
CA SER S 18 61.16 -11.07 -21.55
C SER S 18 60.75 -12.18 -20.59
N LEU S 19 60.15 -11.84 -19.46
CA LEU S 19 59.75 -12.86 -18.49
C LEU S 19 58.52 -13.61 -18.98
N ASN S 20 58.34 -14.82 -18.45
CA ASN S 20 57.20 -15.66 -18.79
C ASN S 20 56.61 -16.23 -17.52
N PHE S 21 55.28 -16.11 -17.37
CA PHE S 21 54.60 -16.57 -16.17
C PHE S 21 54.18 -18.01 -16.24
N PHE S 22 54.23 -18.63 -17.42
CA PHE S 22 53.68 -19.96 -17.62
C PHE S 22 54.56 -21.01 -16.96
N GLY S 23 53.93 -22.07 -16.47
CA GLY S 23 54.67 -23.21 -15.98
C GLY S 23 55.09 -24.14 -17.11
N GLU S 24 55.80 -25.20 -16.74
CA GLU S 24 56.26 -26.18 -17.71
C GLU S 24 55.08 -27.05 -18.13
N GLY S 25 54.83 -27.13 -19.44
CA GLY S 25 53.70 -27.87 -19.98
C GLY S 25 54.07 -29.25 -20.45
N CYS S 26 53.52 -29.63 -21.60
CA CYS S 26 53.78 -30.95 -22.15
C CYS S 26 55.18 -31.02 -22.74
N LYS S 27 55.65 -32.23 -22.98
CA LYS S 27 56.96 -32.50 -23.55
C LYS S 27 56.79 -33.14 -24.92
N ILE S 28 57.43 -32.56 -25.93
CA ILE S 28 57.36 -33.05 -27.30
C ILE S 28 58.78 -33.26 -27.81
N LEU S 29 59.02 -34.40 -28.44
CA LEU S 29 60.34 -34.77 -28.97
C LEU S 29 60.31 -34.72 -30.49
N VAL S 30 61.34 -34.12 -31.08
CA VAL S 30 61.46 -33.99 -32.52
C VAL S 30 62.75 -34.68 -32.96
N GLU S 31 62.64 -35.54 -33.96
CA GLU S 31 63.74 -36.38 -34.42
C GLU S 31 63.94 -36.19 -35.92
N GLY S 32 65.17 -35.88 -36.32
CA GLY S 32 65.45 -35.62 -37.72
C GLY S 32 66.93 -35.51 -37.96
N GLN S 33 67.27 -35.32 -39.24
CA GLN S 33 68.67 -35.27 -39.64
C GLN S 33 69.30 -33.93 -39.26
N ILE S 34 70.63 -33.91 -39.21
CA ILE S 34 71.40 -32.68 -39.04
C ILE S 34 72.50 -32.65 -40.10
N THR S 35 73.31 -31.59 -40.08
CA THR S 35 74.38 -31.44 -41.06
C THR S 35 75.71 -31.36 -40.34
N ASP S 36 76.79 -31.51 -41.11
CA ASP S 36 78.14 -31.52 -40.55
C ASP S 36 78.52 -30.20 -39.90
N ASP S 37 77.83 -29.10 -40.20
CA ASP S 37 78.15 -27.82 -39.61
C ASP S 37 77.44 -27.58 -38.29
N ALA S 38 76.67 -28.55 -37.81
CA ALA S 38 75.98 -28.40 -36.53
C ALA S 38 76.96 -28.50 -35.37
N THR S 39 76.52 -28.04 -34.19
CA THR S 39 77.33 -28.08 -32.99
C THR S 39 76.62 -28.81 -31.86
N ALA S 40 75.89 -29.88 -32.16
CA ALA S 40 75.18 -30.66 -31.17
C ALA S 40 75.56 -32.13 -31.29
N ALA S 41 75.64 -32.82 -30.16
CA ALA S 41 76.05 -34.21 -30.15
C ALA S 41 74.99 -35.10 -30.77
N GLU S 42 75.43 -36.01 -31.63
CA GLU S 42 74.49 -36.94 -32.26
C GLU S 42 73.97 -37.94 -31.23
N ASN S 43 72.71 -38.34 -31.43
CA ASN S 43 72.08 -39.34 -30.57
C ASN S 43 72.07 -38.91 -29.11
N VAL S 44 71.59 -37.70 -28.85
CA VAL S 44 71.46 -37.16 -27.50
C VAL S 44 70.23 -36.27 -27.44
N VAL S 45 69.28 -36.65 -26.58
CA VAL S 45 68.10 -35.82 -26.39
C VAL S 45 68.50 -34.56 -25.66
N THR S 46 68.23 -33.41 -26.28
CA THR S 46 68.67 -32.12 -25.76
C THR S 46 67.52 -31.15 -25.74
N CYS S 47 67.51 -30.29 -24.73
CA CYS S 47 66.46 -29.29 -24.56
C CYS S 47 66.64 -28.14 -25.55
N VAL S 48 65.52 -27.61 -26.03
CA VAL S 48 65.49 -26.46 -26.93
C VAL S 48 64.72 -25.35 -26.23
N ASN S 49 65.29 -24.16 -26.22
CA ASN S 49 64.71 -23.07 -25.44
C ASN S 49 63.91 -22.08 -26.28
N SER S 50 64.23 -21.93 -27.57
CA SER S 50 63.52 -20.98 -28.41
C SER S 50 63.85 -21.26 -29.87
N GLU S 51 63.19 -20.49 -30.75
CA GLU S 51 63.43 -20.56 -32.18
C GLU S 51 64.80 -20.01 -32.57
N LEU S 52 65.49 -19.35 -31.65
CA LEU S 52 66.53 -18.39 -32.00
C LEU S 52 67.93 -18.98 -32.08
N ASP S 53 68.16 -20.16 -31.50
CA ASP S 53 69.49 -20.76 -31.54
C ASP S 53 69.63 -21.81 -32.65
N LEU S 54 68.60 -22.04 -33.44
CA LEU S 54 68.68 -23.01 -34.52
C LEU S 54 69.78 -22.59 -35.51
N VAL S 55 70.11 -23.52 -36.41
CA VAL S 55 71.17 -23.35 -37.40
C VAL S 55 72.53 -23.48 -36.73
N GLU S 56 72.84 -22.62 -35.76
CA GLU S 56 74.10 -22.74 -35.06
C GLU S 56 74.21 -24.08 -34.34
N ARG S 57 73.09 -24.57 -33.80
CA ARG S 57 73.13 -25.83 -33.05
C ARG S 57 72.82 -27.03 -33.95
N PHE S 58 71.76 -26.95 -34.76
CA PHE S 58 71.27 -28.10 -35.51
C PHE S 58 71.54 -27.98 -37.00
N GLY S 59 72.42 -27.07 -37.42
CA GLY S 59 72.85 -27.02 -38.80
C GLY S 59 72.01 -26.13 -39.69
N GLN S 60 72.62 -25.58 -40.74
CA GLN S 60 71.93 -24.68 -41.64
C GLN S 60 71.03 -25.48 -42.59
N GLY S 61 69.77 -25.04 -42.70
CA GLY S 61 68.86 -25.64 -43.66
C GLY S 61 68.67 -27.12 -43.49
N SER S 62 68.82 -27.63 -42.27
CA SER S 62 68.65 -29.06 -42.03
C SER S 62 67.19 -29.40 -41.83
N VAL S 63 66.88 -30.70 -41.96
CA VAL S 63 65.51 -31.16 -41.74
C VAL S 63 65.07 -30.86 -40.31
N LEU S 64 65.96 -31.11 -39.34
CA LEU S 64 65.59 -30.90 -37.94
C LEU S 64 65.29 -29.44 -37.66
N THR S 65 66.08 -28.53 -38.22
CA THR S 65 65.83 -27.11 -38.01
C THR S 65 64.48 -26.69 -38.60
N GLU S 66 64.18 -27.16 -39.81
CA GLU S 66 62.91 -26.82 -40.43
C GLU S 66 61.75 -27.34 -39.61
N SER S 67 61.85 -28.59 -39.14
CA SER S 67 60.77 -29.16 -38.33
C SER S 67 60.60 -28.40 -37.02
N LEU S 68 61.70 -28.04 -36.37
CA LEU S 68 61.62 -27.33 -35.10
C LEU S 68 61.08 -25.92 -35.29
N ARG S 69 61.28 -25.33 -36.47
CA ARG S 69 60.81 -23.97 -36.68
C ARG S 69 59.28 -23.87 -36.62
N LYS S 70 58.58 -24.89 -37.13
CA LYS S 70 57.12 -24.86 -37.10
C LYS S 70 56.57 -25.15 -35.70
N VAL S 71 57.27 -25.97 -34.92
CA VAL S 71 56.76 -26.36 -33.61
C VAL S 71 56.56 -25.14 -32.73
N PHE S 72 57.55 -24.24 -32.71
CA PHE S 72 57.42 -23.02 -31.92
C PHE S 72 56.37 -22.08 -32.48
N CYS S 73 56.20 -22.05 -33.81
CA CYS S 73 55.19 -21.15 -34.38
C CYS S 73 53.78 -21.59 -34.00
N MET S 74 53.50 -22.89 -34.09
CA MET S 74 52.18 -23.36 -33.69
C MET S 74 51.97 -23.21 -32.19
N CYS S 75 53.00 -23.52 -31.39
CA CYS S 75 52.88 -23.54 -29.93
C CYS S 75 53.49 -22.26 -29.37
N LYS S 76 52.63 -21.28 -29.12
CA LYS S 76 53.08 -20.03 -28.52
C LYS S 76 53.39 -20.20 -27.05
N SER S 77 52.82 -21.20 -26.40
CA SER S 77 53.08 -21.44 -24.99
C SER S 77 52.51 -22.80 -24.61
N GLY S 78 52.95 -23.30 -23.45
CA GLY S 78 52.41 -24.53 -22.90
C GLY S 78 53.07 -25.81 -23.34
N VAL S 79 54.31 -25.75 -23.83
CA VAL S 79 55.01 -26.96 -24.26
C VAL S 79 56.49 -26.80 -23.96
N SER S 80 57.17 -27.93 -23.86
CA SER S 80 58.63 -28.00 -23.77
C SER S 80 59.13 -28.83 -24.95
N VAL S 81 60.06 -28.27 -25.72
CA VAL S 81 60.51 -28.88 -26.96
C VAL S 81 61.86 -29.53 -26.73
N TYR S 82 62.00 -30.77 -27.20
CA TYR S 82 63.25 -31.52 -27.14
C TYR S 82 63.59 -32.02 -28.54
N ALA S 83 64.89 -32.16 -28.80
CA ALA S 83 65.38 -32.56 -30.11
C ALA S 83 66.28 -33.78 -29.99
N LEU S 84 66.20 -34.67 -30.99
CA LEU S 84 67.00 -35.87 -31.06
C LEU S 84 67.69 -35.93 -32.42
N PRO S 85 68.78 -35.20 -32.61
CA PRO S 85 69.43 -35.15 -33.93
C PRO S 85 70.01 -36.49 -34.34
N ARG S 86 69.98 -36.75 -35.65
CA ARG S 86 70.55 -37.95 -36.23
C ARG S 86 71.44 -37.56 -37.40
N ALA S 87 72.40 -38.43 -37.71
CA ALA S 87 73.37 -38.20 -38.77
C ALA S 87 73.09 -39.14 -39.94
N ASP S 88 73.04 -38.58 -41.14
CA ASP S 88 72.77 -39.37 -42.33
C ASP S 88 73.91 -40.34 -42.59
N ALA S 89 73.57 -41.48 -43.20
CA ALA S 89 74.57 -42.51 -43.45
C ALA S 89 75.62 -42.00 -44.43
N ALA S 90 76.84 -42.53 -44.29
CA ALA S 90 77.94 -42.08 -45.13
C ALA S 90 77.77 -42.44 -46.60
N ALA S 91 76.94 -43.43 -46.90
CA ALA S 91 76.73 -43.85 -48.29
C ALA S 91 75.54 -43.16 -48.94
N ALA S 92 74.85 -42.27 -48.24
CA ALA S 92 73.68 -41.61 -48.81
C ALA S 92 74.08 -40.68 -49.94
N VAL S 93 73.19 -40.58 -50.94
CA VAL S 93 73.41 -39.73 -52.10
C VAL S 93 72.27 -38.70 -52.15
N SER S 94 72.64 -37.43 -52.30
CA SER S 94 71.64 -36.37 -52.36
C SER S 94 70.90 -36.41 -53.68
N ALA S 95 69.58 -36.17 -53.64
CA ALA S 95 68.79 -36.13 -54.85
C ALA S 95 69.02 -34.82 -55.60
N VAL S 96 68.85 -34.87 -56.92
CA VAL S 96 69.16 -33.76 -57.81
C VAL S 96 67.95 -33.47 -58.70
N TYR S 97 67.62 -32.19 -58.85
CA TYR S 97 66.57 -31.76 -59.75
C TYR S 97 67.11 -30.67 -60.67
N THR S 98 66.52 -30.58 -61.86
CA THR S 98 66.95 -29.64 -62.89
C THR S 98 65.83 -28.63 -63.14
N LEU S 99 66.19 -27.34 -63.07
CA LEU S 99 65.28 -26.24 -63.39
C LEU S 99 65.86 -25.46 -64.55
N THR S 100 65.12 -25.36 -65.65
CA THR S 100 65.60 -24.73 -66.87
C THR S 100 64.66 -23.60 -67.27
N VAL S 101 65.22 -22.45 -67.58
CA VAL S 101 64.47 -21.32 -68.10
C VAL S 101 64.61 -21.31 -69.63
N THR S 102 63.62 -20.74 -70.32
CA THR S 102 63.62 -20.72 -71.77
C THR S 102 62.98 -19.44 -72.26
N GLY S 103 63.26 -19.12 -73.53
CA GLY S 103 62.70 -17.94 -74.15
C GLY S 103 63.45 -16.68 -73.81
N THR S 104 62.81 -15.54 -74.09
CA THR S 104 63.38 -14.23 -73.79
C THR S 104 62.23 -13.26 -73.54
N ALA S 105 62.28 -12.58 -72.39
CA ALA S 105 61.20 -11.69 -72.01
C ALA S 105 61.01 -10.60 -73.06
N LEU S 106 59.75 -10.41 -73.48
CA LEU S 106 59.39 -9.35 -74.41
C LEU S 106 58.38 -8.37 -73.83
N THR S 107 57.85 -8.65 -72.64
CA THR S 107 57.06 -7.70 -71.88
C THR S 107 57.54 -7.71 -70.43
N ASP S 108 57.50 -6.54 -69.81
CA ASP S 108 57.84 -6.44 -68.40
C ASP S 108 56.73 -7.04 -67.54
N GLY S 109 57.11 -7.43 -66.32
CA GLY S 109 56.14 -8.03 -65.41
C GLY S 109 56.85 -8.66 -64.23
N ARG S 110 56.10 -9.51 -63.51
CA ARG S 110 56.58 -10.19 -62.33
C ARG S 110 56.33 -11.69 -62.46
N VAL S 111 57.29 -12.48 -62.00
CA VAL S 111 57.16 -13.93 -61.89
C VAL S 111 57.40 -14.33 -60.45
N GLN S 112 56.49 -15.12 -59.90
CA GLN S 112 56.57 -15.56 -58.51
C GLN S 112 56.41 -17.08 -58.48
N LEU S 113 57.36 -17.76 -57.81
CA LEU S 113 57.45 -19.21 -57.83
C LEU S 113 57.14 -19.76 -56.44
N TYR S 114 56.46 -20.91 -56.42
CA TYR S 114 56.23 -21.63 -55.17
C TYR S 114 57.16 -22.82 -55.08
N MET S 115 57.82 -22.96 -53.92
CA MET S 115 58.80 -24.02 -53.74
C MET S 115 58.69 -24.53 -52.30
N GLY S 116 58.20 -25.75 -52.15
CA GLY S 116 58.19 -26.42 -50.86
C GLY S 116 57.16 -25.88 -49.89
N GLU S 117 57.24 -24.60 -49.55
CA GLU S 117 56.33 -24.01 -48.58
C GLU S 117 56.34 -22.50 -48.78
N ALA S 118 55.32 -21.85 -48.24
CA ALA S 118 55.14 -20.41 -48.43
C ALA S 118 56.32 -19.59 -47.90
N GLU S 119 57.10 -20.11 -46.96
CA GLU S 119 58.24 -19.37 -46.45
C GLU S 119 59.36 -19.28 -47.49
N TYR S 120 59.49 -20.30 -48.35
CA TYR S 120 60.58 -20.36 -49.30
C TYR S 120 60.17 -20.01 -50.72
N SER S 121 58.89 -19.69 -50.94
CA SER S 121 58.46 -19.17 -52.24
C SER S 121 58.93 -17.72 -52.38
N LEU S 122 59.31 -17.34 -53.60
CA LEU S 122 59.90 -16.05 -53.86
C LEU S 122 59.20 -15.38 -55.04
N ASP S 123 59.22 -14.05 -55.03
CA ASP S 123 58.73 -13.24 -56.13
C ASP S 123 59.88 -12.45 -56.72
N ILE S 124 60.13 -12.63 -58.02
CA ILE S 124 61.21 -11.97 -58.73
C ILE S 124 60.61 -11.30 -59.97
N GLY S 125 60.97 -10.03 -60.19
CA GLY S 125 60.40 -9.26 -61.27
C GLY S 125 61.42 -8.86 -62.32
N VAL S 126 60.91 -8.57 -63.51
CA VAL S 126 61.72 -8.07 -64.62
C VAL S 126 61.07 -6.80 -65.15
N ASP S 127 61.88 -5.79 -65.42
CA ASP S 127 61.39 -4.48 -65.82
C ASP S 127 61.60 -4.17 -67.30
N GLU S 128 62.39 -4.97 -68.01
CA GLU S 128 62.68 -4.71 -69.42
C GLU S 128 62.63 -6.02 -70.19
N GLY S 129 62.31 -5.90 -71.48
CA GLY S 129 62.33 -7.03 -72.38
C GLY S 129 63.73 -7.33 -72.88
N ASP S 130 63.81 -8.35 -73.73
CA ASP S 130 65.05 -8.79 -74.36
C ASP S 130 66.05 -9.34 -73.35
N THR S 131 65.65 -9.52 -72.10
CA THR S 131 66.54 -10.08 -71.10
C THR S 131 66.80 -11.55 -71.43
N PRO S 132 68.06 -11.98 -71.60
CA PRO S 132 68.31 -13.38 -71.93
C PRO S 132 67.90 -14.31 -70.80
N THR S 133 68.07 -15.61 -71.01
CA THR S 133 67.77 -16.59 -69.97
C THR S 133 68.76 -16.46 -68.81
N GLN S 134 69.84 -15.70 -69.02
CA GLN S 134 70.84 -15.49 -67.98
C GLN S 134 70.59 -14.23 -67.16
N ILE S 135 69.98 -13.20 -67.73
CA ILE S 135 69.41 -12.15 -66.91
C ILE S 135 68.21 -12.68 -66.14
N ALA S 136 67.40 -13.50 -66.78
CA ALA S 136 66.57 -14.43 -66.06
C ALA S 136 67.47 -15.46 -65.36
N ALA S 137 66.86 -16.37 -64.60
CA ALA S 137 67.61 -17.27 -63.75
C ALA S 137 68.40 -16.50 -62.69
N LYS S 138 68.00 -15.26 -62.43
CA LYS S 138 68.48 -14.48 -61.30
C LYS S 138 67.90 -14.97 -59.98
N ILE S 139 67.18 -16.09 -60.01
CA ILE S 139 66.48 -16.63 -58.85
C ILE S 139 67.47 -16.89 -57.73
N VAL S 140 68.65 -17.43 -58.07
CA VAL S 140 69.62 -17.78 -57.05
C VAL S 140 69.99 -16.59 -56.18
N ALA S 141 69.84 -15.37 -56.69
CA ALA S 141 70.04 -14.19 -55.85
C ALA S 141 68.88 -13.97 -54.89
N ALA S 142 67.79 -14.73 -55.03
CA ALA S 142 66.57 -14.52 -54.25
C ALA S 142 66.28 -15.64 -53.27
N ILE S 143 66.59 -16.90 -53.61
CA ILE S 143 66.27 -18.01 -52.73
C ILE S 143 66.96 -17.80 -51.38
N SER S 144 66.23 -18.11 -50.30
CA SER S 144 66.67 -17.83 -48.95
C SER S 144 67.69 -18.85 -48.48
N PRO S 145 68.53 -18.49 -47.51
CA PRO S 145 69.50 -19.46 -46.97
C PRO S 145 68.84 -20.68 -46.34
N ASP S 146 67.68 -20.51 -45.72
CA ASP S 146 67.03 -21.59 -44.99
C ASP S 146 66.45 -22.66 -45.89
N PHE S 147 66.41 -22.43 -47.20
CA PHE S 147 65.89 -23.43 -48.11
C PHE S 147 66.75 -24.69 -48.02
N PRO S 148 66.15 -25.88 -47.84
CA PRO S 148 66.96 -27.08 -47.61
C PRO S 148 67.65 -27.63 -48.86
N TYR S 149 67.75 -26.84 -49.92
CA TYR S 149 68.41 -27.26 -51.15
C TYR S 149 69.44 -26.22 -51.57
N GLU S 150 70.45 -26.69 -52.31
CA GLU S 150 71.49 -25.83 -52.87
C GLU S 150 71.30 -25.67 -54.37
N ALA S 151 71.49 -24.45 -54.86
CA ALA S 151 71.32 -24.13 -56.26
C ALA S 151 72.68 -23.88 -56.90
N THR S 152 72.94 -24.56 -58.02
CA THR S 152 74.23 -24.45 -58.69
C THR S 152 74.39 -23.13 -59.44
N ALA S 153 73.30 -22.56 -59.95
CA ALA S 153 73.36 -21.28 -60.66
C ALA S 153 74.27 -21.36 -61.88
N ALA S 154 74.05 -22.37 -62.71
CA ALA S 154 74.84 -22.53 -63.93
C ALA S 154 74.35 -21.55 -64.99
N ALA S 155 74.89 -21.70 -66.20
CA ALA S 155 74.62 -20.77 -67.29
C ALA S 155 73.25 -21.07 -67.89
N GLY S 156 72.24 -20.30 -67.46
CA GLY S 156 70.90 -20.41 -68.01
C GLY S 156 70.01 -21.44 -67.34
N VAL S 157 70.57 -22.38 -66.60
CA VAL S 157 69.80 -23.41 -65.89
C VAL S 157 70.39 -23.56 -64.50
N ILE S 158 69.51 -23.72 -63.51
CA ILE S 158 69.92 -23.91 -62.12
C ILE S 158 69.44 -25.28 -61.67
N THR S 159 70.35 -26.08 -61.12
CA THR S 159 70.03 -27.41 -60.61
C THR S 159 70.02 -27.38 -59.09
N LEU S 160 69.09 -28.14 -58.51
CA LEU S 160 68.87 -28.13 -57.07
C LEU S 160 69.24 -29.50 -56.51
N THR S 161 70.04 -29.49 -55.44
CA THR S 161 70.50 -30.72 -54.80
C THR S 161 70.24 -30.63 -53.30
N ALA S 162 69.79 -31.74 -52.72
CA ALA S 162 69.38 -31.75 -51.32
C ALA S 162 70.59 -31.56 -50.40
N ARG S 163 70.37 -30.88 -49.28
CA ARG S 163 71.42 -30.72 -48.28
C ARG S 163 71.55 -31.94 -47.38
N ASN S 164 70.59 -32.85 -47.42
CA ASN S 164 70.62 -34.07 -46.62
C ASN S 164 70.42 -35.28 -47.53
N GLY S 165 71.22 -36.31 -47.31
CA GLY S 165 71.15 -37.50 -48.13
C GLY S 165 69.91 -38.32 -47.83
N GLY S 166 69.73 -39.36 -48.63
CA GLY S 166 68.61 -40.25 -48.47
C GLY S 166 67.37 -39.79 -49.23
N THR S 167 66.30 -40.55 -49.04
CA THR S 167 65.05 -40.31 -49.76
C THR S 167 64.31 -39.08 -49.25
N ILE S 168 64.73 -38.50 -48.12
CA ILE S 168 63.98 -37.39 -47.55
C ILE S 168 63.96 -36.19 -48.49
N GLY S 169 65.04 -35.98 -49.25
CA GLY S 169 65.08 -34.89 -50.21
C GLY S 169 64.42 -35.18 -51.53
N ASN S 170 63.75 -36.33 -51.65
CA ASN S 170 63.20 -36.78 -52.91
C ASN S 170 61.75 -36.30 -53.06
N HIS S 171 61.43 -35.15 -52.48
CA HIS S 171 60.04 -34.68 -52.42
C HIS S 171 59.84 -33.24 -52.85
N LEU S 172 60.85 -32.54 -53.34
CA LEU S 172 60.70 -31.13 -53.68
C LEU S 172 59.67 -30.95 -54.78
N SER S 173 58.88 -29.88 -54.69
CA SER S 173 57.90 -29.54 -55.71
C SER S 173 57.99 -28.06 -56.03
N VAL S 174 58.04 -27.73 -57.32
CA VAL S 174 58.12 -26.35 -57.80
C VAL S 174 56.96 -26.10 -58.74
N ILE S 175 56.25 -25.00 -58.52
CA ILE S 175 55.05 -24.66 -59.29
C ILE S 175 55.20 -23.26 -59.84
N TYR S 176 54.90 -23.10 -61.13
CA TYR S 176 54.93 -21.79 -61.80
C TYR S 176 53.54 -21.19 -61.68
N THR S 177 53.32 -20.47 -60.58
CA THR S 177 51.96 -20.13 -60.17
C THR S 177 51.23 -19.31 -61.25
N ASN S 178 51.89 -18.31 -61.82
CA ASN S 178 51.23 -17.35 -62.68
C ASN S 178 51.24 -17.75 -64.15
N LEU S 179 51.32 -19.06 -64.43
CA LEU S 179 51.19 -19.50 -65.82
C LEU S 179 49.82 -19.14 -66.38
N GLY S 180 48.77 -19.34 -65.59
CA GLY S 180 47.45 -18.95 -66.00
C GLY S 180 47.16 -17.49 -65.75
N SER S 181 46.00 -17.05 -66.21
CA SER S 181 45.62 -15.65 -66.06
C SER S 181 45.51 -15.28 -64.58
N CYS S 182 45.94 -14.06 -64.26
CA CYS S 182 45.90 -13.56 -62.90
C CYS S 182 45.97 -12.05 -62.93
N THR S 183 45.63 -11.42 -61.80
CA THR S 183 45.72 -9.98 -61.70
C THR S 183 47.16 -9.48 -61.77
N SER S 184 48.13 -10.36 -61.60
CA SER S 184 49.54 -10.04 -61.79
C SER S 184 50.00 -10.58 -63.14
N VAL S 185 50.54 -9.71 -63.98
CA VAL S 185 50.88 -10.05 -65.36
C VAL S 185 52.32 -10.52 -65.41
N THR S 186 52.52 -11.74 -65.91
CA THR S 186 53.87 -12.27 -66.06
C THR S 186 54.55 -11.67 -67.29
N PRO S 187 55.87 -11.60 -67.28
CA PRO S 187 56.57 -11.21 -68.52
C PRO S 187 56.41 -12.27 -69.59
N GLU S 188 55.92 -11.86 -70.75
CA GLU S 188 55.57 -12.80 -71.81
C GLU S 188 56.83 -13.46 -72.38
N GLY S 189 56.64 -14.66 -72.93
CA GLY S 189 57.73 -15.38 -73.55
C GLY S 189 58.67 -16.09 -72.61
N VAL S 190 58.25 -16.32 -71.37
CA VAL S 190 59.08 -16.96 -70.34
C VAL S 190 58.43 -18.27 -69.94
N THR S 191 59.21 -19.35 -69.94
CA THR S 191 58.75 -20.66 -69.52
C THR S 191 59.83 -21.33 -68.69
N VAL S 192 59.43 -21.92 -67.57
CA VAL S 192 60.35 -22.59 -66.65
C VAL S 192 59.88 -24.02 -66.46
N ALA S 193 60.79 -24.98 -66.62
CA ALA S 193 60.50 -26.39 -66.49
C ALA S 193 61.24 -26.98 -65.29
N PHE S 194 60.66 -28.01 -64.70
CA PHE S 194 61.19 -28.65 -63.51
C PHE S 194 61.16 -30.16 -63.69
N ALA S 195 62.25 -30.83 -63.33
CA ALA S 195 62.34 -32.27 -63.49
C ALA S 195 63.38 -32.83 -62.52
N GLN S 196 63.31 -34.15 -62.32
CA GLN S 196 64.23 -34.85 -61.44
C GLN S 196 65.26 -35.62 -62.26
N THR S 197 66.44 -35.83 -61.69
CA THR S 197 67.52 -36.54 -62.36
C THR S 197 68.11 -37.69 -61.58
N THR S 198 68.17 -37.61 -60.25
CA THR S 198 68.74 -38.69 -59.44
C THR S 198 68.04 -38.77 -58.09
N PRO S 199 67.56 -39.95 -57.69
CA PRO S 199 66.92 -40.08 -56.37
C PRO S 199 67.91 -40.38 -55.26
N GLY S 200 67.39 -40.43 -54.04
CA GLY S 200 68.19 -40.84 -52.90
C GLY S 200 68.25 -42.34 -52.76
N SER S 201 69.23 -42.82 -51.98
CA SER S 201 69.48 -44.24 -51.85
C SER S 201 69.33 -44.77 -50.43
N VAL S 202 70.02 -44.17 -49.46
CA VAL S 202 70.20 -44.78 -48.13
C VAL S 202 69.67 -43.84 -47.06
N ASN S 203 69.01 -44.42 -46.06
CA ASN S 203 68.51 -43.69 -44.91
C ASN S 203 69.00 -44.36 -43.62
N PRO S 204 69.23 -43.58 -42.56
CA PRO S 204 69.65 -44.20 -41.29
C PRO S 204 68.51 -44.98 -40.66
N GLU S 205 68.87 -46.03 -39.93
CA GLU S 205 67.91 -46.88 -39.23
C GLU S 205 68.38 -47.14 -37.80
N PRO S 206 68.41 -46.10 -36.97
CA PRO S 206 68.86 -46.29 -35.58
C PRO S 206 67.88 -47.16 -34.80
N ASN S 207 68.43 -47.89 -33.84
CA ASN S 207 67.66 -48.76 -32.97
C ASN S 207 68.17 -48.66 -31.54
N ASP S 208 68.48 -47.43 -31.10
CA ASP S 208 69.05 -47.19 -29.79
C ASP S 208 68.16 -46.31 -28.92
N TYR S 209 66.84 -46.47 -29.00
CA TYR S 209 65.93 -45.68 -28.18
C TYR S 209 66.09 -46.01 -26.71
N ALA S 210 66.30 -47.28 -26.39
CA ALA S 210 66.31 -47.72 -25.00
C ALA S 210 67.40 -47.06 -24.17
N SER S 211 68.43 -46.50 -24.81
CA SER S 211 69.55 -45.89 -24.10
C SER S 211 69.45 -44.35 -24.06
N VAL S 212 68.96 -43.74 -25.13
CA VAL S 212 68.94 -42.28 -25.21
C VAL S 212 67.65 -41.68 -24.69
N VAL S 213 66.56 -42.43 -24.69
CA VAL S 213 65.28 -41.95 -24.15
C VAL S 213 64.93 -42.84 -22.96
N ASN S 214 65.95 -43.28 -22.23
CA ASN S 214 65.78 -44.27 -21.18
C ASN S 214 64.94 -43.68 -20.04
N GLU S 215 63.69 -44.15 -19.93
CA GLU S 215 62.85 -43.86 -18.76
C GLU S 215 62.73 -42.36 -18.50
N CYS S 216 62.42 -41.61 -19.54
CA CYS S 216 62.01 -40.22 -19.42
C CYS S 216 60.77 -40.01 -20.27
N CYS S 217 59.77 -39.33 -19.71
CA CYS S 217 58.42 -39.33 -20.24
C CYS S 217 58.23 -38.21 -21.25
N PHE S 218 57.63 -38.56 -22.38
CA PHE S 218 57.22 -37.59 -23.40
C PHE S 218 55.76 -37.85 -23.75
N ALA S 219 55.06 -36.78 -24.13
CA ALA S 219 53.66 -36.92 -24.52
C ALA S 219 53.52 -37.19 -26.02
N VAL S 220 54.34 -36.55 -26.84
CA VAL S 220 54.23 -36.63 -28.29
C VAL S 220 55.60 -36.90 -28.88
N TYR S 221 55.65 -37.79 -29.87
CA TYR S 221 56.85 -38.05 -30.66
C TYR S 221 56.58 -37.67 -32.11
N VAL S 222 57.48 -36.90 -32.69
CA VAL S 222 57.40 -36.50 -34.10
C VAL S 222 58.63 -37.06 -34.81
N LEU S 223 58.40 -37.77 -35.90
CA LEU S 223 59.46 -38.42 -36.68
C LEU S 223 59.46 -37.81 -38.08
N SER S 224 60.54 -37.11 -38.43
CA SER S 224 60.65 -36.43 -39.72
C SER S 224 61.37 -37.31 -40.75
N SER S 225 60.78 -38.47 -41.06
CA SER S 225 61.34 -39.38 -42.03
C SER S 225 60.24 -40.25 -42.60
N ASP S 226 60.42 -40.67 -43.86
CA ASP S 226 59.44 -41.49 -44.56
C ASP S 226 59.84 -42.96 -44.63
N ASP S 227 60.87 -43.38 -43.91
CA ASP S 227 61.35 -44.75 -43.96
C ASP S 227 60.47 -45.62 -43.06
N THR S 228 59.94 -46.70 -43.62
CA THR S 228 59.04 -47.56 -42.86
C THR S 228 59.74 -48.23 -41.69
N ASP S 229 60.99 -48.66 -41.88
CA ASP S 229 61.70 -49.38 -40.82
C ASP S 229 61.92 -48.51 -39.60
N TRP S 230 62.31 -47.24 -39.80
CA TRP S 230 62.48 -46.31 -38.69
C TRP S 230 61.17 -46.09 -37.95
N GLN S 231 60.07 -45.97 -38.69
CA GLN S 231 58.76 -45.82 -38.08
C GLN S 231 58.43 -47.04 -37.23
N GLU S 232 58.78 -48.24 -37.71
CA GLU S 232 58.51 -49.44 -36.93
C GLU S 232 59.33 -49.48 -35.64
N ASN S 233 60.58 -49.01 -35.69
CA ASN S 233 61.38 -48.93 -34.47
C ASN S 233 60.73 -47.99 -33.46
N LEU S 234 60.27 -46.83 -33.92
CA LEU S 234 59.58 -45.92 -33.00
C LEU S 234 58.29 -46.55 -32.48
N ARG S 235 57.59 -47.29 -33.34
CA ARG S 235 56.35 -47.96 -32.96
C ARG S 235 56.60 -48.96 -31.84
N ASP S 236 57.66 -49.75 -31.98
CA ASP S 236 58.05 -50.68 -30.92
C ASP S 236 58.44 -49.97 -29.65
N TRP S 237 59.15 -48.85 -29.74
CA TRP S 237 59.46 -48.09 -28.54
C TRP S 237 58.19 -47.66 -27.83
N ILE S 238 57.20 -47.17 -28.58
CA ILE S 238 55.97 -46.72 -27.94
C ILE S 238 55.23 -47.88 -27.28
N ARG S 239 55.17 -49.05 -27.94
CA ARG S 239 54.66 -50.22 -27.24
C ARG S 239 55.41 -50.46 -25.94
N SER S 240 56.73 -50.37 -25.97
CA SER S 240 57.52 -50.58 -24.76
C SER S 240 57.11 -49.61 -23.66
N ALA S 241 56.82 -48.36 -24.04
CA ALA S 241 56.40 -47.37 -23.06
C ALA S 241 55.01 -47.66 -22.51
N TRP S 242 54.23 -48.51 -23.17
CA TRP S 242 52.87 -48.82 -22.75
C TRP S 242 52.74 -50.22 -22.17
N ASP S 243 53.84 -50.94 -22.00
CA ASP S 243 53.80 -52.36 -21.69
C ASP S 243 53.49 -52.59 -20.22
N CYS S 244 52.97 -53.79 -19.93
CA CYS S 244 52.58 -54.13 -18.57
C CYS S 244 53.75 -54.67 -17.76
N SER S 245 54.89 -54.93 -18.39
CA SER S 245 56.01 -55.53 -17.66
C SER S 245 56.51 -54.63 -16.56
N LYS S 246 56.58 -53.33 -16.80
CA LYS S 246 57.20 -52.39 -15.86
C LYS S 246 56.38 -51.11 -15.88
N PRO S 247 56.67 -50.17 -14.97
CA PRO S 247 55.87 -48.94 -14.92
C PRO S 247 55.81 -48.21 -16.24
N GLN S 248 54.65 -47.65 -16.57
CA GLN S 248 54.41 -47.11 -17.89
C GLN S 248 54.81 -45.63 -17.97
N CYS S 249 55.08 -45.19 -19.20
CA CYS S 249 55.28 -43.78 -19.50
C CYS S 249 54.31 -43.23 -20.52
N PHE S 250 53.63 -44.10 -21.28
CA PHE S 250 52.65 -43.67 -22.27
C PHE S 250 53.28 -42.80 -23.34
N GLY S 251 52.46 -42.10 -24.12
CA GLY S 251 52.93 -41.27 -25.20
C GLY S 251 52.36 -41.69 -26.54
N HIS S 252 52.42 -40.75 -27.51
CA HIS S 252 51.83 -40.95 -28.83
C HIS S 252 52.82 -40.46 -29.88
N GLY S 253 52.76 -41.08 -31.06
CA GLY S 253 53.69 -40.77 -32.14
C GLY S 253 52.96 -40.38 -33.41
N TYR S 254 53.56 -39.45 -34.17
CA TYR S 254 52.99 -38.94 -35.40
C TYR S 254 53.96 -39.17 -36.55
N VAL S 255 53.47 -39.77 -37.63
CA VAL S 255 54.25 -40.05 -38.82
C VAL S 255 53.38 -39.81 -40.05
N PHE S 256 54.02 -39.78 -41.21
CA PHE S 256 53.33 -39.56 -42.48
C PHE S 256 53.70 -40.63 -43.49
N ASN S 257 52.85 -40.80 -44.49
CA ASN S 257 53.05 -41.80 -45.54
C ASN S 257 52.55 -41.20 -46.85
N LYS S 258 53.44 -41.11 -47.84
CA LYS S 258 53.14 -40.50 -49.13
C LYS S 258 53.21 -41.55 -50.23
N GLY S 259 52.28 -41.45 -51.18
CA GLY S 259 52.25 -42.37 -52.29
C GLY S 259 50.85 -42.45 -52.89
N THR S 260 50.65 -43.45 -53.73
CA THR S 260 49.34 -43.69 -54.32
C THR S 260 48.48 -44.49 -53.36
N LEU S 261 47.19 -44.61 -53.70
CA LEU S 261 46.24 -45.28 -52.81
C LEU S 261 46.69 -46.70 -52.49
N GLY S 262 47.09 -47.44 -53.52
CA GLY S 262 47.53 -48.81 -53.32
C GLY S 262 48.78 -48.94 -52.47
N GLN S 263 49.64 -47.93 -52.48
CA GLN S 263 50.87 -47.98 -51.71
C GLN S 263 50.65 -47.56 -50.27
N VAL S 264 49.90 -46.46 -50.07
CA VAL S 264 49.67 -45.95 -48.72
C VAL S 264 48.91 -46.97 -47.89
N LEU S 265 47.96 -47.67 -48.50
CA LEU S 265 47.19 -48.66 -47.76
C LEU S 265 48.06 -49.83 -47.29
N ALA S 266 49.27 -49.98 -47.82
CA ALA S 266 50.13 -51.08 -47.44
C ALA S 266 50.98 -50.77 -46.22
N ASP S 267 50.89 -49.56 -45.67
CA ASP S 267 51.66 -49.19 -44.49
C ASP S 267 50.86 -49.31 -43.19
N GLY S 268 49.64 -49.84 -43.24
CA GLY S 268 48.80 -49.91 -42.07
C GLY S 268 49.07 -51.12 -41.19
N ASP S 269 50.11 -51.06 -40.37
CA ASP S 269 50.52 -52.20 -39.56
C ASP S 269 49.83 -52.14 -38.19
N ASN S 270 48.51 -51.93 -38.24
CA ASN S 270 47.62 -52.09 -37.08
C ASN S 270 48.18 -51.46 -35.80
N SER S 271 48.94 -50.38 -35.91
CA SER S 271 49.60 -49.78 -34.76
C SER S 271 48.67 -48.76 -34.13
N ALA S 272 48.21 -49.06 -32.90
CA ALA S 272 47.45 -48.07 -32.14
C ALA S 272 48.35 -46.97 -31.59
N GLU S 273 49.66 -47.11 -31.71
CA GLU S 273 50.59 -46.14 -31.13
C GLU S 273 50.96 -45.01 -32.07
N LEU S 274 50.45 -45.02 -33.30
CA LEU S 274 50.87 -44.06 -34.32
C LEU S 274 49.65 -43.41 -34.98
N SER S 275 49.83 -42.16 -35.39
CA SER S 275 48.86 -41.45 -36.22
C SER S 275 49.50 -41.18 -37.58
N ARG S 276 49.04 -41.91 -38.60
CA ARG S 276 49.66 -41.89 -39.92
C ARG S 276 48.96 -40.87 -40.80
N LEU S 277 49.68 -39.83 -41.19
CA LEU S 277 49.15 -38.78 -42.06
C LEU S 277 49.32 -39.24 -43.51
N ALA S 278 48.23 -39.63 -44.15
CA ALA S 278 48.28 -40.06 -45.54
C ALA S 278 48.34 -38.84 -46.46
N LEU S 279 49.21 -38.92 -47.47
CA LEU S 279 49.40 -37.84 -48.42
C LEU S 279 49.47 -38.42 -49.82
N PRO S 280 49.12 -37.63 -50.85
CA PRO S 280 49.19 -38.14 -52.22
C PRO S 280 50.54 -37.88 -52.86
N THR S 281 50.74 -38.50 -54.04
CA THR S 281 51.98 -38.32 -54.78
C THR S 281 52.15 -36.87 -55.21
N THR S 282 51.08 -36.22 -55.65
CA THR S 282 51.15 -34.85 -56.15
C THR S 282 51.11 -33.81 -55.04
N TYR S 283 51.37 -34.19 -53.79
CA TYR S 283 51.29 -33.25 -52.69
C TYR S 283 52.28 -32.11 -52.90
N PRO S 284 51.87 -30.85 -52.76
CA PRO S 284 52.77 -29.73 -53.09
C PRO S 284 53.57 -29.15 -51.93
N VAL S 285 53.58 -29.78 -50.77
CA VAL S 285 54.28 -29.24 -49.60
C VAL S 285 55.26 -30.29 -49.08
N LEU S 286 56.31 -29.82 -48.41
CA LEU S 286 57.31 -30.72 -47.82
C LEU S 286 56.64 -31.52 -46.71
N PRO S 287 56.60 -32.85 -46.80
CA PRO S 287 55.77 -33.61 -45.85
C PRO S 287 56.13 -33.39 -44.39
N TYR S 288 57.41 -33.29 -44.06
CA TYR S 288 57.79 -33.20 -42.65
C TYR S 288 57.29 -31.92 -42.00
N LEU S 289 57.16 -30.83 -42.77
CA LEU S 289 56.59 -29.61 -42.19
C LEU S 289 55.14 -29.83 -41.76
N THR S 290 54.33 -30.43 -42.62
CA THR S 290 52.95 -30.72 -42.26
C THR S 290 52.87 -31.67 -41.08
N ASN S 291 53.70 -32.72 -41.09
CA ASN S 291 53.69 -33.67 -39.98
C ASN S 291 54.06 -32.98 -38.67
N ALA S 292 55.08 -32.12 -38.70
CA ALA S 292 55.50 -31.43 -37.49
C ALA S 292 54.42 -30.48 -36.99
N ALA S 293 53.77 -29.75 -37.90
CA ALA S 293 52.70 -28.85 -37.48
C ALA S 293 51.55 -29.63 -36.85
N TYR S 294 51.15 -30.73 -37.48
CA TYR S 294 50.06 -31.54 -36.93
C TYR S 294 50.42 -32.08 -35.57
N GLY S 295 51.64 -32.59 -35.41
CA GLY S 295 52.04 -33.14 -34.12
C GLY S 295 52.13 -32.08 -33.04
N ALA S 296 52.63 -30.89 -33.39
CA ALA S 296 52.78 -29.84 -32.40
C ALA S 296 51.44 -29.23 -32.03
N LEU S 297 50.44 -29.35 -32.89
CA LEU S 297 49.11 -28.88 -32.53
C LEU S 297 48.33 -29.94 -31.75
N SER S 298 48.49 -31.21 -32.11
CA SER S 298 47.54 -32.23 -31.68
C SER S 298 47.48 -32.36 -30.17
N ALA S 299 48.55 -32.88 -29.55
CA ALA S 299 48.42 -33.38 -28.19
C ALA S 299 49.33 -32.70 -27.18
N CYS S 300 49.99 -31.61 -27.54
CA CYS S 300 50.87 -30.93 -26.60
C CYS S 300 50.34 -29.54 -26.26
N SER S 301 50.15 -28.71 -27.28
CA SER S 301 49.73 -27.33 -27.03
C SER S 301 48.27 -27.25 -26.63
N THR S 302 47.43 -28.12 -27.20
CA THR S 302 45.99 -27.99 -27.13
C THR S 302 45.34 -29.00 -26.17
N CYS S 303 46.12 -29.93 -25.61
CA CYS S 303 45.52 -31.06 -24.90
C CYS S 303 45.90 -31.12 -23.43
N GLU S 304 45.78 -29.99 -22.73
CA GLU S 304 45.53 -30.05 -21.29
C GLU S 304 44.13 -30.60 -21.00
N ASN S 305 43.27 -30.67 -22.01
CA ASN S 305 41.98 -31.33 -21.92
C ASN S 305 42.05 -32.61 -22.72
N PRO S 306 42.22 -33.77 -22.10
CA PRO S 306 42.54 -34.98 -22.87
C PRO S 306 41.41 -35.44 -23.79
N GLU S 307 40.19 -34.93 -23.62
CA GLU S 307 39.06 -35.40 -24.40
C GLU S 307 38.81 -34.59 -25.68
N LEU S 308 39.55 -33.53 -25.90
CA LEU S 308 39.33 -32.71 -27.09
C LEU S 308 39.85 -33.41 -28.33
N ASN S 309 39.10 -33.31 -29.42
CA ASN S 309 39.49 -33.86 -30.71
C ASN S 309 40.00 -32.75 -31.62
N VAL S 310 41.05 -33.04 -32.37
CA VAL S 310 41.67 -32.07 -33.27
C VAL S 310 41.06 -32.32 -34.66
N GLN S 311 39.94 -31.65 -34.93
CA GLN S 311 39.20 -31.85 -36.17
C GLN S 311 38.51 -30.56 -36.55
N GLY S 312 38.04 -30.50 -37.80
CA GLY S 312 37.26 -29.38 -38.26
C GLY S 312 38.12 -28.20 -38.67
N GLN S 313 37.44 -27.10 -38.98
CA GLN S 313 38.11 -25.89 -39.42
C GLN S 313 38.45 -24.94 -38.28
N THR S 314 38.01 -25.24 -37.05
CA THR S 314 38.30 -24.39 -35.91
C THR S 314 39.43 -24.96 -35.06
N TYR S 315 39.27 -26.20 -34.58
CA TYR S 315 40.25 -26.82 -33.70
C TYR S 315 41.26 -27.67 -34.44
N GLY S 316 41.19 -27.74 -35.77
CA GLY S 316 42.09 -28.57 -36.54
C GLY S 316 42.75 -27.85 -37.68
N LEU S 317 42.85 -26.53 -37.56
CA LEU S 317 43.44 -25.72 -38.62
C LEU S 317 44.94 -25.57 -38.41
N LEU S 318 45.72 -25.94 -39.43
CA LEU S 318 47.17 -25.77 -39.41
C LEU S 318 47.54 -24.39 -39.95
N SER S 319 47.24 -23.37 -39.16
CA SER S 319 47.35 -22.00 -39.64
C SER S 319 48.78 -21.61 -40.00
N CYS S 320 49.78 -22.39 -39.58
CA CYS S 320 51.17 -22.07 -39.86
C CYS S 320 51.63 -22.54 -41.22
N ILE S 321 50.79 -23.25 -41.98
CA ILE S 321 51.17 -23.81 -43.26
C ILE S 321 50.30 -23.17 -44.35
N ASN S 322 50.94 -22.78 -45.44
CA ASN S 322 50.25 -22.14 -46.56
C ASN S 322 50.68 -22.81 -47.86
N MET S 323 49.73 -23.07 -48.74
CA MET S 323 49.99 -23.75 -49.99
C MET S 323 49.08 -23.16 -51.06
N PRO S 324 49.45 -23.25 -52.33
CA PRO S 324 48.65 -22.60 -53.38
C PRO S 324 47.31 -23.28 -53.57
N GLU S 325 46.32 -22.50 -54.00
CA GLU S 325 44.99 -23.04 -54.28
C GLU S 325 45.00 -23.80 -55.59
N SER S 326 44.10 -24.77 -55.71
CA SER S 326 44.03 -25.60 -56.91
C SER S 326 42.65 -26.23 -57.02
N CYS S 327 42.19 -26.40 -58.25
CA CYS S 327 40.92 -27.07 -58.49
C CYS S 327 40.99 -28.52 -58.05
N THR S 328 42.07 -29.20 -58.37
CA THR S 328 42.21 -30.61 -58.03
C THR S 328 42.40 -30.75 -56.53
N PRO S 329 41.61 -31.59 -55.84
CA PRO S 329 41.68 -31.66 -54.38
C PRO S 329 42.79 -32.53 -53.83
N GLY S 330 43.54 -33.23 -54.68
CA GLY S 330 44.56 -34.16 -54.19
C GLY S 330 44.06 -35.58 -54.05
N TRP S 331 43.02 -35.80 -53.25
CA TRP S 331 42.37 -37.09 -53.12
C TRP S 331 40.94 -37.00 -53.64
N GLU S 332 40.52 -38.02 -54.38
CA GLU S 332 39.12 -38.12 -54.74
C GLU S 332 38.31 -38.57 -53.52
N PHE S 333 37.00 -38.30 -53.56
CA PHE S 333 36.20 -38.53 -52.37
C PHE S 333 36.19 -40.01 -51.97
N THR S 334 36.10 -40.92 -52.93
CA THR S 334 36.16 -42.34 -52.59
C THR S 334 37.50 -42.73 -51.97
N GLU S 335 38.60 -42.15 -52.47
CA GLU S 335 39.90 -42.40 -51.85
C GLU S 335 39.92 -41.88 -50.42
N VAL S 336 39.33 -40.71 -50.18
CA VAL S 336 39.26 -40.18 -48.82
C VAL S 336 38.48 -41.14 -47.92
N THR S 337 37.35 -41.64 -48.42
CA THR S 337 36.55 -42.56 -47.63
C THR S 337 37.34 -43.82 -47.30
N GLN S 338 38.03 -44.39 -48.28
CA GLN S 338 38.83 -45.59 -48.02
C GLN S 338 39.93 -45.32 -47.01
N LEU S 339 40.65 -44.21 -47.16
CA LEU S 339 41.73 -43.89 -46.23
C LEU S 339 41.20 -43.73 -44.81
N GLN S 340 40.06 -43.03 -44.66
CA GLN S 340 39.48 -42.85 -43.33
C GLN S 340 39.02 -44.18 -42.75
N ASN S 341 38.43 -45.04 -43.59
CA ASN S 341 37.96 -46.33 -43.11
C ASN S 341 39.09 -47.30 -42.82
N ASN S 342 40.30 -47.03 -43.29
CA ASN S 342 41.44 -47.90 -43.06
C ASN S 342 42.45 -47.34 -42.06
N GLY S 343 42.09 -46.29 -41.32
CA GLY S 343 42.89 -45.82 -40.23
C GLY S 343 43.97 -44.81 -40.57
N PHE S 344 43.78 -44.00 -41.60
CA PHE S 344 44.74 -42.96 -41.98
C PHE S 344 44.11 -41.59 -41.81
N VAL S 345 44.89 -40.65 -41.28
CA VAL S 345 44.42 -39.28 -41.11
C VAL S 345 44.52 -38.56 -42.45
N VAL S 346 43.43 -37.93 -42.87
CA VAL S 346 43.36 -37.19 -44.13
C VAL S 346 43.16 -35.72 -43.82
N SER S 347 43.80 -34.87 -44.62
CA SER S 347 43.72 -33.42 -44.47
C SER S 347 43.31 -32.81 -45.79
N GLY S 348 42.65 -31.65 -45.72
CA GLY S 348 42.20 -30.95 -46.89
C GLY S 348 42.25 -29.44 -46.73
N PRO S 349 42.19 -28.72 -47.85
CA PRO S 349 42.30 -27.27 -47.78
C PRO S 349 41.07 -26.63 -47.17
N ALA S 350 41.27 -25.43 -46.60
CA ALA S 350 40.18 -24.69 -46.01
C ALA S 350 39.35 -23.93 -47.04
N THR S 351 39.85 -23.77 -48.26
CA THR S 351 39.11 -23.12 -49.32
C THR S 351 39.72 -23.53 -50.66
N THR S 352 38.93 -23.37 -51.72
CA THR S 352 39.35 -23.84 -53.04
C THR S 352 38.99 -22.80 -54.09
N SER S 353 39.83 -22.72 -55.11
CA SER S 353 39.59 -21.88 -56.29
C SER S 353 40.73 -22.12 -57.26
N GLY S 354 40.55 -21.61 -58.49
CA GLY S 354 41.57 -21.75 -59.51
C GLY S 354 42.58 -20.63 -59.58
N GLN S 355 42.46 -19.61 -58.73
CA GLN S 355 43.35 -18.45 -58.82
C GLN S 355 44.72 -18.70 -58.23
N GLY S 356 44.88 -19.73 -57.40
CA GLY S 356 46.20 -20.11 -56.92
C GLY S 356 46.72 -19.30 -55.75
N ASN S 357 45.85 -18.71 -54.94
CA ASN S 357 46.31 -18.02 -53.74
C ASN S 357 46.70 -19.03 -52.67
N PHE S 358 47.04 -18.52 -51.49
CA PHE S 358 47.51 -19.36 -50.40
C PHE S 358 46.39 -19.70 -49.44
N THR S 359 46.42 -20.95 -48.96
CA THR S 359 45.44 -21.45 -48.00
C THR S 359 46.11 -22.45 -47.07
N SER S 360 45.47 -22.68 -45.93
CA SER S 360 45.96 -23.63 -44.94
C SER S 360 45.09 -24.88 -44.94
N PRO S 361 45.66 -26.04 -44.60
CA PRO S 361 44.85 -27.26 -44.49
C PRO S 361 44.28 -27.43 -43.09
N TYR S 362 43.46 -28.47 -42.95
CA TYR S 362 42.93 -28.85 -41.65
C TYR S 362 42.68 -30.35 -41.62
N ILE S 363 42.60 -30.90 -40.41
CA ILE S 363 42.47 -32.35 -40.24
C ILE S 363 41.00 -32.73 -40.31
N TYR S 364 40.68 -33.69 -41.17
CA TYR S 364 39.31 -34.19 -41.25
C TYR S 364 38.96 -35.06 -40.05
N ASN S 365 39.85 -35.96 -39.66
CA ASN S 365 39.60 -36.91 -38.58
C ASN S 365 40.90 -37.14 -37.81
N ASP S 366 40.80 -37.11 -36.48
CA ASP S 366 41.95 -37.35 -35.60
C ASP S 366 42.00 -38.79 -35.11
N VAL S 367 42.16 -39.73 -36.04
CA VAL S 367 42.10 -41.15 -35.73
C VAL S 367 43.51 -41.70 -35.54
N THR S 368 43.60 -42.82 -34.83
CA THR S 368 44.81 -43.61 -34.74
C THR S 368 44.74 -44.77 -35.73
N ASN S 369 45.90 -45.33 -36.05
CA ASN S 369 45.98 -46.44 -37.00
C ASN S 369 45.63 -47.77 -36.36
N TYR S 370 44.44 -47.88 -35.78
CA TYR S 370 44.03 -49.07 -35.03
C TYR S 370 42.81 -49.69 -35.67
N LEU S 371 42.93 -50.98 -36.01
CA LEU S 371 41.81 -51.82 -36.44
C LEU S 371 41.95 -53.15 -35.71
N ARG S 372 40.90 -53.97 -35.79
CA ARG S 372 40.98 -55.30 -35.20
C ARG S 372 41.27 -55.16 -33.70
N ASP S 373 41.89 -56.16 -33.10
CA ASP S 373 42.04 -56.22 -31.65
C ASP S 373 43.18 -57.18 -31.34
N GLU S 374 43.61 -57.18 -30.08
CA GLU S 374 44.67 -58.08 -29.65
C GLU S 374 44.32 -59.54 -29.91
N LYS S 375 43.02 -59.87 -29.96
CA LYS S 375 42.57 -61.21 -30.32
C LYS S 375 41.96 -61.25 -31.72
N ASN S 376 42.33 -60.32 -32.58
CA ASN S 376 41.87 -60.29 -33.98
C ASN S 376 40.34 -60.20 -34.04
N ARG S 377 39.82 -59.08 -33.54
CA ARG S 377 38.40 -58.78 -33.58
C ARG S 377 38.19 -57.31 -33.89
N PRO S 378 37.40 -56.96 -34.91
CA PRO S 378 37.25 -55.56 -35.28
C PRO S 378 36.41 -54.79 -34.26
N ASN S 379 36.96 -53.69 -33.76
CA ASN S 379 36.23 -52.81 -32.85
C ASN S 379 36.84 -51.42 -32.95
N ALA S 380 36.18 -50.46 -32.29
CA ALA S 380 36.56 -49.06 -32.37
C ALA S 380 36.99 -48.48 -31.02
N THR S 381 37.49 -49.33 -30.12
CA THR S 381 37.87 -48.85 -28.79
C THR S 381 38.93 -47.76 -28.86
N PHE S 382 40.00 -48.00 -29.62
CA PHE S 382 41.09 -47.06 -29.76
C PHE S 382 41.11 -46.36 -31.10
N ARG S 383 39.92 -46.15 -31.70
CA ARG S 383 39.86 -45.49 -33.00
C ARG S 383 40.32 -44.05 -32.93
N ASP S 384 40.05 -43.37 -31.81
CA ASP S 384 40.36 -41.96 -31.65
C ASP S 384 41.55 -41.78 -30.71
N ALA S 385 42.40 -40.81 -31.03
CA ALA S 385 43.54 -40.51 -30.16
C ALA S 385 43.08 -40.08 -28.78
N SER S 386 41.96 -39.37 -28.70
CA SER S 386 41.42 -38.99 -27.41
C SER S 386 41.19 -40.21 -26.53
N SER S 387 40.91 -41.36 -27.14
CA SER S 387 40.76 -42.58 -26.36
C SER S 387 42.07 -42.95 -25.66
N ARG S 388 43.19 -42.87 -26.38
CA ARG S 388 44.48 -43.14 -25.76
C ARG S 388 44.78 -42.13 -24.65
N ARG S 389 44.53 -40.86 -24.91
CA ARG S 389 44.81 -39.85 -23.90
C ARG S 389 43.95 -40.06 -22.65
N LEU S 390 42.66 -40.37 -22.85
CA LEU S 390 41.78 -40.62 -21.72
C LEU S 390 42.18 -41.88 -20.96
N ALA S 391 42.65 -42.91 -21.67
CA ALA S 391 43.12 -44.11 -20.99
C ALA S 391 44.32 -43.81 -20.11
N ALA S 392 45.28 -43.04 -20.62
CA ALA S 392 46.44 -42.68 -19.81
C ALA S 392 46.02 -41.86 -18.59
N ALA S 393 45.14 -40.87 -18.80
CA ALA S 393 44.69 -40.03 -17.70
C ALA S 393 43.94 -40.86 -16.66
N THR S 394 43.10 -41.79 -17.10
CA THR S 394 42.37 -42.64 -16.18
C THR S 394 43.32 -43.51 -15.37
N GLY S 395 44.32 -44.09 -16.03
CA GLY S 395 45.28 -44.91 -15.30
C GLY S 395 45.99 -44.11 -14.23
N VAL S 396 46.46 -42.91 -14.59
CA VAL S 396 47.18 -42.09 -13.62
C VAL S 396 46.27 -41.69 -12.46
N ALA S 397 45.04 -41.26 -12.77
CA ALA S 397 44.12 -40.82 -11.73
C ALA S 397 43.75 -41.95 -10.78
N LEU S 398 43.48 -43.14 -11.33
CA LEU S 398 43.18 -44.28 -10.47
C LEU S 398 44.37 -44.67 -9.63
N ALA S 399 45.58 -44.62 -10.20
CA ALA S 399 46.77 -44.93 -9.43
C ALA S 399 46.98 -43.94 -8.29
N THR S 400 46.62 -42.67 -8.50
CA THR S 400 46.77 -41.68 -7.44
C THR S 400 45.76 -41.91 -6.31
N PHE S 401 44.52 -42.26 -6.66
CA PHE S 401 43.50 -42.46 -5.63
C PHE S 401 43.85 -43.63 -4.72
N LEU S 402 44.35 -44.72 -5.31
CA LEU S 402 44.59 -45.95 -4.55
C LEU S 402 45.77 -45.85 -3.60
N GLN S 403 46.41 -44.68 -3.47
CA GLN S 403 47.58 -44.56 -2.64
C GLN S 403 47.25 -44.52 -1.15
N GLN S 404 46.00 -44.20 -0.78
CA GLN S 404 45.65 -44.11 0.63
C GLN S 404 45.71 -45.46 1.33
N PHE S 405 45.65 -46.57 0.59
CA PHE S 405 45.70 -47.90 1.18
C PHE S 405 47.11 -48.43 1.34
N ASN S 406 48.12 -47.56 1.31
CA ASN S 406 49.51 -47.96 1.43
C ASN S 406 49.92 -47.87 2.89
N GLY S 407 50.13 -49.02 3.53
CA GLY S 407 50.47 -49.08 4.93
C GLY S 407 49.29 -49.16 5.86
N LEU S 408 48.07 -49.00 5.37
CA LEU S 408 46.88 -49.13 6.19
C LEU S 408 46.68 -50.60 6.57
N ALA S 409 46.35 -50.84 7.84
CA ALA S 409 46.16 -52.21 8.31
C ALA S 409 44.98 -52.84 7.58
N VAL S 410 45.05 -54.16 7.43
CA VAL S 410 44.07 -54.91 6.63
C VAL S 410 43.64 -56.14 7.42
N PHE S 411 42.35 -56.44 7.38
CA PHE S 411 41.76 -57.58 8.09
C PHE S 411 41.02 -58.44 7.08
N THR S 412 41.37 -59.74 7.01
CA THR S 412 40.85 -60.61 5.97
C THR S 412 40.33 -61.95 6.46
N LYS S 413 40.52 -62.32 7.72
CA LYS S 413 40.00 -63.58 8.23
C LYS S 413 38.83 -63.31 9.17
N ASN S 414 39.09 -62.51 10.20
CA ASN S 414 38.00 -61.97 11.02
C ASN S 414 37.87 -60.48 10.69
N THR S 415 36.78 -60.12 10.02
CA THR S 415 36.63 -58.80 9.43
C THR S 415 36.05 -57.78 10.41
N ASN S 416 36.11 -58.05 11.70
CA ASN S 416 35.74 -57.05 12.70
C ASN S 416 36.99 -56.30 13.17
N ILE S 417 36.87 -54.98 13.22
CA ILE S 417 37.98 -54.09 13.54
C ILE S 417 37.76 -53.55 14.94
N LYS S 418 38.71 -53.85 15.84
CA LYS S 418 38.60 -53.39 17.22
C LYS S 418 38.38 -51.89 17.26
N THR S 419 37.68 -51.44 18.30
CA THR S 419 37.44 -50.01 18.46
C THR S 419 38.76 -49.27 18.61
N GLY S 420 38.87 -48.13 17.92
CA GLY S 420 40.06 -47.31 17.96
C GLY S 420 41.09 -47.62 16.90
N ILE S 421 41.03 -48.80 16.28
CA ILE S 421 42.04 -49.17 15.29
C ILE S 421 41.80 -48.39 14.01
N ILE S 422 42.89 -48.14 13.28
CA ILE S 422 42.84 -47.50 11.97
C ILE S 422 43.12 -48.57 10.93
N GLY S 423 42.07 -49.04 10.27
CA GLY S 423 42.23 -50.10 9.28
C GLY S 423 41.02 -50.17 8.39
N THR S 424 40.97 -51.25 7.61
CA THR S 424 39.90 -51.45 6.64
C THR S 424 39.90 -52.92 6.22
N ASN S 425 38.90 -53.28 5.41
CA ASN S 425 38.77 -54.63 4.88
C ASN S 425 38.26 -54.57 3.45
N LEU S 426 38.08 -55.74 2.85
CA LEU S 426 37.81 -55.82 1.41
C LEU S 426 36.53 -55.08 1.03
N ARG S 427 35.44 -55.35 1.75
CA ARG S 427 34.15 -54.77 1.35
C ARG S 427 34.17 -53.26 1.43
N LEU S 428 34.77 -52.69 2.47
CA LEU S 428 34.83 -51.24 2.59
C LEU S 428 35.68 -50.62 1.49
N MET S 429 36.81 -51.27 1.14
CA MET S 429 37.63 -50.78 0.03
C MET S 429 36.84 -50.80 -1.27
N LEU S 430 36.09 -51.87 -1.51
CA LEU S 430 35.27 -51.94 -2.72
C LEU S 430 34.21 -50.85 -2.74
N GLY S 431 33.57 -50.61 -1.59
CA GLY S 431 32.54 -49.60 -1.53
C GLY S 431 33.09 -48.19 -1.70
N LYS S 432 34.36 -48.00 -1.38
CA LYS S 432 34.99 -46.70 -1.61
C LYS S 432 35.45 -46.53 -3.06
N ILE S 433 35.95 -47.62 -3.67
CA ILE S 433 36.34 -47.55 -5.08
C ILE S 433 35.13 -47.31 -5.96
N ARG S 434 34.00 -47.97 -5.65
CA ARG S 434 32.77 -47.72 -6.39
C ARG S 434 32.36 -46.26 -6.29
N LYS S 435 32.46 -45.67 -5.10
CA LYS S 435 32.13 -44.27 -4.94
C LYS S 435 33.02 -43.38 -5.78
N TRP S 436 34.33 -43.68 -5.80
CA TRP S 436 35.24 -42.88 -6.63
C TRP S 436 34.85 -43.00 -8.09
N ALA S 437 34.52 -44.21 -8.55
CA ALA S 437 34.12 -44.40 -9.94
C ALA S 437 32.86 -43.61 -10.27
N SER S 438 31.87 -43.66 -9.38
CA SER S 438 30.62 -42.96 -9.62
C SER S 438 30.82 -41.45 -9.68
N ASP S 439 31.66 -40.91 -8.79
CA ASP S 439 31.87 -39.47 -8.77
C ASP S 439 32.46 -38.93 -10.06
N ASN S 440 33.14 -39.77 -10.84
CA ASN S 440 33.86 -39.32 -12.03
C ASN S 440 33.06 -39.45 -13.31
N VAL S 441 31.77 -39.80 -13.23
CA VAL S 441 30.94 -39.84 -14.42
C VAL S 441 30.69 -38.42 -14.89
N GLY S 442 31.00 -38.15 -16.15
CA GLY S 442 30.94 -36.80 -16.70
C GLY S 442 32.28 -36.12 -16.82
N VAL S 443 33.34 -36.71 -16.27
CA VAL S 443 34.68 -36.15 -16.36
C VAL S 443 35.56 -37.13 -17.14
N LEU S 444 35.63 -38.37 -16.67
CA LEU S 444 36.43 -39.39 -17.32
C LEU S 444 35.61 -40.51 -17.93
N PHE S 445 34.34 -40.66 -17.56
CA PHE S 445 33.54 -41.80 -17.94
C PHE S 445 32.17 -41.36 -18.40
N SER S 446 31.56 -42.19 -19.26
CA SER S 446 30.12 -42.17 -19.41
C SER S 446 29.50 -43.11 -18.38
N GLU S 447 28.17 -43.10 -18.31
CA GLU S 447 27.49 -43.94 -17.33
C GLU S 447 27.95 -45.39 -17.47
N PHE S 448 27.77 -46.15 -16.40
CA PHE S 448 28.24 -47.52 -16.32
C PHE S 448 27.13 -48.49 -16.70
N ASP S 449 27.46 -49.45 -17.57
CA ASP S 449 26.47 -50.43 -17.98
C ASP S 449 25.91 -51.18 -16.79
N ASN S 450 26.78 -51.66 -15.91
CA ASN S 450 26.33 -52.34 -14.68
C ASN S 450 27.48 -52.22 -13.68
N ILE S 451 27.34 -51.29 -12.74
CA ILE S 451 28.43 -51.02 -11.80
C ILE S 451 28.74 -52.25 -10.95
N ASN S 452 27.79 -53.17 -10.83
CA ASN S 452 28.00 -54.36 -10.02
C ASN S 452 28.84 -55.42 -10.72
N GLU S 453 29.02 -55.32 -12.04
CA GLU S 453 29.84 -56.24 -12.81
C GLU S 453 31.09 -55.61 -13.37
N ASP S 454 31.13 -54.28 -13.50
CA ASP S 454 32.26 -53.59 -14.10
C ASP S 454 33.38 -53.30 -13.10
N ILE S 455 33.18 -53.58 -11.82
CA ILE S 455 34.19 -53.36 -10.80
C ILE S 455 34.21 -54.56 -9.86
N GLN S 456 35.40 -55.11 -9.63
CA GLN S 456 35.56 -56.28 -8.77
C GLN S 456 36.86 -56.17 -8.01
N LEU S 457 36.87 -56.67 -6.78
CA LEU S 457 38.05 -56.64 -5.92
C LEU S 457 38.18 -57.99 -5.23
N VAL S 458 39.38 -58.57 -5.27
CA VAL S 458 39.63 -59.88 -4.70
C VAL S 458 41.03 -59.88 -4.08
N SER S 459 41.18 -60.64 -3.02
CA SER S 459 42.45 -60.77 -2.31
C SER S 459 43.26 -61.93 -2.89
N ASP S 460 44.54 -61.96 -2.51
CA ASP S 460 45.42 -62.99 -3.06
C ASP S 460 45.14 -64.36 -2.44
N PHE S 461 44.69 -64.40 -1.19
CA PHE S 461 44.36 -65.69 -0.57
C PHE S 461 43.22 -66.39 -1.28
N ASP S 462 42.35 -65.65 -1.96
CA ASP S 462 41.23 -66.25 -2.67
C ASP S 462 41.63 -66.83 -4.02
N VAL S 463 42.68 -66.29 -4.63
CA VAL S 463 43.08 -66.72 -5.97
C VAL S 463 44.08 -67.86 -5.89
N GLN S 464 45.23 -67.61 -5.26
CA GLN S 464 46.32 -68.57 -5.26
C GLN S 464 45.93 -69.81 -4.45
N PRO S 465 46.54 -70.95 -4.76
CA PRO S 465 46.25 -72.17 -3.98
C PRO S 465 46.64 -72.00 -2.52
N LYS S 466 46.29 -72.99 -1.72
CA LYS S 466 46.46 -72.88 -0.28
C LYS S 466 47.94 -72.76 0.07
N CYS S 467 48.22 -71.93 1.08
CA CYS S 467 49.56 -71.78 1.63
C CYS S 467 50.53 -71.14 0.62
N VAL S 468 49.99 -70.51 -0.42
CA VAL S 468 50.82 -69.86 -1.43
C VAL S 468 50.49 -68.37 -1.50
N GLY S 469 49.30 -67.99 -1.04
CA GLY S 469 48.89 -66.60 -1.09
C GLY S 469 49.74 -65.72 -0.18
N GLN S 470 49.86 -64.45 -0.59
CA GLN S 470 50.67 -63.49 0.14
C GLN S 470 49.77 -62.52 0.89
N PRO S 471 50.19 -62.02 2.06
CA PRO S 471 49.36 -61.09 2.83
C PRO S 471 49.52 -59.67 2.32
N GLY S 472 48.39 -58.96 2.21
CA GLY S 472 48.41 -57.57 1.80
C GLY S 472 48.39 -57.32 0.32
N VAL S 473 48.05 -58.32 -0.50
CA VAL S 473 48.04 -58.21 -1.95
C VAL S 473 46.61 -58.35 -2.44
N PHE S 474 46.21 -57.50 -3.38
CA PHE S 474 44.83 -57.45 -3.87
C PHE S 474 44.82 -57.40 -5.39
N HIS S 475 43.71 -57.86 -5.97
CA HIS S 475 43.50 -57.84 -7.42
C HIS S 475 42.21 -57.09 -7.73
N LEU S 476 42.30 -56.10 -8.61
CA LEU S 476 41.17 -55.25 -8.96
C LEU S 476 40.98 -55.25 -10.46
N ASN S 477 39.73 -55.45 -10.90
CA ASN S 477 39.35 -55.39 -12.30
C ASN S 477 38.34 -54.27 -12.49
N MET S 478 38.57 -53.40 -13.47
CA MET S 478 37.67 -52.29 -13.76
C MET S 478 37.47 -52.15 -15.26
N ARG S 479 36.21 -51.96 -15.66
CA ARG S 479 35.83 -51.75 -17.05
C ARG S 479 35.09 -50.42 -17.16
N TYR S 480 35.45 -49.62 -18.15
CA TYR S 480 34.92 -48.27 -18.28
C TYR S 480 34.67 -47.93 -19.75
N ARG S 481 33.89 -46.87 -19.97
CA ARG S 481 33.67 -46.30 -21.29
C ARG S 481 34.01 -44.82 -21.26
N PRO S 482 34.56 -44.26 -22.34
CA PRO S 482 34.82 -42.82 -22.38
C PRO S 482 33.56 -42.07 -22.78
N PRO S 483 33.48 -40.77 -22.48
CA PRO S 483 32.26 -40.01 -22.83
C PRO S 483 32.08 -39.90 -24.33
N VAL S 484 30.85 -39.56 -24.73
CA VAL S 484 30.45 -39.49 -26.13
C VAL S 484 30.26 -38.04 -26.53
N ARG S 485 30.49 -37.73 -27.80
CA ARG S 485 30.26 -36.42 -28.38
C ARG S 485 29.59 -36.57 -29.74
N GLY S 486 28.88 -35.53 -30.15
CA GLY S 486 28.23 -35.52 -31.45
C GLY S 486 29.19 -35.70 -32.60
N ALA S 487 28.84 -36.54 -33.57
CA ALA S 487 29.76 -36.89 -34.64
C ALA S 487 29.25 -36.52 -36.02
N ARG S 488 27.98 -36.79 -36.32
CA ARG S 488 27.45 -36.55 -37.65
C ARG S 488 25.94 -36.35 -37.58
N ILE S 489 25.41 -35.59 -38.53
CA ILE S 489 23.98 -35.38 -38.68
C ILE S 489 23.62 -35.58 -40.15
N ASN S 490 22.65 -36.45 -40.41
CA ASN S 490 22.20 -36.76 -41.76
C ASN S 490 20.88 -36.03 -42.01
N VAL S 491 20.89 -35.11 -42.97
CA VAL S 491 19.78 -34.19 -43.18
C VAL S 491 19.07 -34.58 -44.48
N ASN S 492 17.77 -34.80 -44.40
CA ASN S 492 16.91 -34.90 -45.57
C ASN S 492 16.09 -33.63 -45.71
N LEU S 493 16.19 -32.97 -46.85
CA LEU S 493 15.55 -31.67 -47.07
C LEU S 493 14.55 -31.83 -48.21
N VAL S 494 13.28 -31.60 -47.92
CA VAL S 494 12.19 -31.89 -48.83
C VAL S 494 11.47 -30.59 -49.16
N PRO S 495 11.83 -29.92 -50.25
CA PRO S 495 11.08 -28.73 -50.66
C PRO S 495 9.66 -29.06 -51.09
N ALA S 496 8.80 -28.05 -51.03
CA ALA S 496 7.41 -28.20 -51.44
C ALA S 496 6.90 -26.83 -51.90
N LEU S 497 5.60 -26.77 -52.18
CA LEU S 497 4.96 -25.55 -52.65
C LEU S 497 3.72 -25.25 -51.82
N PHE S 498 3.35 -23.97 -51.80
CA PHE S 498 2.12 -23.54 -51.13
C PHE S 498 0.91 -24.09 -51.86
N ASP S 499 -0.06 -24.59 -51.11
CA ASP S 499 -1.19 -25.31 -51.70
C ASP S 499 -2.45 -25.05 -50.89
N ASN S 500 -3.49 -25.82 -51.20
CA ASN S 500 -4.80 -25.70 -50.54
C ASN S 500 -5.26 -24.26 -50.46
N CYS T 3 22.74 -66.77 10.59
CA CYS T 3 23.76 -65.74 10.25
C CYS T 3 23.27 -64.85 9.10
N ASN T 4 22.39 -65.40 8.26
CA ASN T 4 21.88 -64.64 7.14
C ASN T 4 20.77 -63.66 7.54
N LYS T 5 20.14 -63.85 8.70
CA LYS T 5 19.02 -63.04 9.13
C LYS T 5 19.33 -62.21 10.36
N GLN T 6 20.59 -61.83 10.58
CA GLN T 6 20.94 -60.96 11.68
C GLN T 6 20.91 -59.50 11.24
N ASN T 7 20.31 -58.66 12.07
CA ASN T 7 20.17 -57.24 11.78
C ASN T 7 21.00 -56.45 12.79
N GLY T 8 21.97 -55.71 12.30
CA GLY T 8 22.82 -54.92 13.18
C GLY T 8 23.95 -54.29 12.41
N VAL T 9 24.76 -53.54 13.14
CA VAL T 9 25.92 -52.83 12.59
C VAL T 9 27.17 -53.62 12.94
N LYS T 10 28.05 -53.79 11.97
CA LYS T 10 29.27 -54.58 12.14
C LYS T 10 30.53 -53.71 12.19
N ASN T 11 30.58 -52.63 11.40
CA ASN T 11 31.74 -51.77 11.35
C ASN T 11 31.31 -50.34 11.04
N ILE T 12 31.95 -49.38 11.69
CA ILE T 12 31.77 -47.96 11.42
C ILE T 12 33.15 -47.32 11.31
N LEU T 13 33.37 -46.55 10.25
CA LEU T 13 34.62 -45.84 10.03
C LEU T 13 34.32 -44.38 9.73
N ILE T 14 35.06 -43.47 10.36
CA ILE T 14 34.88 -42.04 10.17
C ILE T 14 36.24 -41.40 9.91
N THR T 15 36.25 -40.42 9.01
CA THR T 15 37.45 -39.67 8.67
C THR T 15 37.14 -38.18 8.77
N PHE T 16 37.97 -37.45 9.50
CA PHE T 16 37.72 -36.05 9.81
C PHE T 16 38.71 -35.17 9.06
N THR T 17 38.19 -34.12 8.43
CA THR T 17 39.02 -33.09 7.80
C THR T 17 38.60 -31.75 8.37
N HIS T 18 39.55 -31.03 8.96
CA HIS T 18 39.26 -29.75 9.58
C HIS T 18 39.20 -28.67 8.49
N CYS T 19 38.07 -27.95 8.44
CA CYS T 19 37.85 -27.00 7.35
C CYS T 19 38.77 -25.80 7.43
N ASP T 20 39.07 -25.30 8.63
CA ASP T 20 39.85 -24.08 8.80
C ASP T 20 41.36 -24.29 8.72
N THR T 21 41.84 -25.53 8.86
CA THR T 21 43.27 -25.80 8.79
C THR T 21 43.64 -27.00 7.94
N GLY T 22 42.70 -27.85 7.55
CA GLY T 22 42.97 -28.94 6.64
C GLY T 22 43.52 -30.20 7.27
N GLU T 23 43.65 -30.25 8.59
CA GLU T 23 44.19 -31.44 9.24
C GLU T 23 43.27 -32.63 9.03
N VAL T 24 43.88 -33.81 8.91
CA VAL T 24 43.16 -35.04 8.58
C VAL T 24 43.50 -36.11 9.61
N ILE T 25 42.50 -36.90 10.00
CA ILE T 25 42.68 -38.03 10.91
C ILE T 25 42.09 -39.26 10.22
N GLY T 26 42.91 -40.29 10.05
CA GLY T 26 42.55 -41.45 9.27
C GLY T 26 41.31 -42.14 9.77
N PRO T 27 40.89 -43.19 9.06
CA PRO T 27 39.65 -43.89 9.42
C PRO T 27 39.75 -44.60 10.76
N ILE T 28 38.92 -44.21 11.71
CA ILE T 28 38.92 -44.78 13.05
C ILE T 28 37.69 -45.65 13.23
N SER T 29 37.89 -46.85 13.78
CA SER T 29 36.79 -47.76 14.03
C SER T 29 36.01 -47.27 15.25
N HIS T 30 34.69 -47.15 15.10
CA HIS T 30 33.83 -46.60 16.13
C HIS T 30 32.84 -47.66 16.63
N GLU T 31 32.10 -47.28 17.67
CA GLU T 31 31.10 -48.15 18.27
C GLU T 31 29.86 -47.31 18.62
N GLN T 32 28.82 -48.00 19.09
CA GLN T 32 27.54 -47.34 19.35
C GLN T 32 27.26 -47.25 20.85
N PRO T 33 26.47 -46.26 21.27
CA PRO T 33 26.18 -46.12 22.71
C PRO T 33 25.04 -46.99 23.20
N ASP T 34 24.10 -47.35 22.32
CA ASP T 34 22.96 -48.15 22.71
C ASP T 34 22.47 -48.91 21.48
N ASP T 35 21.24 -49.45 21.57
CA ASP T 35 20.72 -50.37 20.56
C ASP T 35 20.22 -49.67 19.31
N THR T 36 20.14 -48.34 19.29
CA THR T 36 19.61 -47.63 18.14
C THR T 36 20.58 -47.75 16.96
N LEU T 37 20.05 -48.12 15.79
CA LEU T 37 20.88 -48.27 14.61
C LEU T 37 20.83 -47.00 13.75
N PRO T 38 21.80 -46.83 12.86
CA PRO T 38 21.75 -45.70 11.93
C PRO T 38 20.59 -45.83 10.95
N THR T 39 20.11 -44.68 10.47
CA THR T 39 19.03 -44.63 9.51
C THR T 39 19.47 -43.81 8.31
N TYR T 40 18.92 -44.14 7.13
CA TYR T 40 19.42 -43.61 5.87
C TYR T 40 18.27 -43.10 5.03
N LYS T 41 18.61 -42.19 4.09
CA LYS T 41 17.71 -41.81 3.01
C LYS T 41 18.58 -41.58 1.78
N THR T 42 18.63 -42.55 0.88
CA THR T 42 19.56 -42.55 -0.24
C THR T 42 18.96 -41.98 -1.53
N CYS T 43 17.71 -41.52 -1.51
CA CYS T 43 17.07 -40.94 -2.67
C CYS T 43 17.13 -39.42 -2.55
N ALA T 44 17.62 -38.77 -3.59
CA ALA T 44 17.94 -37.34 -3.53
C ALA T 44 16.79 -36.44 -3.97
N TRP T 45 15.62 -36.99 -4.27
CA TRP T 45 14.46 -36.20 -4.68
C TRP T 45 13.34 -36.37 -3.67
N THR T 46 12.39 -35.43 -3.69
CA THR T 46 11.24 -35.44 -2.80
C THR T 46 9.95 -35.25 -3.60
N ASN T 47 8.89 -35.89 -3.15
CA ASN T 47 7.58 -35.83 -3.82
C ASN T 47 6.56 -35.18 -2.90
N THR T 48 5.68 -34.36 -3.48
CA THR T 48 4.58 -33.72 -2.78
C THR T 48 3.29 -34.06 -3.51
N ALA T 49 2.19 -34.17 -2.76
CA ALA T 49 1.02 -34.91 -3.25
C ALA T 49 0.30 -34.17 -4.38
N LEU T 50 -0.24 -33.00 -4.10
CA LEU T 50 -1.21 -32.35 -5.00
C LEU T 50 -2.47 -33.22 -5.05
N THR T 51 -3.15 -33.25 -6.20
CA THR T 51 -4.42 -33.93 -6.33
C THR T 51 -4.40 -34.87 -7.53
N ASN T 52 -5.21 -35.93 -7.44
CA ASN T 52 -5.40 -36.90 -8.51
C ASN T 52 -4.12 -37.69 -8.81
N GLY T 53 -3.30 -37.90 -7.80
CA GLY T 53 -2.12 -38.74 -7.95
C GLY T 53 -0.96 -38.11 -8.68
N ALA T 54 -0.98 -36.79 -8.91
CA ALA T 54 0.09 -36.11 -9.62
C ALA T 54 1.00 -35.42 -8.60
N VAL T 55 2.17 -36.01 -8.37
CA VAL T 55 3.08 -35.45 -7.38
C VAL T 55 3.89 -34.31 -8.01
N MET T 56 4.58 -33.56 -7.15
CA MET T 56 5.56 -32.56 -7.57
C MET T 56 6.93 -33.01 -7.11
N ARG T 57 7.90 -32.99 -8.02
CA ARG T 57 9.23 -33.55 -7.77
C ARG T 57 10.24 -32.42 -7.72
N SER T 58 10.96 -32.33 -6.61
CA SER T 58 11.96 -31.28 -6.41
C SER T 58 13.19 -31.90 -5.77
N ALA T 59 14.33 -31.22 -5.96
CA ALA T 59 15.60 -31.75 -5.49
C ALA T 59 15.69 -31.69 -3.97
N SER T 60 16.49 -32.60 -3.40
CA SER T 60 16.65 -32.70 -1.96
C SER T 60 18.05 -33.18 -1.61
N ASN T 61 18.23 -33.67 -0.37
CA ASN T 61 19.51 -34.11 0.12
C ASN T 61 19.48 -35.61 0.38
N ALA T 62 20.67 -36.22 0.40
CA ALA T 62 20.83 -37.56 0.93
C ALA T 62 21.38 -37.47 2.35
N THR T 63 20.75 -38.18 3.28
CA THR T 63 20.98 -37.95 4.70
C THR T 63 21.35 -39.26 5.40
N MET T 64 22.07 -39.12 6.51
CA MET T 64 22.41 -40.21 7.39
C MET T 64 22.32 -39.72 8.83
N THR T 65 21.75 -40.54 9.71
CA THR T 65 21.77 -40.28 11.14
C THR T 65 22.66 -41.33 11.80
N LEU T 66 23.71 -40.87 12.48
CA LEU T 66 24.77 -41.76 12.94
C LEU T 66 25.04 -41.52 14.43
N PRO T 67 24.46 -42.32 15.32
CA PRO T 67 24.84 -42.26 16.73
C PRO T 67 26.05 -43.13 17.04
N VAL T 68 27.10 -42.53 17.60
CA VAL T 68 28.36 -43.23 17.85
C VAL T 68 28.88 -42.85 19.23
N VAL T 69 29.81 -43.65 19.73
CA VAL T 69 30.54 -43.31 20.96
C VAL T 69 31.80 -42.56 20.57
N ARG T 70 32.00 -41.40 21.16
CA ARG T 70 33.11 -40.53 20.78
C ARG T 70 34.44 -41.19 21.07
N ASP T 71 35.42 -40.90 20.21
CA ASP T 71 36.79 -41.40 20.40
C ASP T 71 37.57 -40.42 21.28
N PRO T 72 38.17 -40.89 22.38
CA PRO T 72 38.77 -39.94 23.33
C PRO T 72 39.94 -39.15 22.80
N ARG T 73 40.39 -39.46 21.58
CA ARG T 73 41.54 -38.77 20.99
C ARG T 73 41.14 -37.62 20.06
N VAL T 74 39.85 -37.43 19.80
CA VAL T 74 39.36 -36.44 18.85
C VAL T 74 38.59 -35.38 19.63
N PRO T 75 38.80 -34.09 19.37
CA PRO T 75 38.01 -33.07 20.08
C PRO T 75 36.52 -33.22 19.82
N LEU T 76 35.72 -32.84 20.82
CA LEU T 76 34.27 -32.94 20.68
C LEU T 76 33.74 -31.98 19.62
N ALA T 77 34.44 -30.89 19.38
CA ALA T 77 33.98 -29.93 18.38
C ALA T 77 34.02 -30.51 16.97
N TRP T 78 34.83 -31.56 16.74
CA TRP T 78 34.92 -32.15 15.42
C TRP T 78 33.72 -33.03 15.07
N TYR T 79 33.11 -33.68 16.05
CA TYR T 79 31.87 -34.41 15.81
C TYR T 79 30.70 -33.48 15.57
N GLN T 80 30.78 -32.25 16.06
CA GLN T 80 29.82 -31.21 15.71
C GLN T 80 30.31 -30.51 14.45
N GLY T 81 29.76 -29.35 14.13
CA GLY T 81 29.90 -28.80 12.78
C GLY T 81 31.28 -28.31 12.41
N CYS T 82 32.27 -28.40 13.29
CA CYS T 82 33.57 -27.80 13.01
C CYS T 82 34.49 -28.69 12.17
N ALA T 83 34.01 -29.77 11.53
CA ALA T 83 34.87 -30.60 10.70
C ALA T 83 34.05 -31.32 9.62
N GLN T 84 34.74 -31.73 8.56
CA GLN T 84 34.10 -32.47 7.48
C GLN T 84 34.28 -33.97 7.71
N ILE T 85 33.24 -34.74 7.40
CA ILE T 85 33.15 -36.14 7.83
C ILE T 85 32.93 -37.05 6.63
N ASP T 86 33.68 -38.15 6.58
CA ASP T 86 33.47 -39.23 5.63
C ASP T 86 33.19 -40.51 6.41
N ALA T 87 32.01 -41.10 6.19
CA ALA T 87 31.55 -42.20 7.03
C ALA T 87 31.25 -43.43 6.18
N GLN T 88 31.38 -44.60 6.82
CA GLN T 88 31.05 -45.88 6.20
C GLN T 88 30.50 -46.81 7.27
N VAL T 89 29.38 -47.46 6.95
CA VAL T 89 28.71 -48.38 7.88
C VAL T 89 28.49 -49.71 7.16
N GLU T 90 28.88 -50.80 7.81
CA GLU T 90 28.73 -52.14 7.26
C GLU T 90 27.88 -52.96 8.22
N LYS T 91 26.87 -53.63 7.68
CA LYS T 91 25.95 -54.45 8.46
C LYS T 91 26.34 -55.92 8.35
N PHE T 92 25.69 -56.74 9.17
CA PHE T 92 26.04 -58.15 9.22
C PHE T 92 25.67 -58.89 7.93
N ASP T 93 24.59 -58.46 7.27
CA ASP T 93 24.18 -59.13 6.03
C ASP T 93 25.17 -58.89 4.90
N GLY T 94 25.78 -57.71 4.83
CA GLY T 94 26.78 -57.42 3.83
C GLY T 94 26.64 -56.07 3.16
N THR T 95 25.66 -55.25 3.54
CA THR T 95 25.49 -53.95 2.92
C THR T 95 26.49 -52.95 3.45
N VAL T 96 27.02 -52.11 2.57
CA VAL T 96 27.98 -51.08 2.94
C VAL T 96 27.47 -49.75 2.40
N MET T 97 27.27 -48.78 3.29
CA MET T 97 26.84 -47.44 2.92
C MET T 97 28.03 -46.50 3.01
N THR T 98 28.33 -45.80 1.92
CA THR T 98 29.50 -44.95 1.82
C THR T 98 29.08 -43.51 1.59
N LEU T 99 29.50 -42.62 2.48
CA LEU T 99 29.21 -41.20 2.40
C LEU T 99 30.52 -40.44 2.49
N THR T 100 30.74 -39.50 1.56
CA THR T 100 31.95 -38.70 1.54
C THR T 100 31.59 -37.22 1.39
N GLU T 101 32.43 -36.36 1.98
CA GLU T 101 32.23 -34.91 1.93
C GLU T 101 30.92 -34.52 2.60
N GLY T 102 30.65 -35.11 3.76
CA GLY T 102 29.43 -34.79 4.48
C GLY T 102 29.55 -33.52 5.30
N ALA T 103 28.40 -33.03 5.73
CA ALA T 103 28.32 -31.83 6.56
C ALA T 103 27.34 -32.05 7.69
N VAL T 104 27.75 -31.71 8.91
CA VAL T 104 26.94 -31.91 10.11
C VAL T 104 26.09 -30.68 10.33
N THR T 105 24.78 -30.89 10.50
CA THR T 105 23.81 -29.81 10.57
C THR T 105 23.09 -29.84 11.92
N GLU T 106 22.77 -28.66 12.43
CA GLU T 106 21.96 -28.46 13.63
C GLU T 106 22.48 -29.34 14.78
N PRO T 107 23.74 -29.17 15.19
CA PRO T 107 24.29 -30.02 16.25
C PRO T 107 23.52 -29.87 17.55
N GLU T 108 23.37 -30.98 18.27
CA GLU T 108 22.75 -30.98 19.58
C GLU T 108 23.80 -31.18 20.67
N GLU T 109 23.48 -30.71 21.87
CA GLU T 109 24.45 -30.77 22.97
C GLU T 109 24.70 -32.21 23.39
N SER T 110 25.95 -32.49 23.77
CA SER T 110 26.39 -33.81 24.15
C SER T 110 27.05 -33.77 25.51
N ASP T 111 27.08 -34.93 26.18
CA ASP T 111 27.69 -35.04 27.50
C ASP T 111 29.15 -35.46 27.45
N GLY T 112 29.73 -35.62 26.27
CA GLY T 112 31.12 -35.99 26.13
C GLY T 112 31.38 -37.44 25.78
N ARG T 113 30.39 -38.32 25.88
CA ARG T 113 30.56 -39.71 25.51
C ARG T 113 29.71 -40.10 24.30
N ALA T 114 28.40 -39.86 24.38
CA ALA T 114 27.48 -40.23 23.30
C ALA T 114 27.22 -39.02 22.42
N VAL T 115 27.31 -39.22 21.11
CA VAL T 115 27.10 -38.16 20.14
C VAL T 115 26.20 -38.71 19.03
N THR T 116 25.32 -37.85 18.51
CA THR T 116 24.47 -38.20 17.38
C THR T 116 24.59 -37.12 16.32
N MET T 117 25.18 -37.48 15.18
CA MET T 117 25.40 -36.55 14.07
C MET T 117 24.28 -36.71 13.05
N THR T 118 23.90 -35.60 12.42
CA THR T 118 22.97 -35.62 11.29
C THR T 118 23.75 -35.11 10.08
N ILE T 119 24.05 -36.01 9.15
CA ILE T 119 24.98 -35.75 8.06
C ILE T 119 24.20 -35.70 6.76
N ILE T 120 24.49 -34.72 5.92
CA ILE T 120 23.88 -34.60 4.59
C ILE T 120 25.00 -34.66 3.55
N ALA T 121 24.63 -35.07 2.35
CA ALA T 121 25.60 -35.19 1.26
C ALA T 121 24.85 -35.11 -0.07
N ALA T 122 25.61 -35.06 -1.16
CA ALA T 122 25.00 -35.06 -2.48
C ALA T 122 24.41 -36.42 -2.82
N GLU T 123 25.08 -37.49 -2.42
CA GLU T 123 24.58 -38.85 -2.65
C GLU T 123 25.25 -39.80 -1.67
N ILE T 124 24.62 -40.97 -1.49
CA ILE T 124 25.15 -42.04 -0.67
C ILE T 124 25.17 -43.31 -1.51
N ASP T 125 26.28 -44.05 -1.44
CA ASP T 125 26.45 -45.26 -2.24
C ASP T 125 26.02 -46.47 -1.43
N GLU T 126 25.24 -47.35 -2.04
CA GLU T 126 24.80 -48.59 -1.41
C GLU T 126 25.39 -49.77 -2.19
N LEU T 127 26.04 -50.68 -1.47
CA LEU T 127 26.66 -51.86 -2.06
C LEU T 127 25.95 -53.09 -1.49
N LEU T 128 25.01 -53.65 -2.25
CA LEU T 128 24.20 -54.75 -1.78
C LEU T 128 25.01 -56.05 -1.76
N PRO T 129 24.53 -57.06 -1.02
CA PRO T 129 25.20 -58.35 -1.06
C PRO T 129 25.20 -58.90 -2.48
N PRO T 130 26.03 -59.89 -2.76
CA PRO T 130 26.11 -60.43 -4.12
C PRO T 130 24.77 -60.97 -4.60
N GLY T 131 24.47 -60.75 -5.87
CA GLY T 131 23.25 -61.24 -6.48
C GLY T 131 22.15 -60.21 -6.68
N SER T 132 22.50 -58.94 -6.83
CA SER T 132 21.50 -57.90 -6.95
C SER T 132 20.77 -58.00 -8.29
N LEU T 133 19.59 -57.38 -8.34
CA LEU T 133 18.76 -57.35 -9.54
C LEU T 133 18.77 -56.01 -10.25
N ALA T 134 19.28 -54.96 -9.61
CA ALA T 134 19.26 -53.61 -10.17
C ALA T 134 20.65 -53.25 -10.69
N ALA T 135 20.69 -52.73 -11.91
CA ALA T 135 21.96 -52.31 -12.52
C ALA T 135 22.58 -51.17 -11.74
N MET U 1 59.12 58.18 7.82
CA MET U 1 58.05 58.62 6.89
C MET U 1 57.59 57.45 6.02
N ALA U 2 56.28 57.24 5.94
CA ALA U 2 55.71 56.14 5.19
C ALA U 2 54.40 56.59 4.55
N GLN U 3 53.68 55.61 4.00
CA GLN U 3 52.46 55.88 3.26
C GLN U 3 51.26 55.35 4.05
N ASP U 4 50.13 56.05 3.96
CA ASP U 4 49.00 55.78 4.83
C ASP U 4 48.50 54.35 4.69
N ALA U 5 48.24 53.91 3.47
CA ALA U 5 47.62 52.60 3.26
C ALA U 5 48.54 51.44 3.64
N LEU U 6 49.83 51.69 3.85
CA LEU U 6 50.79 50.64 4.14
C LEU U 6 51.42 50.76 5.52
N SER U 7 51.13 51.82 6.27
CA SER U 7 51.84 52.09 7.51
C SER U 7 51.41 51.19 8.66
N ASP U 8 50.18 50.68 8.66
CA ASP U 8 49.71 49.88 9.78
C ASP U 8 50.38 48.50 9.86
N GLY U 9 50.96 48.02 8.76
CA GLY U 9 51.69 46.77 8.78
C GLY U 9 50.84 45.53 8.59
N PHE U 10 49.55 45.67 8.27
CA PHE U 10 48.74 44.50 7.97
C PHE U 10 49.16 43.88 6.65
N VAL U 11 49.47 44.70 5.65
CA VAL U 11 49.90 44.24 4.34
C VAL U 11 51.37 44.60 4.17
N ARG U 12 52.20 43.59 3.91
CA ARG U 12 53.62 43.77 3.67
C ARG U 12 53.89 43.55 2.20
N LEU U 13 54.26 44.62 1.50
CA LEU U 13 54.34 44.62 0.04
C LEU U 13 55.80 44.47 -0.40
N CYS U 14 55.99 43.74 -1.50
CA CYS U 14 57.32 43.51 -2.07
C CYS U 14 57.19 43.46 -3.59
N ILE U 15 57.56 44.55 -4.25
CA ILE U 15 57.47 44.63 -5.71
C ILE U 15 58.79 44.15 -6.30
N ASP U 16 58.72 43.11 -7.13
CA ASP U 16 59.92 42.54 -7.72
C ASP U 16 59.59 41.92 -9.08
N PRO U 17 60.08 42.48 -10.19
CA PRO U 17 59.74 41.93 -11.51
C PRO U 17 60.55 40.71 -11.93
N SER U 18 61.30 40.08 -11.03
CA SER U 18 62.14 38.95 -11.37
C SER U 18 61.81 37.68 -10.59
N LEU U 19 60.66 37.63 -9.93
CA LEU U 19 60.28 36.44 -9.18
C LEU U 19 59.64 35.40 -10.10
N ASN U 20 59.68 34.14 -9.67
CA ASN U 20 59.12 33.03 -10.42
C ASN U 20 58.25 32.20 -9.48
N PHE U 21 56.99 32.00 -9.85
CA PHE U 21 56.07 31.23 -9.04
C PHE U 21 56.20 29.72 -9.28
N PHE U 22 56.89 29.32 -10.34
CA PHE U 22 56.94 27.91 -10.69
C PHE U 22 57.75 27.12 -9.67
N GLY U 23 57.35 25.88 -9.45
CA GLY U 23 58.14 24.96 -8.67
C GLY U 23 59.30 24.40 -9.46
N GLU U 24 60.09 23.56 -8.81
CA GLU U 24 61.25 22.96 -9.46
C GLU U 24 60.80 21.81 -10.35
N GLY U 25 61.03 21.96 -11.66
CA GLY U 25 60.68 20.93 -12.61
C GLY U 25 61.62 19.73 -12.53
N CYS U 26 61.79 19.08 -13.69
CA CYS U 26 62.67 17.94 -13.74
C CYS U 26 64.13 18.39 -13.69
N LYS U 27 65.03 17.44 -13.87
CA LYS U 27 66.46 17.70 -13.89
C LYS U 27 67.07 17.15 -15.17
N ILE U 28 67.82 18.00 -15.87
CA ILE U 28 68.50 17.63 -17.11
C ILE U 28 69.98 17.90 -16.94
N LEU U 29 70.80 17.01 -17.49
CA LEU U 29 72.25 17.09 -17.37
C LEU U 29 72.88 17.23 -18.74
N VAL U 30 73.85 18.13 -18.86
CA VAL U 30 74.55 18.38 -20.11
C VAL U 30 76.05 18.15 -19.88
N GLU U 31 76.70 17.50 -20.83
CA GLU U 31 78.08 17.07 -20.69
C GLU U 31 78.87 17.47 -21.94
N GLY U 32 79.98 18.15 -21.75
CA GLY U 32 80.76 18.62 -22.88
C GLY U 32 82.06 19.26 -22.43
N GLN U 33 82.82 19.71 -23.43
CA GLN U 33 84.14 20.26 -23.17
C GLN U 33 84.06 21.64 -22.55
N ILE U 34 85.14 22.05 -21.88
CA ILE U 34 85.31 23.42 -21.41
C ILE U 34 86.68 23.91 -21.86
N THR U 35 87.02 25.15 -21.50
CA THR U 35 88.30 25.73 -21.86
C THR U 35 89.03 26.16 -20.59
N ASP U 36 90.30 26.57 -20.78
CA ASP U 36 91.14 26.89 -19.64
C ASP U 36 90.65 28.12 -18.87
N ASP U 37 89.94 29.04 -19.52
CA ASP U 37 89.49 30.26 -18.86
C ASP U 37 88.24 30.05 -18.03
N ALA U 38 87.74 28.82 -17.93
CA ALA U 38 86.53 28.54 -17.16
C ALA U 38 86.86 28.49 -15.66
N THR U 39 86.03 29.16 -14.87
CA THR U 39 86.20 29.13 -13.42
C THR U 39 85.56 27.90 -12.78
N ALA U 40 84.77 27.14 -13.52
CA ALA U 40 84.12 25.96 -12.97
C ALA U 40 85.12 24.86 -12.68
N ALA U 41 84.79 24.00 -11.72
CA ALA U 41 85.66 22.89 -11.35
C ALA U 41 85.41 21.70 -12.26
N GLU U 42 86.49 21.01 -12.60
CA GLU U 42 86.39 19.86 -13.50
C GLU U 42 85.73 18.67 -12.80
N ASN U 43 85.03 17.86 -13.59
CA ASN U 43 84.46 16.59 -13.12
C ASN U 43 83.62 16.77 -11.86
N VAL U 44 82.78 17.80 -11.83
CA VAL U 44 81.87 18.05 -10.71
C VAL U 44 80.57 18.59 -11.26
N VAL U 45 79.46 17.93 -10.94
CA VAL U 45 78.15 18.36 -11.41
C VAL U 45 77.74 19.62 -10.66
N THR U 46 77.35 20.66 -11.39
CA THR U 46 77.01 21.94 -10.80
C THR U 46 75.69 22.44 -11.36
N CYS U 47 74.96 23.18 -10.53
CA CYS U 47 73.70 23.76 -10.93
C CYS U 47 73.92 24.99 -11.80
N VAL U 48 73.06 25.16 -12.80
CA VAL U 48 73.08 26.33 -13.68
C VAL U 48 71.73 27.02 -13.55
N ASN U 49 71.75 28.33 -13.33
CA ASN U 49 70.54 29.07 -12.99
C ASN U 49 70.04 29.97 -14.11
N SER U 50 70.92 30.44 -15.00
CA SER U 50 70.49 31.31 -16.09
C SER U 50 71.57 31.35 -17.14
N GLU U 51 71.22 31.95 -18.29
CA GLU U 51 72.17 32.09 -19.39
C GLU U 51 73.29 33.07 -19.07
N LEU U 52 73.06 34.01 -18.16
CA LEU U 52 73.97 35.14 -18.01
C LEU U 52 75.33 34.73 -17.46
N ASP U 53 75.39 33.65 -16.69
CA ASP U 53 76.64 33.26 -16.02
C ASP U 53 77.57 32.48 -16.92
N LEU U 54 77.18 32.16 -18.14
CA LEU U 54 78.03 31.39 -19.03
C LEU U 54 79.30 32.18 -19.36
N VAL U 55 80.15 31.55 -20.17
CA VAL U 55 81.41 32.15 -20.64
C VAL U 55 82.43 32.16 -19.51
N GLU U 56 82.17 32.94 -18.46
CA GLU U 56 83.11 33.03 -17.36
C GLU U 56 83.17 31.74 -16.56
N ARG U 57 82.04 31.04 -16.45
CA ARG U 57 81.99 29.81 -15.67
C ARG U 57 82.46 28.62 -16.49
N PHE U 58 82.12 28.59 -17.77
CA PHE U 58 82.37 27.42 -18.61
C PHE U 58 83.21 27.74 -19.84
N GLY U 59 83.80 28.92 -19.92
CA GLY U 59 84.76 29.20 -20.99
C GLY U 59 84.14 29.94 -22.16
N GLN U 60 84.99 30.66 -22.89
CA GLN U 60 84.56 31.44 -24.04
C GLN U 60 84.27 30.55 -25.24
N GLY U 61 83.01 30.53 -25.69
CA GLY U 61 82.67 29.79 -26.89
C GLY U 61 83.03 28.33 -26.83
N SER U 62 82.80 27.68 -25.70
CA SER U 62 83.07 26.26 -25.56
C SER U 62 81.83 25.45 -25.89
N VAL U 63 82.04 24.15 -26.15
CA VAL U 63 80.93 23.27 -26.49
C VAL U 63 79.86 23.32 -25.41
N LEU U 64 80.27 23.26 -24.15
CA LEU U 64 79.29 23.24 -23.06
C LEU U 64 78.46 24.52 -23.04
N THR U 65 79.11 25.68 -23.23
CA THR U 65 78.37 26.93 -23.26
C THR U 65 77.37 26.96 -24.41
N GLU U 66 77.80 26.49 -25.58
CA GLU U 66 76.90 26.48 -26.73
C GLU U 66 75.69 25.58 -26.48
N SER U 67 75.93 24.40 -25.90
CA SER U 67 74.81 23.51 -25.58
C SER U 67 73.87 24.14 -24.56
N LEU U 68 74.42 24.78 -23.53
CA LEU U 68 73.58 25.41 -22.52
C LEU U 68 72.82 26.60 -23.08
N ARG U 69 73.34 27.25 -24.11
CA ARG U 69 72.61 28.35 -24.74
C ARG U 69 71.31 27.85 -25.34
N LYS U 70 71.34 26.70 -26.02
CA LYS U 70 70.12 26.13 -26.60
C LYS U 70 69.24 25.51 -25.52
N VAL U 71 69.83 24.91 -24.50
CA VAL U 71 69.03 24.25 -23.47
C VAL U 71 68.10 25.25 -22.80
N PHE U 72 68.63 26.43 -22.47
CA PHE U 72 67.79 27.45 -21.84
C PHE U 72 66.82 28.07 -22.83
N CYS U 73 67.20 28.17 -24.10
CA CYS U 73 66.33 28.80 -25.09
C CYS U 73 65.11 27.93 -25.36
N MET U 74 65.28 26.61 -25.43
CA MET U 74 64.17 25.69 -25.65
C MET U 74 63.25 25.54 -24.44
N CYS U 75 63.66 26.01 -23.26
CA CYS U 75 62.90 25.78 -22.03
C CYS U 75 62.77 27.11 -21.28
N LYS U 76 61.59 27.73 -21.42
CA LYS U 76 61.32 28.96 -20.69
C LYS U 76 60.92 28.70 -19.24
N SER U 77 60.54 27.46 -18.91
CA SER U 77 60.16 27.12 -17.54
C SER U 77 60.01 25.62 -17.42
N GLY U 78 59.92 25.15 -16.18
CA GLY U 78 59.66 23.76 -15.91
C GLY U 78 60.83 22.82 -16.05
N VAL U 79 62.06 23.30 -15.87
CA VAL U 79 63.24 22.47 -15.99
C VAL U 79 64.35 23.02 -15.11
N SER U 80 65.21 22.13 -14.62
CA SER U 80 66.40 22.49 -13.86
C SER U 80 67.61 21.96 -14.61
N VAL U 81 68.59 22.82 -14.86
CA VAL U 81 69.72 22.51 -15.72
C VAL U 81 70.95 22.23 -14.86
N TYR U 82 71.65 21.14 -15.18
CA TYR U 82 72.89 20.78 -14.52
C TYR U 82 73.96 20.53 -15.58
N ALA U 83 75.21 20.78 -15.21
CA ALA U 83 76.33 20.71 -16.15
C ALA U 83 77.42 19.80 -15.59
N LEU U 84 78.09 19.08 -16.49
CA LEU U 84 79.18 18.17 -16.14
C LEU U 84 80.38 18.48 -17.02
N PRO U 85 81.17 19.51 -16.70
CA PRO U 85 82.25 19.91 -17.61
C PRO U 85 83.35 18.87 -17.72
N ARG U 86 83.98 18.82 -18.89
CA ARG U 86 85.11 17.95 -19.16
C ARG U 86 86.18 18.74 -19.88
N ALA U 87 87.44 18.32 -19.73
CA ALA U 87 88.56 19.00 -20.38
C ALA U 87 89.07 18.20 -21.56
N ASP U 88 89.70 18.91 -22.49
CA ASP U 88 90.30 18.27 -23.64
C ASP U 88 91.48 17.40 -23.23
N ALA U 89 91.68 16.31 -23.96
CA ALA U 89 92.86 15.48 -23.76
C ALA U 89 94.12 16.31 -24.03
N ALA U 90 95.13 16.14 -23.17
CA ALA U 90 96.33 16.97 -23.28
C ALA U 90 97.10 16.71 -24.57
N ALA U 91 96.84 15.59 -25.25
CA ALA U 91 97.55 15.24 -26.48
C ALA U 91 96.71 15.42 -27.73
N ALA U 92 95.56 16.09 -27.64
CA ALA U 92 94.66 16.21 -28.78
C ALA U 92 95.04 17.41 -29.64
N VAL U 93 94.94 17.24 -30.96
CA VAL U 93 95.25 18.33 -31.88
C VAL U 93 93.95 18.98 -32.35
N SER U 94 94.05 20.25 -32.71
CA SER U 94 92.86 21.00 -33.15
C SER U 94 92.76 20.99 -34.67
N ALA U 95 91.53 20.83 -35.17
CA ALA U 95 91.29 20.83 -36.60
C ALA U 95 91.41 22.25 -37.17
N VAL U 96 91.73 22.32 -38.46
CA VAL U 96 91.99 23.59 -39.13
C VAL U 96 91.24 23.62 -40.45
N TYR U 97 90.77 24.80 -40.84
CA TYR U 97 90.15 25.01 -42.14
C TYR U 97 90.68 26.30 -42.75
N THR U 98 90.57 26.39 -44.07
CA THR U 98 91.02 27.56 -44.81
C THR U 98 89.87 28.12 -45.64
N LEU U 99 89.69 29.42 -45.58
CA LEU U 99 88.67 30.14 -46.36
C LEU U 99 89.42 31.18 -47.19
N THR U 100 89.70 30.84 -48.45
CA THR U 100 90.52 31.67 -49.32
C THR U 100 89.62 32.46 -50.25
N VAL U 101 89.74 33.80 -50.20
CA VAL U 101 89.00 34.65 -51.11
C VAL U 101 89.74 34.72 -52.44
N THR U 102 89.03 35.09 -53.50
CA THR U 102 89.62 35.17 -54.83
C THR U 102 88.95 36.27 -55.63
N GLY U 103 89.63 36.69 -56.70
CA GLY U 103 89.10 37.72 -57.57
C GLY U 103 89.31 39.12 -57.01
N THR U 104 88.67 40.08 -57.68
CA THR U 104 88.73 41.47 -57.26
C THR U 104 87.39 42.12 -57.54
N ALA U 105 86.78 42.73 -56.53
CA ALA U 105 85.45 43.28 -56.67
C ALA U 105 85.44 44.42 -57.69
N LEU U 106 84.32 44.53 -58.41
CA LEU U 106 84.13 45.60 -59.37
C LEU U 106 82.74 46.23 -59.30
N THR U 107 81.91 45.86 -58.32
CA THR U 107 80.61 46.49 -58.10
C THR U 107 80.31 46.49 -56.61
N ASP U 108 79.39 47.35 -56.21
CA ASP U 108 78.99 47.46 -54.82
C ASP U 108 77.87 46.47 -54.51
N GLY U 109 77.62 46.26 -53.22
CA GLY U 109 76.54 45.38 -52.79
C GLY U 109 76.85 44.77 -51.44
N ARG U 110 76.25 43.60 -51.22
CA ARG U 110 76.33 42.89 -49.94
C ARG U 110 76.70 41.43 -50.17
N VAL U 111 77.40 40.85 -49.20
CA VAL U 111 77.66 39.42 -49.15
C VAL U 111 77.37 38.95 -47.72
N GLN U 112 76.64 37.84 -47.61
CA GLN U 112 76.26 37.29 -46.32
C GLN U 112 76.56 35.80 -46.32
N LEU U 113 77.25 35.35 -45.27
CA LEU U 113 77.75 33.98 -45.18
C LEU U 113 77.04 33.24 -44.05
N TYR U 114 76.80 31.95 -44.26
CA TYR U 114 76.26 31.09 -43.21
C TYR U 114 77.40 30.33 -42.55
N MET U 115 77.39 30.30 -41.21
CA MET U 115 78.49 29.66 -40.47
C MET U 115 77.90 28.98 -39.24
N GLY U 116 77.79 27.65 -39.30
CA GLY U 116 77.41 26.86 -38.15
C GLY U 116 75.95 26.94 -37.79
N GLU U 117 75.46 28.14 -37.50
CA GLU U 117 74.08 28.33 -37.08
C GLU U 117 73.71 29.79 -37.32
N ALA U 118 72.40 30.05 -37.35
CA ALA U 118 71.92 31.40 -37.64
C ALA U 118 72.42 32.42 -36.64
N GLU U 119 72.80 32.01 -35.43
CA GLU U 119 73.30 32.97 -34.46
C GLU U 119 74.69 33.48 -34.83
N TYR U 120 75.44 32.71 -35.62
CA TYR U 120 76.81 33.06 -35.98
C TYR U 120 76.98 33.38 -37.45
N SER U 121 75.92 33.32 -38.26
CA SER U 121 76.00 33.82 -39.62
C SER U 121 76.01 35.33 -39.61
N LEU U 122 76.74 35.90 -40.58
CA LEU U 122 76.99 37.34 -40.61
C LEU U 122 76.76 37.87 -42.02
N ASP U 123 76.40 39.15 -42.08
CA ASP U 123 76.24 39.87 -43.34
C ASP U 123 77.26 41.00 -43.37
N ILE U 124 78.14 40.97 -44.37
CA ILE U 124 79.21 41.94 -44.53
C ILE U 124 79.10 42.55 -45.92
N GLY U 125 79.16 43.88 -45.99
CA GLY U 125 78.94 44.56 -47.26
C GLY U 125 80.08 45.45 -47.69
N VAL U 126 80.12 45.78 -48.98
CA VAL U 126 81.10 46.70 -49.53
C VAL U 126 80.34 47.70 -50.40
N ASP U 127 80.93 48.87 -50.60
CA ASP U 127 80.28 49.95 -51.32
C ASP U 127 81.07 50.43 -52.54
N GLU U 128 82.21 49.80 -52.84
CA GLU U 128 83.02 50.21 -53.97
C GLU U 128 83.71 48.99 -54.58
N GLY U 129 84.03 49.10 -55.86
CA GLY U 129 84.76 48.07 -56.55
C GLY U 129 86.26 48.21 -56.38
N ASP U 130 86.99 47.39 -57.13
CA ASP U 130 88.45 47.44 -57.13
C ASP U 130 89.00 47.16 -55.74
N THR U 131 88.22 46.48 -54.91
CA THR U 131 88.72 46.07 -53.60
C THR U 131 89.37 44.70 -53.71
N PRO U 132 90.69 44.58 -53.46
CA PRO U 132 91.33 43.27 -53.60
C PRO U 132 90.89 42.28 -52.52
N THR U 133 91.46 41.08 -52.54
CA THR U 133 91.15 40.11 -51.50
C THR U 133 91.54 40.62 -50.12
N GLN U 134 92.51 41.52 -50.05
CA GLN U 134 92.92 42.09 -48.77
C GLN U 134 91.91 43.08 -48.22
N ILE U 135 91.30 43.91 -49.05
CA ILE U 135 90.18 44.72 -48.59
C ILE U 135 88.99 43.83 -48.27
N ALA U 136 88.86 42.68 -48.95
CA ALA U 136 88.04 41.60 -48.43
C ALA U 136 88.75 40.99 -47.22
N ALA U 137 88.18 39.93 -46.67
CA ALA U 137 88.62 39.36 -45.41
C ALA U 137 88.37 40.30 -44.23
N LYS U 138 87.59 41.36 -44.44
CA LYS U 138 87.06 42.16 -43.35
C LYS U 138 86.06 41.38 -42.51
N ILE U 139 85.78 40.12 -42.88
CA ILE U 139 84.83 39.29 -42.15
C ILE U 139 85.25 39.18 -40.69
N VAL U 140 86.55 39.03 -40.44
CA VAL U 140 87.04 38.84 -39.07
C VAL U 140 86.66 39.98 -38.16
N ALA U 141 86.27 41.13 -38.70
CA ALA U 141 85.73 42.19 -37.89
C ALA U 141 84.28 41.94 -37.49
N ALA U 142 83.63 40.97 -38.12
CA ALA U 142 82.23 40.64 -37.84
C ALA U 142 82.05 39.30 -37.16
N ILE U 143 83.05 38.42 -37.22
CA ILE U 143 82.93 37.11 -36.57
C ILE U 143 82.68 37.32 -35.09
N SER U 144 81.67 36.64 -34.56
CA SER U 144 81.26 36.83 -33.19
C SER U 144 82.25 36.19 -32.22
N PRO U 145 82.36 36.72 -31.00
CA PRO U 145 83.26 36.10 -30.02
C PRO U 145 82.88 34.68 -29.66
N ASP U 146 81.59 34.36 -29.71
CA ASP U 146 81.09 33.06 -29.27
C ASP U 146 81.30 31.95 -30.29
N PHE U 147 81.81 32.28 -31.47
CA PHE U 147 82.01 31.25 -32.49
C PHE U 147 83.05 30.25 -31.99
N PRO U 148 82.75 28.94 -32.03
CA PRO U 148 83.72 27.96 -31.49
C PRO U 148 85.08 27.96 -32.16
N TYR U 149 85.30 28.79 -33.17
CA TYR U 149 86.54 28.79 -33.92
C TYR U 149 87.19 30.16 -33.89
N GLU U 150 88.50 30.18 -34.12
CA GLU U 150 89.29 31.40 -34.14
C GLU U 150 89.69 31.73 -35.57
N ALA U 151 89.52 33.01 -35.95
CA ALA U 151 89.87 33.49 -37.28
C ALA U 151 91.16 34.32 -37.18
N THR U 152 92.13 33.99 -38.03
CA THR U 152 93.45 34.61 -37.97
C THR U 152 93.56 35.90 -38.75
N ALA U 153 92.76 36.10 -39.80
CA ALA U 153 92.78 37.33 -40.58
C ALA U 153 94.15 37.55 -41.20
N ALA U 154 94.56 36.64 -42.09
CA ALA U 154 95.82 36.77 -42.79
C ALA U 154 95.66 37.67 -44.01
N ALA U 155 96.70 37.71 -44.85
CA ALA U 155 96.74 38.61 -46.00
C ALA U 155 95.84 38.05 -47.10
N GLY U 156 94.56 38.45 -47.06
CA GLY U 156 93.61 38.07 -48.07
C GLY U 156 92.92 36.74 -47.86
N VAL U 157 93.33 35.96 -46.85
CA VAL U 157 92.72 34.67 -46.54
C VAL U 157 92.58 34.59 -45.03
N ILE U 158 91.47 34.01 -44.59
CA ILE U 158 91.19 33.83 -43.17
C ILE U 158 91.20 32.33 -42.87
N THR U 159 91.96 31.95 -41.85
CA THR U 159 92.11 30.54 -41.46
C THR U 159 91.37 30.30 -40.15
N LEU U 160 90.72 29.15 -40.06
CA LEU U 160 89.87 28.79 -38.93
C LEU U 160 90.48 27.61 -38.19
N THR U 161 90.62 27.75 -36.87
CA THR U 161 91.17 26.71 -36.02
C THR U 161 90.23 26.47 -34.85
N ALA U 162 89.91 25.22 -34.59
CA ALA U 162 88.96 24.88 -33.54
C ALA U 162 89.51 25.26 -32.17
N ARG U 163 88.63 25.78 -31.31
CA ARG U 163 89.04 26.12 -29.96
C ARG U 163 89.26 24.86 -29.12
N ASN U 164 88.22 24.05 -28.96
CA ASN U 164 88.35 22.77 -28.30
C ASN U 164 88.98 21.76 -29.25
N GLY U 165 89.85 20.91 -28.69
CA GLY U 165 90.55 19.91 -29.47
C GLY U 165 89.69 18.70 -29.76
N GLY U 166 90.32 17.71 -30.37
CA GLY U 166 89.61 16.48 -30.67
C GLY U 166 88.83 16.56 -31.97
N THR U 167 88.01 15.52 -32.18
CA THR U 167 87.29 15.38 -33.44
C THR U 167 86.05 16.28 -33.53
N ILE U 168 85.63 16.88 -32.41
CA ILE U 168 84.41 17.67 -32.44
C ILE U 168 84.53 18.86 -33.38
N GLY U 169 85.75 19.33 -33.64
CA GLY U 169 85.93 20.47 -34.53
C GLY U 169 85.89 20.11 -36.00
N ASN U 170 85.70 18.83 -36.33
CA ASN U 170 85.74 18.35 -37.70
C ASN U 170 84.42 18.55 -38.44
N HIS U 171 83.52 19.40 -37.94
CA HIS U 171 82.16 19.46 -38.45
C HIS U 171 81.73 20.85 -38.92
N LEU U 172 82.65 21.81 -39.02
CA LEU U 172 82.28 23.15 -39.43
C LEU U 172 81.88 23.17 -40.90
N SER U 173 80.84 23.95 -41.20
CA SER U 173 80.36 24.13 -42.57
C SER U 173 80.13 25.62 -42.82
N VAL U 174 80.57 26.10 -43.98
CA VAL U 174 80.40 27.48 -44.39
C VAL U 174 79.80 27.49 -45.80
N ILE U 175 78.76 28.29 -45.99
CA ILE U 175 78.04 28.35 -47.26
C ILE U 175 77.98 29.80 -47.73
N TYR U 176 78.21 29.99 -49.02
CA TYR U 176 78.15 31.31 -49.67
C TYR U 176 76.76 31.43 -50.29
N THR U 177 75.80 31.88 -49.47
CA THR U 177 74.39 31.73 -49.79
C THR U 177 74.01 32.43 -51.09
N ASN U 178 74.44 33.67 -51.27
CA ASN U 178 73.93 34.52 -52.32
C ASN U 178 74.61 34.30 -53.67
N LEU U 179 75.26 33.15 -53.87
CA LEU U 179 75.84 32.85 -55.18
C LEU U 179 74.77 32.76 -56.25
N GLY U 180 73.65 32.10 -55.95
CA GLY U 180 72.58 31.94 -56.91
C GLY U 180 71.71 33.17 -57.00
N SER U 181 70.66 33.05 -57.81
CA SER U 181 69.72 34.16 -57.99
C SER U 181 69.14 34.57 -56.64
N CYS U 182 69.12 35.88 -56.39
CA CYS U 182 68.64 36.40 -55.12
C CYS U 182 68.19 37.84 -55.32
N THR U 183 67.45 38.34 -54.33
CA THR U 183 66.95 39.71 -54.37
C THR U 183 67.95 40.71 -53.81
N SER U 184 69.12 40.27 -53.37
CA SER U 184 70.18 41.14 -52.89
C SER U 184 71.36 41.07 -53.84
N VAL U 185 71.93 42.23 -54.16
CA VAL U 185 72.96 42.31 -55.19
C VAL U 185 74.31 41.95 -54.58
N THR U 186 74.96 40.95 -55.17
CA THR U 186 76.26 40.53 -54.68
C THR U 186 77.38 41.16 -55.53
N PRO U 187 78.41 41.71 -54.88
CA PRO U 187 79.59 42.14 -55.62
C PRO U 187 80.04 41.13 -56.67
N GLU U 188 79.99 41.56 -57.94
CA GLU U 188 80.50 40.72 -59.02
C GLU U 188 82.02 40.67 -58.99
N GLY U 189 82.56 39.51 -59.35
CA GLY U 189 83.99 39.29 -59.29
C GLY U 189 84.51 38.86 -57.94
N VAL U 190 83.63 38.57 -56.98
CA VAL U 190 84.03 38.15 -55.64
C VAL U 190 83.63 36.69 -55.48
N THR U 191 84.57 35.87 -55.01
CA THR U 191 84.33 34.45 -54.78
C THR U 191 85.05 34.02 -53.51
N VAL U 192 84.44 33.07 -52.79
CA VAL U 192 84.98 32.57 -51.54
C VAL U 192 84.93 31.05 -51.58
N ALA U 193 86.03 30.41 -51.20
CA ALA U 193 86.13 28.95 -51.18
C ALA U 193 86.48 28.48 -49.79
N PHE U 194 85.94 27.33 -49.41
CA PHE U 194 86.12 26.75 -48.07
C PHE U 194 86.63 25.33 -48.21
N ALA U 195 87.65 24.99 -47.42
CA ALA U 195 88.23 23.66 -47.47
C ALA U 195 88.90 23.32 -46.14
N GLN U 196 89.06 22.03 -45.89
CA GLN U 196 89.69 21.56 -44.67
C GLN U 196 91.17 21.25 -44.91
N THR U 197 91.97 21.33 -43.84
CA THR U 197 93.40 21.08 -43.94
C THR U 197 93.93 20.08 -42.93
N THR U 198 93.37 19.99 -41.72
CA THR U 198 93.87 19.06 -40.72
C THR U 198 92.74 18.59 -39.80
N PRO U 199 92.61 17.28 -39.57
CA PRO U 199 91.57 16.79 -38.66
C PRO U 199 92.05 16.69 -37.22
N GLY U 200 91.12 16.35 -36.34
CA GLY U 200 91.46 16.06 -34.96
C GLY U 200 91.78 14.59 -34.73
N SER U 201 92.47 14.32 -33.63
CA SER U 201 92.97 12.98 -33.35
C SER U 201 92.38 12.34 -32.10
N VAL U 202 92.48 12.98 -30.95
CA VAL U 202 92.23 12.35 -29.66
C VAL U 202 91.07 13.04 -28.96
N ASN U 203 90.21 12.25 -28.32
CA ASN U 203 89.08 12.73 -27.56
C ASN U 203 89.10 12.13 -26.15
N PRO U 204 88.59 12.86 -25.15
CA PRO U 204 88.56 12.30 -23.80
C PRO U 204 87.57 11.15 -23.70
N GLU U 205 87.90 10.18 -22.84
CA GLU U 205 87.07 9.00 -22.62
C GLU U 205 86.94 8.74 -21.12
N PRO U 206 86.24 9.62 -20.40
CA PRO U 206 86.06 9.42 -18.96
C PRO U 206 85.19 8.21 -18.65
N ASN U 207 85.40 7.63 -17.47
CA ASN U 207 84.62 6.48 -17.02
C ASN U 207 84.24 6.58 -15.55
N ASP U 208 84.08 7.80 -15.03
CA ASP U 208 83.81 8.02 -13.61
C ASP U 208 82.38 8.46 -13.34
N TYR U 209 81.41 7.91 -14.07
CA TYR U 209 80.01 8.27 -13.83
C TYR U 209 79.55 7.80 -12.45
N ALA U 210 80.05 6.65 -12.00
CA ALA U 210 79.60 6.07 -10.75
C ALA U 210 79.97 6.91 -9.54
N SER U 211 80.87 7.89 -9.68
CA SER U 211 81.32 8.72 -8.58
C SER U 211 80.76 10.13 -8.61
N VAL U 212 80.52 10.68 -9.80
CA VAL U 212 80.05 12.06 -9.90
C VAL U 212 78.54 12.19 -9.94
N VAL U 213 77.82 11.14 -10.39
CA VAL U 213 76.37 11.17 -10.49
C VAL U 213 75.82 10.12 -9.53
N ASN U 214 76.49 9.92 -8.41
CA ASN U 214 76.13 8.84 -7.50
C ASN U 214 74.80 9.13 -6.81
N GLU U 215 73.85 8.21 -6.98
CA GLU U 215 72.59 8.22 -6.23
C GLU U 215 71.88 9.57 -6.34
N CYS U 216 71.84 10.12 -7.55
CA CYS U 216 71.04 11.31 -7.83
C CYS U 216 70.30 11.09 -9.13
N CYS U 217 69.03 11.49 -9.15
CA CYS U 217 68.12 11.15 -10.24
C CYS U 217 68.09 12.26 -11.27
N PHE U 218 68.35 11.89 -12.53
CA PHE U 218 68.24 12.81 -13.66
C PHE U 218 67.30 12.22 -14.69
N ALA U 219 66.45 13.07 -15.27
CA ALA U 219 65.47 12.57 -16.24
C ALA U 219 66.08 12.42 -17.62
N VAL U 220 66.85 13.40 -18.07
CA VAL U 220 67.39 13.42 -19.42
C VAL U 220 68.89 13.67 -19.36
N TYR U 221 69.65 12.90 -20.13
CA TYR U 221 71.09 13.07 -20.28
C TYR U 221 71.39 13.51 -21.70
N VAL U 222 72.22 14.55 -21.84
CA VAL U 222 72.63 15.06 -23.14
C VAL U 222 74.14 15.03 -23.21
N LEU U 223 74.68 14.38 -24.24
CA LEU U 223 76.11 14.24 -24.43
C LEU U 223 76.51 14.94 -25.73
N SER U 224 77.42 15.90 -25.62
CA SER U 224 77.90 16.66 -26.78
C SER U 224 79.22 16.10 -27.30
N SER U 225 79.16 14.90 -27.87
CA SER U 225 80.34 14.26 -28.42
C SER U 225 79.92 13.25 -29.49
N ASP U 226 80.83 12.97 -30.41
CA ASP U 226 80.60 11.99 -31.46
C ASP U 226 81.42 10.71 -31.27
N ASP U 227 82.17 10.60 -30.16
CA ASP U 227 82.99 9.44 -29.91
C ASP U 227 82.10 8.28 -29.46
N THR U 228 82.17 7.16 -30.18
CA THR U 228 81.30 6.03 -29.86
C THR U 228 81.62 5.45 -28.48
N ASP U 229 82.89 5.45 -28.09
CA ASP U 229 83.26 4.89 -26.80
C ASP U 229 82.65 5.67 -25.65
N TRP U 230 82.68 7.00 -25.73
CA TRP U 230 82.06 7.83 -24.70
C TRP U 230 80.55 7.57 -24.63
N GLN U 231 79.92 7.43 -25.81
CA GLN U 231 78.49 7.15 -25.85
C GLN U 231 78.18 5.80 -25.18
N GLU U 232 79.00 4.78 -25.44
CA GLU U 232 78.77 3.49 -24.80
C GLU U 232 79.02 3.57 -23.30
N ASN U 233 79.98 4.37 -22.87
CA ASN U 233 80.18 4.59 -21.44
C ASN U 233 78.93 5.19 -20.81
N LEU U 234 78.32 6.18 -21.46
CA LEU U 234 77.08 6.74 -20.93
C LEU U 234 75.96 5.70 -20.96
N ARG U 235 75.91 4.88 -22.02
CA ARG U 235 74.88 3.85 -22.11
C ARG U 235 74.98 2.88 -20.94
N ASP U 236 76.21 2.50 -20.58
CA ASP U 236 76.40 1.62 -19.44
C ASP U 236 75.88 2.23 -18.15
N TRP U 237 76.13 3.52 -17.92
CA TRP U 237 75.59 4.17 -16.73
C TRP U 237 74.07 4.17 -16.74
N ILE U 238 73.45 4.46 -17.89
CA ILE U 238 72.00 4.48 -17.94
C ILE U 238 71.44 3.09 -17.66
N ARG U 239 72.03 2.06 -18.28
CA ARG U 239 71.64 0.69 -18.00
C ARG U 239 71.76 0.39 -16.50
N SER U 240 72.83 0.88 -15.88
CA SER U 240 73.00 0.67 -14.44
C SER U 240 71.86 1.31 -13.66
N ALA U 241 71.44 2.51 -14.05
CA ALA U 241 70.36 3.19 -13.33
C ALA U 241 69.09 2.36 -13.36
N TRP U 242 68.88 1.57 -14.41
CA TRP U 242 67.68 0.76 -14.56
C TRP U 242 67.85 -0.67 -14.05
N ASP U 243 69.02 -1.02 -13.54
CA ASP U 243 69.30 -2.42 -13.20
C ASP U 243 68.48 -2.88 -12.00
N CYS U 244 68.27 -4.19 -11.94
CA CYS U 244 67.43 -4.77 -10.90
C CYS U 244 68.18 -4.98 -9.59
N SER U 245 69.50 -4.78 -9.57
CA SER U 245 70.29 -5.11 -8.39
C SER U 245 69.91 -4.28 -7.18
N LYS U 246 69.67 -2.98 -7.36
CA LYS U 246 69.49 -2.06 -6.25
C LYS U 246 68.40 -1.07 -6.63
N PRO U 247 67.96 -0.24 -5.68
CA PRO U 247 66.91 0.74 -6.00
C PRO U 247 67.23 1.50 -7.29
N GLN U 248 66.17 1.84 -8.02
CA GLN U 248 66.30 2.28 -9.40
C GLN U 248 66.14 3.79 -9.50
N CYS U 249 67.09 4.42 -10.19
CA CYS U 249 66.86 5.71 -10.81
C CYS U 249 66.47 5.47 -12.27
N PHE U 250 65.93 6.51 -12.91
CA PHE U 250 65.45 6.38 -14.27
C PHE U 250 65.93 7.56 -15.10
N GLY U 251 66.32 7.28 -16.33
CA GLY U 251 66.80 8.33 -17.21
C GLY U 251 66.88 7.86 -18.65
N HIS U 252 66.89 8.83 -19.55
CA HIS U 252 66.98 8.58 -20.99
C HIS U 252 68.11 9.43 -21.56
N GLY U 253 68.90 8.85 -22.45
CA GLY U 253 70.06 9.50 -23.01
C GLY U 253 69.84 9.90 -24.46
N TYR U 254 70.45 11.02 -24.86
CA TYR U 254 70.31 11.56 -26.21
C TYR U 254 71.69 11.78 -26.82
N VAL U 255 71.97 11.10 -27.92
CA VAL U 255 73.24 11.20 -28.62
C VAL U 255 72.96 11.29 -30.12
N PHE U 256 73.98 11.67 -30.88
CA PHE U 256 73.87 11.82 -32.32
C PHE U 256 74.96 11.01 -33.03
N ASN U 257 74.74 10.75 -34.32
CA ASN U 257 75.66 9.96 -35.13
C ASN U 257 75.62 10.53 -36.55
N LYS U 258 76.77 10.96 -37.06
CA LYS U 258 76.88 11.58 -38.36
C LYS U 258 77.75 10.74 -39.27
N GLY U 259 77.31 10.56 -40.51
CA GLY U 259 78.06 9.78 -41.47
C GLY U 259 77.19 9.40 -42.67
N THR U 260 77.65 8.40 -43.41
CA THR U 260 76.88 7.88 -44.52
C THR U 260 75.92 6.80 -44.03
N LEU U 261 75.02 6.36 -44.92
CA LEU U 261 74.03 5.36 -44.53
C LEU U 261 74.69 4.10 -44.00
N GLY U 262 75.73 3.62 -44.68
CA GLY U 262 76.40 2.42 -44.21
C GLY U 262 77.10 2.64 -42.88
N GLN U 263 77.74 3.80 -42.70
CA GLN U 263 78.45 4.08 -41.46
C GLN U 263 77.48 4.21 -40.30
N VAL U 264 76.39 4.94 -40.49
CA VAL U 264 75.47 5.21 -39.39
C VAL U 264 74.84 3.92 -38.88
N LEU U 265 74.47 3.02 -39.79
CA LEU U 265 73.87 1.76 -39.37
C LEU U 265 74.83 0.90 -38.55
N ALA U 266 76.12 1.20 -38.56
CA ALA U 266 77.09 0.43 -37.81
C ALA U 266 77.18 0.84 -36.34
N ASP U 267 76.41 1.85 -35.91
CA ASP U 267 76.40 2.28 -34.53
C ASP U 267 75.18 1.79 -33.76
N GLY U 268 74.40 0.88 -34.34
CA GLY U 268 73.19 0.40 -33.70
C GLY U 268 73.42 -0.72 -32.71
N ASP U 269 73.90 -0.40 -31.52
CA ASP U 269 74.13 -1.41 -30.50
C ASP U 269 72.91 -1.64 -29.63
N ASN U 270 71.75 -1.84 -30.26
CA ASN U 270 70.52 -2.26 -29.59
C ASN U 270 70.35 -1.60 -28.23
N SER U 271 70.59 -0.29 -28.16
CA SER U 271 70.53 0.45 -26.91
C SER U 271 69.10 0.95 -26.68
N ALA U 272 68.38 0.29 -25.78
CA ALA U 272 67.08 0.79 -25.38
C ALA U 272 67.17 2.03 -24.54
N GLU U 273 68.37 2.41 -24.11
CA GLU U 273 68.58 3.53 -23.21
C GLU U 273 68.99 4.82 -23.91
N LEU U 274 69.06 4.84 -25.24
CA LEU U 274 69.56 6.00 -25.96
C LEU U 274 68.64 6.33 -27.13
N SER U 275 68.60 7.62 -27.47
CA SER U 275 67.92 8.09 -28.68
C SER U 275 68.98 8.62 -29.64
N ARG U 276 69.22 7.90 -30.73
CA ARG U 276 70.29 8.21 -31.66
C ARG U 276 69.75 9.08 -32.79
N LEU U 277 70.22 10.33 -32.85
CA LEU U 277 69.83 11.25 -33.92
C LEU U 277 70.79 11.10 -35.09
N ALA U 278 70.30 10.59 -36.21
CA ALA U 278 71.13 10.33 -37.37
C ALA U 278 71.18 11.55 -38.29
N LEU U 279 72.39 11.93 -38.70
CA LEU U 279 72.61 13.07 -39.57
C LEU U 279 73.48 12.68 -40.75
N PRO U 280 73.36 13.38 -41.88
CA PRO U 280 74.18 13.04 -43.04
C PRO U 280 75.54 13.73 -43.01
N THR U 281 76.40 13.33 -43.94
CA THR U 281 77.73 13.92 -44.02
C THR U 281 77.68 15.40 -44.36
N THR U 282 76.65 15.83 -45.09
CA THR U 282 76.54 17.21 -45.55
C THR U 282 75.67 18.07 -44.64
N TYR U 283 75.46 17.66 -43.40
CA TYR U 283 74.58 18.40 -42.51
C TYR U 283 75.14 19.81 -42.30
N PRO U 284 74.31 20.85 -42.38
CA PRO U 284 74.83 22.23 -42.32
C PRO U 284 75.01 22.78 -40.91
N VAL U 285 74.30 22.24 -39.93
CA VAL U 285 74.31 22.80 -38.58
C VAL U 285 75.29 22.01 -37.72
N LEU U 286 75.72 22.61 -36.62
CA LEU U 286 76.62 21.96 -35.69
C LEU U 286 75.88 20.85 -34.93
N PRO U 287 76.32 19.59 -35.01
CA PRO U 287 75.44 18.50 -34.53
C PRO U 287 75.03 18.63 -33.07
N TYR U 288 75.93 19.05 -32.19
CA TYR U 288 75.59 19.07 -30.77
C TYR U 288 74.51 20.09 -30.46
N LEU U 289 74.40 21.16 -31.24
CA LEU U 289 73.30 22.09 -31.05
C LEU U 289 71.95 21.42 -31.29
N THR U 290 71.84 20.65 -32.37
CA THR U 290 70.59 19.94 -32.64
C THR U 290 70.32 18.87 -31.58
N ASN U 291 71.36 18.16 -31.16
CA ASN U 291 71.17 17.14 -30.12
C ASN U 291 70.67 17.80 -28.82
N ALA U 292 71.26 18.93 -28.45
CA ALA U 292 70.84 19.62 -27.24
C ALA U 292 69.42 20.15 -27.38
N ALA U 293 69.05 20.66 -28.56
CA ALA U 293 67.69 21.13 -28.75
C ALA U 293 66.68 20.01 -28.59
N TYR U 294 66.97 18.85 -29.19
CA TYR U 294 66.07 17.71 -29.04
C TYR U 294 65.97 17.28 -27.58
N GLY U 295 67.10 17.17 -26.90
CA GLY U 295 67.07 16.75 -25.51
C GLY U 295 66.31 17.72 -24.63
N ALA U 296 66.51 19.02 -24.85
CA ALA U 296 65.83 20.02 -24.02
C ALA U 296 64.35 20.09 -24.31
N LEU U 297 63.94 19.83 -25.56
CA LEU U 297 62.52 19.74 -25.85
C LEU U 297 61.89 18.53 -25.18
N SER U 298 62.60 17.41 -25.15
CA SER U 298 62.06 16.22 -24.51
C SER U 298 62.07 16.33 -22.98
N ALA U 299 62.98 17.12 -22.43
CA ALA U 299 63.20 17.14 -20.99
C ALA U 299 62.12 17.88 -20.22
N CYS U 300 60.88 17.43 -20.33
CA CYS U 300 59.79 17.87 -19.47
C CYS U 300 59.42 19.33 -19.69
N SER U 301 60.14 20.04 -20.55
CA SER U 301 59.59 21.26 -21.11
C SER U 301 58.40 20.93 -21.99
N THR U 302 58.26 19.65 -22.35
CA THR U 302 57.10 19.14 -23.04
C THR U 302 56.47 17.98 -22.27
N CYS U 303 57.28 17.12 -21.67
CA CYS U 303 56.79 15.90 -21.03
C CYS U 303 56.62 16.02 -19.52
N GLU U 304 55.71 16.89 -19.06
CA GLU U 304 55.18 16.73 -17.71
C GLU U 304 54.13 15.62 -17.67
N ASN U 305 53.55 15.29 -18.83
CA ASN U 305 52.71 14.11 -18.97
C ASN U 305 53.50 13.07 -19.75
N PRO U 306 53.69 11.85 -19.23
CA PRO U 306 54.71 10.96 -19.79
C PRO U 306 54.33 10.30 -21.11
N GLU U 307 53.07 10.38 -21.55
CA GLU U 307 52.63 9.63 -22.72
C GLU U 307 52.68 10.43 -24.02
N LEU U 308 53.06 11.70 -23.96
CA LEU U 308 53.09 12.52 -25.17
C LEU U 308 54.32 12.21 -26.00
N ASN U 309 54.14 12.18 -27.32
CA ASN U 309 55.20 11.91 -28.26
C ASN U 309 55.72 13.22 -28.85
N VAL U 310 57.03 13.34 -28.95
CA VAL U 310 57.66 14.51 -29.55
C VAL U 310 57.85 14.28 -31.04
N GLN U 311 56.80 14.57 -31.82
CA GLN U 311 56.81 14.33 -33.25
C GLN U 311 56.04 15.43 -33.96
N GLY U 312 56.01 15.35 -35.28
CA GLY U 312 55.20 16.26 -36.08
C GLY U 312 55.81 17.64 -36.21
N GLN U 313 55.03 18.53 -36.80
CA GLN U 313 55.45 19.91 -36.98
C GLN U 313 54.95 20.84 -35.87
N THR U 314 54.24 20.32 -34.88
CA THR U 314 53.72 21.13 -33.77
C THR U 314 54.40 20.78 -32.46
N TYR U 315 54.39 19.50 -32.09
CA TYR U 315 54.96 19.07 -30.82
C TYR U 315 56.40 18.59 -30.95
N GLY U 316 56.99 18.67 -32.14
CA GLY U 316 58.36 18.24 -32.34
C GLY U 316 59.13 19.22 -33.19
N LEU U 317 58.82 20.50 -33.06
CA LEU U 317 59.47 21.53 -33.86
C LEU U 317 60.61 22.16 -33.05
N LEU U 318 61.83 22.07 -33.57
CA LEU U 318 63.00 22.65 -32.93
C LEU U 318 63.14 24.12 -33.32
N SER U 319 62.28 24.94 -32.71
CA SER U 319 62.12 26.32 -33.14
C SER U 319 63.34 27.19 -32.90
N CYS U 320 64.33 26.72 -32.14
CA CYS U 320 65.50 27.52 -31.81
C CYS U 320 66.71 27.20 -32.69
N ILE U 321 66.53 26.41 -33.74
CA ILE U 321 67.59 26.10 -34.69
C ILE U 321 67.13 26.51 -36.08
N ASN U 322 67.98 27.25 -36.79
CA ASN U 322 67.67 27.72 -38.13
C ASN U 322 68.77 27.29 -39.08
N MET U 323 68.36 26.83 -40.27
CA MET U 323 69.26 26.36 -41.30
C MET U 323 68.81 26.90 -42.63
N PRO U 324 69.71 27.04 -43.59
CA PRO U 324 69.31 27.56 -44.90
C PRO U 324 68.44 26.56 -45.67
N GLU U 325 67.57 27.11 -46.51
CA GLU U 325 66.73 26.27 -47.34
C GLU U 325 67.55 25.60 -48.44
N SER U 326 67.07 24.46 -48.93
CA SER U 326 67.78 23.72 -49.96
C SER U 326 66.81 22.75 -50.62
N CYS U 327 67.07 22.43 -51.90
CA CYS U 327 66.27 21.45 -52.61
C CYS U 327 66.69 20.02 -52.33
N THR U 328 67.85 19.81 -51.70
CA THR U 328 68.30 18.49 -51.32
C THR U 328 68.00 18.27 -49.84
N PRO U 329 67.13 17.33 -49.47
CA PRO U 329 66.73 17.22 -48.05
C PRO U 329 67.81 16.68 -47.14
N GLY U 330 68.84 16.03 -47.68
CA GLY U 330 69.88 15.39 -46.89
C GLY U 330 69.80 13.87 -46.89
N TRP U 331 68.59 13.32 -46.88
CA TRP U 331 68.38 11.88 -46.97
C TRP U 331 67.39 11.58 -48.08
N GLU U 332 67.65 10.50 -48.82
CA GLU U 332 66.67 9.99 -49.74
C GLU U 332 65.59 9.23 -48.98
N PHE U 333 64.39 9.17 -49.56
CA PHE U 333 63.28 8.58 -48.84
C PHE U 333 63.56 7.12 -48.50
N THR U 334 64.25 6.39 -49.36
CA THR U 334 64.63 5.02 -49.02
C THR U 334 65.61 5.00 -47.85
N GLU U 335 66.56 5.92 -47.83
CA GLU U 335 67.47 6.02 -46.69
C GLU U 335 66.71 6.38 -45.42
N VAL U 336 65.74 7.29 -45.52
CA VAL U 336 64.93 7.64 -44.36
C VAL U 336 64.19 6.41 -43.85
N THR U 337 63.61 5.64 -44.77
CA THR U 337 62.88 4.44 -44.37
C THR U 337 63.81 3.45 -43.66
N GLN U 338 65.00 3.24 -44.20
CA GLN U 338 65.93 2.31 -43.56
C GLN U 338 66.33 2.80 -42.18
N LEU U 339 66.65 4.09 -42.06
CA LEU U 339 67.05 4.63 -40.76
C LEU U 339 65.93 4.49 -39.75
N GLN U 340 64.70 4.81 -40.15
CA GLN U 340 63.57 4.68 -39.25
C GLN U 340 63.36 3.23 -38.83
N ASN U 341 63.47 2.30 -39.78
CA ASN U 341 63.25 0.90 -39.47
C ASN U 341 64.36 0.30 -38.62
N ASN U 342 65.55 0.91 -38.62
CA ASN U 342 66.66 0.38 -37.86
C ASN U 342 66.81 1.03 -36.48
N GLY U 343 66.00 2.04 -36.17
CA GLY U 343 65.97 2.58 -34.82
C GLY U 343 66.74 3.87 -34.65
N PHE U 344 66.68 4.74 -35.66
CA PHE U 344 67.34 6.03 -35.61
C PHE U 344 66.30 7.13 -35.77
N VAL U 345 66.56 8.28 -35.14
CA VAL U 345 65.65 9.41 -35.20
C VAL U 345 66.05 10.29 -36.37
N VAL U 346 65.09 10.57 -37.25
CA VAL U 346 65.32 11.35 -38.45
C VAL U 346 64.60 12.68 -38.31
N SER U 347 65.24 13.76 -38.74
CA SER U 347 64.67 15.09 -38.70
C SER U 347 64.70 15.70 -40.09
N GLY U 348 63.78 16.62 -40.35
CA GLY U 348 63.69 17.27 -41.64
C GLY U 348 63.23 18.72 -41.50
N PRO U 349 63.41 19.49 -42.57
CA PRO U 349 63.00 20.90 -42.52
C PRO U 349 61.49 21.06 -42.56
N ALA U 350 61.04 22.20 -42.01
CA ALA U 350 59.63 22.49 -42.00
C ALA U 350 59.11 22.95 -43.37
N THR U 351 60.00 23.39 -44.25
CA THR U 351 59.60 23.80 -45.59
C THR U 351 60.81 23.70 -46.51
N THR U 352 60.53 23.67 -47.82
CA THR U 352 61.56 23.48 -48.83
C THR U 352 61.46 24.57 -49.89
N SER U 353 62.62 25.03 -50.36
CA SER U 353 62.68 26.02 -51.42
C SER U 353 64.13 26.22 -51.82
N GLY U 354 64.33 26.84 -52.98
CA GLY U 354 65.67 27.11 -53.47
C GLY U 354 66.20 28.50 -53.17
N GLN U 355 65.41 29.35 -52.51
CA GLN U 355 65.83 30.73 -52.28
C GLN U 355 66.80 30.88 -51.13
N GLY U 356 66.98 29.84 -50.30
CA GLY U 356 68.00 29.89 -49.27
C GLY U 356 67.68 30.71 -48.06
N ASN U 357 66.41 30.81 -47.68
CA ASN U 357 66.02 31.49 -46.46
C ASN U 357 66.27 30.57 -45.26
N PHE U 358 65.79 30.96 -44.09
CA PHE U 358 66.01 30.21 -42.86
C PHE U 358 64.77 29.41 -42.48
N THR U 359 64.98 28.15 -42.12
CA THR U 359 63.90 27.27 -41.71
C THR U 359 64.35 26.47 -40.49
N SER U 360 63.36 26.01 -39.71
CA SER U 360 63.62 25.18 -38.55
C SER U 360 63.33 23.72 -38.85
N PRO U 361 64.03 22.79 -38.23
CA PRO U 361 63.73 21.37 -38.43
C PRO U 361 62.69 20.87 -37.43
N TYR U 362 62.26 19.63 -37.65
CA TYR U 362 61.34 18.96 -36.76
C TYR U 362 61.58 17.46 -36.84
N ILE U 363 61.08 16.74 -35.83
CA ILE U 363 61.38 15.32 -35.65
C ILE U 363 60.32 14.49 -36.33
N TYR U 364 60.75 13.55 -37.19
CA TYR U 364 59.81 12.66 -37.84
C TYR U 364 59.26 11.59 -36.90
N ASN U 365 60.11 11.02 -36.04
CA ASN U 365 59.71 9.91 -35.19
C ASN U 365 60.50 9.98 -33.89
N ASP U 366 59.78 9.86 -32.77
CA ASP U 366 60.40 9.86 -31.45
C ASP U 366 60.62 8.43 -30.99
N VAL U 367 61.68 7.83 -31.52
CA VAL U 367 61.96 6.41 -31.37
C VAL U 367 63.29 6.22 -30.64
N THR U 368 63.38 5.12 -29.89
CA THR U 368 64.62 4.70 -29.25
C THR U 368 65.30 3.65 -30.11
N ASN U 369 66.56 3.37 -29.79
CA ASN U 369 67.38 2.46 -30.58
C ASN U 369 67.13 0.99 -30.23
N TYR U 370 65.99 0.69 -29.61
CA TYR U 370 65.72 -0.67 -29.14
C TYR U 370 65.23 -1.55 -30.27
N LEU U 371 65.89 -2.69 -30.42
CA LEU U 371 65.46 -3.78 -31.30
C LEU U 371 65.70 -5.09 -30.55
N ARG U 372 65.05 -6.14 -31.03
CA ARG U 372 65.22 -7.47 -30.40
C ARG U 372 64.77 -7.35 -28.94
N ASP U 373 65.32 -8.18 -28.06
CA ASP U 373 64.82 -8.30 -26.70
C ASP U 373 65.97 -8.67 -25.78
N GLU U 374 65.66 -9.02 -24.53
CA GLU U 374 66.66 -9.65 -23.69
C GLU U 374 67.13 -10.95 -24.32
N LYS U 375 66.20 -11.72 -24.86
CA LYS U 375 66.52 -12.76 -25.82
C LYS U 375 66.74 -12.12 -27.18
N ASN U 376 66.74 -12.94 -28.24
CA ASN U 376 66.93 -12.38 -29.58
C ASN U 376 65.62 -12.11 -30.30
N ARG U 377 64.48 -12.24 -29.63
CA ARG U 377 63.19 -12.06 -30.29
C ARG U 377 62.98 -10.59 -30.68
N PRO U 378 62.63 -10.30 -31.93
CA PRO U 378 62.31 -8.91 -32.30
C PRO U 378 60.89 -8.54 -31.93
N ASN U 379 60.74 -7.38 -31.28
CA ASN U 379 59.43 -6.86 -30.93
C ASN U 379 59.54 -5.35 -30.79
N ALA U 380 58.38 -4.70 -30.60
CA ALA U 380 58.30 -3.25 -30.53
C ALA U 380 57.87 -2.76 -29.14
N THR U 381 58.16 -3.52 -28.09
CA THR U 381 57.72 -3.13 -26.75
C THR U 381 58.29 -1.79 -26.34
N PHE U 382 59.61 -1.61 -26.50
CA PHE U 382 60.28 -0.38 -26.11
C PHE U 382 60.67 0.47 -27.32
N ARG U 383 59.87 0.42 -28.39
CA ARG U 383 60.22 1.13 -29.62
C ARG U 383 60.11 2.64 -29.45
N ASP U 384 59.20 3.10 -28.59
CA ASP U 384 58.95 4.52 -28.40
C ASP U 384 59.46 4.97 -27.05
N ALA U 385 60.02 6.18 -26.99
CA ALA U 385 60.53 6.71 -25.73
C ALA U 385 59.42 6.86 -24.70
N SER U 386 58.22 7.19 -25.16
CA SER U 386 57.08 7.28 -24.24
C SER U 386 56.88 5.96 -23.52
N SER U 387 57.25 4.84 -24.14
CA SER U 387 57.17 3.56 -23.45
C SER U 387 58.09 3.52 -22.23
N ARG U 388 59.32 4.01 -22.37
CA ARG U 388 60.23 4.05 -21.22
C ARG U 388 59.70 5.00 -20.15
N ARG U 389 59.21 6.18 -20.56
CA ARG U 389 58.68 7.11 -19.58
C ARG U 389 57.49 6.50 -18.83
N LEU U 390 56.61 5.81 -19.56
CA LEU U 390 55.46 5.17 -18.93
C LEU U 390 55.88 4.03 -18.02
N ALA U 391 56.91 3.27 -18.40
CA ALA U 391 57.40 2.22 -17.52
C ALA U 391 57.89 2.80 -16.20
N ALA U 392 58.66 3.88 -16.28
CA ALA U 392 59.14 4.53 -15.05
C ALA U 392 57.98 5.05 -14.22
N ALA U 393 57.02 5.72 -14.86
CA ALA U 393 55.87 6.26 -14.13
C ALA U 393 55.07 5.15 -13.47
N THR U 394 54.85 4.04 -14.17
CA THR U 394 54.09 2.93 -13.61
C THR U 394 54.84 2.30 -12.44
N GLY U 395 56.15 2.13 -12.56
CA GLY U 395 56.92 1.59 -11.46
C GLY U 395 56.79 2.46 -10.22
N VAL U 396 56.95 3.77 -10.38
CA VAL U 396 56.84 4.67 -9.23
C VAL U 396 55.43 4.63 -8.64
N ALA U 397 54.41 4.70 -9.49
CA ALA U 397 53.03 4.74 -9.00
C ALA U 397 52.67 3.48 -8.26
N LEU U 398 53.09 2.32 -8.78
CA LEU U 398 52.79 1.06 -8.10
C LEU U 398 53.60 0.92 -6.82
N ALA U 399 54.81 1.45 -6.79
CA ALA U 399 55.58 1.44 -5.55
C ALA U 399 54.89 2.26 -4.46
N THR U 400 54.36 3.44 -4.82
CA THR U 400 53.70 4.27 -3.83
C THR U 400 52.44 3.61 -3.28
N PHE U 401 51.69 2.91 -4.13
CA PHE U 401 50.43 2.30 -3.71
C PHE U 401 50.64 1.19 -2.70
N LEU U 402 51.67 0.35 -2.91
CA LEU U 402 51.85 -0.82 -2.05
C LEU U 402 52.31 -0.46 -0.66
N GLN U 403 52.67 0.81 -0.40
CA GLN U 403 53.20 1.18 0.90
C GLN U 403 52.22 0.92 2.04
N GLN U 404 50.91 0.93 1.75
CA GLN U 404 49.92 0.76 2.82
C GLN U 404 50.04 -0.59 3.50
N PHE U 405 50.70 -1.57 2.87
CA PHE U 405 50.87 -2.88 3.48
C PHE U 405 52.14 -2.99 4.30
N ASN U 406 52.88 -1.90 4.48
CA ASN U 406 54.11 -1.91 5.27
C ASN U 406 53.75 -1.93 6.74
N GLY U 407 54.15 -2.98 7.44
CA GLY U 407 53.85 -3.12 8.85
C GLY U 407 52.45 -3.59 9.17
N LEU U 408 51.63 -3.88 8.18
CA LEU U 408 50.29 -4.39 8.42
C LEU U 408 50.36 -5.86 8.83
N ALA U 409 49.51 -6.24 9.77
CA ALA U 409 49.48 -7.62 10.22
C ALA U 409 49.04 -8.54 9.10
N VAL U 410 49.56 -9.76 9.09
CA VAL U 410 49.33 -10.71 8.01
C VAL U 410 49.03 -12.09 8.59
N PHE U 411 48.07 -12.77 7.97
CA PHE U 411 47.67 -14.11 8.39
C PHE U 411 47.81 -15.04 7.18
N THR U 412 48.47 -16.19 7.38
CA THR U 412 48.83 -17.04 6.26
C THR U 412 48.45 -18.50 6.43
N LYS U 413 48.17 -18.99 7.64
CA LYS U 413 47.80 -20.38 7.83
C LYS U 413 46.32 -20.50 8.16
N ASN U 414 45.88 -19.82 9.21
CA ASN U 414 44.46 -19.70 9.52
C ASN U 414 44.04 -18.30 9.10
N THR U 415 43.43 -18.21 7.92
CA THR U 415 43.14 -16.93 7.28
C THR U 415 41.94 -16.22 7.89
N ASN U 416 41.44 -16.68 9.03
CA ASN U 416 40.37 -15.97 9.73
C ASN U 416 40.96 -14.88 10.61
N ILE U 417 40.43 -13.67 10.48
CA ILE U 417 40.89 -12.51 11.23
C ILE U 417 39.87 -12.24 12.32
N LYS U 418 40.34 -12.24 13.57
CA LYS U 418 39.44 -11.99 14.69
C LYS U 418 38.79 -10.62 14.56
N THR U 419 37.79 -10.38 15.40
CA THR U 419 37.09 -9.11 15.37
C THR U 419 37.95 -8.04 16.03
N GLY U 420 38.05 -6.88 15.39
CA GLY U 420 38.80 -5.76 15.90
C GLY U 420 40.22 -5.65 15.42
N ILE U 421 40.79 -6.74 14.88
CA ILE U 421 42.17 -6.70 14.42
C ILE U 421 42.27 -5.88 13.16
N ILE U 422 43.42 -5.25 12.95
CA ILE U 422 43.71 -4.48 11.75
C ILE U 422 44.73 -5.29 10.95
N GLY U 423 44.26 -6.03 9.96
CA GLY U 423 45.13 -6.91 9.20
C GLY U 423 44.50 -7.29 7.89
N THR U 424 45.13 -8.24 7.22
CA THR U 424 44.70 -8.68 5.89
C THR U 424 45.36 -10.03 5.60
N ASN U 425 45.04 -10.58 4.43
CA ASN U 425 45.62 -11.83 3.96
C ASN U 425 45.83 -11.74 2.45
N LEU U 426 46.26 -12.86 1.85
CA LEU U 426 46.67 -12.83 0.45
C LEU U 426 45.52 -12.43 -0.47
N ARG U 427 44.35 -13.05 -0.29
CA ARG U 427 43.26 -12.85 -1.25
C ARG U 427 42.76 -11.41 -1.21
N LEU U 428 42.63 -10.83 -0.01
CA LEU U 428 42.16 -9.45 0.09
C LEU U 428 43.16 -8.48 -0.54
N MET U 429 44.46 -8.71 -0.33
CA MET U 429 45.48 -7.88 -0.97
C MET U 429 45.37 -8.00 -2.49
N LEU U 430 45.17 -9.22 -2.99
CA LEU U 430 45.07 -9.42 -4.43
C LEU U 430 43.85 -8.68 -4.98
N GLY U 431 42.73 -8.72 -4.26
CA GLY U 431 41.56 -7.98 -4.68
C GLY U 431 41.82 -6.49 -4.75
N LYS U 432 42.50 -5.94 -3.74
CA LYS U 432 42.81 -4.52 -3.76
C LYS U 432 43.73 -4.17 -4.93
N ILE U 433 44.73 -5.02 -5.20
CA ILE U 433 45.64 -4.74 -6.31
C ILE U 433 44.90 -4.79 -7.63
N ARG U 434 44.01 -5.77 -7.81
CA ARG U 434 43.23 -5.83 -9.04
C ARG U 434 42.36 -4.59 -9.20
N LYS U 435 41.73 -4.13 -8.12
CA LYS U 435 40.93 -2.92 -8.19
C LYS U 435 41.78 -1.73 -8.60
N TRP U 436 42.96 -1.59 -8.02
CA TRP U 436 43.83 -0.47 -8.37
C TRP U 436 44.23 -0.54 -9.83
N ALA U 437 44.56 -1.74 -10.32
CA ALA U 437 44.93 -1.88 -11.73
C ALA U 437 43.77 -1.53 -12.65
N SER U 438 42.55 -1.92 -12.28
CA SER U 438 41.38 -1.57 -13.09
C SER U 438 41.16 -0.06 -13.11
N ASP U 439 41.37 0.61 -11.98
CA ASP U 439 41.07 2.04 -11.92
C ASP U 439 41.93 2.85 -12.86
N ASN U 440 43.08 2.34 -13.28
CA ASN U 440 44.05 3.12 -14.03
C ASN U 440 43.95 2.92 -15.54
N VAL U 441 42.95 2.18 -16.02
CA VAL U 441 42.78 2.03 -17.46
C VAL U 441 42.34 3.36 -18.04
N GLY U 442 43.07 3.85 -19.04
CA GLY U 442 42.85 5.16 -19.60
C GLY U 442 43.79 6.23 -19.09
N VAL U 443 44.64 5.92 -18.11
CA VAL U 443 45.62 6.84 -17.56
C VAL U 443 47.04 6.30 -17.70
N LEU U 444 47.26 5.07 -17.27
CA LEU U 444 48.54 4.38 -17.42
C LEU U 444 48.47 3.17 -18.32
N PHE U 445 47.32 2.53 -18.44
CA PHE U 445 47.21 1.22 -19.07
C PHE U 445 46.17 1.22 -20.18
N SER U 446 46.33 0.28 -21.09
CA SER U 446 45.28 -0.12 -22.01
C SER U 446 44.52 -1.30 -21.39
N GLU U 447 43.38 -1.63 -21.99
CA GLU U 447 42.53 -2.67 -21.42
C GLU U 447 43.30 -3.97 -21.29
N PHE U 448 43.06 -4.68 -20.19
CA PHE U 448 43.80 -5.90 -19.88
C PHE U 448 43.28 -7.07 -20.71
N ASP U 449 44.22 -7.85 -21.26
CA ASP U 449 43.85 -9.02 -22.03
C ASP U 449 43.05 -10.01 -21.19
N ASN U 450 43.59 -10.37 -20.03
CA ASN U 450 42.89 -11.27 -19.11
C ASN U 450 43.41 -10.95 -17.71
N ILE U 451 42.62 -10.18 -16.95
CA ILE U 451 43.07 -9.72 -15.64
C ILE U 451 43.33 -10.89 -14.71
N ASN U 452 42.71 -12.04 -14.96
CA ASN U 452 42.91 -13.20 -14.09
C ASN U 452 44.26 -13.88 -14.33
N GLU U 453 44.97 -13.52 -15.39
CA GLU U 453 46.27 -14.11 -15.71
C GLU U 453 47.41 -13.12 -15.61
N ASP U 454 47.14 -11.83 -15.70
CA ASP U 454 48.20 -10.84 -15.72
C ASP U 454 48.67 -10.45 -14.32
N ILE U 455 47.87 -10.67 -13.29
CA ILE U 455 48.21 -10.32 -11.92
C ILE U 455 48.20 -11.58 -11.08
N GLN U 456 49.27 -11.81 -10.32
CA GLN U 456 49.39 -12.99 -9.49
C GLN U 456 50.16 -12.63 -8.22
N LEU U 457 49.70 -13.14 -7.08
CA LEU U 457 50.33 -12.88 -5.79
C LEU U 457 50.56 -14.21 -5.08
N VAL U 458 51.76 -14.38 -4.54
CA VAL U 458 52.16 -15.62 -3.88
C VAL U 458 53.01 -15.27 -2.68
N SER U 459 52.94 -16.10 -1.64
CA SER U 459 53.73 -15.90 -0.44
C SER U 459 55.01 -16.73 -0.51
N ASP U 460 56.02 -16.29 0.26
CA ASP U 460 57.33 -16.94 0.21
C ASP U 460 57.26 -18.38 0.70
N PHE U 461 56.29 -18.70 1.57
CA PHE U 461 56.14 -20.07 2.03
C PHE U 461 55.78 -21.01 0.88
N ASP U 462 54.95 -20.55 -0.05
CA ASP U 462 54.55 -21.40 -1.17
C ASP U 462 55.68 -21.65 -2.15
N VAL U 463 56.67 -20.77 -2.18
CA VAL U 463 57.79 -20.90 -3.11
C VAL U 463 58.93 -21.71 -2.51
N GLN U 464 59.52 -21.22 -1.42
CA GLN U 464 60.67 -21.89 -0.83
C GLN U 464 60.26 -23.24 -0.22
N PRO U 465 61.18 -24.20 -0.18
CA PRO U 465 60.86 -25.48 0.45
C PRO U 465 60.63 -25.33 1.94
N LYS U 466 60.13 -26.39 2.56
CA LYS U 466 59.77 -26.34 3.97
C LYS U 466 60.97 -25.93 4.81
N CYS U 467 60.72 -25.05 5.77
CA CYS U 467 61.69 -24.53 6.73
C CYS U 467 62.65 -23.52 6.12
N VAL U 468 62.36 -22.97 4.94
CA VAL U 468 63.24 -21.98 4.31
C VAL U 468 62.54 -20.65 4.04
N GLY U 469 61.22 -20.64 3.93
CA GLY U 469 60.51 -19.40 3.63
C GLY U 469 60.58 -18.42 4.78
N GLN U 470 60.38 -17.15 4.45
CA GLN U 470 60.43 -16.10 5.46
C GLN U 470 59.03 -15.54 5.74
N PRO U 471 58.74 -15.14 6.97
CA PRO U 471 57.41 -14.59 7.26
C PRO U 471 57.28 -13.15 6.79
N GLY U 472 56.14 -12.85 6.17
CA GLY U 472 55.86 -11.50 5.73
C GLY U 472 56.54 -11.09 4.45
N VAL U 473 56.83 -12.02 3.55
CA VAL U 473 57.48 -11.74 2.28
C VAL U 473 56.61 -12.29 1.15
N PHE U 474 56.39 -11.48 0.12
CA PHE U 474 55.46 -11.81 -0.95
C PHE U 474 56.12 -11.61 -2.31
N HIS U 475 55.55 -12.25 -3.32
CA HIS U 475 55.98 -12.11 -4.71
C HIS U 475 54.78 -11.71 -5.55
N LEU U 476 54.96 -10.67 -6.38
CA LEU U 476 53.89 -10.16 -7.23
C LEU U 476 54.38 -10.10 -8.67
N ASN U 477 53.60 -10.67 -9.59
CA ASN U 477 53.87 -10.59 -11.02
C ASN U 477 52.74 -9.80 -11.68
N MET U 478 53.11 -8.82 -12.50
CA MET U 478 52.13 -7.95 -13.14
C MET U 478 52.57 -7.66 -14.57
N ARG U 479 51.70 -7.96 -15.52
CA ARG U 479 51.91 -7.66 -16.93
C ARG U 479 50.88 -6.62 -17.38
N TYR U 480 51.33 -5.67 -18.20
CA TYR U 480 50.48 -4.54 -18.57
C TYR U 480 50.81 -4.10 -19.99
N ARG U 481 49.98 -3.18 -20.49
CA ARG U 481 50.11 -2.60 -21.82
C ARG U 481 49.95 -1.08 -21.71
N PRO U 482 50.59 -0.31 -22.58
CA PRO U 482 50.35 1.13 -22.61
C PRO U 482 49.22 1.49 -23.57
N PRO U 483 48.67 2.70 -23.48
CA PRO U 483 47.56 3.07 -24.37
C PRO U 483 48.01 3.19 -25.82
N VAL U 484 47.03 3.05 -26.73
CA VAL U 484 47.26 3.12 -28.17
C VAL U 484 46.84 4.50 -28.66
N ARG U 485 47.46 4.94 -29.76
CA ARG U 485 47.19 6.25 -30.32
C ARG U 485 47.35 6.20 -31.84
N GLY U 486 46.71 7.16 -32.51
CA GLY U 486 46.72 7.18 -33.97
C GLY U 486 48.13 7.26 -34.52
N ALA U 487 48.43 6.45 -35.53
CA ALA U 487 49.77 6.37 -36.11
C ALA U 487 49.81 6.77 -37.58
N ARG U 488 48.96 6.17 -38.42
CA ARG U 488 49.02 6.42 -39.84
C ARG U 488 47.65 6.14 -40.47
N ILE U 489 47.39 6.81 -41.59
CA ILE U 489 46.17 6.62 -42.37
C ILE U 489 46.57 6.45 -43.83
N ASN U 490 46.19 5.32 -44.42
CA ASN U 490 46.41 5.08 -45.85
C ASN U 490 45.17 5.48 -46.63
N VAL U 491 45.33 6.37 -47.61
CA VAL U 491 44.22 6.95 -48.36
C VAL U 491 44.29 6.45 -49.79
N ASN U 492 43.18 5.93 -50.28
CA ASN U 492 43.01 5.62 -51.70
C ASN U 492 41.96 6.56 -52.27
N LEU U 493 42.40 7.55 -53.03
CA LEU U 493 41.54 8.57 -53.60
C LEU U 493 41.28 8.22 -55.06
N VAL U 494 40.02 8.00 -55.40
CA VAL U 494 39.64 7.48 -56.71
C VAL U 494 38.80 8.53 -57.42
N PRO U 495 39.41 9.33 -58.30
CA PRO U 495 38.62 10.29 -59.08
C PRO U 495 37.63 9.59 -60.00
N ALA U 496 36.54 10.28 -60.31
CA ALA U 496 35.53 9.80 -61.24
C ALA U 496 34.91 10.99 -61.95
N LEU U 497 33.91 10.70 -62.79
CA LEU U 497 33.23 11.72 -63.57
C LEU U 497 31.73 11.55 -63.44
N PHE U 498 31.01 12.65 -63.66
CA PHE U 498 29.55 12.63 -63.58
C PHE U 498 28.98 11.66 -64.62
N ASP U 499 28.00 10.88 -64.19
CA ASP U 499 27.59 9.71 -64.96
C ASP U 499 26.08 9.69 -65.08
N ASN U 500 25.60 8.84 -66.00
CA ASN U 500 24.17 8.61 -66.20
C ASN U 500 23.43 9.91 -66.47
N CYS V 3 34.28 -29.02 2.49
CA CYS V 3 34.32 -27.57 2.80
C CYS V 3 34.21 -26.74 1.51
N ASN V 4 33.69 -27.37 0.46
CA ASN V 4 33.58 -26.70 -0.84
C ASN V 4 32.23 -26.01 -1.01
N LYS V 5 31.17 -26.63 -0.48
CA LYS V 5 29.81 -26.16 -0.72
C LYS V 5 29.26 -25.26 0.38
N GLN V 6 30.10 -24.85 1.33
CA GLN V 6 29.65 -23.98 2.41
C GLN V 6 29.31 -22.60 1.88
N ASN V 7 28.26 -22.00 2.45
CA ASN V 7 27.79 -20.68 2.06
C ASN V 7 27.79 -19.77 3.27
N GLY V 8 28.47 -18.64 3.17
CA GLY V 8 28.53 -17.70 4.26
C GLY V 8 29.65 -16.70 4.06
N VAL V 9 29.85 -15.89 5.08
CA VAL V 9 30.85 -14.82 5.06
C VAL V 9 32.02 -15.24 5.96
N LYS V 10 33.24 -15.04 5.47
CA LYS V 10 34.44 -15.44 6.19
C LYS V 10 35.14 -14.25 6.83
N ASN V 11 35.24 -13.12 6.13
CA ASN V 11 35.89 -11.93 6.64
C ASN V 11 35.21 -10.70 6.08
N ILE V 12 35.17 -9.64 6.89
CA ILE V 12 34.71 -8.32 6.47
C ILE V 12 35.68 -7.28 7.00
N LEU V 13 36.22 -6.47 6.09
CA LEU V 13 37.15 -5.40 6.46
C LEU V 13 36.63 -4.07 5.94
N ILE V 14 36.62 -3.07 6.80
CA ILE V 14 36.11 -1.75 6.47
C ILE V 14 37.15 -0.70 6.84
N THR V 15 37.24 0.35 6.02
CA THR V 15 38.14 1.47 6.26
C THR V 15 37.33 2.76 6.17
N PHE V 16 37.62 3.70 7.07
CA PHE V 16 36.86 4.94 7.20
C PHE V 16 37.73 6.12 6.87
N THR V 17 37.19 7.08 6.14
CA THR V 17 37.82 8.36 5.89
C THR V 17 36.82 9.47 6.16
N HIS V 18 37.12 10.32 7.14
CA HIS V 18 36.20 11.39 7.50
C HIS V 18 36.20 12.45 6.41
N CYS V 19 35.00 12.86 5.98
CA CYS V 19 34.89 13.77 4.86
C CYS V 19 35.23 15.21 5.25
N ASP V 20 34.95 15.60 6.49
CA ASP V 20 35.15 16.98 6.92
C ASP V 20 36.58 17.29 7.33
N THR V 21 37.27 16.34 7.97
CA THR V 21 38.61 16.58 8.48
C THR V 21 39.67 15.67 7.90
N GLY V 22 39.29 14.59 7.21
CA GLY V 22 40.25 13.74 6.53
C GLY V 22 40.88 12.66 7.38
N GLU V 23 40.47 12.50 8.64
CA GLU V 23 41.02 11.45 9.48
C GLU V 23 40.67 10.07 8.90
N VAL V 24 41.57 9.12 9.11
CA VAL V 24 41.44 7.78 8.53
C VAL V 24 41.64 6.73 9.62
N ILE V 25 40.88 5.65 9.54
CA ILE V 25 40.98 4.52 10.45
C ILE V 25 41.17 3.26 9.62
N GLY V 26 42.19 2.47 9.96
CA GLY V 26 42.64 1.38 9.12
C GLY V 26 41.63 0.28 8.96
N PRO V 27 42.01 -0.80 8.27
CA PRO V 27 41.07 -1.87 7.94
C PRO V 27 40.68 -2.73 9.13
N ILE V 28 39.69 -2.28 9.90
CA ILE V 28 39.24 -3.03 11.05
C ILE V 28 38.41 -4.23 10.60
N SER V 29 38.50 -5.32 11.36
CA SER V 29 37.72 -6.51 11.07
C SER V 29 36.37 -6.45 11.79
N HIS V 30 35.31 -6.84 11.11
CA HIS V 30 33.95 -6.74 11.62
C HIS V 30 33.29 -8.10 11.63
N GLU V 31 32.20 -8.20 12.39
CA GLU V 31 31.37 -9.40 12.46
C GLU V 31 29.95 -9.06 12.01
N GLN V 32 29.03 -10.02 12.18
CA GLN V 32 27.66 -9.83 11.74
C GLN V 32 26.70 -9.99 12.92
N PRO V 33 25.56 -9.30 12.88
CA PRO V 33 24.64 -9.34 14.02
C PRO V 33 23.71 -10.56 14.02
N ASP V 34 23.37 -11.07 12.85
CA ASP V 34 22.45 -12.19 12.73
C ASP V 34 22.82 -12.97 11.47
N ASP V 35 21.86 -13.75 10.96
CA ASP V 35 22.10 -14.70 9.88
C ASP V 35 21.93 -14.13 8.49
N THR V 36 21.66 -12.83 8.34
CA THR V 36 21.41 -12.26 7.02
C THR V 36 22.73 -11.92 6.35
N LEU V 37 22.93 -12.42 5.12
CA LEU V 37 24.17 -12.19 4.40
C LEU V 37 24.11 -10.90 3.60
N PRO V 38 25.26 -10.34 3.23
CA PRO V 38 25.27 -9.17 2.35
C PRO V 38 24.80 -9.54 0.95
N THR V 39 24.26 -8.54 0.25
CA THR V 39 23.76 -8.69 -1.10
C THR V 39 24.43 -7.67 -2.01
N TYR V 40 24.50 -8.01 -3.29
CA TYR V 40 25.33 -7.29 -4.24
C TYR V 40 24.54 -7.02 -5.52
N LYS V 41 24.96 -5.99 -6.24
CA LYS V 41 24.50 -5.74 -7.61
C LYS V 41 25.64 -5.07 -8.36
N THR V 42 26.39 -5.85 -9.12
CA THR V 42 27.64 -5.41 -9.70
C THR V 42 27.54 -4.88 -11.12
N CYS V 43 26.43 -5.11 -11.82
CA CYS V 43 26.27 -4.55 -13.16
C CYS V 43 25.78 -3.11 -13.05
N ALA V 44 26.52 -2.20 -13.69
CA ALA V 44 26.18 -0.79 -13.60
C ALA V 44 24.87 -0.48 -14.29
N TRP V 45 24.71 -0.93 -15.54
CA TRP V 45 23.57 -0.51 -16.35
C TRP V 45 22.28 -1.17 -15.88
N THR V 46 21.15 -0.61 -16.35
CA THR V 46 19.82 -1.09 -16.02
C THR V 46 18.99 -1.19 -17.29
N ASN V 47 18.11 -2.19 -17.36
CA ASN V 47 17.27 -2.43 -18.52
C ASN V 47 15.81 -2.24 -18.16
N THR V 48 15.11 -1.42 -18.93
CA THR V 48 13.67 -1.22 -18.79
C THR V 48 12.97 -1.80 -20.00
N ALA V 49 11.85 -2.47 -19.78
CA ALA V 49 11.22 -3.27 -20.83
C ALA V 49 10.34 -2.40 -21.74
N LEU V 50 10.67 -2.41 -23.02
CA LEU V 50 9.83 -1.81 -24.06
C LEU V 50 8.94 -2.92 -24.65
N THR V 51 8.31 -2.73 -25.81
CA THR V 51 7.46 -3.75 -26.41
C THR V 51 8.25 -4.51 -27.47
N ASN V 52 7.86 -5.77 -27.68
CA ASN V 52 8.41 -6.61 -28.73
C ASN V 52 9.87 -7.00 -28.46
N GLY V 53 10.22 -7.19 -27.20
CA GLY V 53 11.52 -7.69 -26.83
C GLY V 53 12.63 -6.67 -26.75
N ALA V 54 12.31 -5.38 -26.86
CA ALA V 54 13.32 -4.34 -26.77
C ALA V 54 13.41 -3.79 -25.35
N VAL V 55 14.59 -3.29 -25.00
CA VAL V 55 14.84 -2.71 -23.69
C VAL V 55 15.51 -1.36 -23.85
N MET V 56 15.51 -0.57 -22.77
CA MET V 56 16.21 0.71 -22.72
C MET V 56 17.32 0.60 -21.70
N ARG V 57 18.53 1.00 -22.09
CA ARG V 57 19.71 0.85 -21.25
C ARG V 57 20.12 2.20 -20.68
N SER V 58 20.26 2.27 -19.36
CA SER V 58 20.65 3.50 -18.68
C SER V 58 21.74 3.19 -17.66
N ALA V 59 22.28 4.24 -17.04
CA ALA V 59 23.56 4.14 -16.35
C ALA V 59 23.42 3.45 -14.99
N SER V 60 22.68 4.06 -14.06
CA SER V 60 22.51 3.52 -12.72
C SER V 60 23.85 3.34 -11.99
N ASN V 61 23.88 2.53 -10.93
CA ASN V 61 25.04 2.40 -10.07
C ASN V 61 25.26 0.93 -9.71
N ALA V 62 26.39 0.68 -9.04
CA ALA V 62 26.65 -0.60 -8.41
C ALA V 62 26.46 -0.46 -6.90
N THR V 63 25.78 -1.43 -6.30
CA THR V 63 25.31 -1.29 -4.92
C THR V 63 25.75 -2.49 -4.08
N MET V 64 25.85 -2.25 -2.78
CA MET V 64 26.11 -3.29 -1.79
C MET V 64 25.30 -2.99 -0.54
N THR V 65 24.82 -4.03 0.13
CA THR V 65 24.12 -3.91 1.40
C THR V 65 24.87 -4.72 2.44
N LEU V 66 25.25 -4.06 3.54
CA LEU V 66 26.22 -4.62 4.49
C LEU V 66 25.68 -4.51 5.92
N PRO V 67 25.08 -5.58 6.44
CA PRO V 67 24.74 -5.61 7.88
C PRO V 67 25.93 -6.07 8.71
N VAL V 68 26.37 -5.23 9.63
CA VAL V 68 27.52 -5.52 10.49
C VAL V 68 27.23 -5.05 11.90
N VAL V 69 28.00 -5.59 12.85
CA VAL V 69 27.96 -5.13 14.23
C VAL V 69 28.96 -4.00 14.41
N ARG V 70 28.52 -2.91 15.01
CA ARG V 70 29.35 -1.72 15.13
C ARG V 70 30.60 -2.01 15.95
N ASP V 71 31.66 -1.26 15.67
CA ASP V 71 32.90 -1.35 16.44
C ASP V 71 32.89 -0.33 17.57
N PRO V 72 33.16 -0.72 18.81
CA PRO V 72 33.01 0.24 19.92
C PRO V 72 34.06 1.34 19.92
N ARG V 73 35.02 1.33 19.00
CA ARG V 73 36.05 2.35 18.93
C ARG V 73 35.78 3.41 17.89
N VAL V 74 34.69 3.30 17.13
CA VAL V 74 34.39 4.21 16.03
C VAL V 74 33.03 4.84 16.32
N PRO V 75 32.88 6.15 16.11
CA PRO V 75 31.58 6.78 16.39
C PRO V 75 30.48 6.23 15.49
N LEU V 76 29.26 6.21 16.01
CA LEU V 76 28.14 5.69 15.25
C LEU V 76 27.85 6.52 14.02
N ALA V 77 28.12 7.83 14.07
CA ALA V 77 27.85 8.69 12.92
C ALA V 77 28.68 8.30 11.71
N TRP V 78 29.80 7.61 11.89
CA TRP V 78 30.66 7.25 10.77
C TRP V 78 30.07 6.12 9.93
N TYR V 79 29.39 5.15 10.55
CA TYR V 79 28.69 4.13 9.79
C TYR V 79 27.48 4.68 9.05
N GLN V 80 27.04 5.89 9.40
CA GLN V 80 26.05 6.60 8.61
C GLN V 80 26.76 7.54 7.64
N GLY V 81 26.01 8.47 7.05
CA GLY V 81 26.52 9.25 5.94
C GLY V 81 27.63 10.25 6.23
N CYS V 82 28.25 10.18 7.41
CA CYS V 82 29.26 11.17 7.79
C CYS V 82 30.69 10.74 7.48
N ALA V 83 30.90 9.62 6.78
CA ALA V 83 32.25 9.16 6.45
C ALA V 83 32.22 8.36 5.16
N GLN V 84 33.41 8.16 4.59
CA GLN V 84 33.59 7.45 3.34
C GLN V 84 34.08 6.03 3.61
N ILE V 85 33.50 5.05 2.91
CA ILE V 85 33.64 3.65 3.26
C ILE V 85 34.38 2.92 2.16
N ASP V 86 35.36 2.09 2.57
CA ASP V 86 36.03 1.13 1.69
C ASP V 86 35.86 -0.25 2.30
N ALA V 87 35.33 -1.19 1.52
CA ALA V 87 34.91 -2.47 2.07
C ALA V 87 35.43 -3.63 1.23
N GLN V 88 35.69 -4.75 1.89
CA GLN V 88 35.98 -6.02 1.24
C GLN V 88 35.27 -7.13 2.01
N VAL V 89 34.65 -8.04 1.28
CA VAL V 89 33.94 -9.18 1.87
C VAL V 89 34.47 -10.45 1.24
N GLU V 90 34.89 -11.39 2.06
CA GLU V 90 35.44 -12.67 1.62
C GLU V 90 34.50 -13.78 2.04
N LYS V 91 34.12 -14.63 1.10
CA LYS V 91 33.25 -15.75 1.38
C LYS V 91 34.07 -17.00 1.69
N PHE V 92 33.37 -18.08 2.07
CA PHE V 92 34.04 -19.32 2.38
C PHE V 92 34.53 -20.04 1.14
N ASP V 93 33.94 -19.77 -0.03
CA ASP V 93 34.32 -20.46 -1.25
C ASP V 93 35.46 -19.79 -2.00
N GLY V 94 35.87 -18.59 -1.59
CA GLY V 94 37.02 -17.90 -2.16
C GLY V 94 36.71 -16.57 -2.79
N THR V 95 35.44 -16.24 -3.01
CA THR V 95 35.08 -14.99 -3.67
C THR V 95 35.42 -13.81 -2.76
N VAL V 96 35.92 -12.73 -3.37
CA VAL V 96 36.23 -11.49 -2.67
C VAL V 96 35.55 -10.35 -3.41
N MET V 97 34.79 -9.53 -2.70
CA MET V 97 34.07 -8.40 -3.26
C MET V 97 34.71 -7.13 -2.74
N THR V 98 35.39 -6.39 -3.63
CA THR V 98 36.13 -5.21 -3.23
C THR V 98 35.43 -3.95 -3.74
N LEU V 99 35.10 -3.06 -2.80
CA LEU V 99 34.46 -1.78 -3.11
C LEU V 99 35.28 -0.69 -2.46
N THR V 100 35.50 0.41 -3.18
CA THR V 100 36.25 1.54 -2.66
C THR V 100 35.54 2.84 -3.00
N GLU V 101 35.73 3.84 -2.14
CA GLU V 101 35.11 5.15 -2.31
C GLU V 101 33.59 5.04 -2.26
N GLY V 102 33.07 4.35 -1.26
CA GLY V 102 31.64 4.16 -1.15
C GLY V 102 30.95 5.41 -0.60
N ALA V 103 29.64 5.46 -0.77
CA ALA V 103 28.81 6.53 -0.24
C ALA V 103 27.55 5.92 0.35
N VAL V 104 27.32 6.16 1.64
CA VAL V 104 26.18 5.59 2.35
C VAL V 104 24.97 6.48 2.15
N THR V 105 23.86 5.89 1.70
CA THR V 105 22.67 6.62 1.31
C THR V 105 21.51 6.32 2.24
N GLU V 106 20.78 7.36 2.63
CA GLU V 106 19.53 7.29 3.37
C GLU V 106 19.62 6.29 4.53
N PRO V 107 20.40 6.61 5.56
CA PRO V 107 20.49 5.71 6.71
C PRO V 107 19.22 5.71 7.54
N GLU V 108 18.97 4.59 8.21
CA GLU V 108 17.88 4.48 9.15
C GLU V 108 18.41 4.47 10.57
N GLU V 109 17.50 4.66 11.53
CA GLU V 109 17.90 4.75 12.92
C GLU V 109 18.39 3.41 13.44
N SER V 110 19.42 3.46 14.28
CA SER V 110 20.07 2.28 14.82
C SER V 110 19.96 2.26 16.34
N ASP V 111 19.90 1.06 16.91
CA ASP V 111 19.85 0.92 18.36
C ASP V 111 21.21 1.10 19.02
N GLY V 112 22.28 1.22 18.24
CA GLY V 112 23.60 1.43 18.78
C GLY V 112 24.55 0.26 18.66
N ARG V 113 24.07 -0.93 18.31
CA ARG V 113 24.92 -2.10 18.14
C ARG V 113 24.94 -2.62 16.72
N ALA V 114 23.77 -2.86 16.12
CA ALA V 114 23.69 -3.39 14.77
C ALA V 114 23.43 -2.26 13.78
N VAL V 115 24.13 -2.30 12.65
CA VAL V 115 24.00 -1.30 11.61
C VAL V 115 23.87 -2.01 10.27
N THR V 116 23.01 -1.49 9.39
CA THR V 116 22.82 -2.03 8.05
C THR V 116 23.06 -0.89 7.06
N MET V 117 24.30 -0.79 6.57
CA MET V 117 24.64 0.25 5.63
C MET V 117 24.08 -0.06 4.25
N THR V 118 23.87 0.99 3.46
CA THR V 118 23.53 0.85 2.04
C THR V 118 24.54 1.70 1.26
N ILE V 119 25.44 1.02 0.55
CA ILE V 119 26.59 1.66 -0.07
C ILE V 119 26.42 1.60 -1.58
N ILE V 120 26.75 2.70 -2.25
CA ILE V 120 26.78 2.75 -3.71
C ILE V 120 28.18 3.16 -4.14
N ALA V 121 28.67 2.55 -5.22
CA ALA V 121 29.98 2.86 -5.75
C ALA V 121 29.89 2.88 -7.27
N ALA V 122 30.91 3.46 -7.91
CA ALA V 122 30.95 3.47 -9.36
C ALA V 122 31.14 2.08 -9.93
N GLU V 123 31.96 1.25 -9.28
CA GLU V 123 32.18 -0.12 -9.70
C GLU V 123 32.41 -0.99 -8.48
N ILE V 124 32.26 -2.30 -8.67
CA ILE V 124 32.63 -3.30 -7.67
C ILE V 124 33.43 -4.38 -8.37
N ASP V 125 34.49 -4.85 -7.72
CA ASP V 125 35.40 -5.85 -8.28
C ASP V 125 35.11 -7.21 -7.67
N GLU V 126 34.98 -8.22 -8.52
CA GLU V 126 34.72 -9.59 -8.10
C GLU V 126 35.91 -10.45 -8.47
N LEU V 127 36.47 -11.15 -7.47
CA LEU V 127 37.57 -12.07 -7.68
C LEU V 127 37.06 -13.48 -7.43
N LEU V 128 36.95 -14.26 -8.50
CA LEU V 128 36.37 -15.59 -8.43
C LEU V 128 37.40 -16.59 -7.94
N PRO V 129 36.97 -17.79 -7.55
CA PRO V 129 37.92 -18.84 -7.22
C PRO V 129 38.73 -19.24 -8.44
N PRO V 130 39.91 -19.82 -8.26
CA PRO V 130 40.76 -20.13 -9.41
C PRO V 130 40.04 -21.02 -10.42
N GLY V 131 40.20 -20.69 -11.70
CA GLY V 131 39.61 -21.49 -12.77
C GLY V 131 38.38 -20.85 -13.40
N SER V 132 38.35 -19.53 -13.47
CA SER V 132 37.20 -18.83 -14.04
C SER V 132 37.14 -19.02 -15.55
N LEU V 133 35.97 -18.74 -16.12
CA LEU V 133 35.75 -18.85 -17.56
C LEU V 133 35.67 -17.50 -18.26
N ALA V 134 35.47 -16.41 -17.52
CA ALA V 134 35.34 -15.09 -18.12
C ALA V 134 36.66 -14.36 -18.08
N ALA V 135 36.99 -13.70 -19.18
CA ALA V 135 38.23 -12.91 -19.26
C ALA V 135 38.22 -11.80 -18.23
N MET W 1 33.59 37.44 48.47
CA MET W 1 32.64 38.03 47.47
C MET W 1 33.11 37.77 46.05
N ALA W 2 34.15 38.50 45.63
CA ALA W 2 34.66 38.42 44.27
C ALA W 2 33.53 38.70 43.27
N GLN W 3 33.19 37.72 42.43
CA GLN W 3 32.15 37.86 41.42
C GLN W 3 30.99 36.93 41.76
N ASP W 4 29.79 37.31 41.33
CA ASP W 4 28.59 36.61 41.74
C ASP W 4 28.65 35.14 41.34
N ALA W 5 29.12 34.84 40.13
CA ALA W 5 29.18 33.47 39.66
C ALA W 5 30.15 32.61 40.46
N LEU W 6 31.18 33.21 41.07
CA LEU W 6 32.19 32.47 41.81
C LEU W 6 32.14 32.73 43.31
N SER W 7 31.16 33.49 43.79
CA SER W 7 31.16 33.93 45.18
C SER W 7 30.75 32.84 46.15
N ASP W 8 29.77 32.01 45.80
CA ASP W 8 29.22 31.04 46.75
C ASP W 8 30.19 29.94 47.10
N GLY W 9 31.25 29.73 46.32
CA GLY W 9 32.27 28.76 46.66
C GLY W 9 31.98 27.34 46.23
N PHE W 10 30.92 27.10 45.46
CA PHE W 10 30.66 25.76 44.96
C PHE W 10 31.70 25.36 43.92
N VAL W 11 32.03 26.28 43.01
CA VAL W 11 33.03 26.05 41.97
C VAL W 11 34.31 26.77 42.39
N ARG W 12 35.41 26.03 42.49
CA ARG W 12 36.71 26.60 42.83
C ARG W 12 37.59 26.52 41.60
N LEU W 13 37.90 27.69 41.03
CA LEU W 13 38.49 27.79 39.70
C LEU W 13 39.99 28.05 39.79
N CYS W 14 40.75 27.38 38.94
CA CYS W 14 42.18 27.59 38.81
C CYS W 14 42.52 27.73 37.33
N ILE W 15 43.22 28.80 36.97
CA ILE W 15 43.63 29.06 35.60
C ILE W 15 45.16 29.05 35.56
N ASP W 16 45.72 28.06 34.87
CA ASP W 16 47.17 27.93 34.75
C ASP W 16 47.52 27.31 33.41
N PRO W 17 48.08 28.08 32.47
CA PRO W 17 48.38 27.50 31.15
C PRO W 17 49.56 26.54 31.13
N SER W 18 50.23 26.31 32.26
CA SER W 18 51.38 25.43 32.31
C SER W 18 51.06 24.05 32.88
N LEU W 19 49.80 23.73 33.10
CA LEU W 19 49.43 22.43 33.66
C LEU W 19 49.51 21.35 32.59
N ASN W 20 49.51 20.10 33.05
CA ASN W 20 49.53 18.94 32.15
C ASN W 20 48.62 17.85 32.69
N PHE W 21 47.88 17.21 31.79
CA PHE W 21 46.99 16.12 32.17
C PHE W 21 47.67 14.76 32.07
N PHE W 22 48.77 14.67 31.33
CA PHE W 22 49.38 13.37 31.05
C PHE W 22 49.89 12.72 32.32
N GLY W 23 49.77 11.40 32.38
CA GLY W 23 50.38 10.63 33.44
C GLY W 23 51.86 10.41 33.18
N GLU W 24 52.49 9.67 34.09
CA GLU W 24 53.91 9.38 33.96
C GLU W 24 54.12 8.22 32.99
N GLY W 25 54.72 8.52 31.84
CA GLY W 25 55.19 7.47 30.97
C GLY W 25 56.46 6.84 31.52
N CYS W 26 56.78 5.66 31.01
CA CYS W 26 57.94 4.95 31.53
C CYS W 26 59.22 5.66 31.10
N LYS W 27 60.32 5.27 31.75
CA LYS W 27 61.47 6.15 31.93
C LYS W 27 62.59 5.86 30.94
N ILE W 28 63.43 6.86 30.72
CA ILE W 28 64.61 6.76 29.85
C ILE W 28 65.79 7.39 30.59
N LEU W 29 66.96 6.77 30.47
CA LEU W 29 68.18 7.25 31.11
C LEU W 29 69.16 7.74 30.06
N VAL W 30 69.78 8.89 30.31
CA VAL W 30 70.77 9.48 29.42
C VAL W 30 72.07 9.64 30.22
N GLU W 31 73.17 9.14 29.65
CA GLU W 31 74.46 9.12 30.31
C GLU W 31 75.50 9.78 29.42
N GLY W 32 76.28 10.69 29.99
CA GLY W 32 77.27 11.43 29.21
C GLY W 32 78.15 12.26 30.11
N GLN W 33 79.08 12.97 29.46
CA GLN W 33 80.06 13.77 30.19
C GLN W 33 79.46 15.10 30.63
N ILE W 34 80.06 15.68 31.67
CA ILE W 34 79.70 17.04 32.10
C ILE W 34 80.99 17.85 32.18
N THR W 35 80.86 19.12 32.60
CA THR W 35 82.01 20.01 32.74
C THR W 35 82.11 20.49 34.18
N ASP W 36 83.23 21.13 34.49
CA ASP W 36 83.50 21.55 35.86
C ASP W 36 82.51 22.60 36.36
N ASP W 37 81.90 23.37 35.47
CA ASP W 37 81.00 24.44 35.89
C ASP W 37 79.58 23.95 36.18
N ALA W 38 79.30 22.66 36.02
CA ALA W 38 77.98 22.13 36.30
C ALA W 38 77.76 22.02 37.81
N THR W 39 76.53 22.27 38.24
CA THR W 39 76.18 22.21 39.66
C THR W 39 75.58 20.86 40.08
N ALA W 40 75.50 19.89 39.17
CA ALA W 40 74.95 18.59 39.51
C ALA W 40 76.00 17.70 40.16
N ALA W 41 75.54 16.81 41.03
CA ALA W 41 76.43 15.87 41.70
C ALA W 41 76.83 14.75 40.75
N GLU W 42 78.13 14.47 40.68
CA GLU W 42 78.62 13.43 39.79
C GLU W 42 78.17 12.06 40.26
N ASN W 43 77.98 11.15 39.30
CA ASN W 43 77.64 9.75 39.59
C ASN W 43 76.41 9.65 40.48
N VAL W 44 75.36 10.40 40.13
CA VAL W 44 74.09 10.35 40.82
C VAL W 44 72.98 10.51 39.79
N VAL W 45 72.06 9.55 39.75
CA VAL W 45 70.95 9.60 38.81
C VAL W 45 69.92 10.59 39.33
N THR W 46 69.54 11.55 38.49
CA THR W 46 68.63 12.61 38.89
C THR W 46 67.60 12.83 37.80
N CYS W 47 66.44 13.35 38.20
CA CYS W 47 65.36 13.61 37.26
C CYS W 47 65.55 14.96 36.58
N VAL W 48 65.11 15.03 35.32
CA VAL W 48 65.16 16.27 34.53
C VAL W 48 63.73 16.61 34.13
N ASN W 49 63.32 17.85 34.34
CA ASN W 49 61.94 18.25 34.15
C ASN W 49 61.70 19.03 32.87
N SER W 50 62.71 19.74 32.36
CA SER W 50 62.53 20.54 31.16
C SER W 50 63.89 20.84 30.56
N GLU W 51 63.87 21.40 29.35
CA GLU W 51 65.08 21.74 28.61
C GLU W 51 65.84 22.92 29.22
N LEU W 52 65.20 23.70 30.09
CA LEU W 52 65.72 25.01 30.47
C LEU W 52 66.61 24.99 31.70
N ASP W 53 66.52 23.95 32.54
CA ASP W 53 67.41 23.85 33.69
C ASP W 53 68.83 23.48 33.29
N LEU W 54 69.06 23.15 32.02
CA LEU W 54 70.35 22.64 31.59
C LEU W 54 71.42 23.72 31.71
N VAL W 55 72.64 23.36 31.31
CA VAL W 55 73.79 24.27 31.31
C VAL W 55 74.24 24.53 32.74
N GLU W 56 73.39 25.15 33.55
CA GLU W 56 73.75 25.42 34.94
C GLU W 56 73.80 24.12 35.74
N ARG W 57 72.97 23.14 35.38
CA ARG W 57 72.99 21.86 36.08
C ARG W 57 73.99 20.89 35.47
N PHE W 58 74.28 21.02 34.18
CA PHE W 58 75.08 20.02 33.48
C PHE W 58 76.20 20.63 32.63
N GLY W 59 76.45 21.93 32.73
CA GLY W 59 77.61 22.52 32.08
C GLY W 59 77.29 23.08 30.71
N GLN W 60 78.07 24.08 30.30
CA GLN W 60 77.87 24.76 29.03
C GLN W 60 78.38 23.87 27.89
N GLY W 61 77.53 23.62 26.91
CA GLY W 61 77.95 22.91 25.71
C GLY W 61 78.56 21.55 25.99
N SER W 62 78.15 20.91 27.08
CA SER W 62 78.66 19.59 27.40
C SER W 62 77.90 18.53 26.62
N VAL W 63 78.51 17.34 26.52
CA VAL W 63 77.89 16.25 25.78
C VAL W 63 76.52 15.93 26.36
N LEU W 64 76.41 15.91 27.70
CA LEU W 64 75.16 15.52 28.33
C LEU W 64 74.05 16.50 28.00
N THR W 65 74.34 17.80 28.04
CA THR W 65 73.32 18.79 27.71
C THR W 65 72.84 18.64 26.27
N GLU W 66 73.77 18.44 25.34
CA GLU W 66 73.39 18.29 23.94
C GLU W 66 72.54 17.04 23.74
N SER W 67 72.90 15.95 24.41
CA SER W 67 72.10 14.73 24.33
C SER W 67 70.70 14.97 24.87
N LEU W 68 70.59 15.70 25.98
CA LEU W 68 69.28 15.92 26.60
C LEU W 68 68.41 16.84 25.73
N ARG W 69 69.03 17.80 25.04
CA ARG W 69 68.24 18.72 24.21
C ARG W 69 67.45 17.95 23.16
N LYS W 70 68.12 17.07 22.41
CA LYS W 70 67.41 16.30 21.39
C LYS W 70 66.39 15.35 22.02
N VAL W 71 66.71 14.78 23.18
CA VAL W 71 65.78 13.88 23.85
C VAL W 71 64.48 14.61 24.16
N PHE W 72 64.58 15.83 24.68
CA PHE W 72 63.37 16.61 24.94
C PHE W 72 62.70 17.07 23.64
N CYS W 73 63.49 17.35 22.61
CA CYS W 73 62.91 17.85 21.36
C CYS W 73 62.06 16.79 20.69
N MET W 74 62.53 15.53 20.67
CA MET W 74 61.80 14.46 20.00
C MET W 74 60.54 14.04 20.72
N CYS W 75 60.49 14.17 22.05
CA CYS W 75 59.41 13.60 22.86
C CYS W 75 58.65 14.75 23.54
N LYS W 76 57.51 15.12 22.95
CA LYS W 76 56.68 16.16 23.52
C LYS W 76 55.84 15.66 24.70
N SER W 77 55.67 14.35 24.84
CA SER W 77 54.87 13.81 25.93
C SER W 77 55.11 12.32 26.03
N GLY W 78 54.68 11.75 27.17
CA GLY W 78 54.72 10.32 27.36
C GLY W 78 56.07 9.74 27.71
N VAL W 79 56.93 10.49 28.38
CA VAL W 79 58.26 10.00 28.75
C VAL W 79 58.75 10.77 29.97
N SER W 80 59.55 10.08 30.79
CA SER W 80 60.24 10.67 31.93
C SER W 80 61.73 10.52 31.72
N VAL W 81 62.46 11.64 31.81
CA VAL W 81 63.87 11.69 31.45
C VAL W 81 64.71 11.71 32.71
N TYR W 82 65.73 10.84 32.76
CA TYR W 82 66.69 10.79 33.84
C TYR W 82 68.10 10.92 33.26
N ALA W 83 69.01 11.48 34.05
CA ALA W 83 70.37 11.74 33.60
C ALA W 83 71.38 11.14 34.58
N LEU W 84 72.48 10.63 34.03
CA LEU W 84 73.57 10.05 34.80
C LEU W 84 74.86 10.74 34.38
N PRO W 85 75.24 11.86 34.99
CA PRO W 85 76.40 12.62 34.54
C PRO W 85 77.71 11.96 34.97
N ARG W 86 78.67 11.91 34.06
CA ARG W 86 80.02 11.46 34.32
C ARG W 86 81.01 12.60 34.08
N ALA W 87 82.19 12.47 34.69
CA ALA W 87 83.21 13.50 34.61
C ALA W 87 84.42 12.98 33.84
N ASP W 88 85.09 13.89 33.14
CA ASP W 88 86.25 13.51 32.33
C ASP W 88 87.38 13.01 33.21
N ALA W 89 88.21 12.13 32.65
CA ALA W 89 89.40 11.67 33.34
C ALA W 89 90.39 12.82 33.51
N ALA W 90 91.16 12.77 34.59
CA ALA W 90 92.09 13.86 34.89
C ALA W 90 93.18 13.99 33.84
N ALA W 91 93.47 12.93 33.08
CA ALA W 91 94.52 12.96 32.06
C ALA W 91 93.96 13.12 30.65
N ALA W 92 92.68 13.45 30.50
CA ALA W 92 92.08 13.57 29.18
C ALA W 92 92.71 14.72 28.41
N VAL W 93 92.78 14.56 27.08
CA VAL W 93 93.38 15.56 26.19
C VAL W 93 92.31 16.00 25.21
N SER W 94 92.09 17.31 25.13
CA SER W 94 91.10 17.84 24.19
C SER W 94 91.66 17.86 22.78
N ALA W 95 90.84 17.43 21.81
CA ALA W 95 91.25 17.43 20.42
C ALA W 95 91.30 18.86 19.87
N VAL W 96 92.17 19.07 18.89
CA VAL W 96 92.41 20.39 18.32
C VAL W 96 92.24 20.31 16.81
N TYR W 97 91.53 21.30 16.25
CA TYR W 97 91.38 21.45 14.81
C TYR W 97 91.76 22.87 14.40
N THR W 98 92.16 23.01 13.14
CA THR W 98 92.59 24.29 12.59
C THR W 98 91.70 24.66 11.41
N LEU W 99 91.18 25.88 11.43
CA LEU W 99 90.37 26.43 10.34
C LEU W 99 91.08 27.67 9.83
N THR W 100 91.49 27.67 8.56
CA THR W 100 92.29 28.73 7.98
C THR W 100 91.54 29.36 6.82
N VAL W 101 91.41 30.68 6.86
CA VAL W 101 90.86 31.45 5.73
C VAL W 101 92.03 31.93 4.88
N THR W 102 91.78 32.13 3.59
CA THR W 102 92.83 32.51 2.66
C THR W 102 92.25 33.42 1.58
N GLY W 103 93.14 34.12 0.89
CA GLY W 103 92.76 35.00 -0.19
C GLY W 103 92.29 36.36 0.30
N THR W 104 91.68 37.13 -0.59
CA THR W 104 91.16 38.45 -0.24
C THR W 104 89.90 38.70 -1.05
N ALA W 105 88.80 38.99 -0.37
CA ALA W 105 87.52 39.15 -1.04
C ALA W 105 87.59 40.27 -2.07
N LEU W 106 87.04 40.00 -3.26
CA LEU W 106 86.97 40.98 -4.33
C LEU W 106 85.54 41.23 -4.80
N THR W 107 84.56 40.53 -4.23
CA THR W 107 83.15 40.81 -4.45
C THR W 107 82.40 40.65 -3.14
N ASP W 108 81.22 41.25 -3.07
CA ASP W 108 80.36 41.08 -1.92
C ASP W 108 79.56 39.78 -2.06
N GLY W 109 78.97 39.34 -0.95
CA GLY W 109 78.16 38.13 -0.96
C GLY W 109 78.00 37.58 0.45
N ARG W 110 77.61 36.31 0.50
CA ARG W 110 77.35 35.61 1.75
C ARG W 110 78.04 34.25 1.73
N VAL W 111 78.42 33.78 2.91
CA VAL W 111 78.97 32.44 3.09
C VAL W 111 78.22 31.78 4.23
N GLN W 112 77.81 30.52 4.01
CA GLN W 112 77.08 29.74 4.99
C GLN W 112 77.87 28.48 5.31
N LEU W 113 78.19 28.29 6.59
CA LEU W 113 79.00 27.18 7.05
C LEU W 113 78.14 26.19 7.82
N TYR W 114 78.38 24.90 7.59
CA TYR W 114 77.74 23.85 8.35
C TYR W 114 78.73 23.27 9.35
N MET W 115 78.31 23.18 10.61
CA MET W 115 79.20 22.76 11.68
C MET W 115 78.42 21.88 12.66
N GLY W 116 78.70 20.58 12.64
CA GLY W 116 78.15 19.68 13.62
C GLY W 116 76.69 19.34 13.40
N GLU W 117 75.82 20.35 13.48
CA GLU W 117 74.38 20.13 13.36
C GLU W 117 73.73 21.43 12.94
N ALA W 118 72.49 21.32 12.47
CA ALA W 118 71.79 22.50 11.95
C ALA W 118 71.61 23.59 13.00
N GLU W 119 71.62 23.24 14.29
CA GLU W 119 71.48 24.25 15.33
C GLU W 119 72.73 25.11 15.46
N TYR W 120 73.87 24.60 14.97
CA TYR W 120 75.15 25.29 15.14
C TYR W 120 75.67 25.88 13.83
N SER W 121 75.08 25.52 12.69
CA SER W 121 75.45 26.15 11.43
C SER W 121 75.03 27.62 11.45
N LEU W 122 75.84 28.45 10.81
CA LEU W 122 75.66 29.89 10.87
C LEU W 122 75.79 30.48 9.47
N ASP W 123 75.12 31.61 9.27
CA ASP W 123 75.21 32.38 8.02
C ASP W 123 75.88 33.70 8.34
N ILE W 124 76.99 33.99 7.67
CA ILE W 124 77.78 35.18 7.89
C ILE W 124 78.02 35.84 6.54
N GLY W 125 77.73 37.14 6.44
CA GLY W 125 77.79 37.85 5.19
C GLY W 125 78.86 38.93 5.17
N VAL W 126 79.24 39.30 3.95
CA VAL W 126 80.20 40.38 3.71
C VAL W 126 79.63 41.29 2.63
N ASP W 127 79.80 42.59 2.80
CA ASP W 127 79.25 43.58 1.88
C ASP W 127 80.32 44.41 1.19
N GLU W 128 81.60 44.10 1.39
CA GLU W 128 82.68 44.85 0.77
C GLU W 128 83.79 43.90 0.36
N GLY W 129 84.54 44.32 -0.66
CA GLY W 129 85.71 43.59 -1.09
C GLY W 129 86.96 44.06 -0.37
N ASP W 130 88.08 43.48 -0.79
CA ASP W 130 89.40 43.81 -0.26
C ASP W 130 89.52 43.54 1.23
N THR W 131 88.69 42.65 1.77
CA THR W 131 88.79 42.28 3.18
C THR W 131 89.87 41.24 3.37
N PRO W 132 90.93 41.51 4.12
CA PRO W 132 91.98 40.50 4.32
C PRO W 132 91.46 39.32 5.13
N THR W 133 92.36 38.35 5.33
CA THR W 133 92.04 37.22 6.20
C THR W 133 91.74 37.70 7.62
N GLN W 134 92.34 38.81 8.03
CA GLN W 134 92.07 39.36 9.35
C GLN W 134 90.63 39.80 9.51
N ILE W 135 90.04 40.43 8.50
CA ILE W 135 88.63 40.78 8.57
C ILE W 135 87.77 39.51 8.57
N ALA W 136 88.19 38.48 7.85
CA ALA W 136 87.64 37.15 8.09
C ALA W 136 87.97 36.72 9.51
N ALA W 137 87.41 35.59 9.93
CA ALA W 137 87.39 35.17 11.33
C ALA W 137 86.42 36.00 12.15
N LYS W 138 85.60 36.83 11.50
CA LYS W 138 84.46 37.45 12.16
C LYS W 138 83.39 36.42 12.52
N ILE W 139 83.60 35.16 12.11
CA ILE W 139 82.65 34.09 12.41
C ILE W 139 82.42 34.01 13.92
N VAL W 140 83.50 34.12 14.71
CA VAL W 140 83.39 33.96 16.15
C VAL W 140 82.38 34.90 16.78
N ALA W 141 82.01 35.99 16.09
CA ALA W 141 80.93 36.84 16.59
C ALA W 141 79.58 36.15 16.43
N ALA W 142 79.52 35.09 15.63
CA ALA W 142 78.27 34.39 15.37
C ALA W 142 78.19 33.01 16.01
N ILE W 143 79.33 32.42 16.38
CA ILE W 143 79.32 31.09 16.97
C ILE W 143 78.48 31.11 18.24
N SER W 144 77.63 30.10 18.39
CA SER W 144 76.71 30.02 19.51
C SER W 144 77.44 29.53 20.76
N PRO W 145 76.97 29.92 21.95
CA PRO W 145 77.61 29.43 23.18
C PRO W 145 77.54 27.92 23.33
N ASP W 146 76.46 27.29 22.85
CA ASP W 146 76.25 25.87 23.07
C ASP W 146 77.11 24.98 22.18
N PHE W 147 77.83 25.55 21.22
CA PHE W 147 78.68 24.75 20.38
C PHE W 147 79.74 24.04 21.24
N PRO W 148 79.86 22.71 21.16
CA PRO W 148 80.76 22.00 22.09
C PRO W 148 82.24 22.34 21.95
N TYR W 149 82.60 23.29 21.08
CA TYR W 149 83.99 23.64 20.86
C TYR W 149 84.22 25.12 21.11
N GLU W 150 85.45 25.46 21.46
CA GLU W 150 85.86 26.85 21.70
C GLU W 150 86.70 27.33 20.53
N ALA W 151 86.36 28.50 20.01
CA ALA W 151 87.08 29.12 18.90
C ALA W 151 88.01 30.20 19.43
N THR W 152 89.30 30.08 19.12
CA THR W 152 90.30 30.99 19.66
C THR W 152 90.27 32.37 18.99
N ALA W 153 89.75 32.47 17.77
CA ALA W 153 89.69 33.76 17.08
C ALA W 153 91.08 34.39 16.95
N ALA W 154 92.04 33.59 16.52
CA ALA W 154 93.41 34.07 16.37
C ALA W 154 93.51 35.01 15.16
N ALA W 155 94.73 35.47 14.89
CA ALA W 155 94.96 36.44 13.83
C ALA W 155 94.85 35.78 12.45
N GLY W 156 93.69 35.91 11.81
CA GLY W 156 93.48 35.39 10.48
C GLY W 156 93.03 33.95 10.43
N VAL W 157 93.15 33.20 11.52
CA VAL W 157 92.71 31.82 11.59
C VAL W 157 92.04 31.59 12.93
N ILE W 158 91.20 30.56 12.99
CA ILE W 158 90.51 30.16 14.22
C ILE W 158 90.77 28.69 14.45
N THR W 159 91.20 28.35 15.67
CA THR W 159 91.44 26.97 16.07
C THR W 159 90.33 26.52 17.02
N LEU W 160 89.85 25.31 16.82
CA LEU W 160 88.72 24.76 17.55
C LEU W 160 89.20 23.62 18.45
N THR W 161 88.82 23.69 19.72
CA THR W 161 89.19 22.67 20.69
C THR W 161 87.96 22.22 21.46
N ALA W 162 87.91 20.93 21.78
CA ALA W 162 86.73 20.35 22.41
C ALA W 162 86.62 20.81 23.87
N ARG W 163 85.37 21.00 24.32
CA ARG W 163 85.15 21.34 25.72
C ARG W 163 85.26 20.12 26.62
N ASN W 164 85.19 18.93 26.06
CA ASN W 164 85.31 17.68 26.80
C ASN W 164 86.45 16.86 26.23
N GLY W 165 87.26 16.29 27.12
CA GLY W 165 88.41 15.53 26.71
C GLY W 165 88.06 14.16 26.18
N GLY W 166 89.10 13.42 25.82
CA GLY W 166 88.89 12.09 25.28
C GLY W 166 88.59 12.13 23.78
N THR W 167 88.16 10.97 23.28
CA THR W 167 87.89 10.82 21.85
C THR W 167 86.50 11.30 21.45
N ILE W 168 85.66 11.70 22.40
CA ILE W 168 84.30 12.08 22.06
C ILE W 168 84.29 13.32 21.18
N GLY W 169 85.16 14.29 21.46
CA GLY W 169 85.25 15.48 20.64
C GLY W 169 86.03 15.32 19.35
N ASN W 170 86.43 14.09 19.03
CA ASN W 170 87.25 13.79 17.86
C ASN W 170 86.45 13.63 16.59
N HIS W 171 85.24 14.20 16.51
CA HIS W 171 84.31 13.93 15.42
C HIS W 171 83.81 15.18 14.72
N LEU W 172 84.39 16.34 14.97
CA LEU W 172 83.89 17.58 14.39
C LEU W 172 84.04 17.55 12.88
N SER W 173 83.02 18.06 12.18
CA SER W 173 83.03 18.18 10.73
C SER W 173 82.50 19.55 10.34
N VAL W 174 83.26 20.25 9.49
CA VAL W 174 82.88 21.57 8.99
C VAL W 174 82.86 21.51 7.47
N ILE W 175 81.78 22.02 6.88
CA ILE W 175 81.56 21.95 5.43
C ILE W 175 81.35 23.37 4.92
N TYR W 176 82.12 23.75 3.90
CA TYR W 176 81.97 25.04 3.23
C TYR W 176 80.97 24.83 2.10
N THR W 177 79.68 24.94 2.44
CA THR W 177 78.63 24.44 1.56
C THR W 177 78.61 25.15 0.21
N ASN W 178 78.66 26.47 0.23
CA ASN W 178 78.37 27.26 -0.97
C ASN W 178 79.56 27.38 -1.92
N LEU W 179 80.55 26.50 -1.82
CA LEU W 179 81.59 26.46 -2.84
C LEU W 179 80.99 26.18 -4.21
N GLY W 180 80.03 25.26 -4.27
CA GLY W 180 79.34 24.99 -5.52
C GLY W 180 78.27 26.02 -5.79
N SER W 181 77.70 25.93 -7.00
CA SER W 181 76.68 26.90 -7.41
C SER W 181 75.45 26.80 -6.53
N CYS W 182 74.83 27.94 -6.29
CA CYS W 182 73.60 28.00 -5.49
C CYS W 182 72.94 29.35 -5.75
N THR W 183 71.67 29.46 -5.32
CA THR W 183 70.95 30.72 -5.45
C THR W 183 71.57 31.82 -4.59
N SER W 184 72.39 31.46 -3.61
CA SER W 184 73.19 32.40 -2.84
C SER W 184 74.63 32.28 -3.30
N VAL W 185 75.22 33.40 -3.72
CA VAL W 185 76.53 33.41 -4.35
C VAL W 185 77.58 33.77 -3.32
N THR W 186 78.61 32.94 -3.20
CA THR W 186 79.67 33.20 -2.25
C THR W 186 80.57 34.32 -2.77
N PRO W 187 81.13 35.14 -1.88
CA PRO W 187 82.13 36.13 -2.32
C PRO W 187 83.32 35.44 -2.97
N GLU W 188 83.84 36.04 -4.04
CA GLU W 188 84.93 35.45 -4.78
C GLU W 188 86.26 35.71 -4.10
N GLY W 189 87.23 34.84 -4.37
CA GLY W 189 88.56 34.98 -3.80
C GLY W 189 88.70 34.48 -2.38
N VAL W 190 87.71 33.76 -1.85
CA VAL W 190 87.72 33.28 -0.47
C VAL W 190 87.77 31.76 -0.49
N THR W 191 88.69 31.20 0.31
CA THR W 191 88.83 29.75 0.46
C THR W 191 89.07 29.44 1.92
N VAL W 192 88.32 28.48 2.45
CA VAL W 192 88.39 28.09 3.85
C VAL W 192 88.74 26.60 3.90
N ALA W 193 89.78 26.27 4.68
CA ALA W 193 90.24 24.90 4.81
C ALA W 193 90.10 24.46 6.26
N PHE W 194 89.95 23.15 6.46
CA PHE W 194 89.72 22.56 7.76
C PHE W 194 90.58 21.31 7.91
N ALA W 195 91.20 21.15 9.08
CA ALA W 195 92.09 20.01 9.32
C ALA W 195 92.20 19.76 10.81
N GLN W 196 92.66 18.56 11.15
CA GLN W 196 92.84 18.14 12.54
C GLN W 196 94.32 18.20 12.89
N THR W 197 94.61 18.60 14.13
CA THR W 197 96.00 18.75 14.58
C THR W 197 96.34 17.96 15.83
N THR W 198 95.34 17.48 16.60
CA THR W 198 95.63 16.71 17.79
C THR W 198 94.41 15.88 18.20
N PRO W 199 94.55 14.57 18.39
CA PRO W 199 93.42 13.76 18.84
C PRO W 199 93.37 13.64 20.35
N GLY W 200 92.30 13.00 20.83
CA GLY W 200 92.16 12.68 22.23
C GLY W 200 92.73 11.30 22.55
N SER W 201 93.03 11.10 23.83
CA SER W 201 93.67 9.86 24.27
C SER W 201 92.85 9.08 25.28
N VAL W 202 92.44 9.72 26.38
CA VAL W 202 91.93 9.01 27.54
C VAL W 202 90.42 9.22 27.66
N ASN W 203 89.70 8.14 27.97
CA ASN W 203 88.27 8.16 28.19
C ASN W 203 87.93 7.52 29.53
N PRO W 204 86.86 7.97 30.19
CA PRO W 204 86.46 7.33 31.45
C PRO W 204 85.80 5.99 31.20
N GLU W 205 86.03 5.05 32.12
CA GLU W 205 85.49 3.69 32.02
C GLU W 205 84.89 3.28 33.36
N PRO W 206 83.79 3.89 33.76
CA PRO W 206 83.15 3.51 35.03
C PRO W 206 82.57 2.11 34.98
N ASN W 207 82.50 1.47 36.15
CA ASN W 207 81.94 0.13 36.27
C ASN W 207 81.06 0.01 37.51
N ASP W 208 80.38 1.10 37.91
CA ASP W 208 79.59 1.14 39.13
C ASP W 208 78.09 1.24 38.86
N TYR W 209 77.58 0.52 37.85
CA TYR W 209 76.16 0.55 37.58
C TYR W 209 75.35 -0.08 38.70
N ALA W 210 75.87 -1.16 39.28
CA ALA W 210 75.11 -1.90 40.29
C ALA W 210 74.81 -1.06 41.53
N SER W 211 75.52 0.05 41.73
CA SER W 211 75.33 0.90 42.89
C SER W 211 74.52 2.15 42.61
N VAL W 212 74.59 2.68 41.39
CA VAL W 212 73.89 3.92 41.05
C VAL W 212 72.52 3.65 40.42
N VAL W 213 72.32 2.48 39.81
CA VAL W 213 71.05 2.10 39.19
C VAL W 213 70.44 0.90 39.91
N ASN W 214 70.69 0.80 41.22
CA ASN W 214 70.34 -0.40 41.97
C ASN W 214 68.84 -0.61 41.98
N GLU W 215 68.36 -1.60 41.22
CA GLU W 215 66.98 -2.07 41.31
C GLU W 215 65.97 -0.95 41.08
N CYS W 216 66.23 -0.13 40.08
CA CYS W 216 65.24 0.80 39.56
C CYS W 216 65.13 0.60 38.05
N CYS W 217 63.89 0.43 37.59
CA CYS W 217 63.61 -0.06 36.25
C CYS W 217 63.57 1.08 35.25
N PHE W 218 64.32 0.94 34.16
CA PHE W 218 64.29 1.88 33.05
C PHE W 218 63.94 1.12 31.77
N ALA W 219 63.26 1.80 30.86
CA ALA W 219 62.88 1.18 29.60
C ALA W 219 64.00 1.25 28.58
N VAL W 220 64.63 2.42 28.42
CA VAL W 220 65.62 2.66 27.39
C VAL W 220 66.88 3.23 28.03
N TYR W 221 68.03 2.79 27.53
CA TYR W 221 69.34 3.32 27.93
C TYR W 221 70.02 3.95 26.73
N VAL W 222 70.55 5.15 26.90
CA VAL W 222 71.28 5.85 25.86
C VAL W 222 72.67 6.16 26.38
N LEU W 223 73.69 5.80 25.59
CA LEU W 223 75.08 6.04 25.93
C LEU W 223 75.68 7.01 24.92
N SER W 224 76.26 8.09 25.41
CA SER W 224 76.81 9.16 24.57
C SER W 224 78.32 9.07 24.44
N SER W 225 78.87 7.86 24.37
CA SER W 225 80.30 7.66 24.24
C SER W 225 80.56 6.59 23.19
N ASP W 226 81.70 6.72 22.50
CA ASP W 226 82.09 5.77 21.47
C ASP W 226 83.07 4.71 21.97
N ASP W 227 83.38 4.70 23.27
CA ASP W 227 84.33 3.74 23.82
C ASP W 227 83.71 2.36 23.85
N THR W 228 84.46 1.35 23.39
CA THR W 228 83.93 -0.01 23.37
C THR W 228 83.79 -0.59 24.77
N ASP W 229 84.75 -0.33 25.65
CA ASP W 229 84.72 -0.92 26.99
C ASP W 229 83.53 -0.41 27.80
N TRP W 230 83.25 0.89 27.71
CA TRP W 230 82.09 1.45 28.39
C TRP W 230 80.80 0.81 27.89
N GLN W 231 80.71 0.63 26.57
CA GLN W 231 79.54 -0.01 25.98
C GLN W 231 79.40 -1.44 26.47
N GLU W 232 80.52 -2.17 26.58
CA GLU W 232 80.44 -3.54 27.07
C GLU W 232 80.03 -3.59 28.54
N ASN W 233 80.48 -2.62 29.34
CA ASN W 233 80.02 -2.55 30.72
C ASN W 233 78.52 -2.34 30.79
N LEU W 234 78.00 -1.44 29.94
CA LEU W 234 76.56 -1.23 29.91
C LEU W 234 75.83 -2.49 29.45
N ARG W 235 76.41 -3.21 28.47
CA ARG W 235 75.81 -4.46 28.04
C ARG W 235 75.74 -5.47 29.17
N ASP W 236 76.81 -5.57 29.97
CA ASP W 236 76.79 -6.45 31.12
C ASP W 236 75.72 -6.05 32.11
N TRP W 237 75.57 -4.75 32.39
CA TRP W 237 74.48 -4.33 33.26
C TRP W 237 73.12 -4.75 32.71
N ILE W 238 72.88 -4.52 31.41
CA ILE W 238 71.58 -4.87 30.84
C ILE W 238 71.34 -6.36 30.95
N ARG W 239 72.34 -7.18 30.62
CA ARG W 239 72.18 -8.63 30.75
C ARG W 239 71.88 -9.01 32.20
N SER W 240 72.51 -8.33 33.15
CA SER W 240 72.20 -8.58 34.55
C SER W 240 70.74 -8.28 34.86
N ALA W 241 70.21 -7.21 34.26
CA ALA W 241 68.81 -6.87 34.46
C ALA W 241 67.85 -7.86 33.82
N TRP W 242 68.35 -8.78 32.98
CA TRP W 242 67.54 -9.82 32.37
C TRP W 242 67.81 -11.21 32.92
N ASP W 243 68.77 -11.36 33.84
CA ASP W 243 69.19 -12.68 34.28
C ASP W 243 68.12 -13.33 35.15
N CYS W 244 68.14 -14.67 35.20
CA CYS W 244 67.12 -15.41 35.92
C CYS W 244 67.42 -15.58 37.40
N SER W 245 68.58 -15.11 37.87
CA SER W 245 68.94 -15.30 39.27
C SER W 245 67.98 -14.59 40.20
N LYS W 246 67.56 -13.37 39.86
CA LYS W 246 66.72 -12.55 40.72
C LYS W 246 65.68 -11.87 39.85
N PRO W 247 64.68 -11.22 40.45
CA PRO W 247 63.62 -10.59 39.66
C PRO W 247 64.18 -9.63 38.63
N GLN W 248 63.55 -9.61 37.46
CA GLN W 248 64.10 -8.90 36.31
C GLN W 248 63.65 -7.44 36.28
N CYS W 249 64.43 -6.63 35.56
CA CYS W 249 64.16 -5.20 35.38
C CYS W 249 64.34 -4.86 33.90
N PHE W 250 63.67 -5.63 33.05
CA PHE W 250 63.91 -5.63 31.62
C PHE W 250 64.19 -4.22 31.08
N GLY W 251 65.14 -4.14 30.16
CA GLY W 251 65.48 -2.88 29.53
C GLY W 251 66.20 -3.13 28.23
N HIS W 252 66.52 -2.03 27.53
CA HIS W 252 67.19 -2.08 26.25
C HIS W 252 67.99 -0.81 26.04
N GLY W 253 69.16 -0.94 25.44
CA GLY W 253 70.11 0.16 25.32
C GLY W 253 70.51 0.44 23.89
N TYR W 254 70.91 1.68 23.62
CA TYR W 254 71.25 2.14 22.28
C TYR W 254 72.66 2.71 22.27
N VAL W 255 73.47 2.27 21.30
CA VAL W 255 74.85 2.70 21.15
C VAL W 255 75.15 2.86 19.67
N PHE W 256 76.29 3.48 19.36
CA PHE W 256 76.69 3.74 17.98
C PHE W 256 78.16 3.39 17.79
N ASN W 257 78.51 3.08 16.54
CA ASN W 257 79.87 2.80 16.12
C ASN W 257 80.15 3.54 14.82
N LYS W 258 81.41 3.95 14.64
CA LYS W 258 81.81 4.72 13.48
C LYS W 258 83.14 4.19 12.94
N GLY W 259 83.29 4.25 11.63
CA GLY W 259 84.50 3.78 11.00
C GLY W 259 84.19 3.16 9.64
N THR W 260 85.21 2.54 9.07
CA THR W 260 85.05 1.83 7.81
C THR W 260 84.34 0.51 8.03
N LEU W 261 83.90 -0.10 6.93
CA LEU W 261 83.13 -1.34 7.01
C LEU W 261 83.92 -2.42 7.74
N GLY W 262 85.20 -2.56 7.41
CA GLY W 262 86.02 -3.56 8.06
C GLY W 262 86.19 -3.33 9.55
N GLN W 263 86.17 -2.08 10.00
CA GLN W 263 86.30 -1.78 11.41
C GLN W 263 84.98 -1.93 12.15
N VAL W 264 83.88 -1.49 11.52
CA VAL W 264 82.59 -1.51 12.19
C VAL W 264 82.13 -2.95 12.43
N LEU W 265 82.42 -3.84 11.50
CA LEU W 265 82.01 -5.23 11.64
C LEU W 265 82.71 -5.93 12.80
N ALA W 266 83.77 -5.34 13.35
CA ALA W 266 84.51 -5.97 14.44
C ALA W 266 83.93 -5.67 15.82
N ASP W 267 82.85 -4.91 15.91
CA ASP W 267 82.20 -4.61 17.18
C ASP W 267 80.96 -5.45 17.42
N GLY W 268 80.73 -6.49 16.62
CA GLY W 268 79.54 -7.30 16.74
C GLY W 268 79.64 -8.38 17.78
N ASP W 269 79.49 -8.04 19.06
CA ASP W 269 79.58 -9.02 20.14
C ASP W 269 78.24 -9.67 20.46
N ASN W 270 77.53 -10.14 19.43
CA ASN W 270 76.32 -10.97 19.59
C ASN W 270 75.47 -10.53 20.79
N SER W 271 75.29 -9.22 20.96
CA SER W 271 74.59 -8.68 22.13
C SER W 271 73.14 -8.38 21.75
N ALA W 272 72.22 -9.19 22.27
CA ALA W 272 70.79 -8.93 22.08
C ALA W 272 70.33 -7.72 22.89
N GLU W 273 71.17 -7.19 23.77
CA GLU W 273 70.77 -6.10 24.65
C GLU W 273 71.07 -4.73 24.06
N LEU W 274 71.60 -4.64 22.85
CA LEU W 274 72.07 -3.38 22.29
C LEU W 274 71.57 -3.22 20.86
N SER W 275 71.41 -1.96 20.45
CA SER W 275 71.13 -1.61 19.06
C SER W 275 72.31 -0.77 18.56
N ARG W 276 73.14 -1.35 17.71
CA ARG W 276 74.41 -0.75 17.31
C ARG W 276 74.19 0.05 16.03
N LEU W 277 74.10 1.37 16.16
CA LEU W 277 73.90 2.25 15.02
C LEU W 277 75.24 2.47 14.32
N ALA W 278 75.39 1.92 13.12
CA ALA W 278 76.64 2.00 12.38
C ALA W 278 76.67 3.30 11.58
N LEU W 279 77.82 3.96 11.57
CA LEU W 279 78.02 5.20 10.85
C LEU W 279 79.31 5.16 10.05
N PRO W 280 79.41 5.90 8.96
CA PRO W 280 80.65 5.91 8.18
C PRO W 280 81.63 6.96 8.68
N THR W 281 82.87 6.85 8.19
CA THR W 281 83.91 7.78 8.59
C THR W 281 83.58 9.21 8.20
N THR W 282 82.81 9.39 7.12
CA THR W 282 82.50 10.71 6.59
C THR W 282 81.17 11.27 7.10
N TYR W 283 80.63 10.70 8.17
CA TYR W 283 79.33 11.15 8.66
C TYR W 283 79.40 12.63 9.04
N PRO W 284 78.47 13.47 8.57
CA PRO W 284 78.61 14.92 8.80
C PRO W 284 77.98 15.44 10.09
N VAL W 285 77.30 14.60 10.87
CA VAL W 285 76.61 15.04 12.07
C VAL W 285 77.37 14.53 13.28
N LEU W 286 77.20 15.21 14.43
CA LEU W 286 77.83 14.79 15.66
C LEU W 286 77.26 13.44 16.07
N PRO W 287 78.08 12.39 16.20
CA PRO W 287 77.49 11.05 16.28
C PRO W 287 76.49 10.87 17.41
N TYR W 288 76.76 11.42 18.59
CA TYR W 288 75.91 11.14 19.74
C TYR W 288 74.53 11.79 19.61
N LEU W 289 74.41 12.86 18.83
CA LEU W 289 73.09 13.47 18.65
C LEU W 289 72.14 12.52 17.93
N THR W 290 72.62 11.84 16.89
CA THR W 290 71.78 10.87 16.18
C THR W 290 71.38 9.72 17.10
N ASN W 291 72.32 9.22 17.90
CA ASN W 291 72.00 8.15 18.83
C ASN W 291 70.94 8.59 19.84
N ALA W 292 71.09 9.81 20.37
CA ALA W 292 70.09 10.30 21.32
C ALA W 292 68.73 10.44 20.66
N ALA W 293 68.70 10.95 19.43
CA ALA W 293 67.42 11.10 18.73
C ALA W 293 66.76 9.74 18.49
N TYR W 294 67.54 8.76 18.04
CA TYR W 294 66.97 7.43 17.81
C TYR W 294 66.46 6.82 19.11
N GLY W 295 67.23 6.94 20.18
CA GLY W 295 66.78 6.39 21.45
C GLY W 295 65.52 7.06 21.95
N ALA W 296 65.46 8.39 21.85
CA ALA W 296 64.27 9.10 22.31
C ALA W 296 63.05 8.73 21.47
N LEU W 297 63.22 8.59 20.15
CA LEU W 297 62.11 8.17 19.32
C LEU W 297 61.63 6.78 19.68
N SER W 298 62.55 5.83 19.81
CA SER W 298 62.18 4.46 20.11
C SER W 298 61.71 4.28 21.55
N ALA W 299 61.95 5.26 22.41
CA ALA W 299 61.55 5.15 23.81
C ALA W 299 60.04 5.28 23.95
N CYS W 300 59.60 5.30 25.21
CA CYS W 300 58.18 5.23 25.52
C CYS W 300 57.36 6.29 24.81
N SER W 301 58.00 7.30 24.22
CA SER W 301 57.29 8.31 23.46
C SER W 301 56.46 7.66 22.36
N THR W 302 56.90 6.51 21.87
CA THR W 302 56.23 5.81 20.77
C THR W 302 55.95 4.35 21.10
N CYS W 303 56.13 3.92 22.35
CA CYS W 303 56.08 2.50 22.68
C CYS W 303 55.22 2.26 23.92
N GLU W 304 54.02 2.84 23.93
CA GLU W 304 52.98 2.30 24.80
C GLU W 304 52.40 1.02 24.23
N ASN W 305 52.61 0.78 22.94
CA ASN W 305 52.28 -0.48 22.30
C ASN W 305 53.57 -1.20 21.92
N PRO W 306 53.87 -2.37 22.49
CA PRO W 306 55.22 -2.94 22.34
C PRO W 306 55.59 -3.40 20.95
N GLU W 307 54.63 -3.54 20.03
CA GLU W 307 54.89 -4.22 18.77
C GLU W 307 55.11 -3.28 17.58
N LEU W 308 55.24 -1.98 17.81
CA LEU W 308 55.47 -1.05 16.70
C LEU W 308 56.94 -1.04 16.33
N ASN W 309 57.24 -1.35 15.08
CA ASN W 309 58.61 -1.26 14.59
C ASN W 309 58.94 0.17 14.19
N VAL W 310 60.11 0.64 14.59
CA VAL W 310 60.56 1.99 14.28
C VAL W 310 61.36 1.97 12.98
N GLN W 311 60.66 2.04 11.84
CA GLN W 311 61.31 2.00 10.54
C GLN W 311 60.57 2.90 9.57
N GLY W 312 61.07 2.94 8.34
CA GLY W 312 60.36 3.61 7.26
C GLY W 312 60.54 5.12 7.30
N GLN W 313 59.80 5.78 6.41
CA GLN W 313 59.84 7.24 6.33
C GLN W 313 58.74 7.90 7.16
N THR W 314 57.89 7.12 7.83
CA THR W 314 56.84 7.69 8.66
C THR W 314 57.16 7.51 10.14
N TYR W 315 57.37 6.27 10.55
CA TYR W 315 57.62 5.96 11.96
C TYR W 315 59.10 5.93 12.31
N GLY W 316 59.98 6.13 11.34
CA GLY W 316 61.41 6.07 11.59
C GLY W 316 62.12 7.38 11.29
N LEU W 317 61.36 8.46 11.12
CA LEU W 317 61.93 9.74 10.73
C LEU W 317 62.45 10.48 11.95
N LEU W 318 63.74 10.83 11.93
CA LEU W 318 64.35 11.63 12.99
C LEU W 318 64.22 13.12 12.66
N SER W 319 63.00 13.62 12.80
CA SER W 319 62.66 14.95 12.28
C SER W 319 63.41 16.07 12.99
N CYS W 320 64.05 15.79 14.12
CA CYS W 320 64.74 16.83 14.88
C CYS W 320 66.20 16.97 14.49
N ILE W 321 66.68 16.22 13.50
CA ILE W 321 68.06 16.28 13.03
C ILE W 321 68.07 16.68 11.57
N ASN W 322 69.00 17.57 11.21
CA ASN W 322 69.11 18.08 9.86
C ASN W 322 70.56 18.07 9.42
N MET W 323 70.79 17.75 8.16
CA MET W 323 72.13 17.64 7.60
C MET W 323 72.08 18.03 6.13
N PRO W 324 73.18 18.51 5.57
CA PRO W 324 73.14 18.98 4.18
C PRO W 324 72.91 17.85 3.19
N GLU W 325 72.25 18.16 2.08
CA GLU W 325 72.04 17.19 1.02
C GLU W 325 73.35 16.91 0.31
N SER W 326 73.44 15.72 -0.29
CA SER W 326 74.64 15.32 -1.01
C SER W 326 74.30 14.19 -1.97
N CYS W 327 74.99 14.18 -3.11
CA CYS W 327 74.88 13.08 -4.06
C CYS W 327 75.82 11.93 -3.72
N THR W 328 75.81 11.48 -2.47
CA THR W 328 76.66 10.40 -2.01
C THR W 328 76.03 9.77 -0.77
N PRO W 329 75.76 8.46 -0.77
CA PRO W 329 74.98 7.87 0.32
C PRO W 329 75.74 7.65 1.61
N GLY W 330 77.05 7.88 1.64
CA GLY W 330 77.84 7.52 2.82
C GLY W 330 78.18 6.05 2.85
N TRP W 331 77.16 5.19 2.74
CA TRP W 331 77.35 3.76 2.59
C TRP W 331 76.89 3.37 1.18
N GLU W 332 77.74 2.66 0.46
CA GLU W 332 77.30 2.03 -0.78
C GLU W 332 76.33 0.90 -0.46
N PHE W 333 75.50 0.55 -1.45
CA PHE W 333 74.39 -0.36 -1.18
C PHE W 333 74.87 -1.72 -0.70
N THR W 334 75.95 -2.24 -1.27
CA THR W 334 76.48 -3.52 -0.80
C THR W 334 76.91 -3.44 0.65
N GLU W 335 77.52 -2.32 1.05
CA GLU W 335 77.89 -2.15 2.46
C GLU W 335 76.66 -2.09 3.34
N VAL W 336 75.58 -1.45 2.86
CA VAL W 336 74.33 -1.41 3.63
C VAL W 336 73.82 -2.83 3.84
N THR W 337 73.81 -3.63 2.77
CA THR W 337 73.34 -5.00 2.88
C THR W 337 74.20 -5.80 3.87
N GLN W 338 75.52 -5.63 3.79
CA GLN W 338 76.40 -6.35 4.71
C GLN W 338 76.14 -5.95 6.15
N LEU W 339 76.02 -4.64 6.40
CA LEU W 339 75.76 -4.18 7.77
C LEU W 339 74.44 -4.72 8.30
N GLN W 340 73.40 -4.67 7.47
CA GLN W 340 72.10 -5.18 7.90
C GLN W 340 72.16 -6.68 8.18
N ASN W 341 72.84 -7.44 7.33
CA ASN W 341 72.93 -8.88 7.52
C ASN W 341 73.84 -9.25 8.68
N ASN W 342 74.69 -8.34 9.14
CA ASN W 342 75.58 -8.61 10.26
C ASN W 342 75.09 -8.00 11.57
N GLY W 343 73.86 -7.52 11.62
CA GLY W 343 73.25 -7.12 12.87
C GLY W 343 73.36 -5.67 13.24
N PHE W 344 73.78 -4.80 12.32
CA PHE W 344 73.89 -3.38 12.60
C PHE W 344 72.70 -2.63 12.00
N VAL W 345 72.44 -1.45 12.54
CA VAL W 345 71.32 -0.61 12.13
C VAL W 345 71.84 0.49 11.21
N VAL W 346 71.23 0.60 10.03
CA VAL W 346 71.63 1.59 9.03
C VAL W 346 70.55 2.65 8.94
N SER W 347 70.95 3.86 8.59
CA SER W 347 70.02 4.96 8.39
C SER W 347 70.45 5.76 7.17
N GLY W 348 69.50 6.50 6.60
CA GLY W 348 69.75 7.27 5.42
C GLY W 348 68.87 8.50 5.34
N PRO W 349 69.19 9.41 4.41
CA PRO W 349 68.43 10.65 4.30
C PRO W 349 67.07 10.44 3.66
N ALA W 350 66.18 11.41 3.90
CA ALA W 350 64.85 11.36 3.30
C ALA W 350 64.88 11.73 1.82
N THR W 351 65.91 12.44 1.37
CA THR W 351 66.03 12.81 -0.04
C THR W 351 67.48 13.12 -0.35
N THR W 352 67.83 13.06 -1.64
CA THR W 352 69.19 13.30 -2.10
C THR W 352 69.17 14.34 -3.20
N SER W 353 70.27 15.10 -3.27
CA SER W 353 70.46 16.11 -4.31
C SER W 353 71.86 16.70 -4.12
N GLY W 354 72.24 17.57 -5.06
CA GLY W 354 73.51 18.25 -4.99
C GLY W 354 73.46 19.67 -4.48
N GLN W 355 72.26 20.21 -4.26
CA GLN W 355 72.14 21.60 -3.85
C GLN W 355 72.62 21.82 -2.43
N GLY W 356 72.63 20.78 -1.60
CA GLY W 356 73.15 20.90 -0.26
C GLY W 356 72.19 21.48 0.75
N ASN W 357 70.89 21.36 0.54
CA ASN W 357 69.92 21.81 1.53
C ASN W 357 69.85 20.82 2.68
N PHE W 358 68.96 21.10 3.64
CA PHE W 358 68.86 20.30 4.84
C PHE W 358 67.80 19.21 4.69
N THR W 359 68.12 18.02 5.22
CA THR W 359 67.19 16.89 5.23
C THR W 359 67.38 16.12 6.52
N SER W 360 66.36 15.36 6.89
CA SER W 360 66.41 14.51 8.07
C SER W 360 66.63 13.06 7.69
N PRO W 361 67.27 12.27 8.54
CA PRO W 361 67.43 10.84 8.25
C PRO W 361 66.27 10.03 8.80
N TYR W 362 66.28 8.73 8.46
CA TYR W 362 65.31 7.79 9.00
C TYR W 362 65.94 6.41 9.07
N ILE W 363 65.35 5.57 9.91
CA ILE W 363 65.92 4.25 10.18
C ILE W 363 65.41 3.25 9.14
N TYR W 364 66.32 2.46 8.59
CA TYR W 364 65.92 1.42 7.64
C TYR W 364 65.37 0.19 8.35
N ASN W 365 66.14 -0.37 9.28
CA ASN W 365 65.76 -1.57 10.01
C ASN W 365 65.89 -1.31 11.50
N ASP W 366 64.86 -1.67 12.26
CA ASP W 366 64.89 -1.57 13.71
C ASP W 366 65.30 -2.94 14.25
N VAL W 367 66.61 -3.15 14.36
CA VAL W 367 67.18 -4.46 14.63
C VAL W 367 68.14 -4.38 15.81
N THR W 368 68.27 -5.51 16.51
CA THR W 368 69.26 -5.68 17.57
C THR W 368 70.45 -6.46 17.04
N ASN W 369 71.53 -6.45 17.81
CA ASN W 369 72.78 -7.07 17.40
C ASN W 369 72.80 -8.59 17.62
N TYR W 370 71.63 -9.20 17.79
CA TYR W 370 71.57 -10.62 18.14
C TYR W 370 71.80 -11.48 16.91
N LEU W 371 72.80 -12.36 17.01
CA LEU W 371 73.03 -13.41 16.03
C LEU W 371 73.30 -14.70 16.79
N ARG W 372 73.24 -15.83 16.08
CA ARG W 372 73.43 -17.12 16.73
C ARG W 372 72.46 -17.26 17.89
N ASP W 373 72.74 -18.14 18.85
CA ASP W 373 71.83 -18.46 19.93
C ASP W 373 72.67 -18.65 21.19
N GLU W 374 72.04 -19.09 22.28
CA GLU W 374 72.79 -19.48 23.47
C GLU W 374 73.82 -20.55 23.14
N LYS W 375 73.56 -21.35 22.10
CA LYS W 375 74.56 -22.21 21.49
C LYS W 375 74.89 -21.63 20.13
N ASN W 376 75.68 -22.37 19.34
CA ASN W 376 76.01 -21.95 17.98
C ASN W 376 74.89 -22.38 17.05
N ARG W 377 73.89 -21.51 16.94
CA ARG W 377 72.74 -21.77 16.08
C ARG W 377 72.12 -20.45 15.62
N PRO W 378 72.33 -20.06 14.35
CA PRO W 378 71.75 -18.79 13.88
C PRO W 378 70.23 -18.89 13.74
N ASN W 379 69.55 -17.87 14.25
CA ASN W 379 68.10 -17.77 14.12
C ASN W 379 67.69 -16.33 14.36
N ALA W 380 66.44 -16.02 14.05
CA ALA W 380 65.93 -14.66 14.11
C ALA W 380 64.96 -14.44 15.26
N THR W 381 65.08 -15.20 16.35
CA THR W 381 64.12 -15.06 17.45
C THR W 381 64.16 -13.66 18.05
N PHE W 382 65.34 -13.11 18.26
CA PHE W 382 65.51 -11.78 18.85
C PHE W 382 66.10 -10.78 17.86
N ARG W 383 65.84 -10.99 16.57
CA ARG W 383 66.38 -10.07 15.56
C ARG W 383 65.80 -8.67 15.71
N ASP W 384 64.50 -8.59 16.00
CA ASP W 384 63.83 -7.30 16.10
C ASP W 384 63.76 -6.84 17.55
N ALA W 385 63.85 -5.53 17.75
CA ALA W 385 63.70 -4.98 19.10
C ALA W 385 62.29 -5.19 19.63
N SER W 386 61.29 -5.13 18.75
CA SER W 386 59.93 -5.43 19.16
C SER W 386 59.83 -6.82 19.77
N SER W 387 60.69 -7.75 19.34
CA SER W 387 60.69 -9.07 19.96
C SER W 387 61.07 -8.99 21.43
N ARG W 388 62.10 -8.20 21.77
CA ARG W 388 62.48 -8.04 23.16
C ARG W 388 61.38 -7.35 23.96
N ARG W 389 60.79 -6.29 23.40
CA ARG W 389 59.71 -5.61 24.10
C ARG W 389 58.53 -6.55 24.36
N LEU W 390 58.18 -7.35 23.37
CA LEU W 390 57.07 -8.28 23.54
C LEU W 390 57.41 -9.40 24.51
N ALA W 391 58.66 -9.83 24.54
CA ALA W 391 59.06 -10.81 25.55
C ALA W 391 58.89 -10.26 26.95
N ALA W 392 59.34 -9.02 27.18
CA ALA W 392 59.18 -8.42 28.50
C ALA W 392 57.70 -8.26 28.86
N ALA W 393 56.90 -7.76 27.91
CA ALA W 393 55.47 -7.59 28.18
C ALA W 393 54.78 -8.91 28.46
N THR W 394 55.13 -9.96 27.71
CA THR W 394 54.55 -11.27 27.95
C THR W 394 54.92 -11.79 29.33
N GLY W 395 56.18 -11.64 29.72
CA GLY W 395 56.58 -12.07 31.04
C GLY W 395 55.77 -11.36 32.13
N VAL W 396 55.64 -10.05 32.02
CA VAL W 396 54.88 -9.30 33.03
C VAL W 396 53.42 -9.74 33.05
N ALA W 397 52.81 -9.86 31.87
CA ALA W 397 51.38 -10.21 31.81
C ALA W 397 51.13 -11.60 32.38
N LEU W 398 51.99 -12.56 32.05
CA LEU W 398 51.84 -13.90 32.59
C LEU W 398 52.07 -13.90 34.09
N ALA W 399 52.99 -13.07 34.58
CA ALA W 399 53.19 -12.97 36.03
C ALA W 399 51.95 -12.45 36.72
N THR W 400 51.29 -11.44 36.15
CA THR W 400 50.10 -10.89 36.78
C THR W 400 48.96 -11.89 36.82
N PHE W 401 48.77 -12.66 35.73
CA PHE W 401 47.67 -13.62 35.68
C PHE W 401 47.83 -14.70 36.75
N LEU W 402 49.05 -15.20 36.91
CA LEU W 402 49.30 -16.33 37.81
C LEU W 402 49.20 -15.96 39.28
N GLN W 403 48.77 -14.74 39.62
CA GLN W 403 48.65 -14.35 41.02
C GLN W 403 47.43 -14.93 41.69
N GLN W 404 46.39 -15.28 40.92
CA GLN W 404 45.15 -15.77 41.55
C GLN W 404 45.36 -17.08 42.28
N PHE W 405 46.39 -17.85 41.91
CA PHE W 405 46.66 -19.12 42.57
C PHE W 405 47.49 -18.97 43.83
N ASN W 406 47.89 -17.74 44.18
CA ASN W 406 48.69 -17.53 45.38
C ASN W 406 47.84 -17.68 46.63
N GLY W 407 48.22 -18.60 47.50
CA GLY W 407 47.49 -18.86 48.72
C GLY W 407 46.26 -19.73 48.55
N LEU W 408 45.97 -20.19 47.35
CA LEU W 408 44.83 -21.06 47.10
C LEU W 408 45.18 -22.49 47.49
N ALA W 409 44.20 -23.20 48.06
CA ALA W 409 44.43 -24.58 48.47
C ALA W 409 44.71 -25.45 47.25
N VAL W 410 45.51 -26.48 47.44
CA VAL W 410 45.97 -27.35 46.36
C VAL W 410 45.82 -28.80 46.79
N PHE W 411 45.26 -29.62 45.91
CA PHE W 411 45.03 -31.03 46.16
C PHE W 411 45.80 -31.85 45.16
N THR W 412 46.69 -32.73 45.65
CA THR W 412 47.60 -33.46 44.78
C THR W 412 47.39 -34.97 44.85
N LYS W 413 47.43 -35.55 46.06
CA LYS W 413 47.32 -36.99 46.18
C LYS W 413 45.91 -37.47 45.85
N ASN W 414 44.92 -36.95 46.55
CA ASN W 414 43.52 -37.16 46.19
C ASN W 414 42.98 -35.87 45.58
N THR W 415 42.42 -35.98 44.38
CA THR W 415 42.12 -34.82 43.55
C THR W 415 40.63 -34.47 43.55
N ASN W 416 39.88 -34.89 44.57
CA ASN W 416 38.48 -34.53 44.73
C ASN W 416 38.38 -33.41 45.75
N ILE W 417 37.89 -32.26 45.33
CA ILE W 417 37.65 -31.15 46.25
C ILE W 417 36.25 -31.33 46.84
N LYS W 418 36.17 -31.44 48.16
CA LYS W 418 34.88 -31.60 48.81
C LYS W 418 33.98 -30.40 48.49
N THR W 419 32.70 -30.55 48.81
CA THR W 419 31.75 -29.48 48.55
C THR W 419 32.02 -28.30 49.47
N GLY W 420 31.91 -27.09 48.92
CA GLY W 420 32.12 -25.89 49.67
C GLY W 420 33.55 -25.39 49.70
N ILE W 421 34.53 -26.29 49.63
CA ILE W 421 35.92 -25.88 49.71
C ILE W 421 36.27 -25.00 48.52
N ILE W 422 37.17 -24.05 48.75
CA ILE W 422 37.67 -23.16 47.71
C ILE W 422 39.09 -23.62 47.39
N GLY W 423 39.24 -24.35 46.29
CA GLY W 423 40.56 -24.88 45.95
C GLY W 423 40.60 -25.27 44.49
N THR W 424 41.70 -25.92 44.13
CA THR W 424 41.94 -26.33 42.75
C THR W 424 42.93 -27.49 42.75
N ASN W 425 43.31 -27.93 41.55
CA ASN W 425 44.31 -28.97 41.38
C ASN W 425 45.02 -28.76 40.04
N LEU W 426 45.89 -29.70 39.70
CA LEU W 426 46.79 -29.51 38.56
C LEU W 426 46.02 -29.37 37.25
N ARG W 427 45.09 -30.29 36.98
CA ARG W 427 44.44 -30.31 35.67
C ARG W 427 43.59 -29.06 35.46
N LEU W 428 42.87 -28.63 36.49
CA LEU W 428 42.06 -27.42 36.37
C LEU W 428 42.93 -26.20 36.11
N MET W 429 44.07 -26.09 36.81
CA MET W 429 44.99 -24.98 36.58
C MET W 429 45.55 -25.02 35.16
N LEU W 430 45.91 -26.20 34.67
CA LEU W 430 46.41 -26.30 33.30
C LEU W 430 45.35 -25.86 32.30
N GLY W 431 44.10 -26.28 32.51
CA GLY W 431 43.04 -25.85 31.63
C GLY W 431 42.85 -24.35 31.64
N LYS W 432 42.89 -23.74 32.81
CA LYS W 432 42.73 -22.29 32.92
C LYS W 432 43.89 -21.54 32.25
N ILE W 433 45.12 -22.03 32.40
CA ILE W 433 46.25 -21.40 31.74
C ILE W 433 46.14 -21.54 30.23
N ARG W 434 45.69 -22.71 29.75
CA ARG W 434 45.48 -22.86 28.31
C ARG W 434 44.44 -21.88 27.80
N LYS W 435 43.35 -21.70 28.56
CA LYS W 435 42.34 -20.73 28.16
C LYS W 435 42.92 -19.33 28.08
N TRP W 436 43.72 -18.94 29.08
CA TRP W 436 44.33 -17.62 29.05
C TRP W 436 45.23 -17.46 27.83
N ALA W 437 46.04 -18.48 27.55
CA ALA W 437 46.95 -18.39 26.40
C ALA W 437 46.17 -18.26 25.10
N SER W 438 45.08 -19.01 24.96
CA SER W 438 44.27 -18.92 23.75
C SER W 438 43.64 -17.54 23.60
N ASP W 439 43.16 -16.96 24.70
CA ASP W 439 42.46 -15.68 24.61
C ASP W 439 43.37 -14.56 24.11
N ASN W 440 44.69 -14.74 24.22
CA ASN W 440 45.64 -13.69 23.88
C ASN W 440 46.20 -13.80 22.46
N VAL W 441 45.71 -14.74 21.66
CA VAL W 441 46.13 -14.80 20.26
C VAL W 441 45.60 -13.57 19.54
N GLY W 442 46.48 -12.88 18.83
CA GLY W 442 46.13 -11.65 18.16
C GLY W 442 46.53 -10.40 18.92
N VAL W 443 46.87 -10.53 20.20
CA VAL W 443 47.30 -9.42 21.04
C VAL W 443 48.78 -9.55 21.41
N LEU W 444 49.16 -10.69 21.98
CA LEU W 444 50.54 -10.97 22.33
C LEU W 444 51.15 -12.13 21.56
N PHE W 445 50.33 -12.96 20.91
CA PHE W 445 50.81 -14.20 20.31
C PHE W 445 50.28 -14.36 18.90
N SER W 446 51.04 -15.09 18.09
CA SER W 446 50.54 -15.71 16.88
C SER W 446 49.96 -17.08 17.24
N GLU W 447 49.28 -17.69 16.26
CA GLU W 447 48.65 -18.98 16.53
C GLU W 447 49.69 -19.97 17.04
N PHE W 448 49.21 -21.01 17.70
CA PHE W 448 50.06 -22.00 18.34
C PHE W 448 50.21 -23.21 17.42
N ASP W 449 51.46 -23.64 17.24
CA ASP W 449 51.72 -24.82 16.42
C ASP W 449 50.97 -26.02 16.96
N ASN W 450 51.10 -26.30 18.25
CA ASN W 450 50.35 -27.37 18.89
C ASN W 450 50.27 -27.04 20.37
N ILE W 451 49.11 -26.53 20.81
CA ILE W 451 48.99 -26.05 22.18
C ILE W 451 49.09 -27.19 23.19
N ASN W 452 48.90 -28.42 22.74
CA ASN W 452 49.01 -29.56 23.64
C ASN W 452 50.44 -29.87 24.03
N GLU W 453 51.42 -29.28 23.34
CA GLU W 453 52.83 -29.48 23.66
C GLU W 453 53.53 -28.20 24.04
N ASP W 454 53.00 -27.04 23.66
CA ASP W 454 53.64 -25.77 23.97
C ASP W 454 53.37 -25.29 25.38
N ILE W 455 52.48 -25.96 26.13
CA ILE W 455 52.18 -25.59 27.50
C ILE W 455 52.13 -26.86 28.33
N GLN W 456 52.80 -26.83 29.49
CA GLN W 456 52.87 -27.98 30.38
C GLN W 456 52.94 -27.49 31.81
N LEU W 457 52.41 -28.29 32.73
CA LEU W 457 52.39 -27.94 34.14
C LEU W 457 52.65 -29.20 34.96
N VAL W 458 53.54 -29.10 35.94
CA VAL W 458 53.96 -30.26 36.72
C VAL W 458 54.26 -29.80 38.14
N SER W 459 53.93 -30.66 39.10
CA SER W 459 54.18 -30.40 40.52
C SER W 459 55.59 -30.83 40.89
N ASP W 460 56.05 -30.36 42.06
CA ASP W 460 57.41 -30.65 42.48
C ASP W 460 57.57 -32.10 42.92
N PHE W 461 56.51 -32.71 43.46
CA PHE W 461 56.60 -34.11 43.85
C PHE W 461 56.88 -35.03 42.67
N ASP W 462 56.42 -34.66 41.46
CA ASP W 462 56.65 -35.49 40.29
C ASP W 462 58.08 -35.40 39.78
N VAL W 463 58.76 -34.28 40.06
CA VAL W 463 60.09 -34.04 39.52
C VAL W 463 61.16 -34.52 40.51
N GLN W 464 61.18 -33.92 41.70
CA GLN W 464 62.23 -34.21 42.66
C GLN W 464 62.09 -35.64 43.18
N PRO W 465 63.20 -36.25 43.60
CA PRO W 465 63.14 -37.63 44.08
C PRO W 465 62.23 -37.76 45.30
N LYS W 466 62.02 -39.00 45.71
CA LYS W 466 61.08 -39.29 46.79
C LYS W 466 61.53 -38.63 48.09
N CYS W 467 60.55 -38.11 48.85
CA CYS W 467 60.79 -37.53 50.16
C CYS W 467 61.65 -36.27 50.08
N VAL W 468 61.69 -35.63 48.91
CA VAL W 468 62.47 -34.41 48.74
C VAL W 468 61.60 -33.30 48.16
N GLY W 469 60.49 -33.68 47.52
CA GLY W 469 59.64 -32.67 46.90
C GLY W 469 59.00 -31.77 47.94
N GLN W 470 58.73 -30.53 47.53
CA GLN W 470 58.12 -29.53 48.41
C GLN W 470 56.64 -29.39 48.12
N PRO W 471 55.81 -29.14 49.14
CA PRO W 471 54.37 -29.01 48.89
C PRO W 471 54.00 -27.64 48.36
N GLY W 472 53.21 -27.61 47.30
CA GLY W 472 52.71 -26.36 46.75
C GLY W 472 53.64 -25.66 45.78
N VAL W 473 54.58 -26.37 45.16
CA VAL W 473 55.54 -25.80 44.24
C VAL W 473 55.35 -26.43 42.88
N PHE W 474 55.24 -25.60 41.84
CA PHE W 474 54.87 -26.04 40.51
C PHE W 474 55.91 -25.57 39.48
N HIS W 475 56.01 -26.33 38.40
CA HIS W 475 56.88 -26.00 37.28
C HIS W 475 56.03 -25.87 36.02
N LEU W 476 56.17 -24.75 35.32
CA LEU W 476 55.38 -24.45 34.13
C LEU W 476 56.33 -24.15 32.98
N ASN W 477 56.09 -24.78 31.83
CA ASN W 477 56.84 -24.52 30.61
C ASN W 477 55.87 -23.98 29.56
N MET W 478 56.29 -22.92 28.87
CA MET W 478 55.44 -22.30 27.86
C MET W 478 56.29 -21.83 26.69
N ARG W 479 55.88 -22.21 25.48
CA ARG W 479 56.55 -21.82 24.25
C ARG W 479 55.57 -21.04 23.37
N TYR W 480 56.04 -19.96 22.75
CA TYR W 480 55.15 -19.05 22.04
C TYR W 480 55.87 -18.42 20.86
N ARG W 481 55.09 -17.81 19.97
CA ARG W 481 55.59 -17.04 18.85
C ARG W 481 54.94 -15.66 18.83
N PRO W 482 55.62 -14.63 18.35
CA PRO W 482 55.01 -13.30 18.28
C PRO W 482 54.24 -13.13 16.98
N PRO W 483 53.40 -12.09 16.88
CA PRO W 483 52.64 -11.87 15.66
C PRO W 483 53.52 -11.52 14.47
N VAL W 484 53.01 -11.80 13.28
CA VAL W 484 53.74 -11.58 12.02
C VAL W 484 53.20 -10.31 11.37
N ARG W 485 54.06 -9.60 10.64
CA ARG W 485 53.67 -8.38 9.95
C ARG W 485 54.38 -8.31 8.60
N GLY W 486 53.77 -7.59 7.66
CA GLY W 486 54.33 -7.51 6.32
C GLY W 486 55.70 -6.87 6.31
N ALA W 487 56.61 -7.43 5.51
CA ALA W 487 58.00 -6.98 5.50
C ALA W 487 58.57 -6.67 4.12
N ARG W 488 58.12 -7.33 3.06
CA ARG W 488 58.70 -7.09 1.74
C ARG W 488 57.79 -7.65 0.66
N ILE W 489 57.81 -7.00 -0.50
CA ILE W 489 57.11 -7.46 -1.69
C ILE W 489 58.08 -7.39 -2.87
N ASN W 490 58.23 -8.49 -3.59
CA ASN W 490 59.05 -8.54 -4.78
C ASN W 490 58.16 -8.43 -6.01
N VAL W 491 58.42 -7.44 -6.86
CA VAL W 491 57.54 -7.10 -7.97
C VAL W 491 58.28 -7.39 -9.28
N ASN W 492 57.66 -8.22 -10.12
CA ASN W 492 58.11 -8.41 -11.49
C ASN W 492 57.14 -7.67 -12.41
N LEU W 493 57.61 -6.61 -13.05
CA LEU W 493 56.79 -5.78 -13.93
C LEU W 493 57.18 -6.10 -15.37
N VAL W 494 56.20 -6.54 -16.15
CA VAL W 494 56.46 -7.07 -17.49
C VAL W 494 55.68 -6.27 -18.53
N PRO W 495 56.25 -5.20 -19.08
CA PRO W 495 55.53 -4.43 -20.11
C PRO W 495 55.33 -5.25 -21.38
N ALA W 496 54.25 -4.95 -22.10
CA ALA W 496 53.94 -5.56 -23.38
C ALA W 496 53.37 -4.50 -24.32
N LEU W 497 52.81 -4.95 -25.44
CA LEU W 497 52.24 -4.04 -26.43
C LEU W 497 50.90 -4.59 -26.91
N PHE W 498 49.98 -3.67 -27.20
CA PHE W 498 48.67 -4.06 -27.72
C PHE W 498 48.83 -4.79 -29.05
N ASP W 499 48.14 -5.91 -29.19
CA ASP W 499 48.36 -6.80 -30.32
C ASP W 499 47.04 -7.49 -30.69
N ASN W 500 47.16 -8.53 -31.52
CA ASN W 500 46.02 -9.27 -32.04
C ASN W 500 44.95 -8.35 -32.58
N CYS X 3 40.52 -46.26 36.58
CA CYS X 3 39.50 -46.94 35.75
C CYS X 3 39.20 -46.10 34.51
N ASN X 4 39.54 -46.65 33.34
CA ASN X 4 39.44 -45.90 32.09
C ASN X 4 37.99 -45.60 31.70
N LYS X 5 37.06 -46.52 31.97
CA LYS X 5 35.73 -46.46 31.39
C LYS X 5 34.65 -46.05 32.38
N GLN X 6 34.96 -45.17 33.33
CA GLN X 6 33.92 -44.60 34.18
C GLN X 6 33.44 -43.29 33.57
N ASN X 7 32.12 -43.12 33.51
CA ASN X 7 31.50 -41.94 32.93
C ASN X 7 30.76 -41.17 34.01
N GLY X 8 31.25 -39.98 34.31
CA GLY X 8 30.64 -39.16 35.35
C GLY X 8 31.39 -37.86 35.50
N VAL X 9 30.92 -37.06 36.47
CA VAL X 9 31.49 -35.76 36.78
C VAL X 9 32.27 -35.88 38.08
N LYS X 10 33.48 -35.32 38.10
CA LYS X 10 34.39 -35.42 39.23
C LYS X 10 34.49 -34.14 40.04
N ASN X 11 34.51 -32.99 39.39
CA ASN X 11 34.64 -31.70 40.07
C ASN X 11 33.93 -30.63 39.27
N ILE X 12 33.28 -29.71 39.98
CA ILE X 12 32.67 -28.52 39.38
C ILE X 12 33.07 -27.32 40.22
N LEU X 13 33.73 -26.35 39.58
CA LEU X 13 34.13 -25.11 40.24
C LEU X 13 33.51 -23.93 39.51
N ILE X 14 32.93 -23.00 40.26
CA ILE X 14 32.26 -21.83 39.71
C ILE X 14 32.78 -20.59 40.41
N THR X 15 32.86 -19.49 39.67
CA THR X 15 33.26 -18.19 40.19
C THR X 15 32.22 -17.16 39.81
N PHE X 16 31.86 -16.30 40.76
CA PHE X 16 30.78 -15.34 40.59
C PHE X 16 31.35 -13.92 40.61
N THR X 17 30.94 -13.11 39.63
CA THR X 17 31.26 -11.69 39.60
C THR X 17 29.96 -10.91 39.44
N HIS X 18 29.67 -10.02 40.38
CA HIS X 18 28.44 -9.26 40.34
C HIS X 18 28.58 -8.08 39.39
N CYS X 19 27.71 -8.02 38.39
CA CYS X 19 27.85 -7.00 37.35
C CYS X 19 27.66 -5.60 37.90
N ASP X 20 26.67 -5.39 38.76
CA ASP X 20 26.35 -4.05 39.23
C ASP X 20 27.38 -3.47 40.19
N THR X 21 27.95 -4.27 41.07
CA THR X 21 28.88 -3.78 42.07
C THR X 21 30.27 -4.40 41.99
N GLY X 22 30.47 -5.44 41.18
CA GLY X 22 31.78 -6.00 40.97
C GLY X 22 32.30 -6.93 42.05
N GLU X 23 31.47 -7.30 43.02
CA GLU X 23 31.90 -8.23 44.05
C GLU X 23 32.19 -9.59 43.45
N VAL X 24 33.14 -10.31 44.06
CA VAL X 24 33.62 -11.58 43.54
C VAL X 24 33.61 -12.61 44.66
N ILE X 25 33.42 -13.88 44.29
CA ILE X 25 33.48 -15.00 45.21
C ILE X 25 34.30 -16.11 44.56
N GLY X 26 35.31 -16.61 45.29
CA GLY X 26 36.29 -17.49 44.72
C GLY X 26 35.69 -18.77 44.18
N PRO X 27 36.55 -19.64 43.64
CA PRO X 27 36.06 -20.84 42.95
C PRO X 27 35.55 -21.92 43.89
N ILE X 28 34.29 -21.81 44.29
CA ILE X 28 33.68 -22.75 45.22
C ILE X 28 33.47 -24.08 44.51
N SER X 29 33.54 -25.18 45.27
CA SER X 29 33.28 -26.50 44.74
C SER X 29 31.81 -26.85 44.89
N HIS X 30 31.22 -27.43 43.84
CA HIS X 30 29.80 -27.70 43.78
C HIS X 30 29.54 -29.18 43.53
N GLU X 31 28.28 -29.59 43.71
CA GLU X 31 27.84 -30.95 43.48
C GLU X 31 26.54 -30.95 42.68
N GLN X 32 26.09 -32.14 42.29
CA GLN X 32 24.91 -32.25 41.46
C GLN X 32 23.69 -32.70 42.27
N PRO X 33 22.48 -32.35 41.82
CA PRO X 33 21.29 -32.79 42.54
C PRO X 33 20.80 -34.17 42.16
N ASP X 34 21.07 -34.65 40.95
CA ASP X 34 20.61 -35.95 40.50
C ASP X 34 21.63 -36.52 39.51
N ASP X 35 21.21 -37.54 38.76
CA ASP X 35 22.12 -38.29 37.89
C ASP X 35 22.43 -37.59 36.58
N THR X 36 21.65 -36.59 36.19
CA THR X 36 21.83 -35.95 34.89
C THR X 36 23.19 -35.27 34.84
N LEU X 37 23.90 -35.44 33.71
CA LEU X 37 25.23 -34.87 33.57
C LEU X 37 25.17 -33.57 32.77
N PRO X 38 26.16 -32.69 32.94
CA PRO X 38 26.20 -31.49 32.10
C PRO X 38 26.44 -31.84 30.63
N THR X 39 25.94 -30.98 29.75
CA THR X 39 26.04 -31.17 28.31
C THR X 39 26.63 -29.92 27.68
N TYR X 40 27.34 -30.10 26.58
CA TYR X 40 28.19 -29.06 26.00
C TYR X 40 27.88 -28.90 24.51
N LYS X 41 28.30 -27.76 23.97
CA LYS X 41 28.44 -27.56 22.53
C LYS X 41 29.58 -26.59 22.29
N THR X 42 30.72 -27.13 21.86
CA THR X 42 31.96 -26.36 21.79
C THR X 42 32.26 -25.81 20.40
N CYS X 43 31.39 -26.05 19.41
CA CYS X 43 31.57 -25.53 18.06
C CYS X 43 30.74 -24.26 17.94
N ALA X 44 31.36 -23.20 17.42
CA ALA X 44 30.73 -21.88 17.44
C ALA X 44 30.06 -21.51 16.12
N TRP X 45 29.88 -22.46 15.21
CA TRP X 45 29.16 -22.23 13.96
C TRP X 45 28.01 -23.22 13.82
N THR X 46 27.07 -22.90 12.93
CA THR X 46 25.90 -23.73 12.67
C THR X 46 25.71 -23.91 11.18
N ASN X 47 25.30 -25.11 10.77
CA ASN X 47 25.03 -25.44 9.37
C ASN X 47 23.54 -25.70 9.20
N THR X 48 22.95 -25.08 8.19
CA THR X 48 21.55 -25.28 7.83
C THR X 48 21.49 -25.93 6.46
N ALA X 49 20.63 -26.92 6.32
CA ALA X 49 20.64 -27.76 5.12
C ALA X 49 19.95 -27.07 3.96
N LEU X 50 20.69 -26.88 2.87
CA LEU X 50 20.13 -26.47 1.59
C LEU X 50 19.87 -27.71 0.74
N THR X 51 19.66 -27.52 -0.56
CA THR X 51 19.48 -28.63 -1.48
C THR X 51 20.82 -29.09 -2.04
N ASN X 52 20.85 -30.37 -2.44
CA ASN X 52 21.97 -30.93 -3.19
C ASN X 52 23.26 -30.92 -2.36
N GLY X 53 23.13 -31.18 -1.06
CA GLY X 53 24.29 -31.38 -0.21
C GLY X 53 24.98 -30.11 0.25
N ALA X 54 24.46 -28.93 -0.09
CA ALA X 54 25.04 -27.68 0.33
C ALA X 54 24.48 -27.26 1.68
N VAL X 55 25.26 -26.47 2.42
CA VAL X 55 24.86 -25.95 3.72
C VAL X 55 25.13 -24.47 3.77
N MET X 56 24.48 -23.80 4.71
CA MET X 56 24.74 -22.39 5.01
C MET X 56 25.37 -22.31 6.40
N ARG X 57 26.52 -21.64 6.48
CA ARG X 57 27.31 -21.59 7.70
C ARG X 57 27.24 -20.19 8.28
N SER X 58 26.90 -20.09 9.57
CA SER X 58 26.76 -18.82 10.25
C SER X 58 27.25 -18.97 11.69
N ALA X 59 27.48 -17.82 12.33
CA ALA X 59 28.07 -17.81 13.66
C ALA X 59 27.00 -17.97 14.74
N SER X 60 27.41 -18.59 15.85
CA SER X 60 26.52 -18.78 17.00
C SER X 60 27.33 -18.79 18.28
N ASN X 61 26.74 -19.30 19.36
CA ASN X 61 27.37 -19.32 20.67
C ASN X 61 27.84 -20.73 21.01
N ALA X 62 28.78 -20.81 21.94
CA ALA X 62 29.12 -22.07 22.58
C ALA X 62 28.41 -22.13 23.92
N THR X 63 27.75 -23.26 24.19
CA THR X 63 26.79 -23.35 25.27
C THR X 63 27.18 -24.45 26.25
N MET X 64 26.63 -24.38 27.45
CA MET X 64 26.80 -25.39 28.48
C MET X 64 25.56 -25.40 29.35
N THR X 65 25.01 -26.59 29.60
CA THR X 65 23.92 -26.77 30.55
C THR X 65 24.48 -27.41 31.81
N LEU X 66 24.25 -26.78 32.95
CA LEU X 66 24.93 -27.12 34.19
C LEU X 66 23.94 -27.19 35.35
N PRO X 67 23.45 -28.38 35.71
CA PRO X 67 22.63 -28.51 36.92
C PRO X 67 23.48 -28.73 38.16
N VAL X 68 23.31 -27.87 39.17
CA VAL X 68 24.09 -27.94 40.40
C VAL X 68 23.19 -27.72 41.59
N VAL X 69 23.67 -28.12 42.77
CA VAL X 69 23.01 -27.78 44.02
C VAL X 69 23.58 -26.48 44.53
N ARG X 70 22.72 -25.49 44.73
CA ARG X 70 23.16 -24.16 45.14
C ARG X 70 24.02 -24.26 46.39
N ASP X 71 24.87 -23.25 46.58
CA ASP X 71 25.65 -23.15 47.81
C ASP X 71 24.93 -22.24 48.79
N PRO X 72 24.73 -22.67 50.04
CA PRO X 72 23.87 -21.90 50.95
C PRO X 72 24.48 -20.57 51.38
N ARG X 73 25.63 -20.20 50.84
CA ARG X 73 26.28 -18.94 51.16
C ARG X 73 26.23 -17.94 50.01
N VAL X 74 25.51 -18.24 48.93
CA VAL X 74 25.46 -17.38 47.75
C VAL X 74 23.99 -17.13 47.43
N PRO X 75 23.57 -15.88 47.20
CA PRO X 75 22.16 -15.61 46.91
C PRO X 75 21.66 -16.39 45.70
N LEU X 76 20.38 -16.77 45.74
CA LEU X 76 19.79 -17.50 44.62
C LEU X 76 19.70 -16.64 43.37
N ALA X 77 19.69 -15.31 43.53
CA ALA X 77 19.65 -14.43 42.36
C ALA X 77 20.95 -14.48 41.56
N TRP X 78 22.05 -14.91 42.18
CA TRP X 78 23.32 -14.99 41.48
C TRP X 78 23.41 -16.16 40.53
N TYR X 79 22.79 -17.29 40.88
CA TYR X 79 22.73 -18.41 39.94
C TYR X 79 21.82 -18.09 38.76
N GLN X 80 20.85 -17.20 38.94
CA GLN X 80 20.11 -16.67 37.81
C GLN X 80 20.87 -15.51 37.20
N GLY X 81 20.21 -14.77 36.31
CA GLY X 81 20.90 -13.86 35.42
C GLY X 81 21.52 -12.62 36.01
N CYS X 82 21.63 -12.52 37.34
CA CYS X 82 22.18 -11.33 37.97
C CYS X 82 23.68 -11.42 38.29
N ALA X 83 24.44 -12.27 37.59
CA ALA X 83 25.88 -12.35 37.84
C ALA X 83 26.57 -12.97 36.63
N GLN X 84 27.89 -12.78 36.58
CA GLN X 84 28.74 -13.35 35.55
C GLN X 84 29.48 -14.55 36.12
N ILE X 85 29.63 -15.61 35.32
CA ILE X 85 29.98 -16.92 35.84
C ILE X 85 31.17 -17.49 35.07
N ASP X 86 32.08 -18.14 35.79
CA ASP X 86 33.24 -18.82 35.22
C ASP X 86 33.26 -20.25 35.74
N ALA X 87 33.02 -21.21 34.86
CA ALA X 87 32.78 -22.60 35.28
C ALA X 87 33.86 -23.52 34.73
N GLN X 88 34.14 -24.58 35.49
CA GLN X 88 35.05 -25.64 35.07
C GLN X 88 34.48 -26.98 35.52
N VAL X 89 34.50 -27.97 34.63
CA VAL X 89 33.97 -29.30 34.92
C VAL X 89 35.01 -30.34 34.52
N GLU X 90 35.33 -31.23 35.44
CA GLU X 90 36.32 -32.27 35.23
C GLU X 90 35.65 -33.63 35.34
N LYS X 91 35.92 -34.50 34.37
CA LYS X 91 35.34 -35.83 34.32
C LYS X 91 36.30 -36.86 34.90
N PHE X 92 35.81 -38.09 35.05
CA PHE X 92 36.65 -39.14 35.61
C PHE X 92 37.73 -39.59 34.63
N ASP X 93 37.45 -39.51 33.33
CA ASP X 93 38.42 -39.98 32.34
C ASP X 93 39.60 -39.02 32.18
N GLY X 94 39.42 -37.75 32.49
CA GLY X 94 40.48 -36.76 32.43
C GLY X 94 40.12 -35.49 31.69
N THR X 95 39.01 -35.48 30.96
CA THR X 95 38.64 -34.30 30.18
C THR X 95 38.27 -33.15 31.12
N VAL X 96 38.71 -31.94 30.79
CA VAL X 96 38.38 -30.73 31.53
C VAL X 96 37.82 -29.72 30.56
N MET X 97 36.67 -29.15 30.89
CA MET X 97 36.02 -28.12 30.08
C MET X 97 36.02 -26.81 30.83
N THR X 98 36.56 -25.76 30.22
CA THR X 98 36.72 -24.46 30.86
C THR X 98 35.91 -23.41 30.12
N LEU X 99 35.10 -22.68 30.86
CA LEU X 99 34.29 -21.60 30.33
C LEU X 99 34.54 -20.35 31.16
N THR X 100 34.69 -19.20 30.51
CA THR X 100 34.91 -17.95 31.20
C THR X 100 34.06 -16.86 30.56
N GLU X 101 33.64 -15.91 31.39
CA GLU X 101 32.82 -14.78 30.94
C GLU X 101 31.49 -15.24 30.36
N GLY X 102 30.80 -16.14 31.04
CA GLY X 102 29.55 -16.66 30.55
C GLY X 102 28.35 -15.85 31.02
N ALA X 103 27.27 -15.97 30.28
CA ALA X 103 26.01 -15.30 30.58
C ALA X 103 24.90 -16.32 30.72
N VAL X 104 24.06 -16.14 31.75
CA VAL X 104 22.95 -17.05 32.02
C VAL X 104 21.71 -16.48 31.35
N THR X 105 21.07 -17.30 30.51
CA THR X 105 19.99 -16.86 29.64
C THR X 105 18.69 -17.56 30.00
N GLU X 106 17.62 -16.77 30.13
CA GLU X 106 16.26 -17.23 30.32
C GLU X 106 16.17 -18.28 31.43
N PRO X 107 16.36 -17.88 32.69
CA PRO X 107 16.24 -18.83 33.79
C PRO X 107 14.80 -19.26 34.03
N GLU X 108 14.66 -20.42 34.66
CA GLU X 108 13.38 -20.94 35.09
C GLU X 108 13.33 -20.93 36.62
N GLU X 109 12.12 -20.99 37.17
CA GLU X 109 11.94 -20.88 38.61
C GLU X 109 12.52 -22.08 39.32
N SER X 110 13.19 -21.83 40.44
CA SER X 110 13.86 -22.86 41.22
C SER X 110 13.24 -22.98 42.61
N ASP X 111 13.34 -24.17 43.19
CA ASP X 111 12.78 -24.45 44.51
C ASP X 111 13.70 -24.02 45.64
N GLY X 112 14.90 -23.52 45.35
CA GLY X 112 15.82 -23.06 46.35
C GLY X 112 16.94 -24.01 46.70
N ARG X 113 16.97 -25.22 46.13
CA ARG X 113 18.05 -26.17 46.32
C ARG X 113 18.77 -26.51 45.03
N ALA X 114 18.03 -26.92 43.99
CA ALA X 114 18.61 -27.35 42.73
C ALA X 114 18.36 -26.30 41.67
N VAL X 115 19.40 -25.97 40.90
CA VAL X 115 19.34 -24.97 39.85
C VAL X 115 19.93 -25.57 38.58
N THR X 116 19.27 -25.32 37.45
CA THR X 116 19.77 -25.71 36.14
C THR X 116 20.03 -24.44 35.34
N MET X 117 21.27 -24.26 34.90
CA MET X 117 21.72 -23.02 34.28
C MET X 117 22.10 -23.27 32.84
N THR X 118 21.67 -22.39 31.95
CA THR X 118 22.06 -22.41 30.54
C THR X 118 23.03 -21.26 30.29
N ILE X 119 24.31 -21.60 30.08
CA ILE X 119 25.38 -20.61 30.01
C ILE X 119 25.89 -20.57 28.57
N ILE X 120 26.02 -19.36 28.02
CA ILE X 120 26.58 -19.16 26.69
C ILE X 120 27.88 -18.37 26.83
N ALA X 121 28.81 -18.64 25.94
CA ALA X 121 30.10 -17.96 25.93
C ALA X 121 30.60 -17.87 24.50
N ALA X 122 31.66 -17.09 24.30
CA ALA X 122 32.25 -16.99 22.97
C ALA X 122 33.00 -18.25 22.61
N GLU X 123 33.67 -18.89 23.57
CA GLU X 123 34.44 -20.10 23.34
C GLU X 123 34.39 -20.97 24.59
N ILE X 124 34.59 -22.28 24.38
CA ILE X 124 34.77 -23.24 25.46
C ILE X 124 36.03 -24.04 25.16
N ASP X 125 36.90 -24.15 26.15
CA ASP X 125 38.17 -24.86 26.02
C ASP X 125 37.97 -26.31 26.45
N GLU X 126 38.54 -27.24 25.70
CA GLU X 126 38.51 -28.66 26.02
C GLU X 126 39.94 -29.16 26.15
N LEU X 127 40.19 -29.97 27.17
CA LEU X 127 41.51 -30.48 27.47
C LEU X 127 41.43 -32.00 27.56
N LEU X 128 41.73 -32.67 26.45
CA LEU X 128 41.61 -34.12 26.36
C LEU X 128 42.70 -34.77 27.22
N PRO X 129 42.51 -36.04 27.57
CA PRO X 129 43.56 -36.76 28.29
C PRO X 129 44.84 -36.81 27.47
N PRO X 130 45.96 -37.20 28.07
CA PRO X 130 47.23 -37.19 27.33
C PRO X 130 47.19 -38.10 26.11
N GLY X 131 47.83 -37.65 25.04
CA GLY X 131 47.95 -38.45 23.83
C GLY X 131 46.85 -38.21 22.81
N SER X 132 46.61 -36.97 22.45
CA SER X 132 45.58 -36.61 21.50
C SER X 132 46.12 -36.65 20.07
N LEU X 133 45.19 -36.66 19.11
CA LEU X 133 45.55 -36.69 17.69
C LEU X 133 45.40 -35.33 17.03
N ALA X 134 44.54 -34.47 17.55
CA ALA X 134 44.27 -33.18 16.93
C ALA X 134 45.13 -32.10 17.58
N ALA X 135 45.79 -31.31 16.75
CA ALA X 135 46.66 -30.24 17.23
C ALA X 135 45.86 -29.20 18.01
#